data_7Z4W
#
_entry.id   7Z4W
#
_cell.length_a   1.00
_cell.length_b   1.00
_cell.length_c   1.00
_cell.angle_alpha   90.00
_cell.angle_beta   90.00
_cell.angle_gamma   90.00
#
_symmetry.space_group_name_H-M   'P 1'
#
loop_
_entity.id
_entity.type
_entity.pdbx_description
1 polymer 'Portal protein'
2 polymer 'Head completion protein gp15'
3 polymer 'Head completion protein gp16'
4 water water
#
loop_
_entity_poly.entity_id
_entity_poly.type
_entity_poly.pdbx_seq_one_letter_code
_entity_poly.pdbx_strand_id
1 'polypeptide(L)'
;MADIYPLGKTHTEELNEIIVESAKEIAEPDTTMIQKLIDEHNPEPLLKGVRYYMCENDIEKKRRTYYDAAGQQLVDDTKT
NNRTSHAWHKLFVDQKTQYLVGEPVTFTSDNKTLLEYVNELADDDFDDILNETVKNMSNKGIEYWHPFVDEEGEFDYVIF
PAEEMIVVYKDNTRRDILFALRYYSYKGIMGEETQKAELYTDTHVYYYEKIDGVYQMDYSYGENNPRPHMTKGGQAIGWG
RVPIIPFKNNEEMVSDLKFYKDLIDNYDSITSSTMDSFSDFQQIVYVLKNYDGENPKEFTANLRYHSVIKVSGDGGVDTL
RAEIPVDSAAKELERIQDELYKSAQAVDNSPETIGGGATGPALENLYALLDLKANMAERKIRAGLRLFFWFFAEYLRNTG
KGDFNPDKELTMTFTRTRIQNDSEIVQSLVQGVTGGIMSKETAVARNPFVQDPEEELARIEEEMNQYAEMQGNLLDDEGG
DDDLEEDDPNAGAAESGGAGQVS
;
A,B,C,D,E,F,G,H,I,J,K,L
2 'polypeptide(L)'
;MDIQRVKRLLSITNDKHDEYLTEMVPLLVEFAKDECHNPFIDKDGNESIPSGVLIFVAKAAQFYMTNAGLTGRSMDTVSY
NFATEIPSTILKKLNPYRKMAR
;
a,b,c,d,e,f,g,h,i,j,k,l
3 'polypeptide(L)'
;MYEEFPDVITFQSYVEQSNGEGGKTYKWVDEFTAAAHVQPISQEEYYKAQQLQTPIGYNIYTPYDDRIDKKMRVIYRGKI
VTFIGDPVDLSGLQEITRIKGKEDGAYVG
;
1,2,3,4,5,6
#
# COMPACT_ATOMS: atom_id res chain seq x y z
N LYS A 24 -7.91 -14.41 -62.76
CA LYS A 24 -6.94 -14.59 -63.83
C LYS A 24 -7.61 -15.01 -65.13
N GLU A 25 -7.35 -14.27 -66.20
CA GLU A 25 -8.00 -14.48 -67.49
C GLU A 25 -6.95 -14.96 -68.48
N ILE A 26 -7.21 -16.13 -69.09
CA ILE A 26 -6.29 -16.76 -70.01
C ILE A 26 -6.99 -16.94 -71.35
N ALA A 27 -6.34 -16.49 -72.43
CA ALA A 27 -6.82 -16.38 -73.82
C ALA A 27 -8.26 -15.90 -73.94
N GLU A 28 -12.43 -10.83 -85.80
CA GLU A 28 -12.10 -11.33 -84.48
C GLU A 28 -11.89 -10.33 -83.28
N PRO A 29 -11.64 -9.00 -83.50
CA PRO A 29 -11.92 -8.09 -82.38
C PRO A 29 -13.38 -7.68 -82.38
N ASP A 30 -14.12 -8.11 -81.36
CA ASP A 30 -15.50 -7.69 -81.21
C ASP A 30 -15.54 -6.32 -80.57
N THR A 31 -16.74 -5.73 -80.51
CA THR A 31 -16.95 -4.57 -79.67
C THR A 31 -17.88 -4.88 -78.50
N THR A 32 -18.70 -5.92 -78.62
CA THR A 32 -19.47 -6.40 -77.48
C THR A 32 -18.56 -7.12 -76.47
N MET A 33 -17.42 -7.65 -76.93
CA MET A 33 -16.42 -8.21 -76.03
C MET A 33 -15.82 -7.15 -75.12
N ILE A 34 -15.60 -5.95 -75.67
CA ILE A 34 -15.04 -4.84 -74.89
C ILE A 34 -16.01 -4.39 -73.81
N GLN A 35 -17.31 -4.29 -74.15
CA GLN A 35 -18.32 -3.95 -73.17
C GLN A 35 -18.48 -5.04 -72.12
N LYS A 36 -18.34 -6.30 -72.53
CA LYS A 36 -18.42 -7.42 -71.60
C LYS A 36 -17.25 -7.42 -70.62
N LEU A 37 -16.06 -7.07 -71.10
CA LEU A 37 -14.88 -7.04 -70.24
C LEU A 37 -14.92 -5.84 -69.30
N ILE A 38 -15.40 -4.68 -69.78
CA ILE A 38 -15.45 -3.48 -68.96
C ILE A 38 -16.53 -3.60 -67.89
N ASP A 39 -17.67 -4.21 -68.23
CA ASP A 39 -18.74 -4.40 -67.24
C ASP A 39 -18.34 -5.38 -66.15
N GLU A 40 -17.55 -6.40 -66.49
CA GLU A 40 -17.17 -7.44 -65.55
C GLU A 40 -15.91 -7.11 -64.75
N HIS A 41 -15.43 -5.87 -64.79
CA HIS A 41 -14.19 -5.49 -64.14
C HIS A 41 -14.49 -4.81 -62.81
N ASN A 42 -13.85 -5.29 -61.75
CA ASN A 42 -14.06 -4.74 -60.41
C ASN A 42 -12.80 -4.03 -59.92
N PRO A 43 -12.74 -2.70 -59.99
CA PRO A 43 -11.56 -1.98 -59.52
C PRO A 43 -11.58 -1.65 -58.04
N GLU A 44 -12.59 -2.14 -57.32
CA GLU A 44 -12.72 -1.85 -55.89
C GLU A 44 -11.60 -2.41 -55.00
N PRO A 45 -11.08 -3.64 -55.17
CA PRO A 45 -9.95 -4.05 -54.31
C PRO A 45 -8.65 -3.30 -54.59
N LEU A 46 -8.48 -2.68 -55.75
CA LEU A 46 -7.30 -1.89 -56.01
C LEU A 46 -7.39 -0.49 -55.41
N LEU A 47 -8.60 0.00 -55.15
CA LEU A 47 -8.79 1.36 -54.68
C LEU A 47 -8.90 1.48 -53.17
N LYS A 48 -8.81 0.38 -52.41
CA LYS A 48 -8.88 0.48 -50.95
C LYS A 48 -7.64 1.13 -50.37
N GLY A 49 -6.45 0.76 -50.86
CA GLY A 49 -5.22 1.33 -50.36
C GLY A 49 -5.07 2.80 -50.68
N VAL A 50 -5.64 3.23 -51.82
CA VAL A 50 -5.67 4.66 -52.15
C VAL A 50 -6.55 5.43 -51.18
N ARG A 51 -7.69 4.84 -50.79
CA ARG A 51 -8.59 5.50 -49.85
C ARG A 51 -7.99 5.56 -48.45
N TYR A 52 -7.29 4.51 -48.05
CA TYR A 52 -6.63 4.52 -46.75
C TYR A 52 -5.38 5.40 -46.74
N TYR A 53 -4.79 5.67 -47.91
CA TYR A 53 -3.68 6.61 -47.98
C TYR A 53 -4.12 8.04 -47.71
N MET A 54 -5.35 8.40 -48.11
CA MET A 54 -5.89 9.74 -47.89
C MET A 54 -6.72 9.84 -46.62
N CYS A 55 -6.48 8.93 -45.66
CA CYS A 55 -7.20 8.79 -44.38
C CYS A 55 -8.72 8.87 -44.52
N GLU A 56 -9.25 8.05 -45.42
CA GLU A 56 -10.69 7.82 -45.55
C GLU A 56 -10.91 6.33 -45.33
N ASN A 57 -10.98 5.94 -44.07
CA ASN A 57 -11.06 4.54 -43.70
C ASN A 57 -12.52 4.09 -43.63
N ASP A 58 -12.73 2.82 -43.29
CA ASP A 58 -14.08 2.25 -43.27
C ASP A 58 -14.94 2.81 -42.15
N ILE A 59 -14.32 3.40 -41.11
CA ILE A 59 -15.01 4.03 -39.99
C ILE A 59 -15.93 5.17 -40.42
N GLU A 60 -15.74 5.74 -41.61
CA GLU A 60 -16.64 6.77 -42.12
C GLU A 60 -18.01 6.24 -42.51
N LYS A 61 -18.21 4.92 -42.54
CA LYS A 61 -19.52 4.34 -42.80
C LYS A 61 -20.32 4.06 -41.53
N LYS A 62 -19.88 4.58 -40.38
CA LYS A 62 -20.54 4.35 -39.11
C LYS A 62 -21.79 5.22 -38.97
N ARG A 63 -22.88 4.62 -38.48
CA ARG A 63 -24.12 5.32 -38.23
C ARG A 63 -24.62 5.03 -36.82
N ARG A 64 -25.31 6.01 -36.22
CA ARG A 64 -25.98 5.81 -34.93
C ARG A 64 -27.46 5.54 -35.20
N THR A 65 -27.92 4.35 -34.84
CA THR A 65 -29.30 3.94 -35.06
C THR A 65 -29.98 3.61 -33.74
N TYR A 66 -31.32 3.64 -33.73
CA TYR A 66 -32.07 3.22 -32.56
C TYR A 66 -33.42 2.65 -33.01
N TYR A 67 -34.20 2.16 -32.03
CA TYR A 67 -35.47 1.51 -32.30
C TYR A 67 -36.61 2.26 -31.63
N ASP A 68 -37.71 2.41 -32.35
CA ASP A 68 -38.90 3.07 -31.85
C ASP A 68 -39.81 2.07 -31.13
N ALA A 69 -40.78 2.60 -30.39
CA ALA A 69 -41.92 1.80 -30.00
C ALA A 69 -42.66 1.33 -31.25
N ALA A 70 -42.95 0.02 -31.28
CA ALA A 70 -43.36 -0.82 -32.42
C ALA A 70 -42.21 -1.11 -33.38
N GLY A 71 -40.97 -1.09 -32.87
CA GLY A 71 -39.85 -1.73 -33.55
C GLY A 71 -39.30 -1.03 -34.77
N GLN A 72 -39.54 0.27 -34.91
CA GLN A 72 -39.12 1.02 -36.08
C GLN A 72 -37.67 1.49 -35.91
N GLN A 73 -36.80 1.04 -36.81
CA GLN A 73 -35.40 1.45 -36.80
C GLN A 73 -35.24 2.84 -37.40
N LEU A 74 -34.77 3.78 -36.60
CA LEU A 74 -34.62 5.17 -37.00
C LEU A 74 -33.14 5.56 -36.97
N VAL A 75 -32.71 6.27 -38.01
CA VAL A 75 -31.35 6.76 -38.15
C VAL A 75 -31.41 8.27 -38.05
N ASP A 76 -30.91 8.83 -36.97
CA ASP A 76 -30.89 10.28 -36.81
C ASP A 76 -29.56 10.84 -37.30
N ASP A 77 -29.63 11.99 -37.96
CA ASP A 77 -28.47 12.62 -38.56
C ASP A 77 -28.10 13.94 -37.90
N THR A 78 -28.81 14.35 -36.86
CA THR A 78 -28.43 15.50 -36.07
C THR A 78 -27.71 15.11 -34.78
N LYS A 79 -27.62 13.82 -34.48
CA LYS A 79 -26.88 13.36 -33.32
C LYS A 79 -25.39 13.33 -33.61
N THR A 80 -24.59 13.47 -32.55
CA THR A 80 -23.14 13.47 -32.68
C THR A 80 -22.63 12.08 -33.04
N ASN A 81 -21.80 12.02 -34.09
CA ASN A 81 -21.32 10.77 -34.67
C ASN A 81 -19.82 10.92 -34.94
N ASN A 82 -18.99 10.49 -34.00
CA ASN A 82 -17.54 10.65 -34.11
C ASN A 82 -16.95 9.55 -34.97
N ARG A 83 -16.24 9.92 -36.03
CA ARG A 83 -15.60 8.98 -36.95
C ARG A 83 -14.18 9.48 -37.23
N THR A 84 -13.21 8.99 -36.45
CA THR A 84 -11.82 9.42 -36.55
C THR A 84 -11.01 8.39 -37.33
N SER A 85 -10.44 8.80 -38.45
CA SER A 85 -9.54 7.97 -39.24
C SER A 85 -8.10 8.28 -38.86
N HIS A 86 -7.30 7.24 -38.67
CA HIS A 86 -5.88 7.39 -38.37
C HIS A 86 -5.04 7.10 -39.61
N ALA A 87 -3.87 7.74 -39.67
CA ALA A 87 -3.07 7.82 -40.88
C ALA A 87 -1.85 6.90 -40.86
N TRP A 88 -2.00 5.67 -40.35
CA TRP A 88 -0.88 4.74 -40.25
C TRP A 88 -0.35 4.31 -41.62
N HIS A 89 -1.26 4.07 -42.58
CA HIS A 89 -0.90 3.52 -43.88
C HIS A 89 -0.06 4.51 -44.69
N LYS A 90 -0.41 5.79 -44.65
CA LYS A 90 0.35 6.83 -45.34
C LYS A 90 1.76 6.94 -44.80
N LEU A 91 1.91 6.86 -43.47
CA LEU A 91 3.23 6.89 -42.84
C LEU A 91 4.08 5.71 -43.25
N PHE A 92 3.50 4.50 -43.29
CA PHE A 92 4.24 3.30 -43.67
C PHE A 92 4.68 3.35 -45.13
N VAL A 93 3.78 3.82 -46.02
CA VAL A 93 4.09 3.87 -47.44
C VAL A 93 5.16 4.94 -47.73
N ASP A 94 5.08 6.09 -47.05
CA ASP A 94 6.07 7.14 -47.23
C ASP A 94 7.45 6.71 -46.74
N GLN A 95 7.49 6.03 -45.58
CA GLN A 95 8.74 5.51 -45.04
C GLN A 95 9.39 4.51 -45.99
N LYS A 96 8.59 3.59 -46.54
CA LYS A 96 9.11 2.58 -47.48
C LYS A 96 9.60 3.22 -48.78
N THR A 97 8.86 4.20 -49.31
CA THR A 97 9.22 4.81 -50.58
C THR A 97 10.50 5.64 -50.48
N GLN A 98 10.65 6.42 -49.41
CA GLN A 98 11.88 7.20 -49.26
C GLN A 98 13.07 6.31 -48.89
N TYR A 99 12.82 5.17 -48.22
CA TYR A 99 13.91 4.23 -47.99
C TYR A 99 14.39 3.59 -49.28
N LEU A 100 13.48 3.33 -50.22
CA LEU A 100 13.88 2.64 -51.44
C LEU A 100 14.47 3.59 -52.49
N VAL A 101 13.72 4.62 -52.89
CA VAL A 101 14.15 5.45 -54.01
C VAL A 101 14.18 6.93 -53.65
N GLY A 102 14.42 7.23 -52.38
CA GLY A 102 14.62 8.62 -52.00
C GLY A 102 15.88 9.21 -52.61
N GLU A 103 16.94 8.43 -52.66
CA GLU A 103 18.11 8.72 -53.46
C GLU A 103 17.90 8.21 -54.88
N PRO A 104 18.37 8.93 -55.89
CA PRO A 104 18.22 8.46 -57.27
C PRO A 104 19.06 7.23 -57.57
N VAL A 105 18.58 6.46 -58.54
CA VAL A 105 19.26 5.26 -59.01
C VAL A 105 20.39 5.68 -59.94
N THR A 106 21.58 5.10 -59.77
CA THR A 106 22.70 5.47 -60.61
C THR A 106 23.13 4.30 -61.50
N PHE A 107 23.75 4.64 -62.62
CA PHE A 107 24.00 3.70 -63.70
C PHE A 107 25.47 3.67 -64.06
N THR A 108 25.96 2.49 -64.43
CA THR A 108 27.34 2.31 -64.87
C THR A 108 27.39 1.37 -66.06
N SER A 109 28.39 1.58 -66.91
CA SER A 109 28.57 0.78 -68.11
C SER A 109 30.01 0.91 -68.57
N ASP A 110 30.40 0.00 -69.47
CA ASP A 110 31.65 0.12 -70.21
C ASP A 110 31.44 0.76 -71.57
N ASN A 111 30.34 0.43 -72.25
CA ASN A 111 29.92 1.11 -73.46
C ASN A 111 29.52 2.54 -73.11
N LYS A 112 30.33 3.51 -73.52
CA LYS A 112 30.15 4.88 -73.07
C LYS A 112 29.10 5.65 -73.87
N THR A 113 28.83 5.23 -75.10
CA THR A 113 27.75 5.85 -75.87
C THR A 113 26.39 5.51 -75.27
N LEU A 114 26.20 4.24 -74.90
CA LEU A 114 25.00 3.81 -74.19
C LEU A 114 24.87 4.51 -72.84
N LEU A 115 25.99 4.75 -72.15
CA LEU A 115 25.96 5.42 -70.88
C LEU A 115 25.55 6.89 -71.03
N GLU A 116 26.02 7.55 -72.08
CA GLU A 116 25.60 8.93 -72.34
C GLU A 116 24.11 9.03 -72.66
N TYR A 117 23.60 8.07 -73.45
CA TYR A 117 22.16 8.05 -73.77
C TYR A 117 21.31 7.81 -72.52
N VAL A 118 21.68 6.81 -71.72
CA VAL A 118 20.93 6.46 -70.51
C VAL A 118 20.98 7.59 -69.49
N ASN A 119 22.13 8.26 -69.36
CA ASN A 119 22.23 9.33 -68.39
C ASN A 119 21.49 10.58 -68.81
N GLU A 120 21.40 10.87 -70.11
CA GLU A 120 20.54 11.99 -70.49
C GLU A 120 19.06 11.62 -70.46
N LEU A 121 18.73 10.34 -70.48
CA LEU A 121 17.32 9.95 -70.32
C LEU A 121 16.87 10.06 -68.86
N ALA A 122 17.70 9.66 -67.90
CA ALA A 122 17.30 9.56 -66.51
C ALA A 122 17.61 10.86 -65.77
N ASP A 123 16.60 11.72 -65.66
CA ASP A 123 16.74 13.03 -65.05
C ASP A 123 15.75 13.20 -63.90
N ASP A 124 15.51 14.45 -63.47
CA ASP A 124 14.65 14.72 -62.33
C ASP A 124 13.20 14.29 -62.56
N ASP A 125 12.72 14.38 -63.79
CA ASP A 125 11.40 13.87 -64.14
C ASP A 125 11.32 12.36 -63.95
N PHE A 126 12.39 11.66 -64.33
CA PHE A 126 12.47 10.21 -64.13
C PHE A 126 12.46 9.86 -62.66
N ASP A 127 13.12 10.67 -61.83
CA ASP A 127 13.16 10.45 -60.38
C ASP A 127 11.77 10.62 -59.76
N ASP A 128 11.04 11.66 -60.19
CA ASP A 128 9.70 11.89 -59.66
C ASP A 128 8.72 10.79 -60.09
N ILE A 129 8.83 10.34 -61.34
CA ILE A 129 7.96 9.27 -61.84
C ILE A 129 8.24 7.97 -61.10
N LEU A 130 9.52 7.70 -60.79
CA LEU A 130 9.87 6.50 -60.05
C LEU A 130 9.34 6.52 -58.62
N ASN A 131 9.42 7.68 -57.96
CA ASN A 131 8.84 7.82 -56.61
C ASN A 131 7.33 7.61 -56.60
N GLU A 132 6.62 8.22 -57.56
CA GLU A 132 5.18 8.05 -57.63
C GLU A 132 4.79 6.62 -58.00
N THR A 133 5.61 5.95 -58.81
CA THR A 133 5.37 4.55 -59.17
C THR A 133 5.49 3.62 -57.98
N VAL A 134 6.51 3.83 -57.14
CA VAL A 134 6.68 2.99 -55.95
C VAL A 134 5.54 3.23 -54.95
N LYS A 135 5.07 4.48 -54.82
CA LYS A 135 3.93 4.75 -53.95
C LYS A 135 2.64 4.10 -54.46
N ASN A 136 2.38 4.19 -55.77
CA ASN A 136 1.19 3.58 -56.35
C ASN A 136 1.23 2.06 -56.27
N MET A 137 2.43 1.49 -56.42
CA MET A 137 2.59 0.05 -56.31
C MET A 137 2.35 -0.43 -54.89
N SER A 138 2.73 0.36 -53.89
CA SER A 138 2.41 0.01 -52.52
C SER A 138 0.92 0.15 -52.22
N ASN A 139 0.24 1.12 -52.86
CA ASN A 139 -1.16 1.33 -52.57
C ASN A 139 -2.08 0.35 -53.29
N LYS A 140 -1.73 -0.11 -54.49
CA LYS A 140 -2.66 -0.91 -55.28
C LYS A 140 -2.23 -2.35 -55.50
N GLY A 141 -0.94 -2.65 -55.43
CA GLY A 141 -0.43 -3.96 -55.75
C GLY A 141 0.27 -4.05 -57.09
N ILE A 142 0.05 -3.08 -57.98
CA ILE A 142 0.59 -3.12 -59.34
C ILE A 142 0.58 -1.70 -59.90
N GLU A 143 1.57 -1.39 -60.73
CA GLU A 143 1.57 -0.17 -61.53
C GLU A 143 2.08 -0.49 -62.92
N TYR A 144 1.71 0.35 -63.90
CA TYR A 144 2.05 0.10 -65.29
C TYR A 144 2.65 1.33 -65.95
N TRP A 145 3.69 1.12 -66.75
CA TRP A 145 4.25 2.15 -67.62
C TRP A 145 3.93 1.86 -69.08
N HIS A 146 3.88 2.93 -69.88
CA HIS A 146 3.63 2.84 -71.32
C HIS A 146 4.72 3.62 -72.05
N PRO A 147 5.57 2.96 -72.84
CA PRO A 147 6.55 3.69 -73.66
C PRO A 147 6.04 3.95 -75.07
N PHE A 148 6.48 5.09 -75.63
CA PHE A 148 6.04 5.50 -76.95
C PHE A 148 7.07 6.48 -77.52
N VAL A 149 6.84 6.90 -78.76
CA VAL A 149 7.68 7.88 -79.44
C VAL A 149 6.88 9.18 -79.59
N ASP A 150 7.52 10.30 -79.27
CA ASP A 150 6.87 11.59 -79.06
C ASP A 150 6.37 12.20 -80.37
N GLU A 151 5.89 13.44 -80.28
CA GLU A 151 5.46 14.16 -81.48
C GLU A 151 6.66 14.57 -82.33
N GLU A 152 7.77 14.93 -81.67
CA GLU A 152 9.01 15.32 -82.32
C GLU A 152 10.00 14.18 -82.43
N GLY A 153 9.54 12.93 -82.37
CA GLY A 153 10.41 11.79 -82.60
C GLY A 153 11.34 11.43 -81.48
N GLU A 154 11.03 11.78 -80.24
CA GLU A 154 11.83 11.39 -79.09
C GLU A 154 11.16 10.24 -78.33
N PHE A 155 11.94 9.58 -77.50
CA PHE A 155 11.44 8.49 -76.67
C PHE A 155 10.77 9.07 -75.43
N ASP A 156 9.59 8.56 -75.09
CA ASP A 156 8.85 9.07 -73.94
C ASP A 156 8.09 7.92 -73.28
N TYR A 157 7.58 8.19 -72.08
CA TYR A 157 6.91 7.18 -71.26
C TYR A 157 5.88 7.87 -70.38
N VAL A 158 4.86 7.11 -69.97
CA VAL A 158 3.78 7.65 -69.16
C VAL A 158 3.20 6.55 -68.28
N ILE A 159 2.61 6.94 -67.15
CA ILE A 159 2.03 5.98 -66.21
C ILE A 159 0.59 5.69 -66.62
N PHE A 160 0.25 4.41 -66.77
CA PHE A 160 -1.12 3.97 -66.95
C PHE A 160 -1.67 3.51 -65.60
N PRO A 161 -2.69 4.18 -65.03
CA PRO A 161 -3.19 3.77 -63.71
C PRO A 161 -3.88 2.43 -63.74
N ALA A 162 -3.58 1.60 -62.74
CA ALA A 162 -3.90 0.18 -62.81
C ALA A 162 -5.38 -0.12 -62.60
N GLU A 163 -6.15 0.80 -62.03
CA GLU A 163 -7.58 0.60 -61.89
C GLU A 163 -8.35 0.81 -63.19
N GLU A 164 -7.67 1.18 -64.28
CA GLU A 164 -8.28 1.27 -65.60
C GLU A 164 -7.83 0.16 -66.55
N MET A 165 -6.98 -0.76 -66.10
CA MET A 165 -6.35 -1.72 -66.99
C MET A 165 -6.95 -3.11 -66.84
N ILE A 166 -7.14 -3.79 -67.98
CA ILE A 166 -7.52 -5.19 -68.02
C ILE A 166 -6.50 -5.89 -68.91
N VAL A 167 -5.79 -6.87 -68.35
CA VAL A 167 -4.66 -7.52 -69.01
C VAL A 167 -4.99 -8.99 -69.18
N VAL A 168 -4.79 -9.50 -70.40
CA VAL A 168 -5.10 -10.89 -70.74
C VAL A 168 -3.81 -11.60 -71.15
N TYR A 169 -3.54 -12.75 -70.54
CA TYR A 169 -2.32 -13.51 -70.79
C TYR A 169 -2.64 -14.68 -71.72
N LYS A 170 -1.78 -14.90 -72.71
CA LYS A 170 -2.07 -15.87 -73.76
C LYS A 170 -1.97 -17.31 -73.25
N ASP A 171 -2.72 -18.20 -73.91
CA ASP A 171 -2.85 -19.58 -73.46
C ASP A 171 -1.56 -20.38 -73.56
N ASN A 172 -1.38 -21.30 -72.61
CA ASN A 172 -0.29 -22.29 -72.47
C ASN A 172 1.01 -21.60 -72.07
N THR A 173 0.97 -20.30 -71.79
CA THR A 173 2.16 -19.57 -71.36
C THR A 173 1.98 -19.00 -69.96
N ARG A 174 0.90 -18.24 -69.75
CA ARG A 174 0.59 -17.51 -68.51
C ARG A 174 1.72 -16.58 -68.06
N ARG A 175 2.52 -16.09 -69.01
CA ARG A 175 3.67 -15.26 -68.74
C ARG A 175 3.76 -14.03 -69.64
N ASP A 176 3.16 -14.08 -70.83
CA ASP A 176 3.26 -13.03 -71.82
C ASP A 176 1.87 -12.51 -72.15
N ILE A 177 1.81 -11.25 -72.55
CA ILE A 177 0.57 -10.50 -72.65
C ILE A 177 0.06 -10.59 -74.09
N LEU A 178 -1.22 -10.92 -74.24
CA LEU A 178 -1.84 -10.91 -75.57
C LEU A 178 -2.34 -9.52 -75.94
N PHE A 179 -3.16 -8.89 -75.08
CA PHE A 179 -3.63 -7.54 -75.35
C PHE A 179 -3.92 -6.85 -74.03
N ALA A 180 -4.06 -5.52 -74.11
CA ALA A 180 -4.33 -4.70 -72.94
C ALA A 180 -5.42 -3.69 -73.24
N LEU A 181 -6.46 -3.65 -72.41
CA LEU A 181 -7.55 -2.71 -72.57
C LEU A 181 -7.51 -1.64 -71.48
N ARG A 182 -7.72 -0.40 -71.88
CA ARG A 182 -7.70 0.74 -70.96
C ARG A 182 -8.94 1.60 -71.19
N TYR A 183 -9.70 1.87 -70.14
CA TYR A 183 -10.94 2.62 -70.26
C TYR A 183 -10.98 3.73 -69.23
N TYR A 184 -11.47 4.90 -69.63
CA TYR A 184 -11.46 6.06 -68.74
C TYR A 184 -12.55 7.04 -69.17
N SER A 185 -12.64 8.14 -68.41
CA SER A 185 -13.72 9.11 -68.56
C SER A 185 -13.25 10.48 -68.09
N TYR A 186 -13.91 11.52 -68.61
CA TYR A 186 -13.68 12.88 -68.11
C TYR A 186 -14.90 13.74 -68.39
N LYS A 187 -14.99 14.86 -67.65
CA LYS A 187 -16.06 15.83 -67.80
C LYS A 187 -15.60 17.09 -68.50
N GLY A 188 -16.56 17.92 -68.85
CA GLY A 188 -16.30 19.18 -69.52
C GLY A 188 -16.89 20.32 -68.72
N ILE A 189 -16.62 21.55 -69.18
CA ILE A 189 -17.07 22.82 -68.58
C ILE A 189 -18.57 22.82 -68.23
N MET A 190 -19.39 22.36 -69.17
CA MET A 190 -20.84 22.30 -68.94
C MET A 190 -21.21 21.24 -67.91
N GLY A 191 -20.40 20.20 -67.78
CA GLY A 191 -20.78 19.07 -66.97
C GLY A 191 -21.00 17.87 -67.86
N GLU A 192 -20.36 17.89 -69.02
CA GLU A 192 -20.49 16.85 -70.03
C GLU A 192 -19.83 15.56 -69.55
N GLU A 193 -19.88 14.54 -70.41
CA GLU A 193 -19.37 13.23 -70.03
C GLU A 193 -18.77 12.56 -71.26
N THR A 194 -17.53 12.11 -71.14
CA THR A 194 -16.85 11.45 -72.24
C THR A 194 -16.25 10.16 -71.73
N GLN A 195 -16.59 9.05 -72.39
CA GLN A 195 -16.13 7.72 -72.04
C GLN A 195 -15.36 7.13 -73.21
N LYS A 196 -14.06 6.88 -72.99
CA LYS A 196 -13.19 6.41 -74.05
C LYS A 196 -12.50 5.11 -73.63
N ALA A 197 -12.06 4.35 -74.63
CA ALA A 197 -11.34 3.10 -74.42
C ALA A 197 -10.26 2.94 -75.48
N GLU A 198 -9.27 2.11 -75.16
CA GLU A 198 -8.10 1.88 -76.02
C GLU A 198 -7.65 0.44 -75.87
N LEU A 199 -7.43 -0.24 -76.98
CA LEU A 199 -6.93 -1.61 -76.98
C LEU A 199 -5.53 -1.64 -77.59
N TYR A 200 -4.63 -2.41 -76.97
CA TYR A 200 -3.24 -2.51 -77.38
C TYR A 200 -2.90 -3.97 -77.66
N THR A 201 -2.40 -4.24 -78.87
CA THR A 201 -1.93 -5.54 -79.32
C THR A 201 -0.41 -5.45 -79.47
N ASP A 202 0.24 -6.54 -79.87
CA ASP A 202 1.67 -6.50 -80.11
C ASP A 202 2.08 -5.73 -81.36
N THR A 203 1.11 -5.27 -82.18
CA THR A 203 1.42 -4.50 -83.37
C THR A 203 0.59 -3.23 -83.50
N HIS A 204 -0.64 -3.22 -82.96
CA HIS A 204 -1.60 -2.18 -83.27
C HIS A 204 -2.26 -1.63 -82.00
N VAL A 205 -2.85 -0.44 -82.13
CA VAL A 205 -3.67 0.17 -81.09
C VAL A 205 -4.98 0.63 -81.72
N TYR A 206 -6.10 0.24 -81.09
CA TYR A 206 -7.45 0.62 -81.46
C TYR A 206 -8.02 1.64 -80.47
N TYR A 207 -8.86 2.54 -80.98
CA TYR A 207 -9.48 3.59 -80.16
C TYR A 207 -10.99 3.44 -80.21
N TYR A 208 -11.66 3.78 -79.11
CA TYR A 208 -13.10 3.60 -79.00
C TYR A 208 -13.71 4.72 -78.16
N GLU A 209 -14.98 5.00 -78.43
CA GLU A 209 -15.76 6.00 -77.71
C GLU A 209 -17.17 5.48 -77.50
N LYS A 210 -17.74 5.77 -76.33
CA LYS A 210 -19.11 5.40 -76.02
C LYS A 210 -20.03 6.61 -76.22
N ILE A 211 -21.03 6.47 -77.09
CA ILE A 211 -22.01 7.54 -77.28
C ILE A 211 -23.15 7.38 -76.29
N ASP A 212 -23.91 6.28 -76.41
CA ASP A 212 -25.06 6.08 -75.54
C ASP A 212 -24.91 4.88 -74.63
N GLY A 213 -24.81 3.67 -75.18
CA GLY A 213 -24.63 2.48 -74.39
C GLY A 213 -23.77 1.49 -75.14
N VAL A 214 -23.23 1.94 -76.27
CA VAL A 214 -22.43 1.10 -77.14
C VAL A 214 -21.14 1.85 -77.48
N TYR A 215 -20.06 1.10 -77.58
CA TYR A 215 -18.75 1.62 -77.94
C TYR A 215 -18.60 1.56 -79.45
N GLN A 216 -18.11 2.63 -80.05
CA GLN A 216 -17.79 2.62 -81.48
C GLN A 216 -16.42 3.24 -81.66
N MET A 217 -15.87 3.04 -82.85
CA MET A 217 -14.57 3.58 -83.22
C MET A 217 -14.50 5.10 -83.05
N ASP A 218 -13.47 5.57 -82.37
CA ASP A 218 -13.23 6.99 -82.22
C ASP A 218 -12.90 7.61 -83.57
N TYR A 219 -13.49 8.76 -83.86
CA TYR A 219 -13.42 9.33 -85.20
C TYR A 219 -12.76 10.71 -85.25
N SER A 220 -12.01 11.09 -84.22
CA SER A 220 -11.10 12.21 -84.40
C SER A 220 -9.88 11.79 -85.21
N TYR A 221 -9.53 10.50 -85.16
CA TYR A 221 -8.33 10.03 -85.86
C TYR A 221 -8.55 9.92 -87.37
N GLY A 222 -9.79 9.68 -87.81
CA GLY A 222 -10.10 9.75 -89.23
C GLY A 222 -9.54 8.66 -90.10
N GLU A 223 -10.10 7.44 -89.97
CA GLU A 223 -9.71 6.23 -90.72
C GLU A 223 -8.27 5.83 -90.40
N ASN A 224 -7.80 6.20 -89.21
CA ASN A 224 -6.56 5.70 -88.63
C ASN A 224 -6.82 5.08 -87.27
N ASN A 225 -7.97 4.42 -87.13
CA ASN A 225 -8.31 3.81 -85.85
C ASN A 225 -7.45 2.58 -85.50
N PRO A 226 -7.17 1.60 -86.41
CA PRO A 226 -6.23 0.54 -86.02
C PRO A 226 -4.79 0.96 -86.28
N ARG A 227 -4.36 2.01 -85.58
CA ARG A 227 -3.11 2.69 -85.88
C ARG A 227 -1.92 1.82 -85.43
N PRO A 228 -0.80 1.86 -86.14
CA PRO A 228 0.40 1.15 -85.67
C PRO A 228 0.96 1.77 -84.41
N HIS A 229 1.90 1.05 -83.79
CA HIS A 229 2.55 1.51 -82.58
C HIS A 229 3.40 2.75 -82.87
N MET A 230 3.55 3.58 -81.84
CA MET A 230 4.35 4.79 -81.94
C MET A 230 5.83 4.41 -81.93
N THR A 231 6.34 3.98 -83.10
CA THR A 231 7.73 3.56 -83.21
C THR A 231 8.55 4.44 -84.15
N LYS A 232 8.17 4.56 -85.43
CA LYS A 232 9.07 5.14 -86.42
C LYS A 232 8.83 6.64 -86.62
N GLY A 233 7.58 7.02 -86.83
CA GLY A 233 7.22 8.33 -87.35
C GLY A 233 6.46 8.11 -88.64
N GLY A 234 6.98 7.18 -89.45
CA GLY A 234 6.15 6.37 -90.31
C GLY A 234 5.68 5.15 -89.54
N GLN A 235 5.13 4.19 -90.26
CA GLN A 235 4.78 2.93 -89.63
C GLN A 235 5.95 1.94 -89.69
N ALA A 236 6.09 1.19 -88.62
CA ALA A 236 6.67 -0.15 -88.67
C ALA A 236 5.54 -1.10 -88.33
N ILE A 237 5.87 -2.38 -88.24
CA ILE A 237 4.84 -3.34 -87.80
C ILE A 237 4.59 -3.17 -86.31
N GLY A 238 5.63 -2.99 -85.52
CA GLY A 238 5.46 -2.72 -84.12
C GLY A 238 6.69 -3.13 -83.33
N TRP A 239 6.56 -3.04 -82.00
CA TRP A 239 7.65 -3.42 -81.11
C TRP A 239 7.93 -4.92 -81.12
N GLY A 240 6.97 -5.73 -81.55
CA GLY A 240 7.05 -7.16 -81.35
C GLY A 240 6.63 -7.59 -79.98
N ARG A 241 6.01 -6.68 -79.22
CA ARG A 241 5.67 -6.86 -77.82
C ARG A 241 4.62 -5.81 -77.48
N VAL A 242 3.70 -6.17 -76.59
CA VAL A 242 2.66 -5.24 -76.14
C VAL A 242 3.31 -4.13 -75.32
N PRO A 243 3.13 -2.86 -75.69
CA PRO A 243 3.85 -1.78 -75.01
C PRO A 243 3.30 -1.44 -73.62
N ILE A 244 3.53 -2.32 -72.65
CA ILE A 244 3.09 -2.12 -71.28
C ILE A 244 4.13 -2.78 -70.36
N ILE A 245 4.50 -2.08 -69.30
CA ILE A 245 5.57 -2.51 -68.41
C ILE A 245 5.02 -2.62 -66.99
N PRO A 246 4.98 -3.81 -66.39
CA PRO A 246 4.43 -3.96 -65.04
C PRO A 246 5.45 -3.86 -63.92
N PHE A 247 5.04 -3.18 -62.85
CA PHE A 247 5.77 -3.10 -61.59
C PHE A 247 4.87 -3.72 -60.52
N LYS A 248 5.22 -4.92 -60.06
CA LYS A 248 4.42 -5.64 -59.09
C LYS A 248 4.90 -5.35 -57.68
N ASN A 249 3.96 -5.26 -56.73
CA ASN A 249 4.33 -5.10 -55.33
C ASN A 249 4.91 -6.39 -54.78
N ASN A 250 4.36 -7.52 -55.21
CA ASN A 250 4.85 -8.85 -54.84
C ASN A 250 4.33 -9.81 -55.89
N GLU A 251 4.56 -11.11 -55.69
CA GLU A 251 4.18 -12.10 -56.69
C GLU A 251 2.66 -12.29 -56.74
N GLU A 252 1.97 -12.08 -55.63
CA GLU A 252 0.51 -12.15 -55.59
C GLU A 252 -0.16 -10.86 -56.03
N MET A 253 0.62 -9.78 -56.18
CA MET A 253 0.15 -8.46 -56.65
C MET A 253 -0.92 -7.86 -55.75
N VAL A 254 -0.79 -8.07 -54.45
CA VAL A 254 -1.70 -7.49 -53.47
C VAL A 254 -1.05 -6.27 -52.85
N SER A 255 -1.89 -5.35 -52.37
CA SER A 255 -1.42 -4.16 -51.68
C SER A 255 -0.86 -4.51 -50.30
N ASP A 256 -0.12 -3.56 -49.72
CA ASP A 256 0.43 -3.75 -48.39
C ASP A 256 -0.66 -3.71 -47.32
N LEU A 257 -1.72 -2.94 -47.55
CA LEU A 257 -2.82 -2.75 -46.61
C LEU A 257 -3.55 -4.05 -46.29
N LYS A 258 -3.44 -5.05 -47.17
CA LYS A 258 -4.04 -6.36 -46.94
C LYS A 258 -3.52 -7.04 -45.67
N PHE A 259 -2.29 -6.74 -45.27
CA PHE A 259 -1.74 -7.45 -44.13
C PHE A 259 -1.98 -6.79 -42.77
N TYR A 260 -2.52 -5.56 -42.74
CA TYR A 260 -2.78 -4.93 -41.44
C TYR A 260 -4.06 -4.07 -41.40
N LYS A 261 -5.06 -4.37 -42.22
CA LYS A 261 -6.25 -3.52 -42.30
C LYS A 261 -7.13 -3.67 -41.06
N ASP A 262 -7.24 -4.90 -40.53
CA ASP A 262 -8.08 -5.18 -39.38
C ASP A 262 -7.61 -4.46 -38.13
N LEU A 263 -6.30 -4.31 -37.96
CA LEU A 263 -5.76 -3.62 -36.80
C LEU A 263 -6.07 -2.13 -36.84
N ILE A 264 -6.00 -1.53 -38.03
CA ILE A 264 -6.37 -0.13 -38.22
C ILE A 264 -7.86 0.07 -37.92
N ASP A 265 -8.69 -0.88 -38.36
CA ASP A 265 -10.12 -0.79 -38.11
C ASP A 265 -10.45 -0.91 -36.61
N ASN A 266 -9.76 -1.81 -35.90
CA ASN A 266 -9.97 -1.97 -34.46
C ASN A 266 -9.54 -0.72 -33.69
N TYR A 267 -8.41 -0.13 -34.09
CA TYR A 267 -7.92 1.12 -33.51
C TYR A 267 -8.94 2.25 -33.68
N ASP A 268 -9.46 2.41 -34.91
CA ASP A 268 -10.41 3.48 -35.21
C ASP A 268 -11.71 3.30 -34.43
N SER A 269 -12.22 2.07 -34.35
CA SER A 269 -13.51 1.84 -33.69
C SER A 269 -13.43 2.06 -32.18
N ILE A 270 -12.32 1.63 -31.55
CA ILE A 270 -12.17 1.81 -30.11
C ILE A 270 -12.04 3.29 -29.75
N THR A 271 -11.20 4.04 -30.50
CA THR A 271 -11.04 5.46 -30.19
C THR A 271 -12.30 6.27 -30.47
N SER A 272 -13.07 5.90 -31.51
CA SER A 272 -14.30 6.61 -31.81
C SER A 272 -15.38 6.35 -30.75
N SER A 273 -15.43 5.13 -30.22
CA SER A 273 -16.38 4.83 -29.14
C SER A 273 -16.05 5.62 -27.88
N THR A 274 -14.75 5.77 -27.57
CA THR A 274 -14.34 6.58 -26.42
C THR A 274 -14.72 8.06 -26.61
N MET A 275 -14.55 8.58 -27.83
CA MET A 275 -14.93 9.97 -28.09
C MET A 275 -16.44 10.20 -28.02
N ASP A 276 -17.25 9.22 -28.44
CA ASP A 276 -18.70 9.34 -28.31
C ASP A 276 -19.12 9.35 -26.84
N SER A 277 -18.49 8.53 -26.02
CA SER A 277 -18.77 8.55 -24.59
C SER A 277 -18.34 9.86 -23.92
N PHE A 278 -17.24 10.46 -24.40
CA PHE A 278 -16.90 11.81 -23.91
C PHE A 278 -17.90 12.86 -24.37
N SER A 279 -18.51 12.66 -25.54
CA SER A 279 -19.48 13.64 -26.02
C SER A 279 -20.81 13.57 -25.27
N ASP A 280 -21.20 12.40 -24.78
CA ASP A 280 -22.55 12.27 -24.22
C ASP A 280 -22.64 12.43 -22.70
N PHE A 281 -21.56 12.23 -21.95
CA PHE A 281 -21.65 12.03 -20.50
C PHE A 281 -21.00 13.17 -19.75
N GLN A 282 -21.80 13.88 -18.94
CA GLN A 282 -21.28 14.86 -18.00
C GLN A 282 -20.87 14.16 -16.70
N GLN A 283 -19.68 14.48 -16.20
CA GLN A 283 -19.04 13.63 -15.20
C GLN A 283 -19.33 14.02 -13.75
N ILE A 284 -19.85 15.21 -13.49
CA ILE A 284 -20.27 15.56 -12.13
C ILE A 284 -21.50 16.46 -12.22
N VAL A 285 -22.42 16.29 -11.28
CA VAL A 285 -23.70 17.01 -11.33
C VAL A 285 -24.27 17.11 -9.91
N TYR A 286 -24.99 18.20 -9.64
CA TYR A 286 -25.76 18.36 -8.42
C TYR A 286 -27.11 17.67 -8.55
N VAL A 287 -27.60 17.11 -7.44
CA VAL A 287 -28.92 16.47 -7.37
C VAL A 287 -29.73 17.14 -6.27
N LEU A 288 -30.86 17.73 -6.64
CA LEU A 288 -31.79 18.34 -5.69
C LEU A 288 -32.94 17.38 -5.40
N LYS A 289 -33.27 17.22 -4.12
CA LYS A 289 -34.32 16.30 -3.67
C LYS A 289 -35.44 17.09 -3.03
N ASN A 290 -36.65 16.98 -3.63
CA ASN A 290 -37.91 17.58 -3.16
C ASN A 290 -37.88 19.10 -3.19
N TYR A 291 -37.31 19.67 -4.26
CA TYR A 291 -37.42 21.12 -4.55
C TYR A 291 -37.75 21.26 -6.04
N ASP A 292 -39.03 21.20 -6.37
CA ASP A 292 -39.45 21.19 -7.76
C ASP A 292 -39.71 22.57 -8.33
N GLY A 293 -39.83 23.59 -7.50
CA GLY A 293 -39.99 24.95 -7.97
C GLY A 293 -38.73 25.76 -8.13
N GLU A 294 -37.57 25.17 -7.89
CA GLU A 294 -36.32 25.93 -7.85
C GLU A 294 -35.77 26.19 -9.26
N ASN A 295 -35.36 27.42 -9.50
CA ASN A 295 -34.66 27.81 -10.73
C ASN A 295 -33.20 27.35 -10.65
N PRO A 296 -32.71 26.53 -11.61
CA PRO A 296 -31.34 26.00 -11.49
C PRO A 296 -30.23 27.03 -11.68
N LYS A 297 -30.44 28.00 -12.58
CA LYS A 297 -29.47 29.05 -12.84
C LYS A 297 -29.22 29.91 -11.60
N GLU A 298 -30.30 30.37 -10.96
CA GLU A 298 -30.18 31.15 -9.75
C GLU A 298 -29.63 30.32 -8.60
N PHE A 299 -29.92 29.01 -8.59
CA PHE A 299 -29.40 28.10 -7.58
C PHE A 299 -27.88 28.00 -7.64
N THR A 300 -27.33 27.78 -8.83
CA THR A 300 -25.88 27.65 -8.96
C THR A 300 -25.18 28.99 -8.74
N ALA A 301 -25.78 30.09 -9.20
CA ALA A 301 -25.18 31.42 -8.96
C ALA A 301 -25.16 31.76 -7.47
N ASN A 302 -26.25 31.51 -6.75
CA ASN A 302 -26.31 31.78 -5.32
C ASN A 302 -25.37 30.86 -4.55
N LEU A 303 -25.22 29.62 -5.02
CA LEU A 303 -24.31 28.66 -4.39
C LEU A 303 -22.86 29.11 -4.52
N ARG A 304 -22.48 29.62 -5.69
CA ARG A 304 -21.12 30.12 -5.87
C ARG A 304 -20.89 31.41 -5.10
N TYR A 305 -21.92 32.25 -4.97
CA TYR A 305 -21.77 33.51 -4.25
C TYR A 305 -21.64 33.29 -2.75
N HIS A 306 -22.57 32.54 -2.14
CA HIS A 306 -22.67 32.45 -0.69
C HIS A 306 -21.78 31.36 -0.09
N SER A 307 -21.57 30.26 -0.84
CA SER A 307 -20.96 29.01 -0.40
C SER A 307 -21.76 28.32 0.71
N VAL A 308 -23.06 28.59 0.80
CA VAL A 308 -23.95 28.03 1.82
C VAL A 308 -25.23 27.57 1.12
N ILE A 309 -25.70 26.36 1.46
CA ILE A 309 -26.96 25.83 0.97
C ILE A 309 -27.86 25.56 2.17
N LYS A 310 -29.12 25.99 2.09
CA LYS A 310 -30.11 25.78 3.14
C LYS A 310 -31.15 24.76 2.70
N VAL A 311 -31.31 23.68 3.47
CA VAL A 311 -32.33 22.66 3.25
C VAL A 311 -33.10 22.45 4.54
N SER A 312 -34.35 21.98 4.42
CA SER A 312 -35.16 21.65 5.58
C SER A 312 -36.17 20.57 5.23
N GLY A 313 -36.57 19.80 6.24
CA GLY A 313 -37.66 18.85 6.07
C GLY A 313 -37.21 17.59 5.36
N ASP A 314 -37.91 17.24 4.28
CA ASP A 314 -37.52 16.14 3.42
C ASP A 314 -36.64 16.56 2.26
N GLY A 315 -36.29 17.83 2.16
CA GLY A 315 -35.46 18.29 1.08
C GLY A 315 -33.99 17.97 1.29
N GLY A 316 -33.28 17.78 0.20
CA GLY A 316 -31.87 17.44 0.29
C GLY A 316 -31.10 17.84 -0.94
N VAL A 317 -29.78 17.69 -0.84
CA VAL A 317 -28.88 17.96 -1.96
C VAL A 317 -27.73 16.97 -1.90
N ASP A 318 -27.33 16.47 -3.06
CA ASP A 318 -26.27 15.48 -3.17
C ASP A 318 -25.50 15.74 -4.45
N THR A 319 -24.46 14.95 -4.70
CA THR A 319 -23.77 14.97 -5.97
C THR A 319 -23.80 13.59 -6.60
N LEU A 320 -23.71 13.58 -7.92
CA LEU A 320 -23.53 12.37 -8.71
C LEU A 320 -22.25 12.56 -9.50
N ARG A 321 -21.26 11.69 -9.25
CA ARG A 321 -19.89 11.85 -9.74
C ARG A 321 -19.40 10.51 -10.26
N ALA A 322 -19.56 10.27 -11.55
CA ALA A 322 -19.15 9.03 -12.19
C ALA A 322 -18.14 9.32 -13.29
N GLU A 323 -16.93 8.78 -13.15
CA GLU A 323 -15.83 9.04 -14.07
C GLU A 323 -15.89 8.10 -15.27
N ILE A 324 -15.52 8.63 -16.44
CA ILE A 324 -15.54 7.85 -17.69
C ILE A 324 -14.39 6.84 -17.67
N PRO A 325 -14.66 5.55 -17.90
CA PRO A 325 -13.58 4.55 -17.83
C PRO A 325 -12.80 4.47 -19.14
N VAL A 326 -11.47 4.52 -19.04
CA VAL A 326 -10.59 4.57 -20.21
C VAL A 326 -9.44 3.57 -20.13
N ASP A 327 -9.33 2.76 -19.08
CA ASP A 327 -8.14 1.95 -18.85
C ASP A 327 -8.08 0.71 -19.74
N SER A 328 -9.22 0.06 -19.95
CA SER A 328 -9.27 -1.13 -20.81
C SER A 328 -8.94 -0.79 -22.25
N ALA A 329 -9.43 0.36 -22.73
CA ALA A 329 -9.15 0.80 -24.09
C ALA A 329 -7.67 1.14 -24.27
N ALA A 330 -7.05 1.74 -23.26
CA ALA A 330 -5.62 2.06 -23.32
C ALA A 330 -4.77 0.79 -23.37
N LYS A 331 -5.12 -0.20 -22.53
CA LYS A 331 -4.42 -1.48 -22.55
C LYS A 331 -4.59 -2.21 -23.87
N GLU A 332 -5.74 -2.06 -24.54
CA GLU A 332 -5.91 -2.70 -25.84
C GLU A 332 -5.14 -1.97 -26.94
N LEU A 333 -5.17 -0.63 -26.94
CA LEU A 333 -4.55 0.13 -28.00
C LEU A 333 -3.03 0.04 -27.96
N GLU A 334 -2.44 -0.15 -26.77
CA GLU A 334 -1.00 -0.33 -26.67
C GLU A 334 -0.53 -1.60 -27.40
N ARG A 335 -1.23 -2.72 -27.15
CA ARG A 335 -0.92 -3.99 -27.81
C ARG A 335 -1.21 -3.93 -29.31
N ILE A 336 -2.28 -3.21 -29.71
CA ILE A 336 -2.59 -3.09 -31.13
C ILE A 336 -1.52 -2.28 -31.86
N GLN A 337 -0.98 -1.23 -31.23
CA GLN A 337 0.09 -0.46 -31.86
C GLN A 337 1.38 -1.26 -31.98
N ASP A 338 1.70 -2.05 -30.95
CA ASP A 338 2.87 -2.93 -31.01
C ASP A 338 2.73 -3.99 -32.11
N GLU A 339 1.51 -4.53 -32.30
CA GLU A 339 1.32 -5.50 -33.37
C GLU A 339 1.31 -4.83 -34.74
N LEU A 340 0.85 -3.58 -34.79
CA LEU A 340 0.74 -2.86 -36.06
C LEU A 340 2.12 -2.52 -36.62
N TYR A 341 3.08 -2.20 -35.75
CA TYR A 341 4.44 -1.98 -36.23
C TYR A 341 5.09 -3.26 -36.75
N LYS A 342 4.74 -4.41 -36.18
CA LYS A 342 5.32 -5.68 -36.63
C LYS A 342 4.67 -6.17 -37.93
N SER A 343 3.37 -5.96 -38.08
CA SER A 343 2.65 -6.50 -39.25
C SER A 343 2.99 -5.72 -40.52
N ALA A 344 3.33 -4.45 -40.40
CA ALA A 344 3.65 -3.63 -41.55
C ALA A 344 5.12 -3.68 -41.94
N GLN A 345 5.97 -4.25 -41.08
CA GLN A 345 7.43 -4.25 -41.19
C GLN A 345 7.97 -2.82 -41.33
N ALA A 346 7.63 -1.99 -40.35
CA ALA A 346 7.99 -0.58 -40.30
C ALA A 346 8.95 -0.33 -39.15
N VAL A 347 9.39 0.93 -39.04
CA VAL A 347 10.35 1.36 -38.04
C VAL A 347 9.69 2.37 -37.13
N ASP A 348 9.83 2.18 -35.81
CA ASP A 348 9.37 3.13 -34.81
C ASP A 348 10.56 3.95 -34.32
N ASN A 349 10.56 5.25 -34.62
CA ASN A 349 11.68 6.14 -34.30
C ASN A 349 11.49 6.79 -32.93
N SER A 350 11.20 5.96 -31.93
CA SER A 350 10.96 6.45 -30.58
C SER A 350 12.27 6.81 -29.90
N PRO A 351 12.28 7.84 -29.04
CA PRO A 351 13.52 8.24 -28.34
C PRO A 351 14.11 7.18 -27.42
N GLU A 352 13.30 6.21 -26.98
CA GLU A 352 13.76 5.16 -26.07
C GLU A 352 14.86 4.31 -26.68
N THR A 353 14.63 3.82 -27.91
CA THR A 353 15.56 2.91 -28.56
C THR A 353 16.89 3.58 -28.85
N ILE A 354 16.85 4.87 -29.21
CA ILE A 354 18.09 5.60 -29.51
C ILE A 354 18.79 5.94 -28.21
N GLY A 355 18.00 6.21 -27.17
CA GLY A 355 18.57 6.55 -25.88
C GLY A 355 19.35 5.39 -25.27
N GLY A 356 18.86 4.17 -25.47
CA GLY A 356 19.69 3.02 -25.18
C GLY A 356 20.83 2.84 -26.18
N GLY A 357 20.53 2.90 -27.47
CA GLY A 357 21.43 2.42 -28.52
C GLY A 357 21.91 3.53 -29.43
N ALA A 358 23.23 3.62 -29.56
CA ALA A 358 23.87 4.52 -30.51
C ALA A 358 24.84 3.82 -31.46
N THR A 359 25.32 2.63 -31.13
CA THR A 359 26.31 1.93 -31.94
C THR A 359 25.69 1.39 -33.23
N GLY A 360 26.58 0.88 -34.09
CA GLY A 360 26.22 0.23 -35.33
C GLY A 360 25.23 -0.93 -35.25
N PRO A 361 25.52 -1.95 -34.43
CA PRO A 361 24.56 -3.07 -34.29
C PRO A 361 23.18 -2.68 -33.78
N ALA A 362 23.07 -1.69 -32.88
CA ALA A 362 21.76 -1.26 -32.41
C ALA A 362 20.96 -0.56 -33.51
N LEU A 363 21.65 0.24 -34.33
CA LEU A 363 21.00 0.91 -35.46
C LEU A 363 20.57 -0.09 -36.52
N GLU A 364 21.37 -1.13 -36.75
CA GLU A 364 20.96 -2.18 -37.66
C GLU A 364 19.83 -3.04 -37.09
N ASN A 365 19.77 -3.19 -35.77
CA ASN A 365 18.68 -3.93 -35.16
C ASN A 365 17.38 -3.15 -35.23
N LEU A 366 17.46 -1.82 -35.20
CA LEU A 366 16.26 -0.99 -35.30
C LEU A 366 15.59 -1.08 -36.67
N TYR A 367 16.36 -1.31 -37.74
CA TYR A 367 15.88 -1.18 -39.11
C TYR A 367 15.69 -2.51 -39.81
N ALA A 368 15.57 -3.62 -39.06
CA ALA A 368 15.69 -4.95 -39.66
C ALA A 368 14.48 -5.32 -40.52
N LEU A 369 13.27 -5.01 -40.06
CA LEU A 369 12.07 -5.41 -40.80
C LEU A 369 11.87 -4.56 -42.05
N LEU A 370 12.23 -3.27 -41.99
CA LEU A 370 12.21 -2.45 -43.19
C LEU A 370 13.23 -2.90 -44.22
N ASP A 371 14.40 -3.38 -43.76
CA ASP A 371 15.37 -4.00 -44.66
C ASP A 371 14.81 -5.25 -45.31
N LEU A 372 14.07 -6.04 -44.54
CA LEU A 372 13.42 -7.24 -45.06
C LEU A 372 12.42 -6.91 -46.16
N LYS A 373 11.63 -5.85 -45.97
CA LYS A 373 10.65 -5.45 -46.98
C LYS A 373 11.31 -4.83 -48.21
N ALA A 374 12.32 -3.97 -48.00
CA ALA A 374 12.96 -3.25 -49.10
C ALA A 374 13.78 -4.18 -49.98
N ASN A 375 14.40 -5.21 -49.41
CA ASN A 375 15.17 -6.16 -50.19
C ASN A 375 14.29 -6.94 -51.16
N MET A 376 13.07 -7.27 -50.72
CA MET A 376 12.14 -7.97 -51.61
C MET A 376 11.55 -7.05 -52.65
N ALA A 377 11.34 -5.76 -52.33
CA ALA A 377 10.77 -4.85 -53.30
C ALA A 377 11.78 -4.44 -54.40
N GLU A 378 13.08 -4.43 -54.07
CA GLU A 378 14.09 -4.02 -55.05
C GLU A 378 14.17 -4.97 -56.24
N ARG A 379 13.92 -6.26 -56.02
CA ARG A 379 13.93 -7.23 -57.11
C ARG A 379 12.83 -6.96 -58.13
N LYS A 380 11.64 -6.57 -57.65
CA LYS A 380 10.53 -6.27 -58.55
C LYS A 380 10.75 -4.97 -59.31
N ILE A 381 11.34 -3.97 -58.64
CA ILE A 381 11.64 -2.71 -59.31
C ILE A 381 12.71 -2.93 -60.40
N ARG A 382 13.72 -3.77 -60.11
CA ARG A 382 14.74 -4.10 -61.10
C ARG A 382 14.16 -4.86 -62.29
N ALA A 383 13.19 -5.76 -62.02
CA ALA A 383 12.53 -6.48 -63.09
C ALA A 383 11.73 -5.56 -64.01
N GLY A 384 11.13 -4.51 -63.45
CA GLY A 384 10.48 -3.53 -64.31
C GLY A 384 11.46 -2.69 -65.13
N LEU A 385 12.57 -2.27 -64.50
CA LEU A 385 13.51 -1.39 -65.16
C LEU A 385 14.29 -2.08 -66.28
N ARG A 386 14.54 -3.39 -66.15
CA ARG A 386 15.21 -4.13 -67.22
C ARG A 386 14.38 -4.14 -68.51
N LEU A 387 13.07 -4.30 -68.38
CA LEU A 387 12.19 -4.27 -69.54
C LEU A 387 12.09 -2.87 -70.14
N PHE A 388 12.07 -1.85 -69.27
CA PHE A 388 12.09 -0.45 -69.74
C PHE A 388 13.33 -0.15 -70.59
N PHE A 389 14.50 -0.65 -70.17
CA PHE A 389 15.70 -0.39 -70.95
C PHE A 389 15.82 -1.29 -72.18
N TRP A 390 15.18 -2.46 -72.19
CA TRP A 390 15.05 -3.22 -73.44
C TRP A 390 14.26 -2.43 -74.49
N PHE A 391 13.14 -1.81 -74.07
CA PHE A 391 12.37 -0.96 -74.98
C PHE A 391 13.19 0.22 -75.49
N PHE A 392 13.97 0.85 -74.60
CA PHE A 392 14.80 1.98 -74.99
C PHE A 392 15.87 1.57 -75.99
N ALA A 393 16.44 0.38 -75.83
CA ALA A 393 17.43 -0.10 -76.80
C ALA A 393 16.80 -0.41 -78.15
N GLU A 394 15.56 -0.91 -78.16
CA GLU A 394 14.86 -1.10 -79.43
C GLU A 394 14.63 0.22 -80.16
N TYR A 395 14.31 1.27 -79.41
CA TYR A 395 14.19 2.60 -80.03
C TYR A 395 15.53 3.10 -80.55
N LEU A 396 16.62 2.89 -79.80
CA LEU A 396 17.94 3.34 -80.26
C LEU A 396 18.43 2.54 -81.46
N ARG A 397 17.94 1.32 -81.64
CA ARG A 397 18.27 0.55 -82.82
C ARG A 397 17.49 1.00 -84.05
N ASN A 398 16.18 1.25 -83.90
CA ASN A 398 15.37 1.60 -85.05
C ASN A 398 15.56 3.04 -85.53
N THR A 399 16.41 3.82 -84.89
CA THR A 399 16.78 5.14 -85.38
C THR A 399 18.24 5.20 -85.83
N GLY A 400 18.90 4.05 -85.91
CA GLY A 400 20.26 3.96 -86.42
C GLY A 400 21.36 4.31 -85.44
N LYS A 401 21.03 4.72 -84.22
CA LYS A 401 22.02 5.28 -83.30
C LYS A 401 22.88 4.24 -82.59
N GLY A 402 22.72 2.96 -82.89
CA GLY A 402 23.59 1.95 -82.32
C GLY A 402 22.84 0.68 -81.97
N ASP A 403 23.59 -0.40 -81.82
CA ASP A 403 23.05 -1.70 -81.44
C ASP A 403 23.62 -2.06 -80.07
N PHE A 404 22.80 -1.94 -79.03
CA PHE A 404 23.22 -2.17 -77.66
C PHE A 404 22.40 -3.28 -77.03
N ASN A 405 22.95 -3.87 -75.98
CA ASN A 405 22.26 -4.88 -75.19
C ASN A 405 22.36 -4.47 -73.72
N PRO A 406 21.36 -3.75 -73.20
CA PRO A 406 21.41 -3.33 -71.78
C PRO A 406 21.24 -4.45 -70.79
N ASP A 407 20.83 -5.65 -71.24
CA ASP A 407 20.71 -6.80 -70.34
C ASP A 407 22.06 -7.22 -69.77
N LYS A 408 23.13 -7.05 -70.53
CA LYS A 408 24.46 -7.44 -70.08
C LYS A 408 25.44 -6.29 -69.94
N GLU A 409 25.16 -5.12 -70.48
CA GLU A 409 26.10 -4.02 -70.46
C GLU A 409 25.80 -2.95 -69.41
N LEU A 410 24.56 -2.82 -68.96
CA LEU A 410 24.18 -1.77 -68.02
C LEU A 410 24.09 -2.33 -66.60
N THR A 411 24.51 -1.54 -65.62
CA THR A 411 24.43 -1.90 -64.22
C THR A 411 23.75 -0.78 -63.45
N MET A 412 22.68 -1.12 -62.73
CA MET A 412 21.94 -0.19 -61.91
C MET A 412 22.36 -0.36 -60.45
N THR A 413 22.33 0.73 -59.70
CA THR A 413 22.58 0.62 -58.26
C THR A 413 21.73 1.59 -57.46
N PHE A 414 21.25 1.08 -56.33
CA PHE A 414 20.28 1.69 -55.43
C PHE A 414 20.97 2.10 -54.15
N THR A 415 20.62 3.25 -53.61
CA THR A 415 21.21 3.75 -52.37
C THR A 415 20.14 3.83 -51.30
N ARG A 416 20.31 3.07 -50.22
CA ARG A 416 19.40 3.16 -49.09
C ARG A 416 19.62 4.46 -48.34
N THR A 417 18.55 4.96 -47.74
CA THR A 417 18.59 6.16 -46.91
C THR A 417 18.39 5.72 -45.47
N ARG A 418 19.49 5.58 -44.74
CA ARG A 418 19.43 5.10 -43.37
C ARG A 418 20.39 5.89 -42.50
N ILE A 419 20.33 5.60 -41.22
CA ILE A 419 21.11 6.30 -40.20
C ILE A 419 22.30 5.43 -39.81
N GLN A 420 23.49 6.04 -39.78
CA GLN A 420 24.70 5.35 -39.37
C GLN A 420 25.51 6.24 -38.45
N ASN A 421 26.47 5.62 -37.77
CA ASN A 421 27.42 6.32 -36.92
C ASN A 421 28.67 6.61 -37.76
N ASP A 422 28.83 7.86 -38.20
CA ASP A 422 29.88 8.20 -39.16
C ASP A 422 31.27 8.19 -38.52
N SER A 423 31.38 8.57 -37.24
CA SER A 423 32.67 8.62 -36.56
C SER A 423 33.26 7.22 -36.39
N GLU A 424 32.40 6.25 -36.06
CA GLU A 424 32.82 4.86 -35.94
C GLU A 424 33.30 4.31 -37.28
N ILE A 425 32.63 4.68 -38.37
CA ILE A 425 33.00 4.22 -39.70
C ILE A 425 34.33 4.81 -40.14
N VAL A 426 34.53 6.12 -39.88
CA VAL A 426 35.79 6.77 -40.25
C VAL A 426 36.96 6.21 -39.45
N GLN A 427 36.74 5.94 -38.15
CA GLN A 427 37.78 5.35 -37.31
C GLN A 427 38.17 3.94 -37.77
N SER A 428 37.17 3.11 -38.10
CA SER A 428 37.50 1.76 -38.53
C SER A 428 38.10 1.72 -39.93
N LEU A 429 37.74 2.68 -40.81
CA LEU A 429 38.35 2.75 -42.14
C LEU A 429 39.82 3.16 -42.05
N VAL A 430 40.12 4.15 -41.21
CA VAL A 430 41.50 4.59 -41.03
C VAL A 430 42.34 3.48 -40.40
N GLN A 431 41.76 2.76 -39.44
CA GLN A 431 42.45 1.63 -38.82
C GLN A 431 42.70 0.49 -39.81
N GLY A 432 41.76 0.20 -40.70
CA GLY A 432 41.98 -0.83 -41.70
C GLY A 432 42.96 -0.46 -42.78
N VAL A 433 43.02 0.82 -43.15
CA VAL A 433 44.03 1.25 -44.12
C VAL A 433 45.42 1.22 -43.51
N THR A 434 45.55 1.67 -42.24
CA THR A 434 46.84 1.64 -41.57
C THR A 434 47.31 0.22 -41.28
N GLY A 435 46.39 -0.71 -41.03
CA GLY A 435 46.75 -2.10 -40.84
C GLY A 435 47.16 -2.84 -42.10
N GLY A 436 46.91 -2.28 -43.27
CA GLY A 436 47.31 -2.90 -44.51
C GLY A 436 46.34 -3.91 -45.09
N ILE A 437 45.14 -4.03 -44.53
CA ILE A 437 44.16 -4.99 -45.00
C ILE A 437 43.11 -4.33 -45.90
N MET A 438 43.42 -3.17 -46.46
CA MET A 438 42.44 -2.42 -47.23
C MET A 438 43.18 -1.43 -48.13
N SER A 439 42.67 -1.26 -49.34
CA SER A 439 43.20 -0.28 -50.26
C SER A 439 42.67 1.12 -49.91
N LYS A 440 43.44 2.13 -50.28
CA LYS A 440 43.03 3.52 -50.04
C LYS A 440 41.86 3.93 -50.92
N GLU A 441 41.78 3.40 -52.14
CA GLU A 441 40.70 3.73 -53.07
C GLU A 441 39.36 3.21 -52.57
N THR A 442 39.34 1.98 -52.05
CA THR A 442 38.13 1.42 -51.48
C THR A 442 37.67 2.19 -50.25
N ALA A 443 38.62 2.68 -49.44
CA ALA A 443 38.26 3.44 -48.26
C ALA A 443 37.78 4.84 -48.61
N VAL A 444 38.26 5.42 -49.71
CA VAL A 444 37.68 6.67 -50.20
C VAL A 444 36.26 6.43 -50.69
N ALA A 445 36.00 5.28 -51.31
CA ALA A 445 34.66 4.99 -51.77
C ALA A 445 33.65 4.67 -50.66
N ARG A 446 34.09 4.44 -49.42
CA ARG A 446 33.18 4.18 -48.31
C ARG A 446 33.07 5.33 -47.31
N ASN A 447 33.78 6.43 -47.56
CA ASN A 447 33.78 7.57 -46.65
C ASN A 447 32.43 8.27 -46.66
N PRO A 448 31.75 8.41 -45.51
CA PRO A 448 30.43 9.07 -45.51
C PRO A 448 30.47 10.57 -45.76
N PHE A 449 31.64 11.21 -45.77
CA PHE A 449 31.75 12.60 -46.12
C PHE A 449 32.11 12.83 -47.59
N VAL A 450 32.40 11.77 -48.34
CA VAL A 450 32.78 11.87 -49.75
C VAL A 450 31.58 11.46 -50.59
N GLN A 451 31.21 12.30 -51.55
CA GLN A 451 30.07 12.01 -52.44
C GLN A 451 30.48 11.57 -53.84
N ASP A 452 31.60 12.07 -54.36
CA ASP A 452 32.07 11.66 -55.68
C ASP A 452 33.48 11.09 -55.57
N PRO A 453 33.66 9.77 -55.74
CA PRO A 453 34.95 9.16 -55.37
C PRO A 453 36.11 9.44 -56.32
N GLU A 454 35.88 9.46 -57.64
CA GLU A 454 37.04 9.57 -58.53
C GLU A 454 37.57 10.99 -58.63
N GLU A 455 36.70 12.00 -58.52
CA GLU A 455 37.17 13.37 -58.39
C GLU A 455 37.88 13.59 -57.06
N GLU A 456 37.46 12.88 -56.01
CA GLU A 456 38.16 12.93 -54.74
C GLU A 456 39.55 12.31 -54.83
N LEU A 457 39.68 11.20 -55.56
CA LEU A 457 40.99 10.59 -55.77
C LEU A 457 41.90 11.48 -56.60
N ALA A 458 41.34 12.13 -57.63
CA ALA A 458 42.10 13.09 -58.43
C ALA A 458 42.55 14.28 -57.59
N ARG A 459 41.71 14.70 -56.65
CA ARG A 459 42.03 15.81 -55.77
C ARG A 459 43.15 15.46 -54.79
N ILE A 460 43.12 14.24 -54.24
CA ILE A 460 44.20 13.80 -53.35
C ILE A 460 45.51 13.66 -54.13
N GLU A 461 45.42 13.18 -55.38
CA GLU A 461 46.59 13.13 -56.27
C GLU A 461 47.14 14.53 -56.55
N GLU A 462 46.26 15.51 -56.73
CA GLU A 462 46.70 16.89 -56.98
C GLU A 462 47.36 17.50 -55.75
N GLU A 463 46.80 17.27 -54.55
CA GLU A 463 47.40 17.83 -53.35
C GLU A 463 48.65 17.08 -52.92
N MET A 464 48.86 15.85 -53.41
CA MET A 464 50.10 15.14 -53.13
C MET A 464 51.29 15.78 -53.83
N ASN A 465 51.06 16.39 -54.99
CA ASN A 465 52.17 16.89 -55.81
C ASN A 465 52.76 18.16 -55.24
N GLN A 466 51.98 18.97 -54.53
CA GLN A 466 52.47 20.24 -54.03
C GLN A 466 53.30 20.10 -52.75
N TYR A 467 53.14 19.00 -52.02
CA TYR A 467 53.83 18.87 -50.74
C TYR A 467 55.28 18.39 -50.91
N ALA A 468 55.59 17.69 -52.00
CA ALA A 468 56.95 17.18 -52.19
C ALA A 468 57.93 18.30 -52.49
N GLU A 469 57.45 19.39 -53.09
CA GLU A 469 58.25 20.59 -53.30
C GLU A 469 58.42 21.39 -52.01
N MET A 470 57.67 21.08 -50.97
CA MET A 470 57.81 21.75 -49.68
C MET A 470 58.02 20.74 -48.56
N LYS B 24 1.80 -43.16 -48.82
CA LYS B 24 2.02 -42.76 -50.21
C LYS B 24 1.68 -43.88 -51.19
N GLU B 25 2.15 -43.75 -52.43
CA GLU B 25 1.87 -44.69 -53.51
C GLU B 25 3.19 -45.23 -54.00
N ILE B 26 3.35 -46.55 -53.97
CA ILE B 26 4.59 -47.19 -54.41
C ILE B 26 4.22 -48.23 -55.46
N ALA B 27 4.84 -48.11 -56.65
CA ALA B 27 4.53 -48.88 -57.85
C ALA B 27 3.03 -48.84 -58.20
N GLU B 28 2.25 -49.25 -70.38
CA GLU B 28 1.07 -49.44 -69.54
C GLU B 28 0.25 -48.12 -69.31
N PRO B 29 -0.38 -47.53 -70.38
CA PRO B 29 -1.20 -46.32 -70.16
C PRO B 29 -2.69 -46.57 -69.92
N ASP B 30 -3.22 -46.00 -68.84
CA ASP B 30 -4.64 -46.10 -68.53
C ASP B 30 -5.18 -44.70 -68.26
N THR B 31 -6.14 -44.25 -69.07
CA THR B 31 -6.83 -43.00 -68.80
C THR B 31 -7.91 -43.12 -67.74
N THR B 32 -8.21 -44.34 -67.29
CA THR B 32 -9.10 -44.52 -66.15
C THR B 32 -8.32 -44.44 -64.83
N MET B 33 -7.10 -44.98 -64.82
CA MET B 33 -6.26 -44.87 -63.64
C MET B 33 -5.78 -43.43 -63.41
N ILE B 34 -5.66 -42.64 -64.48
CA ILE B 34 -5.34 -41.22 -64.34
C ILE B 34 -6.47 -40.49 -63.62
N GLN B 35 -7.71 -40.77 -64.01
CA GLN B 35 -8.89 -40.19 -63.34
C GLN B 35 -8.98 -40.67 -61.89
N LYS B 36 -8.66 -41.95 -61.65
CA LYS B 36 -8.69 -42.51 -60.30
C LYS B 36 -7.65 -41.84 -59.40
N LEU B 37 -6.43 -41.64 -59.91
CA LEU B 37 -5.39 -41.00 -59.13
C LEU B 37 -5.67 -39.53 -58.90
N ILE B 38 -6.25 -38.85 -59.88
CA ILE B 38 -6.54 -37.42 -59.76
C ILE B 38 -7.66 -37.19 -58.75
N ASP B 39 -8.70 -38.04 -58.75
CA ASP B 39 -9.79 -37.82 -57.81
C ASP B 39 -9.47 -38.23 -56.38
N GLU B 40 -8.53 -39.14 -56.17
CA GLU B 40 -8.12 -39.52 -54.83
C GLU B 40 -6.99 -38.67 -54.28
N HIS B 41 -6.66 -37.56 -54.92
CA HIS B 41 -5.63 -36.65 -54.45
C HIS B 41 -6.23 -35.58 -53.56
N ASN B 42 -5.57 -35.29 -52.45
CA ASN B 42 -6.00 -34.26 -51.51
C ASN B 42 -4.98 -33.14 -51.45
N PRO B 43 -5.20 -32.01 -52.13
CA PRO B 43 -4.26 -30.88 -52.03
C PRO B 43 -4.43 -30.03 -50.79
N GLU B 44 -5.35 -30.36 -49.89
CA GLU B 44 -5.70 -29.54 -48.75
C GLU B 44 -4.65 -29.36 -47.67
N PRO B 45 -3.85 -30.37 -47.26
CA PRO B 45 -2.74 -30.06 -46.33
C PRO B 45 -1.64 -29.20 -46.92
N LEU B 46 -1.52 -29.12 -48.25
CA LEU B 46 -0.48 -28.30 -48.85
C LEU B 46 -0.88 -26.85 -49.01
N LEU B 47 -2.18 -26.54 -48.95
CA LEU B 47 -2.66 -25.18 -49.17
C LEU B 47 -2.94 -24.40 -47.89
N LYS B 48 -2.85 -25.04 -46.72
CA LYS B 48 -3.06 -24.34 -45.45
C LYS B 48 -2.00 -23.29 -45.21
N GLY B 49 -0.73 -23.62 -45.47
CA GLY B 49 0.35 -22.67 -45.29
C GLY B 49 0.29 -21.51 -46.25
N VAL B 50 -0.20 -21.75 -47.46
CA VAL B 50 -0.42 -20.67 -48.41
C VAL B 50 -1.54 -19.75 -47.94
N ARG B 51 -2.61 -20.33 -47.38
CA ARG B 51 -3.72 -19.52 -46.86
C ARG B 51 -3.29 -18.70 -45.66
N TYR B 52 -2.49 -19.27 -44.76
CA TYR B 52 -2.01 -18.53 -43.61
C TYR B 52 -0.94 -17.51 -43.98
N TYR B 53 -0.25 -17.69 -45.11
CA TYR B 53 0.67 -16.67 -45.58
C TYR B 53 -0.05 -15.41 -46.04
N MET B 54 -1.25 -15.55 -46.61
CA MET B 54 -2.04 -14.42 -47.06
C MET B 54 -3.04 -13.93 -46.01
N CYS B 55 -2.76 -14.19 -44.73
CA CYS B 55 -3.54 -13.79 -43.55
C CYS B 55 -5.04 -14.11 -43.66
N GLU B 56 -5.32 -15.34 -44.06
CA GLU B 56 -6.68 -15.90 -44.08
C GLU B 56 -6.64 -17.16 -43.22
N ASN B 57 -6.80 -16.99 -41.92
CA ASN B 57 -6.68 -18.07 -40.97
C ASN B 57 -8.04 -18.72 -40.73
N ASP B 58 -8.07 -19.72 -39.85
CA ASP B 58 -9.29 -20.47 -39.58
C ASP B 58 -10.35 -19.64 -38.86
N ILE B 59 -9.94 -18.55 -38.21
CA ILE B 59 -10.84 -17.61 -37.53
C ILE B 59 -11.90 -17.03 -38.47
N GLU B 60 -11.66 -17.01 -39.77
CA GLU B 60 -12.64 -16.52 -40.73
C GLU B 60 -13.84 -17.43 -40.90
N LYS B 61 -13.84 -18.63 -40.30
CA LYS B 61 -15.00 -19.51 -40.34
C LYS B 61 -15.88 -19.38 -39.10
N LYS B 62 -15.70 -18.32 -38.32
CA LYS B 62 -16.44 -18.13 -37.08
C LYS B 62 -17.80 -17.52 -37.34
N ARG B 63 -18.83 -18.08 -36.70
CA ARG B 63 -20.20 -17.59 -36.79
C ARG B 63 -20.75 -17.35 -35.39
N ARG B 64 -21.80 -16.54 -35.31
CA ARG B 64 -22.50 -16.27 -34.07
C ARG B 64 -23.92 -16.83 -34.16
N THR B 65 -24.23 -17.84 -33.34
CA THR B 65 -25.50 -18.56 -33.36
C THR B 65 -26.25 -18.34 -32.06
N TYR B 66 -27.58 -18.28 -32.13
CA TYR B 66 -28.42 -18.24 -30.94
C TYR B 66 -29.57 -19.24 -31.06
N TYR B 67 -30.23 -19.54 -29.93
CA TYR B 67 -31.31 -20.52 -29.88
C TYR B 67 -32.65 -19.84 -29.68
N ASP B 68 -33.61 -20.16 -30.54
CA ASP B 68 -34.97 -19.68 -30.42
C ASP B 68 -35.74 -20.48 -29.37
N ALA B 69 -36.93 -19.99 -29.05
CA ALA B 69 -37.86 -20.76 -28.22
C ALA B 69 -38.24 -22.08 -28.88
N ALA B 70 -38.19 -23.16 -28.09
CA ALA B 70 -38.28 -24.55 -28.53
C ALA B 70 -37.20 -24.91 -29.55
N GLY B 71 -35.96 -24.57 -29.21
CA GLY B 71 -34.79 -25.27 -29.69
C GLY B 71 -34.28 -24.87 -31.06
N GLN B 72 -34.87 -23.87 -31.70
CA GLN B 72 -34.45 -23.55 -33.05
C GLN B 72 -33.17 -22.72 -33.04
N GLN B 73 -32.22 -23.14 -33.86
CA GLN B 73 -30.91 -22.49 -33.94
C GLN B 73 -30.87 -21.54 -35.12
N LEU B 74 -30.62 -20.26 -34.83
CA LEU B 74 -30.70 -19.18 -35.80
C LEU B 74 -29.36 -18.48 -35.87
N VAL B 75 -28.90 -18.19 -37.09
CA VAL B 75 -27.70 -17.41 -37.32
C VAL B 75 -28.12 -16.11 -37.97
N ASP B 76 -27.77 -14.99 -37.36
CA ASP B 76 -28.03 -13.68 -37.95
C ASP B 76 -26.78 -13.22 -38.65
N ASP B 77 -26.95 -12.75 -39.89
CA ASP B 77 -25.85 -12.26 -40.71
C ASP B 77 -25.72 -10.74 -40.66
N THR B 78 -26.56 -10.07 -39.88
CA THR B 78 -26.48 -8.63 -39.65
C THR B 78 -25.71 -8.31 -38.37
N LYS B 79 -25.56 -9.27 -37.47
CA LYS B 79 -24.85 -9.02 -36.23
C LYS B 79 -23.34 -8.88 -36.45
N THR B 80 -22.71 -8.03 -35.66
CA THR B 80 -21.27 -7.81 -35.74
C THR B 80 -20.50 -9.07 -35.35
N ASN B 81 -19.54 -9.44 -36.19
CA ASN B 81 -18.82 -10.71 -36.09
C ASN B 81 -17.34 -10.41 -36.38
N ASN B 82 -16.58 -10.17 -35.32
CA ASN B 82 -15.18 -9.76 -35.46
C ASN B 82 -14.29 -10.98 -35.67
N ARG B 83 -13.54 -10.97 -36.77
CA ARG B 83 -12.62 -12.07 -37.11
C ARG B 83 -11.30 -11.46 -37.56
N THR B 84 -10.35 -11.34 -36.63
CA THR B 84 -9.06 -10.72 -36.91
C THR B 84 -7.99 -11.80 -37.09
N SER B 85 -7.43 -11.89 -38.29
CA SER B 85 -6.31 -12.76 -38.57
C SER B 85 -5.00 -12.02 -38.36
N HIS B 86 -4.02 -12.71 -37.79
CA HIS B 86 -2.70 -12.13 -37.56
C HIS B 86 -1.67 -12.74 -38.50
N ALA B 87 -0.63 -11.97 -38.79
CA ALA B 87 0.32 -12.25 -39.88
C ALA B 87 1.65 -12.80 -39.37
N TRP B 88 1.63 -13.70 -38.39
CA TRP B 88 2.87 -14.25 -37.83
C TRP B 88 3.61 -15.12 -38.85
N HIS B 89 2.88 -15.93 -39.60
CA HIS B 89 3.48 -16.93 -40.49
C HIS B 89 4.21 -16.27 -41.66
N LYS B 90 3.65 -15.19 -42.20
CA LYS B 90 4.29 -14.46 -43.29
C LYS B 90 5.60 -13.82 -42.83
N LEU B 91 5.62 -13.27 -41.62
CA LEU B 91 6.83 -12.68 -41.06
C LEU B 91 7.91 -13.74 -40.84
N PHE B 92 7.53 -14.92 -40.33
CA PHE B 92 8.51 -15.98 -40.11
C PHE B 92 9.10 -16.50 -41.43
N VAL B 93 8.24 -16.69 -42.44
CA VAL B 93 8.70 -17.21 -43.73
C VAL B 93 9.59 -16.18 -44.44
N ASP B 94 9.23 -14.89 -44.38
CA ASP B 94 10.04 -13.85 -45.01
C ASP B 94 11.40 -13.70 -44.35
N GLN B 95 11.44 -13.79 -43.01
CA GLN B 95 12.69 -13.73 -42.27
C GLN B 95 13.61 -14.89 -42.63
N LYS B 96 13.06 -16.10 -42.69
CA LYS B 96 13.85 -17.28 -43.04
C LYS B 96 14.37 -17.22 -44.47
N THR B 97 13.53 -16.76 -45.41
CA THR B 97 13.91 -16.70 -46.81
C THR B 97 15.00 -15.66 -47.07
N GLN B 98 14.89 -14.48 -46.46
CA GLN B 98 15.93 -13.48 -46.67
C GLN B 98 17.21 -13.82 -45.91
N TYR B 99 17.11 -14.57 -44.80
CA TYR B 99 18.31 -15.05 -44.14
C TYR B 99 19.06 -16.08 -44.97
N LEU B 100 18.33 -16.93 -45.70
CA LEU B 100 19.00 -17.98 -46.45
C LEU B 100 19.48 -17.53 -47.83
N VAL B 101 18.59 -16.98 -48.66
CA VAL B 101 18.97 -16.67 -50.05
C VAL B 101 18.71 -15.21 -50.39
N GLY B 102 18.77 -14.33 -49.40
CA GLY B 102 18.67 -12.90 -49.68
C GLY B 102 19.88 -12.38 -50.44
N GLU B 103 21.05 -12.94 -50.18
CA GLU B 103 22.26 -12.80 -50.98
C GLU B 103 22.36 -13.94 -51.97
N PRO B 104 22.82 -13.68 -53.19
CA PRO B 104 22.92 -14.74 -54.20
C PRO B 104 23.98 -15.77 -53.87
N VAL B 105 23.72 -17.00 -54.32
CA VAL B 105 24.68 -18.09 -54.20
C VAL B 105 25.80 -17.86 -55.21
N THR B 106 27.04 -18.10 -54.80
CA THR B 106 28.15 -17.91 -55.72
C THR B 106 28.87 -19.23 -56.01
N PHE B 107 29.51 -19.30 -57.16
CA PHE B 107 30.06 -20.54 -57.70
C PHE B 107 31.55 -20.40 -57.98
N THR B 108 32.30 -21.46 -57.68
CA THR B 108 33.71 -21.56 -58.02
C THR B 108 34.01 -22.91 -58.63
N SER B 109 35.07 -22.94 -59.44
CA SER B 109 35.54 -24.15 -60.11
C SER B 109 36.95 -23.92 -60.61
N ASP B 110 37.76 -24.98 -60.62
CA ASP B 110 39.06 -24.92 -61.30
C ASP B 110 38.89 -25.04 -62.81
N ASN B 111 37.92 -25.83 -63.25
CA ASN B 111 37.53 -25.90 -64.65
C ASN B 111 36.92 -24.58 -65.07
N LYS B 112 37.66 -23.78 -65.83
CA LYS B 112 37.21 -22.44 -66.17
C LYS B 112 36.21 -22.39 -67.31
N THR B 113 36.04 -23.49 -68.05
CA THR B 113 35.08 -23.52 -69.15
C THR B 113 33.68 -23.87 -68.67
N LEU B 114 33.57 -24.78 -67.70
CA LEU B 114 32.28 -25.06 -67.07
C LEU B 114 31.77 -23.84 -66.31
N LEU B 115 32.69 -23.07 -65.74
CA LEU B 115 32.32 -21.98 -64.85
C LEU B 115 31.68 -20.81 -65.60
N GLU B 116 32.08 -20.53 -66.84
CA GLU B 116 31.45 -19.43 -67.56
C GLU B 116 30.04 -19.78 -68.02
N TYR B 117 29.81 -21.06 -68.36
CA TYR B 117 28.46 -21.56 -68.63
C TYR B 117 27.57 -21.42 -67.40
N VAL B 118 28.08 -21.88 -66.24
CA VAL B 118 27.32 -21.79 -64.99
C VAL B 118 27.06 -20.34 -64.60
N ASN B 119 28.05 -19.47 -64.79
CA ASN B 119 27.91 -18.08 -64.37
C ASN B 119 26.99 -17.28 -65.27
N GLU B 120 26.85 -17.67 -66.54
CA GLU B 120 25.82 -17.01 -67.34
C GLU B 120 24.44 -17.65 -67.14
N LEU B 121 24.37 -18.90 -66.68
CA LEU B 121 23.06 -19.48 -66.37
C LEU B 121 22.43 -18.86 -65.13
N ALA B 122 23.23 -18.46 -64.14
CA ALA B 122 22.71 -17.98 -62.86
C ALA B 122 22.69 -16.46 -62.83
N ASP B 123 21.71 -15.89 -63.52
CA ASP B 123 21.48 -14.46 -63.60
C ASP B 123 20.42 -14.02 -62.56
N ASP B 124 19.90 -12.80 -62.72
CA ASP B 124 18.94 -12.23 -61.78
C ASP B 124 17.63 -13.02 -61.71
N ASP B 125 17.19 -13.57 -62.84
CA ASP B 125 15.98 -14.38 -62.87
C ASP B 125 16.14 -15.66 -62.07
N PHE B 126 17.35 -16.24 -62.10
CA PHE B 126 17.67 -17.40 -61.27
C PHE B 126 17.54 -17.09 -59.78
N ASP B 127 17.97 -15.88 -59.39
CA ASP B 127 17.90 -15.49 -57.98
C ASP B 127 16.46 -15.26 -57.53
N ASP B 128 15.64 -14.64 -58.39
CA ASP B 128 14.23 -14.44 -58.04
C ASP B 128 13.48 -15.78 -57.98
N ILE B 129 13.81 -16.70 -58.89
CA ILE B 129 13.22 -18.04 -58.88
C ILE B 129 13.61 -18.80 -57.62
N LEU B 130 14.86 -18.64 -57.17
CA LEU B 130 15.31 -19.32 -55.96
C LEU B 130 14.64 -18.78 -54.70
N ASN B 131 14.43 -17.45 -54.63
CA ASN B 131 13.67 -16.86 -53.51
C ASN B 131 12.23 -17.37 -53.47
N GLU B 132 11.58 -17.45 -54.64
CA GLU B 132 10.20 -17.94 -54.65
C GLU B 132 10.14 -19.44 -54.34
N THR B 133 11.19 -20.19 -54.68
CA THR B 133 11.22 -21.62 -54.38
C THR B 133 11.37 -21.86 -52.88
N VAL B 134 12.22 -21.07 -52.21
CA VAL B 134 12.39 -21.21 -50.76
C VAL B 134 11.10 -20.83 -50.02
N LYS B 135 10.42 -19.78 -50.49
CA LYS B 135 9.13 -19.40 -49.87
C LYS B 135 8.05 -20.47 -50.07
N ASN B 136 7.95 -21.02 -51.29
CA ASN B 136 6.96 -22.07 -51.56
C ASN B 136 7.26 -23.34 -50.78
N MET B 137 8.54 -23.67 -50.63
CA MET B 137 8.95 -24.83 -49.86
C MET B 137 8.61 -24.68 -48.38
N SER B 138 8.72 -23.46 -47.84
CA SER B 138 8.31 -23.24 -46.47
C SER B 138 6.80 -23.26 -46.30
N ASN B 139 6.04 -22.84 -47.33
CA ASN B 139 4.59 -22.83 -47.19
C ASN B 139 3.96 -24.20 -47.41
N LYS B 140 4.51 -25.04 -48.29
CA LYS B 140 3.85 -26.28 -48.66
C LYS B 140 4.53 -27.54 -48.16
N GLY B 141 5.83 -27.51 -47.89
CA GLY B 141 6.59 -28.68 -47.50
C GLY B 141 7.41 -29.29 -48.62
N ILE B 142 7.15 -28.91 -49.87
CA ILE B 142 7.81 -29.48 -51.04
C ILE B 142 7.62 -28.50 -52.19
N GLU B 143 8.62 -28.42 -53.07
CA GLU B 143 8.46 -27.70 -54.33
C GLU B 143 9.22 -28.43 -55.43
N TYR B 144 8.81 -28.24 -56.68
CA TYR B 144 9.38 -28.99 -57.80
C TYR B 144 9.82 -28.06 -58.92
N TRP B 145 10.97 -28.40 -59.52
CA TRP B 145 11.45 -27.78 -60.74
C TRP B 145 11.34 -28.76 -61.89
N HIS B 146 11.18 -28.22 -63.09
CA HIS B 146 11.12 -29.00 -64.33
C HIS B 146 12.10 -28.43 -65.35
N PRO B 147 13.13 -29.19 -65.74
CA PRO B 147 14.06 -28.72 -66.78
C PRO B 147 13.70 -29.20 -68.18
N PHE B 148 13.98 -28.37 -69.17
CA PHE B 148 13.65 -28.70 -70.56
C PHE B 148 14.56 -27.89 -71.48
N VAL B 149 14.38 -28.08 -72.78
CA VAL B 149 15.07 -27.34 -73.83
C VAL B 149 14.05 -26.49 -74.58
N ASP B 150 14.39 -25.22 -74.78
CA ASP B 150 13.54 -24.27 -75.51
C ASP B 150 13.40 -24.66 -76.98
N GLU B 151 12.57 -23.90 -77.69
CA GLU B 151 12.45 -24.07 -79.13
C GLU B 151 13.62 -23.45 -79.88
N GLU B 152 14.44 -22.65 -79.22
CA GLU B 152 15.67 -22.10 -79.78
C GLU B 152 16.90 -22.87 -79.32
N GLY B 153 16.72 -24.03 -78.68
CA GLY B 153 17.84 -24.84 -78.25
C GLY B 153 18.46 -24.45 -76.93
N GLU B 154 17.89 -23.51 -76.20
CA GLU B 154 18.43 -23.08 -74.92
C GLU B 154 17.91 -23.96 -73.78
N PHE B 155 18.78 -24.20 -72.79
CA PHE B 155 18.38 -24.91 -71.59
C PHE B 155 17.53 -24.01 -70.71
N ASP B 156 16.36 -24.49 -70.31
CA ASP B 156 15.44 -23.70 -69.50
C ASP B 156 14.86 -24.57 -68.39
N TYR B 157 14.14 -23.92 -67.49
CA TYR B 157 13.61 -24.56 -66.29
C TYR B 157 12.41 -23.76 -65.82
N VAL B 158 11.48 -24.44 -65.15
CA VAL B 158 10.25 -23.80 -64.68
C VAL B 158 9.85 -24.45 -63.36
N ILE B 159 8.99 -23.76 -62.61
CA ILE B 159 8.47 -24.28 -61.35
C ILE B 159 7.15 -24.99 -61.59
N PHE B 160 7.05 -26.24 -61.13
CA PHE B 160 5.77 -26.94 -61.09
C PHE B 160 5.18 -26.81 -59.69
N PRO B 161 4.02 -26.18 -59.51
CA PRO B 161 3.42 -26.06 -58.16
C PRO B 161 3.02 -27.42 -57.60
N ALA B 162 3.37 -27.64 -56.33
CA ALA B 162 3.31 -28.97 -55.75
C ALA B 162 1.90 -29.44 -55.45
N GLU B 163 0.92 -28.53 -55.36
CA GLU B 163 -0.47 -28.91 -55.14
C GLU B 163 -1.13 -29.49 -56.38
N GLU B 164 -0.45 -29.46 -57.53
CA GLU B 164 -0.94 -30.08 -58.75
C GLU B 164 -0.15 -31.32 -59.15
N MET B 165 0.72 -31.83 -58.28
CA MET B 165 1.62 -32.92 -58.63
C MET B 165 1.26 -34.20 -57.90
N ILE B 166 1.34 -35.32 -58.61
CA ILE B 166 1.21 -36.65 -58.03
C ILE B 166 2.45 -37.45 -58.44
N VAL B 167 3.26 -37.84 -57.47
CA VAL B 167 4.52 -38.54 -57.72
C VAL B 167 4.41 -39.95 -57.19
N VAL B 168 4.80 -40.92 -58.02
CA VAL B 168 4.77 -42.34 -57.69
C VAL B 168 6.20 -42.86 -57.78
N TYR B 169 6.59 -43.73 -56.84
CA TYR B 169 7.94 -44.27 -56.78
C TYR B 169 7.97 -45.74 -57.18
N LYS B 170 9.13 -46.17 -57.70
CA LYS B 170 9.42 -47.57 -57.99
C LYS B 170 9.54 -48.37 -56.70
N ASP B 171 9.71 -49.69 -56.85
CA ASP B 171 10.00 -50.50 -55.66
C ASP B 171 10.88 -51.70 -55.96
N ASN B 172 12.15 -51.56 -55.59
CA ASN B 172 12.75 -52.41 -54.56
C ASN B 172 13.40 -51.49 -53.53
N THR B 173 13.43 -50.19 -53.82
CA THR B 173 13.70 -49.11 -52.89
C THR B 173 12.52 -48.16 -53.03
N ARG B 174 12.28 -47.29 -52.05
CA ARG B 174 11.02 -46.55 -52.04
C ARG B 174 11.17 -45.05 -52.28
N ARG B 175 12.31 -44.59 -52.84
CA ARG B 175 12.46 -43.16 -53.15
C ARG B 175 13.15 -42.92 -54.49
N ASP B 176 12.80 -43.69 -55.53
CA ASP B 176 13.20 -43.37 -56.89
C ASP B 176 11.96 -43.23 -57.76
N ILE B 177 11.85 -42.10 -58.46
CA ILE B 177 10.61 -41.68 -59.11
C ILE B 177 10.35 -42.53 -60.35
N LEU B 178 9.15 -43.11 -60.42
CA LEU B 178 8.70 -43.87 -61.58
C LEU B 178 8.02 -42.99 -62.62
N PHE B 179 6.99 -42.23 -62.21
CA PHE B 179 6.35 -41.27 -63.11
C PHE B 179 5.79 -40.11 -62.29
N ALA B 180 5.34 -39.07 -63.01
CA ALA B 180 4.82 -37.87 -62.36
C ALA B 180 3.64 -37.33 -63.15
N LEU B 181 2.59 -36.93 -62.44
CA LEU B 181 1.34 -36.49 -63.07
C LEU B 181 1.00 -35.07 -62.61
N ARG B 182 0.78 -34.18 -63.57
CA ARG B 182 0.47 -32.78 -63.32
C ARG B 182 -0.88 -32.42 -63.94
N TYR B 183 -1.76 -31.81 -63.15
CA TYR B 183 -3.11 -31.51 -63.65
C TYR B 183 -3.54 -30.11 -63.23
N TYR B 184 -4.21 -29.40 -64.13
CA TYR B 184 -4.59 -28.02 -63.84
C TYR B 184 -5.79 -27.61 -64.69
N SER B 185 -6.25 -26.39 -64.44
CA SER B 185 -7.43 -25.82 -65.11
C SER B 185 -7.16 -24.35 -65.41
N TYR B 186 -7.85 -23.81 -66.40
CA TYR B 186 -7.83 -22.36 -66.61
C TYR B 186 -9.12 -21.86 -67.26
N LYS B 187 -9.44 -20.62 -66.94
CA LYS B 187 -10.63 -19.87 -67.34
C LYS B 187 -10.33 -19.00 -68.55
N GLY B 188 -11.35 -18.71 -69.34
CA GLY B 188 -11.23 -17.81 -70.47
C GLY B 188 -12.02 -16.51 -70.30
N ILE B 189 -12.35 -15.86 -71.41
CA ILE B 189 -13.08 -14.60 -71.37
C ILE B 189 -14.56 -14.83 -71.13
N MET B 190 -15.17 -15.74 -71.89
CA MET B 190 -16.61 -16.00 -71.78
C MET B 190 -16.99 -16.65 -70.45
N GLY B 191 -16.04 -17.30 -69.78
CA GLY B 191 -16.32 -18.11 -68.63
C GLY B 191 -16.12 -19.59 -68.84
N GLU B 192 -15.67 -20.01 -70.03
CA GLU B 192 -15.46 -21.42 -70.31
C GLU B 192 -14.19 -21.94 -69.64
N GLU B 193 -14.25 -23.18 -69.19
CA GLU B 193 -13.22 -23.81 -68.38
C GLU B 193 -12.51 -24.92 -69.15
N THR B 194 -11.19 -24.95 -69.07
CA THR B 194 -10.39 -26.01 -69.67
C THR B 194 -9.64 -26.75 -68.57
N GLN B 195 -9.63 -28.09 -68.65
CA GLN B 195 -8.97 -28.95 -67.66
C GLN B 195 -8.00 -29.87 -68.36
N LYS B 196 -6.71 -29.75 -68.06
CA LYS B 196 -5.68 -30.51 -68.75
C LYS B 196 -4.80 -31.28 -67.76
N ALA B 197 -4.07 -32.25 -68.29
CA ALA B 197 -3.17 -33.09 -67.50
C ALA B 197 -1.97 -33.52 -68.35
N GLU B 198 -0.88 -33.89 -67.67
CA GLU B 198 0.37 -34.29 -68.29
C GLU B 198 1.03 -35.40 -67.47
N LEU B 199 1.52 -36.42 -68.14
CA LEU B 199 2.24 -37.52 -67.51
C LEU B 199 3.68 -37.54 -67.98
N TYR B 200 4.62 -37.74 -67.06
CA TYR B 200 6.05 -37.74 -67.34
C TYR B 200 6.65 -39.07 -66.87
N THR B 201 7.29 -39.80 -67.79
CA THR B 201 8.05 -41.01 -67.56
C THR B 201 9.54 -40.73 -67.74
N ASP B 202 10.36 -41.79 -67.73
CA ASP B 202 11.80 -41.65 -67.95
C ASP B 202 12.11 -41.11 -69.34
N THR B 203 11.31 -41.46 -70.34
CA THR B 203 11.60 -41.14 -71.73
C THR B 203 10.53 -40.31 -72.42
N HIS B 204 9.28 -40.39 -71.98
CA HIS B 204 8.16 -39.88 -72.75
C HIS B 204 7.23 -39.05 -71.88
N VAL B 205 6.52 -38.15 -72.53
CA VAL B 205 5.49 -37.30 -71.93
C VAL B 205 4.18 -37.57 -72.67
N TYR B 206 3.08 -37.55 -71.92
CA TYR B 206 1.73 -37.74 -72.44
C TYR B 206 0.88 -36.53 -72.08
N TYR B 207 0.03 -36.10 -73.01
CA TYR B 207 -0.83 -34.94 -72.80
C TYR B 207 -2.29 -35.36 -72.81
N TYR B 208 -3.10 -34.67 -72.00
CA TYR B 208 -4.51 -35.05 -71.84
C TYR B 208 -5.36 -33.81 -71.62
N GLU B 209 -6.61 -33.88 -72.08
CA GLU B 209 -7.64 -32.90 -71.75
C GLU B 209 -8.94 -33.62 -71.45
N LYS B 210 -9.69 -33.10 -70.49
CA LYS B 210 -10.97 -33.68 -70.09
C LYS B 210 -12.08 -32.96 -70.85
N ILE B 211 -12.72 -33.69 -71.77
CA ILE B 211 -13.72 -33.08 -72.65
C ILE B 211 -15.11 -33.13 -72.05
N ASP B 212 -15.63 -34.33 -71.78
CA ASP B 212 -16.92 -34.44 -71.11
C ASP B 212 -16.82 -35.11 -69.75
N GLY B 213 -16.35 -36.35 -69.67
CA GLY B 213 -16.22 -37.00 -68.39
C GLY B 213 -15.00 -37.90 -68.33
N VAL B 214 -14.25 -37.96 -69.42
CA VAL B 214 -13.01 -38.71 -69.49
C VAL B 214 -11.94 -37.85 -70.15
N TYR B 215 -10.68 -38.15 -69.81
CA TYR B 215 -9.55 -37.51 -70.45
C TYR B 215 -9.26 -38.17 -71.80
N GLN B 216 -9.12 -37.36 -72.85
CA GLN B 216 -8.67 -37.84 -74.14
C GLN B 216 -7.22 -37.41 -74.34
N MET B 217 -6.72 -37.61 -75.56
CA MET B 217 -5.31 -37.35 -75.87
C MET B 217 -5.05 -35.97 -76.48
N ASP B 218 -6.06 -35.09 -76.52
CA ASP B 218 -6.04 -33.65 -76.86
C ASP B 218 -5.14 -33.31 -78.06
N TYR B 219 -5.56 -33.80 -79.22
CA TYR B 219 -4.75 -33.66 -80.42
C TYR B 219 -4.73 -32.22 -80.91
N SER B 220 -3.96 -31.40 -80.20
CA SER B 220 -3.29 -30.24 -80.74
C SER B 220 -1.87 -30.58 -81.16
N TYR B 221 -1.34 -31.66 -80.60
CA TYR B 221 -0.17 -32.34 -81.11
C TYR B 221 -0.68 -33.42 -82.07
N GLY B 222 -0.21 -33.40 -83.31
CA GLY B 222 -0.75 -34.32 -84.28
C GLY B 222 -0.13 -35.70 -84.21
N GLU B 223 -0.81 -36.62 -83.51
CA GLU B 223 -0.42 -38.03 -83.37
C GLU B 223 1.01 -38.20 -82.84
N ASN B 224 1.41 -37.27 -81.98
CA ASN B 224 2.72 -37.31 -81.32
C ASN B 224 2.58 -37.53 -79.83
N ASN B 225 1.40 -37.92 -79.36
CA ASN B 225 1.01 -37.71 -77.97
C ASN B 225 1.77 -38.57 -76.96
N PRO B 226 2.21 -39.79 -77.29
CA PRO B 226 3.38 -40.29 -76.56
C PRO B 226 4.63 -39.68 -77.19
N ARG B 227 5.29 -38.79 -76.47
CA ARG B 227 6.30 -37.90 -77.06
C ARG B 227 7.62 -38.05 -76.32
N PRO B 228 8.76 -37.97 -77.01
CA PRO B 228 10.04 -37.86 -76.30
C PRO B 228 10.13 -36.56 -75.52
N HIS B 229 11.01 -36.56 -74.51
CA HIS B 229 11.15 -35.41 -73.61
C HIS B 229 11.72 -34.21 -74.35
N MET B 230 11.51 -33.03 -73.78
CA MET B 230 12.00 -31.77 -74.35
C MET B 230 13.50 -31.61 -74.15
N THR B 231 14.23 -32.58 -74.70
CA THR B 231 15.66 -32.59 -74.97
C THR B 231 15.86 -33.19 -76.36
N LYS B 232 14.98 -32.78 -77.28
CA LYS B 232 14.72 -33.52 -78.52
C LYS B 232 15.89 -33.44 -79.50
N GLY B 233 16.04 -34.48 -80.29
CA GLY B 233 17.10 -34.57 -81.27
C GLY B 233 17.30 -36.01 -81.67
N GLY B 234 18.51 -36.29 -82.17
CA GLY B 234 18.88 -37.65 -82.51
C GLY B 234 18.97 -38.56 -81.30
N GLN B 235 19.25 -37.98 -80.14
CA GLN B 235 19.36 -38.73 -78.88
C GLN B 235 17.98 -38.81 -78.24
N ALA B 236 17.14 -39.68 -78.79
CA ALA B 236 15.80 -39.90 -78.29
C ALA B 236 15.75 -40.89 -77.13
N ILE B 237 16.89 -41.11 -76.46
CA ILE B 237 16.91 -41.80 -75.19
C ILE B 237 16.19 -40.96 -74.13
N GLY B 238 16.22 -39.64 -74.28
CA GLY B 238 15.71 -38.76 -73.25
C GLY B 238 16.80 -38.45 -72.25
N TRP B 239 16.37 -37.92 -71.10
CA TRP B 239 17.33 -37.71 -70.02
C TRP B 239 17.77 -39.02 -69.38
N GLY B 240 16.99 -40.09 -69.51
CA GLY B 240 17.27 -41.31 -68.78
C GLY B 240 16.80 -41.26 -67.35
N ARG B 241 15.84 -40.38 -67.08
CA ARG B 241 15.42 -39.99 -65.74
C ARG B 241 14.15 -39.16 -65.89
N VAL B 242 13.28 -39.23 -64.89
CA VAL B 242 12.08 -38.38 -64.89
C VAL B 242 12.50 -36.93 -64.69
N PRO B 243 12.13 -36.01 -65.59
CA PRO B 243 12.57 -34.61 -65.50
C PRO B 243 11.83 -33.80 -64.43
N ILE B 244 12.07 -34.13 -63.17
CA ILE B 244 11.49 -33.41 -62.04
C ILE B 244 12.52 -33.34 -60.92
N ILE B 245 12.61 -32.19 -60.26
CA ILE B 245 13.63 -31.93 -59.26
C ILE B 245 12.96 -31.49 -57.97
N PRO B 246 13.05 -32.28 -56.89
CA PRO B 246 12.40 -31.90 -55.63
C PRO B 246 13.26 -31.07 -54.68
N PHE B 247 12.62 -30.08 -54.07
CA PHE B 247 13.16 -29.27 -53.00
C PHE B 247 12.30 -29.53 -51.77
N LYS B 248 12.85 -30.26 -50.80
CA LYS B 248 12.11 -30.66 -49.62
C LYS B 248 12.31 -29.66 -48.49
N ASN B 249 11.24 -29.40 -47.73
CA ASN B 249 11.37 -28.53 -46.57
C ASN B 249 12.12 -29.23 -45.44
N ASN B 250 11.87 -30.51 -45.25
CA ASN B 250 12.55 -31.33 -44.25
C ASN B 250 12.42 -32.78 -44.69
N GLU B 251 12.81 -33.71 -43.81
CA GLU B 251 12.74 -35.12 -44.13
C GLU B 251 11.31 -35.63 -44.21
N GLU B 252 10.40 -35.02 -43.46
CA GLU B 252 9.01 -35.44 -43.41
C GLU B 252 8.14 -34.75 -44.43
N MET B 253 8.67 -33.72 -45.12
CA MET B 253 7.98 -32.95 -46.17
C MET B 253 6.72 -32.27 -45.65
N VAL B 254 6.78 -31.75 -44.43
CA VAL B 254 5.68 -30.99 -43.86
C VAL B 254 6.03 -29.51 -43.91
N SER B 255 5.00 -28.67 -43.83
CA SER B 255 5.18 -27.23 -43.78
C SER B 255 5.65 -26.79 -42.40
N ASP B 256 6.12 -25.54 -42.31
CA ASP B 256 6.54 -24.98 -41.03
C ASP B 256 5.34 -24.70 -40.13
N LEU B 257 4.20 -24.33 -40.73
CA LEU B 257 2.96 -24.01 -40.02
C LEU B 257 2.45 -25.16 -39.14
N LYS B 258 2.85 -26.40 -39.46
CA LYS B 258 2.48 -27.56 -38.65
C LYS B 258 2.96 -27.45 -37.20
N PHE B 259 4.05 -26.73 -36.95
CA PHE B 259 4.60 -26.74 -35.61
C PHE B 259 4.09 -25.61 -34.73
N TYR B 260 3.36 -24.63 -35.27
CA TYR B 260 2.85 -23.55 -34.42
C TYR B 260 1.45 -23.07 -34.81
N LYS B 261 0.62 -23.90 -35.44
CA LYS B 261 -0.69 -23.44 -35.93
C LYS B 261 -1.67 -23.20 -34.77
N ASP B 262 -1.60 -24.02 -33.72
CA ASP B 262 -2.52 -23.93 -32.59
C ASP B 262 -2.33 -22.62 -31.82
N LEU B 263 -1.09 -22.14 -31.72
CA LEU B 263 -0.82 -20.91 -30.99
C LEU B 263 -1.39 -19.70 -31.73
N ILE B 264 -1.27 -19.70 -33.06
CA ILE B 264 -1.87 -18.64 -33.89
C ILE B 264 -3.39 -18.66 -33.77
N ASP B 265 -3.99 -19.85 -33.76
CA ASP B 265 -5.44 -19.97 -33.61
C ASP B 265 -5.91 -19.48 -32.24
N ASN B 266 -5.18 -19.80 -31.17
CA ASN B 266 -5.53 -19.34 -29.83
C ASN B 266 -5.42 -17.82 -29.71
N TYR B 267 -4.35 -17.25 -30.28
CA TYR B 267 -4.16 -15.80 -30.31
C TYR B 267 -5.32 -15.09 -31.01
N ASP B 268 -5.70 -15.59 -32.19
CA ASP B 268 -6.80 -15.01 -32.97
C ASP B 268 -8.12 -15.08 -32.21
N SER B 269 -8.41 -16.22 -31.57
CA SER B 269 -9.71 -16.38 -30.91
C SER B 269 -9.82 -15.49 -29.66
N ILE B 270 -8.74 -15.35 -28.90
CA ILE B 270 -8.77 -14.50 -27.72
C ILE B 270 -8.94 -13.02 -28.10
N THR B 271 -8.21 -12.56 -29.13
CA THR B 271 -8.34 -11.14 -29.51
C THR B 271 -9.70 -10.85 -30.14
N SER B 272 -10.26 -11.79 -30.91
CA SER B 272 -11.57 -11.57 -31.51
C SER B 272 -12.69 -11.56 -30.45
N SER B 273 -12.57 -12.40 -29.42
CA SER B 273 -13.58 -12.37 -28.36
C SER B 273 -13.47 -11.12 -27.50
N THR B 274 -12.28 -10.53 -27.40
CA THR B 274 -12.18 -9.22 -26.74
C THR B 274 -12.84 -8.12 -27.58
N MET B 275 -12.64 -8.15 -28.90
CA MET B 275 -13.20 -7.12 -29.76
C MET B 275 -14.74 -7.17 -29.82
N ASP B 276 -15.32 -8.38 -29.75
CA ASP B 276 -16.78 -8.49 -29.73
C ASP B 276 -17.38 -7.84 -28.48
N SER B 277 -16.73 -8.04 -27.32
CA SER B 277 -17.17 -7.40 -26.09
C SER B 277 -16.99 -5.90 -26.11
N PHE B 278 -15.95 -5.41 -26.79
CA PHE B 278 -15.84 -3.95 -26.98
C PHE B 278 -16.94 -3.42 -27.90
N SER B 279 -17.40 -4.22 -28.86
CA SER B 279 -18.44 -3.74 -29.76
C SER B 279 -19.83 -3.76 -29.11
N ASP B 280 -20.06 -4.66 -28.15
CA ASP B 280 -21.42 -4.82 -27.64
C ASP B 280 -21.72 -4.04 -26.35
N PHE B 281 -20.73 -3.77 -25.50
CA PHE B 281 -20.97 -3.36 -24.12
C PHE B 281 -20.58 -1.89 -23.93
N GLN B 282 -21.57 -1.05 -23.61
CA GLN B 282 -21.34 0.34 -23.24
C GLN B 282 -20.99 0.42 -21.75
N GLN B 283 -19.95 1.18 -21.41
CA GLN B 283 -19.30 1.03 -20.12
C GLN B 283 -19.82 1.97 -19.03
N ILE B 284 -20.59 3.00 -19.37
CA ILE B 284 -21.20 3.86 -18.35
C ILE B 284 -22.51 4.43 -18.88
N VAL B 285 -23.57 4.37 -18.05
CA VAL B 285 -24.89 4.90 -18.39
C VAL B 285 -25.56 5.50 -17.18
N TYR B 286 -26.53 6.38 -17.44
CA TYR B 286 -27.45 6.90 -16.42
C TYR B 286 -28.64 5.95 -16.27
N VAL B 287 -29.12 5.82 -15.03
CA VAL B 287 -30.31 5.02 -14.73
C VAL B 287 -31.35 5.93 -14.07
N LEU B 288 -32.52 6.04 -14.69
CA LEU B 288 -33.64 6.79 -14.14
C LEU B 288 -34.62 5.84 -13.46
N LYS B 289 -35.12 6.23 -12.29
CA LYS B 289 -36.04 5.43 -11.50
C LYS B 289 -37.35 6.18 -11.35
N ASN B 290 -38.44 5.57 -11.85
CA ASN B 290 -39.83 6.05 -11.74
C ASN B 290 -40.03 7.39 -12.46
N TYR B 291 -39.41 7.54 -13.63
CA TYR B 291 -39.71 8.64 -14.54
C TYR B 291 -39.89 8.05 -15.94
N ASP B 292 -41.07 7.53 -16.23
CA ASP B 292 -41.28 6.77 -17.45
C ASP B 292 -41.76 7.62 -18.62
N GLY B 293 -42.22 8.84 -18.37
CA GLY B 293 -42.59 9.75 -19.44
C GLY B 293 -41.50 10.68 -19.93
N GLU B 294 -40.27 10.55 -19.42
CA GLU B 294 -39.21 11.50 -19.72
C GLU B 294 -38.55 11.19 -21.06
N ASN B 295 -38.33 12.24 -21.85
CA ASN B 295 -37.55 12.14 -23.09
C ASN B 295 -36.07 12.07 -22.78
N PRO B 296 -35.35 11.04 -23.24
CA PRO B 296 -33.91 10.91 -22.88
C PRO B 296 -33.00 11.96 -23.48
N LYS B 297 -33.25 12.37 -24.73
CA LYS B 297 -32.42 13.37 -25.41
C LYS B 297 -32.48 14.72 -24.71
N GLU B 298 -33.69 15.18 -24.40
CA GLU B 298 -33.87 16.42 -23.67
C GLU B 298 -33.29 16.33 -22.25
N PHE B 299 -33.35 15.15 -21.65
CA PHE B 299 -32.79 14.92 -20.32
C PHE B 299 -31.27 15.10 -20.31
N THR B 300 -30.57 14.47 -21.27
CA THR B 300 -29.11 14.61 -21.30
C THR B 300 -28.68 16.02 -21.70
N ALA B 301 -29.42 16.66 -22.61
CA ALA B 301 -29.10 18.05 -22.98
C ALA B 301 -29.29 19.02 -21.81
N ASN B 302 -30.39 18.88 -21.07
CA ASN B 302 -30.65 19.74 -19.92
C ASN B 302 -29.65 19.47 -18.80
N LEU B 303 -29.24 18.21 -18.64
CA LEU B 303 -28.25 17.84 -17.65
C LEU B 303 -26.90 18.48 -17.95
N ARG B 304 -26.50 18.47 -19.23
CA ARG B 304 -25.23 19.11 -19.60
C ARG B 304 -25.31 20.63 -19.50
N TYR B 305 -26.48 21.20 -19.80
CA TYR B 305 -26.62 22.65 -19.74
C TYR B 305 -26.62 23.17 -18.30
N HIS B 306 -27.53 22.66 -17.46
CA HIS B 306 -27.75 23.25 -16.14
C HIS B 306 -26.78 22.76 -15.08
N SER B 307 -26.27 21.52 -15.21
CA SER B 307 -25.52 20.77 -14.21
C SER B 307 -26.31 20.53 -12.93
N VAL B 308 -27.64 20.49 -13.01
CA VAL B 308 -28.54 20.25 -11.88
C VAL B 308 -29.60 19.25 -12.31
N ILE B 309 -29.85 18.23 -11.48
CA ILE B 309 -30.93 17.27 -11.69
C ILE B 309 -31.89 17.39 -10.51
N LYS B 310 -33.19 17.45 -10.79
CA LYS B 310 -34.23 17.56 -9.77
C LYS B 310 -35.06 16.28 -9.71
N VAL B 311 -35.20 15.70 -8.52
CA VAL B 311 -36.01 14.51 -8.29
C VAL B 311 -36.92 14.76 -7.08
N SER B 312 -37.96 13.91 -6.98
CA SER B 312 -38.93 14.01 -5.88
C SER B 312 -39.58 12.64 -5.67
N GLY B 313 -40.06 12.44 -4.44
CA GLY B 313 -40.83 11.26 -4.09
C GLY B 313 -40.06 9.95 -4.15
N ASP B 314 -40.52 9.04 -4.99
CA ASP B 314 -39.82 7.78 -5.25
C ASP B 314 -38.97 7.83 -6.51
N GLY B 315 -38.87 8.99 -7.16
CA GLY B 315 -38.00 9.11 -8.31
C GLY B 315 -36.54 9.16 -7.90
N GLY B 316 -35.68 8.65 -8.77
CA GLY B 316 -34.26 8.68 -8.48
C GLY B 316 -33.42 8.63 -9.73
N VAL B 317 -32.12 8.88 -9.54
CA VAL B 317 -31.15 8.80 -10.63
C VAL B 317 -29.87 8.17 -10.08
N ASP B 318 -29.23 7.36 -10.90
CA ASP B 318 -28.00 6.67 -10.52
C ASP B 318 -27.15 6.47 -11.76
N THR B 319 -26.00 5.84 -11.59
CA THR B 319 -25.15 5.45 -12.71
C THR B 319 -24.85 3.96 -12.65
N LEU B 320 -24.70 3.37 -13.84
CA LEU B 320 -24.25 1.99 -13.98
C LEU B 320 -22.91 2.04 -14.73
N ARG B 321 -21.86 1.58 -14.05
CA ARG B 321 -20.48 1.77 -14.51
C ARG B 321 -19.74 0.43 -14.39
N ALA B 322 -19.70 -0.33 -15.47
CA ALA B 322 -19.03 -1.63 -15.49
C ALA B 322 -17.96 -1.63 -16.57
N GLU B 323 -16.71 -1.85 -16.15
CA GLU B 323 -15.56 -1.77 -17.04
C GLU B 323 -15.21 -3.15 -17.59
N ILE B 324 -14.84 -3.17 -18.87
CA ILE B 324 -14.57 -4.44 -19.59
C ILE B 324 -13.27 -5.03 -19.06
N PRO B 325 -13.25 -6.31 -18.66
CA PRO B 325 -12.02 -6.92 -18.13
C PRO B 325 -11.10 -7.41 -19.26
N VAL B 326 -9.82 -7.03 -19.17
CA VAL B 326 -8.85 -7.34 -20.22
C VAL B 326 -7.57 -7.96 -19.67
N ASP B 327 -7.45 -8.17 -18.37
CA ASP B 327 -6.16 -8.52 -17.76
C ASP B 327 -5.78 -9.98 -17.97
N SER B 328 -6.76 -10.89 -17.86
CA SER B 328 -6.49 -12.31 -18.04
C SER B 328 -6.08 -12.62 -19.48
N ALA B 329 -6.71 -11.94 -20.43
CA ALA B 329 -6.35 -12.09 -21.84
C ALA B 329 -4.94 -11.59 -22.11
N ALA B 330 -4.55 -10.49 -21.47
CA ALA B 330 -3.20 -9.94 -21.66
C ALA B 330 -2.14 -10.86 -21.09
N LYS B 331 -2.40 -11.44 -19.90
CA LYS B 331 -1.49 -12.40 -19.31
C LYS B 331 -1.37 -13.68 -20.16
N GLU B 332 -2.44 -14.10 -20.82
CA GLU B 332 -2.33 -15.26 -21.70
C GLU B 332 -1.60 -14.93 -22.99
N LEU B 333 -1.84 -13.75 -23.57
CA LEU B 333 -1.25 -13.40 -24.85
C LEU B 333 0.25 -13.16 -24.74
N GLU B 334 0.73 -12.70 -23.58
CA GLU B 334 2.17 -12.58 -23.38
C GLU B 334 2.88 -13.94 -23.45
N ARG B 335 2.30 -14.95 -22.80
CA ARG B 335 2.89 -16.29 -22.82
C ARG B 335 2.79 -16.91 -24.20
N ILE B 336 1.68 -16.68 -24.91
CA ILE B 336 1.53 -17.25 -26.25
C ILE B 336 2.52 -16.61 -27.23
N GLN B 337 2.73 -15.29 -27.12
CA GLN B 337 3.71 -14.61 -27.97
C GLN B 337 5.14 -15.06 -27.65
N ASP B 338 5.43 -15.33 -26.38
CA ASP B 338 6.75 -15.87 -26.04
C ASP B 338 6.96 -17.29 -26.57
N GLU B 339 5.91 -18.12 -26.55
CA GLU B 339 6.04 -19.49 -27.02
C GLU B 339 6.11 -19.57 -28.54
N LEU B 340 5.54 -18.58 -29.23
CA LEU B 340 5.48 -18.61 -30.70
C LEU B 340 6.87 -18.46 -31.32
N TYR B 341 7.70 -17.58 -30.76
CA TYR B 341 9.05 -17.38 -31.26
C TYR B 341 9.93 -18.61 -31.03
N LYS B 342 9.70 -19.33 -29.94
CA LYS B 342 10.46 -20.54 -29.68
C LYS B 342 10.00 -21.70 -30.56
N SER B 343 8.70 -21.82 -30.80
CA SER B 343 8.20 -22.91 -31.64
C SER B 343 8.47 -22.67 -33.11
N ALA B 344 8.60 -21.43 -33.55
CA ALA B 344 8.91 -21.15 -34.94
C ALA B 344 10.41 -21.07 -35.23
N GLN B 345 11.24 -20.99 -34.19
CA GLN B 345 12.68 -20.75 -34.27
C GLN B 345 12.98 -19.46 -35.04
N ALA B 346 12.41 -18.36 -34.56
CA ALA B 346 12.51 -17.06 -35.19
C ALA B 346 13.27 -16.09 -34.31
N VAL B 347 13.47 -14.88 -34.81
CA VAL B 347 14.20 -13.81 -34.13
C VAL B 347 13.24 -12.68 -33.85
N ASP B 348 13.23 -12.19 -32.61
CA ASP B 348 12.53 -10.97 -32.24
C ASP B 348 13.55 -9.85 -32.13
N ASN B 349 13.38 -8.81 -32.95
CA ASN B 349 14.29 -7.66 -32.94
C ASN B 349 13.69 -6.57 -32.06
N SER B 350 13.74 -6.81 -30.76
CA SER B 350 13.27 -5.84 -29.80
C SER B 350 14.44 -5.09 -29.18
N PRO B 351 14.27 -3.81 -28.86
CA PRO B 351 15.39 -3.01 -28.35
C PRO B 351 15.96 -3.49 -27.02
N GLU B 352 15.17 -4.19 -26.20
CA GLU B 352 15.68 -4.72 -24.94
C GLU B 352 16.77 -5.77 -25.16
N THR B 353 16.58 -6.61 -26.19
CA THR B 353 17.53 -7.70 -26.46
C THR B 353 18.89 -7.17 -26.89
N ILE B 354 18.92 -6.16 -27.76
CA ILE B 354 20.18 -5.53 -28.12
C ILE B 354 20.65 -4.60 -27.01
N GLY B 355 19.73 -4.13 -26.18
CA GLY B 355 20.09 -3.31 -25.03
C GLY B 355 20.84 -4.07 -23.97
N GLY B 356 20.60 -5.38 -23.88
CA GLY B 356 21.42 -6.21 -23.00
C GLY B 356 22.89 -6.22 -23.41
N GLY B 357 23.15 -6.22 -24.71
CA GLY B 357 24.51 -6.09 -25.20
C GLY B 357 24.53 -6.02 -26.71
N ALA B 358 25.52 -5.30 -27.24
CA ALA B 358 25.69 -5.15 -28.68
C ALA B 358 27.02 -5.73 -29.17
N THR B 359 27.63 -6.61 -28.38
CA THR B 359 28.84 -7.30 -28.77
C THR B 359 28.52 -8.49 -29.67
N GLY B 360 29.59 -9.17 -30.13
CA GLY B 360 29.49 -10.34 -30.96
C GLY B 360 28.74 -11.53 -30.39
N PRO B 361 29.09 -12.02 -29.18
CA PRO B 361 28.33 -13.15 -28.61
C PRO B 361 26.87 -12.84 -28.33
N ALA B 362 26.54 -11.60 -27.99
CA ALA B 362 25.14 -11.23 -27.78
C ALA B 362 24.36 -11.26 -29.09
N LEU B 363 24.97 -10.79 -30.17
CA LEU B 363 24.34 -10.80 -31.49
C LEU B 363 24.14 -12.22 -31.99
N GLU B 364 25.11 -13.11 -31.76
CA GLU B 364 24.89 -14.45 -32.27
C GLU B 364 24.09 -15.34 -31.34
N ASN B 365 23.96 -15.00 -30.05
CA ASN B 365 23.00 -15.75 -29.24
C ASN B 365 21.59 -15.26 -29.48
N LEU B 366 21.43 -14.02 -29.97
CA LEU B 366 20.12 -13.58 -30.42
C LEU B 366 19.61 -14.37 -31.65
N TYR B 367 20.52 -14.87 -32.48
CA TYR B 367 20.16 -15.48 -33.76
C TYR B 367 20.26 -17.01 -33.75
N ALA B 368 20.32 -17.63 -32.57
CA ALA B 368 20.74 -19.03 -32.47
C ALA B 368 19.70 -20.00 -33.03
N LEU B 369 18.41 -19.74 -32.79
CA LEU B 369 17.37 -20.65 -33.29
C LEU B 369 17.16 -20.52 -34.80
N LEU B 370 17.29 -19.30 -35.33
CA LEU B 370 17.22 -19.14 -36.78
C LEU B 370 18.43 -19.75 -37.47
N ASP B 371 19.61 -19.70 -36.83
CA ASP B 371 20.78 -20.41 -37.34
C ASP B 371 20.55 -21.91 -37.34
N LEU B 372 19.91 -22.42 -36.28
CA LEU B 372 19.54 -23.83 -36.18
C LEU B 372 18.64 -24.25 -37.34
N LYS B 373 17.63 -23.43 -37.67
CA LYS B 373 16.72 -23.76 -38.76
C LYS B 373 17.39 -23.64 -40.14
N ALA B 374 18.21 -22.60 -40.32
CA ALA B 374 18.81 -22.32 -41.62
C ALA B 374 19.87 -23.36 -41.98
N ASN B 375 20.61 -23.86 -40.99
CA ASN B 375 21.61 -24.90 -41.27
C ASN B 375 20.96 -26.20 -41.75
N MET B 376 19.76 -26.52 -41.24
CA MET B 376 19.07 -27.71 -41.73
C MET B 376 18.47 -27.49 -43.11
N ALA B 377 17.99 -26.27 -43.40
CA ALA B 377 17.37 -26.03 -44.70
C ALA B 377 18.40 -25.97 -45.84
N GLU B 378 19.62 -25.51 -45.54
CA GLU B 378 20.65 -25.35 -46.58
C GLU B 378 21.05 -26.68 -47.21
N ARG B 379 21.02 -27.78 -46.44
CA ARG B 379 21.36 -29.09 -46.97
C ARG B 379 20.35 -29.57 -48.00
N LYS B 380 19.06 -29.29 -47.76
CA LYS B 380 18.01 -29.67 -48.70
C LYS B 380 18.09 -28.84 -49.97
N ILE B 381 18.40 -27.54 -49.83
CA ILE B 381 18.57 -26.70 -51.02
C ILE B 381 19.77 -27.14 -51.86
N ARG B 382 20.86 -27.56 -51.19
CA ARG B 382 22.03 -28.08 -51.90
C ARG B 382 21.71 -29.38 -52.62
N ALA B 383 20.91 -30.25 -51.99
CA ALA B 383 20.50 -31.49 -52.62
C ALA B 383 19.64 -31.26 -53.86
N GLY B 384 18.83 -30.20 -53.87
CA GLY B 384 18.11 -29.86 -55.10
C GLY B 384 19.01 -29.28 -56.19
N LEU B 385 19.96 -28.43 -55.80
CA LEU B 385 20.81 -27.78 -56.79
C LEU B 385 21.80 -28.74 -57.44
N ARG B 386 22.21 -29.80 -56.73
CA ARG B 386 23.09 -30.80 -57.32
C ARG B 386 22.41 -31.55 -58.47
N LEU B 387 21.11 -31.86 -58.31
CA LEU B 387 20.36 -32.52 -59.38
C LEU B 387 20.12 -31.56 -60.54
N PHE B 388 19.90 -30.27 -60.24
CA PHE B 388 19.79 -29.26 -61.29
C PHE B 388 21.04 -29.19 -62.16
N PHE B 389 22.22 -29.21 -61.54
CA PHE B 389 23.44 -29.12 -62.34
C PHE B 389 23.83 -30.44 -62.99
N TRP B 390 23.36 -31.58 -62.48
CA TRP B 390 23.44 -32.83 -63.25
C TRP B 390 22.66 -32.74 -64.56
N PHE B 391 21.43 -32.19 -64.51
CA PHE B 391 20.66 -32.04 -65.74
C PHE B 391 21.31 -31.05 -66.70
N PHE B 392 21.92 -29.98 -66.17
CA PHE B 392 22.63 -29.04 -67.01
C PHE B 392 23.85 -29.66 -67.68
N ALA B 393 24.58 -30.52 -66.97
CA ALA B 393 25.73 -31.20 -67.57
C ALA B 393 25.30 -32.22 -68.64
N GLU B 394 24.14 -32.85 -68.45
CA GLU B 394 23.59 -33.71 -69.50
C GLU B 394 23.28 -32.92 -70.75
N TYR B 395 22.69 -31.73 -70.59
CA TYR B 395 22.45 -30.85 -71.73
C TYR B 395 23.74 -30.42 -72.42
N LEU B 396 24.80 -30.17 -71.63
CA LEU B 396 26.04 -29.70 -72.23
C LEU B 396 26.78 -30.81 -72.97
N ARG B 397 26.72 -32.05 -72.48
CA ARG B 397 27.33 -33.15 -73.21
C ARG B 397 26.53 -33.49 -74.46
N ASN B 398 25.20 -33.41 -74.41
CA ASN B 398 24.40 -33.86 -75.55
C ASN B 398 24.28 -32.82 -76.64
N THR B 399 24.87 -31.64 -76.48
CA THR B 399 24.96 -30.66 -77.56
C THR B 399 26.39 -30.42 -78.00
N GLY B 400 27.33 -31.26 -77.58
CA GLY B 400 28.71 -31.15 -78.02
C GLY B 400 29.55 -30.08 -77.38
N LYS B 401 29.03 -29.36 -76.39
CA LYS B 401 29.76 -28.25 -75.79
C LYS B 401 30.76 -28.68 -74.72
N GLY B 402 30.84 -29.97 -74.40
CA GLY B 402 31.88 -30.42 -73.49
C GLY B 402 31.44 -31.46 -72.48
N ASP B 403 32.39 -32.13 -71.85
CA ASP B 403 32.13 -33.19 -70.90
C ASP B 403 32.57 -32.69 -69.52
N PHE B 404 31.62 -32.63 -68.59
CA PHE B 404 31.89 -32.11 -67.25
C PHE B 404 31.24 -33.00 -66.20
N ASN B 405 31.73 -32.88 -64.98
CA ASN B 405 31.20 -33.59 -63.81
C ASN B 405 31.04 -32.56 -62.70
N PRO B 406 29.85 -31.97 -62.56
CA PRO B 406 29.69 -30.87 -61.59
C PRO B 406 29.70 -31.30 -60.13
N ASP B 407 29.61 -32.60 -59.84
CA ASP B 407 29.68 -33.07 -58.46
C ASP B 407 31.08 -32.84 -57.89
N LYS B 408 32.11 -33.19 -58.65
CA LYS B 408 33.48 -33.02 -58.21
C LYS B 408 34.07 -31.64 -58.53
N GLU B 409 33.59 -30.99 -59.59
CA GLU B 409 34.27 -29.81 -60.11
C GLU B 409 33.69 -28.48 -59.65
N LEU B 410 32.44 -28.45 -59.21
CA LEU B 410 31.74 -27.20 -58.92
C LEU B 410 31.53 -27.05 -57.42
N THR B 411 31.67 -25.81 -56.93
CA THR B 411 31.51 -25.50 -55.52
C THR B 411 30.54 -24.32 -55.39
N MET B 412 29.48 -24.51 -54.61
CA MET B 412 28.52 -23.46 -54.33
C MET B 412 28.73 -22.93 -52.91
N THR B 413 28.50 -21.64 -52.73
CA THR B 413 28.59 -21.07 -51.39
C THR B 413 27.48 -20.06 -51.13
N PHE B 414 26.98 -20.09 -49.90
CA PHE B 414 25.83 -19.34 -49.42
C PHE B 414 26.31 -18.26 -48.46
N THR B 415 25.62 -17.12 -48.47
CA THR B 415 25.96 -16.00 -47.60
C THR B 415 24.76 -15.66 -46.72
N ARG B 416 24.96 -15.71 -45.40
CA ARG B 416 23.90 -15.36 -44.47
C ARG B 416 23.85 -13.85 -44.27
N THR B 417 22.64 -13.28 -44.31
CA THR B 417 22.43 -11.85 -44.10
C THR B 417 22.14 -11.63 -42.61
N ARG B 418 23.16 -11.24 -41.85
CA ARG B 418 23.01 -11.10 -40.41
C ARG B 418 23.72 -9.83 -39.92
N ILE B 419 23.44 -9.47 -38.69
CA ILE B 419 23.94 -8.25 -38.07
C ILE B 419 25.23 -8.58 -37.32
N GLN B 420 26.29 -7.83 -37.58
CA GLN B 420 27.55 -8.03 -36.89
C GLN B 420 28.15 -6.69 -36.50
N ASN B 421 29.13 -6.77 -35.59
CA ASN B 421 29.85 -5.60 -35.10
C ASN B 421 31.12 -5.45 -35.95
N ASP B 422 31.10 -4.46 -36.85
CA ASP B 422 32.13 -4.35 -37.87
C ASP B 422 33.46 -3.84 -37.30
N SER B 423 33.38 -2.92 -36.33
CA SER B 423 34.58 -2.32 -35.75
C SER B 423 35.36 -3.33 -34.93
N GLU B 424 34.66 -4.18 -34.18
CA GLU B 424 35.29 -5.25 -33.41
C GLU B 424 36.02 -6.24 -34.33
N ILE B 425 35.42 -6.53 -35.49
CA ILE B 425 36.02 -7.44 -36.46
C ILE B 425 37.28 -6.83 -37.08
N VAL B 426 37.22 -5.55 -37.47
CA VAL B 426 38.38 -4.89 -38.11
C VAL B 426 39.54 -4.76 -37.13
N GLN B 427 39.24 -4.41 -35.88
CA GLN B 427 40.25 -4.33 -34.83
C GLN B 427 40.89 -5.69 -34.55
N SER B 428 40.08 -6.75 -34.52
CA SER B 428 40.60 -8.09 -34.28
C SER B 428 41.47 -8.58 -35.44
N LEU B 429 41.09 -8.25 -36.68
CA LEU B 429 41.86 -8.69 -37.84
C LEU B 429 43.21 -7.97 -37.93
N VAL B 430 43.22 -6.67 -37.60
CA VAL B 430 44.48 -5.92 -37.60
C VAL B 430 45.41 -6.43 -36.50
N GLN B 431 44.85 -6.75 -35.33
CA GLN B 431 45.65 -7.33 -34.25
C GLN B 431 46.22 -8.70 -34.62
N GLY B 432 45.43 -9.52 -35.32
CA GLY B 432 45.92 -10.83 -35.74
C GLY B 432 46.97 -10.77 -36.83
N VAL B 433 46.87 -9.81 -37.75
CA VAL B 433 47.89 -9.67 -38.80
C VAL B 433 49.19 -9.13 -38.21
N THR B 434 49.09 -8.16 -37.29
CA THR B 434 50.30 -7.63 -36.66
C THR B 434 50.96 -8.66 -35.76
N GLY B 435 50.18 -9.52 -35.09
CA GLY B 435 50.75 -10.56 -34.27
C GLY B 435 51.42 -11.70 -35.02
N GLY B 436 51.12 -11.85 -36.31
CA GLY B 436 51.75 -12.87 -37.12
C GLY B 436 51.04 -14.21 -37.19
N ILE B 437 49.82 -14.31 -36.69
CA ILE B 437 49.09 -15.57 -36.68
C ILE B 437 48.07 -15.64 -37.83
N MET B 438 48.21 -14.77 -38.82
CA MET B 438 47.23 -14.65 -39.88
C MET B 438 47.90 -13.99 -41.09
N SER B 439 47.61 -14.52 -42.28
CA SER B 439 48.11 -13.89 -43.49
C SER B 439 47.23 -12.71 -43.87
N LYS B 440 47.80 -11.81 -44.69
CA LYS B 440 47.08 -10.63 -45.12
C LYS B 440 45.99 -10.97 -46.13
N GLU B 441 46.21 -12.00 -46.95
CA GLU B 441 45.25 -12.39 -47.96
C GLU B 441 43.97 -12.95 -47.33
N THR B 442 44.11 -13.68 -46.22
CA THR B 442 42.93 -14.17 -45.50
C THR B 442 42.19 -13.02 -44.84
N ALA B 443 42.91 -12.02 -44.33
CA ALA B 443 42.26 -10.93 -43.62
C ALA B 443 41.57 -9.96 -44.56
N VAL B 444 42.03 -9.84 -45.81
CA VAL B 444 41.32 -9.02 -46.79
C VAL B 444 39.95 -9.62 -47.11
N ALA B 445 39.86 -10.95 -47.15
CA ALA B 445 38.60 -11.60 -47.45
C ALA B 445 37.61 -11.49 -46.28
N ARG B 446 38.08 -11.48 -45.04
CA ARG B 446 37.18 -11.36 -43.89
C ARG B 446 36.82 -9.92 -43.56
N ASN B 447 37.32 -8.96 -44.31
CA ASN B 447 37.02 -7.55 -44.05
C ASN B 447 35.56 -7.27 -44.39
N PRO B 448 34.77 -6.69 -43.46
CA PRO B 448 33.37 -6.38 -43.77
C PRO B 448 33.19 -5.23 -44.75
N PHE B 449 34.21 -4.42 -45.01
CA PHE B 449 34.10 -3.34 -45.98
C PHE B 449 34.54 -3.74 -47.38
N VAL B 450 35.15 -4.91 -47.56
CA VAL B 450 35.60 -5.37 -48.86
C VAL B 450 34.57 -6.34 -49.41
N GLN B 451 34.13 -6.10 -50.63
CA GLN B 451 33.16 -6.97 -51.28
C GLN B 451 33.72 -7.77 -52.45
N ASP B 452 34.95 -7.47 -52.89
CA ASP B 452 35.56 -8.16 -54.03
C ASP B 452 37.03 -8.40 -53.72
N PRO B 453 37.35 -9.53 -53.08
CA PRO B 453 38.72 -9.72 -52.57
C PRO B 453 39.76 -10.00 -53.63
N GLU B 454 39.34 -10.48 -54.81
CA GLU B 454 40.28 -10.67 -55.92
C GLU B 454 40.85 -9.34 -56.38
N GLU B 455 39.98 -8.35 -56.55
CA GLU B 455 40.38 -7.04 -57.04
C GLU B 455 41.13 -6.23 -55.99
N GLU B 456 40.80 -6.44 -54.71
CA GLU B 456 41.32 -5.59 -53.63
C GLU B 456 42.81 -5.81 -53.41
N LEU B 457 43.29 -7.05 -53.56
CA LEU B 457 44.70 -7.34 -53.34
C LEU B 457 45.57 -6.74 -54.45
N ALA B 458 45.10 -6.85 -55.70
CA ALA B 458 45.79 -6.19 -56.80
C ALA B 458 45.78 -4.68 -56.66
N ARG B 459 44.63 -4.13 -56.21
CA ARG B 459 44.52 -2.69 -56.01
C ARG B 459 45.44 -2.21 -54.88
N ILE B 460 45.73 -3.06 -53.90
CA ILE B 460 46.70 -2.72 -52.87
C ILE B 460 48.12 -2.73 -53.44
N GLU B 461 48.46 -3.75 -54.25
CA GLU B 461 49.84 -3.85 -54.71
C GLU B 461 50.18 -2.77 -55.74
N GLU B 462 49.20 -2.29 -56.52
CA GLU B 462 49.46 -1.13 -57.38
C GLU B 462 49.78 0.11 -56.56
N GLU B 463 49.09 0.28 -55.42
CA GLU B 463 49.34 1.45 -54.58
C GLU B 463 50.71 1.38 -53.93
N MET B 464 51.18 0.19 -53.54
CA MET B 464 52.54 0.14 -52.99
C MET B 464 53.60 0.29 -54.07
N ASN B 465 53.32 -0.19 -55.29
CA ASN B 465 54.21 0.07 -56.43
C ASN B 465 54.34 1.56 -56.71
N GLN B 466 53.24 2.31 -56.63
CA GLN B 466 53.33 3.75 -56.84
C GLN B 466 53.96 4.47 -55.66
N TYR B 467 53.75 3.98 -54.43
CA TYR B 467 54.39 4.59 -53.27
C TYR B 467 55.89 4.34 -53.24
N ALA B 468 56.37 3.32 -53.96
CA ALA B 468 57.81 3.06 -54.01
C ALA B 468 58.59 4.20 -54.67
N GLU B 469 58.06 4.78 -55.76
CA GLU B 469 58.82 5.83 -56.45
C GLU B 469 58.82 7.16 -55.69
N MET B 470 57.92 7.35 -54.73
CA MET B 470 57.90 8.60 -53.98
C MET B 470 58.76 8.53 -52.73
N MET C 1 -58.48 32.60 -0.07
CA MET C 1 -59.44 31.55 -0.37
C MET C 1 -60.83 31.92 0.12
N ASP C 2 -61.82 31.66 -0.70
CA ASP C 2 -63.20 31.96 -0.38
C ASP C 2 -63.74 30.97 0.65
N ILE C 3 -64.50 31.48 1.62
CA ILE C 3 -64.99 30.66 2.73
C ILE C 3 -66.10 29.72 2.26
N GLN C 4 -66.96 30.20 1.35
CA GLN C 4 -68.04 29.35 0.83
C GLN C 4 -67.51 28.24 -0.06
N ARG C 5 -66.37 28.46 -0.73
CA ARG C 5 -65.73 27.41 -1.50
C ARG C 5 -65.17 26.30 -0.59
N VAL C 6 -64.60 26.68 0.55
CA VAL C 6 -64.12 25.71 1.52
C VAL C 6 -65.28 24.92 2.13
N LYS C 7 -66.40 25.61 2.39
CA LYS C 7 -67.58 24.94 2.91
C LYS C 7 -68.17 23.96 1.88
N ARG C 8 -68.09 24.29 0.59
CA ARG C 8 -68.50 23.33 -0.43
C ARG C 8 -67.52 22.15 -0.51
N LEU C 9 -66.23 22.40 -0.29
CA LEU C 9 -65.26 21.30 -0.33
C LEU C 9 -65.31 20.39 0.88
N LEU C 10 -65.87 20.85 2.01
CA LEU C 10 -65.94 20.03 3.21
C LEU C 10 -67.34 19.52 3.52
N SER C 11 -68.32 19.78 2.64
CA SER C 11 -69.73 19.36 2.80
C SER C 11 -70.36 19.90 4.08
N ILE C 12 -70.20 21.20 4.31
CA ILE C 12 -70.81 21.90 5.43
C ILE C 12 -71.97 22.74 4.89
N THR C 13 -73.14 22.61 5.51
CA THR C 13 -74.32 23.34 5.06
C THR C 13 -74.79 24.44 6.00
N ASN C 14 -74.60 24.30 7.32
CA ASN C 14 -75.03 25.34 8.23
C ASN C 14 -73.93 26.38 8.42
N ASP C 15 -74.11 27.28 9.38
CA ASP C 15 -73.18 28.39 9.62
C ASP C 15 -72.54 28.27 11.00
N LYS C 16 -72.45 27.05 11.53
CA LYS C 16 -71.85 26.83 12.85
C LYS C 16 -70.34 27.02 12.86
N HIS C 17 -69.66 26.91 11.73
CA HIS C 17 -68.21 26.97 11.68
C HIS C 17 -67.68 28.25 11.04
N ASP C 18 -68.51 29.26 10.82
CA ASP C 18 -68.11 30.38 9.96
C ASP C 18 -67.12 31.30 10.66
N GLU C 19 -67.31 31.52 11.95
CA GLU C 19 -66.40 32.32 12.76
C GLU C 19 -65.03 31.69 12.86
N TYR C 20 -64.96 30.35 12.88
CA TYR C 20 -63.68 29.66 12.91
C TYR C 20 -62.98 29.71 11.56
N LEU C 21 -63.73 29.51 10.47
CA LEU C 21 -63.13 29.42 9.14
C LEU C 21 -62.62 30.78 8.66
N THR C 22 -63.36 31.84 8.99
CA THR C 22 -62.95 33.21 8.67
C THR C 22 -61.63 33.59 9.33
N GLU C 23 -61.33 33.02 10.48
CA GLU C 23 -60.03 33.23 11.11
C GLU C 23 -58.96 32.28 10.57
N MET C 24 -59.29 31.01 10.37
CA MET C 24 -58.28 29.98 10.17
C MET C 24 -57.76 29.92 8.74
N VAL C 25 -58.60 30.18 7.73
CA VAL C 25 -58.20 30.00 6.32
C VAL C 25 -57.10 30.95 5.84
N PRO C 26 -57.12 32.28 6.10
CA PRO C 26 -55.97 33.13 5.69
C PRO C 26 -54.66 32.78 6.37
N LEU C 27 -54.69 32.32 7.63
CA LEU C 27 -53.47 31.90 8.32
C LEU C 27 -52.86 30.68 7.66
N LEU C 28 -53.68 29.75 7.18
CA LEU C 28 -53.15 28.57 6.50
C LEU C 28 -52.62 28.92 5.11
N VAL C 29 -53.22 29.91 4.44
CA VAL C 29 -52.68 30.39 3.17
C VAL C 29 -51.29 31.00 3.37
N GLU C 30 -51.13 31.82 4.41
CA GLU C 30 -49.81 32.39 4.69
C GLU C 30 -48.80 31.34 5.16
N PHE C 31 -49.25 30.32 5.85
CA PHE C 31 -48.33 29.31 6.22
C PHE C 31 -47.89 28.53 4.97
N ALA C 32 -48.76 28.23 4.01
CA ALA C 32 -48.34 27.56 2.79
C ALA C 32 -47.32 28.40 2.02
N LYS C 33 -47.52 29.72 1.99
CA LYS C 33 -46.57 30.62 1.31
C LYS C 33 -45.20 30.61 2.00
N ASP C 34 -45.17 30.63 3.33
CA ASP C 34 -43.89 30.65 4.01
C ASP C 34 -43.21 29.28 4.05
N GLU C 35 -43.99 28.19 4.06
CA GLU C 35 -43.42 26.86 4.11
C GLU C 35 -42.87 26.42 2.76
N CYS C 36 -43.47 26.89 1.65
CA CYS C 36 -42.91 26.58 0.35
C CYS C 36 -41.90 27.61 -0.14
N HIS C 37 -41.74 28.73 0.58
CA HIS C 37 -40.93 29.89 0.17
C HIS C 37 -41.34 30.40 -1.21
N ASN C 38 -42.65 30.50 -1.43
CA ASN C 38 -43.24 30.77 -2.73
C ASN C 38 -44.40 31.75 -2.58
N PRO C 39 -44.32 32.94 -3.18
CA PRO C 39 -45.43 33.90 -3.07
C PRO C 39 -46.64 33.59 -3.95
N PHE C 40 -46.53 32.64 -4.87
CA PHE C 40 -47.60 32.20 -5.80
C PHE C 40 -48.10 33.37 -6.67
N ILE C 41 -47.18 33.94 -7.43
CA ILE C 41 -47.45 35.13 -8.24
C ILE C 41 -47.13 34.79 -9.69
N ASP C 42 -48.09 35.03 -10.59
CA ASP C 42 -47.93 34.64 -11.99
C ASP C 42 -47.14 35.67 -12.77
N LYS C 43 -47.24 35.57 -14.10
CA LYS C 43 -46.55 36.47 -15.05
C LYS C 43 -46.87 37.94 -14.80
N ASP C 44 -48.16 38.25 -14.62
CA ASP C 44 -48.63 39.62 -14.57
C ASP C 44 -48.64 40.19 -13.16
N GLY C 45 -47.91 39.59 -12.23
CA GLY C 45 -47.83 40.12 -10.89
C GLY C 45 -49.01 39.81 -10.00
N ASN C 46 -49.90 38.94 -10.44
CA ASN C 46 -51.13 38.66 -9.71
C ASN C 46 -51.00 37.36 -8.93
N GLU C 47 -51.61 37.34 -7.75
CA GLU C 47 -51.59 36.16 -6.90
C GLU C 47 -52.46 35.06 -7.50
N SER C 48 -51.89 33.88 -7.66
CA SER C 48 -52.55 32.75 -8.31
C SER C 48 -52.27 31.50 -7.49
N ILE C 49 -53.20 31.14 -6.61
CA ILE C 49 -53.00 30.02 -5.70
C ILE C 49 -53.24 28.71 -6.46
N PRO C 50 -52.30 27.77 -6.46
CA PRO C 50 -52.49 26.50 -7.16
C PRO C 50 -53.47 25.59 -6.44
N SER C 51 -53.85 24.50 -7.13
CA SER C 51 -54.96 23.66 -6.68
C SER C 51 -54.60 22.82 -5.46
N GLY C 52 -53.34 22.38 -5.38
CA GLY C 52 -52.90 21.55 -4.28
C GLY C 52 -52.83 22.31 -2.97
N VAL C 53 -52.48 23.59 -3.04
CA VAL C 53 -52.53 24.46 -1.86
C VAL C 53 -53.96 24.60 -1.36
N LEU C 54 -54.92 24.66 -2.29
CA LEU C 54 -56.33 24.77 -1.91
C LEU C 54 -56.83 23.50 -1.22
N ILE C 55 -56.44 22.33 -1.75
CA ILE C 55 -56.78 21.06 -1.11
C ILE C 55 -56.14 20.97 0.28
N PHE C 56 -54.89 21.41 0.40
CA PHE C 56 -54.19 21.38 1.68
C PHE C 56 -54.86 22.29 2.71
N VAL C 57 -55.26 23.50 2.30
CA VAL C 57 -55.84 24.46 3.22
C VAL C 57 -57.20 23.96 3.72
N ALA C 58 -58.02 23.40 2.82
CA ALA C 58 -59.31 22.86 3.23
C ALA C 58 -59.17 21.67 4.17
N LYS C 59 -58.26 20.75 3.88
CA LYS C 59 -58.14 19.56 4.72
C LYS C 59 -57.46 19.87 6.06
N ALA C 60 -56.53 20.82 6.09
CA ALA C 60 -55.91 21.20 7.35
C ALA C 60 -56.87 21.99 8.24
N ALA C 61 -57.73 22.82 7.63
CA ALA C 61 -58.77 23.49 8.40
C ALA C 61 -59.79 22.49 8.95
N GLN C 62 -60.07 21.42 8.22
CA GLN C 62 -60.94 20.38 8.79
C GLN C 62 -60.25 19.62 9.91
N PHE C 63 -58.94 19.36 9.78
CA PHE C 63 -58.21 18.63 10.83
C PHE C 63 -58.12 19.43 12.12
N TYR C 64 -57.95 20.75 12.03
CA TYR C 64 -57.73 21.54 13.23
C TYR C 64 -59.03 21.91 13.96
N MET C 65 -60.16 21.32 13.60
CA MET C 65 -61.38 21.44 14.39
C MET C 65 -61.40 20.53 15.60
N THR C 66 -60.48 19.57 15.69
CA THR C 66 -60.40 18.68 16.83
C THR C 66 -59.74 19.38 18.02
N ASN C 67 -59.77 18.72 19.16
CA ASN C 67 -59.09 19.18 20.36
C ASN C 67 -57.68 18.59 20.38
N ALA C 68 -56.70 19.44 20.69
CA ALA C 68 -55.30 19.05 20.51
C ALA C 68 -54.81 18.06 21.56
N GLY C 69 -55.39 18.07 22.76
CA GLY C 69 -54.91 17.19 23.80
C GLY C 69 -55.76 15.95 24.04
N LEU C 70 -56.42 15.44 23.01
CA LEU C 70 -57.37 14.34 23.15
C LEU C 70 -57.20 13.35 22.01
N THR C 71 -57.07 12.07 22.35
CA THR C 71 -57.00 11.01 21.34
C THR C 71 -58.26 10.16 21.27
N GLY C 72 -59.06 10.11 22.32
CA GLY C 72 -60.27 9.30 22.31
C GLY C 72 -61.26 9.83 23.31
N ARG C 73 -62.54 9.59 23.03
CA ARG C 73 -63.60 10.09 23.89
C ARG C 73 -64.81 9.16 23.83
N SER C 74 -65.47 8.97 24.97
CA SER C 74 -66.66 8.13 25.05
C SER C 74 -67.73 8.81 25.90
N MET C 75 -68.98 8.69 25.45
CA MET C 75 -70.13 9.32 26.08
C MET C 75 -71.32 8.42 25.74
N ASP C 76 -71.69 7.70 26.79
CA ASP C 76 -72.72 6.66 26.87
C ASP C 76 -72.64 5.70 25.72
N THR C 77 -73.37 6.00 24.66
CA THR C 77 -73.43 5.11 23.50
C THR C 77 -72.57 5.55 22.32
N VAL C 78 -72.15 6.79 22.29
CA VAL C 78 -71.32 7.40 21.26
C VAL C 78 -69.85 7.33 21.68
N SER C 79 -68.95 7.15 20.70
CA SER C 79 -67.52 7.22 20.97
C SER C 79 -66.80 7.74 19.73
N TYR C 80 -65.63 8.32 19.97
CA TYR C 80 -64.79 8.90 18.91
C TYR C 80 -63.32 8.56 19.14
N ASN C 81 -62.61 8.27 18.05
CA ASN C 81 -61.17 8.13 18.03
C ASN C 81 -60.59 9.15 17.07
N PHE C 82 -59.60 9.91 17.53
CA PHE C 82 -59.09 11.06 16.80
C PHE C 82 -57.71 10.77 16.23
N ALA C 83 -57.41 11.45 15.12
CA ALA C 83 -56.06 11.40 14.55
C ALA C 83 -55.15 12.37 15.28
N THR C 84 -53.91 11.93 15.51
CA THR C 84 -52.95 12.73 16.27
C THR C 84 -52.11 13.65 15.40
N GLU C 85 -51.75 13.21 14.20
CA GLU C 85 -50.96 14.01 13.27
C GLU C 85 -51.75 14.23 11.98
N ILE C 86 -51.40 15.30 11.28
CA ILE C 86 -51.86 15.46 9.90
C ILE C 86 -51.26 14.34 9.05
N PRO C 87 -52.05 13.63 8.25
CA PRO C 87 -51.50 12.54 7.45
C PRO C 87 -50.54 13.02 6.38
N SER C 88 -49.62 12.13 5.99
CA SER C 88 -48.57 12.49 5.05
C SER C 88 -49.12 12.77 3.65
N THR C 89 -50.25 12.18 3.28
CA THR C 89 -50.82 12.43 1.98
C THR C 89 -51.42 13.83 1.85
N ILE C 90 -51.79 14.46 2.96
CA ILE C 90 -52.22 15.85 2.93
C ILE C 90 -51.01 16.78 2.92
N LEU C 91 -49.97 16.45 3.68
CA LEU C 91 -48.76 17.27 3.71
C LEU C 91 -48.00 17.22 2.39
N LYS C 92 -48.14 16.13 1.64
CA LYS C 92 -47.46 15.99 0.36
C LYS C 92 -48.16 16.73 -0.78
N LYS C 93 -49.26 17.44 -0.52
CA LYS C 93 -49.83 18.30 -1.55
C LYS C 93 -48.98 19.53 -1.82
N LEU C 94 -48.20 19.99 -0.84
CA LEU C 94 -47.36 21.16 -1.04
C LEU C 94 -46.04 20.84 -1.75
N ASN C 95 -45.76 19.56 -2.02
CA ASN C 95 -44.47 19.17 -2.57
C ASN C 95 -44.13 19.69 -3.98
N PRO C 96 -45.04 19.76 -4.97
CA PRO C 96 -44.60 20.26 -6.29
C PRO C 96 -44.29 21.75 -6.38
N TYR C 97 -44.39 22.54 -5.30
CA TYR C 97 -44.17 23.97 -5.37
C TYR C 97 -43.07 24.45 -4.43
N ARG C 98 -42.21 23.56 -3.95
CA ARG C 98 -41.24 23.92 -2.92
C ARG C 98 -40.00 24.57 -3.52
N LYS C 99 -39.64 25.73 -2.98
CA LYS C 99 -38.40 26.42 -3.31
C LYS C 99 -37.50 26.47 -2.08
N MET C 100 -36.28 26.93 -2.29
CA MET C 100 -35.31 27.07 -1.20
C MET C 100 -35.33 28.48 -0.65
N ALA C 101 -35.02 28.61 0.63
CA ALA C 101 -34.98 29.90 1.28
C ALA C 101 -33.75 30.68 0.84
N ARG C 102 -33.93 31.99 0.62
CA ARG C 102 -32.83 32.84 0.20
C ARG C 102 -32.46 33.81 1.30
N MET D 1 -62.86 16.26 -16.31
CA MET D 1 -63.55 14.99 -16.13
C MET D 1 -65.03 15.24 -15.88
N ASP D 2 -65.86 14.46 -16.57
CA ASP D 2 -67.31 14.59 -16.43
C ASP D 2 -67.78 14.04 -15.10
N ILE D 3 -68.68 14.77 -14.45
CA ILE D 3 -69.14 14.42 -13.11
C ILE D 3 -70.00 13.16 -13.13
N GLN D 4 -70.81 12.99 -14.17
CA GLN D 4 -71.65 11.80 -14.29
C GLN D 4 -70.83 10.54 -14.53
N ARG D 5 -69.68 10.67 -15.20
CA ARG D 5 -68.78 9.54 -15.38
C ARG D 5 -68.12 9.14 -14.06
N VAL D 6 -67.81 10.12 -13.21
CA VAL D 6 -67.29 9.84 -11.87
C VAL D 6 -68.36 9.16 -11.02
N LYS D 7 -69.62 9.59 -11.15
CA LYS D 7 -70.71 8.96 -10.42
C LYS D 7 -70.97 7.53 -10.90
N ARG D 8 -70.73 7.25 -12.19
CA ARG D 8 -70.83 5.88 -12.66
C ARG D 8 -69.66 5.03 -12.18
N LEU D 9 -68.47 5.62 -12.02
CA LEU D 9 -67.33 4.84 -11.53
C LEU D 9 -67.40 4.54 -10.03
N LEU D 10 -68.18 5.28 -9.27
CA LEU D 10 -68.25 5.11 -7.81
C LEU D 10 -69.56 4.51 -7.34
N SER D 11 -70.43 4.08 -8.27
CA SER D 11 -71.75 3.48 -8.00
C SER D 11 -72.65 4.40 -7.17
N ILE D 12 -72.76 5.65 -7.60
CA ILE D 12 -73.62 6.64 -6.97
C ILE D 12 -74.81 6.88 -7.87
N THR D 13 -76.01 6.76 -7.30
CA THR D 13 -77.24 6.95 -8.06
C THR D 13 -77.99 8.23 -7.76
N ASN D 14 -77.92 8.75 -6.54
CA ASN D 14 -78.66 9.95 -6.18
C ASN D 14 -77.79 11.18 -6.43
N ASP D 15 -78.26 12.34 -5.98
CA ASP D 15 -77.59 13.61 -6.19
C ASP D 15 -77.13 14.23 -4.87
N LYS D 16 -76.86 13.40 -3.87
CA LYS D 16 -76.44 13.91 -2.57
C LYS D 16 -75.01 14.46 -2.59
N HIS D 17 -74.15 13.94 -3.46
CA HIS D 17 -72.76 14.32 -3.49
C HIS D 17 -72.40 15.28 -4.61
N ASP D 18 -73.40 15.92 -5.25
CA ASP D 18 -73.15 16.62 -6.51
C ASP D 18 -72.36 17.92 -6.29
N GLU D 19 -72.69 18.65 -5.22
CA GLU D 19 -72.03 19.93 -4.97
C GLU D 19 -70.59 19.74 -4.52
N TYR D 20 -70.30 18.65 -3.81
CA TYR D 20 -68.91 18.34 -3.45
C TYR D 20 -68.09 17.92 -4.67
N LEU D 21 -68.68 17.11 -5.56
CA LEU D 21 -67.94 16.58 -6.70
C LEU D 21 -67.65 17.66 -7.72
N THR D 22 -68.61 18.59 -7.93
CA THR D 22 -68.44 19.71 -8.85
C THR D 22 -67.29 20.62 -8.44
N GLU D 23 -66.99 20.70 -7.15
CA GLU D 23 -65.85 21.47 -6.67
C GLU D 23 -64.56 20.65 -6.63
N MET D 24 -64.63 19.36 -6.29
CA MET D 24 -63.43 18.59 -5.99
C MET D 24 -62.76 17.98 -7.21
N VAL D 25 -63.53 17.59 -8.25
CA VAL D 25 -62.94 16.90 -9.41
C VAL D 25 -61.96 17.74 -10.22
N PRO D 26 -62.26 19.01 -10.61
CA PRO D 26 -61.25 19.77 -11.38
C PRO D 26 -59.99 20.09 -10.62
N LEU D 27 -60.08 20.26 -9.30
CA LEU D 27 -58.90 20.46 -8.47
C LEU D 27 -57.99 19.24 -8.48
N LEU D 28 -58.57 18.03 -8.48
CA LEU D 28 -57.76 16.83 -8.53
C LEU D 28 -57.15 16.61 -9.91
N VAL D 29 -57.84 17.05 -10.97
CA VAL D 29 -57.26 16.98 -12.32
C VAL D 29 -56.03 17.89 -12.42
N GLU D 30 -56.14 19.12 -11.91
CA GLU D 30 -54.98 20.02 -11.91
C GLU D 30 -53.88 19.55 -10.96
N PHE D 31 -54.23 18.88 -9.88
CA PHE D 31 -53.20 18.36 -9.04
C PHE D 31 -52.45 17.23 -9.76
N ALA D 32 -53.12 16.34 -10.51
CA ALA D 32 -52.39 15.31 -11.24
C ALA D 32 -51.48 15.92 -12.30
N LYS D 33 -51.95 16.98 -12.99
CA LYS D 33 -51.12 17.66 -13.98
C LYS D 33 -49.88 18.29 -13.35
N ASP D 34 -50.02 18.90 -12.18
CA ASP D 34 -48.86 19.52 -11.54
C ASP D 34 -47.95 18.48 -10.90
N GLU D 35 -48.49 17.36 -10.44
CA GLU D 35 -47.67 16.41 -9.71
C GLU D 35 -46.90 15.49 -10.64
N CYS D 36 -47.43 15.20 -11.83
CA CYS D 36 -46.66 14.43 -12.80
C CYS D 36 -45.77 15.29 -13.70
N HIS D 37 -45.89 16.63 -13.60
CA HIS D 37 -45.24 17.60 -14.50
C HIS D 37 -45.55 17.29 -15.96
N ASN D 38 -46.81 16.98 -16.24
CA ASN D 38 -47.31 16.50 -17.53
C ASN D 38 -48.65 17.17 -17.83
N PRO D 39 -48.74 17.97 -18.90
CA PRO D 39 -50.02 18.63 -19.22
C PRO D 39 -51.04 17.75 -19.95
N PHE D 40 -50.67 16.53 -20.32
CA PHE D 40 -51.55 15.52 -20.96
C PHE D 40 -52.16 16.02 -22.26
N ILE D 41 -51.31 16.26 -23.24
CA ILE D 41 -51.67 16.88 -24.50
C ILE D 41 -51.19 15.98 -25.64
N ASP D 42 -52.08 15.70 -26.59
CA ASP D 42 -51.73 14.83 -27.72
C ASP D 42 -51.01 15.57 -28.84
N LYS D 43 -51.02 14.95 -30.03
CA LYS D 43 -50.35 15.50 -31.21
C LYS D 43 -50.94 16.85 -31.64
N ASP D 44 -52.27 16.94 -31.72
CA ASP D 44 -52.94 18.14 -32.19
C ASP D 44 -53.12 19.21 -31.11
N GLY D 45 -52.43 19.11 -29.98
CA GLY D 45 -52.63 20.08 -28.93
C GLY D 45 -53.86 19.89 -28.08
N ASN D 46 -54.59 18.79 -28.26
CA ASN D 46 -55.80 18.56 -27.49
C ASN D 46 -55.49 17.87 -26.18
N GLU D 47 -56.27 18.19 -25.15
CA GLU D 47 -56.10 17.59 -23.84
C GLU D 47 -56.65 16.17 -23.86
N SER D 48 -55.81 15.19 -23.55
CA SER D 48 -56.20 13.79 -23.55
C SER D 48 -55.79 13.18 -22.22
N ILE D 49 -56.74 13.12 -21.29
CA ILE D 49 -56.46 12.57 -19.95
C ILE D 49 -56.38 11.05 -20.04
N PRO D 50 -55.30 10.42 -19.56
CA PRO D 50 -55.20 8.96 -19.61
C PRO D 50 -56.12 8.28 -18.59
N SER D 51 -56.29 6.97 -18.76
CA SER D 51 -57.25 6.19 -17.99
C SER D 51 -56.84 6.10 -16.51
N GLY D 52 -55.54 6.10 -16.28
CA GLY D 52 -54.97 6.06 -14.96
C GLY D 52 -55.29 7.29 -14.12
N VAL D 53 -55.20 8.46 -14.73
CA VAL D 53 -55.53 9.70 -14.05
C VAL D 53 -57.02 9.72 -13.70
N LEU D 54 -57.85 9.14 -14.57
CA LEU D 54 -59.30 9.09 -14.32
C LEU D 54 -59.63 8.20 -13.13
N ILE D 55 -59.01 7.01 -13.08
CA ILE D 55 -59.19 6.10 -11.94
C ILE D 55 -58.71 6.74 -10.65
N PHE D 56 -57.56 7.43 -10.72
CA PHE D 56 -56.99 8.06 -9.54
C PHE D 56 -57.85 9.21 -9.03
N VAL D 57 -58.38 10.04 -9.94
CA VAL D 57 -59.22 11.17 -9.56
C VAL D 57 -60.51 10.70 -8.91
N ALA D 58 -61.13 9.65 -9.48
CA ALA D 58 -62.36 9.11 -8.90
C ALA D 58 -62.13 8.51 -7.51
N LYS D 59 -61.05 7.72 -7.35
CA LYS D 59 -60.82 7.10 -6.04
C LYS D 59 -60.35 8.10 -4.99
N ALA D 60 -59.61 9.14 -5.39
CA ALA D 60 -59.20 10.15 -4.43
C ALA D 60 -60.37 11.04 -4.01
N ALA D 61 -61.30 11.32 -4.93
CA ALA D 61 -62.49 12.05 -4.57
C ALA D 61 -63.39 11.22 -3.65
N GLN D 62 -63.41 9.90 -3.81
CA GLN D 62 -64.15 9.07 -2.86
C GLN D 62 -63.46 9.03 -1.50
N PHE D 63 -62.11 9.04 -1.49
CA PHE D 63 -61.38 9.02 -0.23
C PHE D 63 -61.60 10.30 0.56
N TYR D 64 -61.63 11.45 -0.10
CA TYR D 64 -61.70 12.72 0.62
C TYR D 64 -63.11 13.10 1.07
N MET D 65 -64.09 12.19 1.01
CA MET D 65 -65.38 12.42 1.63
C MET D 65 -65.38 12.19 3.14
N THR D 66 -64.30 11.64 3.69
CA THR D 66 -64.20 11.38 5.12
C THR D 66 -63.79 12.64 5.87
N ASN D 67 -63.89 12.57 7.19
CA ASN D 67 -63.41 13.62 8.08
C ASN D 67 -61.93 13.39 8.37
N ALA D 68 -61.12 14.44 8.21
CA ALA D 68 -59.67 14.31 8.29
C ALA D 68 -59.17 14.12 9.72
N GLY D 69 -59.92 14.55 10.72
CA GLY D 69 -59.47 14.39 12.09
C GLY D 69 -60.05 13.22 12.84
N LEU D 70 -60.55 12.22 12.13
CA LEU D 70 -61.28 11.11 12.75
C LEU D 70 -60.78 9.78 12.20
N THR D 71 -60.45 8.85 13.10
CA THR D 71 -60.09 7.50 12.70
C THR D 71 -61.16 6.46 13.01
N GLY D 72 -62.11 6.76 13.89
CA GLY D 72 -63.16 5.81 14.23
C GLY D 72 -64.34 6.50 14.86
N ARG D 73 -65.51 5.88 14.71
CA ARG D 73 -66.75 6.47 15.19
C ARG D 73 -67.73 5.34 15.52
N SER D 74 -68.63 5.60 16.47
CA SER D 74 -69.61 4.58 16.88
C SER D 74 -70.86 5.23 17.44
N MET D 75 -72.04 4.80 16.98
CA MET D 75 -73.32 5.21 17.57
C MET D 75 -74.26 4.00 17.67
N ASP D 76 -74.18 3.31 18.81
CA ASP D 76 -75.19 2.45 19.43
C ASP D 76 -75.55 1.16 18.69
N THR D 77 -75.38 1.11 17.38
CA THR D 77 -75.54 -0.12 16.59
C THR D 77 -74.56 -0.01 15.44
N VAL D 78 -74.21 1.22 15.08
CA VAL D 78 -73.37 1.48 13.92
C VAL D 78 -71.95 1.78 14.40
N SER D 79 -70.95 1.38 13.62
CA SER D 79 -69.58 1.76 13.91
C SER D 79 -68.79 1.79 12.61
N TYR D 80 -67.74 2.62 12.60
CA TYR D 80 -66.90 2.82 11.42
C TYR D 80 -65.44 2.95 11.84
N ASN D 81 -64.57 2.35 11.04
CA ASN D 81 -63.13 2.54 11.11
C ASN D 81 -62.66 3.10 9.77
N PHE D 82 -61.95 4.23 9.82
CA PHE D 82 -61.57 4.95 8.61
C PHE D 82 -60.09 4.74 8.30
N ALA D 83 -59.77 4.82 7.01
CA ALA D 83 -58.38 4.80 6.57
C ALA D 83 -57.77 6.19 6.72
N THR D 84 -56.52 6.23 7.17
CA THR D 84 -55.88 7.52 7.44
C THR D 84 -55.03 8.03 6.28
N GLU D 85 -54.54 7.15 5.41
CA GLU D 85 -53.77 7.56 4.25
C GLU D 85 -54.43 7.02 2.99
N ILE D 86 -54.16 7.69 1.87
CA ILE D 86 -54.48 7.11 0.56
C ILE D 86 -53.59 5.89 0.34
N PRO D 87 -54.16 4.75 -0.05
CA PRO D 87 -53.33 3.55 -0.26
C PRO D 87 -52.35 3.73 -1.41
N SER D 88 -51.24 3.00 -1.32
CA SER D 88 -50.19 3.14 -2.31
C SER D 88 -50.59 2.59 -3.68
N THR D 89 -51.55 1.67 -3.74
CA THR D 89 -52.01 1.17 -5.03
C THR D 89 -52.86 2.20 -5.78
N ILE D 90 -53.43 3.18 -5.09
CA ILE D 90 -54.09 4.28 -5.78
C ILE D 90 -53.07 5.35 -6.18
N LEU D 91 -52.03 5.55 -5.35
CA LEU D 91 -51.00 6.51 -5.70
C LEU D 91 -50.12 6.02 -6.85
N LYS D 92 -50.02 4.70 -7.04
CA LYS D 92 -49.25 4.15 -8.15
C LYS D 92 -49.98 4.19 -9.47
N LYS D 93 -51.20 4.73 -9.52
CA LYS D 93 -51.86 4.97 -10.78
C LYS D 93 -51.23 6.13 -11.55
N LEU D 94 -50.51 7.02 -10.88
CA LEU D 94 -49.88 8.13 -11.60
C LEU D 94 -48.47 7.82 -12.10
N ASN D 95 -47.91 6.67 -11.74
CA ASN D 95 -46.51 6.35 -12.05
C ASN D 95 -46.12 6.26 -13.53
N PRO D 96 -46.90 5.67 -14.47
CA PRO D 96 -46.40 5.60 -15.86
C PRO D 96 -46.33 6.92 -16.62
N TYR D 97 -46.68 8.06 -16.04
CA TYR D 97 -46.68 9.32 -16.77
C TYR D 97 -45.80 10.38 -16.13
N ARG D 98 -44.92 10.01 -15.22
CA ARG D 98 -44.17 11.00 -14.46
C ARG D 98 -43.00 11.55 -15.28
N LYS D 99 -42.91 12.87 -15.36
CA LYS D 99 -41.80 13.57 -15.96
C LYS D 99 -41.08 14.38 -14.87
N MET D 100 -39.89 14.85 -15.21
CA MET D 100 -39.12 15.67 -14.29
C MET D 100 -39.46 17.14 -14.46
N ALA D 101 -39.35 17.88 -13.36
CA ALA D 101 -39.61 19.31 -13.39
C ALA D 101 -38.48 20.05 -14.11
N ARG D 102 -38.85 21.09 -14.84
CA ARG D 102 -37.87 21.90 -15.55
C ARG D 102 -37.78 23.31 -14.99
N MET E 1 -70.51 10.34 1.60
CA MET E 1 -70.21 10.84 2.94
C MET E 1 -70.77 9.91 4.01
N TYR E 2 -70.34 10.12 5.26
CA TYR E 2 -70.76 9.29 6.40
C TYR E 2 -71.24 10.24 7.49
N GLU E 3 -72.51 10.59 7.45
CA GLU E 3 -73.08 11.55 8.38
C GLU E 3 -73.54 10.84 9.65
N GLU E 4 -73.31 11.50 10.79
CA GLU E 4 -73.88 11.02 12.04
C GLU E 4 -75.40 11.11 12.03
N PHE E 5 -75.92 12.15 11.40
CA PHE E 5 -77.33 12.38 11.34
C PHE E 5 -77.80 12.44 9.90
N PRO E 6 -78.18 11.33 9.31
CA PRO E 6 -78.58 11.32 7.90
C PRO E 6 -80.06 11.55 7.64
N ASP E 7 -80.91 11.57 8.67
CA ASP E 7 -82.34 11.73 8.49
C ASP E 7 -82.77 13.16 8.80
N VAL E 8 -84.03 13.46 8.48
CA VAL E 8 -84.68 14.72 8.78
C VAL E 8 -86.04 14.40 9.39
N ILE E 9 -86.29 14.89 10.60
CA ILE E 9 -87.52 14.60 11.32
C ILE E 9 -88.24 15.91 11.61
N THR E 10 -89.52 15.80 11.94
CA THR E 10 -90.33 16.98 12.28
C THR E 10 -90.90 16.84 13.68
N PHE E 11 -90.72 17.84 14.52
CA PHE E 11 -91.27 17.88 15.90
C PHE E 11 -92.62 18.57 15.91
N GLN E 12 -93.62 18.06 16.60
CA GLN E 12 -94.98 18.57 16.60
C GLN E 12 -95.52 18.72 18.02
N SER E 13 -96.29 19.78 18.23
CA SER E 13 -96.93 20.08 19.51
C SER E 13 -98.45 20.07 19.36
N TYR E 14 -99.12 19.95 20.50
CA TYR E 14 -100.57 19.76 20.58
C TYR E 14 -101.18 21.04 21.16
N VAL E 15 -101.60 21.95 20.27
CA VAL E 15 -101.93 23.32 20.65
C VAL E 15 -103.40 23.62 20.37
N GLU E 16 -103.87 24.75 20.88
CA GLU E 16 -105.29 25.08 20.86
C GLU E 16 -105.63 26.15 19.83
N GLN E 17 -106.74 25.93 19.12
CA GLN E 17 -107.39 26.94 18.31
C GLN E 17 -108.75 27.26 18.91
N SER E 18 -109.13 28.54 18.93
CA SER E 18 -110.43 28.96 19.42
C SER E 18 -110.93 30.08 18.53
N ASN E 19 -112.11 29.90 17.93
CA ASN E 19 -112.63 30.90 17.01
C ASN E 19 -114.16 30.89 17.00
N GLY E 20 -114.76 31.87 17.66
CA GLY E 20 -116.09 32.35 17.34
C GLY E 20 -117.21 32.19 18.36
N GLU E 21 -117.36 31.03 18.95
CA GLU E 21 -118.43 30.89 19.93
C GLU E 21 -117.98 30.24 21.23
N GLY E 22 -117.14 29.24 21.15
CA GLY E 22 -116.42 28.60 22.23
C GLY E 22 -115.90 27.34 21.58
N GLY E 23 -114.63 27.03 21.72
CA GLY E 23 -114.03 25.99 20.91
C GLY E 23 -113.01 25.22 21.71
N LYS E 24 -112.99 23.91 21.47
CA LYS E 24 -112.13 22.98 22.20
C LYS E 24 -111.16 22.25 21.28
N THR E 25 -111.06 22.65 20.01
CA THR E 25 -110.30 21.86 19.05
C THR E 25 -108.79 22.08 19.21
N TYR E 26 -108.09 20.96 19.40
CA TYR E 26 -106.64 20.95 19.53
C TYR E 26 -106.04 20.29 18.30
N LYS E 27 -104.98 20.89 17.78
CA LYS E 27 -104.34 20.42 16.57
C LYS E 27 -102.86 20.19 16.81
N TRP E 28 -102.33 19.11 16.23
CA TRP E 28 -100.90 18.87 16.16
C TRP E 28 -100.31 19.76 15.08
N VAL E 29 -99.53 20.76 15.47
CA VAL E 29 -98.89 21.65 14.51
C VAL E 29 -97.37 21.54 14.66
N ASP E 30 -96.67 21.84 13.57
CA ASP E 30 -95.22 21.69 13.52
C ASP E 30 -94.54 22.77 14.35
N GLU E 31 -93.45 22.38 15.04
CA GLU E 31 -92.60 23.31 15.78
C GLU E 31 -91.33 23.64 15.01
N PHE E 32 -90.54 22.62 14.71
CA PHE E 32 -89.29 22.78 14.00
C PHE E 32 -88.82 21.50 13.38
N THR E 33 -87.79 21.54 12.56
CA THR E 33 -87.20 20.35 11.97
C THR E 33 -85.72 20.27 12.33
N ALA E 34 -85.18 19.06 12.32
CA ALA E 34 -83.81 18.84 12.75
C ALA E 34 -83.24 17.62 12.06
N ALA E 35 -81.90 17.56 12.03
CA ALA E 35 -81.20 16.39 11.55
C ALA E 35 -81.11 15.35 12.67
N ALA E 36 -81.24 14.08 12.30
CA ALA E 36 -81.34 13.03 13.31
C ALA E 36 -80.89 11.71 12.73
N HIS E 37 -80.80 10.71 13.60
CA HIS E 37 -80.61 9.32 13.20
C HIS E 37 -81.62 8.48 13.97
N VAL E 38 -82.52 7.84 13.24
CA VAL E 38 -83.58 7.01 13.82
C VAL E 38 -83.16 5.55 13.66
N GLN E 39 -82.96 4.86 14.77
CA GLN E 39 -82.48 3.49 14.76
C GLN E 39 -83.48 2.56 15.45
N PRO E 40 -83.79 1.42 14.85
CA PRO E 40 -84.52 0.39 15.59
C PRO E 40 -83.65 -0.21 16.67
N ILE E 41 -84.31 -0.75 17.70
CA ILE E 41 -83.57 -1.29 18.83
C ILE E 41 -82.88 -2.59 18.43
N SER E 42 -81.80 -2.92 19.14
CA SER E 42 -80.96 -4.04 18.77
C SER E 42 -81.63 -5.36 19.14
N GLN E 43 -81.01 -6.46 18.70
CA GLN E 43 -81.56 -7.79 18.91
C GLN E 43 -81.55 -8.17 20.39
N GLU E 44 -80.56 -7.71 21.15
CA GLU E 44 -80.55 -8.01 22.58
C GLU E 44 -81.49 -7.10 23.36
N GLU E 45 -81.72 -5.88 22.87
CA GLU E 45 -82.61 -4.94 23.54
C GLU E 45 -84.08 -5.28 23.34
N TYR E 46 -84.39 -6.09 22.32
CA TYR E 46 -85.77 -6.49 22.03
C TYR E 46 -86.37 -7.31 23.16
N TYR E 47 -85.62 -8.29 23.66
CA TYR E 47 -86.12 -9.16 24.72
C TYR E 47 -86.25 -8.42 26.05
N LYS E 48 -85.43 -7.39 26.27
CA LYS E 48 -85.58 -6.57 27.46
C LYS E 48 -86.77 -5.62 27.33
N ALA E 49 -87.04 -5.12 26.13
CA ALA E 49 -88.17 -4.23 25.93
C ALA E 49 -89.51 -4.96 25.90
N GLN E 50 -89.53 -6.27 25.64
CA GLN E 50 -90.79 -7.00 25.66
C GLN E 50 -91.38 -7.15 27.05
N GLN E 51 -90.58 -6.99 28.11
CA GLN E 51 -91.11 -7.03 29.48
C GLN E 51 -91.43 -5.64 30.00
N LEU E 52 -92.18 -4.85 29.25
CA LEU E 52 -92.63 -3.54 29.69
C LEU E 52 -94.08 -3.39 29.27
N GLN E 53 -94.80 -2.47 29.95
CA GLN E 53 -96.19 -2.26 29.60
C GLN E 53 -96.33 -1.50 28.29
N THR E 54 -95.38 -0.62 27.98
CA THR E 54 -95.31 0.01 26.65
C THR E 54 -93.95 -0.34 26.06
N PRO E 55 -93.89 -1.28 25.12
CA PRO E 55 -92.60 -1.66 24.54
C PRO E 55 -92.05 -0.62 23.59
N ILE E 56 -90.75 -0.49 23.59
CA ILE E 56 -90.02 0.55 22.86
C ILE E 56 -89.68 0.03 21.48
N GLY E 57 -89.83 0.89 20.47
CA GLY E 57 -89.49 0.50 19.11
C GLY E 57 -88.26 1.17 18.51
N TYR E 58 -87.98 2.42 18.89
CA TYR E 58 -86.95 3.21 18.22
C TYR E 58 -86.17 4.04 19.22
N ASN E 59 -84.88 4.21 18.93
CA ASN E 59 -84.02 5.21 19.55
C ASN E 59 -83.72 6.31 18.53
N ILE E 60 -83.91 7.56 18.93
CA ILE E 60 -83.71 8.71 18.05
C ILE E 60 -82.57 9.53 18.63
N TYR E 61 -81.52 9.74 17.84
CA TYR E 61 -80.39 10.55 18.25
C TYR E 61 -80.41 11.86 17.47
N THR E 62 -80.26 12.97 18.19
CA THR E 62 -80.34 14.28 17.57
C THR E 62 -79.35 15.19 18.31
N PRO E 63 -78.90 16.27 17.69
CA PRO E 63 -78.12 17.27 18.43
C PRO E 63 -78.96 17.94 19.51
N TYR E 64 -78.27 18.43 20.53
CA TYR E 64 -78.92 18.91 21.75
C TYR E 64 -79.74 20.17 21.48
N ASP E 65 -80.96 20.18 22.00
CA ASP E 65 -81.88 21.30 21.81
C ASP E 65 -82.81 21.34 23.00
N ASP E 66 -82.88 22.50 23.67
CA ASP E 66 -83.72 22.61 24.86
C ASP E 66 -85.18 22.90 24.53
N ARG E 67 -85.56 22.97 23.25
CA ARG E 67 -86.97 23.09 22.89
C ARG E 67 -87.70 21.76 22.89
N ILE E 68 -86.98 20.64 23.00
CA ILE E 68 -87.61 19.33 22.90
C ILE E 68 -88.26 18.97 24.22
N ASP E 69 -89.54 18.61 24.17
CA ASP E 69 -90.36 18.37 25.34
C ASP E 69 -90.89 16.94 25.29
N LYS E 70 -91.23 16.39 26.45
CA LYS E 70 -91.72 15.02 26.55
C LYS E 70 -93.16 14.84 26.07
N LYS E 71 -93.91 15.92 25.86
CA LYS E 71 -95.26 15.81 25.33
C LYS E 71 -95.32 16.05 23.83
N MET E 72 -94.18 16.03 23.15
CA MET E 72 -94.12 16.32 21.73
C MET E 72 -94.31 15.04 20.91
N ARG E 73 -94.18 15.17 19.59
CA ARG E 73 -94.41 14.07 18.67
C ARG E 73 -93.40 14.21 17.53
N VAL E 74 -93.10 13.11 16.85
CA VAL E 74 -92.16 13.14 15.74
C VAL E 74 -92.84 12.58 14.49
N ILE E 75 -92.68 13.29 13.37
CA ILE E 75 -93.06 12.78 12.06
C ILE E 75 -91.78 12.35 11.35
N TYR E 76 -91.75 11.09 10.92
CA TYR E 76 -90.56 10.50 10.30
C TYR E 76 -91.01 9.50 9.24
N ARG E 77 -90.63 9.75 7.99
CA ARG E 77 -90.90 8.89 6.83
C ARG E 77 -92.38 8.58 6.67
N GLY E 78 -93.22 9.60 6.86
CA GLY E 78 -94.64 9.41 6.76
C GLY E 78 -95.27 8.65 7.90
N LYS E 79 -94.57 8.48 9.02
CA LYS E 79 -95.13 7.77 10.17
C LYS E 79 -95.05 8.65 11.41
N ILE E 80 -95.96 8.38 12.34
CA ILE E 80 -96.04 9.09 13.61
C ILE E 80 -95.23 8.30 14.64
N VAL E 81 -94.36 8.99 15.38
CA VAL E 81 -93.56 8.40 16.42
C VAL E 81 -93.91 9.09 17.73
N THR E 82 -94.34 8.29 18.70
CA THR E 82 -94.81 8.74 20.00
C THR E 82 -93.72 8.49 21.05
N PHE E 83 -93.50 9.48 21.90
CA PHE E 83 -92.40 9.43 22.86
C PHE E 83 -92.76 8.50 24.02
N ILE E 84 -91.76 7.80 24.52
CA ILE E 84 -91.89 6.94 25.69
C ILE E 84 -90.92 7.47 26.73
N GLY E 85 -91.45 8.06 27.80
CA GLY E 85 -90.62 8.63 28.82
C GLY E 85 -90.15 10.03 28.47
N ASP E 86 -89.11 10.47 29.18
CA ASP E 86 -88.47 11.77 29.14
C ASP E 86 -87.22 11.73 28.26
N PRO E 87 -86.99 12.77 27.45
CA PRO E 87 -85.74 12.85 26.69
C PRO E 87 -84.51 12.92 27.58
N VAL E 88 -83.42 12.32 27.12
CA VAL E 88 -82.20 12.15 27.90
C VAL E 88 -81.06 12.86 27.17
N ASP E 89 -80.38 13.75 27.89
CA ASP E 89 -79.15 14.35 27.42
C ASP E 89 -77.99 13.46 27.87
N LEU E 90 -77.16 13.02 26.92
CA LEU E 90 -76.17 11.98 27.18
C LEU E 90 -75.05 12.51 28.07
N SER E 91 -74.89 11.90 29.24
CA SER E 91 -73.87 12.18 30.26
C SER E 91 -73.92 13.61 30.80
N GLY E 92 -75.01 14.33 30.59
CA GLY E 92 -75.15 15.69 31.05
C GLY E 92 -74.26 16.72 30.40
N LEU E 93 -73.70 16.40 29.22
CA LEU E 93 -72.73 17.29 28.58
C LEU E 93 -73.34 18.23 27.57
N GLN E 94 -74.65 18.09 27.28
CA GLN E 94 -75.42 18.96 26.39
C GLN E 94 -74.87 18.96 24.96
N GLU E 95 -74.70 17.77 24.41
CA GLU E 95 -74.27 17.59 23.04
C GLU E 95 -75.28 16.80 22.21
N ILE E 96 -75.73 15.65 22.70
CA ILE E 96 -76.59 14.74 21.93
C ILE E 96 -77.77 14.36 22.81
N THR E 97 -78.98 14.44 22.25
CA THR E 97 -80.21 14.01 22.90
C THR E 97 -80.67 12.67 22.32
N ARG E 98 -81.03 11.73 23.19
CA ARG E 98 -81.63 10.46 22.82
C ARG E 98 -83.08 10.44 23.27
N ILE E 99 -83.98 10.04 22.38
CA ILE E 99 -85.41 9.90 22.66
C ILE E 99 -85.82 8.46 22.34
N LYS E 100 -86.59 7.85 23.23
CA LYS E 100 -87.17 6.54 22.97
C LYS E 100 -88.60 6.70 22.49
N GLY E 101 -88.99 5.89 21.50
CA GLY E 101 -90.32 6.07 20.93
C GLY E 101 -90.87 4.81 20.30
N LYS E 102 -92.14 4.91 19.88
CA LYS E 102 -92.79 3.80 19.20
C LYS E 102 -93.64 4.32 18.03
N GLU E 103 -93.82 3.47 17.04
CA GLU E 103 -94.62 3.80 15.87
C GLU E 103 -96.11 3.82 16.22
N ASP E 104 -96.83 4.79 15.67
CA ASP E 104 -98.26 4.94 15.92
C ASP E 104 -99.02 5.21 14.62
N GLY E 105 -98.76 4.40 13.60
CA GLY E 105 -99.55 4.45 12.39
C GLY E 105 -99.11 5.52 11.43
N ALA E 106 -99.88 5.64 10.35
CA ALA E 106 -99.54 6.56 9.27
C ALA E 106 -99.93 7.99 9.62
N TYR E 107 -99.26 8.92 8.96
CA TYR E 107 -99.56 10.35 9.08
C TYR E 107 -100.24 10.82 7.81
N VAL E 108 -101.29 11.64 7.98
CA VAL E 108 -101.91 12.35 6.87
C VAL E 108 -101.41 13.79 6.90
N GLY E 109 -101.04 14.31 5.73
CA GLY E 109 -100.50 15.65 5.63
C GLY E 109 -99.35 15.78 4.66
N LYS F 24 14.77 -58.62 -23.63
CA LYS F 24 16.03 -59.15 -24.16
C LYS F 24 15.90 -60.62 -24.54
N GLU F 25 16.24 -60.95 -25.77
CA GLU F 25 16.08 -62.30 -26.31
C GLU F 25 17.46 -62.90 -26.53
N ILE F 26 17.72 -64.05 -25.90
CA ILE F 26 19.00 -64.72 -25.97
C ILE F 26 18.78 -66.11 -26.54
N ALA F 27 19.56 -66.46 -27.58
CA ALA F 27 19.48 -67.65 -28.45
C ALA F 27 18.05 -68.02 -28.82
N GLU F 28 16.37 -76.20 -39.48
CA GLU F 28 16.40 -75.30 -38.33
C GLU F 28 15.97 -73.80 -38.48
N PRO F 29 15.91 -73.19 -39.70
CA PRO F 29 15.07 -71.99 -39.81
C PRO F 29 13.61 -72.36 -40.06
N ASP F 30 12.75 -72.10 -39.09
CA ASP F 30 11.32 -72.31 -39.28
C ASP F 30 10.73 -71.11 -40.01
N THR F 31 9.46 -71.25 -40.38
CA THR F 31 8.70 -70.10 -40.84
C THR F 31 7.59 -69.72 -39.87
N THR F 32 7.15 -70.67 -39.03
CA THR F 32 6.27 -70.32 -37.93
C THR F 32 7.01 -69.56 -36.82
N MET F 33 8.33 -69.74 -36.74
CA MET F 33 9.15 -68.95 -35.81
C MET F 33 9.14 -67.48 -36.20
N ILE F 34 9.17 -67.20 -37.50
CA ILE F 34 9.15 -65.82 -38.00
C ILE F 34 7.81 -65.16 -37.69
N GLN F 35 6.71 -65.87 -37.89
CA GLN F 35 5.39 -65.36 -37.55
C GLN F 35 5.24 -65.15 -36.05
N LYS F 36 5.82 -66.06 -35.26
CA LYS F 36 5.78 -65.95 -33.81
C LYS F 36 6.57 -64.73 -33.32
N LEU F 37 7.72 -64.47 -33.96
CA LEU F 37 8.54 -63.34 -33.55
C LEU F 37 7.93 -62.01 -33.98
N ILE F 38 7.32 -61.98 -35.18
CA ILE F 38 6.73 -60.74 -35.69
C ILE F 38 5.46 -60.40 -34.91
N ASP F 39 4.65 -61.41 -34.56
CA ASP F 39 3.43 -61.16 -33.79
C ASP F 39 3.73 -60.68 -32.37
N GLU F 40 4.84 -61.14 -31.78
CA GLU F 40 5.18 -60.81 -30.42
C GLU F 40 6.03 -59.54 -30.29
N HIS F 41 6.15 -58.76 -31.36
CA HIS F 41 7.01 -57.58 -31.37
C HIS F 41 6.15 -56.33 -31.15
N ASN F 42 6.56 -55.51 -30.19
CA ASN F 42 5.83 -54.28 -29.87
C ASN F 42 6.66 -53.06 -30.26
N PRO F 43 6.37 -52.41 -31.38
CA PRO F 43 7.13 -51.21 -31.76
C PRO F 43 6.60 -49.92 -31.17
N GLU F 44 5.60 -50.00 -30.30
CA GLU F 44 5.00 -48.80 -29.70
C GLU F 44 5.93 -47.99 -28.80
N PRO F 45 6.77 -48.54 -27.91
CA PRO F 45 7.69 -47.67 -27.16
C PRO F 45 8.76 -47.00 -28.00
N LEU F 46 9.07 -47.51 -29.19
CA LEU F 46 10.02 -46.83 -30.07
C LEU F 46 9.38 -45.69 -30.84
N LEU F 47 8.06 -45.70 -31.01
CA LEU F 47 7.39 -44.73 -31.85
C LEU F 47 6.82 -43.54 -31.08
N LYS F 48 6.98 -43.49 -29.75
CA LYS F 48 6.47 -42.35 -28.99
C LYS F 48 7.26 -41.08 -29.27
N GLY F 49 8.59 -41.19 -29.33
CA GLY F 49 9.43 -40.03 -29.58
C GLY F 49 9.26 -39.48 -30.98
N VAL F 50 8.96 -40.34 -31.95
CA VAL F 50 8.65 -39.88 -33.30
C VAL F 50 7.35 -39.09 -33.31
N ARG F 51 6.34 -39.55 -32.55
CA ARG F 51 5.06 -38.84 -32.50
C ARG F 51 5.19 -37.50 -31.79
N TYR F 52 5.99 -37.45 -30.72
CA TYR F 52 6.22 -36.19 -30.04
C TYR F 52 7.12 -35.25 -30.84
N TYR F 53 7.93 -35.78 -31.75
CA TYR F 53 8.73 -34.92 -32.63
C TYR F 53 7.86 -34.16 -33.63
N MET F 54 6.76 -34.76 -34.08
CA MET F 54 5.85 -34.12 -35.01
C MET F 54 4.69 -33.41 -34.31
N CYS F 55 4.86 -33.05 -33.03
CA CYS F 55 3.87 -32.41 -32.14
C CYS F 55 2.49 -33.08 -32.20
N GLU F 56 2.49 -34.39 -32.01
CA GLU F 56 1.26 -35.17 -31.82
C GLU F 56 1.40 -35.85 -30.46
N ASN F 57 1.07 -35.12 -29.41
CA ASN F 57 1.26 -35.58 -28.05
C ASN F 57 0.02 -36.32 -27.55
N ASP F 58 0.07 -36.78 -26.30
CA ASP F 58 -1.02 -37.58 -25.74
C ASP F 58 -2.28 -36.76 -25.50
N ILE F 59 -2.15 -35.43 -25.44
CA ILE F 59 -3.28 -34.50 -25.26
C ILE F 59 -4.32 -34.62 -26.37
N GLU F 60 -3.95 -35.17 -27.54
CA GLU F 60 -4.90 -35.38 -28.62
C GLU F 60 -5.91 -36.50 -28.32
N LYS F 61 -5.72 -37.27 -27.25
CA LYS F 61 -6.70 -38.27 -26.85
C LYS F 61 -7.72 -37.75 -25.85
N LYS F 62 -7.79 -36.45 -25.62
CA LYS F 62 -8.71 -35.85 -24.67
C LYS F 62 -10.12 -35.79 -25.24
N ARG F 63 -11.11 -36.14 -24.41
CA ARG F 63 -12.52 -36.07 -24.78
C ARG F 63 -13.30 -35.34 -23.70
N ARG F 64 -14.36 -34.64 -24.11
CA ARG F 64 -15.31 -34.02 -23.19
C ARG F 64 -16.53 -34.94 -23.05
N THR F 65 -16.74 -35.47 -21.85
CA THR F 65 -17.86 -36.37 -21.58
C THR F 65 -18.75 -35.79 -20.48
N TYR F 66 -19.98 -36.28 -20.42
CA TYR F 66 -20.89 -35.90 -19.35
C TYR F 66 -21.85 -37.05 -19.06
N TYR F 67 -22.72 -36.86 -18.05
CA TYR F 67 -23.64 -37.89 -17.60
C TYR F 67 -25.08 -37.43 -17.76
N ASP F 68 -25.92 -38.34 -18.23
CA ASP F 68 -27.33 -38.09 -18.41
C ASP F 68 -28.10 -38.39 -17.13
N ALA F 69 -29.35 -37.93 -17.08
CA ALA F 69 -30.31 -38.48 -16.14
C ALA F 69 -30.50 -39.97 -16.42
N ALA F 70 -30.40 -40.78 -15.36
CA ALA F 70 -30.23 -42.24 -15.31
C ALA F 70 -28.81 -42.68 -15.69
N GLY F 71 -27.83 -41.81 -15.49
CA GLY F 71 -26.44 -42.22 -15.42
C GLY F 71 -25.77 -42.59 -16.72
N GLN F 72 -26.29 -42.12 -17.84
CA GLN F 72 -25.76 -42.47 -19.15
C GLN F 72 -24.61 -41.54 -19.52
N GLN F 73 -23.43 -42.11 -19.75
CA GLN F 73 -22.25 -41.33 -20.15
C GLN F 73 -22.32 -41.03 -21.64
N LEU F 74 -22.34 -39.74 -21.97
CA LEU F 74 -22.47 -39.28 -23.34
C LEU F 74 -21.24 -38.48 -23.72
N VAL F 75 -20.70 -38.75 -24.90
CA VAL F 75 -19.56 -38.04 -25.48
C VAL F 75 -20.09 -37.26 -26.66
N ASP F 76 -20.07 -35.94 -26.55
CA ASP F 76 -20.52 -35.10 -27.65
C ASP F 76 -19.33 -34.70 -28.52
N ASP F 77 -19.57 -34.60 -29.82
CA ASP F 77 -18.52 -34.34 -30.80
C ASP F 77 -18.65 -32.99 -31.46
N THR F 78 -19.68 -32.22 -31.12
CA THR F 78 -19.83 -30.86 -31.64
C THR F 78 -19.44 -29.81 -30.61
N LYS F 79 -19.10 -30.22 -29.38
CA LYS F 79 -18.63 -29.28 -28.38
C LYS F 79 -17.16 -28.94 -28.60
N THR F 80 -16.77 -27.75 -28.15
CA THR F 80 -15.40 -27.28 -28.32
C THR F 80 -14.45 -28.07 -27.42
N ASN F 81 -13.37 -28.56 -28.01
CA ASN F 81 -12.43 -29.46 -27.35
C ASN F 81 -11.02 -29.01 -27.72
N ASN F 82 -10.41 -28.17 -26.88
CA ASN F 82 -9.10 -27.61 -27.16
C ASN F 82 -8.00 -28.60 -26.77
N ARG F 83 -7.14 -28.95 -27.73
CA ARG F 83 -6.03 -29.89 -27.52
C ARG F 83 -4.79 -29.30 -28.17
N THR F 84 -4.00 -28.56 -27.39
CA THR F 84 -2.82 -27.87 -27.90
C THR F 84 -1.57 -28.66 -27.55
N SER F 85 -0.83 -29.08 -28.58
CA SER F 85 0.44 -29.77 -28.42
C SER F 85 1.58 -28.77 -28.52
N HIS F 86 2.55 -28.87 -27.61
CA HIS F 86 3.72 -28.01 -27.62
C HIS F 86 4.92 -28.79 -28.14
N ALA F 87 5.84 -28.05 -28.78
CA ALA F 87 6.91 -28.63 -29.59
C ALA F 87 8.27 -28.59 -28.89
N TRP F 88 8.32 -28.90 -27.59
CA TRP F 88 9.58 -28.86 -26.84
C TRP F 88 10.57 -29.92 -27.30
N HIS F 89 10.08 -31.12 -27.60
CA HIS F 89 10.93 -32.26 -27.92
C HIS F 89 11.67 -32.05 -29.24
N LYS F 90 10.99 -31.48 -30.25
CA LYS F 90 11.61 -31.20 -31.54
C LYS F 90 12.73 -30.17 -31.40
N LEU F 91 12.50 -29.14 -30.58
CA LEU F 91 13.51 -28.12 -30.33
C LEU F 91 14.74 -28.71 -29.64
N PHE F 92 14.53 -29.58 -28.65
CA PHE F 92 15.65 -30.19 -27.94
C PHE F 92 16.46 -31.11 -28.84
N VAL F 93 15.77 -31.91 -29.67
CA VAL F 93 16.45 -32.85 -30.56
C VAL F 93 17.23 -32.11 -31.65
N ASP F 94 16.64 -31.04 -32.20
CA ASP F 94 17.34 -30.26 -33.23
C ASP F 94 18.57 -29.55 -32.66
N GLN F 95 18.46 -29.02 -31.44
CA GLN F 95 19.59 -28.37 -30.78
C GLN F 95 20.72 -29.34 -30.55
N LYS F 96 20.40 -30.55 -30.06
CA LYS F 96 21.42 -31.56 -29.80
C LYS F 96 22.08 -32.05 -31.10
N THR F 97 21.29 -32.24 -32.16
CA THR F 97 21.83 -32.78 -33.41
C THR F 97 22.74 -31.77 -34.10
N GLN F 98 22.36 -30.50 -34.14
CA GLN F 98 23.24 -29.50 -34.76
C GLN F 98 24.45 -29.21 -33.89
N TYR F 99 24.36 -29.37 -32.57
CA TYR F 99 25.53 -29.25 -31.73
C TYR F 99 26.52 -30.39 -31.97
N LEU F 100 26.02 -31.59 -32.25
CA LEU F 100 26.93 -32.73 -32.39
C LEU F 100 27.51 -32.83 -33.80
N VAL F 101 26.67 -32.89 -34.84
CA VAL F 101 27.16 -33.15 -36.18
C VAL F 101 26.69 -32.11 -37.18
N GLY F 102 26.47 -30.88 -36.71
CA GLY F 102 26.18 -29.80 -37.63
C GLY F 102 27.35 -29.48 -38.54
N GLU F 103 28.56 -29.51 -37.99
CA GLU F 103 29.78 -29.53 -38.78
C GLU F 103 30.13 -30.96 -39.16
N PRO F 104 30.66 -31.19 -40.35
CA PRO F 104 31.04 -32.55 -40.75
C PRO F 104 32.22 -33.08 -39.96
N VAL F 105 32.27 -34.39 -39.85
CA VAL F 105 33.36 -35.09 -39.17
C VAL F 105 34.55 -35.15 -40.11
N THR F 106 35.75 -34.86 -39.60
CA THR F 106 36.93 -34.88 -40.44
C THR F 106 37.88 -35.99 -40.04
N PHE F 107 38.69 -36.43 -40.99
CA PHE F 107 39.49 -37.64 -40.88
C PHE F 107 40.96 -37.35 -41.15
N THR F 108 41.83 -38.05 -40.44
CA THR F 108 43.27 -37.94 -40.62
C THR F 108 43.92 -39.32 -40.54
N SER F 109 45.02 -39.47 -41.26
CA SER F 109 45.76 -40.72 -41.29
C SER F 109 47.18 -40.45 -41.75
N ASP F 110 48.05 -41.44 -41.56
CA ASP F 110 49.37 -41.45 -42.17
C ASP F 110 49.40 -42.27 -43.45
N ASN F 111 48.67 -43.38 -43.49
CA ASN F 111 48.46 -44.14 -44.71
C ASN F 111 47.61 -43.32 -45.66
N LYS F 112 48.21 -42.81 -46.73
CA LYS F 112 47.53 -41.84 -47.58
C LYS F 112 46.60 -42.46 -48.60
N THR F 113 46.81 -43.74 -48.96
CA THR F 113 45.88 -44.42 -49.83
C THR F 113 44.55 -44.67 -49.13
N LEU F 114 44.61 -45.12 -47.88
CA LEU F 114 43.41 -45.27 -47.05
C LEU F 114 42.71 -43.93 -46.84
N LEU F 115 43.49 -42.84 -46.69
CA LEU F 115 42.91 -41.53 -46.51
C LEU F 115 42.18 -41.06 -47.76
N GLU F 116 42.73 -41.35 -48.94
CA GLU F 116 42.05 -41.00 -50.19
C GLU F 116 40.75 -41.77 -50.36
N TYR F 117 40.76 -43.07 -50.01
CA TYR F 117 39.54 -43.88 -50.09
C TYR F 117 38.47 -43.38 -49.13
N VAL F 118 38.84 -43.12 -47.88
CA VAL F 118 37.90 -42.68 -46.85
C VAL F 118 37.35 -41.30 -47.18
N ASN F 119 38.19 -40.40 -47.72
CA ASN F 119 37.71 -39.06 -48.04
C ASN F 119 36.81 -39.05 -49.27
N GLU F 120 37.03 -39.93 -50.24
CA GLU F 120 36.06 -39.98 -51.33
C GLU F 120 34.78 -40.73 -50.92
N LEU F 121 34.82 -41.54 -49.87
CA LEU F 121 33.59 -42.15 -49.37
C LEU F 121 32.71 -41.15 -48.61
N ALA F 122 33.30 -40.30 -47.78
CA ALA F 122 32.56 -39.43 -46.88
C ALA F 122 32.29 -38.08 -47.54
N ASP F 123 31.10 -37.95 -48.13
CA ASP F 123 30.71 -36.75 -48.86
C ASP F 123 29.43 -36.17 -48.27
N ASP F 124 28.75 -35.28 -49.02
CA ASP F 124 27.55 -34.61 -48.54
C ASP F 124 26.40 -35.57 -48.24
N ASP F 125 26.31 -36.66 -49.01
CA ASP F 125 25.32 -37.70 -48.73
C ASP F 125 25.60 -38.36 -47.38
N PHE F 126 26.87 -38.61 -47.08
CA PHE F 126 27.27 -39.17 -45.79
C PHE F 126 26.92 -38.23 -44.64
N ASP F 127 27.09 -36.91 -44.87
CA ASP F 127 26.76 -35.92 -43.85
C ASP F 127 25.26 -35.87 -43.56
N ASP F 128 24.44 -35.94 -44.61
CA ASP F 128 22.99 -35.95 -44.43
C ASP F 128 22.51 -37.22 -43.73
N ILE F 129 23.09 -38.37 -44.08
CA ILE F 129 22.72 -39.63 -43.43
C ILE F 129 23.12 -39.62 -41.97
N LEU F 130 24.27 -39.02 -41.64
CA LEU F 130 24.70 -38.94 -40.25
C LEU F 130 23.79 -38.03 -39.41
N ASN F 131 23.37 -36.90 -39.99
CA ASN F 131 22.41 -36.03 -39.30
C ASN F 131 21.08 -36.72 -39.04
N GLU F 132 20.54 -37.41 -40.05
CA GLU F 132 19.28 -38.13 -39.86
C GLU F 132 19.41 -39.29 -38.88
N THR F 133 20.59 -39.92 -38.83
CA THR F 133 20.85 -41.00 -37.89
C THR F 133 20.86 -40.51 -36.45
N VAL F 134 21.50 -39.37 -36.20
CA VAL F 134 21.54 -38.82 -34.85
C VAL F 134 20.13 -38.38 -34.39
N LYS F 135 19.34 -37.82 -35.31
CA LYS F 135 17.95 -37.47 -34.97
C LYS F 135 17.10 -38.71 -34.66
N ASN F 136 17.21 -39.76 -35.47
CA ASN F 136 16.44 -40.98 -35.24
C ASN F 136 16.86 -41.68 -33.96
N MET F 137 18.16 -41.62 -33.64
CA MET F 137 18.67 -42.21 -32.41
C MET F 137 18.15 -41.47 -31.19
N SER F 138 18.02 -40.14 -31.28
CA SER F 138 17.42 -39.40 -30.18
C SER F 138 15.93 -39.66 -30.05
N ASN F 139 15.24 -39.92 -31.16
CA ASN F 139 13.79 -40.14 -31.09
C ASN F 139 13.43 -41.56 -30.64
N LYS F 140 14.22 -42.57 -30.98
CA LYS F 140 13.81 -43.94 -30.71
C LYS F 140 14.67 -44.67 -29.68
N GLY F 141 15.91 -44.28 -29.49
CA GLY F 141 16.83 -44.99 -28.64
C GLY F 141 17.87 -45.81 -29.38
N ILE F 142 17.67 -46.10 -30.66
CA ILE F 142 18.56 -46.97 -31.42
C ILE F 142 18.33 -46.68 -32.90
N GLU F 143 19.40 -46.77 -33.69
CA GLU F 143 19.30 -46.74 -35.14
C GLU F 143 20.27 -47.78 -35.72
N TYR F 144 19.98 -48.25 -36.94
CA TYR F 144 20.76 -49.32 -37.56
C TYR F 144 21.18 -48.94 -38.98
N TRP F 145 22.42 -49.26 -39.32
CA TRP F 145 22.91 -49.18 -40.69
C TRP F 145 23.12 -50.58 -41.27
N HIS F 146 23.03 -50.66 -42.58
CA HIS F 146 23.23 -51.90 -43.33
C HIS F 146 24.23 -51.64 -44.45
N PRO F 147 25.41 -52.25 -44.42
CA PRO F 147 26.35 -52.13 -45.53
C PRO F 147 26.23 -53.26 -46.54
N PHE F 148 26.47 -52.93 -47.80
CA PHE F 148 26.35 -53.91 -48.89
C PHE F 148 27.19 -53.44 -50.07
N VAL F 149 27.21 -54.26 -51.12
CA VAL F 149 27.91 -53.96 -52.37
C VAL F 149 26.87 -53.73 -53.45
N ASP F 150 27.06 -52.67 -54.23
CA ASP F 150 26.06 -52.09 -55.12
C ASP F 150 25.81 -52.99 -56.34
N GLU F 151 24.99 -52.48 -57.27
CA GLU F 151 24.76 -53.17 -58.53
C GLU F 151 26.00 -53.17 -59.40
N GLU F 152 26.74 -52.05 -59.41
CA GLU F 152 27.96 -51.90 -60.18
C GLU F 152 29.22 -52.17 -59.36
N GLY F 153 29.10 -52.91 -58.27
CA GLY F 153 30.27 -53.35 -57.53
C GLY F 153 30.92 -52.31 -56.63
N GLU F 154 30.19 -51.31 -56.19
CA GLU F 154 30.71 -50.31 -55.26
C GLU F 154 30.17 -50.56 -53.85
N PHE F 155 30.83 -49.96 -52.87
CA PHE F 155 30.42 -50.07 -51.47
C PHE F 155 29.29 -49.08 -51.20
N ASP F 156 28.24 -49.54 -50.52
CA ASP F 156 27.10 -48.70 -50.24
C ASP F 156 26.52 -49.06 -48.87
N TYR F 157 25.63 -48.20 -48.38
CA TYR F 157 25.05 -48.35 -47.04
C TYR F 157 23.66 -47.74 -47.03
N VAL F 158 22.82 -48.21 -46.12
CA VAL F 158 21.44 -47.73 -46.04
C VAL F 158 20.96 -47.84 -44.58
N ILE F 159 19.98 -47.02 -44.22
CA ILE F 159 19.43 -47.02 -42.87
C ILE F 159 18.30 -48.04 -42.79
N PHE F 160 18.38 -48.94 -41.80
CA PHE F 160 17.28 -49.84 -41.48
C PHE F 160 16.52 -49.25 -40.30
N PRO F 161 15.25 -48.86 -40.46
CA PRO F 161 14.51 -48.25 -39.35
C PRO F 161 14.23 -49.23 -38.22
N ALA F 162 14.45 -48.77 -36.98
CA ALA F 162 14.55 -49.67 -35.84
C ALA F 162 13.22 -50.24 -35.39
N GLU F 163 12.09 -49.62 -35.78
CA GLU F 163 10.79 -50.17 -35.44
C GLU F 163 10.40 -51.36 -36.30
N GLU F 164 11.23 -51.75 -37.28
CA GLU F 164 11.03 -52.95 -38.07
C GLU F 164 12.01 -54.07 -37.74
N MET F 165 12.91 -53.86 -36.78
CA MET F 165 14.01 -54.80 -36.55
C MET F 165 13.79 -55.63 -35.29
N ILE F 166 14.11 -56.90 -35.38
CA ILE F 166 14.16 -57.81 -34.24
C ILE F 166 15.54 -58.44 -34.24
N VAL F 167 16.29 -58.22 -33.17
CA VAL F 167 17.70 -58.61 -33.08
C VAL F 167 17.83 -59.62 -31.95
N VAL F 168 18.51 -60.74 -32.25
CA VAL F 168 18.68 -61.84 -31.30
C VAL F 168 20.17 -62.01 -31.03
N TYR F 169 20.54 -62.01 -29.75
CA TYR F 169 21.93 -62.11 -29.33
C TYR F 169 22.24 -63.53 -28.89
N LYS F 170 23.41 -64.03 -29.28
CA LYS F 170 23.74 -65.44 -29.08
C LYS F 170 24.00 -65.77 -27.62
N ASP F 171 23.72 -67.03 -27.26
CA ASP F 171 23.89 -67.49 -25.89
C ASP F 171 25.36 -67.50 -25.47
N ASN F 172 25.57 -67.31 -24.16
CA ASN F 172 26.85 -67.28 -23.43
C ASN F 172 27.68 -66.05 -23.78
N THR F 173 27.17 -65.15 -24.61
CA THR F 173 27.91 -63.94 -24.96
C THR F 173 27.14 -62.68 -24.57
N ARG F 174 25.90 -62.56 -25.05
CA ARG F 174 25.04 -61.37 -24.94
C ARG F 174 25.71 -60.10 -25.49
N ARG F 175 26.64 -60.26 -26.42
CA ARG F 175 27.37 -59.15 -27.04
C ARG F 175 27.35 -59.22 -28.55
N ASP F 176 27.15 -60.39 -29.14
CA ASP F 176 27.26 -60.60 -30.58
C ASP F 176 25.92 -61.07 -31.12
N ILE F 177 25.67 -60.74 -32.38
CA ILE F 177 24.37 -60.91 -33.01
C ILE F 177 24.34 -62.24 -33.73
N LEU F 178 23.29 -63.03 -33.48
CA LEU F 178 23.11 -64.29 -34.21
C LEU F 178 22.38 -64.06 -35.53
N PHE F 179 21.22 -63.41 -35.50
CA PHE F 179 20.50 -63.12 -36.74
C PHE F 179 19.66 -61.86 -36.54
N ALA F 180 19.19 -61.30 -37.66
CA ALA F 180 18.38 -60.09 -37.64
C ALA F 180 17.19 -60.24 -38.58
N LEU F 181 15.99 -59.97 -38.08
CA LEU F 181 14.77 -60.05 -38.87
C LEU F 181 14.22 -58.65 -39.12
N ARG F 182 13.80 -58.40 -40.35
CA ARG F 182 13.25 -57.11 -40.76
C ARG F 182 11.95 -57.33 -41.51
N TYR F 183 10.88 -56.66 -41.10
CA TYR F 183 9.57 -56.86 -41.72
C TYR F 183 8.93 -55.52 -42.03
N TYR F 184 8.26 -55.43 -43.17
CA TYR F 184 7.68 -54.16 -43.62
C TYR F 184 6.54 -54.44 -44.60
N SER F 185 5.90 -53.36 -45.03
CA SER F 185 4.75 -53.44 -45.93
C SER F 185 4.64 -52.16 -46.74
N TYR F 186 3.95 -52.26 -47.88
CA TYR F 186 3.65 -51.08 -48.69
C TYR F 186 2.40 -51.32 -49.51
N LYS F 187 1.80 -50.22 -49.96
CA LYS F 187 0.61 -50.25 -50.79
C LYS F 187 0.90 -49.91 -52.24
N GLY F 188 -0.09 -50.14 -53.08
CA GLY F 188 0.03 -49.88 -54.51
C GLY F 188 -1.08 -48.96 -54.96
N ILE F 189 -1.03 -48.58 -56.24
CA ILE F 189 -1.98 -47.67 -56.91
C ILE F 189 -3.44 -48.02 -56.63
N MET F 190 -3.78 -49.30 -56.75
CA MET F 190 -5.16 -49.75 -56.50
C MET F 190 -5.53 -49.64 -55.03
N GLY F 191 -4.56 -49.75 -54.14
CA GLY F 191 -4.85 -49.86 -52.72
C GLY F 191 -4.47 -51.24 -52.24
N GLU F 192 -3.54 -51.87 -52.95
CA GLU F 192 -3.08 -53.21 -52.67
C GLU F 192 -2.26 -53.25 -51.37
N GLU F 193 -1.78 -54.43 -51.03
CA GLU F 193 -1.06 -54.60 -49.77
C GLU F 193 0.02 -55.65 -49.96
N THR F 194 1.25 -55.30 -49.63
CA THR F 194 2.36 -56.22 -49.77
C THR F 194 3.14 -56.26 -48.47
N GLN F 195 3.28 -57.46 -47.90
CA GLN F 195 3.95 -57.68 -46.62
C GLN F 195 5.17 -58.57 -46.85
N LYS F 196 6.35 -58.04 -46.58
CA LYS F 196 7.61 -58.73 -46.85
C LYS F 196 8.45 -58.80 -45.57
N ALA F 197 9.35 -59.79 -45.55
CA ALA F 197 10.28 -59.98 -44.44
C ALA F 197 11.63 -60.45 -44.98
N GLU F 198 12.67 -60.24 -44.19
CA GLU F 198 14.05 -60.56 -44.55
C GLU F 198 14.81 -61.00 -43.32
N LEU F 199 15.52 -62.12 -43.42
CA LEU F 199 16.35 -62.61 -42.33
C LEU F 199 17.83 -62.56 -42.74
N TYR F 200 18.68 -62.13 -41.80
CA TYR F 200 20.11 -61.95 -42.03
C TYR F 200 20.89 -62.77 -41.02
N THR F 201 21.76 -63.64 -41.52
CA THR F 201 22.65 -64.50 -40.73
C THR F 201 24.08 -64.00 -40.97
N ASP F 202 25.07 -64.64 -40.35
CA ASP F 202 26.46 -64.28 -40.58
C ASP F 202 26.97 -64.66 -41.98
N THR F 203 26.19 -65.39 -42.78
CA THR F 203 26.62 -65.78 -44.11
C THR F 203 25.56 -65.54 -45.19
N HIS F 204 24.27 -65.58 -44.83
CA HIS F 204 23.20 -65.64 -45.81
C HIS F 204 22.09 -64.64 -45.48
N VAL F 205 21.28 -64.35 -46.49
CA VAL F 205 20.05 -63.58 -46.33
C VAL F 205 18.91 -64.34 -46.99
N TYR F 206 17.81 -64.50 -46.25
CA TYR F 206 16.57 -65.13 -46.69
C TYR F 206 15.50 -64.06 -46.92
N TYR F 207 14.62 -64.32 -47.88
CA TYR F 207 13.54 -63.41 -48.24
C TYR F 207 12.19 -64.10 -48.07
N TYR F 208 11.17 -63.34 -47.68
CA TYR F 208 9.86 -63.90 -47.39
C TYR F 208 8.77 -62.93 -47.80
N GLU F 209 7.62 -63.49 -48.16
CA GLU F 209 6.43 -62.72 -48.53
C GLU F 209 5.21 -63.39 -47.93
N LYS F 210 4.28 -62.58 -47.42
CA LYS F 210 3.03 -63.07 -46.85
C LYS F 210 1.90 -62.97 -47.87
N ILE F 211 1.26 -64.10 -48.18
CA ILE F 211 0.12 -64.06 -49.11
C ILE F 211 -1.17 -63.81 -48.32
N ASP F 212 -1.54 -64.74 -47.45
CA ASP F 212 -2.80 -64.61 -46.72
C ASP F 212 -2.59 -64.48 -45.22
N GLY F 213 -2.03 -65.49 -44.57
CA GLY F 213 -1.77 -65.44 -43.15
C GLY F 213 -0.51 -66.20 -42.83
N VAL F 214 0.20 -66.61 -43.87
CA VAL F 214 1.41 -67.40 -43.73
C VAL F 214 2.49 -66.78 -44.59
N TYR F 215 3.72 -66.82 -44.10
CA TYR F 215 4.89 -66.33 -44.80
C TYR F 215 5.47 -67.47 -45.62
N GLN F 216 5.82 -67.21 -46.87
CA GLN F 216 6.52 -68.19 -47.69
C GLN F 216 7.69 -67.49 -48.37
N MET F 217 8.58 -68.32 -48.92
CA MET F 217 9.74 -67.84 -49.66
C MET F 217 9.34 -66.94 -50.83
N ASP F 218 9.92 -65.74 -50.87
CA ASP F 218 9.63 -64.80 -51.93
C ASP F 218 10.22 -65.30 -53.24
N TYR F 219 9.45 -65.17 -54.32
CA TYR F 219 9.78 -65.83 -55.59
C TYR F 219 10.07 -64.87 -56.73
N SER F 220 10.34 -63.60 -56.44
CA SER F 220 10.93 -62.75 -57.46
C SER F 220 12.38 -63.13 -57.71
N TYR F 221 13.04 -63.73 -56.72
CA TYR F 221 14.46 -64.03 -56.82
C TYR F 221 14.74 -65.31 -57.61
N GLY F 222 13.80 -66.26 -57.61
CA GLY F 222 13.93 -67.42 -58.48
C GLY F 222 15.01 -68.43 -58.12
N GLU F 223 14.78 -69.19 -57.04
CA GLU F 223 15.69 -70.21 -56.50
C GLU F 223 17.03 -69.59 -56.09
N ASN F 224 16.99 -68.32 -55.67
CA ASN F 224 18.10 -67.66 -55.01
C ASN F 224 17.63 -67.06 -53.70
N ASN F 225 16.73 -67.73 -53.01
CA ASN F 225 16.20 -67.20 -51.76
C ASN F 225 17.22 -67.22 -50.60
N PRO F 226 18.01 -68.31 -50.34
CA PRO F 226 19.06 -68.18 -49.30
C PRO F 226 20.35 -67.60 -49.89
N ARG F 227 20.24 -66.36 -50.38
CA ARG F 227 21.29 -65.75 -51.17
C ARG F 227 22.48 -65.37 -50.27
N PRO F 228 23.71 -65.47 -50.76
CA PRO F 228 24.85 -65.00 -49.97
C PRO F 228 24.85 -63.49 -49.80
N HIS F 229 25.72 -63.02 -48.90
CA HIS F 229 25.82 -61.60 -48.63
C HIS F 229 26.36 -60.85 -49.84
N MET F 230 25.98 -59.58 -49.94
CA MET F 230 26.41 -58.72 -51.04
C MET F 230 27.88 -58.33 -50.81
N THR F 231 28.79 -59.24 -51.15
CA THR F 231 30.22 -59.00 -50.97
C THR F 231 30.99 -58.96 -52.28
N LYS F 232 30.97 -60.04 -53.07
CA LYS F 232 31.93 -60.16 -54.17
C LYS F 232 31.38 -59.66 -55.50
N GLY F 233 30.19 -60.11 -55.87
CA GLY F 233 29.68 -59.99 -57.22
C GLY F 233 29.41 -61.39 -57.73
N GLY F 234 30.36 -62.28 -57.46
CA GLY F 234 30.07 -63.67 -57.22
C GLY F 234 29.76 -63.88 -55.75
N GLN F 235 29.75 -65.13 -55.35
CA GLN F 235 29.61 -65.43 -53.92
C GLN F 235 30.97 -65.54 -53.24
N ALA F 236 31.02 -65.06 -52.01
CA ALA F 236 31.92 -65.55 -50.99
C ALA F 236 31.04 -66.21 -49.94
N ILE F 237 31.64 -66.68 -48.85
CA ILE F 237 30.81 -67.20 -47.78
C ILE F 237 30.09 -66.07 -47.05
N GLY F 238 30.72 -64.92 -46.93
CA GLY F 238 30.08 -63.76 -46.33
C GLY F 238 31.08 -62.91 -45.60
N TRP F 239 30.55 -61.92 -44.87
CA TRP F 239 31.39 -61.01 -44.10
C TRP F 239 32.05 -61.69 -42.92
N GLY F 240 31.51 -62.81 -42.45
CA GLY F 240 31.93 -63.36 -41.17
C GLY F 240 31.26 -62.69 -40.00
N ARG F 241 30.24 -61.87 -40.26
CA ARG F 241 29.58 -61.04 -39.28
C ARG F 241 28.24 -60.64 -39.87
N VAL F 242 27.23 -60.51 -39.02
CA VAL F 242 25.90 -60.09 -39.45
C VAL F 242 25.96 -58.64 -39.91
N PRO F 243 25.57 -58.34 -41.16
CA PRO F 243 25.73 -56.98 -41.68
C PRO F 243 24.73 -55.98 -41.13
N ILE F 244 24.90 -55.61 -39.86
CA ILE F 244 24.04 -54.61 -39.21
C ILE F 244 24.90 -53.84 -38.22
N ILE F 245 24.75 -52.53 -38.20
CA ILE F 245 25.60 -51.64 -37.40
C ILE F 245 24.71 -50.83 -36.46
N PRO F 246 24.82 -50.99 -35.15
CA PRO F 246 23.96 -50.23 -34.22
C PRO F 246 24.55 -48.92 -33.72
N PHE F 247 23.69 -47.92 -33.65
CA PHE F 247 23.97 -46.63 -33.04
C PHE F 247 23.00 -46.48 -31.87
N LYS F 248 23.51 -46.61 -30.64
CA LYS F 248 22.68 -46.54 -29.45
C LYS F 248 22.64 -45.11 -28.90
N ASN F 249 21.48 -44.73 -28.38
CA ASN F 249 21.37 -43.42 -27.73
C ASN F 249 22.10 -43.43 -26.39
N ASN F 250 22.04 -44.54 -25.68
CA ASN F 250 22.71 -44.74 -24.40
C ASN F 250 22.80 -46.24 -24.17
N GLU F 251 23.26 -46.64 -22.98
CA GLU F 251 23.44 -48.06 -22.71
C GLU F 251 22.11 -48.79 -22.54
N GLU F 252 21.08 -48.10 -22.06
CA GLU F 252 19.76 -48.68 -21.91
C GLU F 252 18.94 -48.63 -23.19
N MET F 253 19.42 -47.90 -24.19
CA MET F 253 18.78 -47.75 -25.52
C MET F 253 17.36 -47.17 -25.43
N VAL F 254 17.18 -46.22 -24.52
CA VAL F 254 15.91 -45.53 -24.37
C VAL F 254 16.00 -44.17 -25.05
N SER F 255 14.86 -43.64 -25.47
CA SER F 255 14.79 -42.33 -26.08
C SER F 255 15.00 -41.23 -25.03
N ASP F 256 15.25 -40.02 -25.52
CA ASP F 256 15.41 -38.87 -24.63
C ASP F 256 14.09 -38.47 -23.97
N LEU F 257 12.97 -38.68 -24.68
CA LEU F 257 11.64 -38.28 -24.22
C LEU F 257 11.23 -38.99 -22.94
N LYS F 258 11.86 -40.13 -22.63
CA LYS F 258 11.59 -40.86 -21.40
C LYS F 258 11.89 -40.03 -20.15
N PHE F 259 12.82 -39.07 -20.25
CA PHE F 259 13.19 -38.36 -19.02
C PHE F 259 12.39 -37.08 -18.79
N TYR F 260 11.55 -36.63 -19.74
CA TYR F 260 10.76 -35.42 -19.50
C TYR F 260 9.36 -35.46 -20.10
N LYS F 261 8.75 -36.63 -20.28
CA LYS F 261 7.46 -36.72 -20.96
C LYS F 261 6.32 -36.19 -20.07
N ASP F 262 6.40 -36.45 -18.77
CA ASP F 262 5.34 -36.05 -17.84
C ASP F 262 5.23 -34.54 -17.72
N LEU F 263 6.36 -33.82 -17.82
CA LEU F 263 6.34 -32.36 -17.74
C LEU F 263 5.66 -31.74 -18.97
N ILE F 264 5.91 -32.32 -20.14
CA ILE F 264 5.25 -31.90 -21.38
C ILE F 264 3.75 -32.15 -21.29
N ASP F 265 3.36 -33.30 -20.71
CA ASP F 265 1.94 -33.62 -20.56
C ASP F 265 1.25 -32.67 -19.59
N ASN F 266 1.92 -32.31 -18.48
CA ASN F 266 1.36 -31.36 -17.52
C ASN F 266 1.18 -29.97 -18.12
N TYR F 267 2.18 -29.53 -18.90
CA TYR F 267 2.12 -28.26 -19.62
C TYR F 267 0.93 -28.20 -20.58
N ASP F 268 0.77 -29.27 -21.38
CA ASP F 268 -0.32 -29.34 -22.36
C ASP F 268 -1.69 -29.34 -21.69
N SER F 269 -1.85 -30.10 -20.61
CA SER F 269 -3.14 -30.22 -19.96
C SER F 269 -3.57 -28.91 -19.29
N ILE F 270 -2.62 -28.22 -18.64
CA ILE F 270 -2.94 -26.95 -17.97
C ILE F 270 -3.33 -25.88 -19.00
N THR F 271 -2.55 -25.75 -20.08
CA THR F 271 -2.87 -24.72 -21.07
C THR F 271 -4.17 -25.02 -21.83
N SER F 272 -4.47 -26.30 -22.07
CA SER F 272 -5.72 -26.65 -22.75
C SER F 272 -6.94 -26.38 -21.86
N SER F 273 -6.81 -26.62 -20.55
CA SER F 273 -7.90 -26.30 -19.63
C SER F 273 -8.17 -24.80 -19.58
N THR F 274 -7.11 -23.98 -19.59
CA THR F 274 -7.30 -22.53 -19.63
C THR F 274 -7.98 -22.07 -20.92
N MET F 275 -7.62 -22.68 -22.05
CA MET F 275 -8.28 -22.31 -23.31
C MET F 275 -9.74 -22.74 -23.36
N ASP F 276 -10.09 -23.86 -22.72
CA ASP F 276 -11.50 -24.26 -22.66
C ASP F 276 -12.32 -23.28 -21.80
N SER F 277 -11.74 -22.81 -20.70
CA SER F 277 -12.42 -21.78 -19.90
C SER F 277 -12.58 -20.47 -20.66
N PHE F 278 -11.60 -20.11 -21.50
CA PHE F 278 -11.77 -18.92 -22.36
C PHE F 278 -12.85 -19.13 -23.42
N SER F 279 -13.02 -20.37 -23.89
CA SER F 279 -14.05 -20.62 -24.89
C SER F 279 -15.46 -20.62 -24.30
N ASP F 280 -15.62 -20.99 -23.03
CA ASP F 280 -16.96 -21.17 -22.49
C ASP F 280 -17.54 -19.96 -21.77
N PHE F 281 -16.72 -19.05 -21.25
CA PHE F 281 -17.17 -18.07 -20.24
C PHE F 281 -17.11 -16.66 -20.79
N GLN F 282 -18.26 -15.98 -20.85
CA GLN F 282 -18.32 -14.55 -21.14
C GLN F 282 -18.13 -13.77 -19.85
N GLN F 283 -17.29 -12.73 -19.90
CA GLN F 283 -16.75 -12.14 -18.68
C GLN F 283 -17.53 -10.94 -18.16
N ILE F 284 -18.40 -10.33 -18.96
CA ILE F 284 -19.27 -9.26 -18.45
C ILE F 284 -20.62 -9.37 -19.17
N VAL F 285 -21.70 -9.08 -18.43
CA VAL F 285 -23.05 -9.27 -18.96
C VAL F 285 -24.01 -8.35 -18.21
N TYR F 286 -25.05 -7.89 -18.91
CA TYR F 286 -26.16 -7.18 -18.29
C TYR F 286 -27.18 -8.15 -17.71
N VAL F 287 -27.80 -7.76 -16.60
CA VAL F 287 -28.85 -8.55 -15.94
C VAL F 287 -30.09 -7.67 -15.83
N LEU F 288 -31.19 -8.11 -16.44
CA LEU F 288 -32.48 -7.44 -16.34
C LEU F 288 -33.37 -8.17 -15.33
N LYS F 289 -33.99 -7.40 -14.44
CA LYS F 289 -34.84 -7.94 -13.38
C LYS F 289 -36.27 -7.48 -13.59
N ASN F 290 -37.17 -8.46 -13.76
CA ASN F 290 -38.63 -8.29 -13.91
C ASN F 290 -39.00 -7.52 -15.18
N TYR F 291 -38.33 -7.83 -16.29
CA TYR F 291 -38.72 -7.36 -17.63
C TYR F 291 -38.65 -8.57 -18.57
N ASP F 292 -39.70 -9.35 -18.62
CA ASP F 292 -39.67 -10.60 -19.38
C ASP F 292 -40.13 -10.43 -20.83
N GLY F 293 -40.74 -9.30 -21.18
CA GLY F 293 -41.13 -9.04 -22.54
C GLY F 293 -40.14 -8.25 -23.37
N GLU F 294 -38.98 -7.91 -22.83
CA GLU F 294 -38.04 -7.01 -23.49
C GLU F 294 -37.21 -7.74 -24.55
N ASN F 295 -37.10 -7.13 -25.73
CA ASN F 295 -36.22 -7.60 -26.79
C ASN F 295 -34.77 -7.21 -26.46
N PRO F 296 -33.83 -8.17 -26.37
CA PRO F 296 -32.46 -7.82 -25.95
C PRO F 296 -31.66 -7.00 -26.96
N LYS F 297 -31.85 -7.29 -28.25
CA LYS F 297 -31.16 -6.57 -29.33
C LYS F 297 -31.51 -5.09 -29.33
N GLU F 298 -32.81 -4.79 -29.29
CA GLU F 298 -33.27 -3.42 -29.25
C GLU F 298 -32.87 -2.74 -27.94
N PHE F 299 -32.81 -3.50 -26.86
CA PHE F 299 -32.38 -2.97 -25.56
C PHE F 299 -30.93 -2.49 -25.59
N THR F 300 -30.02 -3.31 -26.12
CA THR F 300 -28.61 -2.90 -26.18
C THR F 300 -28.39 -1.78 -27.19
N ALA F 301 -29.11 -1.80 -28.32
CA ALA F 301 -28.98 -0.71 -29.29
C ALA F 301 -29.48 0.62 -28.72
N ASN F 302 -30.63 0.61 -28.03
CA ASN F 302 -31.16 1.82 -27.42
C ASN F 302 -30.27 2.32 -26.29
N LEU F 303 -29.67 1.39 -25.55
CA LEU F 303 -28.76 1.73 -24.47
C LEU F 303 -27.51 2.43 -25.01
N ARG F 304 -26.96 1.93 -26.11
CA ARG F 304 -25.79 2.58 -26.71
C ARG F 304 -26.16 3.93 -27.32
N TYR F 305 -27.37 4.05 -27.88
CA TYR F 305 -27.76 5.31 -28.49
C TYR F 305 -28.02 6.40 -27.46
N HIS F 306 -28.86 6.11 -26.46
CA HIS F 306 -29.34 7.15 -25.55
C HIS F 306 -28.40 7.39 -24.36
N SER F 307 -27.70 6.34 -23.91
CA SER F 307 -26.93 6.28 -22.66
C SER F 307 -27.80 6.47 -21.42
N VAL F 308 -29.09 6.18 -21.51
CA VAL F 308 -30.06 6.31 -20.43
C VAL F 308 -30.89 5.04 -20.37
N ILE F 309 -31.11 4.51 -19.17
CA ILE F 309 -32.00 3.37 -18.94
C ILE F 309 -33.09 3.81 -17.98
N LYS F 310 -34.34 3.47 -18.30
CA LYS F 310 -35.49 3.77 -17.46
C LYS F 310 -36.05 2.50 -16.82
N VAL F 311 -36.13 2.49 -15.49
CA VAL F 311 -36.72 1.40 -14.73
C VAL F 311 -37.76 1.98 -13.78
N SER F 312 -38.75 1.17 -13.40
CA SER F 312 -39.75 1.58 -12.41
C SER F 312 -40.27 0.37 -11.66
N GLY F 313 -40.72 0.61 -10.43
CA GLY F 313 -41.42 -0.43 -9.68
C GLY F 313 -40.46 -1.44 -9.09
N ASP F 314 -40.69 -2.71 -9.38
CA ASP F 314 -39.78 -3.78 -8.98
C ASP F 314 -38.75 -4.13 -10.04
N GLY F 315 -38.76 -3.44 -11.19
CA GLY F 315 -37.81 -3.73 -12.22
C GLY F 315 -36.44 -3.14 -11.93
N GLY F 316 -35.41 -3.81 -12.44
CA GLY F 316 -34.06 -3.33 -12.18
C GLY F 316 -33.09 -3.79 -13.25
N VAL F 317 -31.88 -3.25 -13.16
CA VAL F 317 -30.80 -3.61 -14.08
C VAL F 317 -29.50 -3.63 -13.30
N ASP F 318 -28.65 -4.62 -13.59
CA ASP F 318 -27.38 -4.79 -12.90
C ASP F 318 -26.37 -5.34 -13.90
N THR F 319 -25.14 -5.53 -13.44
CA THR F 319 -24.14 -6.24 -14.23
C THR F 319 -23.61 -7.43 -13.46
N LEU F 320 -23.14 -8.42 -14.22
CA LEU F 320 -22.40 -9.56 -13.68
C LEU F 320 -21.04 -9.58 -14.36
N ARG F 321 -19.98 -9.46 -13.56
CA ARG F 321 -18.62 -9.21 -14.06
C ARG F 321 -17.66 -10.10 -13.27
N ALA F 322 -17.35 -11.26 -13.81
CA ALA F 322 -16.43 -12.21 -13.19
C ALA F 322 -15.27 -12.51 -14.14
N GLU F 323 -14.05 -12.19 -13.71
CA GLU F 323 -12.86 -12.37 -14.53
C GLU F 323 -12.33 -13.81 -14.44
N ILE F 324 -11.81 -14.30 -15.56
CA ILE F 324 -11.26 -15.66 -15.63
C ILE F 324 -9.94 -15.73 -14.85
N PRO F 325 -9.78 -16.65 -13.90
CA PRO F 325 -8.55 -16.69 -13.10
C PRO F 325 -7.42 -17.42 -13.83
N VAL F 326 -6.25 -16.79 -13.88
CA VAL F 326 -5.12 -17.30 -14.65
C VAL F 326 -3.81 -17.31 -13.87
N ASP F 327 -3.81 -16.89 -12.60
CA ASP F 327 -2.55 -16.65 -11.89
C ASP F 327 -1.90 -17.93 -11.39
N SER F 328 -2.70 -18.88 -10.90
CA SER F 328 -2.19 -20.16 -10.41
C SER F 328 -1.56 -20.97 -11.53
N ALA F 329 -2.18 -20.95 -12.71
CA ALA F 329 -1.65 -21.68 -13.86
C ALA F 329 -0.34 -21.07 -14.34
N ALA F 330 -0.23 -19.74 -14.30
CA ALA F 330 1.02 -19.08 -14.70
C ALA F 330 2.16 -19.41 -13.74
N LYS F 331 1.87 -19.40 -12.44
CA LYS F 331 2.86 -19.78 -11.44
C LYS F 331 3.30 -21.24 -11.59
N GLU F 332 2.39 -22.12 -12.01
CA GLU F 332 2.78 -23.52 -12.21
C GLU F 332 3.61 -23.70 -13.48
N LEU F 333 3.22 -23.02 -14.57
CA LEU F 333 3.89 -23.20 -15.86
C LEU F 333 5.30 -22.63 -15.85
N GLU F 334 5.54 -21.58 -15.05
CA GLU F 334 6.90 -21.03 -14.92
C GLU F 334 7.87 -22.06 -14.33
N ARG F 335 7.46 -22.71 -13.23
CA ARG F 335 8.28 -23.75 -12.61
C ARG F 335 8.42 -24.97 -13.50
N ILE F 336 7.37 -25.32 -14.26
CA ILE F 336 7.45 -26.48 -15.14
C ILE F 336 8.43 -26.21 -16.29
N GLN F 337 8.46 -24.99 -16.82
CA GLN F 337 9.43 -24.65 -17.87
C GLN F 337 10.86 -24.66 -17.35
N ASP F 338 11.06 -24.14 -16.12
CA ASP F 338 12.39 -24.18 -15.52
C ASP F 338 12.87 -25.61 -15.27
N GLU F 339 11.96 -26.51 -14.87
CA GLU F 339 12.34 -27.90 -14.68
C GLU F 339 12.55 -28.62 -16.00
N LEU F 340 11.81 -28.21 -17.04
CA LEU F 340 11.89 -28.86 -18.34
C LEU F 340 13.22 -28.58 -19.02
N TYR F 341 13.76 -27.38 -18.84
CA TYR F 341 15.09 -27.10 -19.37
C TYR F 341 16.19 -27.89 -18.67
N LYS F 342 16.01 -28.19 -17.37
CA LYS F 342 17.02 -28.95 -16.63
C LYS F 342 16.93 -30.45 -16.92
N SER F 343 15.72 -30.98 -17.11
CA SER F 343 15.57 -32.42 -17.30
C SER F 343 16.02 -32.87 -18.68
N ALA F 344 15.95 -31.98 -19.67
CA ALA F 344 16.35 -32.32 -21.02
C ALA F 344 17.83 -32.07 -21.30
N GLN F 345 18.52 -31.37 -20.40
CA GLN F 345 19.90 -30.88 -20.57
C GLN F 345 20.03 -30.06 -21.86
N ALA F 346 19.22 -29.00 -21.93
CA ALA F 346 19.15 -28.11 -23.07
C ALA F 346 19.64 -26.71 -22.68
N VAL F 347 19.68 -25.82 -23.67
CA VAL F 347 20.16 -24.45 -23.50
C VAL F 347 19.00 -23.50 -23.77
N ASP F 348 18.81 -22.54 -22.86
CA ASP F 348 17.83 -21.47 -23.04
C ASP F 348 18.58 -20.23 -23.51
N ASN F 349 18.31 -19.80 -24.74
CA ASN F 349 19.01 -18.66 -25.34
C ASN F 349 18.25 -17.35 -25.08
N SER F 350 17.93 -17.13 -23.80
CA SER F 350 17.16 -15.96 -23.42
C SER F 350 18.05 -14.72 -23.41
N PRO F 351 17.51 -13.54 -23.73
CA PRO F 351 18.33 -12.32 -23.79
C PRO F 351 18.95 -11.89 -22.47
N GLU F 352 18.37 -12.27 -21.32
CA GLU F 352 18.83 -11.77 -20.02
C GLU F 352 20.22 -12.31 -19.68
N THR F 353 20.43 -13.61 -19.86
CA THR F 353 21.70 -14.22 -19.49
C THR F 353 22.84 -13.73 -20.38
N ILE F 354 22.54 -13.35 -21.63
CA ILE F 354 23.57 -12.74 -22.48
C ILE F 354 23.79 -11.30 -22.07
N GLY F 355 22.71 -10.64 -21.64
CA GLY F 355 22.81 -9.24 -21.27
C GLY F 355 23.68 -9.03 -20.05
N GLY F 356 23.65 -9.97 -19.10
CA GLY F 356 24.67 -9.99 -18.08
C GLY F 356 26.01 -10.46 -18.57
N GLY F 357 26.05 -11.55 -19.34
CA GLY F 357 27.28 -12.28 -19.60
C GLY F 357 27.70 -12.24 -21.06
N ALA F 358 28.92 -11.78 -21.28
CA ALA F 358 29.54 -11.80 -22.60
C ALA F 358 30.89 -12.50 -22.61
N THR F 359 31.55 -12.66 -21.48
CA THR F 359 32.87 -13.27 -21.43
C THR F 359 32.81 -14.77 -21.67
N GLY F 360 34.01 -15.35 -21.82
CA GLY F 360 34.20 -16.78 -22.00
C GLY F 360 33.57 -17.70 -20.95
N PRO F 361 33.91 -17.52 -19.66
CA PRO F 361 33.32 -18.37 -18.61
C PRO F 361 31.81 -18.30 -18.53
N ALA F 362 31.18 -17.15 -18.76
CA ALA F 362 29.73 -17.07 -18.76
C ALA F 362 29.12 -17.82 -19.93
N LEU F 363 29.78 -17.79 -21.09
CA LEU F 363 29.30 -18.49 -22.26
C LEU F 363 29.39 -20.00 -22.09
N GLU F 364 30.47 -20.49 -21.50
CA GLU F 364 30.50 -21.93 -21.28
C GLU F 364 29.72 -22.36 -20.04
N ASN F 365 29.41 -21.44 -19.14
CA ASN F 365 28.45 -21.73 -18.08
C ASN F 365 27.05 -21.87 -18.63
N LEU F 366 26.73 -21.14 -19.69
CA LEU F 366 25.43 -21.27 -20.34
C LEU F 366 25.23 -22.63 -21.02
N TYR F 367 26.32 -23.25 -21.50
CA TYR F 367 26.23 -24.43 -22.36
C TYR F 367 26.61 -25.73 -21.66
N ALA F 368 26.59 -25.76 -20.33
CA ALA F 368 27.22 -26.85 -19.58
C ALA F 368 26.46 -28.17 -19.69
N LEU F 369 25.13 -28.13 -19.62
CA LEU F 369 24.34 -29.36 -19.65
C LEU F 369 24.29 -29.97 -21.04
N LEU F 370 24.25 -29.13 -22.08
CA LEU F 370 24.34 -29.65 -23.44
C LEU F 370 25.71 -30.26 -23.73
N ASP F 371 26.77 -29.70 -23.15
CA ASP F 371 28.10 -30.31 -23.23
C ASP F 371 28.12 -31.67 -22.54
N LEU F 372 27.44 -31.77 -21.40
CA LEU F 372 27.33 -33.02 -20.66
C LEU F 372 26.65 -34.11 -21.50
N LYS F 373 25.57 -33.73 -22.20
CA LYS F 373 24.85 -34.70 -23.04
C LYS F 373 25.65 -35.06 -24.30
N ALA F 374 26.28 -34.07 -24.93
CA ALA F 374 27.00 -34.30 -26.19
C ALA F 374 28.25 -35.13 -26.00
N ASN F 375 28.94 -34.97 -24.86
CA ASN F 375 30.13 -35.76 -24.57
C ASN F 375 29.80 -37.24 -24.43
N MET F 376 28.65 -37.55 -23.85
CA MET F 376 28.23 -38.94 -23.73
C MET F 376 27.74 -39.51 -25.06
N ALA F 377 27.11 -38.69 -25.90
CA ALA F 377 26.63 -39.20 -27.18
C ALA F 377 27.76 -39.43 -28.19
N GLU F 378 28.86 -38.67 -28.09
CA GLU F 378 29.96 -38.81 -29.04
C GLU F 378 30.63 -40.18 -28.95
N ARG F 379 30.69 -40.77 -27.75
CA ARG F 379 31.28 -42.10 -27.58
C ARG F 379 30.48 -43.17 -28.33
N LYS F 380 29.15 -43.08 -28.29
CA LYS F 380 28.32 -44.05 -28.99
C LYS F 380 28.38 -43.88 -30.50
N ILE F 381 28.47 -42.63 -30.96
CA ILE F 381 28.61 -42.39 -32.40
C ILE F 381 29.95 -42.91 -32.91
N ARG F 382 31.02 -42.73 -32.12
CA ARG F 382 32.33 -43.25 -32.48
C ARG F 382 32.35 -44.78 -32.50
N ALA F 383 31.63 -45.40 -31.56
CA ALA F 383 31.52 -46.86 -31.53
C ALA F 383 30.82 -47.41 -32.76
N GLY F 384 29.81 -46.69 -33.27
CA GLY F 384 29.20 -47.09 -34.53
C GLY F 384 30.11 -46.90 -35.73
N LEU F 385 30.82 -45.77 -35.78
CA LEU F 385 31.64 -45.45 -36.95
C LEU F 385 32.87 -46.37 -37.07
N ARG F 386 33.41 -46.84 -35.94
CA ARG F 386 34.54 -47.77 -35.99
C ARG F 386 34.16 -49.09 -36.65
N LEU F 387 32.96 -49.59 -36.38
CA LEU F 387 32.48 -50.81 -37.01
C LEU F 387 32.18 -50.59 -38.49
N PHE F 388 31.65 -49.41 -38.84
CA PHE F 388 31.42 -49.06 -40.24
C PHE F 388 32.73 -49.08 -41.05
N PHE F 389 33.80 -48.54 -40.47
CA PHE F 389 35.06 -48.54 -41.20
C PHE F 389 35.78 -49.89 -41.18
N TRP F 390 35.51 -50.74 -40.19
CA TRP F 390 35.96 -52.13 -40.27
C TRP F 390 35.33 -52.85 -41.47
N PHE F 391 34.01 -52.66 -41.67
CA PHE F 391 33.34 -53.24 -42.84
C PHE F 391 33.90 -52.69 -44.15
N PHE F 392 34.20 -51.38 -44.19
CA PHE F 392 34.77 -50.78 -45.39
C PHE F 392 36.15 -51.34 -45.71
N ALA F 393 36.96 -51.60 -44.67
CA ALA F 393 38.27 -52.19 -44.91
C ALA F 393 38.17 -53.64 -45.38
N GLU F 394 37.16 -54.38 -44.91
CA GLU F 394 36.94 -55.73 -45.44
C GLU F 394 36.59 -55.70 -46.92
N TYR F 395 35.79 -54.71 -47.34
CA TYR F 395 35.51 -54.56 -48.76
C TYR F 395 36.77 -54.19 -49.56
N LEU F 396 37.60 -53.29 -49.01
CA LEU F 396 38.82 -52.90 -49.71
C LEU F 396 39.84 -54.03 -49.77
N ARG F 397 39.76 -54.98 -48.86
CA ARG F 397 40.62 -56.16 -48.93
C ARG F 397 40.13 -57.16 -49.95
N ASN F 398 38.82 -57.44 -49.99
CA ASN F 398 38.31 -58.46 -50.89
C ASN F 398 38.24 -58.03 -52.35
N THR F 399 38.62 -56.80 -52.68
CA THR F 399 38.75 -56.37 -54.07
C THR F 399 40.20 -56.12 -54.46
N GLY F 400 41.14 -56.53 -53.62
CA GLY F 400 42.55 -56.42 -53.92
C GLY F 400 43.18 -55.06 -53.70
N LYS F 401 42.41 -54.05 -53.31
CA LYS F 401 42.90 -52.68 -53.31
C LYS F 401 43.76 -52.33 -52.11
N GLY F 402 44.06 -53.26 -51.22
CA GLY F 402 44.98 -53.01 -50.13
C GLY F 402 44.52 -53.66 -48.84
N ASP F 403 45.46 -53.82 -47.92
CA ASP F 403 45.20 -54.39 -46.60
C ASP F 403 45.43 -53.29 -45.56
N PHE F 404 44.35 -52.74 -45.04
CA PHE F 404 44.41 -51.64 -44.08
C PHE F 404 43.77 -52.05 -42.77
N ASN F 405 44.14 -51.34 -41.71
CA ASN F 405 43.54 -51.52 -40.39
C ASN F 405 43.09 -50.15 -39.88
N PRO F 406 41.83 -49.79 -40.07
CA PRO F 406 41.33 -48.49 -39.56
C PRO F 406 41.23 -48.40 -38.06
N ASP F 407 41.36 -49.53 -37.34
CA ASP F 407 41.35 -49.51 -35.88
C ASP F 407 42.53 -48.72 -35.32
N LYS F 408 43.68 -48.76 -36.00
CA LYS F 408 44.88 -48.10 -35.52
C LYS F 408 45.34 -46.94 -36.38
N GLU F 409 44.91 -46.87 -37.64
CA GLU F 409 45.47 -45.89 -38.58
C GLU F 409 44.58 -44.68 -38.83
N LEU F 410 43.28 -44.78 -38.61
CA LEU F 410 42.37 -43.67 -38.90
C LEU F 410 42.03 -42.91 -37.63
N THR F 411 41.93 -41.58 -37.75
CA THR F 411 41.56 -40.73 -36.64
C THR F 411 40.40 -39.82 -37.05
N MET F 412 39.31 -39.88 -36.31
CA MET F 412 38.14 -39.05 -36.54
C MET F 412 38.17 -37.86 -35.59
N THR F 413 37.64 -36.73 -36.03
CA THR F 413 37.51 -35.59 -35.12
C THR F 413 36.23 -34.82 -35.42
N PHE F 414 35.56 -34.41 -34.34
CA PHE F 414 34.25 -33.79 -34.37
C PHE F 414 34.41 -32.32 -33.97
N THR F 415 33.61 -31.46 -34.57
CA THR F 415 33.65 -30.03 -34.28
C THR F 415 32.33 -29.60 -33.66
N ARG F 416 32.38 -29.08 -32.43
CA ARG F 416 31.19 -28.52 -31.81
C ARG F 416 30.83 -27.20 -32.47
N THR F 417 29.54 -26.90 -32.46
CA THR F 417 29.01 -25.65 -32.98
C THR F 417 28.53 -24.84 -31.79
N ARG F 418 29.36 -23.90 -31.33
CA ARG F 418 29.04 -23.12 -30.15
C ARG F 418 29.44 -21.68 -30.35
N ILE F 419 29.10 -20.86 -29.37
CA ILE F 419 29.33 -19.42 -29.40
C ILE F 419 30.55 -19.10 -28.55
N GLN F 420 31.46 -18.29 -29.09
CA GLN F 420 32.64 -17.87 -28.36
C GLN F 420 32.87 -16.38 -28.61
N ASN F 421 33.74 -15.80 -27.78
CA ASN F 421 34.17 -14.41 -27.93
C ASN F 421 35.48 -14.42 -28.72
N ASP F 422 35.41 -14.08 -30.00
CA ASP F 422 36.56 -14.21 -30.89
C ASP F 422 37.66 -13.20 -30.60
N SER F 423 37.29 -11.97 -30.18
CA SER F 423 38.28 -10.93 -29.91
C SER F 423 39.14 -11.27 -28.71
N GLU F 424 38.52 -11.84 -27.67
CA GLU F 424 39.24 -12.30 -26.48
C GLU F 424 40.21 -13.42 -26.82
N ILE F 425 39.81 -14.31 -27.73
CA ILE F 425 40.66 -15.43 -28.13
C ILE F 425 41.85 -14.93 -28.95
N VAL F 426 41.62 -13.99 -29.87
CA VAL F 426 42.69 -13.46 -30.70
C VAL F 426 43.70 -12.68 -29.84
N GLN F 427 43.21 -11.89 -28.89
CA GLN F 427 44.08 -11.15 -27.99
C GLN F 427 44.92 -12.09 -27.11
N SER F 428 44.30 -13.15 -26.60
CA SER F 428 45.03 -14.10 -25.77
C SER F 428 46.05 -14.91 -26.57
N LEU F 429 45.75 -15.23 -27.83
CA LEU F 429 46.69 -15.97 -28.67
C LEU F 429 47.90 -15.12 -29.02
N VAL F 430 47.68 -13.85 -29.36
CA VAL F 430 48.78 -12.94 -29.68
C VAL F 430 49.66 -12.70 -28.45
N GLN F 431 49.03 -12.54 -27.28
CA GLN F 431 49.79 -12.39 -26.04
C GLN F 431 50.60 -13.62 -25.69
N GLY F 432 50.07 -14.83 -25.93
CA GLY F 432 50.82 -16.03 -25.66
C GLY F 432 51.95 -16.29 -26.64
N VAL F 433 51.78 -15.89 -27.90
CA VAL F 433 52.88 -16.03 -28.86
C VAL F 433 54.00 -15.03 -28.56
N THR F 434 53.63 -13.79 -28.22
CA THR F 434 54.64 -12.78 -27.89
C THR F 434 55.35 -13.11 -26.57
N GLY F 435 54.67 -13.75 -25.63
CA GLY F 435 55.31 -14.17 -24.40
C GLY F 435 56.25 -15.34 -24.53
N GLY F 436 56.23 -16.06 -25.65
CA GLY F 436 57.13 -17.17 -25.87
C GLY F 436 56.66 -18.51 -25.36
N ILE F 437 55.44 -18.62 -24.87
CA ILE F 437 54.94 -19.86 -24.29
C ILE F 437 54.08 -20.63 -25.28
N MET F 438 54.20 -20.35 -26.56
CA MET F 438 53.32 -20.93 -27.57
C MET F 438 53.98 -20.83 -28.93
N SER F 439 53.83 -21.88 -29.74
CA SER F 439 54.31 -21.87 -31.11
C SER F 439 53.35 -21.10 -32.00
N LYS F 440 53.88 -20.58 -33.10
CA LYS F 440 53.07 -19.84 -34.07
C LYS F 440 52.14 -20.76 -34.83
N GLU F 441 52.56 -22.00 -35.09
CA GLU F 441 51.75 -22.95 -35.83
C GLU F 441 50.51 -23.37 -35.04
N THR F 442 50.67 -23.59 -33.74
CA THR F 442 49.53 -23.92 -32.89
C THR F 442 48.56 -22.75 -32.79
N ALA F 443 49.07 -21.52 -32.77
CA ALA F 443 48.19 -20.36 -32.70
C ALA F 443 47.47 -20.10 -34.01
N VAL F 444 48.08 -20.46 -35.14
CA VAL F 444 47.36 -20.42 -36.41
C VAL F 444 46.25 -21.47 -36.42
N ALA F 445 46.50 -22.64 -35.82
CA ALA F 445 45.46 -23.67 -35.77
C ALA F 445 44.31 -23.37 -34.81
N ARG F 446 44.42 -22.37 -33.93
CA ARG F 446 43.34 -22.01 -33.02
C ARG F 446 42.66 -20.70 -33.39
N ASN F 447 43.07 -20.05 -34.46
CA ASN F 447 42.50 -18.76 -34.87
C ASN F 447 41.08 -18.95 -35.37
N PRO F 448 40.08 -18.26 -34.80
CA PRO F 448 38.70 -18.44 -35.26
C PRO F 448 38.39 -17.86 -36.63
N PHE F 449 39.30 -17.07 -37.22
CA PHE F 449 39.12 -16.58 -38.58
C PHE F 449 39.82 -17.44 -39.62
N VAL F 450 40.58 -18.45 -39.20
CA VAL F 450 41.30 -19.34 -40.11
C VAL F 450 40.55 -20.65 -40.19
N GLN F 451 40.27 -21.12 -41.42
CA GLN F 451 39.58 -22.38 -41.62
C GLN F 451 40.48 -23.52 -42.05
N ASP F 452 41.51 -23.26 -42.83
CA ASP F 452 42.44 -24.32 -43.27
C ASP F 452 43.85 -23.97 -42.85
N PRO F 453 44.44 -24.69 -41.87
CA PRO F 453 45.68 -24.19 -41.25
C PRO F 453 46.93 -24.34 -42.11
N GLU F 454 47.11 -25.42 -42.85
CA GLU F 454 48.39 -25.60 -43.53
C GLU F 454 48.52 -24.73 -44.79
N GLU F 455 47.41 -24.47 -45.48
CA GLU F 455 47.42 -23.46 -46.54
C GLU F 455 47.65 -22.07 -45.99
N GLU F 456 47.17 -21.79 -44.79
CA GLU F 456 47.43 -20.51 -44.13
C GLU F 456 48.90 -20.36 -43.77
N LEU F 457 49.53 -21.45 -43.30
CA LEU F 457 50.96 -21.40 -43.01
C LEU F 457 51.79 -21.24 -44.27
N ALA F 458 51.38 -21.91 -45.36
CA ALA F 458 52.05 -21.73 -46.65
C ALA F 458 51.90 -20.31 -47.16
N ARG F 459 50.75 -19.70 -46.90
CA ARG F 459 50.49 -18.33 -47.32
C ARG F 459 51.33 -17.32 -46.53
N ILE F 460 51.48 -17.54 -45.23
CA ILE F 460 52.33 -16.66 -44.43
C ILE F 460 53.80 -16.82 -44.84
N GLU F 461 54.20 -18.06 -45.16
CA GLU F 461 55.54 -18.31 -45.70
C GLU F 461 55.76 -17.59 -47.03
N GLU F 462 54.73 -17.58 -47.89
CA GLU F 462 54.83 -16.90 -49.19
C GLU F 462 54.92 -15.39 -49.02
N GLU F 463 54.12 -14.81 -48.12
CA GLU F 463 54.18 -13.36 -47.92
C GLU F 463 55.41 -12.92 -47.14
N MET F 464 56.07 -13.83 -46.42
CA MET F 464 57.31 -13.49 -45.74
C MET F 464 58.44 -13.23 -46.73
N ASN F 465 58.42 -13.90 -47.88
CA ASN F 465 59.55 -13.84 -48.80
C ASN F 465 59.58 -12.53 -49.58
N GLN F 466 58.43 -11.90 -49.79
CA GLN F 466 58.39 -10.67 -50.57
C GLN F 466 58.84 -9.45 -49.78
N TYR F 467 58.76 -9.49 -48.45
CA TYR F 467 59.07 -8.31 -47.66
C TYR F 467 60.58 -8.13 -47.45
N ALA F 468 61.37 -9.20 -47.52
CA ALA F 468 62.80 -9.09 -47.31
C ALA F 468 63.49 -8.36 -48.47
N GLU F 469 62.92 -8.46 -49.66
CA GLU F 469 63.38 -7.68 -50.81
C GLU F 469 62.96 -6.22 -50.74
N MET F 470 62.07 -5.87 -49.81
CA MET F 470 61.65 -4.50 -49.63
C MET F 470 61.79 -4.07 -48.17
N LYS G 24 27.40 -58.78 7.12
CA LYS G 24 28.01 -59.53 6.03
C LYS G 24 28.33 -60.97 6.46
N GLU G 25 29.00 -61.72 5.57
CA GLU G 25 29.27 -63.13 5.77
C GLU G 25 30.78 -63.31 5.79
N ILE G 26 31.30 -63.87 6.87
CA ILE G 26 32.73 -64.06 7.05
C ILE G 26 32.98 -65.54 7.35
N ALA G 27 33.85 -66.16 6.54
CA ALA G 27 34.11 -67.60 6.54
C ALA G 27 32.84 -68.44 6.44
N GLU G 28 35.69 -78.21 -0.19
CA GLU G 28 34.42 -78.13 0.54
C GLU G 28 33.25 -77.58 -0.33
N PRO G 29 32.80 -78.32 -1.40
CA PRO G 29 31.66 -77.83 -2.19
C PRO G 29 30.29 -78.38 -1.77
N ASP G 30 29.33 -77.49 -1.57
CA ASP G 30 27.95 -77.87 -1.26
C ASP G 30 27.01 -77.18 -2.23
N THR G 31 26.23 -77.96 -2.98
CA THR G 31 25.17 -77.39 -3.79
C THR G 31 23.91 -77.08 -2.98
N THR G 32 23.88 -77.45 -1.71
CA THR G 32 22.81 -77.00 -0.82
C THR G 32 23.12 -75.64 -0.23
N MET G 33 24.39 -75.40 0.12
CA MET G 33 24.78 -74.09 0.63
C MET G 33 24.73 -73.02 -0.46
N ILE G 34 24.92 -73.41 -1.72
CA ILE G 34 24.78 -72.47 -2.82
C ILE G 34 23.33 -71.99 -2.94
N GLN G 35 22.37 -72.91 -2.84
CA GLN G 35 20.96 -72.55 -2.85
C GLN G 35 20.58 -71.73 -1.62
N LYS G 36 21.16 -72.08 -0.46
CA LYS G 36 20.91 -71.34 0.77
C LYS G 36 21.42 -69.90 0.67
N LEU G 37 22.63 -69.71 0.13
CA LEU G 37 23.19 -68.37 0.00
C LEU G 37 22.46 -67.55 -1.05
N ILE G 38 22.04 -68.20 -2.14
CA ILE G 38 21.35 -67.49 -3.21
C ILE G 38 19.95 -67.05 -2.77
N ASP G 39 19.26 -67.88 -2.00
CA ASP G 39 17.92 -67.51 -1.57
C ASP G 39 17.92 -66.49 -0.43
N GLU G 40 18.97 -66.40 0.37
CA GLU G 40 19.06 -65.41 1.42
C GLU G 40 19.71 -64.10 0.96
N HIS G 41 19.89 -63.92 -0.34
CA HIS G 41 20.46 -62.69 -0.87
C HIS G 41 19.35 -61.69 -1.20
N ASN G 42 19.57 -60.44 -0.84
CA ASN G 42 18.62 -59.35 -1.13
C ASN G 42 19.27 -58.34 -2.07
N PRO G 43 18.96 -58.38 -3.37
CA PRO G 43 19.51 -57.37 -4.28
C PRO G 43 18.76 -56.04 -4.26
N GLU G 44 17.71 -55.91 -3.47
CA GLU G 44 16.80 -54.76 -3.49
C GLU G 44 17.39 -53.42 -3.04
N PRO G 45 18.27 -53.32 -2.02
CA PRO G 45 18.93 -52.03 -1.80
C PRO G 45 19.90 -51.61 -2.90
N LEU G 46 20.39 -52.53 -3.73
CA LEU G 46 21.28 -52.16 -4.81
C LEU G 46 20.56 -51.70 -6.06
N LEU G 47 19.26 -51.97 -6.18
CA LEU G 47 18.51 -51.65 -7.38
C LEU G 47 17.72 -50.35 -7.28
N LYS G 48 17.64 -49.73 -6.09
CA LYS G 48 16.89 -48.49 -5.92
C LYS G 48 17.52 -47.34 -6.70
N GLY G 49 18.85 -47.23 -6.66
CA GLY G 49 19.53 -46.18 -7.39
C GLY G 49 19.44 -46.35 -8.90
N VAL G 50 19.40 -47.60 -9.36
CA VAL G 50 19.18 -47.87 -10.78
C VAL G 50 17.77 -47.48 -11.19
N ARG G 51 16.78 -47.76 -10.33
CA ARG G 51 15.41 -47.38 -10.64
C ARG G 51 15.22 -45.86 -10.65
N TYR G 52 15.86 -45.17 -9.70
CA TYR G 52 15.77 -43.72 -9.67
C TYR G 52 16.57 -43.06 -10.79
N TYR G 53 17.58 -43.75 -11.33
CA TYR G 53 18.30 -43.24 -12.49
C TYR G 53 17.43 -43.21 -13.73
N MET G 54 16.53 -44.18 -13.88
CA MET G 54 15.63 -44.26 -15.01
C MET G 54 14.28 -43.59 -14.75
N CYS G 55 14.24 -42.64 -13.80
CA CYS G 55 13.07 -41.84 -13.40
C CYS G 55 11.82 -42.69 -13.12
N GLU G 56 12.00 -43.74 -12.33
CA GLU G 56 10.91 -44.55 -11.81
C GLU G 56 11.03 -44.54 -10.29
N ASN G 57 10.47 -43.50 -9.69
CA ASN G 57 10.59 -43.27 -8.25
C ASN G 57 9.45 -43.95 -7.51
N ASP G 58 9.43 -43.80 -6.19
CA ASP G 58 8.43 -44.46 -5.35
C ASP G 58 7.02 -43.91 -5.55
N ILE G 59 6.91 -42.68 -6.10
CA ILE G 59 5.63 -42.04 -6.42
C ILE G 59 4.78 -42.86 -7.38
N GLU G 60 5.37 -43.78 -8.15
CA GLU G 60 4.62 -44.64 -9.04
C GLU G 60 3.79 -45.68 -8.31
N LYS G 61 3.93 -45.84 -6.99
CA LYS G 61 3.11 -46.76 -6.23
C LYS G 61 1.91 -46.09 -5.58
N LYS G 62 1.55 -44.88 -6.02
CA LYS G 62 0.46 -44.12 -5.43
C LYS G 62 -0.89 -44.53 -6.01
N ARG G 63 -1.88 -44.69 -5.12
CA ARG G 63 -3.23 -45.07 -5.50
C ARG G 63 -4.24 -44.10 -4.90
N ARG G 64 -5.43 -44.07 -5.49
CA ARG G 64 -6.57 -43.28 -4.98
C ARG G 64 -7.59 -44.24 -4.38
N THR G 65 -7.80 -44.15 -3.06
CA THR G 65 -8.72 -45.01 -2.32
C THR G 65 -9.87 -44.20 -1.73
N TYR G 66 -11.07 -44.76 -1.75
CA TYR G 66 -12.22 -44.18 -1.08
C TYR G 66 -12.98 -45.22 -0.28
N TYR G 67 -13.85 -44.77 0.64
CA TYR G 67 -14.60 -45.64 1.53
C TYR G 67 -16.08 -45.65 1.16
N ASP G 68 -16.62 -46.85 0.96
CA ASP G 68 -18.04 -47.03 0.73
C ASP G 68 -18.83 -46.96 2.04
N ALA G 69 -20.15 -46.94 1.91
CA ALA G 69 -21.03 -47.04 3.07
C ALA G 69 -20.83 -48.37 3.80
N ALA G 70 -20.72 -48.28 5.13
CA ALA G 70 -20.30 -49.36 6.04
C ALA G 70 -18.93 -49.92 5.67
N GLY G 71 -17.96 -49.01 5.54
CA GLY G 71 -16.55 -49.31 5.76
C GLY G 71 -15.82 -49.96 4.61
N GLN G 72 -16.46 -50.15 3.47
CA GLN G 72 -15.80 -50.86 2.39
C GLN G 72 -14.83 -49.94 1.66
N GLN G 73 -13.60 -50.42 1.46
CA GLN G 73 -12.55 -49.65 0.83
C GLN G 73 -12.41 -50.04 -0.64
N LEU G 74 -12.59 -49.06 -1.52
CA LEU G 74 -12.68 -49.27 -2.95
C LEU G 74 -11.61 -48.43 -3.64
N VAL G 75 -10.94 -49.04 -4.62
CA VAL G 75 -9.98 -48.34 -5.47
C VAL G 75 -10.54 -48.34 -6.88
N ASP G 76 -10.70 -47.16 -7.46
CA ASP G 76 -11.09 -47.05 -8.86
C ASP G 76 -9.84 -46.81 -9.69
N ASP G 77 -9.70 -47.57 -10.77
CA ASP G 77 -8.58 -47.45 -11.69
C ASP G 77 -8.93 -46.67 -12.95
N THR G 78 -10.14 -46.13 -13.02
CA THR G 78 -10.53 -45.20 -14.07
C THR G 78 -10.30 -43.74 -13.64
N LYS G 79 -10.14 -43.50 -12.35
CA LYS G 79 -9.91 -42.14 -11.86
C LYS G 79 -8.51 -41.66 -12.20
N THR G 80 -8.38 -40.36 -12.46
CA THR G 80 -7.09 -39.75 -12.75
C THR G 80 -6.15 -39.83 -11.55
N ASN G 81 -4.92 -40.25 -11.80
CA ASN G 81 -3.95 -40.55 -10.75
C ASN G 81 -2.59 -40.03 -11.26
N ASN G 82 -2.26 -38.79 -10.90
CA ASN G 82 -1.06 -38.14 -11.40
C ASN G 82 0.15 -38.57 -10.59
N ARG G 83 1.16 -39.11 -11.26
CA ARG G 83 2.39 -39.58 -10.63
C ARG G 83 3.58 -39.08 -11.46
N THR G 84 4.15 -37.95 -11.07
CA THR G 84 5.25 -37.34 -11.81
C THR G 84 6.57 -37.63 -11.10
N SER G 85 7.45 -38.36 -11.78
CA SER G 85 8.81 -38.59 -11.30
C SER G 85 9.75 -37.54 -11.86
N HIS G 86 10.67 -37.07 -11.02
CA HIS G 86 11.65 -36.08 -11.41
C HIS G 86 13.04 -36.72 -11.52
N ALA G 87 13.88 -36.15 -12.38
CA ALA G 87 15.13 -36.76 -12.81
C ALA G 87 16.36 -36.14 -12.16
N TRP G 88 16.30 -35.83 -10.86
CA TRP G 88 17.42 -35.19 -10.17
C TRP G 88 18.63 -36.12 -10.08
N HIS G 89 18.39 -37.41 -9.79
CA HIS G 89 19.47 -38.36 -9.52
C HIS G 89 20.30 -38.63 -10.77
N LYS G 90 19.65 -38.73 -11.94
CA LYS G 90 20.35 -38.94 -13.19
C LYS G 90 21.27 -37.76 -13.53
N LEU G 91 20.78 -36.54 -13.29
CA LEU G 91 21.57 -35.33 -13.52
C LEU G 91 22.79 -35.28 -12.62
N PHE G 92 22.61 -35.63 -11.33
CA PHE G 92 23.73 -35.61 -10.39
C PHE G 92 24.78 -36.66 -10.74
N VAL G 93 24.34 -37.87 -11.12
CA VAL G 93 25.27 -38.94 -11.46
C VAL G 93 26.02 -38.62 -12.75
N ASP G 94 25.33 -38.07 -13.75
CA ASP G 94 25.98 -37.71 -15.01
C ASP G 94 26.99 -36.59 -14.84
N GLN G 95 26.66 -35.60 -14.00
CA GLN G 95 27.58 -34.50 -13.71
C GLN G 95 28.84 -35.02 -13.02
N LYS G 96 28.68 -35.91 -12.03
CA LYS G 96 29.83 -36.46 -11.32
C LYS G 96 30.71 -37.33 -12.24
N THR G 97 30.08 -38.13 -13.10
CA THR G 97 30.82 -39.03 -13.98
C THR G 97 31.61 -38.27 -15.03
N GLN G 98 31.01 -37.24 -15.65
CA GLN G 98 31.77 -36.47 -16.63
C GLN G 98 32.81 -35.57 -15.98
N TYR G 99 32.60 -35.16 -14.73
CA TYR G 99 33.64 -34.42 -14.02
C TYR G 99 34.85 -35.29 -13.71
N LEU G 100 34.62 -36.57 -13.40
CA LEU G 100 35.75 -37.43 -13.02
C LEU G 100 36.46 -38.06 -14.22
N VAL G 101 35.73 -38.76 -15.09
CA VAL G 101 36.39 -39.52 -16.15
C VAL G 101 35.89 -39.13 -17.53
N GLY G 102 35.44 -37.88 -17.68
CA GLY G 102 35.07 -37.39 -19.00
C GLY G 102 36.25 -37.26 -19.94
N GLU G 103 37.41 -36.89 -19.42
CA GLU G 103 38.69 -37.03 -20.09
C GLU G 103 39.36 -38.34 -19.70
N PRO G 104 40.05 -38.98 -20.64
CA PRO G 104 40.71 -40.26 -20.34
C PRO G 104 41.87 -40.11 -19.37
N VAL G 105 42.11 -41.18 -18.61
CA VAL G 105 43.25 -41.25 -17.71
C VAL G 105 44.52 -41.44 -18.53
N THR G 106 45.59 -40.77 -18.14
CA THR G 106 46.86 -40.88 -18.86
C THR G 106 47.89 -41.60 -18.01
N PHE G 107 48.86 -42.23 -18.67
CA PHE G 107 49.84 -43.07 -18.02
C PHE G 107 51.26 -42.63 -18.38
N THR G 108 52.14 -42.65 -17.38
CA THR G 108 53.56 -42.39 -17.58
C THR G 108 54.39 -43.43 -16.85
N SER G 109 55.61 -43.63 -17.35
CA SER G 109 56.55 -44.60 -16.81
C SER G 109 57.94 -44.27 -17.32
N ASP G 110 58.95 -44.57 -16.50
CA ASP G 110 60.33 -44.55 -16.98
C ASP G 110 60.66 -45.82 -17.75
N ASN G 111 60.10 -46.95 -17.32
CA ASN G 111 60.18 -48.21 -18.06
C ASN G 111 59.37 -48.08 -19.34
N LYS G 112 60.06 -47.95 -20.47
CA LYS G 112 59.38 -47.70 -21.74
C LYS G 112 58.78 -48.94 -22.36
N THR G 113 59.13 -50.14 -21.88
CA THR G 113 58.57 -51.37 -22.43
C THR G 113 57.24 -51.71 -21.80
N LEU G 114 57.09 -51.49 -20.49
CA LEU G 114 55.81 -51.64 -19.82
C LEU G 114 54.79 -50.64 -20.35
N LEU G 115 55.26 -49.44 -20.72
CA LEU G 115 54.36 -48.35 -21.08
C LEU G 115 53.67 -48.58 -22.41
N GLU G 116 54.32 -49.24 -23.37
CA GLU G 116 53.65 -49.47 -24.64
C GLU G 116 52.60 -50.56 -24.54
N TYR G 117 52.83 -51.56 -23.67
CA TYR G 117 51.81 -52.55 -23.34
C TYR G 117 50.59 -51.89 -22.70
N VAL G 118 50.84 -51.03 -21.68
CA VAL G 118 49.75 -50.33 -21.00
C VAL G 118 49.01 -49.40 -21.96
N ASN G 119 49.75 -48.71 -22.83
CA ASN G 119 49.13 -47.73 -23.71
C ASN G 119 48.32 -48.38 -24.83
N GLU G 120 48.67 -49.61 -25.24
CA GLU G 120 47.78 -50.29 -26.17
C GLU G 120 46.63 -51.00 -25.46
N LEU G 121 46.76 -51.31 -24.16
CA LEU G 121 45.64 -51.89 -23.43
C LEU G 121 44.53 -50.87 -23.19
N ALA G 122 44.87 -49.60 -22.98
CA ALA G 122 43.91 -48.57 -22.60
C ALA G 122 43.47 -47.77 -23.82
N ASP G 123 42.61 -48.38 -24.63
CA ASP G 123 42.04 -47.80 -25.84
C ASP G 123 40.66 -47.18 -25.53
N ASP G 124 39.90 -46.87 -26.59
CA ASP G 124 38.59 -46.23 -26.45
C ASP G 124 37.59 -47.08 -25.70
N ASP G 125 37.65 -48.41 -25.89
CA ASP G 125 36.74 -49.30 -25.18
C ASP G 125 37.01 -49.32 -23.69
N PHE G 126 38.29 -49.16 -23.30
CA PHE G 126 38.65 -49.01 -21.90
C PHE G 126 38.03 -47.76 -21.28
N ASP G 127 37.99 -46.67 -22.05
CA ASP G 127 37.40 -45.43 -21.54
C ASP G 127 35.90 -45.53 -21.40
N ASP G 128 35.24 -46.22 -22.35
CA ASP G 128 33.80 -46.42 -22.25
C ASP G 128 33.46 -47.32 -21.06
N ILE G 129 34.26 -48.37 -20.84
CA ILE G 129 34.06 -49.27 -19.70
C ILE G 129 34.27 -48.53 -18.37
N LEU G 130 35.23 -47.60 -18.33
CA LEU G 130 35.48 -46.85 -17.12
C LEU G 130 34.34 -45.86 -16.81
N ASN G 131 33.79 -45.20 -17.84
CA ASN G 131 32.63 -44.35 -17.65
C ASN G 131 31.42 -45.11 -17.11
N GLU G 132 31.14 -46.29 -17.68
CA GLU G 132 30.00 -47.05 -17.19
C GLU G 132 30.26 -47.64 -15.81
N THR G 133 31.52 -47.91 -15.47
CA THR G 133 31.85 -48.40 -14.13
C THR G 133 31.63 -47.32 -13.07
N VAL G 134 32.00 -46.07 -13.38
CA VAL G 134 31.78 -44.97 -12.44
C VAL G 134 30.28 -44.70 -12.25
N LYS G 135 29.51 -44.79 -13.33
CA LYS G 135 28.04 -44.63 -13.22
C LYS G 135 27.40 -45.75 -12.39
N ASN G 136 27.80 -47.00 -12.64
CA ASN G 136 27.25 -48.12 -11.88
C ASN G 136 27.65 -48.06 -10.41
N MET G 137 28.87 -47.62 -10.13
CA MET G 137 29.34 -47.46 -8.77
C MET G 137 28.55 -46.39 -8.02
N SER G 138 28.17 -45.32 -8.71
CA SER G 138 27.34 -44.30 -8.07
C SER G 138 25.91 -44.78 -7.87
N ASN G 139 25.40 -45.63 -8.76
CA ASN G 139 24.02 -46.10 -8.61
C ASN G 139 23.86 -47.22 -7.58
N LYS G 140 24.86 -48.09 -7.41
CA LYS G 140 24.69 -49.27 -6.58
C LYS G 140 25.52 -49.25 -5.30
N GLY G 141 26.63 -48.52 -5.25
CA GLY G 141 27.53 -48.53 -4.13
C GLY G 141 28.78 -49.37 -4.31
N ILE G 142 28.79 -50.25 -5.32
CA ILE G 142 29.88 -51.18 -5.56
C ILE G 142 29.77 -51.63 -7.01
N GLU G 143 30.93 -51.89 -7.63
CA GLU G 143 30.95 -52.54 -8.94
C GLU G 143 32.17 -53.46 -9.02
N TYR G 144 32.10 -54.47 -9.88
CA TYR G 144 33.14 -55.50 -9.95
C TYR G 144 33.63 -55.70 -11.36
N TRP G 145 34.94 -55.88 -11.50
CA TRP G 145 35.58 -56.31 -12.73
C TRP G 145 36.07 -57.74 -12.58
N HIS G 146 36.13 -58.45 -13.71
CA HIS G 146 36.63 -59.82 -13.77
C HIS G 146 37.67 -59.93 -14.88
N PRO G 147 38.93 -60.22 -14.55
CA PRO G 147 39.97 -60.42 -15.58
C PRO G 147 40.16 -61.88 -15.96
N PHE G 148 40.48 -62.10 -17.23
CA PHE G 148 40.66 -63.46 -17.74
C PHE G 148 41.56 -63.41 -18.98
N VAL G 149 41.84 -64.59 -19.55
CA VAL G 149 42.57 -64.73 -20.79
C VAL G 149 41.63 -65.26 -21.86
N ASP G 150 41.65 -64.63 -23.04
CA ASP G 150 40.83 -65.03 -24.17
C ASP G 150 41.23 -66.41 -24.69
N GLU G 151 40.46 -66.87 -25.67
CA GLU G 151 40.80 -68.11 -26.37
C GLU G 151 41.93 -67.93 -27.37
N GLU G 152 42.28 -66.68 -27.70
CA GLU G 152 43.42 -66.36 -28.54
C GLU G 152 44.63 -65.95 -27.73
N GLY G 153 44.59 -66.11 -26.41
CA GLY G 153 45.70 -65.76 -25.55
C GLY G 153 45.79 -64.31 -25.15
N GLU G 154 44.80 -63.49 -25.46
CA GLU G 154 44.82 -62.08 -25.10
C GLU G 154 44.24 -61.86 -23.70
N PHE G 155 44.81 -60.88 -22.99
CA PHE G 155 44.30 -60.47 -21.70
C PHE G 155 43.02 -59.66 -21.89
N ASP G 156 41.94 -60.07 -21.20
CA ASP G 156 40.67 -59.40 -21.33
C ASP G 156 40.04 -59.23 -19.95
N TYR G 157 38.94 -58.49 -19.91
CA TYR G 157 38.28 -58.11 -18.68
C TYR G 157 36.83 -57.79 -18.99
N VAL G 158 35.96 -57.99 -17.99
CA VAL G 158 34.52 -57.79 -18.17
C VAL G 158 33.94 -57.27 -16.87
N ILE G 159 32.76 -56.67 -16.95
CA ILE G 159 32.06 -56.16 -15.78
C ILE G 159 31.11 -57.23 -15.25
N PHE G 160 31.22 -57.54 -13.95
CA PHE G 160 30.22 -58.37 -13.28
C PHE G 160 29.24 -57.45 -12.56
N PRO G 161 27.95 -57.45 -12.90
CA PRO G 161 26.99 -56.60 -12.19
C PRO G 161 26.83 -57.01 -10.73
N ALA G 162 26.82 -56.01 -9.84
CA ALA G 162 26.96 -56.26 -8.42
C ALA G 162 25.71 -56.83 -7.78
N GLU G 163 24.54 -56.68 -8.42
CA GLU G 163 23.31 -57.26 -7.90
C GLU G 163 23.21 -58.76 -8.11
N GLU G 164 24.17 -59.37 -8.81
CA GLU G 164 24.24 -60.82 -8.96
C GLU G 164 25.41 -61.44 -8.22
N MET G 165 26.10 -60.69 -7.37
CA MET G 165 27.32 -61.18 -6.73
C MET G 165 27.11 -61.41 -5.24
N ILE G 166 27.69 -62.51 -4.74
CA ILE G 166 27.77 -62.78 -3.32
C ILE G 166 29.24 -63.03 -2.98
N VAL G 167 29.81 -62.16 -2.16
CA VAL G 167 31.23 -62.20 -1.81
C VAL G 167 31.36 -62.54 -0.33
N VAL G 168 32.23 -63.50 -0.02
CA VAL G 168 32.49 -63.97 1.33
C VAL G 168 33.97 -63.74 1.63
N TYR G 169 34.28 -63.30 2.85
CA TYR G 169 35.65 -62.98 3.25
C TYR G 169 36.19 -64.00 4.26
N LYS G 170 37.51 -64.17 4.24
CA LYS G 170 38.23 -65.00 5.19
C LYS G 170 38.21 -64.38 6.58
N ASP G 171 38.66 -65.14 7.58
CA ASP G 171 38.73 -64.57 8.93
C ASP G 171 39.99 -65.02 9.66
N ASN G 172 40.98 -64.15 9.65
CA ASN G 172 41.53 -63.58 10.87
C ASN G 172 41.60 -62.07 10.68
N THR G 173 41.29 -61.61 9.48
CA THR G 173 41.02 -60.22 9.12
C THR G 173 39.63 -60.27 8.49
N ARG G 174 39.06 -59.13 8.11
CA ARG G 174 37.74 -59.16 7.48
C ARG G 174 37.68 -58.44 6.14
N ARG G 175 38.76 -58.45 5.36
CA ARG G 175 38.77 -57.79 4.06
C ARG G 175 39.70 -58.51 3.08
N ASP G 176 39.70 -59.85 3.09
CA ASP G 176 40.35 -60.65 2.06
C ASP G 176 39.37 -61.69 1.54
N ILE G 177 39.15 -61.70 0.22
CA ILE G 177 38.07 -62.46 -0.40
C ILE G 177 38.41 -63.94 -0.42
N LEU G 178 37.49 -64.76 0.10
CA LEU G 178 37.61 -66.21 0.10
C LEU G 178 37.04 -66.83 -1.18
N PHE G 179 35.78 -66.53 -1.50
CA PHE G 179 35.19 -66.99 -2.75
C PHE G 179 34.12 -66.00 -3.20
N ALA G 180 33.64 -66.19 -4.42
CA ALA G 180 32.66 -65.29 -5.03
C ALA G 180 31.66 -66.08 -5.84
N LEU G 181 30.38 -65.76 -5.70
CA LEU G 181 29.30 -66.50 -6.34
C LEU G 181 28.48 -65.57 -7.22
N ARG G 182 28.32 -65.94 -8.49
CA ARG G 182 27.58 -65.15 -9.46
C ARG G 182 26.42 -65.96 -10.04
N TYR G 183 25.21 -65.41 -10.04
CA TYR G 183 24.04 -66.15 -10.47
C TYR G 183 23.15 -65.29 -11.34
N TYR G 184 22.59 -65.88 -12.40
CA TYR G 184 21.79 -65.10 -13.34
C TYR G 184 20.84 -66.01 -14.10
N SER G 185 20.00 -65.39 -14.94
CA SER G 185 19.00 -66.08 -15.74
C SER G 185 18.92 -65.43 -17.12
N TYR G 186 18.42 -66.19 -18.09
CA TYR G 186 18.11 -65.60 -19.38
C TYR G 186 16.97 -66.35 -20.08
N LYS G 187 16.23 -65.59 -20.88
CA LYS G 187 15.05 -65.98 -21.64
C LYS G 187 15.43 -66.31 -23.08
N GLY G 188 14.64 -67.18 -23.71
CA GLY G 188 14.85 -67.52 -25.10
C GLY G 188 13.72 -67.06 -26.02
N ILE G 189 13.59 -67.70 -27.17
CA ILE G 189 12.56 -67.32 -28.14
C ILE G 189 11.19 -67.85 -27.72
N MET G 190 11.10 -69.13 -27.38
CA MET G 190 9.83 -69.75 -27.02
C MET G 190 9.25 -69.20 -25.72
N GLY G 191 10.09 -68.66 -24.85
CA GLY G 191 9.70 -68.31 -23.51
C GLY G 191 10.33 -69.15 -22.41
N GLU G 192 11.21 -70.08 -22.76
CA GLU G 192 11.86 -70.93 -21.77
C GLU G 192 12.98 -70.18 -21.06
N GLU G 193 13.14 -70.47 -19.76
CA GLU G 193 14.04 -69.76 -18.87
C GLU G 193 15.20 -70.65 -18.46
N THR G 194 16.41 -70.10 -18.47
CA THR G 194 17.60 -70.80 -18.00
C THR G 194 18.19 -70.04 -16.81
N GLN G 195 18.57 -70.78 -15.75
CA GLN G 195 19.11 -70.20 -14.54
C GLN G 195 20.46 -70.84 -14.23
N LYS G 196 21.53 -70.04 -14.24
CA LYS G 196 22.88 -70.56 -14.06
C LYS G 196 23.60 -69.85 -12.92
N ALA G 197 24.69 -70.48 -12.47
CA ALA G 197 25.52 -69.94 -11.39
C ALA G 197 26.97 -70.35 -11.59
N GLU G 198 27.88 -69.58 -10.97
CA GLU G 198 29.32 -69.78 -11.08
C GLU G 198 29.97 -69.46 -9.74
N LEU G 199 30.90 -70.32 -9.31
CA LEU G 199 31.66 -70.10 -8.08
C LEU G 199 33.14 -69.91 -8.43
N TYR G 200 33.78 -68.94 -7.78
CA TYR G 200 35.17 -68.60 -8.01
C TYR G 200 35.94 -68.68 -6.71
N THR G 201 36.96 -69.52 -6.66
CA THR G 201 37.95 -69.60 -5.59
C THR G 201 39.26 -69.01 -6.08
N ASP G 202 40.31 -69.12 -5.25
CA ASP G 202 41.60 -68.55 -5.64
C ASP G 202 42.28 -69.35 -6.75
N THR G 203 41.89 -70.62 -6.95
CA THR G 203 42.48 -71.44 -7.99
C THR G 203 41.47 -71.98 -9.00
N HIS G 204 40.21 -72.17 -8.63
CA HIS G 204 39.28 -72.93 -9.45
C HIS G 204 37.95 -72.21 -9.59
N VAL G 205 37.25 -72.57 -10.67
CA VAL G 205 35.90 -72.08 -10.96
C VAL G 205 34.99 -73.31 -11.10
N TYR G 206 33.74 -73.15 -10.66
CA TYR G 206 32.71 -74.17 -10.74
C TYR G 206 31.50 -73.61 -11.47
N TYR G 207 30.88 -74.44 -12.31
CA TYR G 207 29.72 -74.03 -13.10
C TYR G 207 28.49 -74.81 -12.67
N TYR G 208 27.32 -74.17 -12.73
CA TYR G 208 26.09 -74.78 -12.24
C TYR G 208 24.90 -74.30 -13.07
N GLU G 209 23.91 -75.19 -13.21
CA GLU G 209 22.60 -74.85 -13.74
C GLU G 209 21.54 -75.51 -12.86
N LYS G 210 20.40 -74.85 -12.72
CA LYS G 210 19.26 -75.36 -11.96
C LYS G 210 18.28 -76.02 -12.93
N ILE G 211 18.18 -77.34 -12.86
CA ILE G 211 17.35 -78.09 -13.80
C ILE G 211 15.90 -78.16 -13.30
N ASP G 212 15.67 -78.72 -12.13
CA ASP G 212 14.32 -78.73 -11.56
C ASP G 212 14.20 -77.97 -10.26
N GLY G 213 14.94 -78.36 -9.22
CA GLY G 213 14.85 -77.67 -7.95
C GLY G 213 16.16 -77.60 -7.21
N VAL G 214 17.20 -78.18 -7.79
CA VAL G 214 18.56 -78.13 -7.27
C VAL G 214 19.52 -77.78 -8.39
N TYR G 215 20.67 -77.22 -8.04
CA TYR G 215 21.70 -76.92 -9.01
C TYR G 215 22.54 -78.17 -9.29
N GLN G 216 22.72 -78.48 -10.57
CA GLN G 216 23.59 -79.55 -11.04
C GLN G 216 24.88 -78.93 -11.58
N MET G 217 25.74 -79.77 -12.15
CA MET G 217 27.06 -79.33 -12.62
C MET G 217 27.11 -79.00 -14.10
N ASP G 218 25.96 -78.95 -14.80
CA ASP G 218 25.71 -78.45 -16.17
C ASP G 218 26.78 -78.87 -17.19
N TYR G 219 26.83 -80.17 -17.43
CA TYR G 219 27.88 -80.74 -18.29
C TYR G 219 27.62 -80.41 -19.75
N SER G 220 27.87 -79.14 -20.09
CA SER G 220 28.38 -78.77 -21.40
C SER G 220 29.90 -78.66 -21.37
N TYR G 221 30.45 -78.56 -20.17
CA TYR G 221 31.85 -78.80 -19.89
C TYR G 221 32.01 -80.28 -19.56
N GLY G 222 32.85 -80.98 -20.31
CA GLY G 222 32.92 -82.42 -20.11
C GLY G 222 33.86 -82.83 -19.00
N GLU G 223 33.29 -83.06 -17.80
CA GLU G 223 33.98 -83.57 -16.60
C GLU G 223 35.19 -82.71 -16.23
N ASN G 224 35.11 -81.41 -16.50
CA ASN G 224 36.14 -80.46 -16.13
C ASN G 224 35.63 -79.46 -15.10
N ASN G 225 34.49 -79.74 -14.48
CA ASN G 225 33.68 -78.71 -13.85
C ASN G 225 34.29 -78.06 -12.61
N PRO G 226 35.11 -78.75 -11.81
CA PRO G 226 36.10 -77.97 -11.04
C PRO G 226 37.28 -77.68 -11.96
N ARG G 227 37.46 -76.40 -12.30
CA ARG G 227 38.30 -76.02 -13.43
C ARG G 227 39.34 -75.00 -12.99
N PRO G 228 40.56 -75.05 -13.52
CA PRO G 228 41.51 -73.95 -13.29
C PRO G 228 41.02 -72.66 -13.94
N HIS G 229 41.54 -71.54 -13.43
CA HIS G 229 41.09 -70.22 -13.87
C HIS G 229 41.50 -69.95 -15.31
N MET G 230 40.84 -68.98 -15.92
CA MET G 230 41.12 -68.58 -17.30
C MET G 230 42.41 -67.75 -17.38
N THR G 231 43.50 -68.40 -16.97
CA THR G 231 44.89 -68.03 -17.14
C THR G 231 45.66 -69.29 -17.49
N LYS G 232 45.03 -70.12 -18.34
CA LYS G 232 45.35 -71.54 -18.44
C LYS G 232 46.69 -71.79 -19.11
N GLY G 233 47.30 -72.91 -18.72
CA GLY G 233 48.58 -73.30 -19.26
C GLY G 233 49.26 -74.29 -18.32
N GLY G 234 50.60 -74.34 -18.44
CA GLY G 234 51.38 -75.15 -17.52
C GLY G 234 51.34 -74.63 -16.10
N GLN G 235 51.11 -73.32 -15.94
CA GLN G 235 51.05 -72.69 -14.63
C GLN G 235 49.61 -72.77 -14.09
N ALA G 236 49.23 -73.98 -13.67
CA ALA G 236 47.90 -74.23 -13.13
C ALA G 236 47.79 -73.88 -11.65
N ILE G 237 48.69 -73.03 -11.14
CA ILE G 237 48.51 -72.41 -9.85
C ILE G 237 47.32 -71.45 -9.88
N GLY G 238 47.05 -70.87 -11.05
CA GLY G 238 46.06 -69.82 -11.14
C GLY G 238 46.70 -68.46 -10.90
N TRP G 239 45.83 -67.48 -10.64
CA TRP G 239 46.34 -66.17 -10.26
C TRP G 239 46.93 -66.17 -8.86
N GLY G 240 46.54 -67.12 -8.01
CA GLY G 240 46.93 -67.07 -6.61
C GLY G 240 46.06 -66.15 -5.80
N ARG G 241 44.86 -65.87 -6.29
CA ARG G 241 43.97 -64.81 -5.85
C ARG G 241 42.64 -65.01 -6.52
N VAL G 242 41.56 -64.61 -5.84
CA VAL G 242 40.23 -64.66 -6.46
C VAL G 242 40.16 -63.61 -7.56
N PRO G 243 39.82 -63.97 -8.80
CA PRO G 243 39.82 -63.01 -9.92
C PRO G 243 38.61 -62.08 -9.93
N ILE G 244 38.55 -61.18 -8.95
CA ILE G 244 37.49 -60.17 -8.86
C ILE G 244 38.10 -58.88 -8.35
N ILE G 245 37.68 -57.75 -8.93
CA ILE G 245 38.26 -56.46 -8.63
C ILE G 245 37.15 -55.51 -8.19
N PRO G 246 37.13 -55.03 -6.95
CA PRO G 246 36.06 -54.13 -6.50
C PRO G 246 36.36 -52.65 -6.68
N PHE G 247 35.32 -51.93 -7.09
CA PHE G 247 35.31 -50.47 -7.17
C PHE G 247 34.23 -50.00 -6.21
N LYS G 248 34.64 -49.41 -5.10
CA LYS G 248 33.71 -48.98 -4.05
C LYS G 248 33.31 -47.52 -4.24
N ASN G 249 32.04 -47.23 -3.96
CA ASN G 249 31.59 -45.84 -4.01
C ASN G 249 32.14 -45.03 -2.84
N ASN G 250 32.20 -45.65 -1.67
CA ASN G 250 32.75 -45.04 -0.47
C ASN G 250 33.17 -46.16 0.48
N GLU G 251 33.51 -45.80 1.71
CA GLU G 251 33.93 -46.79 2.69
C GLU G 251 32.77 -47.68 3.14
N GLU G 252 31.55 -47.16 3.13
CA GLU G 252 30.38 -47.88 3.60
C GLU G 252 29.68 -48.65 2.49
N MET G 253 30.09 -48.44 1.24
CA MET G 253 29.56 -49.11 0.04
C MET G 253 28.05 -48.86 -0.15
N VAL G 254 27.62 -47.63 0.11
CA VAL G 254 26.24 -47.23 -0.13
C VAL G 254 26.18 -46.38 -1.39
N SER G 255 24.98 -46.28 -1.96
CA SER G 255 24.75 -45.45 -3.12
C SER G 255 24.68 -43.97 -2.72
N ASP G 256 24.73 -43.10 -3.74
CA ASP G 256 24.58 -41.67 -3.49
C ASP G 256 23.15 -41.32 -3.11
N LEU G 257 22.17 -42.04 -3.68
CA LEU G 257 20.75 -41.81 -3.46
C LEU G 257 20.35 -41.93 -1.99
N LYS G 258 21.14 -42.65 -1.18
CA LYS G 258 20.89 -42.76 0.25
C LYS G 258 20.87 -41.41 0.97
N PHE G 259 21.61 -40.43 0.46
CA PHE G 259 21.73 -39.19 1.21
C PHE G 259 20.70 -38.12 0.81
N TYR G 260 19.91 -38.33 -0.25
CA TYR G 260 18.92 -37.32 -0.62
C TYR G 260 17.61 -37.92 -1.16
N LYS G 261 17.24 -39.15 -0.78
CA LYS G 261 16.06 -39.79 -1.35
C LYS G 261 14.77 -39.17 -0.83
N ASP G 262 14.75 -38.76 0.43
CA ASP G 262 13.56 -38.19 1.05
C ASP G 262 13.16 -36.87 0.43
N LEU G 263 14.13 -36.05 0.02
CA LEU G 263 13.83 -34.77 -0.60
C LEU G 263 13.22 -34.94 -1.98
N ILE G 264 13.70 -35.93 -2.74
CA ILE G 264 13.11 -36.26 -4.04
C ILE G 264 11.69 -36.77 -3.88
N ASP G 265 11.45 -37.60 -2.86
CA ASP G 265 10.10 -38.10 -2.59
C ASP G 265 9.14 -36.99 -2.18
N ASN G 266 9.60 -36.05 -1.35
CA ASN G 266 8.76 -34.92 -0.92
C ASN G 266 8.42 -34.00 -2.10
N TYR G 267 9.41 -33.73 -2.96
CA TYR G 267 9.22 -32.93 -4.17
C TYR G 267 8.16 -33.56 -5.08
N ASP G 268 8.28 -34.87 -5.32
CA ASP G 268 7.34 -35.59 -6.18
C ASP G 268 5.92 -35.58 -5.62
N SER G 269 5.78 -35.77 -4.29
CA SER G 269 4.44 -35.85 -3.71
C SER G 269 3.74 -34.49 -3.72
N ILE G 270 4.48 -33.41 -3.45
CA ILE G 270 3.87 -32.08 -3.47
C ILE G 270 3.44 -31.68 -4.89
N THR G 271 4.28 -31.95 -5.90
CA THR G 271 3.89 -31.58 -7.26
C THR G 271 2.74 -32.44 -7.78
N SER G 272 2.70 -33.73 -7.40
CA SER G 272 1.62 -34.60 -7.84
C SER G 272 0.28 -34.22 -7.19
N SER G 273 0.31 -33.80 -5.92
CA SER G 273 -0.93 -33.37 -5.29
C SER G 273 -1.42 -32.03 -5.83
N THR G 274 -0.50 -31.18 -6.33
CA THR G 274 -0.96 -29.98 -7.04
C THR G 274 -1.63 -30.34 -8.37
N MET G 275 -1.04 -31.28 -9.12
CA MET G 275 -1.59 -31.64 -10.42
C MET G 275 -2.97 -32.32 -10.32
N ASP G 276 -3.20 -33.11 -9.25
CA ASP G 276 -4.52 -33.71 -9.06
C ASP G 276 -5.60 -32.65 -8.85
N SER G 277 -5.29 -31.62 -8.06
CA SER G 277 -6.22 -30.52 -7.84
C SER G 277 -6.46 -29.71 -9.10
N PHE G 278 -5.44 -29.56 -9.95
CA PHE G 278 -5.68 -28.93 -11.25
C PHE G 278 -6.56 -29.80 -12.15
N SER G 279 -6.48 -31.12 -12.02
CA SER G 279 -7.31 -31.97 -12.86
C SER G 279 -8.77 -32.02 -12.38
N ASP G 280 -9.02 -31.83 -11.09
CA ASP G 280 -10.37 -32.04 -10.57
C ASP G 280 -11.24 -30.78 -10.47
N PHE G 281 -10.65 -29.60 -10.28
CA PHE G 281 -11.38 -28.42 -9.82
C PHE G 281 -11.47 -27.39 -10.94
N GLN G 282 -12.71 -27.10 -11.39
CA GLN G 282 -12.98 -26.02 -12.32
C GLN G 282 -13.10 -24.70 -11.55
N GLN G 283 -12.44 -23.65 -12.04
CA GLN G 283 -12.17 -22.49 -11.22
C GLN G 283 -13.22 -21.37 -11.32
N ILE G 284 -14.11 -21.40 -12.31
CA ILE G 284 -15.19 -20.41 -12.37
C ILE G 284 -16.41 -21.03 -13.07
N VAL G 285 -17.59 -20.85 -12.47
CA VAL G 285 -18.85 -21.35 -13.04
C VAL G 285 -19.98 -20.36 -12.79
N TYR G 286 -21.03 -20.51 -13.60
CA TYR G 286 -22.31 -19.82 -13.39
C TYR G 286 -23.19 -20.64 -12.46
N VAL G 287 -23.97 -19.96 -11.62
CA VAL G 287 -24.92 -20.59 -10.71
C VAL G 287 -26.31 -20.03 -11.02
N LEU G 288 -27.24 -20.91 -11.40
CA LEU G 288 -28.63 -20.54 -11.62
C LEU G 288 -29.47 -20.89 -10.40
N LYS G 289 -30.36 -19.98 -10.03
CA LYS G 289 -31.23 -20.14 -8.86
C LYS G 289 -32.67 -20.16 -9.31
N ASN G 290 -33.37 -21.27 -9.03
CA ASN G 290 -34.81 -21.48 -9.28
C ASN G 290 -35.15 -21.45 -10.76
N TYR G 291 -34.28 -22.02 -11.59
CA TYR G 291 -34.57 -22.27 -13.01
C TYR G 291 -34.17 -23.71 -13.31
N ASP G 292 -35.05 -24.66 -12.99
CA ASP G 292 -34.68 -26.06 -13.05
C ASP G 292 -35.01 -26.73 -14.38
N GLY G 293 -35.82 -26.10 -15.22
CA GLY G 293 -36.10 -26.61 -16.54
C GLY G 293 -35.21 -26.09 -17.66
N GLU G 294 -34.21 -25.27 -17.33
CA GLU G 294 -33.40 -24.61 -18.34
C GLU G 294 -32.31 -25.52 -18.90
N ASN G 295 -32.16 -25.52 -20.22
CA ASN G 295 -31.08 -26.22 -20.90
C ASN G 295 -29.78 -25.43 -20.76
N PRO G 296 -28.70 -26.03 -20.21
CA PRO G 296 -27.46 -25.26 -19.98
C PRO G 296 -26.73 -24.82 -21.26
N LYS G 297 -26.71 -25.68 -22.28
CA LYS G 297 -26.02 -25.38 -23.54
C LYS G 297 -26.63 -24.16 -24.24
N GLU G 298 -27.96 -24.16 -24.36
CA GLU G 298 -28.67 -23.03 -24.94
C GLU G 298 -28.52 -21.78 -24.08
N PHE G 299 -28.43 -21.94 -22.76
CA PHE G 299 -28.23 -20.82 -21.85
C PHE G 299 -26.89 -20.12 -22.08
N THR G 300 -25.81 -20.90 -22.16
CA THR G 300 -24.49 -20.29 -22.39
C THR G 300 -24.36 -19.70 -23.79
N ALA G 301 -24.96 -20.36 -24.79
CA ALA G 301 -24.92 -19.82 -26.15
C ALA G 301 -25.70 -18.51 -26.27
N ASN G 302 -26.89 -18.44 -25.67
CA ASN G 302 -27.68 -17.22 -25.70
C ASN G 302 -27.02 -16.10 -24.88
N LEU G 303 -26.35 -16.47 -23.79
CA LEU G 303 -25.63 -15.51 -22.98
C LEU G 303 -24.47 -14.89 -23.76
N ARG G 304 -23.73 -15.71 -24.51
CA ARG G 304 -22.64 -15.17 -25.32
C ARG G 304 -23.15 -14.36 -26.51
N TYR G 305 -24.30 -14.75 -27.08
CA TYR G 305 -24.84 -14.02 -28.23
C TYR G 305 -25.39 -12.65 -27.82
N HIS G 306 -26.32 -12.62 -26.87
CA HIS G 306 -27.06 -11.40 -26.58
C HIS G 306 -26.35 -10.46 -25.63
N SER G 307 -25.51 -10.99 -24.73
CA SER G 307 -24.90 -10.30 -23.58
C SER G 307 -25.93 -9.76 -22.60
N VAL G 308 -27.12 -10.36 -22.54
CA VAL G 308 -28.20 -9.96 -21.64
C VAL G 308 -28.80 -11.22 -21.01
N ILE G 309 -28.98 -11.20 -19.68
CA ILE G 309 -29.66 -12.27 -18.96
C ILE G 309 -30.92 -11.69 -18.32
N LYS G 310 -32.05 -12.38 -18.46
CA LYS G 310 -33.32 -11.95 -17.90
C LYS G 310 -33.75 -12.87 -16.77
N VAL G 311 -34.05 -12.30 -15.60
CA VAL G 311 -34.56 -13.02 -14.44
C VAL G 311 -35.78 -12.28 -13.89
N SER G 312 -36.58 -12.99 -13.11
CA SER G 312 -37.75 -12.42 -12.46
C SER G 312 -38.13 -13.26 -11.26
N GLY G 313 -38.87 -12.63 -10.33
CA GLY G 313 -39.37 -13.31 -9.15
C GLY G 313 -38.30 -13.73 -8.17
N ASP G 314 -38.22 -15.03 -7.87
CA ASP G 314 -37.18 -15.58 -7.02
C ASP G 314 -36.03 -16.19 -7.81
N GLY G 315 -36.04 -16.07 -9.13
CA GLY G 315 -34.94 -16.57 -9.92
C GLY G 315 -33.72 -15.66 -9.82
N GLY G 316 -32.55 -16.26 -9.93
CA GLY G 316 -31.33 -15.48 -9.86
C GLY G 316 -30.19 -16.14 -10.61
N VAL G 317 -29.11 -15.37 -10.77
CA VAL G 317 -27.89 -15.86 -11.39
C VAL G 317 -26.70 -15.25 -10.65
N ASP G 318 -25.65 -16.05 -10.48
CA ASP G 318 -24.45 -15.63 -9.77
C ASP G 318 -23.25 -16.35 -10.37
N THR G 319 -22.07 -16.08 -9.83
CA THR G 319 -20.88 -16.80 -10.20
C THR G 319 -20.22 -17.42 -8.97
N LEU G 320 -19.58 -18.56 -9.19
CA LEU G 320 -18.74 -19.19 -8.18
C LEU G 320 -17.32 -19.22 -8.71
N ARG G 321 -16.42 -18.51 -8.04
CA ARG G 321 -15.07 -18.23 -8.54
C ARG G 321 -14.07 -18.53 -7.44
N ALA G 322 -13.49 -19.73 -7.45
CA ALA G 322 -12.54 -20.17 -6.44
C ALA G 322 -11.22 -20.54 -7.11
N GLU G 323 -10.16 -19.83 -6.72
CA GLU G 323 -8.84 -20.00 -7.32
C GLU G 323 -8.04 -21.04 -6.56
N ILE G 324 -7.31 -21.89 -7.29
CA ILE G 324 -6.52 -22.97 -6.70
C ILE G 324 -5.31 -22.38 -5.98
N PRO G 325 -5.07 -22.72 -4.71
CA PRO G 325 -3.91 -22.16 -4.00
C PRO G 325 -2.62 -22.91 -4.30
N VAL G 326 -1.57 -22.16 -4.64
CA VAL G 326 -0.30 -22.74 -5.05
C VAL G 326 0.89 -22.13 -4.31
N ASP G 327 0.68 -21.18 -3.40
CA ASP G 327 1.79 -20.39 -2.86
C ASP G 327 2.59 -21.12 -1.78
N SER G 328 1.89 -21.90 -0.93
CA SER G 328 2.57 -22.67 0.11
C SER G 328 3.44 -23.76 -0.48
N ALA G 329 2.96 -24.41 -1.54
CA ALA G 329 3.74 -25.42 -2.24
C ALA G 329 4.98 -24.82 -2.89
N ALA G 330 4.85 -23.61 -3.46
CA ALA G 330 6.00 -22.95 -4.09
C ALA G 330 7.06 -22.57 -3.07
N LYS G 331 6.62 -22.05 -1.92
CA LYS G 331 7.56 -21.73 -0.84
C LYS G 331 8.26 -22.97 -0.29
N GLU G 332 7.57 -24.11 -0.25
CA GLU G 332 8.24 -25.33 0.21
C GLU G 332 9.21 -25.89 -0.84
N LEU G 333 8.82 -25.84 -2.12
CA LEU G 333 9.65 -26.41 -3.17
C LEU G 333 10.93 -25.62 -3.40
N GLU G 334 10.91 -24.30 -3.15
CA GLU G 334 12.14 -23.51 -3.21
C GLU G 334 13.17 -23.98 -2.18
N ARG G 335 12.72 -24.23 -0.94
CA ARG G 335 13.63 -24.68 0.10
C ARG G 335 14.12 -26.10 -0.15
N ILE G 336 13.24 -26.97 -0.69
CA ILE G 336 13.66 -28.34 -0.98
C ILE G 336 14.68 -28.35 -2.12
N GLN G 337 14.50 -27.52 -3.14
CA GLN G 337 15.47 -27.44 -4.23
C GLN G 337 16.80 -26.85 -3.76
N ASP G 338 16.76 -25.91 -2.81
CA ASP G 338 18.02 -25.41 -2.23
C ASP G 338 18.73 -26.49 -1.42
N GLU G 339 17.98 -27.31 -0.66
CA GLU G 339 18.62 -28.33 0.17
C GLU G 339 19.14 -29.49 -0.66
N LEU G 340 18.55 -29.74 -1.84
CA LEU G 340 18.93 -30.89 -2.65
C LEU G 340 20.35 -30.75 -3.22
N TYR G 341 20.70 -29.54 -3.67
CA TYR G 341 22.04 -29.31 -4.20
C TYR G 341 23.11 -29.41 -3.13
N LYS G 342 22.78 -29.02 -1.88
CA LYS G 342 23.73 -29.15 -0.78
C LYS G 342 23.87 -30.60 -0.34
N SER G 343 22.77 -31.35 -0.30
CA SER G 343 22.84 -32.74 0.14
C SER G 343 23.46 -33.65 -0.91
N ALA G 344 23.37 -33.30 -2.19
CA ALA G 344 23.99 -34.12 -3.23
C ALA G 344 25.43 -33.72 -3.54
N GLN G 345 25.87 -32.56 -3.07
CA GLN G 345 27.15 -31.93 -3.42
C GLN G 345 27.30 -31.77 -4.93
N ALA G 346 26.34 -31.05 -5.51
CA ALA G 346 26.26 -30.83 -6.94
C ALA G 346 26.45 -29.35 -7.26
N VAL G 347 26.45 -29.05 -8.57
CA VAL G 347 26.64 -27.69 -9.07
C VAL G 347 25.37 -27.27 -9.79
N ASP G 348 24.89 -26.08 -9.48
CA ASP G 348 23.80 -25.45 -10.22
C ASP G 348 24.41 -24.39 -11.14
N ASN G 349 24.18 -24.54 -12.45
CA ASN G 349 24.70 -23.61 -13.44
C ASN G 349 23.61 -22.61 -13.81
N SER G 350 23.34 -21.69 -12.90
CA SER G 350 22.36 -20.65 -13.13
C SER G 350 23.06 -19.34 -13.46
N PRO G 351 22.45 -18.50 -14.31
CA PRO G 351 23.11 -17.24 -14.71
C PRO G 351 23.36 -16.26 -13.56
N GLU G 352 22.62 -16.35 -12.46
CA GLU G 352 22.86 -15.48 -11.31
C GLU G 352 24.22 -15.75 -10.68
N THR G 353 24.61 -17.03 -10.59
CA THR G 353 25.85 -17.40 -9.91
C THR G 353 27.07 -16.92 -10.68
N ILE G 354 27.05 -17.07 -12.00
CA ILE G 354 28.14 -16.55 -12.83
C ILE G 354 28.00 -15.03 -12.98
N GLY G 355 26.79 -14.50 -12.80
CA GLY G 355 26.58 -13.07 -12.86
C GLY G 355 27.16 -12.34 -11.66
N GLY G 356 27.26 -13.03 -10.52
CA GLY G 356 27.97 -12.46 -9.38
C GLY G 356 29.42 -12.20 -9.68
N GLY G 357 30.07 -13.09 -10.43
CA GLY G 357 31.42 -12.86 -10.89
C GLY G 357 31.86 -13.98 -11.82
N ALA G 358 32.75 -13.63 -12.74
CA ALA G 358 33.29 -14.59 -13.70
C ALA G 358 34.80 -14.73 -13.58
N THR G 359 35.37 -14.35 -12.44
CA THR G 359 36.78 -14.53 -12.18
C THR G 359 37.08 -15.95 -11.73
N GLY G 360 38.37 -16.24 -11.51
CA GLY G 360 38.84 -17.52 -11.02
C GLY G 360 38.30 -17.97 -9.68
N PRO G 361 38.41 -17.15 -8.61
CA PRO G 361 37.83 -17.58 -7.32
C PRO G 361 36.34 -17.78 -7.32
N ALA G 362 35.59 -17.01 -8.11
CA ALA G 362 34.14 -17.23 -8.23
C ALA G 362 33.82 -18.56 -8.88
N LEU G 363 34.58 -18.91 -9.93
CA LEU G 363 34.38 -20.17 -10.63
C LEU G 363 34.71 -21.35 -9.74
N GLU G 364 35.79 -21.26 -8.96
CA GLU G 364 36.10 -22.42 -8.14
C GLU G 364 35.33 -22.46 -6.84
N ASN G 365 34.74 -21.35 -6.37
CA ASN G 365 33.83 -21.49 -5.24
C ASN G 365 32.46 -21.98 -5.67
N LEU G 366 32.13 -21.79 -6.96
CA LEU G 366 30.93 -22.42 -7.52
C LEU G 366 31.04 -23.96 -7.52
N TYR G 367 32.25 -24.50 -7.65
CA TYR G 367 32.46 -25.93 -7.86
C TYR G 367 32.95 -26.67 -6.62
N ALA G 368 32.84 -26.05 -5.43
CA ALA G 368 33.57 -26.53 -4.25
C ALA G 368 33.04 -27.86 -3.72
N LEU G 369 31.72 -28.05 -3.72
CA LEU G 369 31.15 -29.30 -3.21
C LEU G 369 31.37 -30.46 -4.16
N LEU G 370 31.34 -30.20 -5.47
CA LEU G 370 31.64 -31.24 -6.44
C LEU G 370 33.12 -31.62 -6.40
N ASP G 371 34.01 -30.64 -6.14
CA ASP G 371 35.43 -30.95 -5.89
C ASP G 371 35.58 -31.82 -4.66
N LEU G 372 34.82 -31.52 -3.60
CA LEU G 372 34.81 -32.30 -2.38
C LEU G 372 34.43 -33.76 -2.64
N LYS G 373 33.39 -33.98 -3.45
CA LYS G 373 32.96 -35.34 -3.76
C LYS G 373 33.94 -36.08 -4.68
N ALA G 374 34.46 -35.36 -5.70
CA ALA G 374 35.32 -35.98 -6.70
C ALA G 374 36.68 -36.37 -6.12
N ASN G 375 37.21 -35.58 -5.18
CA ASN G 375 38.48 -35.92 -4.55
C ASN G 375 38.38 -37.20 -3.73
N MET G 376 37.22 -37.45 -3.12
CA MET G 376 37.04 -38.69 -2.37
C MET G 376 36.84 -39.88 -3.30
N ALA G 377 36.15 -39.66 -4.44
CA ALA G 377 35.89 -40.79 -5.33
C ALA G 377 37.14 -41.23 -6.10
N GLU G 378 38.06 -40.29 -6.38
CA GLU G 378 39.27 -40.60 -7.16
C GLU G 378 40.18 -41.62 -6.46
N ARG G 379 40.22 -41.60 -5.12
CA ARG G 379 41.05 -42.54 -4.38
C ARG G 379 40.53 -43.96 -4.50
N LYS G 380 39.21 -44.14 -4.51
CA LYS G 380 38.63 -45.47 -4.68
C LYS G 380 38.85 -45.99 -6.09
N ILE G 381 38.74 -45.11 -7.09
CA ILE G 381 39.00 -45.52 -8.46
C ILE G 381 40.47 -45.91 -8.66
N ARG G 382 41.39 -45.19 -8.00
CA ARG G 382 42.81 -45.55 -8.04
C ARG G 382 43.08 -46.89 -7.37
N ALA G 383 42.39 -47.15 -6.25
CA ALA G 383 42.53 -48.44 -5.58
C ALA G 383 42.04 -49.60 -6.43
N GLY G 384 41.01 -49.40 -7.25
CA GLY G 384 40.62 -50.44 -8.19
C GLY G 384 41.60 -50.64 -9.33
N LEU G 385 42.14 -49.53 -9.87
CA LEU G 385 43.03 -49.62 -11.01
C LEU G 385 44.39 -50.23 -10.66
N ARG G 386 44.85 -50.06 -9.42
CA ARG G 386 46.10 -50.68 -9.00
C ARG G 386 45.99 -52.21 -8.99
N LEU G 387 44.85 -52.74 -8.56
CA LEU G 387 44.63 -54.18 -8.60
C LEU G 387 44.50 -54.70 -10.03
N PHE G 388 43.86 -53.90 -10.90
CA PHE G 388 43.79 -54.23 -12.32
C PHE G 388 45.18 -54.39 -12.95
N PHE G 389 46.08 -53.46 -12.65
CA PHE G 389 47.41 -53.55 -13.26
C PHE G 389 48.31 -54.57 -12.58
N TRP G 390 48.03 -54.93 -11.32
CA TRP G 390 48.67 -56.11 -10.75
C TRP G 390 48.31 -57.38 -11.53
N PHE G 391 47.03 -57.54 -11.86
CA PHE G 391 46.62 -58.72 -12.65
C PHE G 391 47.24 -58.70 -14.05
N PHE G 392 47.35 -57.52 -14.65
CA PHE G 392 47.99 -57.40 -15.96
C PHE G 392 49.48 -57.76 -15.90
N ALA G 393 50.18 -57.37 -14.83
CA ALA G 393 51.58 -57.73 -14.70
C ALA G 393 51.77 -59.23 -14.44
N GLU G 394 50.82 -59.86 -13.73
CA GLU G 394 50.85 -61.31 -13.60
C GLU G 394 50.73 -62.00 -14.95
N TYR G 395 49.81 -61.50 -15.80
CA TYR G 395 49.69 -62.04 -17.15
C TYR G 395 50.95 -61.83 -17.97
N LEU G 396 51.63 -60.69 -17.79
CA LEU G 396 52.82 -60.42 -18.60
C LEU G 396 54.00 -61.26 -18.16
N ARG G 397 54.14 -61.55 -16.87
CA ARG G 397 55.21 -62.43 -16.42
C ARG G 397 54.93 -63.88 -16.80
N ASN G 398 53.67 -64.32 -16.76
CA ASN G 398 53.40 -65.73 -17.01
C ASN G 398 53.31 -66.08 -18.48
N THR G 399 53.51 -65.13 -19.39
CA THR G 399 53.63 -65.41 -20.81
C THR G 399 55.00 -65.06 -21.37
N GLY G 400 55.98 -64.82 -20.49
CA GLY G 400 57.34 -64.57 -20.91
C GLY G 400 57.63 -63.20 -21.46
N LYS G 401 56.68 -62.28 -21.45
CA LYS G 401 56.87 -60.96 -22.05
C LYS G 401 57.60 -59.97 -21.14
N GLY G 402 57.92 -60.35 -19.90
CA GLY G 402 58.74 -59.49 -19.07
C GLY G 402 58.32 -59.43 -17.63
N ASP G 403 59.20 -58.91 -16.76
CA ASP G 403 58.96 -58.81 -15.33
C ASP G 403 58.83 -57.34 -14.98
N PHE G 404 57.68 -56.95 -14.44
CA PHE G 404 57.40 -55.56 -14.13
C PHE G 404 56.73 -55.45 -12.76
N ASN G 405 56.80 -54.24 -12.21
CA ASN G 405 56.16 -53.91 -10.93
C ASN G 405 55.42 -52.60 -11.14
N PRO G 406 54.12 -52.65 -11.48
CA PRO G 406 53.39 -51.40 -11.78
C PRO G 406 53.11 -50.52 -10.57
N ASP G 407 53.32 -51.03 -9.36
CA ASP G 407 53.14 -50.22 -8.15
C ASP G 407 54.17 -49.09 -8.11
N LYS G 408 55.44 -49.42 -8.35
CA LYS G 408 56.50 -48.43 -8.32
C LYS G 408 56.74 -47.74 -9.66
N GLU G 409 56.42 -48.39 -10.78
CA GLU G 409 56.88 -47.92 -12.08
C GLU G 409 55.86 -47.14 -12.88
N LEU G 410 54.57 -47.24 -12.56
CA LEU G 410 53.51 -46.66 -13.37
C LEU G 410 52.83 -45.51 -12.63
N THR G 411 52.49 -44.45 -13.36
CA THR G 411 51.86 -43.27 -12.80
C THR G 411 50.62 -42.94 -13.62
N MET G 412 49.48 -42.80 -12.95
CA MET G 412 48.22 -42.46 -13.61
C MET G 412 47.85 -41.01 -13.32
N THR G 413 47.19 -40.37 -14.27
CA THR G 413 46.82 -38.96 -14.14
C THR G 413 45.37 -38.77 -14.58
N PHE G 414 44.61 -38.04 -13.75
CA PHE G 414 43.21 -37.72 -13.97
C PHE G 414 43.09 -36.25 -14.33
N THR G 415 42.14 -35.94 -15.23
CA THR G 415 41.90 -34.57 -15.67
C THR G 415 40.45 -34.19 -15.39
N ARG G 416 40.25 -33.11 -14.64
CA ARG G 416 38.91 -32.63 -14.33
C ARG G 416 38.37 -31.76 -15.45
N THR G 417 37.09 -31.94 -15.79
CA THR G 417 36.40 -31.13 -16.79
C THR G 417 35.73 -29.97 -16.07
N ARG G 418 36.38 -28.79 -16.07
CA ARG G 418 35.83 -27.66 -15.36
C ARG G 418 35.98 -26.39 -16.18
N ILE G 419 35.26 -25.36 -15.75
CA ILE G 419 35.24 -24.07 -16.42
C ILE G 419 36.30 -23.17 -15.81
N GLN G 420 37.14 -22.58 -16.65
CA GLN G 420 38.16 -21.66 -16.17
C GLN G 420 38.23 -20.44 -17.07
N ASN G 421 38.88 -19.41 -16.56
CA ASN G 421 39.09 -18.14 -17.26
C ASN G 421 40.45 -18.23 -17.97
N ASP G 422 40.43 -18.44 -19.28
CA ASP G 422 41.64 -18.80 -20.01
C ASP G 422 42.58 -17.60 -20.20
N SER G 423 42.02 -16.41 -20.45
CA SER G 423 42.85 -15.25 -20.72
C SER G 423 43.54 -14.73 -19.46
N GLU G 424 42.87 -14.85 -18.31
CA GLU G 424 43.49 -14.54 -17.02
C GLU G 424 44.69 -15.45 -16.75
N ILE G 425 44.56 -16.73 -17.11
CA ILE G 425 45.64 -17.70 -16.93
C ILE G 425 46.81 -17.38 -17.85
N VAL G 426 46.53 -17.05 -19.13
CA VAL G 426 47.61 -16.76 -20.09
C VAL G 426 48.35 -15.49 -19.69
N GLN G 427 47.61 -14.46 -19.25
CA GLN G 427 48.22 -13.22 -18.77
C GLN G 427 49.09 -13.45 -17.54
N SER G 428 48.62 -14.29 -16.61
CA SER G 428 49.40 -14.60 -15.40
C SER G 428 50.66 -15.39 -15.73
N LEU G 429 50.58 -16.32 -16.69
CA LEU G 429 51.74 -17.14 -17.04
C LEU G 429 52.80 -16.31 -17.76
N VAL G 430 52.38 -15.39 -18.62
CA VAL G 430 53.33 -14.53 -19.33
C VAL G 430 54.01 -13.58 -18.34
N GLN G 431 53.26 -13.06 -17.36
CA GLN G 431 53.83 -12.21 -16.33
C GLN G 431 54.82 -12.97 -15.45
N GLY G 432 54.52 -14.22 -15.12
CA GLY G 432 55.43 -15.03 -14.33
C GLY G 432 56.70 -15.43 -15.06
N VAL G 433 56.61 -15.69 -16.36
CA VAL G 433 57.81 -16.02 -17.13
C VAL G 433 58.69 -14.79 -17.32
N THR G 434 58.09 -13.63 -17.59
CA THR G 434 58.85 -12.40 -17.73
C THR G 434 59.50 -11.97 -16.40
N GLY G 435 58.82 -12.21 -15.28
CA GLY G 435 59.38 -11.87 -13.98
C GLY G 435 60.53 -12.76 -13.53
N GLY G 436 60.67 -13.95 -14.13
CA GLY G 436 61.76 -14.84 -13.80
C GLY G 436 61.49 -15.85 -12.71
N ILE G 437 60.24 -15.99 -12.27
CA ILE G 437 59.90 -16.92 -11.20
C ILE G 437 59.32 -18.22 -11.74
N MET G 438 59.49 -18.48 -13.03
CA MET G 438 58.87 -19.63 -13.68
C MET G 438 59.64 -19.97 -14.95
N SER G 439 59.87 -21.26 -15.16
CA SER G 439 60.51 -21.68 -16.40
C SER G 439 59.50 -21.71 -17.54
N LYS G 440 60.01 -21.65 -18.76
CA LYS G 440 59.15 -21.66 -19.94
C LYS G 440 58.54 -23.04 -20.17
N GLU G 441 59.26 -24.10 -19.81
CA GLU G 441 58.77 -25.46 -20.02
C GLU G 441 57.57 -25.76 -19.11
N THR G 442 57.58 -25.23 -17.89
CA THR G 442 56.42 -25.39 -17.01
C THR G 442 55.23 -24.58 -17.52
N ALA G 443 55.48 -23.40 -18.08
CA ALA G 443 54.39 -22.54 -18.52
C ALA G 443 53.76 -23.04 -19.82
N VAL G 444 54.51 -23.76 -20.66
CA VAL G 444 53.93 -24.37 -21.85
C VAL G 444 52.93 -25.47 -21.45
N ALA G 445 53.23 -26.20 -20.39
CA ALA G 445 52.33 -27.26 -19.93
C ALA G 445 51.05 -26.71 -19.31
N ARG G 446 51.11 -25.57 -18.64
CA ARG G 446 49.92 -24.98 -18.03
C ARG G 446 49.09 -24.15 -18.99
N ASN G 447 49.50 -24.04 -20.25
CA ASN G 447 48.79 -23.24 -21.22
C ASN G 447 47.46 -23.91 -21.58
N PRO G 448 46.32 -23.21 -21.46
CA PRO G 448 45.04 -23.83 -21.82
C PRO G 448 44.83 -24.05 -23.32
N PHE G 449 45.64 -23.44 -24.18
CA PHE G 449 45.53 -23.68 -25.62
C PHE G 449 46.44 -24.79 -26.11
N VAL G 450 47.36 -25.28 -25.28
CA VAL G 450 48.29 -26.33 -25.67
C VAL G 450 47.77 -27.65 -25.13
N GLN G 451 47.66 -28.65 -26.00
CA GLN G 451 47.19 -29.97 -25.61
C GLN G 451 48.26 -31.04 -25.65
N ASP G 452 49.42 -30.76 -26.23
CA ASP G 452 50.50 -31.75 -26.35
C ASP G 452 51.83 -31.06 -26.06
N PRO G 453 52.24 -31.01 -24.80
CA PRO G 453 53.41 -30.18 -24.43
C PRO G 453 54.74 -30.75 -24.87
N GLU G 454 54.81 -32.05 -25.15
CA GLU G 454 56.04 -32.64 -25.67
C GLU G 454 56.35 -32.08 -27.06
N GLU G 455 55.34 -32.04 -27.93
CA GLU G 455 55.51 -31.59 -29.30
C GLU G 455 55.68 -30.08 -29.40
N GLU G 456 55.04 -29.33 -28.48
CA GLU G 456 54.99 -27.88 -28.59
C GLU G 456 56.36 -27.25 -28.36
N LEU G 457 57.15 -27.82 -27.45
CA LEU G 457 58.47 -27.26 -27.16
C LEU G 457 59.43 -27.47 -28.33
N ALA G 458 59.39 -28.65 -28.94
CA ALA G 458 60.19 -28.91 -30.13
C ALA G 458 59.74 -28.02 -31.29
N ARG G 459 58.43 -27.83 -31.43
CA ARG G 459 57.88 -26.97 -32.48
C ARG G 459 58.27 -25.51 -32.29
N ILE G 460 58.44 -25.05 -31.04
CA ILE G 460 58.97 -23.72 -30.79
C ILE G 460 60.44 -23.64 -31.17
N GLU G 461 61.21 -24.70 -30.86
CA GLU G 461 62.63 -24.70 -31.13
C GLU G 461 62.93 -24.70 -32.64
N GLU G 462 62.12 -25.39 -33.45
CA GLU G 462 62.31 -25.33 -34.90
C GLU G 462 62.03 -23.93 -35.44
N GLU G 463 61.02 -23.25 -34.89
CA GLU G 463 60.69 -21.92 -35.36
C GLU G 463 61.78 -20.90 -35.01
N MET G 464 62.43 -21.05 -33.84
CA MET G 464 63.52 -20.12 -33.55
C MET G 464 64.77 -20.45 -34.37
N ASN G 465 65.00 -21.75 -34.66
CA ASN G 465 66.08 -22.13 -35.55
C ASN G 465 65.90 -21.54 -36.95
N GLN G 466 64.66 -21.51 -37.45
CA GLN G 466 64.42 -20.89 -38.75
C GLN G 466 64.46 -19.36 -38.68
N TYR G 467 64.04 -18.76 -37.57
CA TYR G 467 64.13 -17.31 -37.44
C TYR G 467 65.57 -16.83 -37.30
N ALA G 468 66.50 -17.72 -36.93
CA ALA G 468 67.90 -17.34 -36.83
C ALA G 468 68.50 -16.95 -38.18
N GLU G 469 68.18 -17.69 -39.25
CA GLU G 469 68.78 -17.38 -40.55
C GLU G 469 68.20 -16.13 -41.21
N MET G 470 67.04 -15.66 -40.77
CA MET G 470 66.43 -14.50 -41.38
C MET G 470 66.84 -13.19 -40.70
N MET H 1 -62.50 -6.31 -23.26
CA MET H 1 -63.00 -7.45 -22.51
C MET H 1 -64.52 -7.40 -22.43
N ASP H 2 -65.13 -8.58 -22.63
CA ASP H 2 -66.57 -8.71 -22.59
C ASP H 2 -67.08 -8.62 -21.15
N ILE H 3 -68.19 -7.91 -20.96
CA ILE H 3 -68.72 -7.67 -19.62
C ILE H 3 -69.34 -8.95 -19.05
N GLN H 4 -70.01 -9.73 -19.90
CA GLN H 4 -70.62 -10.98 -19.45
C GLN H 4 -69.58 -12.03 -19.08
N ARG H 5 -68.41 -11.99 -19.72
CA ARG H 5 -67.31 -12.87 -19.33
C ARG H 5 -66.76 -12.51 -17.96
N VAL H 6 -66.66 -11.22 -17.65
CA VAL H 6 -66.24 -10.77 -16.32
C VAL H 6 -67.27 -11.17 -15.27
N LYS H 7 -68.56 -11.06 -15.60
CA LYS H 7 -69.62 -11.47 -14.68
C LYS H 7 -69.60 -12.98 -14.44
N ARG H 8 -69.23 -13.78 -15.45
CA ARG H 8 -69.05 -15.21 -15.21
C ARG H 8 -67.81 -15.48 -14.37
N LEU H 9 -66.74 -14.69 -14.54
CA LEU H 9 -65.54 -14.90 -13.74
C LEU H 9 -65.69 -14.45 -12.29
N LEU H 10 -66.64 -13.57 -11.98
CA LEU H 10 -66.87 -13.13 -10.62
C LEU H 10 -68.12 -13.74 -10.00
N SER H 11 -68.84 -14.60 -10.74
CA SER H 11 -70.08 -15.25 -10.32
C SER H 11 -71.15 -14.24 -9.87
N ILE H 12 -71.42 -13.27 -10.75
CA ILE H 12 -72.51 -12.32 -10.58
C ILE H 12 -73.64 -12.74 -11.52
N THR H 13 -74.86 -12.82 -11.00
CA THR H 13 -76.01 -13.25 -11.79
C THR H 13 -77.01 -12.14 -12.11
N ASN H 14 -77.17 -11.14 -11.26
CA ASN H 14 -78.12 -10.07 -11.54
C ASN H 14 -77.42 -8.98 -12.35
N ASP H 15 -78.11 -7.85 -12.53
CA ASP H 15 -77.61 -6.74 -13.33
C ASP H 15 -77.41 -5.48 -12.49
N LYS H 16 -77.15 -5.66 -11.20
CA LYS H 16 -76.94 -4.53 -10.30
C LYS H 16 -75.61 -3.83 -10.52
N HIS H 17 -74.63 -4.50 -11.12
CA HIS H 17 -73.29 -3.95 -11.30
C HIS H 17 -72.97 -3.58 -12.75
N ASP H 18 -73.95 -3.56 -13.66
CA ASP H 18 -73.63 -3.48 -15.08
C ASP H 18 -73.16 -2.10 -15.48
N GLU H 19 -73.77 -1.06 -14.91
CA GLU H 19 -73.38 0.32 -15.16
C GLU H 19 -71.97 0.61 -14.67
N TYR H 20 -71.56 -0.03 -13.57
CA TYR H 20 -70.19 0.15 -13.06
C TYR H 20 -69.18 -0.59 -13.92
N LEU H 21 -69.50 -1.83 -14.32
CA LEU H 21 -68.54 -2.66 -15.06
C LEU H 21 -68.30 -2.12 -16.47
N THR H 22 -69.37 -1.61 -17.10
CA THR H 22 -69.26 -1.00 -18.42
C THR H 22 -68.33 0.21 -18.44
N GLU H 23 -68.23 0.92 -17.31
CA GLU H 23 -67.29 2.02 -17.21
C GLU H 23 -65.89 1.55 -16.80
N MET H 24 -65.80 0.60 -15.87
CA MET H 24 -64.52 0.32 -15.21
C MET H 24 -63.62 -0.61 -16.01
N VAL H 25 -64.17 -1.59 -16.74
CA VAL H 25 -63.35 -2.59 -17.43
C VAL H 25 -62.47 -2.05 -18.56
N PRO H 26 -62.94 -1.17 -19.49
CA PRO H 26 -62.00 -0.62 -20.49
C PRO H 26 -60.88 0.25 -19.90
N LEU H 27 -61.15 0.95 -18.80
CA LEU H 27 -60.11 1.74 -18.15
C LEU H 27 -59.01 0.85 -17.57
N LEU H 28 -59.39 -0.31 -17.03
CA LEU H 28 -58.40 -1.24 -16.50
C LEU H 28 -57.61 -1.92 -17.61
N VAL H 29 -58.24 -2.15 -18.77
CA VAL H 29 -57.49 -2.67 -19.92
C VAL H 29 -56.43 -1.68 -20.39
N GLU H 30 -56.81 -0.40 -20.50
CA GLU H 30 -55.84 0.62 -20.89
C GLU H 30 -54.77 0.83 -19.81
N PHE H 31 -55.11 0.63 -18.56
CA PHE H 31 -54.09 0.75 -17.57
C PHE H 31 -53.13 -0.46 -17.66
N ALA H 32 -53.56 -1.69 -17.96
CA ALA H 32 -52.62 -2.78 -18.15
C ALA H 32 -51.68 -2.51 -19.33
N LYS H 33 -52.21 -1.90 -20.39
CA LYS H 33 -51.38 -1.53 -21.55
C LYS H 33 -50.35 -0.46 -21.19
N ASP H 34 -50.74 0.55 -20.41
CA ASP H 34 -49.80 1.61 -20.05
C ASP H 34 -48.80 1.15 -18.99
N GLU H 35 -49.21 0.28 -18.08
CA GLU H 35 -48.33 -0.17 -17.00
C GLU H 35 -47.30 -1.19 -17.50
N CYS H 36 -47.66 -2.04 -18.45
CA CYS H 36 -46.68 -2.98 -18.99
C CYS H 36 -45.87 -2.41 -20.16
N HIS H 37 -46.23 -1.23 -20.67
CA HIS H 37 -45.67 -0.63 -21.90
C HIS H 37 -45.78 -1.58 -23.08
N ASN H 38 -46.94 -2.22 -23.21
CA ASN H 38 -47.18 -3.32 -24.14
C ASN H 38 -48.55 -3.16 -24.77
N PRO H 39 -48.64 -2.99 -26.09
CA PRO H 39 -49.95 -2.85 -26.73
C PRO H 39 -50.72 -4.15 -26.93
N PHE H 40 -50.10 -5.31 -26.68
CA PHE H 40 -50.68 -6.65 -26.79
C PHE H 40 -51.21 -6.93 -28.20
N ILE H 41 -50.30 -6.85 -29.17
CA ILE H 41 -50.64 -6.95 -30.58
C ILE H 41 -49.84 -8.11 -31.18
N ASP H 42 -50.53 -9.05 -31.83
CA ASP H 42 -49.87 -10.27 -32.31
C ASP H 42 -49.19 -10.03 -33.66
N LYS H 43 -48.87 -11.16 -34.32
CA LYS H 43 -48.22 -11.17 -35.64
C LYS H 43 -49.00 -10.37 -36.68
N ASP H 44 -50.31 -10.61 -36.75
CA ASP H 44 -51.14 -10.06 -37.81
C ASP H 44 -51.70 -8.68 -37.48
N GLY H 45 -51.13 -7.99 -36.50
CA GLY H 45 -51.56 -6.65 -36.17
C GLY H 45 -52.79 -6.57 -35.31
N ASN H 46 -53.27 -7.69 -34.80
CA ASN H 46 -54.53 -7.74 -34.08
C ASN H 46 -54.30 -7.74 -32.58
N GLU H 47 -55.20 -7.08 -31.86
CA GLU H 47 -55.12 -7.02 -30.41
C GLU H 47 -55.44 -8.38 -29.81
N SER H 48 -54.56 -8.88 -28.95
CA SER H 48 -54.67 -10.22 -28.38
C SER H 48 -54.31 -10.13 -26.90
N ILE H 49 -55.31 -9.99 -26.05
CA ILE H 49 -55.09 -9.79 -24.62
C ILE H 49 -54.75 -11.13 -23.98
N PRO H 50 -53.63 -11.23 -23.26
CA PRO H 50 -53.27 -12.50 -22.62
C PRO H 50 -54.14 -12.80 -21.40
N SER H 51 -54.00 -14.02 -20.90
CA SER H 51 -54.92 -14.55 -19.88
C SER H 51 -54.72 -13.89 -18.52
N GLY H 52 -53.47 -13.52 -18.22
CA GLY H 52 -53.15 -12.94 -16.93
C GLY H 52 -53.66 -11.51 -16.80
N VAL H 53 -53.68 -10.77 -17.91
CA VAL H 53 -54.31 -9.46 -17.94
C VAL H 53 -55.81 -9.59 -17.68
N LEU H 54 -56.44 -10.65 -18.20
CA LEU H 54 -57.87 -10.86 -17.99
C LEU H 54 -58.19 -11.18 -16.53
N ILE H 55 -57.38 -12.04 -15.90
CA ILE H 55 -57.53 -12.33 -14.47
C ILE H 55 -57.32 -11.08 -13.64
N PHE H 56 -56.32 -10.27 -14.02
CA PHE H 56 -56.03 -9.04 -13.30
C PHE H 56 -57.17 -8.03 -13.41
N VAL H 57 -57.74 -7.87 -14.61
CA VAL H 57 -58.80 -6.90 -14.83
C VAL H 57 -60.06 -7.30 -14.05
N ALA H 58 -60.40 -8.60 -14.07
CA ALA H 58 -61.58 -9.05 -13.31
C ALA H 58 -61.40 -8.88 -11.81
N LYS H 59 -60.22 -9.23 -11.27
CA LYS H 59 -60.04 -9.13 -9.83
C LYS H 59 -59.88 -7.69 -9.35
N ALA H 60 -59.28 -6.82 -10.16
CA ALA H 60 -59.19 -5.41 -9.78
C ALA H 60 -60.54 -4.72 -9.87
N ALA H 61 -61.37 -5.08 -10.85
CA ALA H 61 -62.73 -4.57 -10.90
C ALA H 61 -63.56 -5.04 -9.71
N GLN H 62 -63.32 -6.26 -9.22
CA GLN H 62 -64.00 -6.69 -8.00
C GLN H 62 -63.49 -5.94 -6.77
N PHE H 63 -62.19 -5.66 -6.72
CA PHE H 63 -61.62 -4.94 -5.57
C PHE H 63 -62.12 -3.50 -5.49
N TYR H 64 -62.29 -2.84 -6.63
CA TYR H 64 -62.66 -1.42 -6.61
C TYR H 64 -64.16 -1.18 -6.41
N MET H 65 -64.94 -2.21 -6.06
CA MET H 65 -66.31 -2.01 -5.64
C MET H 65 -66.42 -1.55 -4.20
N THR H 66 -65.34 -1.60 -3.43
CA THR H 66 -65.34 -1.15 -2.04
C THR H 66 -65.30 0.37 -1.97
N ASN H 67 -65.47 0.89 -0.76
CA ASN H 67 -65.31 2.31 -0.49
C ASN H 67 -63.87 2.58 -0.09
N ALA H 68 -63.28 3.64 -0.67
CA ALA H 68 -61.84 3.85 -0.54
C ALA H 68 -61.43 4.34 0.85
N GLY H 69 -62.31 5.05 1.55
CA GLY H 69 -61.95 5.58 2.85
C GLY H 69 -62.47 4.81 4.03
N LEU H 70 -62.64 3.50 3.89
CA LEU H 70 -63.28 2.69 4.92
C LEU H 70 -62.50 1.40 5.13
N THR H 71 -62.19 1.08 6.39
CA THR H 71 -61.50 -0.14 6.76
C THR H 71 -62.41 -1.18 7.38
N GLY H 72 -63.44 -0.76 8.12
CA GLY H 72 -64.35 -1.69 8.75
C GLY H 72 -65.70 -1.04 8.97
N ARG H 73 -66.73 -1.87 9.03
CA ARG H 73 -68.09 -1.35 9.18
C ARG H 73 -68.92 -2.34 10.00
N SER H 74 -69.81 -1.81 10.85
CA SER H 74 -70.68 -2.64 11.66
C SER H 74 -72.10 -2.08 11.66
N MET H 75 -73.08 -2.97 11.55
CA MET H 75 -74.49 -2.63 11.46
C MET H 75 -75.24 -3.81 12.07
N ASP H 76 -75.68 -3.51 13.29
CA ASP H 76 -76.33 -4.37 14.26
C ASP H 76 -75.68 -5.73 14.37
N THR H 77 -76.14 -6.67 13.57
CA THR H 77 -75.62 -8.03 13.65
C THR H 77 -74.61 -8.38 12.56
N VAL H 78 -74.56 -7.61 11.50
CA VAL H 78 -73.64 -7.76 10.38
C VAL H 78 -72.40 -6.89 10.60
N SER H 79 -71.25 -7.37 10.12
CA SER H 79 -70.03 -6.58 10.13
C SER H 79 -69.15 -6.98 8.95
N TYR H 80 -68.28 -6.05 8.54
CA TYR H 80 -67.37 -6.25 7.41
C TYR H 80 -66.00 -5.67 7.73
N ASN H 81 -64.96 -6.38 7.30
CA ASN H 81 -63.58 -5.91 7.33
C ASN H 81 -63.05 -5.90 5.91
N PHE H 82 -62.48 -4.77 5.49
CA PHE H 82 -62.11 -4.55 4.10
C PHE H 82 -60.59 -4.58 3.93
N ALA H 83 -60.17 -4.98 2.73
CA ALA H 83 -58.77 -4.92 2.36
C ALA H 83 -58.39 -3.51 1.93
N THR H 84 -57.20 -3.08 2.34
CA THR H 84 -56.76 -1.71 2.07
C THR H 84 -55.98 -1.58 0.77
N GLU H 85 -55.18 -2.58 0.42
CA GLU H 85 -54.42 -2.58 -0.81
C GLU H 85 -54.84 -3.75 -1.68
N ILE H 86 -54.60 -3.61 -2.98
CA ILE H 86 -54.67 -4.76 -3.89
C ILE H 86 -53.57 -5.75 -3.51
N PRO H 87 -53.88 -7.03 -3.33
CA PRO H 87 -52.85 -8.01 -2.93
C PRO H 87 -51.79 -8.19 -3.99
N SER H 88 -50.60 -8.59 -3.54
CA SER H 88 -49.44 -8.72 -4.42
C SER H 88 -49.60 -9.86 -5.41
N THR H 89 -50.38 -10.89 -5.07
CA THR H 89 -50.59 -12.00 -6.00
C THR H 89 -51.47 -11.62 -7.18
N ILE H 90 -52.31 -10.59 -7.04
CA ILE H 90 -53.07 -10.09 -8.18
C ILE H 90 -52.21 -9.15 -9.02
N LEU H 91 -51.39 -8.32 -8.38
CA LEU H 91 -50.51 -7.41 -9.11
C LEU H 91 -49.42 -8.15 -9.86
N LYS H 92 -49.03 -9.33 -9.38
CA LYS H 92 -47.98 -10.11 -10.04
C LYS H 92 -48.49 -10.89 -11.25
N LYS H 93 -49.76 -10.77 -11.63
CA LYS H 93 -50.22 -11.35 -12.88
C LYS H 93 -49.70 -10.60 -14.09
N LEU H 94 -49.39 -9.32 -13.95
CA LEU H 94 -48.88 -8.55 -15.08
C LEU H 94 -47.38 -8.72 -15.30
N ASN H 95 -46.70 -9.48 -14.44
CA ASN H 95 -45.25 -9.60 -14.50
C ASN H 95 -44.67 -10.27 -15.76
N PRO H 96 -45.23 -11.34 -16.34
CA PRO H 96 -44.57 -11.92 -17.53
C PRO H 96 -44.67 -11.11 -18.82
N TYR H 97 -45.29 -9.92 -18.83
CA TYR H 97 -45.45 -9.15 -20.06
C TYR H 97 -44.85 -7.75 -19.95
N ARG H 98 -43.95 -7.51 -19.01
CA ARG H 98 -43.46 -6.16 -18.75
C ARG H 98 -42.32 -5.82 -19.70
N LYS H 99 -42.45 -4.68 -20.38
CA LYS H 99 -41.42 -4.10 -21.21
C LYS H 99 -40.97 -2.77 -20.61
N MET H 100 -39.91 -2.22 -21.18
CA MET H 100 -39.37 -0.95 -20.72
C MET H 100 -39.93 0.20 -21.56
N ALA H 101 -40.04 1.36 -20.93
CA ALA H 101 -40.54 2.55 -21.61
C ALA H 101 -39.49 3.08 -22.58
N ARG H 102 -39.94 3.50 -23.76
CA ARG H 102 -39.04 4.04 -24.77
C ARG H 102 -39.28 5.54 -24.96
N MET I 1 -57.38 -28.80 -18.89
CA MET I 1 -57.73 -29.57 -17.70
C MET I 1 -59.22 -29.84 -17.66
N ASP I 2 -59.58 -31.09 -17.38
CA ASP I 2 -60.98 -31.49 -17.31
C ASP I 2 -61.65 -30.92 -16.06
N ILE I 3 -62.87 -30.40 -16.25
CA ILE I 3 -63.59 -29.72 -15.17
C ILE I 3 -64.04 -30.72 -14.10
N GLN I 4 -64.44 -31.92 -14.51
CA GLN I 4 -64.86 -32.95 -13.55
C GLN I 4 -63.69 -33.44 -12.70
N ARG I 5 -62.48 -33.46 -13.26
CA ARG I 5 -61.30 -33.83 -12.50
C ARG I 5 -60.97 -32.77 -11.45
N VAL I 6 -61.17 -31.49 -11.78
CA VAL I 6 -61.00 -30.40 -10.82
C VAL I 6 -62.05 -30.50 -9.72
N LYS I 7 -63.29 -30.87 -10.07
CA LYS I 7 -64.34 -31.06 -9.08
C LYS I 7 -64.06 -32.25 -8.17
N ARG I 8 -63.39 -33.29 -8.68
CA ARG I 8 -62.97 -34.39 -7.82
C ARG I 8 -61.81 -33.99 -6.91
N LEU I 9 -60.92 -33.10 -7.38
CA LEU I 9 -59.80 -32.69 -6.53
C LEU I 9 -60.21 -31.73 -5.42
N LEU I 10 -61.35 -31.06 -5.55
CA LEU I 10 -61.79 -30.06 -4.57
C LEU I 10 -62.98 -30.51 -3.74
N SER I 11 -63.41 -31.78 -3.89
CA SER I 11 -64.53 -32.39 -3.16
C SER I 11 -65.85 -31.64 -3.38
N ILE I 12 -66.16 -31.37 -4.64
CA ILE I 12 -67.39 -30.71 -5.04
C ILE I 12 -68.30 -31.75 -5.67
N THR I 13 -69.54 -31.85 -5.18
CA THR I 13 -70.48 -32.82 -5.69
C THR I 13 -71.62 -32.22 -6.52
N ASN I 14 -72.04 -31.00 -6.24
CA ASN I 14 -73.13 -30.40 -6.99
C ASN I 14 -72.60 -29.64 -8.20
N ASP I 15 -73.48 -28.90 -8.86
CA ASP I 15 -73.13 -28.15 -10.06
C ASP I 15 -73.26 -26.65 -9.85
N LYS I 16 -73.08 -26.18 -8.61
CA LYS I 16 -73.20 -24.76 -8.31
C LYS I 16 -72.04 -23.95 -8.85
N HIS I 17 -70.85 -24.53 -8.97
CA HIS I 17 -69.65 -23.81 -9.38
C HIS I 17 -69.27 -24.04 -10.83
N ASP I 18 -70.17 -24.61 -11.66
CA ASP I 18 -69.77 -25.10 -12.97
C ASP I 18 -69.47 -23.97 -13.95
N GLU I 19 -70.27 -22.91 -13.92
CA GLU I 19 -70.10 -21.80 -14.85
C GLU I 19 -68.84 -20.99 -14.53
N TYR I 20 -68.49 -20.89 -13.25
CA TYR I 20 -67.23 -20.23 -12.86
C TYR I 20 -66.03 -21.05 -13.27
N LEU I 21 -66.08 -22.37 -13.07
CA LEU I 21 -64.93 -23.23 -13.33
C LEU I 21 -64.65 -23.36 -14.82
N THR I 22 -65.72 -23.42 -15.63
CA THR I 22 -65.60 -23.50 -17.09
C THR I 22 -64.90 -22.27 -17.68
N GLU I 23 -65.02 -21.12 -17.03
CA GLU I 23 -64.32 -19.92 -17.45
C GLU I 23 -62.93 -19.80 -16.84
N MET I 24 -62.75 -20.22 -15.59
CA MET I 24 -61.53 -19.92 -14.84
C MET I 24 -60.39 -20.92 -15.08
N VAL I 25 -60.70 -22.20 -15.31
CA VAL I 25 -59.63 -23.22 -15.44
C VAL I 25 -58.72 -23.03 -16.66
N PRO I 26 -59.23 -22.80 -17.90
CA PRO I 26 -58.28 -22.60 -19.03
C PRO I 26 -57.43 -21.35 -18.91
N LEU I 27 -57.95 -20.30 -18.29
CA LEU I 27 -57.17 -19.08 -18.04
C LEU I 27 -56.00 -19.37 -17.11
N LEU I 28 -56.20 -20.22 -16.10
CA LEU I 28 -55.12 -20.55 -15.18
C LEU I 28 -54.10 -21.48 -15.83
N VAL I 29 -54.53 -22.35 -16.75
CA VAL I 29 -53.59 -23.18 -17.51
C VAL I 29 -52.68 -22.30 -18.38
N GLU I 30 -53.27 -21.34 -19.09
CA GLU I 30 -52.46 -20.42 -19.89
C GLU I 30 -51.60 -19.50 -19.03
N PHE I 31 -52.05 -19.14 -17.84
CA PHE I 31 -51.19 -18.37 -17.01
C PHE I 31 -49.99 -19.22 -16.54
N ALA I 32 -50.15 -20.52 -16.21
CA ALA I 32 -49.00 -21.32 -15.83
C ALA I 32 -48.00 -21.45 -16.98
N LYS I 33 -48.53 -21.62 -18.21
CA LYS I 33 -47.65 -21.68 -19.39
C LYS I 33 -46.87 -20.38 -19.60
N ASP I 34 -47.52 -19.23 -19.42
CA ASP I 34 -46.81 -17.96 -19.60
C ASP I 34 -45.86 -17.66 -18.44
N GLU I 35 -46.20 -18.11 -17.23
CA GLU I 35 -45.40 -17.74 -16.07
C GLU I 35 -44.16 -18.61 -15.94
N CYS I 36 -44.22 -19.89 -16.36
CA CYS I 36 -43.03 -20.72 -16.33
C CYS I 36 -42.19 -20.61 -17.60
N HIS I 37 -42.68 -19.91 -18.63
CA HIS I 37 -42.10 -19.84 -19.97
C HIS I 37 -41.88 -21.24 -20.55
N ASN I 38 -42.88 -22.11 -20.37
CA ASN I 38 -42.83 -23.53 -20.69
C ASN I 38 -44.16 -23.94 -21.34
N PRO I 39 -44.14 -24.39 -22.59
CA PRO I 39 -45.40 -24.81 -23.24
C PRO I 39 -45.89 -26.20 -22.87
N PHE I 40 -45.11 -26.97 -22.11
CA PHE I 40 -45.45 -28.32 -21.59
C PHE I 40 -45.78 -29.30 -22.73
N ILE I 41 -44.76 -29.60 -23.53
CA ILE I 41 -44.90 -30.39 -24.72
C ILE I 41 -43.88 -31.53 -24.67
N ASP I 42 -44.34 -32.76 -24.94
CA ASP I 42 -43.46 -33.92 -24.90
C ASP I 42 -42.68 -34.13 -26.20
N LYS I 43 -42.17 -35.36 -26.37
CA LYS I 43 -41.38 -35.73 -27.54
C LYS I 43 -42.18 -35.63 -28.83
N ASP I 44 -43.39 -36.17 -28.86
CA ASP I 44 -44.22 -36.21 -30.05
C ASP I 44 -44.98 -34.91 -30.31
N GLY I 45 -44.64 -33.82 -29.64
CA GLY I 45 -45.36 -32.58 -29.83
C GLY I 45 -46.68 -32.48 -29.08
N ASN I 46 -47.01 -33.45 -28.25
CA ASN I 46 -48.29 -33.45 -27.57
C ASN I 46 -48.20 -32.67 -26.26
N GLU I 47 -49.30 -32.02 -25.90
CA GLU I 47 -49.35 -31.25 -24.67
C GLU I 47 -49.49 -32.21 -23.49
N SER I 48 -48.54 -32.15 -22.57
CA SER I 48 -48.53 -33.02 -21.39
C SER I 48 -48.37 -32.14 -20.16
N ILE I 49 -49.47 -31.80 -19.52
CA ILE I 49 -49.46 -30.95 -18.32
C ILE I 49 -48.93 -31.75 -17.13
N PRO I 50 -47.90 -31.28 -16.43
CA PRO I 50 -47.39 -32.02 -15.27
C PRO I 50 -48.35 -31.94 -14.08
N SER I 51 -48.10 -32.84 -13.12
CA SER I 51 -49.04 -33.06 -12.01
C SER I 51 -49.07 -31.87 -11.06
N GLY I 52 -47.93 -31.23 -10.89
CA GLY I 52 -47.78 -30.11 -9.96
C GLY I 52 -48.47 -28.85 -10.48
N VAL I 53 -48.46 -28.67 -11.81
CA VAL I 53 -49.25 -27.62 -12.44
C VAL I 53 -50.75 -27.87 -12.25
N LEU I 54 -51.17 -29.14 -12.27
CA LEU I 54 -52.58 -29.47 -12.08
C LEU I 54 -53.05 -29.18 -10.65
N ILE I 55 -52.22 -29.55 -9.67
CA ILE I 55 -52.49 -29.22 -8.26
C ILE I 55 -52.58 -27.70 -8.09
N PHE I 56 -51.67 -26.96 -8.73
CA PHE I 56 -51.68 -25.51 -8.64
C PHE I 56 -52.94 -24.90 -9.23
N VAL I 57 -53.37 -25.39 -10.40
CA VAL I 57 -54.55 -24.84 -11.08
C VAL I 57 -55.80 -25.08 -10.25
N ALA I 58 -55.94 -26.28 -9.66
CA ALA I 58 -57.10 -26.58 -8.82
C ALA I 58 -57.12 -25.72 -7.55
N LYS I 59 -55.99 -25.58 -6.87
CA LYS I 59 -55.99 -24.79 -5.63
C LYS I 59 -56.13 -23.29 -5.88
N ALA I 60 -55.61 -22.78 -7.00
CA ALA I 60 -55.80 -21.37 -7.32
C ALA I 60 -57.23 -21.07 -7.74
N ALA I 61 -57.88 -22.00 -8.45
CA ALA I 61 -59.29 -21.83 -8.75
C ALA I 61 -60.15 -21.88 -7.50
N GLN I 62 -59.77 -22.69 -6.50
CA GLN I 62 -60.51 -22.66 -5.25
C GLN I 62 -60.25 -21.37 -4.47
N PHE I 63 -59.02 -20.83 -4.54
CA PHE I 63 -58.72 -19.58 -3.84
C PHE I 63 -59.49 -18.41 -4.42
N TYR I 64 -59.65 -18.35 -5.75
CA TYR I 64 -60.26 -17.17 -6.36
C TYR I 64 -61.79 -17.18 -6.32
N MET I 65 -62.43 -18.07 -5.55
CA MET I 65 -63.86 -17.99 -5.32
C MET I 65 -64.23 -16.95 -4.27
N THR I 66 -63.26 -16.39 -3.55
CA THR I 66 -63.53 -15.37 -2.54
C THR I 66 -63.69 -13.99 -3.18
N ASN I 67 -64.15 -13.05 -2.36
CA ASN I 67 -64.25 -11.65 -2.75
C ASN I 67 -62.91 -10.97 -2.47
N ALA I 68 -62.40 -10.24 -3.48
CA ALA I 68 -61.06 -9.68 -3.39
C ALA I 68 -60.96 -8.48 -2.46
N GLY I 69 -62.05 -7.78 -2.20
CA GLY I 69 -61.99 -6.62 -1.31
C GLY I 69 -62.43 -6.88 0.12
N LEU I 70 -62.42 -8.14 0.55
CA LEU I 70 -62.97 -8.50 1.85
C LEU I 70 -62.00 -9.39 2.60
N THR I 71 -61.70 -9.04 3.86
CA THR I 71 -60.89 -9.90 4.72
C THR I 71 -61.68 -10.59 5.82
N GLY I 72 -62.88 -10.14 6.12
CA GLY I 72 -63.68 -10.77 7.15
C GLY I 72 -65.15 -10.40 7.02
N ARG I 73 -66.00 -11.28 7.53
CA ARG I 73 -67.45 -11.12 7.39
C ARG I 73 -68.14 -11.81 8.56
N SER I 74 -69.30 -11.30 8.96
CA SER I 74 -70.04 -11.90 10.07
C SER I 74 -71.53 -11.62 9.93
N MET I 75 -72.36 -12.66 10.10
CA MET I 75 -73.82 -12.50 10.16
C MET I 75 -74.38 -13.41 11.26
N ASP I 76 -74.42 -12.88 12.47
CA ASP I 76 -75.30 -13.24 13.59
C ASP I 76 -75.09 -14.62 14.22
N THR I 77 -74.55 -15.58 13.47
CA THR I 77 -74.15 -16.88 13.99
C THR I 77 -72.95 -17.34 13.18
N VAL I 78 -72.85 -16.87 11.94
CA VAL I 78 -71.75 -17.24 11.08
C VAL I 78 -70.71 -16.13 11.06
N SER I 79 -69.45 -16.51 10.88
CA SER I 79 -68.37 -15.56 10.65
C SER I 79 -67.29 -16.23 9.86
N TYR I 80 -66.55 -15.43 9.08
CA TYR I 80 -65.53 -15.91 8.17
C TYR I 80 -64.34 -14.97 8.19
N ASN I 81 -63.15 -15.56 8.19
CA ASN I 81 -61.89 -14.85 7.99
C ASN I 81 -61.22 -15.40 6.75
N PHE I 82 -60.89 -14.53 5.81
CA PHE I 82 -60.39 -14.93 4.52
C PHE I 82 -58.88 -14.70 4.42
N ALA I 83 -58.22 -15.53 3.60
CA ALA I 83 -56.82 -15.33 3.28
C ALA I 83 -56.67 -14.28 2.19
N THR I 84 -55.68 -13.41 2.34
CA THR I 84 -55.52 -12.29 1.41
C THR I 84 -54.53 -12.59 0.28
N GLU I 85 -53.60 -13.51 0.48
CA GLU I 85 -52.65 -13.90 -0.56
C GLU I 85 -52.74 -15.40 -0.80
N ILE I 86 -52.35 -15.80 -2.00
CA ILE I 86 -52.11 -17.23 -2.26
C ILE I 86 -50.91 -17.67 -1.43
N PRO I 87 -51.01 -18.77 -0.69
CA PRO I 87 -49.88 -19.22 0.14
C PRO I 87 -48.69 -19.63 -0.71
N SER I 88 -47.51 -19.50 -0.11
CA SER I 88 -46.27 -19.78 -0.84
C SER I 88 -46.11 -21.26 -1.15
N THR I 89 -46.73 -22.16 -0.39
CA THR I 89 -46.66 -23.57 -0.72
C THR I 89 -47.49 -23.93 -1.95
N ILE I 90 -48.48 -23.10 -2.30
CA ILE I 90 -49.18 -23.30 -3.57
C ILE I 90 -48.42 -22.63 -4.71
N LEU I 91 -47.80 -21.47 -4.44
CA LEU I 91 -47.00 -20.81 -5.47
C LEU I 91 -45.72 -21.58 -5.80
N LYS I 92 -45.24 -22.41 -4.87
CA LYS I 92 -44.11 -23.29 -5.13
C LYS I 92 -44.49 -24.55 -5.89
N LYS I 93 -45.75 -24.67 -6.33
CA LYS I 93 -46.13 -25.73 -7.25
C LYS I 93 -45.78 -25.41 -8.70
N LEU I 94 -45.03 -24.36 -8.98
CA LEU I 94 -44.57 -24.15 -10.34
C LEU I 94 -43.06 -24.26 -10.49
N ASN I 95 -42.33 -24.40 -9.38
CA ASN I 95 -40.88 -24.20 -9.38
C ASN I 95 -40.03 -25.20 -10.18
N PRO I 96 -40.25 -26.53 -10.17
CA PRO I 96 -39.37 -27.40 -10.95
C PRO I 96 -39.52 -27.33 -12.46
N TYR I 97 -40.41 -26.50 -13.00
CA TYR I 97 -40.62 -26.41 -14.44
C TYR I 97 -40.27 -25.05 -15.00
N ARG I 98 -39.59 -24.20 -14.24
CA ARG I 98 -39.38 -22.82 -14.64
C ARG I 98 -38.22 -22.71 -15.61
N LYS I 99 -38.45 -22.01 -16.73
CA LYS I 99 -37.43 -21.67 -17.70
C LYS I 99 -37.29 -20.16 -17.78
N MET I 100 -36.24 -19.72 -18.46
CA MET I 100 -36.01 -18.29 -18.66
C MET I 100 -36.67 -17.81 -19.94
N ALA I 101 -37.07 -16.54 -19.93
CA ALA I 101 -37.70 -15.94 -21.11
C ALA I 101 -36.66 -15.68 -22.18
N ARG I 102 -37.07 -15.84 -23.44
CA ARG I 102 -36.19 -15.60 -24.57
C ARG I 102 -36.65 -14.43 -25.41
N MET J 1 -68.00 -21.05 -3.34
CA MET J 1 -68.25 -19.66 -3.00
C MET J 1 -68.83 -19.53 -1.59
N TYR J 2 -68.85 -18.29 -1.08
CA TYR J 2 -69.35 -18.00 0.26
C TYR J 2 -70.36 -16.87 0.15
N GLU J 3 -71.61 -17.23 -0.07
CA GLU J 3 -72.66 -16.25 -0.31
C GLU J 3 -73.25 -15.78 1.02
N GLU J 4 -73.56 -14.48 1.08
CA GLU J 4 -74.31 -13.96 2.21
C GLU J 4 -75.72 -14.53 2.24
N PHE J 5 -76.30 -14.72 1.09
CA PHE J 5 -77.64 -15.20 0.98
C PHE J 5 -77.67 -16.45 0.14
N PRO J 6 -77.55 -17.62 0.73
CA PRO J 6 -77.51 -18.86 -0.05
C PRO J 6 -78.85 -19.53 -0.29
N ASP J 7 -79.93 -19.06 0.32
CA ASP J 7 -81.25 -19.67 0.17
C ASP J 7 -82.12 -18.89 -0.80
N VAL J 8 -83.27 -19.48 -1.14
CA VAL J 8 -84.29 -18.87 -1.97
C VAL J 8 -85.63 -19.09 -1.28
N ILE J 9 -86.34 -18.00 -0.99
CA ILE J 9 -87.60 -18.07 -0.27
C ILE J 9 -88.69 -17.46 -1.13
N THR J 10 -89.94 -17.74 -0.77
CA THR J 10 -91.09 -17.20 -1.49
C THR J 10 -91.98 -16.42 -0.53
N PHE J 11 -92.35 -15.20 -0.88
CA PHE J 11 -93.26 -14.36 -0.08
C PHE J 11 -94.69 -14.50 -0.55
N GLN J 12 -95.67 -14.65 0.32
CA GLN J 12 -97.06 -14.93 -0.03
C GLN J 12 -97.99 -13.98 0.71
N SER J 13 -99.05 -13.57 0.01
CA SER J 13 -100.09 -12.68 0.54
C SER J 13 -101.44 -13.37 0.54
N TYR J 14 -102.37 -12.80 1.29
CA TYR J 14 -103.69 -13.40 1.57
C TYR J 14 -104.75 -12.56 0.87
N VAL J 15 -105.12 -12.95 -0.35
CA VAL J 15 -105.87 -12.09 -1.27
C VAL J 15 -107.22 -12.74 -1.59
N GLU J 16 -108.17 -11.93 -2.06
CA GLU J 16 -109.54 -12.36 -2.29
C GLU J 16 -109.82 -12.72 -3.74
N GLN J 17 -110.57 -13.81 -3.93
CA GLN J 17 -111.21 -14.15 -5.19
C GLN J 17 -112.72 -14.06 -5.01
N SER J 18 -113.42 -13.53 -6.00
CA SER J 18 -114.87 -13.44 -5.97
C SER J 18 -115.40 -13.72 -7.37
N ASN J 19 -116.26 -14.74 -7.50
CA ASN J 19 -116.74 -15.18 -8.81
C ASN J 19 -118.15 -15.77 -8.69
N GLY J 20 -119.14 -14.98 -9.10
CA GLY J 20 -120.39 -15.53 -9.63
C GLY J 20 -121.67 -15.29 -8.87
N GLU J 21 -121.68 -15.50 -7.57
CA GLU J 21 -122.91 -15.26 -6.83
C GLU J 21 -122.70 -14.42 -5.58
N GLY J 22 -121.62 -14.67 -4.85
CA GLY J 22 -121.10 -13.88 -3.76
C GLY J 22 -120.10 -14.82 -3.15
N GLY J 23 -118.89 -14.37 -2.89
CA GLY J 23 -117.81 -15.28 -2.52
C GLY J 23 -116.91 -14.65 -1.49
N LYS J 24 -116.44 -15.49 -0.56
CA LYS J 24 -115.62 -15.05 0.55
C LYS J 24 -114.26 -15.74 0.56
N THR J 25 -113.89 -16.46 -0.49
CA THR J 25 -112.71 -17.31 -0.45
C THR J 25 -111.43 -16.48 -0.60
N TYR J 26 -110.54 -16.63 0.37
CA TYR J 26 -109.24 -15.99 0.39
C TYR J 26 -108.15 -17.03 0.18
N LYS J 27 -107.18 -16.72 -0.66
CA LYS J 27 -106.13 -17.65 -1.00
C LYS J 27 -104.78 -17.00 -0.76
N TRP J 28 -103.83 -17.79 -0.25
CA TRP J 28 -102.44 -17.41 -0.18
C TRP J 28 -101.82 -17.55 -1.56
N VAL J 29 -101.48 -16.43 -2.19
CA VAL J 29 -100.85 -16.46 -3.51
C VAL J 29 -99.47 -15.82 -3.42
N ASP J 30 -98.59 -16.22 -4.34
CA ASP J 30 -97.21 -15.76 -4.33
C ASP J 30 -97.11 -14.31 -4.77
N GLU J 31 -96.21 -13.56 -4.13
CA GLU J 31 -95.89 -12.19 -4.52
C GLU J 31 -94.60 -12.11 -5.31
N PHE J 32 -93.50 -12.55 -4.69
CA PHE J 32 -92.19 -12.53 -5.31
C PHE J 32 -91.24 -13.48 -4.64
N THR J 33 -90.05 -13.66 -5.18
CA THR J 33 -89.03 -14.49 -4.58
C THR J 33 -87.76 -13.68 -4.39
N ALA J 34 -86.93 -14.11 -3.44
CA ALA J 34 -85.73 -13.36 -3.09
C ALA J 34 -84.67 -14.28 -2.52
N ALA J 35 -83.43 -13.84 -2.60
CA ALA J 35 -82.32 -14.53 -1.95
C ALA J 35 -82.28 -14.16 -0.48
N ALA J 36 -81.96 -15.13 0.36
CA ALA J 36 -82.07 -14.93 1.80
C ALA J 36 -81.13 -15.87 2.53
N HIS J 37 -81.04 -15.67 3.84
CA HIS J 37 -80.38 -16.60 4.74
C HIS J 37 -81.29 -16.84 5.92
N VAL J 38 -81.74 -18.09 6.08
CA VAL J 38 -82.65 -18.48 7.15
C VAL J 38 -81.83 -19.18 8.22
N GLN J 39 -81.78 -18.60 9.42
CA GLN J 39 -80.97 -19.12 10.49
C GLN J 39 -81.84 -19.46 11.71
N PRO J 40 -81.62 -20.61 12.34
CA PRO J 40 -82.23 -20.84 13.65
C PRO J 40 -81.59 -19.93 14.69
N ILE J 41 -82.35 -19.66 15.75
CA ILE J 41 -81.83 -18.79 16.79
C ILE J 41 -80.76 -19.51 17.60
N SER J 42 -79.89 -18.73 18.22
CA SER J 42 -78.72 -19.27 18.89
C SER J 42 -79.11 -19.96 20.20
N GLN J 43 -78.13 -20.64 20.79
CA GLN J 43 -78.33 -21.36 22.04
C GLN J 43 -78.64 -20.42 23.20
N GLU J 44 -78.12 -19.19 23.14
CA GLU J 44 -78.39 -18.21 24.19
C GLU J 44 -79.74 -17.54 24.00
N GLU J 45 -80.14 -17.32 22.75
CA GLU J 45 -81.41 -16.68 22.42
C GLU J 45 -82.61 -17.60 22.67
N TYR J 46 -82.37 -18.92 22.76
CA TYR J 46 -83.44 -19.89 22.99
C TYR J 46 -84.09 -19.69 24.35
N TYR J 47 -83.28 -19.50 25.40
CA TYR J 47 -83.81 -19.34 26.74
C TYR J 47 -84.51 -18.00 26.91
N LYS J 48 -84.10 -16.97 26.16
CA LYS J 48 -84.81 -15.70 26.18
C LYS J 48 -86.13 -15.79 25.42
N ALA J 49 -86.16 -16.56 24.34
CA ALA J 49 -87.38 -16.70 23.56
C ALA J 49 -88.41 -17.62 24.22
N GLN J 50 -87.97 -18.50 25.14
CA GLN J 50 -88.94 -19.35 25.82
C GLN J 50 -89.84 -18.58 26.79
N GLN J 51 -89.46 -17.38 27.21
CA GLN J 51 -90.32 -16.55 28.05
C GLN J 51 -91.14 -15.56 27.23
N LEU J 52 -91.82 -16.03 26.20
CA LEU J 52 -92.72 -15.21 25.40
C LEU J 52 -93.98 -16.02 25.12
N GLN J 53 -95.06 -15.31 24.79
CA GLN J 53 -96.31 -16.00 24.49
C GLN J 53 -96.26 -16.68 23.14
N THR J 54 -95.57 -16.09 22.17
CA THR J 54 -95.28 -16.75 20.89
C THR J 54 -93.78 -16.86 20.77
N PRO J 55 -93.18 -18.02 21.00
CA PRO J 55 -91.73 -18.15 20.91
C PRO J 55 -91.23 -18.15 19.47
N ILE J 56 -90.07 -17.56 19.30
CA ILE J 56 -89.47 -17.32 17.99
C ILE J 56 -88.60 -18.52 17.60
N GLY J 57 -88.67 -18.92 16.34
CA GLY J 57 -87.87 -20.03 15.87
C GLY J 57 -86.75 -19.67 14.90
N TYR J 58 -86.94 -18.64 14.07
CA TYR J 58 -86.01 -18.35 12.98
C TYR J 58 -85.80 -16.86 12.83
N ASN J 59 -84.58 -16.50 12.43
CA ASN J 59 -84.24 -15.18 11.92
C ASN J 59 -83.96 -15.28 10.43
N ILE J 60 -84.59 -14.41 9.64
CA ILE J 60 -84.46 -14.41 8.19
C ILE J 60 -83.80 -13.10 7.79
N TYR J 61 -82.67 -13.19 7.10
CA TYR J 61 -81.96 -12.02 6.61
C TYR J 61 -82.10 -11.95 5.09
N THR J 62 -82.47 -10.78 4.59
CA THR J 62 -82.71 -10.61 3.16
C THR J 62 -82.27 -9.21 2.80
N PRO J 63 -81.96 -8.95 1.52
CA PRO J 63 -81.73 -7.56 1.10
C PRO J 63 -82.99 -6.72 1.23
N TYR J 64 -82.78 -5.41 1.36
CA TYR J 64 -83.86 -4.49 1.71
C TYR J 64 -84.87 -4.37 0.57
N ASP J 65 -86.15 -4.43 0.92
CA ASP J 65 -87.23 -4.38 -0.05
C ASP J 65 -88.45 -3.81 0.64
N ASP J 66 -89.01 -2.74 0.08
CA ASP J 66 -90.16 -2.10 0.72
C ASP J 66 -91.49 -2.79 0.39
N ARG J 67 -91.49 -3.87 -0.37
CA ARG J 67 -92.70 -4.64 -0.60
C ARG J 67 -93.02 -5.60 0.54
N ILE J 68 -92.10 -5.81 1.48
CA ILE J 68 -92.28 -6.79 2.54
C ILE J 68 -93.18 -6.20 3.62
N ASP J 69 -94.25 -6.91 3.95
CA ASP J 69 -95.28 -6.44 4.87
C ASP J 69 -95.37 -7.43 6.03
N LYS J 70 -95.86 -6.95 7.18
CA LYS J 70 -95.98 -7.77 8.38
C LYS J 70 -97.11 -8.79 8.33
N LYS J 71 -98.02 -8.71 7.37
CA LYS J 71 -99.09 -9.70 7.25
C LYS J 71 -98.77 -10.76 6.20
N MET J 72 -97.51 -10.86 5.78
CA MET J 72 -97.12 -11.78 4.73
C MET J 72 -96.73 -13.14 5.31
N ARG J 73 -96.26 -14.03 4.45
CA ARG J 73 -95.90 -15.38 4.81
C ARG J 73 -94.69 -15.78 3.98
N VAL J 74 -93.92 -16.76 4.47
CA VAL J 74 -92.74 -17.23 3.74
C VAL J 74 -92.86 -18.72 3.53
N ILE J 75 -92.58 -19.17 2.29
CA ILE J 75 -92.41 -20.58 1.98
C ILE J 75 -90.91 -20.84 1.85
N TYR J 76 -90.42 -21.80 2.64
CA TYR J 76 -88.99 -22.12 2.70
C TYR J 76 -88.83 -23.61 2.94
N ARG J 77 -88.18 -24.30 2.00
CA ARG J 77 -87.86 -25.73 2.06
C ARG J 77 -89.09 -26.59 2.30
N GLY J 78 -90.19 -26.25 1.63
CA GLY J 78 -91.42 -26.98 1.81
C GLY J 78 -92.13 -26.74 3.11
N LYS J 79 -91.76 -25.70 3.85
CA LYS J 79 -92.41 -25.38 5.12
C LYS J 79 -92.93 -23.95 5.12
N ILE J 80 -93.98 -23.74 5.90
CA ILE J 80 -94.60 -22.43 6.07
C ILE J 80 -93.95 -21.74 7.25
N VAL J 81 -93.55 -20.48 7.05
CA VAL J 81 -92.94 -19.66 8.10
C VAL J 81 -93.83 -18.44 8.31
N THR J 82 -94.29 -18.27 9.54
CA THR J 82 -95.22 -17.22 9.96
C THR J 82 -94.46 -16.13 10.70
N PHE J 83 -94.77 -14.88 10.36
CA PHE J 83 -94.04 -13.74 10.88
C PHE J 83 -94.45 -13.47 12.32
N ILE J 84 -93.48 -13.04 13.12
CA ILE J 84 -93.71 -12.64 14.50
C ILE J 84 -93.24 -11.20 14.63
N GLY J 85 -94.19 -10.29 14.82
CA GLY J 85 -93.85 -8.88 14.91
C GLY J 85 -93.71 -8.24 13.54
N ASP J 86 -93.04 -7.08 13.55
CA ASP J 86 -92.84 -6.21 12.40
C ASP J 86 -91.44 -6.41 11.82
N PRO J 87 -91.29 -6.35 10.49
CA PRO J 87 -89.96 -6.42 9.88
C PRO J 87 -89.08 -5.24 10.28
N VAL J 88 -87.79 -5.50 10.43
CA VAL J 88 -86.84 -4.53 10.94
C VAL J 88 -85.78 -4.26 9.88
N ASP J 89 -85.60 -2.99 9.53
CA ASP J 89 -84.49 -2.55 8.69
C ASP J 89 -83.32 -2.20 9.60
N LEU J 90 -82.17 -2.83 9.35
CA LEU J 90 -81.04 -2.77 10.28
C LEU J 90 -80.41 -1.39 10.28
N SER J 91 -80.42 -0.74 11.45
CA SER J 91 -79.84 0.57 11.73
C SER J 91 -80.44 1.71 10.90
N GLY J 92 -81.60 1.49 10.27
CA GLY J 92 -82.22 2.49 9.44
C GLY J 92 -81.49 2.83 8.15
N LEU J 93 -80.56 2.00 7.71
CA LEU J 93 -79.72 2.32 6.56
C LEU J 93 -80.25 1.79 5.24
N GLN J 94 -81.33 1.01 5.27
CA GLN J 94 -82.03 0.47 4.10
C GLN J 94 -81.11 -0.41 3.25
N GLU J 95 -80.46 -1.37 3.90
CA GLU J 95 -79.62 -2.35 3.23
C GLU J 95 -80.09 -3.78 3.46
N ILE J 96 -80.34 -4.18 4.69
CA ILE J 96 -80.67 -5.56 5.05
C ILE J 96 -81.91 -5.55 5.95
N THR J 97 -82.87 -6.41 5.63
CA THR J 97 -84.07 -6.61 6.43
C THR J 97 -83.96 -7.91 7.21
N ARG J 98 -84.30 -7.86 8.50
CA ARG J 98 -84.39 -9.03 9.36
C ARG J 98 -85.85 -9.27 9.74
N ILE J 99 -86.31 -10.52 9.60
CA ILE J 99 -87.66 -10.93 9.97
C ILE J 99 -87.57 -12.06 10.97
N LYS J 100 -88.37 -12.00 12.03
CA LYS J 100 -88.48 -13.09 12.99
C LYS J 100 -89.69 -13.95 12.66
N GLY J 101 -89.55 -15.26 12.78
CA GLY J 101 -90.65 -16.14 12.39
C GLY J 101 -90.63 -17.47 13.09
N LYS J 102 -91.70 -18.24 12.84
CA LYS J 102 -91.81 -19.58 13.39
C LYS J 102 -92.39 -20.54 12.35
N GLU J 103 -92.04 -21.81 12.50
CA GLU J 103 -92.54 -22.85 11.60
C GLU J 103 -94.00 -23.16 11.88
N ASP J 104 -94.78 -23.37 10.82
CA ASP J 104 -96.21 -23.66 10.91
C ASP J 104 -96.59 -24.82 9.99
N GLY J 105 -95.85 -25.91 10.06
CA GLY J 105 -96.22 -27.13 9.38
C GLY J 105 -95.82 -27.13 7.92
N ALA J 106 -96.25 -28.19 7.25
CA ALA J 106 -95.87 -28.42 5.86
C ALA J 106 -96.72 -27.57 4.92
N TYR J 107 -96.17 -27.32 3.73
CA TYR J 107 -96.86 -26.62 2.67
C TYR J 107 -97.28 -27.61 1.59
N VAL J 108 -98.49 -27.45 1.08
CA VAL J 108 -98.95 -28.17 -0.09
C VAL J 108 -98.87 -27.24 -1.30
N GLY J 109 -98.27 -27.71 -2.38
CA GLY J 109 -98.09 -26.91 -3.57
C GLY J 109 -96.83 -27.25 -4.35
N LYS K 24 36.19 -42.20 33.51
CA LYS K 24 37.63 -42.38 33.56
C LYS K 24 38.02 -43.45 34.57
N GLU K 25 38.76 -44.46 34.11
CA GLU K 25 39.13 -45.62 34.92
C GLU K 25 40.62 -45.55 35.21
N ILE K 26 40.97 -45.57 36.49
CA ILE K 26 42.36 -45.46 36.93
C ILE K 26 42.69 -46.69 37.76
N ALA K 27 43.81 -47.35 37.40
CA ALA K 27 44.28 -48.68 37.87
C ALA K 27 43.16 -49.71 38.00
N GLU K 28 46.88 -62.69 38.72
CA GLU K 28 46.33 -61.33 38.62
C GLU K 28 45.62 -60.84 37.31
N PRO K 29 45.79 -61.50 36.11
CA PRO K 29 44.76 -61.29 35.09
C PRO K 29 43.58 -62.24 35.28
N ASP K 30 42.42 -61.69 35.62
CA ASP K 30 41.26 -62.52 35.89
C ASP K 30 40.54 -62.90 34.59
N THR K 31 39.53 -63.73 34.73
CA THR K 31 38.55 -64.00 33.68
C THR K 31 37.23 -63.27 33.95
N THR K 32 36.84 -63.15 35.21
CA THR K 32 35.61 -62.44 35.55
C THR K 32 35.78 -60.92 35.43
N MET K 33 37.03 -60.42 35.53
CA MET K 33 37.29 -59.00 35.34
C MET K 33 37.01 -58.56 33.90
N ILE K 34 37.34 -59.42 32.94
CA ILE K 34 37.11 -59.13 31.53
C ILE K 34 35.61 -59.07 31.23
N GLN K 35 34.84 -60.02 31.78
CA GLN K 35 33.38 -60.00 31.63
C GLN K 35 32.76 -58.81 32.33
N LYS K 36 33.31 -58.42 33.48
CA LYS K 36 32.82 -57.26 34.22
C LYS K 36 33.08 -55.97 33.46
N LEU K 37 34.25 -55.87 32.81
CA LEU K 37 34.57 -54.67 32.06
C LEU K 37 33.78 -54.58 30.76
N ILE K 38 33.56 -55.72 30.10
CA ILE K 38 32.82 -55.73 28.84
C ILE K 38 31.33 -55.45 29.08
N ASP K 39 30.77 -55.98 30.18
CA ASP K 39 29.37 -55.71 30.50
C ASP K 39 29.12 -54.25 30.88
N GLU K 40 30.09 -53.61 31.53
CA GLU K 40 29.94 -52.25 32.01
C GLU K 40 30.34 -51.19 30.99
N HIS K 41 30.55 -51.58 29.73
CA HIS K 41 31.02 -50.66 28.69
C HIS K 41 29.83 -50.19 27.87
N ASN K 42 29.69 -48.88 27.71
CA ASN K 42 28.60 -48.30 26.95
C ASN K 42 29.14 -47.65 25.67
N PRO K 43 29.03 -48.29 24.52
CA PRO K 43 29.51 -47.69 23.27
C PRO K 43 28.50 -46.77 22.59
N GLU K 44 27.36 -46.52 23.22
CA GLU K 44 26.32 -45.70 22.63
C GLU K 44 26.69 -44.23 22.39
N PRO K 45 27.36 -43.50 23.30
CA PRO K 45 27.73 -42.11 22.95
C PRO K 45 28.79 -42.00 21.85
N LEU K 46 29.56 -43.06 21.58
CA LEU K 46 30.51 -43.01 20.47
C LEU K 46 29.84 -43.29 19.13
N LEU K 47 28.68 -43.95 19.13
CA LEU K 47 28.03 -44.36 17.89
C LEU K 47 26.97 -43.39 17.40
N LYS K 48 26.72 -42.28 18.11
CA LYS K 48 25.72 -41.32 17.65
C LYS K 48 26.20 -40.58 16.40
N GLY K 49 27.46 -40.16 16.38
CA GLY K 49 28.00 -39.44 15.24
C GLY K 49 28.10 -40.28 13.99
N VAL K 50 28.33 -41.59 14.16
CA VAL K 50 28.31 -42.51 13.04
C VAL K 50 26.91 -42.63 12.46
N ARG K 51 25.88 -42.65 13.32
CA ARG K 51 24.51 -42.76 12.85
C ARG K 51 24.07 -41.49 12.15
N TYR K 52 24.47 -40.32 12.66
CA TYR K 52 24.15 -39.07 12.01
C TYR K 52 24.96 -38.86 10.74
N TYR K 53 26.11 -39.51 10.60
CA TYR K 53 26.85 -39.44 9.34
C TYR K 53 26.14 -40.17 8.21
N MET K 54 25.42 -41.24 8.51
CA MET K 54 24.68 -42.00 7.52
C MET K 54 23.22 -41.56 7.40
N CYS K 55 22.91 -40.32 7.81
CA CYS K 55 21.58 -39.69 7.86
C CYS K 55 20.50 -40.60 8.46
N GLU K 56 20.80 -41.13 9.64
CA GLU K 56 19.83 -41.85 10.47
C GLU K 56 19.75 -41.10 11.79
N ASN K 57 18.94 -40.06 11.82
CA ASN K 57 18.86 -39.17 12.96
C ASN K 57 17.76 -39.66 13.92
N ASP K 58 17.58 -38.92 15.02
CA ASP K 58 16.63 -39.32 16.05
C ASP K 58 15.18 -39.21 15.59
N ILE K 59 14.92 -38.44 14.54
CA ILE K 59 13.59 -38.28 13.95
C ILE K 59 12.99 -39.59 13.47
N GLU K 60 13.80 -40.62 13.23
CA GLU K 60 13.30 -41.93 12.84
C GLU K 60 12.58 -42.66 13.98
N LYS K 61 12.64 -42.16 15.21
CA LYS K 61 11.91 -42.74 16.31
C LYS K 61 10.53 -42.10 16.52
N LYS K 62 10.06 -41.31 15.57
CA LYS K 62 8.77 -40.63 15.68
C LYS K 62 7.62 -41.59 15.40
N ARG K 63 6.57 -41.51 16.21
CA ARG K 63 5.36 -42.32 16.05
C ARG K 63 4.14 -41.41 16.10
N ARG K 64 3.09 -41.79 15.36
CA ARG K 64 1.79 -41.13 15.44
C ARG K 64 0.88 -41.95 16.35
N THR K 65 0.50 -41.40 17.49
CA THR K 65 -0.35 -42.07 18.46
C THR K 65 -1.65 -41.29 18.66
N TYR K 66 -2.67 -41.98 19.17
CA TYR K 66 -3.93 -41.31 19.52
C TYR K 66 -4.58 -42.04 20.68
N TYR K 67 -5.72 -41.52 21.15
CA TYR K 67 -6.43 -42.05 22.31
C TYR K 67 -7.82 -42.51 21.93
N ASP K 68 -8.21 -43.66 22.45
CA ASP K 68 -9.54 -44.23 22.22
C ASP K 68 -10.53 -43.70 23.24
N ALA K 69 -11.82 -43.93 22.97
CA ALA K 69 -12.82 -43.85 24.01
C ALA K 69 -12.50 -44.88 25.08
N ALA K 70 -12.51 -44.43 26.35
CA ALA K 70 -11.97 -45.05 27.57
C ALA K 70 -10.45 -45.01 27.63
N GLY K 71 -9.83 -44.05 26.97
CA GLY K 71 -8.45 -43.67 27.26
C GLY K 71 -7.37 -44.60 26.77
N GLN K 72 -7.66 -45.44 25.79
CA GLN K 72 -6.69 -46.41 25.30
C GLN K 72 -5.78 -45.77 24.25
N GLN K 73 -4.48 -45.75 24.52
CA GLN K 73 -3.50 -45.21 23.59
C GLN K 73 -3.20 -46.23 22.49
N LEU K 74 -3.50 -45.85 21.26
CA LEU K 74 -3.33 -46.71 20.10
C LEU K 74 -2.30 -46.12 19.15
N VAL K 75 -1.42 -46.97 18.65
CA VAL K 75 -0.37 -46.61 17.70
C VAL K 75 -0.70 -47.29 16.40
N ASP K 76 -1.07 -46.53 15.39
CA ASP K 76 -1.39 -47.11 14.10
C ASP K 76 -0.16 -47.12 13.20
N ASP K 77 -0.05 -48.17 12.38
CA ASP K 77 1.11 -48.37 11.55
C ASP K 77 0.82 -48.25 10.06
N THR K 78 -0.43 -48.00 9.68
CA THR K 78 -0.78 -47.76 8.29
C THR K 78 -0.98 -46.28 8.00
N LYS K 79 -0.92 -45.42 9.01
CA LYS K 79 -1.03 -43.99 8.80
C LYS K 79 0.29 -43.41 8.30
N THR K 80 0.20 -42.31 7.55
CA THR K 80 1.37 -41.65 6.99
C THR K 80 2.20 -41.01 8.09
N ASN K 81 3.50 -41.28 8.09
CA ASN K 81 4.41 -40.87 9.15
C ASN K 81 5.69 -40.38 8.48
N ASN K 82 5.80 -39.07 8.27
CA ASN K 82 6.94 -38.48 7.57
C ASN K 82 8.10 -38.26 8.54
N ARG K 83 9.26 -38.85 8.23
CA ARG K 83 10.47 -38.73 9.05
C ARG K 83 11.64 -38.43 8.12
N THR K 84 11.94 -37.15 7.91
CA THR K 84 12.98 -36.72 6.99
C THR K 84 14.24 -36.35 7.76
N SER K 85 15.33 -37.06 7.50
CA SER K 85 16.63 -36.76 8.09
C SER K 85 17.44 -35.91 7.13
N HIS K 86 18.09 -34.88 7.66
CA HIS K 86 18.95 -34.01 6.86
C HIS K 86 20.42 -34.32 7.13
N ALA K 87 21.24 -34.11 6.12
CA ALA K 87 22.62 -34.60 6.06
C ALA K 87 23.65 -33.51 6.33
N TRP K 88 23.40 -32.65 7.33
CA TRP K 88 24.32 -31.55 7.65
C TRP K 88 25.65 -32.07 8.19
N HIS K 89 25.61 -33.11 9.03
CA HIS K 89 26.79 -33.60 9.73
C HIS K 89 27.79 -34.23 8.77
N LYS K 90 27.30 -34.98 7.77
CA LYS K 90 28.18 -35.58 6.77
C LYS K 90 28.89 -34.51 5.94
N LEU K 91 28.17 -33.45 5.58
CA LEU K 91 28.75 -32.34 4.83
C LEU K 91 29.84 -31.65 5.63
N PHE K 92 29.60 -31.40 6.93
CA PHE K 92 30.58 -30.73 7.77
C PHE K 92 31.84 -31.58 7.96
N VAL K 93 31.66 -32.88 8.18
CA VAL K 93 32.79 -33.79 8.40
C VAL K 93 33.62 -33.95 7.13
N ASP K 94 32.96 -34.04 5.96
CA ASP K 94 33.67 -34.17 4.69
C ASP K 94 34.46 -32.90 4.37
N GLN K 95 33.86 -31.72 4.62
CA GLN K 95 34.53 -30.45 4.40
C GLN K 95 35.77 -30.32 5.28
N LYS K 96 35.66 -30.68 6.55
CA LYS K 96 36.79 -30.61 7.47
C LYS K 96 37.90 -31.58 7.09
N THR K 97 37.54 -32.81 6.70
CA THR K 97 38.53 -33.83 6.38
C THR K 97 39.31 -33.50 5.10
N GLN K 98 38.62 -33.02 4.06
CA GLN K 98 39.34 -32.64 2.85
C GLN K 98 40.14 -31.36 3.04
N TYR K 99 39.70 -30.46 3.92
CA TYR K 99 40.51 -29.29 4.23
C TYR K 99 41.80 -29.67 4.96
N LEU K 100 41.74 -30.69 5.82
CA LEU K 100 42.91 -31.05 6.60
C LEU K 100 43.89 -31.93 5.83
N VAL K 101 43.42 -33.08 5.34
CA VAL K 101 44.35 -34.07 4.77
C VAL K 101 43.92 -34.50 3.38
N GLY K 102 43.24 -33.61 2.65
CA GLY K 102 42.95 -33.89 1.25
C GLY K 102 44.21 -33.97 0.40
N GLU K 103 45.16 -33.07 0.66
CA GLU K 103 46.52 -33.19 0.16
C GLU K 103 47.33 -34.07 1.11
N PRO K 104 48.24 -34.89 0.58
CA PRO K 104 49.05 -35.74 1.46
C PRO K 104 50.06 -34.93 2.27
N VAL K 105 50.42 -35.49 3.41
CA VAL K 105 51.42 -34.91 4.30
C VAL K 105 52.79 -35.21 3.74
N THR K 106 53.68 -34.21 3.70
CA THR K 106 55.01 -34.43 3.17
C THR K 106 56.08 -34.30 4.25
N PHE K 107 57.21 -34.94 4.02
CA PHE K 107 58.24 -35.15 5.03
C PHE K 107 59.58 -34.63 4.55
N THR K 108 60.37 -34.10 5.48
CA THR K 108 61.71 -33.62 5.20
C THR K 108 62.65 -34.02 6.32
N SER K 109 63.93 -34.21 5.98
CA SER K 109 64.95 -34.60 6.94
C SER K 109 66.31 -34.25 6.37
N ASP K 110 67.31 -34.25 7.24
CA ASP K 110 68.70 -34.22 6.82
C ASP K 110 69.32 -35.60 6.75
N ASN K 111 68.98 -36.47 7.69
CA ASN K 111 69.33 -37.88 7.63
C ASN K 111 68.60 -38.52 6.46
N LYS K 112 69.32 -38.86 5.40
CA LYS K 112 68.70 -39.26 4.15
C LYS K 112 68.29 -40.73 4.13
N THR K 113 68.93 -41.57 4.95
CA THR K 113 68.51 -42.96 5.05
C THR K 113 67.15 -43.08 5.74
N LEU K 114 66.97 -42.31 6.82
CA LEU K 114 65.67 -42.21 7.49
C LEU K 114 64.61 -41.64 6.55
N LEU K 115 64.98 -40.67 5.71
CA LEU K 115 64.04 -40.10 4.76
C LEU K 115 63.60 -41.11 3.71
N GLU K 116 64.53 -41.95 3.24
CA GLU K 116 64.19 -42.99 2.28
C GLU K 116 63.25 -44.04 2.89
N TYR K 117 63.50 -44.42 4.15
CA TYR K 117 62.63 -45.36 4.85
C TYR K 117 61.22 -44.79 5.06
N VAL K 118 61.14 -43.55 5.54
CA VAL K 118 59.85 -42.92 5.81
C VAL K 118 59.08 -42.69 4.52
N ASN K 119 59.75 -42.31 3.44
CA ASN K 119 59.05 -42.07 2.19
C ASN K 119 58.57 -43.35 1.53
N GLU K 120 59.30 -44.46 1.68
CA GLU K 120 58.73 -45.70 1.16
C GLU K 120 57.65 -46.26 2.08
N LEU K 121 57.60 -45.85 3.34
CA LEU K 121 56.49 -46.27 4.19
C LEU K 121 55.20 -45.52 3.88
N ALA K 122 55.27 -44.21 3.62
CA ALA K 122 54.08 -43.37 3.48
C ALA K 122 53.67 -43.28 2.01
N ASP K 123 52.71 -44.12 1.63
CA ASP K 123 52.23 -44.22 0.25
C ASP K 123 50.72 -43.99 0.20
N ASP K 124 50.09 -44.38 -0.92
CA ASP K 124 48.66 -44.14 -1.12
C ASP K 124 47.78 -44.85 -0.09
N ASP K 125 48.22 -46.03 0.37
CA ASP K 125 47.52 -46.72 1.44
C ASP K 125 47.55 -45.92 2.74
N PHE K 126 48.70 -45.31 3.03
CA PHE K 126 48.84 -44.44 4.20
C PHE K 126 47.94 -43.21 4.09
N ASP K 127 47.79 -42.67 2.88
CA ASP K 127 46.93 -41.51 2.66
C ASP K 127 45.46 -41.86 2.88
N ASP K 128 45.03 -43.03 2.40
CA ASP K 128 43.64 -43.45 2.58
C ASP K 128 43.33 -43.74 4.04
N ILE K 129 44.28 -44.37 4.75
CA ILE K 129 44.09 -44.66 6.17
C ILE K 129 44.04 -43.37 6.98
N LEU K 130 44.84 -42.36 6.61
CA LEU K 130 44.81 -41.09 7.32
C LEU K 130 43.48 -40.34 7.11
N ASN K 131 42.96 -40.37 5.88
CA ASN K 131 41.64 -39.78 5.62
C ASN K 131 40.53 -40.45 6.42
N GLU K 132 40.52 -41.80 6.44
CA GLU K 132 39.50 -42.51 7.21
C GLU K 132 39.65 -42.30 8.71
N THR K 133 40.89 -42.12 9.19
CA THR K 133 41.14 -41.85 10.60
C THR K 133 40.60 -40.49 11.02
N VAL K 134 40.80 -39.46 10.19
CA VAL K 134 40.30 -38.13 10.51
C VAL K 134 38.77 -38.10 10.49
N LYS K 135 38.16 -38.84 9.56
CA LYS K 135 36.69 -38.94 9.55
C LYS K 135 36.14 -39.66 10.79
N ASN K 136 36.77 -40.78 11.18
CA ASN K 136 36.32 -41.51 12.36
C ASN K 136 36.53 -40.72 13.64
N MET K 137 37.61 -39.94 13.69
CA MET K 137 37.88 -39.09 14.84
C MET K 137 36.86 -37.96 14.96
N SER K 138 36.40 -37.42 13.83
CA SER K 138 35.32 -36.44 13.88
C SER K 138 33.99 -37.06 14.27
N ASN K 139 33.75 -38.32 13.88
CA ASN K 139 32.46 -38.93 14.20
C ASN K 139 32.38 -39.45 15.62
N LYS K 140 33.47 -39.93 16.22
CA LYS K 140 33.39 -40.58 17.52
C LYS K 140 34.07 -39.84 18.65
N GLY K 141 35.06 -39.00 18.37
CA GLY K 141 35.84 -38.35 19.39
C GLY K 141 37.23 -38.92 19.57
N ILE K 142 37.49 -40.13 19.07
CA ILE K 142 38.77 -40.80 19.28
C ILE K 142 38.91 -41.88 18.21
N GLU K 143 40.15 -42.12 17.77
CA GLU K 143 40.47 -43.26 16.93
C GLU K 143 41.80 -43.86 17.40
N TYR K 144 42.01 -45.14 17.10
CA TYR K 144 43.20 -45.85 17.57
C TYR K 144 43.89 -46.60 16.44
N TRP K 145 45.22 -46.53 16.42
CA TRP K 145 46.05 -47.35 15.54
C TRP K 145 46.77 -48.42 16.34
N HIS K 146 47.10 -49.52 15.66
CA HIS K 146 47.84 -50.64 16.24
C HIS K 146 49.01 -50.99 15.33
N PRO K 147 50.25 -50.81 15.78
CA PRO K 147 51.40 -51.24 14.98
C PRO K 147 51.89 -52.63 15.35
N PHE K 148 52.39 -53.34 14.34
CA PHE K 148 52.86 -54.72 14.53
C PHE K 148 53.85 -55.06 13.42
N VAL K 149 54.40 -56.27 13.50
CA VAL K 149 55.33 -56.80 12.49
C VAL K 149 54.63 -57.93 11.74
N ASP K 150 54.75 -57.91 10.43
CA ASP K 150 53.93 -58.69 9.50
C ASP K 150 54.29 -60.17 9.55
N GLU K 151 53.67 -60.95 8.66
CA GLU K 151 54.01 -62.37 8.55
C GLU K 151 55.40 -62.54 7.92
N GLU K 152 55.75 -61.68 6.96
CA GLU K 152 57.03 -61.70 6.30
C GLU K 152 58.03 -60.72 6.91
N GLY K 153 57.83 -60.31 8.17
CA GLY K 153 58.80 -59.50 8.87
C GLY K 153 58.85 -58.04 8.47
N GLU K 154 57.77 -57.48 7.93
CA GLU K 154 57.70 -56.07 7.62
C GLU K 154 56.89 -55.34 8.69
N PHE K 155 57.04 -54.01 8.72
CA PHE K 155 56.30 -53.16 9.64
C PHE K 155 54.91 -52.90 9.07
N ASP K 156 53.88 -53.01 9.91
CA ASP K 156 52.51 -52.81 9.44
C ASP K 156 51.69 -52.18 10.56
N TYR K 157 50.51 -51.70 10.20
CA TYR K 157 49.64 -50.97 11.12
C TYR K 157 48.18 -51.19 10.70
N VAL K 158 47.27 -51.05 11.66
CA VAL K 158 45.85 -51.30 11.40
C VAL K 158 45.02 -50.43 12.34
N ILE K 159 43.79 -50.10 11.93
CA ILE K 159 42.90 -49.29 12.74
C ILE K 159 42.11 -50.18 13.68
N PHE K 160 42.14 -49.86 14.98
CA PHE K 160 41.28 -50.48 15.98
C PHE K 160 40.08 -49.58 16.20
N PRO K 161 38.85 -50.01 15.90
CA PRO K 161 37.67 -49.13 16.08
C PRO K 161 37.38 -48.88 17.55
N ALA K 162 37.10 -47.61 17.86
CA ALA K 162 37.11 -47.15 19.24
C ALA K 162 35.89 -47.62 20.04
N GLU K 163 34.82 -48.03 19.39
CA GLU K 163 33.67 -48.58 20.11
C GLU K 163 33.88 -50.00 20.60
N GLU K 164 35.02 -50.62 20.29
CA GLU K 164 35.40 -51.92 20.82
C GLU K 164 36.50 -51.84 21.87
N MET K 165 36.99 -50.66 22.20
CA MET K 165 38.19 -50.51 23.03
C MET K 165 37.84 -50.05 24.43
N ILE K 166 38.51 -50.64 25.42
CA ILE K 166 38.48 -50.20 26.80
C ILE K 166 39.92 -49.97 27.24
N VAL K 167 40.23 -48.75 27.66
CA VAL K 167 41.60 -48.34 27.94
C VAL K 167 41.67 -47.94 29.41
N VAL K 168 42.69 -48.46 30.11
CA VAL K 168 42.87 -48.23 31.54
C VAL K 168 44.20 -47.53 31.75
N TYR K 169 44.18 -46.41 32.47
CA TYR K 169 45.37 -45.61 32.74
C TYR K 169 45.85 -45.88 34.16
N LYS K 170 47.17 -46.05 34.31
CA LYS K 170 47.73 -46.53 35.58
C LYS K 170 47.69 -45.45 36.66
N ASP K 171 47.69 -45.90 37.92
CA ASP K 171 47.48 -45.02 39.06
C ASP K 171 48.63 -44.05 39.28
N ASN K 172 48.28 -42.83 39.73
CA ASN K 172 49.12 -41.66 40.05
C ASN K 172 49.68 -41.05 38.77
N THR K 173 49.22 -41.50 37.61
CA THR K 173 49.83 -41.11 36.35
C THR K 173 48.85 -40.39 35.44
N ARG K 174 47.75 -41.05 35.08
CA ARG K 174 46.67 -40.53 34.22
C ARG K 174 47.14 -40.02 32.84
N ARG K 175 48.34 -40.39 32.39
CA ARG K 175 48.75 -40.11 31.01
C ARG K 175 49.29 -41.33 30.28
N ASP K 176 49.61 -42.41 30.98
CA ASP K 176 50.17 -43.61 30.39
C ASP K 176 49.21 -44.78 30.56
N ILE K 177 49.28 -45.72 29.62
CA ILE K 177 48.32 -46.80 29.48
C ILE K 177 48.86 -48.05 30.15
N LEU K 178 48.04 -48.68 30.99
CA LEU K 178 48.41 -49.95 31.59
C LEU K 178 48.06 -51.12 30.68
N PHE K 179 46.81 -51.25 30.25
CA PHE K 179 46.43 -52.31 29.34
C PHE K 179 45.26 -51.85 28.48
N ALA K 180 45.00 -52.61 27.41
CA ALA K 180 43.93 -52.31 26.47
C ALA K 180 43.17 -53.58 26.15
N LEU K 181 41.83 -53.53 26.28
CA LEU K 181 40.97 -54.65 25.96
C LEU K 181 40.16 -54.35 24.71
N ARG K 182 40.06 -55.34 23.82
CA ARG K 182 39.34 -55.22 22.57
C ARG K 182 38.41 -56.42 22.40
N TYR K 183 37.13 -56.18 22.16
CA TYR K 183 36.16 -57.26 22.05
C TYR K 183 35.29 -57.07 20.81
N TYR K 184 34.99 -58.17 20.13
CA TYR K 184 34.24 -58.08 18.88
C TYR K 184 33.55 -59.42 18.61
N SER K 185 32.80 -59.46 17.51
CA SER K 185 32.04 -60.64 17.14
C SER K 185 31.81 -60.66 15.63
N TYR K 186 31.55 -61.85 15.09
CA TYR K 186 31.16 -61.97 13.69
C TYR K 186 30.32 -63.23 13.48
N LYS K 187 29.63 -63.26 12.35
CA LYS K 187 28.76 -64.36 11.97
C LYS K 187 29.38 -65.23 10.88
N GLY K 188 28.73 -66.36 10.64
CA GLY K 188 29.18 -67.30 9.63
C GLY K 188 28.06 -67.56 8.65
N ILE K 189 28.36 -68.33 7.60
CA ILE K 189 27.44 -68.73 6.53
C ILE K 189 26.11 -69.26 7.06
N MET K 190 26.17 -70.15 8.06
CA MET K 190 24.95 -70.70 8.66
C MET K 190 24.16 -69.65 9.43
N GLY K 191 24.84 -68.64 9.96
CA GLY K 191 24.20 -67.71 10.86
C GLY K 191 24.77 -67.88 12.25
N GLU K 192 26.01 -68.38 12.29
CA GLU K 192 26.70 -68.67 13.54
C GLU K 192 27.08 -67.37 14.26
N GLU K 193 27.76 -67.54 15.39
CA GLU K 193 28.12 -66.38 16.22
C GLU K 193 29.44 -66.67 16.90
N THR K 194 30.40 -65.77 16.74
CA THR K 194 31.71 -65.94 17.36
C THR K 194 32.06 -64.65 18.08
N GLN K 195 32.34 -64.76 19.38
CA GLN K 195 32.64 -63.64 20.25
C GLN K 195 34.06 -63.78 20.79
N LYS K 196 34.93 -62.84 20.43
CA LYS K 196 36.33 -62.90 20.76
C LYS K 196 36.77 -61.65 21.51
N ALA K 197 37.86 -61.78 22.27
CA ALA K 197 38.45 -60.66 23.00
C ALA K 197 39.96 -60.79 23.00
N GLU K 198 40.63 -59.66 23.21
CA GLU K 198 42.09 -59.57 23.18
C GLU K 198 42.56 -58.54 24.20
N LEU K 199 43.54 -58.91 25.01
CA LEU K 199 44.12 -58.00 25.99
C LEU K 199 45.58 -57.71 25.63
N TYR K 200 45.98 -56.45 25.78
CA TYR K 200 47.31 -55.98 25.43
C TYR K 200 47.94 -55.29 26.64
N THR K 201 49.09 -55.79 27.09
CA THR K 201 49.90 -55.16 28.12
C THR K 201 51.18 -54.63 27.50
N ASP K 202 52.09 -54.13 28.33
CA ASP K 202 53.35 -53.58 27.83
C ASP K 202 54.31 -54.63 27.28
N THR K 203 54.03 -55.93 27.46
CA THR K 203 54.91 -56.97 26.96
C THR K 203 54.18 -58.10 26.21
N HIS K 204 52.91 -58.35 26.55
CA HIS K 204 52.22 -59.55 26.10
C HIS K 204 50.84 -59.22 25.55
N VAL K 205 50.31 -60.17 24.77
CA VAL K 205 48.93 -60.13 24.28
C VAL K 205 48.27 -61.47 24.58
N TYR K 206 47.09 -61.41 25.20
CA TYR K 206 46.24 -62.55 25.53
C TYR K 206 45.03 -62.60 24.60
N TYR K 207 44.57 -63.82 24.31
CA TYR K 207 43.43 -64.04 23.43
C TYR K 207 42.35 -64.80 24.18
N TYR K 208 41.08 -64.51 23.84
CA TYR K 208 39.96 -65.10 24.56
C TYR K 208 38.80 -65.34 23.59
N GLU K 209 37.99 -66.36 23.91
CA GLU K 209 36.81 -66.70 23.15
C GLU K 209 35.68 -67.06 24.10
N LYS K 210 34.47 -66.61 23.79
CA LYS K 210 33.28 -66.91 24.58
C LYS K 210 32.52 -68.07 23.95
N ILE K 211 32.32 -69.17 24.70
CA ILE K 211 31.51 -70.27 24.19
C ILE K 211 30.04 -70.03 24.54
N ASP K 212 29.72 -70.02 25.84
CA ASP K 212 28.32 -69.88 26.24
C ASP K 212 28.08 -68.57 27.01
N GLY K 213 28.71 -68.39 28.16
CA GLY K 213 28.55 -67.18 28.92
C GLY K 213 29.82 -66.81 29.64
N VAL K 214 30.89 -67.52 29.32
CA VAL K 214 32.18 -67.33 29.98
C VAL K 214 33.26 -67.25 28.90
N TYR K 215 34.25 -66.39 29.16
CA TYR K 215 35.37 -66.16 28.27
C TYR K 215 36.54 -67.02 28.71
N GLN K 216 37.03 -67.89 27.83
CA GLN K 216 38.20 -68.69 28.15
C GLN K 216 39.23 -68.51 27.05
N MET K 217 40.44 -68.99 27.33
CA MET K 217 41.58 -68.87 26.44
C MET K 217 41.29 -69.46 25.06
N ASP K 218 41.51 -68.66 24.03
CA ASP K 218 41.30 -69.11 22.66
C ASP K 218 42.36 -70.14 22.29
N TYR K 219 41.93 -71.21 21.61
CA TYR K 219 42.76 -72.38 21.40
C TYR K 219 43.10 -72.64 19.94
N SER K 220 42.92 -71.66 19.07
CA SER K 220 43.52 -71.75 17.75
C SER K 220 45.02 -71.56 17.81
N TYR K 221 45.52 -70.88 18.85
CA TYR K 221 46.93 -70.56 18.96
C TYR K 221 47.76 -71.71 19.54
N GLY K 222 47.16 -72.54 20.38
CA GLY K 222 47.84 -73.74 20.84
C GLY K 222 49.00 -73.55 21.81
N GLU K 223 48.68 -73.17 23.06
CA GLU K 223 49.63 -72.94 24.15
C GLU K 223 50.57 -71.78 23.82
N ASN K 224 50.12 -70.87 22.98
CA ASN K 224 50.75 -69.57 22.76
C ASN K 224 49.76 -68.45 23.02
N ASN K 225 48.90 -68.64 24.02
CA ASN K 225 47.92 -67.61 24.35
C ASN K 225 48.52 -66.35 24.99
N PRO K 226 49.48 -66.41 25.97
CA PRO K 226 50.12 -65.16 26.39
C PRO K 226 51.30 -64.81 25.51
N ARG K 227 51.02 -64.58 24.22
CA ARG K 227 52.04 -64.46 23.21
C ARG K 227 52.78 -63.13 23.36
N PRO K 228 54.07 -63.07 23.05
CA PRO K 228 54.77 -61.77 23.06
C PRO K 228 54.28 -60.86 21.93
N HIS K 229 54.70 -59.60 22.02
CA HIS K 229 54.34 -58.62 21.00
C HIS K 229 54.99 -58.98 19.66
N MET K 230 54.33 -58.57 18.59
CA MET K 230 54.81 -58.81 17.23
C MET K 230 55.99 -57.86 16.97
N THR K 231 57.17 -58.24 17.47
CA THR K 231 58.36 -57.40 17.32
C THR K 231 59.46 -58.07 16.48
N LYS K 232 59.96 -59.22 16.88
CA LYS K 232 61.20 -59.74 16.28
C LYS K 232 60.95 -60.71 15.13
N GLY K 233 60.06 -61.68 15.35
CA GLY K 233 59.97 -62.87 14.52
C GLY K 233 60.25 -64.06 15.41
N GLY K 234 61.26 -63.89 16.25
CA GLY K 234 61.29 -64.54 17.54
C GLY K 234 60.63 -63.64 18.56
N GLN K 235 60.82 -63.99 19.83
CA GLN K 235 60.36 -63.11 20.89
C GLN K 235 61.45 -62.12 21.31
N ALA K 236 61.04 -60.91 21.59
CA ALA K 236 61.73 -60.03 22.52
C ALA K 236 60.80 -59.88 23.71
N ILE K 237 61.17 -59.03 24.67
CA ILE K 237 60.25 -58.80 25.77
C ILE K 237 59.06 -57.97 25.31
N GLY K 238 59.28 -57.02 24.42
CA GLY K 238 58.20 -56.24 23.86
C GLY K 238 58.67 -54.84 23.50
N TRP K 239 57.71 -54.00 23.13
CA TRP K 239 58.01 -52.63 22.76
C TRP K 239 58.45 -51.79 23.96
N GLY K 240 58.12 -52.20 25.17
CA GLY K 240 58.27 -51.34 26.33
C GLY K 240 57.14 -50.37 26.49
N ARG K 241 56.07 -50.56 25.74
CA ARG K 241 54.94 -49.64 25.66
C ARG K 241 53.78 -50.44 25.09
N VAL K 242 52.56 -50.11 25.52
CA VAL K 242 51.36 -50.77 25.02
C VAL K 242 51.16 -50.37 23.55
N PRO K 243 51.08 -51.34 22.63
CA PRO K 243 51.03 -50.97 21.21
C PRO K 243 49.68 -50.44 20.75
N ILE K 244 49.36 -49.20 21.16
CA ILE K 244 48.12 -48.54 20.77
C ILE K 244 48.42 -47.04 20.66
N ILE K 245 47.92 -46.42 19.60
CA ILE K 245 48.22 -45.03 19.28
C ILE K 245 46.91 -44.25 19.20
N PRO K 246 46.67 -43.27 20.07
CA PRO K 246 45.42 -42.51 20.03
C PRO K 246 45.46 -41.23 19.21
N PHE K 247 44.37 -40.99 18.48
CA PHE K 247 44.11 -39.75 17.76
C PHE K 247 42.84 -39.16 18.36
N LYS K 248 42.98 -38.09 19.14
CA LYS K 248 41.86 -37.46 19.81
C LYS K 248 41.28 -36.33 18.96
N ASN K 249 39.95 -36.20 19.00
CA ASN K 249 39.32 -35.08 18.31
C ASN K 249 39.60 -33.76 19.04
N ASN K 250 39.63 -33.81 20.37
CA ASN K 250 39.94 -32.68 21.21
C ASN K 250 40.37 -33.24 22.57
N GLU K 251 40.61 -32.36 23.54
CA GLU K 251 41.10 -32.80 24.83
C GLU K 251 40.03 -33.53 25.63
N GLU K 252 38.76 -33.17 25.44
CA GLU K 252 37.65 -33.86 26.08
C GLU K 252 37.23 -35.13 25.36
N MET K 253 37.75 -35.35 24.14
CA MET K 253 37.51 -36.55 23.33
C MET K 253 36.03 -36.74 22.99
N VAL K 254 35.33 -35.65 22.73
CA VAL K 254 33.94 -35.70 22.31
C VAL K 254 33.85 -35.49 20.81
N SER K 255 32.78 -36.02 20.22
CA SER K 255 32.52 -35.84 18.80
C SER K 255 32.11 -34.39 18.49
N ASP K 256 32.16 -34.05 17.20
CA ASP K 256 31.74 -32.72 16.76
C ASP K 256 30.24 -32.52 16.89
N LEU K 257 29.46 -33.61 16.71
CA LEU K 257 28.01 -33.57 16.73
C LEU K 257 27.43 -33.10 18.06
N LYS K 258 28.22 -33.20 19.14
CA LYS K 258 27.82 -32.73 20.45
C LYS K 258 27.52 -31.23 20.47
N PHE K 259 28.13 -30.45 19.58
CA PHE K 259 27.93 -29.01 19.67
C PHE K 259 26.79 -28.48 18.80
N TYR K 260 26.17 -29.32 17.94
CA TYR K 260 25.05 -28.82 17.14
C TYR K 260 23.93 -29.85 16.91
N LYS K 261 23.76 -30.83 17.81
CA LYS K 261 22.77 -31.88 17.59
C LYS K 261 21.34 -31.38 17.73
N ASP K 262 21.12 -30.45 18.67
CA ASP K 262 19.79 -29.92 18.94
C ASP K 262 19.24 -29.12 17.77
N LEU K 263 20.10 -28.41 17.04
CA LEU K 263 19.66 -27.63 15.89
C LEU K 263 19.23 -28.52 14.73
N ILE K 264 19.96 -29.63 14.52
CA ILE K 264 19.58 -30.61 13.52
C ILE K 264 18.25 -31.26 13.88
N ASP K 265 18.04 -31.55 15.17
CA ASP K 265 16.77 -32.14 15.61
C ASP K 265 15.60 -31.19 15.43
N ASN K 266 15.80 -29.89 15.72
CA ASN K 266 14.74 -28.90 15.54
C ASN K 266 14.39 -28.73 14.06
N TYR K 267 15.41 -28.71 13.19
CA TYR K 267 15.22 -28.65 11.74
C TYR K 267 14.39 -29.82 11.22
N ASP K 268 14.77 -31.04 11.64
CA ASP K 268 14.07 -32.26 11.20
C ASP K 268 12.62 -32.28 11.66
N SER K 269 12.38 -31.90 12.92
CA SER K 269 11.02 -31.98 13.46
C SER K 269 10.08 -30.95 12.80
N ILE K 270 10.57 -29.73 12.55
CA ILE K 270 9.75 -28.71 11.92
C ILE K 270 9.39 -29.09 10.48
N THR K 271 10.39 -29.56 9.71
CA THR K 271 10.09 -29.91 8.31
C THR K 271 9.20 -31.16 8.20
N SER K 272 9.35 -32.12 9.12
CA SER K 272 8.49 -33.30 9.07
C SER K 272 7.04 -32.96 9.45
N SER K 273 6.86 -32.02 10.39
CA SER K 273 5.51 -31.59 10.73
C SER K 273 4.82 -30.89 9.56
N THR K 274 5.58 -30.06 8.81
CA THR K 274 5.02 -29.41 7.63
C THR K 274 4.64 -30.43 6.55
N MET K 275 5.47 -31.47 6.37
CA MET K 275 5.14 -32.51 5.39
C MET K 275 3.92 -33.33 5.79
N ASP K 276 3.72 -33.56 7.08
CA ASP K 276 2.51 -34.27 7.54
C ASP K 276 1.25 -33.43 7.27
N SER K 277 1.34 -32.12 7.49
CA SER K 277 0.21 -31.25 7.15
C SER K 277 -0.07 -31.22 5.65
N PHE K 278 0.98 -31.29 4.81
CA PHE K 278 0.75 -31.40 3.37
C PHE K 278 0.13 -32.75 3.00
N SER K 279 0.43 -33.80 3.75
CA SER K 279 -0.15 -35.11 3.44
C SER K 279 -1.62 -35.21 3.83
N ASP K 280 -2.04 -34.51 4.88
CA ASP K 280 -3.40 -34.74 5.38
C ASP K 280 -4.46 -33.76 4.87
N PHE K 281 -4.09 -32.57 4.38
CA PHE K 281 -5.05 -31.48 4.20
C PHE K 281 -5.22 -31.14 2.73
N GLN K 282 -6.44 -31.29 2.22
CA GLN K 282 -6.80 -30.80 0.89
C GLN K 282 -7.21 -29.34 0.97
N GLN K 283 -6.68 -28.52 0.05
CA GLN K 283 -6.69 -27.08 0.25
C GLN K 283 -7.89 -26.37 -0.38
N ILE K 284 -8.62 -27.00 -1.29
CA ILE K 284 -9.84 -26.41 -1.83
C ILE K 284 -10.86 -27.54 -2.05
N VAL K 285 -12.14 -27.24 -1.80
CA VAL K 285 -13.18 -28.27 -1.87
C VAL K 285 -14.52 -27.61 -2.15
N TYR K 286 -15.40 -28.34 -2.83
CA TYR K 286 -16.79 -27.93 -3.01
C TYR K 286 -17.63 -28.38 -1.82
N VAL K 287 -18.63 -27.56 -1.47
CA VAL K 287 -19.59 -27.88 -0.40
C VAL K 287 -20.99 -27.82 -0.98
N LEU K 288 -21.71 -28.95 -0.91
CA LEU K 288 -23.11 -29.03 -1.34
C LEU K 288 -24.02 -28.97 -0.12
N LYS K 289 -25.06 -28.13 -0.19
CA LYS K 289 -26.00 -27.92 0.90
C LYS K 289 -27.37 -28.42 0.50
N ASN K 290 -27.87 -29.41 1.25
CA ASN K 290 -29.22 -30.01 1.13
C ASN K 290 -29.40 -30.74 -0.21
N TYR K 291 -28.36 -31.47 -0.65
CA TYR K 291 -28.48 -32.42 -1.77
C TYR K 291 -27.81 -33.72 -1.34
N ASP K 292 -28.56 -34.57 -0.65
CA ASP K 292 -27.99 -35.78 -0.08
C ASP K 292 -28.04 -36.97 -1.02
N GLY K 293 -28.81 -36.90 -2.11
CA GLY K 293 -28.84 -37.96 -3.08
C GLY K 293 -27.90 -37.82 -4.26
N GLU K 294 -27.07 -36.78 -4.29
CA GLU K 294 -26.25 -36.47 -5.46
C GLU K 294 -24.99 -37.33 -5.51
N ASN K 295 -24.71 -37.88 -6.68
CA ASN K 295 -23.45 -38.59 -6.95
C ASN K 295 -22.33 -37.58 -7.16
N PRO K 296 -21.23 -37.62 -6.40
CA PRO K 296 -20.19 -36.59 -6.52
C PRO K 296 -19.39 -36.64 -7.82
N LYS K 297 -19.12 -37.85 -8.32
CA LYS K 297 -18.37 -38.04 -9.56
C LYS K 297 -19.10 -37.43 -10.76
N GLU K 298 -20.38 -37.74 -10.90
CA GLU K 298 -21.19 -37.20 -11.97
C GLU K 298 -21.38 -35.70 -11.80
N PHE K 299 -21.43 -35.22 -10.55
CA PHE K 299 -21.55 -33.79 -10.27
C PHE K 299 -20.33 -33.01 -10.77
N THR K 300 -19.12 -33.49 -10.46
CA THR K 300 -17.93 -32.76 -10.91
C THR K 300 -17.73 -32.88 -12.41
N ALA K 301 -18.04 -34.04 -13.01
CA ALA K 301 -17.95 -34.18 -14.46
C ALA K 301 -18.92 -33.26 -15.19
N ASN K 302 -20.18 -33.18 -14.72
CA ASN K 302 -21.17 -32.31 -15.33
C ASN K 302 -20.83 -30.85 -15.14
N LEU K 303 -20.23 -30.51 -13.99
CA LEU K 303 -19.80 -29.15 -13.70
C LEU K 303 -18.68 -28.72 -14.66
N ARG K 304 -17.73 -29.60 -14.92
CA ARG K 304 -16.66 -29.27 -15.86
C ARG K 304 -17.17 -29.21 -17.30
N TYR K 305 -18.15 -30.04 -17.65
CA TYR K 305 -18.69 -30.03 -19.00
C TYR K 305 -19.52 -28.79 -19.28
N HIS K 306 -20.49 -28.49 -18.42
CA HIS K 306 -21.48 -27.46 -18.71
C HIS K 306 -21.04 -26.06 -18.31
N SER K 307 -20.23 -25.96 -17.25
CA SER K 307 -19.86 -24.73 -16.54
C SER K 307 -21.06 -24.01 -15.91
N VAL K 308 -22.14 -24.75 -15.63
CA VAL K 308 -23.38 -24.21 -15.07
C VAL K 308 -23.82 -25.14 -13.94
N ILE K 309 -24.23 -24.57 -12.80
CA ILE K 309 -24.81 -25.32 -11.69
C ILE K 309 -26.21 -24.79 -11.44
N LYS K 310 -27.18 -25.70 -11.28
CA LYS K 310 -28.56 -25.35 -10.99
C LYS K 310 -28.92 -25.72 -9.56
N VAL K 311 -29.37 -24.74 -8.77
CA VAL K 311 -29.85 -24.95 -7.41
C VAL K 311 -31.23 -24.32 -7.26
N SER K 312 -32.02 -24.81 -6.33
CA SER K 312 -33.34 -24.25 -6.03
C SER K 312 -33.71 -24.50 -4.58
N GLY K 313 -34.54 -23.62 -4.03
CA GLY K 313 -35.12 -23.87 -2.72
C GLY K 313 -34.14 -23.55 -1.61
N ASP K 314 -33.92 -24.51 -0.72
CA ASP K 314 -32.93 -24.39 0.33
C ASP K 314 -31.58 -24.98 -0.06
N GLY K 315 -31.44 -25.50 -1.27
CA GLY K 315 -30.18 -26.07 -1.70
C GLY K 315 -29.17 -25.00 -2.08
N GLY K 316 -27.90 -25.33 -1.89
CA GLY K 316 -26.86 -24.37 -2.20
C GLY K 316 -25.54 -25.04 -2.52
N VAL K 317 -24.59 -24.23 -2.97
CA VAL K 317 -23.25 -24.69 -3.28
C VAL K 317 -22.27 -23.59 -2.88
N ASP K 318 -21.15 -23.99 -2.30
CA ASP K 318 -20.13 -23.06 -1.84
C ASP K 318 -18.76 -23.71 -2.02
N THR K 319 -17.70 -22.98 -1.68
CA THR K 319 -16.37 -23.54 -1.62
C THR K 319 -15.79 -23.35 -0.23
N LEU K 320 -14.87 -24.24 0.12
CA LEU K 320 -14.06 -24.12 1.32
C LEU K 320 -12.60 -24.12 0.88
N ARG K 321 -11.89 -23.04 1.17
CA ARG K 321 -10.56 -22.76 0.62
C ARG K 321 -9.67 -22.24 1.73
N ALA K 322 -8.95 -23.14 2.40
CA ALA K 322 -8.03 -22.79 3.46
C ALA K 322 -6.62 -23.25 3.11
N GLU K 323 -5.70 -22.30 3.01
CA GLU K 323 -4.35 -22.59 2.54
C GLU K 323 -3.44 -23.02 3.69
N ILE K 324 -2.50 -23.91 3.40
CA ILE K 324 -1.60 -24.47 4.42
C ILE K 324 -0.59 -23.42 4.85
N PRO K 325 -0.44 -23.17 6.16
CA PRO K 325 0.48 -22.10 6.62
C PRO K 325 1.94 -22.56 6.70
N VAL K 326 2.84 -21.75 6.12
CA VAL K 326 4.24 -22.12 5.99
C VAL K 326 5.20 -21.01 6.41
N ASP K 327 4.70 -19.83 6.80
CA ASP K 327 5.57 -18.66 6.95
C ASP K 327 6.37 -18.67 8.25
N SER K 328 5.75 -19.08 9.36
CA SER K 328 6.44 -19.14 10.64
C SER K 328 7.56 -20.16 10.64
N ALA K 329 7.32 -21.31 10.00
CA ALA K 329 8.34 -22.34 9.89
C ALA K 329 9.52 -21.89 9.04
N ALA K 330 9.26 -21.12 7.97
CA ALA K 330 10.33 -20.60 7.13
C ALA K 330 11.19 -19.58 7.89
N LYS K 331 10.54 -18.70 8.65
CA LYS K 331 11.27 -17.74 9.47
C LYS K 331 12.09 -18.43 10.56
N GLU K 332 11.62 -19.55 11.08
CA GLU K 332 12.42 -20.27 12.08
C GLU K 332 13.60 -21.01 11.44
N LEU K 333 13.37 -21.65 10.28
CA LEU K 333 14.41 -22.47 9.66
C LEU K 333 15.55 -21.62 9.12
N GLU K 334 15.27 -20.37 8.71
CA GLU K 334 16.32 -19.47 8.25
C GLU K 334 17.32 -19.16 9.37
N ARG K 335 16.81 -18.82 10.56
CA ARG K 335 17.65 -18.55 11.71
C ARG K 335 18.38 -19.80 12.19
N ILE K 336 17.72 -20.96 12.11
CA ILE K 336 18.35 -22.20 12.54
C ILE K 336 19.51 -22.57 11.60
N GLN K 337 19.36 -22.33 10.30
CA GLN K 337 20.45 -22.60 9.36
C GLN K 337 21.63 -21.65 9.57
N ASP K 338 21.35 -20.36 9.82
CA ASP K 338 22.41 -19.41 10.13
C ASP K 338 23.16 -19.77 11.42
N GLU K 339 22.44 -20.25 12.44
CA GLU K 339 23.11 -20.67 13.66
C GLU K 339 23.87 -21.98 13.48
N LEU K 340 23.37 -22.86 12.60
CA LEU K 340 23.99 -24.15 12.37
C LEU K 340 25.34 -24.01 11.68
N TYR K 341 25.45 -23.04 10.77
CA TYR K 341 26.75 -22.79 10.15
C TYR K 341 27.77 -22.21 11.13
N LYS K 342 27.30 -21.43 12.12
CA LYS K 342 28.22 -20.84 13.09
C LYS K 342 28.67 -21.83 14.15
N SER K 343 27.75 -22.67 14.65
CA SER K 343 28.10 -23.54 15.76
C SER K 343 28.94 -24.73 15.32
N ALA K 344 28.91 -25.08 14.04
CA ALA K 344 29.74 -26.16 13.50
C ALA K 344 31.10 -25.67 13.02
N GLN K 345 31.29 -24.36 12.89
CA GLN K 345 32.47 -23.71 12.31
C GLN K 345 32.76 -24.24 10.90
N ALA K 346 31.76 -24.09 10.04
CA ALA K 346 31.80 -24.54 8.66
C ALA K 346 31.78 -23.34 7.71
N VAL K 347 31.87 -23.64 6.41
CA VAL K 347 31.90 -22.63 5.36
C VAL K 347 30.66 -22.80 4.49
N ASP K 348 29.96 -21.70 4.24
CA ASP K 348 28.84 -21.67 3.31
C ASP K 348 29.31 -21.10 1.97
N ASN K 349 29.31 -21.93 0.93
CA ASN K 349 29.80 -21.53 -0.38
C ASN K 349 28.67 -20.95 -1.25
N SER K 350 27.97 -19.98 -0.67
CA SER K 350 26.84 -19.38 -1.34
C SER K 350 27.32 -18.41 -2.42
N PRO K 351 26.60 -18.26 -3.53
CA PRO K 351 27.06 -17.36 -4.61
C PRO K 351 27.12 -15.88 -4.26
N GLU K 352 26.35 -15.44 -3.26
CA GLU K 352 26.26 -14.00 -2.96
C GLU K 352 27.57 -13.45 -2.41
N THR K 353 28.17 -14.17 -1.45
CA THR K 353 29.40 -13.71 -0.83
C THR K 353 30.57 -13.68 -1.82
N ILE K 354 30.55 -14.58 -2.82
CA ILE K 354 31.58 -14.53 -3.87
C ILE K 354 31.28 -13.39 -4.82
N GLY K 355 29.99 -13.14 -5.06
CA GLY K 355 29.60 -12.09 -5.99
C GLY K 355 30.00 -10.72 -5.52
N GLY K 356 29.93 -10.50 -4.20
CA GLY K 356 30.57 -9.31 -3.65
C GLY K 356 32.08 -9.40 -3.62
N GLY K 357 32.63 -10.52 -3.16
CA GLY K 357 34.03 -10.62 -2.78
C GLY K 357 34.82 -11.57 -3.68
N ALA K 358 35.89 -11.02 -4.26
CA ALA K 358 36.84 -11.81 -5.03
C ALA K 358 38.28 -11.66 -4.56
N THR K 359 38.61 -10.60 -3.81
CA THR K 359 39.97 -10.36 -3.36
C THR K 359 40.39 -11.35 -2.27
N GLY K 360 41.68 -11.30 -1.95
CA GLY K 360 42.29 -12.08 -0.89
C GLY K 360 41.67 -11.99 0.49
N PRO K 361 41.55 -10.77 1.06
CA PRO K 361 40.91 -10.63 2.38
C PRO K 361 39.49 -11.13 2.47
N ALA K 362 38.68 -10.95 1.42
CA ALA K 362 37.31 -11.50 1.44
C ALA K 362 37.31 -13.01 1.43
N LEU K 363 38.24 -13.62 0.70
CA LEU K 363 38.33 -15.07 0.63
C LEU K 363 38.77 -15.67 1.96
N GLU K 364 39.73 -15.04 2.65
CA GLU K 364 40.08 -15.59 3.95
C GLU K 364 39.11 -15.16 5.05
N ASN K 365 38.31 -14.12 4.83
CA ASN K 365 37.20 -13.83 5.74
C ASN K 365 36.11 -14.89 5.61
N LEU K 366 35.94 -15.46 4.42
CA LEU K 366 34.96 -16.52 4.23
C LEU K 366 35.36 -17.82 4.96
N TYR K 367 36.65 -18.08 5.14
CA TYR K 367 37.14 -19.37 5.61
C TYR K 367 37.64 -19.34 7.06
N ALA K 368 37.24 -18.34 7.85
CA ALA K 368 37.89 -18.07 9.13
C ALA K 368 37.58 -19.13 10.18
N LEU K 369 36.32 -19.57 10.26
CA LEU K 369 35.93 -20.53 11.31
C LEU K 369 36.45 -21.93 11.01
N LEU K 370 36.49 -22.32 9.73
CA LEU K 370 37.09 -23.60 9.37
C LEU K 370 38.59 -23.60 9.63
N ASP K 371 39.26 -22.46 9.43
CA ASP K 371 40.67 -22.34 9.78
C ASP K 371 40.88 -22.46 11.28
N LEU K 372 39.95 -21.89 12.06
CA LEU K 372 39.97 -22.02 13.51
C LEU K 372 39.87 -23.47 13.96
N LYS K 373 38.98 -24.25 13.32
CA LYS K 373 38.83 -25.66 13.66
C LYS K 373 40.02 -26.50 13.21
N ALA K 374 40.52 -26.23 11.99
CA ALA K 374 41.60 -27.04 11.43
C ALA K 374 42.92 -26.82 12.15
N ASN K 375 43.18 -25.60 12.63
CA ASN K 375 44.40 -25.32 13.37
C ASN K 375 44.45 -26.10 14.68
N MET K 376 43.30 -26.26 15.34
CA MET K 376 43.28 -27.03 16.58
C MET K 376 43.36 -28.54 16.30
N ALA K 377 42.80 -29.00 15.18
CA ALA K 377 42.86 -30.44 14.90
C ALA K 377 44.25 -30.90 14.45
N GLU K 378 45.03 -30.00 13.82
CA GLU K 378 46.35 -30.38 13.32
C GLU K 378 47.32 -30.75 14.45
N ARG K 379 47.18 -30.10 15.61
CA ARG K 379 48.03 -30.42 16.77
C ARG K 379 47.81 -31.84 17.26
N LYS K 380 46.55 -32.30 17.28
CA LYS K 380 46.25 -33.65 17.73
C LYS K 380 46.70 -34.69 16.72
N ILE K 381 46.56 -34.38 15.43
CA ILE K 381 47.05 -35.31 14.40
C ILE K 381 48.57 -35.44 14.46
N ARG K 382 49.28 -34.32 14.69
CA ARG K 382 50.73 -34.36 14.83
C ARG K 382 51.16 -35.13 16.07
N ALA K 383 50.38 -35.02 17.16
CA ALA K 383 50.68 -35.77 18.37
C ALA K 383 50.53 -37.27 18.16
N GLY K 384 49.57 -37.69 17.34
CA GLY K 384 49.48 -39.11 17.00
C GLY K 384 50.61 -39.58 16.10
N LEU K 385 50.98 -38.77 15.10
CA LEU K 385 51.99 -39.17 14.13
C LEU K 385 53.38 -39.25 14.73
N ARG K 386 53.68 -38.42 15.73
CA ARG K 386 54.99 -38.49 16.41
C ARG K 386 55.19 -39.82 17.11
N LEU K 387 54.14 -40.34 17.74
CA LEU K 387 54.21 -41.63 18.41
C LEU K 387 54.31 -42.77 17.40
N PHE K 388 53.59 -42.64 16.28
CA PHE K 388 53.70 -43.62 15.20
C PHE K 388 55.13 -43.74 14.66
N PHE K 389 55.81 -42.61 14.49
CA PHE K 389 57.18 -42.67 13.99
C PHE K 389 58.20 -43.07 15.06
N TRP K 390 57.89 -42.85 16.35
CA TRP K 390 58.70 -43.44 17.41
C TRP K 390 58.66 -44.97 17.35
N PHE K 391 57.46 -45.55 17.16
CA PHE K 391 57.33 -47.00 17.00
C PHE K 391 58.09 -47.50 15.78
N PHE K 392 58.02 -46.76 14.67
CA PHE K 392 58.74 -47.16 13.46
C PHE K 392 60.25 -47.13 13.65
N ALA K 393 60.76 -46.16 14.41
CA ALA K 393 62.18 -46.12 14.70
C ALA K 393 62.63 -47.26 15.61
N GLU K 394 61.76 -47.68 16.54
CA GLU K 394 62.07 -48.85 17.36
C GLU K 394 62.17 -50.12 16.51
N TYR K 395 61.29 -50.24 15.52
CA TYR K 395 61.40 -51.37 14.59
C TYR K 395 62.68 -51.30 13.76
N LEU K 396 63.04 -50.11 13.28
CA LEU K 396 64.27 -49.97 12.49
C LEU K 396 65.52 -50.20 13.32
N ARG K 397 65.44 -50.00 14.63
CA ARG K 397 66.57 -50.31 15.49
C ARG K 397 66.68 -51.80 15.78
N ASN K 398 65.55 -52.47 16.05
CA ASN K 398 65.62 -53.90 16.40
C ASN K 398 65.88 -54.82 15.21
N THR K 399 66.01 -54.30 14.00
CA THR K 399 66.42 -55.10 12.86
C THR K 399 67.81 -54.70 12.36
N GLY K 400 68.53 -53.87 13.12
CA GLY K 400 69.88 -53.49 12.80
C GLY K 400 70.04 -52.38 11.78
N LYS K 401 68.94 -51.88 11.20
CA LYS K 401 69.02 -50.99 10.05
C LYS K 401 69.36 -49.55 10.39
N GLY K 402 69.62 -49.23 11.64
CA GLY K 402 70.07 -47.90 12.00
C GLY K 402 69.46 -47.43 13.30
N ASP K 403 70.09 -46.43 13.90
CA ASP K 403 69.63 -45.80 15.14
C ASP K 403 69.24 -44.36 14.81
N PHE K 404 67.94 -44.09 14.75
CA PHE K 404 67.42 -42.78 14.40
C PHE K 404 66.56 -42.23 15.52
N ASN K 405 66.40 -40.91 15.51
CA ASN K 405 65.50 -40.22 16.44
C ASN K 405 64.59 -39.31 15.62
N PRO K 406 63.39 -39.78 15.27
CA PRO K 406 62.46 -38.95 14.49
C PRO K 406 61.89 -37.77 15.25
N ASP K 407 62.02 -37.73 16.58
CA ASP K 407 61.57 -36.59 17.36
C ASP K 407 62.36 -35.34 17.04
N LYS K 408 63.63 -35.47 16.67
CA LYS K 408 64.49 -34.34 16.37
C LYS K 408 64.83 -34.20 14.89
N GLU K 409 64.75 -35.26 14.10
CA GLU K 409 65.28 -35.26 12.75
C GLU K 409 64.21 -35.16 11.66
N LEU K 410 62.97 -35.55 11.93
CA LEU K 410 61.93 -35.57 10.92
C LEU K 410 61.03 -34.35 11.03
N THR K 411 60.62 -33.80 9.89
CA THR K 411 59.73 -32.65 9.84
C THR K 411 58.54 -32.97 8.94
N MET K 412 57.34 -32.85 9.47
CA MET K 412 56.10 -33.07 8.74
C MET K 412 55.53 -31.72 8.31
N THR K 413 54.86 -31.71 7.16
CA THR K 413 54.16 -30.50 6.75
C THR K 413 52.86 -30.82 6.02
N PHE K 414 51.84 -30.03 6.36
CA PHE K 414 50.46 -30.19 5.93
C PHE K 414 50.11 -29.10 4.94
N THR K 415 49.30 -29.42 3.94
CA THR K 415 48.88 -28.47 2.93
C THR K 415 47.38 -28.28 3.00
N ARG K 416 46.94 -27.06 3.28
CA ARG K 416 45.52 -26.76 3.24
C ARG K 416 45.01 -26.73 1.82
N THR K 417 43.74 -27.08 1.66
CA THR K 417 43.07 -27.04 0.36
C THR K 417 42.07 -25.90 0.42
N ARG K 418 42.46 -24.74 -0.11
CA ARG K 418 41.61 -23.56 -0.06
C ARG K 418 41.66 -22.82 -1.37
N ILE K 419 40.83 -21.79 -1.47
CA ILE K 419 40.67 -21.00 -2.68
C ILE K 419 41.46 -19.71 -2.54
N GLN K 420 42.23 -19.37 -3.56
CA GLN K 420 42.99 -18.13 -3.57
C GLN K 420 42.89 -17.47 -4.93
N ASN K 421 43.27 -16.20 -4.99
CA ASN K 421 43.34 -15.44 -6.23
C ASN K 421 44.78 -15.53 -6.74
N ASP K 422 45.00 -16.38 -7.75
CA ASP K 422 46.35 -16.69 -8.20
C ASP K 422 47.00 -15.52 -8.94
N SER K 423 46.20 -14.73 -9.68
CA SER K 423 46.75 -13.62 -10.44
C SER K 423 47.30 -12.53 -9.53
N GLU K 424 46.57 -12.23 -8.45
CA GLU K 424 47.01 -11.25 -7.46
C GLU K 424 48.31 -11.70 -6.77
N ILE K 425 48.43 -13.01 -6.51
CA ILE K 425 49.63 -13.54 -5.89
C ILE K 425 50.83 -13.46 -6.83
N VAL K 426 50.62 -13.75 -8.13
CA VAL K 426 51.70 -13.70 -9.10
C VAL K 426 52.20 -12.27 -9.30
N GLN K 427 51.27 -11.29 -9.35
CA GLN K 427 51.68 -9.89 -9.45
C GLN K 427 52.41 -9.41 -8.21
N SER K 428 51.97 -9.82 -7.02
CA SER K 428 52.68 -9.42 -5.80
C SER K 428 54.07 -10.05 -5.71
N LEU K 429 54.23 -11.29 -6.18
CA LEU K 429 55.54 -11.95 -6.13
C LEU K 429 56.51 -11.30 -7.11
N VAL K 430 56.04 -10.97 -8.32
CA VAL K 430 56.90 -10.33 -9.31
C VAL K 430 57.29 -8.93 -8.86
N GLN K 431 56.35 -8.20 -8.25
CA GLN K 431 56.63 -6.87 -7.72
C GLN K 431 57.63 -6.91 -6.55
N GLY K 432 57.52 -7.92 -5.69
CA GLY K 432 58.48 -8.05 -4.59
C GLY K 432 59.86 -8.48 -5.02
N VAL K 433 59.95 -9.30 -6.08
CA VAL K 433 61.27 -9.69 -6.59
C VAL K 433 61.93 -8.50 -7.29
N THR K 434 61.15 -7.75 -8.09
CA THR K 434 61.70 -6.58 -8.78
C THR K 434 62.08 -5.47 -7.80
N GLY K 435 61.34 -5.33 -6.70
CA GLY K 435 61.70 -4.35 -5.69
C GLY K 435 62.92 -4.69 -4.86
N GLY K 436 63.39 -5.93 -4.91
CA GLY K 436 64.57 -6.33 -4.18
C GLY K 436 64.37 -6.77 -2.75
N ILE K 437 63.12 -6.94 -2.32
CA ILE K 437 62.83 -7.31 -0.94
C ILE K 437 62.51 -8.81 -0.82
N MET K 438 62.93 -9.60 -1.80
CA MET K 438 62.57 -11.01 -1.84
C MET K 438 63.57 -11.75 -2.74
N SER K 439 63.92 -12.96 -2.33
CA SER K 439 64.75 -13.82 -3.16
C SER K 439 63.92 -14.48 -4.25
N LYS K 440 64.60 -14.84 -5.34
CA LYS K 440 63.95 -15.53 -6.45
C LYS K 440 63.56 -16.95 -6.07
N GLU K 441 64.35 -17.61 -5.23
CA GLU K 441 64.08 -18.98 -4.81
C GLU K 441 62.82 -19.07 -3.95
N THR K 442 62.65 -18.11 -3.04
CA THR K 442 61.44 -18.07 -2.22
C THR K 442 60.21 -17.79 -3.06
N ALA K 443 60.33 -16.95 -4.09
CA ALA K 443 59.19 -16.65 -4.95
C ALA K 443 58.85 -17.81 -5.86
N VAL K 444 59.84 -18.63 -6.24
CA VAL K 444 59.53 -19.86 -6.95
C VAL K 444 58.80 -20.84 -6.03
N ALA K 445 59.17 -20.86 -4.73
CA ALA K 445 58.50 -21.74 -3.80
C ALA K 445 57.08 -21.30 -3.43
N ARG K 446 56.65 -20.08 -3.77
CA ARG K 446 55.28 -19.64 -3.48
C ARG K 446 54.41 -19.51 -4.73
N ASN K 447 54.92 -19.84 -5.90
CA ASN K 447 54.19 -19.73 -7.15
C ASN K 447 53.06 -20.76 -7.19
N PRO K 448 51.81 -20.36 -7.37
CA PRO K 448 50.70 -21.34 -7.40
C PRO K 448 50.67 -22.22 -8.65
N PHE K 449 51.47 -21.93 -9.67
CA PHE K 449 51.56 -22.79 -10.83
C PHE K 449 52.73 -23.76 -10.77
N VAL K 450 53.60 -23.64 -9.76
CA VAL K 450 54.76 -24.51 -9.60
C VAL K 450 54.45 -25.54 -8.52
N GLN K 451 54.67 -26.81 -8.82
CA GLN K 451 54.41 -27.88 -7.85
C GLN K 451 55.67 -28.46 -7.23
N ASP K 452 56.79 -28.52 -7.96
CA ASP K 452 58.04 -29.03 -7.41
C ASP K 452 59.13 -27.98 -7.53
N PRO K 453 59.59 -27.38 -6.43
CA PRO K 453 60.41 -26.16 -6.54
C PRO K 453 61.85 -26.38 -7.00
N GLU K 454 62.54 -27.43 -6.54
CA GLU K 454 63.96 -27.50 -6.86
C GLU K 454 64.22 -27.97 -8.30
N GLU K 455 63.35 -28.83 -8.84
CA GLU K 455 63.41 -29.14 -10.27
C GLU K 455 63.06 -27.93 -11.12
N GLU K 456 62.18 -27.06 -10.62
CA GLU K 456 61.88 -25.81 -11.31
C GLU K 456 63.08 -24.86 -11.31
N LEU K 457 63.82 -24.81 -10.20
CA LEU K 457 65.03 -24.00 -10.16
C LEU K 457 66.11 -24.55 -11.07
N ALA K 458 66.25 -25.87 -11.12
CA ALA K 458 67.20 -26.51 -12.03
C ALA K 458 66.81 -26.25 -13.49
N ARG K 459 65.51 -26.20 -13.77
CA ARG K 459 65.03 -25.93 -15.12
C ARG K 459 65.29 -24.49 -15.53
N ILE K 460 65.10 -23.53 -14.63
CA ILE K 460 65.42 -22.14 -14.94
C ILE K 460 66.92 -21.96 -15.14
N GLU K 461 67.73 -22.66 -14.34
CA GLU K 461 69.19 -22.67 -14.52
C GLU K 461 69.58 -23.25 -15.88
N GLU K 462 68.89 -24.32 -16.31
CA GLU K 462 69.17 -24.92 -17.61
C GLU K 462 68.78 -24.00 -18.76
N GLU K 463 67.62 -23.33 -18.67
CA GLU K 463 67.20 -22.46 -19.76
C GLU K 463 67.97 -21.14 -19.79
N MET K 464 68.60 -20.74 -18.67
CA MET K 464 69.41 -19.53 -18.71
C MET K 464 70.71 -19.73 -19.48
N ASN K 465 71.21 -20.96 -19.52
CA ASN K 465 72.50 -21.23 -20.15
C ASN K 465 72.42 -21.16 -21.67
N GLN K 466 71.26 -21.44 -22.24
CA GLN K 466 71.13 -21.43 -23.70
C GLN K 466 70.98 -20.03 -24.27
N TYR K 467 70.58 -19.05 -23.46
CA TYR K 467 70.30 -17.72 -23.99
C TYR K 467 71.56 -16.86 -24.11
N ALA K 468 72.58 -17.12 -23.28
CA ALA K 468 73.80 -16.32 -23.33
C ALA K 468 74.58 -16.55 -24.61
N GLU K 469 74.47 -17.74 -25.19
CA GLU K 469 75.01 -18.03 -26.50
C GLU K 469 74.16 -17.43 -27.62
N MET K 470 72.96 -16.96 -27.31
CA MET K 470 72.07 -16.40 -28.31
C MET K 470 71.88 -14.90 -28.08
N LYS L 24 38.88 -13.78 50.50
CA LYS L 24 39.96 -14.77 50.46
C LYS L 24 40.50 -15.07 51.85
N GLU L 25 41.59 -15.84 51.92
CA GLU L 25 42.17 -16.29 53.17
C GLU L 25 43.58 -15.74 53.26
N ILE L 26 43.87 -15.01 54.33
CA ILE L 26 45.17 -14.39 54.51
C ILE L 26 45.73 -14.83 55.86
N ALA L 27 46.95 -15.39 55.83
CA ALA L 27 47.61 -16.02 56.99
C ALA L 27 46.74 -17.09 57.65
N GLU L 28 53.85 -26.01 61.73
CA GLU L 28 52.45 -25.92 62.14
C GLU L 28 51.50 -26.79 61.26
N PRO L 29 51.62 -28.16 61.28
CA PRO L 29 50.67 -28.98 60.50
C PRO L 29 49.44 -29.48 61.26
N ASP L 30 48.25 -29.23 60.70
CA ASP L 30 47.00 -29.72 61.28
C ASP L 30 46.22 -30.46 60.20
N THR L 31 45.94 -31.74 60.46
CA THR L 31 45.04 -32.49 59.57
C THR L 31 43.57 -32.21 59.84
N THR L 32 43.25 -31.45 60.89
CA THR L 32 41.90 -30.97 61.08
C THR L 32 41.64 -29.68 60.31
N MET L 33 42.65 -28.80 60.24
CA MET L 33 42.50 -27.59 59.46
C MET L 33 42.50 -27.88 57.96
N ILE L 34 43.15 -28.96 57.54
CA ILE L 34 43.09 -29.38 56.14
C ILE L 34 41.66 -29.79 55.77
N GLN L 35 41.01 -30.56 56.64
CA GLN L 35 39.61 -30.95 56.43
C GLN L 35 38.69 -29.73 56.48
N LYS L 36 38.97 -28.80 57.39
CA LYS L 36 38.17 -27.58 57.49
C LYS L 36 38.28 -26.72 56.24
N LEU L 37 39.49 -26.56 55.70
CA LEU L 37 39.68 -25.77 54.49
C LEU L 37 39.10 -26.46 53.27
N ILE L 38 39.19 -27.79 53.20
CA ILE L 38 38.67 -28.53 52.05
C ILE L 38 37.15 -28.49 52.03
N ASP L 39 36.50 -28.60 53.19
CA ASP L 39 35.05 -28.58 53.19
C ASP L 39 34.45 -27.20 53.00
N GLU L 40 35.18 -26.14 53.34
CA GLU L 40 34.68 -24.78 53.13
C GLU L 40 35.07 -24.21 51.76
N HIS L 41 35.54 -25.04 50.84
CA HIS L 41 35.88 -24.61 49.50
C HIS L 41 34.70 -24.79 48.56
N ASN L 42 34.46 -23.77 47.73
CA ASN L 42 33.37 -23.82 46.74
C ASN L 42 33.96 -23.78 45.34
N PRO L 43 34.08 -24.92 44.65
CA PRO L 43 34.57 -24.91 43.27
C PRO L 43 33.52 -24.50 42.24
N GLU L 44 32.29 -24.20 42.65
CA GLU L 44 31.17 -23.98 41.75
C GLU L 44 31.23 -22.74 40.86
N PRO L 45 31.71 -21.56 41.31
CA PRO L 45 31.91 -20.47 40.34
C PRO L 45 33.00 -20.73 39.32
N LEU L 46 33.92 -21.65 39.57
CA LEU L 46 34.98 -21.94 38.61
C LEU L 46 34.56 -22.97 37.57
N LEU L 47 33.47 -23.70 37.80
CA LEU L 47 33.04 -24.76 36.89
C LEU L 47 31.94 -24.33 35.94
N LYS L 48 31.35 -23.14 36.12
CA LYS L 48 30.27 -22.67 35.25
C LYS L 48 30.76 -22.45 33.82
N GLY L 49 31.94 -21.83 33.67
CA GLY L 49 32.49 -21.59 32.36
C GLY L 49 32.89 -22.86 31.64
N VAL L 50 33.32 -23.87 32.39
CA VAL L 50 33.62 -25.17 31.80
C VAL L 50 32.33 -25.85 31.34
N ARG L 51 31.25 -25.73 32.12
CA ARG L 51 29.98 -26.32 31.72
C ARG L 51 29.40 -25.61 30.49
N TYR L 52 29.52 -24.30 30.43
CA TYR L 52 29.04 -23.57 29.26
C TYR L 52 29.92 -23.77 28.04
N TYR L 53 31.20 -24.13 28.24
CA TYR L 53 32.05 -24.48 27.11
C TYR L 53 31.61 -25.77 26.43
N MET L 54 31.10 -26.73 27.20
CA MET L 54 30.61 -27.99 26.67
C MET L 54 29.12 -27.99 26.37
N CYS L 55 28.55 -26.80 26.13
CA CYS L 55 27.15 -26.54 25.76
C CYS L 55 26.14 -27.24 26.68
N GLU L 56 26.35 -27.08 27.99
CA GLU L 56 25.41 -27.51 29.02
C GLU L 56 25.08 -26.28 29.85
N ASN L 57 24.11 -25.51 29.39
CA ASN L 57 23.75 -24.25 30.01
C ASN L 57 22.67 -24.47 31.05
N ASP L 58 22.22 -23.38 31.68
CA ASP L 58 21.24 -23.46 32.75
C ASP L 58 19.85 -23.89 32.26
N ILE L 59 19.58 -23.73 30.96
CA ILE L 59 18.33 -24.14 30.32
C ILE L 59 18.05 -25.64 30.50
N GLU L 60 19.07 -26.46 30.76
CA GLU L 60 18.88 -27.87 31.00
C GLU L 60 18.20 -28.19 32.33
N LYS L 61 18.00 -27.20 33.20
CA LYS L 61 17.28 -27.42 34.45
C LYS L 61 15.80 -27.06 34.35
N LYS L 62 15.29 -26.89 33.15
CA LYS L 62 13.92 -26.46 32.94
C LYS L 62 12.95 -27.64 33.04
N ARG L 63 11.85 -27.42 33.76
CA ARG L 63 10.80 -28.42 33.92
C ARG L 63 9.45 -27.80 33.55
N ARG L 64 8.49 -28.67 33.25
CA ARG L 64 7.13 -28.26 32.96
C ARG L 64 6.19 -28.79 34.04
N THR L 65 5.60 -27.88 34.81
CA THR L 65 4.76 -28.20 35.96
C THR L 65 3.33 -27.75 35.72
N TYR L 66 2.36 -28.52 36.23
CA TYR L 66 0.95 -28.13 36.20
C TYR L 66 0.31 -28.32 37.56
N TYR L 67 -0.86 -27.73 37.77
CA TYR L 67 -1.58 -27.77 39.05
C TYR L 67 -2.82 -28.63 38.94
N ASP L 68 -2.95 -29.59 39.86
CA ASP L 68 -4.13 -30.43 39.95
C ASP L 68 -5.26 -29.69 40.67
N ALA L 69 -6.44 -30.30 40.65
CA ALA L 69 -7.56 -29.80 41.45
C ALA L 69 -7.24 -29.85 42.94
N ALA L 70 -7.55 -28.74 43.62
CA ALA L 70 -7.14 -28.43 45.00
C ALA L 70 -5.61 -28.45 45.16
N GLY L 71 -4.93 -27.72 44.27
CA GLY L 71 -3.63 -27.15 44.54
C GLY L 71 -2.44 -28.06 44.36
N GLN L 72 -2.64 -29.30 43.92
CA GLN L 72 -1.52 -30.21 43.86
C GLN L 72 -0.67 -29.94 42.61
N GLN L 73 0.65 -29.85 42.83
CA GLN L 73 1.59 -29.52 41.76
C GLN L 73 2.24 -30.80 41.25
N LEU L 74 2.06 -31.07 39.97
CA LEU L 74 2.45 -32.32 39.34
C LEU L 74 3.41 -32.01 38.19
N VAL L 75 4.47 -32.80 38.11
CA VAL L 75 5.41 -32.75 36.99
C VAL L 75 5.28 -34.04 36.21
N ASP L 76 5.03 -33.94 34.92
CA ASP L 76 5.02 -35.11 34.04
C ASP L 76 6.35 -35.19 33.33
N ASP L 77 6.95 -36.38 33.34
CA ASP L 77 8.23 -36.64 32.70
C ASP L 77 8.08 -37.26 31.31
N THR L 78 6.84 -37.45 30.86
CA THR L 78 6.55 -37.92 29.51
C THR L 78 6.27 -36.78 28.55
N LYS L 79 5.96 -35.59 29.06
CA LYS L 79 5.66 -34.45 28.22
C LYS L 79 6.92 -33.90 27.56
N THR L 80 6.77 -33.41 26.33
CA THR L 80 7.88 -32.83 25.58
C THR L 80 8.41 -31.57 26.26
N ASN L 81 9.72 -31.50 26.42
CA ASN L 81 10.38 -30.46 27.20
C ASN L 81 11.63 -30.06 26.43
N ASN L 82 11.49 -29.03 25.59
CA ASN L 82 12.58 -28.61 24.69
C ASN L 82 13.57 -27.73 25.44
N ARG L 83 14.84 -28.12 25.43
CA ARG L 83 15.91 -27.39 26.11
C ARG L 83 17.11 -27.31 25.16
N THR L 84 17.22 -26.22 24.42
CA THR L 84 18.28 -26.04 23.43
C THR L 84 19.38 -25.14 24.01
N SER L 85 20.57 -25.69 24.15
CA SER L 85 21.75 -24.93 24.55
C SER L 85 22.49 -24.44 23.32
N HIS L 86 22.96 -23.19 23.37
CA HIS L 86 23.70 -22.60 22.27
C HIS L 86 25.17 -22.46 22.65
N ALA L 87 26.04 -22.50 21.64
CA ALA L 87 27.48 -22.66 21.81
C ALA L 87 28.25 -21.37 21.60
N TRP L 88 27.75 -20.23 22.11
CA TRP L 88 28.41 -18.94 21.91
C TRP L 88 29.74 -18.87 22.65
N HIS L 89 29.79 -19.39 23.87
CA HIS L 89 30.96 -19.25 24.73
C HIS L 89 32.16 -20.03 24.19
N LYS L 90 31.91 -21.22 23.63
CA LYS L 90 32.98 -22.01 23.04
C LYS L 90 33.60 -21.32 21.83
N LEU L 91 32.75 -20.71 20.99
CA LEU L 91 33.22 -19.96 19.83
C LEU L 91 34.06 -18.75 20.25
N PHE L 92 33.62 -18.02 21.28
CA PHE L 92 34.37 -16.86 21.73
C PHE L 92 35.74 -17.25 22.33
N VAL L 93 35.76 -18.33 23.12
CA VAL L 93 37.01 -18.77 23.74
C VAL L 93 37.98 -19.31 22.70
N ASP L 94 37.48 -20.06 21.71
CA ASP L 94 38.35 -20.60 20.66
C ASP L 94 38.93 -19.49 19.79
N GLN L 95 38.11 -18.46 19.49
CA GLN L 95 38.58 -17.32 18.71
C GLN L 95 39.68 -16.56 19.44
N LYS L 96 39.49 -16.31 20.74
CA LYS L 96 40.49 -15.61 21.53
C LYS L 96 41.78 -16.41 21.67
N THR L 97 41.67 -17.73 21.87
CA THR L 97 42.84 -18.58 22.06
C THR L 97 43.67 -18.68 20.78
N GLN L 98 43.03 -18.86 19.62
CA GLN L 98 43.80 -18.94 18.39
C GLN L 98 44.33 -17.57 17.97
N TYR L 99 43.66 -16.48 18.35
CA TYR L 99 44.22 -15.15 18.09
C TYR L 99 45.47 -14.90 18.92
N LEU L 100 45.51 -15.39 20.15
CA LEU L 100 46.66 -15.10 21.01
C LEU L 100 47.83 -16.06 20.81
N VAL L 101 47.61 -17.37 20.94
CA VAL L 101 48.73 -18.30 20.91
C VAL L 101 48.54 -19.38 19.84
N GLY L 102 47.82 -19.05 18.77
CA GLY L 102 47.72 -19.96 17.65
C GLY L 102 49.03 -20.14 16.92
N GLU L 103 49.84 -19.09 16.85
CA GLU L 103 51.23 -19.16 16.44
C GLU L 103 52.13 -19.25 17.67
N PRO L 104 53.21 -20.02 17.60
CA PRO L 104 54.09 -20.19 18.75
C PRO L 104 54.83 -18.91 19.14
N VAL L 105 55.10 -18.79 20.43
CA VAL L 105 55.92 -17.71 20.96
C VAL L 105 57.38 -17.94 20.58
N THR L 106 58.07 -16.87 20.20
CA THR L 106 59.46 -16.99 19.80
C THR L 106 60.38 -16.30 20.82
N PHE L 107 61.61 -16.76 20.89
CA PHE L 107 62.56 -16.30 21.89
C PHE L 107 63.84 -15.80 21.25
N THR L 108 64.38 -14.70 21.77
CA THR L 108 65.68 -14.18 21.38
C THR L 108 66.49 -13.83 22.62
N SER L 109 67.82 -13.86 22.45
CA SER L 109 68.75 -13.53 23.51
C SER L 109 70.11 -13.24 22.88
N ASP L 110 70.88 -12.36 23.53
CA ASP L 110 72.27 -12.18 23.16
C ASP L 110 73.15 -13.28 23.73
N ASN L 111 72.83 -13.74 24.93
CA ASN L 111 73.45 -14.92 25.51
C ASN L 111 73.06 -16.16 24.72
N LYS L 112 73.98 -16.67 23.92
CA LYS L 112 73.66 -17.78 23.03
C LYS L 112 73.62 -19.14 23.72
N THR L 113 74.13 -19.24 24.94
CA THR L 113 74.11 -20.51 25.67
C THR L 113 72.78 -20.72 26.40
N LEU L 114 72.22 -19.65 26.96
CA LEU L 114 70.89 -19.72 27.55
C LEU L 114 69.83 -20.02 26.49
N LEU L 115 70.04 -19.50 25.28
CA LEU L 115 69.04 -19.58 24.23
C LEU L 115 68.86 -20.99 23.69
N GLU L 116 69.91 -21.81 23.65
CA GLU L 116 69.72 -23.17 23.14
C GLU L 116 69.01 -24.06 24.16
N TYR L 117 69.25 -23.81 25.46
CA TYR L 117 68.48 -24.45 26.51
C TYR L 117 66.99 -24.09 26.41
N VAL L 118 66.70 -22.79 26.27
CA VAL L 118 65.31 -22.33 26.16
C VAL L 118 64.65 -22.88 24.89
N ASN L 119 65.40 -22.91 23.78
CA ASN L 119 64.82 -23.33 22.51
C ASN L 119 64.58 -24.83 22.46
N GLU L 120 65.35 -25.63 23.20
CA GLU L 120 64.98 -27.04 23.29
C GLU L 120 63.92 -27.31 24.34
N LEU L 121 63.74 -26.42 25.33
CA LEU L 121 62.66 -26.60 26.28
C LEU L 121 61.29 -26.34 25.65
N ALA L 122 61.20 -25.41 24.68
CA ALA L 122 59.92 -24.99 24.12
C ALA L 122 59.67 -25.70 22.79
N ASP L 123 59.29 -26.97 22.88
CA ASP L 123 58.95 -27.82 21.75
C ASP L 123 57.43 -27.82 21.52
N ASP L 124 56.94 -28.77 20.70
CA ASP L 124 55.52 -28.85 20.34
C ASP L 124 54.61 -29.07 21.54
N ASP L 125 55.08 -29.84 22.53
CA ASP L 125 54.29 -30.11 23.73
C ASP L 125 54.10 -28.83 24.56
N PHE L 126 55.12 -27.96 24.56
CA PHE L 126 55.01 -26.66 25.21
C PHE L 126 53.92 -25.81 24.59
N ASP L 127 53.80 -25.85 23.26
CA ASP L 127 52.78 -25.05 22.58
C ASP L 127 51.38 -25.60 22.82
N ASP L 128 51.24 -26.93 22.86
CA ASP L 128 49.94 -27.51 23.17
C ASP L 128 49.52 -27.22 24.61
N ILE L 129 50.47 -27.27 25.54
CA ILE L 129 50.22 -26.93 26.94
C ILE L 129 49.81 -25.46 27.09
N LEU L 130 50.44 -24.58 26.31
CA LEU L 130 50.11 -23.16 26.37
C LEU L 130 48.73 -22.86 25.81
N ASN L 131 48.34 -23.53 24.71
CA ASN L 131 46.98 -23.40 24.20
C ASN L 131 45.92 -23.85 25.20
N GLU L 132 46.15 -25.00 25.85
CA GLU L 132 45.17 -25.47 26.83
C GLU L 132 45.17 -24.60 28.08
N THR L 133 46.30 -23.97 28.41
CA THR L 133 46.35 -23.06 29.55
C THR L 133 45.55 -21.79 29.28
N VAL L 134 45.64 -21.23 28.07
CA VAL L 134 44.87 -20.03 27.73
C VAL L 134 43.37 -20.34 27.70
N LYS L 135 42.99 -21.53 27.20
CA LYS L 135 41.58 -21.92 27.23
C LYS L 135 41.05 -22.11 28.65
N ASN L 136 41.83 -22.79 29.52
CA ASN L 136 41.41 -23.00 30.90
C ASN L 136 41.32 -21.69 31.67
N MET L 137 42.24 -20.77 31.39
CA MET L 137 42.24 -19.45 32.01
C MET L 137 41.01 -18.65 31.62
N SER L 138 40.58 -18.76 30.36
CA SER L 138 39.35 -18.09 29.94
C SER L 138 38.11 -18.75 30.52
N ASN L 139 38.13 -20.06 30.75
CA ASN L 139 36.95 -20.73 31.30
C ASN L 139 36.80 -20.55 32.81
N LYS L 140 37.91 -20.49 33.55
CA LYS L 140 37.82 -20.51 35.01
C LYS L 140 38.20 -19.19 35.68
N GLY L 141 39.03 -18.36 35.04
CA GLY L 141 39.53 -17.15 35.64
C GLY L 141 40.95 -17.24 36.15
N ILE L 142 41.49 -18.45 36.30
CA ILE L 142 42.82 -18.67 36.86
C ILE L 142 43.27 -20.06 36.41
N GLU L 143 44.57 -20.22 36.18
CA GLU L 143 45.14 -21.54 35.97
C GLU L 143 46.52 -21.60 36.61
N TYR L 144 46.98 -22.80 36.97
CA TYR L 144 48.23 -22.96 37.69
C TYR L 144 49.16 -23.96 37.01
N TRP L 145 50.44 -23.64 37.00
CA TRP L 145 51.51 -24.56 36.61
C TRP L 145 52.30 -24.99 37.84
N HIS L 146 52.87 -26.18 37.78
CA HIS L 146 53.72 -26.73 38.83
C HIS L 146 55.03 -27.22 38.22
N PRO L 147 56.17 -26.62 38.58
CA PRO L 147 57.47 -27.11 38.10
C PRO L 147 58.15 -28.08 39.05
N PHE L 148 58.87 -29.04 38.49
CA PHE L 148 59.55 -30.06 39.30
C PHE L 148 60.72 -30.62 38.50
N VAL L 149 61.44 -31.56 39.11
CA VAL L 149 62.52 -32.29 38.46
C VAL L 149 62.11 -33.76 38.35
N ASP L 150 62.30 -34.34 37.17
CA ASP L 150 61.98 -35.73 36.89
C ASP L 150 62.87 -36.68 37.70
N GLU L 151 62.58 -37.98 37.56
CA GLU L 151 63.41 -39.01 38.15
C GLU L 151 64.70 -39.24 37.36
N GLU L 152 64.79 -38.71 36.15
CA GLU L 152 66.01 -38.73 35.35
C GLU L 152 66.76 -37.42 35.39
N GLY L 153 66.38 -36.50 36.28
CA GLY L 153 67.07 -35.24 36.42
C GLY L 153 66.65 -34.14 35.46
N GLU L 154 65.60 -34.34 34.67
CA GLU L 154 65.15 -33.34 33.72
C GLU L 154 64.14 -32.39 34.37
N PHE L 155 64.20 -31.13 33.94
CA PHE L 155 63.22 -30.13 34.39
C PHE L 155 61.89 -30.37 33.69
N ASP L 156 60.81 -30.47 34.47
CA ASP L 156 59.49 -30.74 33.93
C ASP L 156 58.47 -29.82 34.61
N TYR L 157 57.25 -29.87 34.09
CA TYR L 157 56.18 -28.98 34.52
C TYR L 157 54.86 -29.63 34.18
N VAL L 158 53.82 -29.31 34.96
CA VAL L 158 52.50 -29.92 34.78
C VAL L 158 51.46 -28.87 35.15
N ILE L 159 50.23 -29.08 34.67
CA ILE L 159 49.11 -28.19 34.97
C ILE L 159 48.37 -28.71 36.20
N PHE L 160 48.18 -27.84 37.20
CA PHE L 160 47.29 -28.13 38.31
C PHE L 160 45.94 -27.48 38.04
N PRO L 161 44.85 -28.25 37.91
CA PRO L 161 43.53 -27.64 37.66
C PRO L 161 43.07 -26.80 38.85
N ALA L 162 42.54 -25.62 38.55
CA ALA L 162 42.33 -24.60 39.57
C ALA L 162 41.14 -24.90 40.48
N GLU L 163 40.22 -25.76 40.05
CA GLU L 163 39.09 -26.14 40.89
C GLU L 163 39.46 -27.10 42.00
N GLU L 164 40.71 -27.58 42.04
CA GLU L 164 41.22 -28.40 43.13
C GLU L 164 42.24 -27.68 44.00
N MET L 165 42.41 -26.38 43.83
CA MET L 165 43.49 -25.65 44.51
C MET L 165 42.94 -24.70 45.56
N ILE L 166 43.61 -24.65 46.71
CA ILE L 166 43.35 -23.66 47.75
C ILE L 166 44.66 -22.95 48.06
N VAL L 167 44.71 -21.65 47.78
CA VAL L 167 45.93 -20.86 47.93
C VAL L 167 45.72 -19.85 49.07
N VAL L 168 46.68 -19.78 49.98
CA VAL L 168 46.66 -18.88 51.12
C VAL L 168 47.88 -17.96 51.02
N TYR L 169 47.70 -16.67 51.35
CA TYR L 169 48.76 -15.69 51.25
C TYR L 169 49.24 -15.25 52.63
N LYS L 170 50.50 -14.82 52.70
CA LYS L 170 51.10 -14.23 53.90
C LYS L 170 50.50 -12.86 54.16
N ASP L 171 50.89 -12.25 55.29
CA ASP L 171 50.47 -10.87 55.54
C ASP L 171 51.50 -10.06 56.29
N ASN L 172 52.19 -9.21 55.54
CA ASN L 172 52.15 -7.77 55.72
C ASN L 172 51.86 -7.13 54.38
N THR L 173 51.85 -7.93 53.32
CA THR L 173 51.30 -7.64 52.00
C THR L 173 50.31 -8.76 51.75
N ARG L 174 49.43 -8.65 50.75
CA ARG L 174 48.37 -9.64 50.61
C ARG L 174 48.44 -10.48 49.34
N ARG L 175 49.58 -10.52 48.65
CA ARG L 175 49.70 -11.35 47.44
C ARG L 175 51.05 -12.07 47.35
N ASP L 176 51.55 -12.63 48.45
CA ASP L 176 52.68 -13.56 48.41
C ASP L 176 52.27 -14.88 49.03
N ILE L 177 52.47 -15.97 48.27
CA ILE L 177 51.88 -17.27 48.59
C ILE L 177 52.60 -17.90 49.78
N LEU L 178 51.82 -18.29 50.79
CA LEU L 178 52.32 -18.99 51.97
C LEU L 178 52.33 -20.50 51.77
N PHE L 179 51.19 -21.08 51.41
CA PHE L 179 51.14 -22.51 51.09
C PHE L 179 50.02 -22.76 50.08
N ALA L 180 50.00 -23.98 49.55
CA ALA L 180 49.02 -24.35 48.54
C ALA L 180 48.55 -25.78 48.77
N LEU L 181 47.25 -26.00 48.67
CA LEU L 181 46.63 -27.29 48.97
C LEU L 181 45.87 -27.81 47.76
N ARG L 182 46.19 -29.04 47.34
CA ARG L 182 45.58 -29.67 46.18
C ARG L 182 44.91 -30.98 46.60
N TYR L 183 43.65 -31.17 46.21
CA TYR L 183 42.91 -32.35 46.64
C TYR L 183 42.10 -32.93 45.48
N TYR L 184 42.06 -34.25 45.39
CA TYR L 184 41.39 -34.88 44.26
C TYR L 184 40.97 -36.30 44.62
N SER L 185 40.27 -36.94 43.68
CA SER L 185 39.71 -38.27 43.85
C SER L 185 39.86 -39.04 42.55
N TYR L 186 39.88 -40.38 42.65
CA TYR L 186 39.79 -41.22 41.46
C TYR L 186 39.19 -42.58 41.77
N LYS L 187 38.50 -43.14 40.78
CA LYS L 187 37.86 -44.44 40.82
C LYS L 187 38.75 -45.52 40.23
N GLY L 188 38.36 -46.78 40.48
CA GLY L 188 39.06 -47.92 39.93
C GLY L 188 38.19 -48.80 39.06
N ILE L 189 38.58 -50.06 38.91
CA ILE L 189 37.81 -51.00 38.09
C ILE L 189 36.55 -51.45 38.83
N MET L 190 36.69 -51.83 40.11
CA MET L 190 35.55 -52.27 40.90
C MET L 190 34.57 -51.14 41.20
N GLY L 191 35.04 -49.91 41.19
CA GLY L 191 34.25 -48.78 41.67
C GLY L 191 34.70 -48.21 43.00
N GLU L 192 35.82 -48.69 43.54
CA GLU L 192 36.33 -48.14 44.79
C GLU L 192 36.96 -46.78 44.55
N GLU L 193 36.77 -45.88 45.53
CA GLU L 193 37.13 -44.48 45.43
C GLU L 193 38.32 -44.17 46.33
N THR L 194 39.28 -43.42 45.78
CA THR L 194 40.43 -42.96 46.55
C THR L 194 40.44 -41.44 46.56
N GLN L 195 40.66 -40.86 47.74
CA GLN L 195 40.64 -39.41 47.93
C GLN L 195 41.97 -38.96 48.56
N LYS L 196 42.74 -38.17 47.82
CA LYS L 196 44.07 -37.76 48.26
C LYS L 196 44.21 -36.25 48.30
N ALA L 197 45.25 -35.79 48.99
CA ALA L 197 45.55 -34.37 49.13
C ALA L 197 47.06 -34.16 49.26
N GLU L 198 47.50 -32.95 48.93
CA GLU L 198 48.91 -32.56 48.94
C GLU L 198 49.04 -31.12 49.41
N LEU L 199 49.99 -30.86 50.30
CA LEU L 199 50.29 -29.51 50.77
C LEU L 199 51.69 -29.10 50.33
N TYR L 200 51.84 -27.86 49.87
CA TYR L 200 53.10 -27.34 49.36
C TYR L 200 53.44 -26.06 50.12
N THR L 201 54.62 -26.06 50.75
CA THR L 201 55.23 -24.91 51.42
C THR L 201 56.44 -24.42 50.62
N ASP L 202 57.19 -23.48 51.20
CA ASP L 202 58.41 -22.98 50.56
C ASP L 202 59.46 -24.07 50.37
N THR L 203 59.53 -25.04 51.28
CA THR L 203 60.59 -26.03 51.26
C THR L 203 60.10 -27.46 51.19
N HIS L 204 58.88 -27.74 51.64
CA HIS L 204 58.44 -29.11 51.86
C HIS L 204 57.06 -29.36 51.28
N VAL L 205 56.81 -30.63 50.98
CA VAL L 205 55.53 -31.12 50.50
C VAL L 205 55.05 -32.20 51.48
N TYR L 206 53.74 -32.23 51.71
CA TYR L 206 53.09 -33.21 52.56
C TYR L 206 52.03 -33.96 51.75
N TYR L 207 51.94 -35.27 51.99
CA TYR L 207 50.99 -36.10 51.26
C TYR L 207 49.95 -36.67 52.23
N TYR L 208 48.72 -36.83 51.73
CA TYR L 208 47.62 -37.25 52.59
C TYR L 208 46.64 -38.10 51.80
N GLU L 209 46.00 -39.04 52.50
CA GLU L 209 44.86 -39.79 51.99
C GLU L 209 43.81 -39.89 53.08
N LYS L 210 42.54 -39.88 52.67
CA LYS L 210 41.40 -39.99 53.57
C LYS L 210 40.98 -41.45 53.65
N ILE L 211 41.15 -42.06 54.82
CA ILE L 211 40.90 -43.48 54.97
C ILE L 211 39.43 -43.73 55.29
N ASP L 212 38.95 -43.23 56.43
CA ASP L 212 37.53 -43.30 56.74
C ASP L 212 36.89 -41.93 56.94
N GLY L 213 37.38 -41.13 57.86
CA GLY L 213 36.79 -39.82 58.09
C GLY L 213 37.81 -38.75 58.40
N VAL L 214 39.09 -39.12 58.44
CA VAL L 214 40.17 -38.18 58.63
C VAL L 214 41.27 -38.48 57.62
N TYR L 215 42.02 -37.44 57.26
CA TYR L 215 43.19 -37.60 56.40
C TYR L 215 44.38 -38.10 57.23
N GLN L 216 45.02 -39.15 56.74
CA GLN L 216 46.24 -39.70 57.32
C GLN L 216 47.41 -39.34 56.42
N MET L 217 48.59 -39.87 56.75
CA MET L 217 49.82 -39.50 56.06
C MET L 217 50.22 -40.45 54.94
N ASP L 218 49.37 -41.41 54.56
CA ASP L 218 49.41 -42.31 53.39
C ASP L 218 50.82 -42.86 53.09
N TYR L 219 51.30 -43.67 54.01
CA TYR L 219 52.66 -44.18 53.93
C TYR L 219 52.79 -45.22 52.80
N SER L 220 52.80 -44.71 51.58
CA SER L 220 53.50 -45.31 50.45
C SER L 220 54.88 -44.71 50.29
N TYR L 221 55.07 -43.51 50.84
CA TYR L 221 56.37 -42.93 51.10
C TYR L 221 56.78 -43.36 52.50
N GLY L 222 57.92 -44.01 52.62
CA GLY L 222 58.27 -44.57 53.92
C GLY L 222 58.91 -43.57 54.86
N GLU L 223 58.08 -42.99 55.74
CA GLU L 223 58.49 -42.03 56.78
C GLU L 223 59.23 -40.83 56.20
N ASN L 224 58.85 -40.43 54.99
CA ASN L 224 59.42 -39.27 54.31
C ASN L 224 58.39 -38.17 54.14
N ASN L 225 57.26 -38.25 54.83
CA ASN L 225 56.05 -37.55 54.40
C ASN L 225 56.10 -36.03 54.55
N PRO L 226 56.82 -35.46 55.51
CA PRO L 226 57.32 -34.10 55.25
C PRO L 226 58.58 -34.21 54.40
N ARG L 227 58.50 -33.76 53.15
CA ARG L 227 59.50 -34.10 52.15
C ARG L 227 60.04 -32.83 51.52
N PRO L 228 61.34 -32.78 51.17
CA PRO L 228 61.84 -31.68 50.35
C PRO L 228 61.21 -31.69 48.96
N HIS L 229 61.25 -30.53 48.30
CA HIS L 229 60.61 -30.36 46.99
C HIS L 229 61.33 -31.18 45.93
N MET L 230 60.63 -31.40 44.82
CA MET L 230 61.18 -32.17 43.69
C MET L 230 62.16 -31.31 42.88
N THR L 231 63.21 -30.87 43.58
CA THR L 231 64.46 -30.31 43.08
C THR L 231 65.61 -30.92 43.88
N LYS L 232 65.50 -32.24 44.10
CA LYS L 232 66.21 -32.93 45.18
C LYS L 232 67.71 -33.03 44.94
N GLY L 233 68.46 -33.03 46.04
CA GLY L 233 69.89 -33.13 45.98
C GLY L 233 70.50 -32.65 47.29
N GLY L 234 71.77 -32.26 47.21
CA GLY L 234 72.45 -31.68 48.35
C GLY L 234 71.88 -30.34 48.76
N GLN L 235 71.28 -29.63 47.80
CA GLN L 235 70.69 -28.31 48.05
C GLN L 235 69.23 -28.50 48.51
N ALA L 236 69.10 -28.89 49.77
CA ALA L 236 67.78 -29.12 50.37
C ALA L 236 67.15 -27.83 50.90
N ILE L 237 67.61 -26.68 50.41
CA ILE L 237 66.92 -25.42 50.65
C ILE L 237 65.57 -25.43 49.92
N GLY L 238 65.49 -26.14 48.81
CA GLY L 238 64.32 -26.06 47.96
C GLY L 238 64.46 -24.95 46.95
N TRP L 239 63.33 -24.60 46.33
CA TRP L 239 63.33 -23.44 45.45
C TRP L 239 63.46 -22.13 46.23
N GLY L 240 63.11 -22.12 47.51
CA GLY L 240 63.03 -20.88 48.25
C GLY L 240 61.74 -20.15 48.00
N ARG L 241 60.70 -20.85 47.56
CA ARG L 241 59.48 -20.32 47.00
C ARG L 241 58.50 -21.47 46.85
N VAL L 242 57.21 -21.18 46.99
CA VAL L 242 56.20 -22.20 46.75
C VAL L 242 56.17 -22.52 45.25
N PRO L 243 56.32 -23.80 44.85
CA PRO L 243 56.39 -24.14 43.42
C PRO L 243 55.02 -24.15 42.73
N ILE L 244 54.45 -22.96 42.56
CA ILE L 244 53.17 -22.80 41.87
C ILE L 244 53.24 -21.50 41.07
N ILE L 245 52.72 -21.54 39.84
CA ILE L 245 52.81 -20.43 38.90
C ILE L 245 51.40 -20.05 38.44
N PRO L 246 50.91 -18.85 38.77
CA PRO L 246 49.56 -18.47 38.36
C PRO L 246 49.48 -17.74 37.03
N PHE L 247 48.46 -18.10 36.26
CA PHE L 247 48.07 -17.42 35.03
C PHE L 247 46.67 -16.87 35.26
N LYS L 248 46.57 -15.55 35.39
CA LYS L 248 45.31 -14.89 35.70
C LYS L 248 44.60 -14.46 34.43
N ASN L 249 43.27 -14.58 34.43
CA ASN L 249 42.50 -14.10 33.29
C ASN L 249 42.45 -12.57 33.26
N ASN L 250 42.33 -11.95 34.43
CA ASN L 250 42.34 -10.50 34.58
C ASN L 250 42.73 -10.20 36.02
N GLU L 251 42.59 -8.93 36.41
CA GLU L 251 42.96 -8.52 37.76
C GLU L 251 42.01 -9.08 38.81
N GLU L 252 40.75 -9.29 38.45
CA GLU L 252 39.73 -9.76 39.38
C GLU L 252 39.62 -11.28 39.41
N MET L 253 40.31 -11.98 38.49
CA MET L 253 40.34 -13.44 38.38
C MET L 253 38.95 -14.04 38.15
N VAL L 254 38.14 -13.37 37.34
CA VAL L 254 36.84 -13.88 36.96
C VAL L 254 36.91 -14.44 35.55
N SER L 255 35.96 -15.30 35.22
CA SER L 255 35.85 -15.85 33.88
C SER L 255 35.26 -14.83 32.92
N ASP L 256 35.38 -15.12 31.63
CA ASP L 256 34.79 -14.26 30.60
C ASP L 256 33.27 -14.35 30.60
N LEU L 257 32.74 -15.55 30.90
CA LEU L 257 31.31 -15.82 30.93
C LEU L 257 30.54 -14.93 31.90
N LYS L 258 31.22 -14.36 32.91
CA LYS L 258 30.61 -13.42 33.84
C LYS L 258 30.02 -12.20 33.15
N PHE L 259 30.58 -11.79 32.01
CA PHE L 259 30.14 -10.54 31.42
C PHE L 259 29.03 -10.69 30.39
N TYR L 260 28.67 -11.92 29.99
CA TYR L 260 27.58 -12.08 29.03
C TYR L 260 26.69 -13.32 29.28
N LYS L 261 26.60 -13.81 30.52
CA LYS L 261 25.85 -15.03 30.79
C LYS L 261 24.34 -14.83 30.67
N ASP L 262 23.86 -13.65 31.05
CA ASP L 262 22.43 -13.35 31.02
C ASP L 262 21.88 -13.32 29.60
N LEU L 263 22.68 -12.83 28.64
CA LEU L 263 22.23 -12.77 27.25
C LEU L 263 22.10 -14.15 26.64
N ILE L 264 23.03 -15.06 26.98
CA ILE L 264 22.96 -16.45 26.54
C ILE L 264 21.75 -17.14 27.14
N ASP L 265 21.46 -16.88 28.42
CA ASP L 265 20.28 -17.47 29.07
C ASP L 265 18.97 -16.96 28.45
N ASN L 266 18.90 -15.66 28.12
CA ASN L 266 17.71 -15.10 27.50
C ASN L 266 17.49 -15.66 26.09
N TYR L 267 18.58 -15.80 25.32
CA TYR L 267 18.52 -16.40 23.98
C TYR L 267 18.00 -17.83 24.03
N ASP L 268 18.52 -18.63 24.96
CA ASP L 268 18.10 -20.02 25.12
C ASP L 268 16.63 -20.13 25.51
N SER L 269 16.17 -19.28 26.45
CA SER L 269 14.81 -19.40 26.93
C SER L 269 13.79 -18.99 25.86
N ILE L 270 14.10 -17.95 25.08
CA ILE L 270 13.18 -17.52 24.02
C ILE L 270 13.09 -18.57 22.91
N THR L 271 14.23 -19.15 22.50
CA THR L 271 14.17 -20.15 21.44
C THR L 271 13.50 -21.45 21.90
N SER L 272 13.69 -21.84 23.16
CA SER L 272 13.05 -23.05 23.68
C SER L 272 11.54 -22.87 23.82
N SER L 273 11.10 -21.67 24.21
CA SER L 273 9.66 -21.44 24.30
C SER L 273 9.00 -21.35 22.93
N THR L 274 9.76 -20.95 21.90
CA THR L 274 9.22 -21.06 20.54
C THR L 274 9.08 -22.52 20.10
N MET L 275 10.09 -23.34 20.42
CA MET L 275 10.06 -24.75 20.00
C MET L 275 8.95 -25.54 20.69
N ASP L 276 8.63 -25.20 21.95
CA ASP L 276 7.52 -25.88 22.63
C ASP L 276 6.18 -25.60 21.96
N SER L 277 5.97 -24.35 21.54
CA SER L 277 4.76 -23.99 20.82
C SER L 277 4.69 -24.66 19.45
N PHE L 278 5.83 -24.84 18.78
CA PHE L 278 5.83 -25.63 17.55
C PHE L 278 5.51 -27.10 17.82
N SER L 279 5.88 -27.62 18.99
CA SER L 279 5.57 -29.01 19.31
C SER L 279 4.09 -29.22 19.63
N ASP L 280 3.43 -28.23 20.25
CA ASP L 280 2.09 -28.47 20.78
C ASP L 280 0.95 -28.09 19.85
N PHE L 281 1.11 -27.11 18.96
CA PHE L 281 0.01 -26.44 18.29
C PHE L 281 -0.03 -26.83 16.82
N GLN L 282 -1.11 -27.51 16.40
CA GLN L 282 -1.37 -27.78 14.99
C GLN L 282 -2.06 -26.58 14.36
N GLN L 283 -1.59 -26.17 13.18
CA GLN L 283 -1.90 -24.83 12.68
C GLN L 283 -3.12 -24.76 11.76
N ILE L 284 -3.65 -25.87 11.27
CA ILE L 284 -4.89 -25.84 10.49
C ILE L 284 -5.63 -27.16 10.67
N VAL L 285 -6.94 -27.07 10.94
CA VAL L 285 -7.79 -28.25 11.12
C VAL L 285 -9.18 -28.01 10.52
N TYR L 286 -9.87 -29.12 10.24
CA TYR L 286 -11.29 -29.10 9.88
C TYR L 286 -12.15 -29.14 11.14
N VAL L 287 -13.28 -28.44 11.10
CA VAL L 287 -14.26 -28.45 12.19
C VAL L 287 -15.60 -28.93 11.63
N LEU L 288 -16.10 -30.03 12.17
CA LEU L 288 -17.41 -30.57 11.84
C LEU L 288 -18.44 -30.14 12.87
N LYS L 289 -19.62 -29.74 12.41
CA LYS L 289 -20.70 -29.27 13.25
C LYS L 289 -21.90 -30.19 13.10
N ASN L 290 -22.32 -30.81 14.20
CA ASN L 290 -23.51 -31.67 14.33
C ASN L 290 -23.41 -32.93 13.47
N TYR L 291 -22.20 -33.52 13.40
CA TYR L 291 -22.00 -34.85 12.82
C TYR L 291 -21.16 -35.65 13.80
N ASP L 292 -21.80 -36.23 14.81
CA ASP L 292 -21.07 -36.85 15.91
C ASP L 292 -20.82 -38.34 15.71
N GLY L 293 -21.48 -38.97 14.76
CA GLY L 293 -21.22 -40.35 14.43
C GLY L 293 -20.22 -40.60 13.32
N GLU L 294 -19.60 -39.54 12.79
CA GLU L 294 -18.75 -39.66 11.62
C GLU L 294 -17.34 -40.14 11.98
N ASN L 295 -16.83 -41.09 11.21
CA ASN L 295 -15.45 -41.54 11.32
C ASN L 295 -14.51 -40.52 10.68
N PRO L 296 -13.52 -39.98 11.42
CA PRO L 296 -12.65 -38.93 10.84
C PRO L 296 -11.72 -39.40 9.72
N LYS L 297 -11.18 -40.62 9.84
CA LYS L 297 -10.27 -41.16 8.83
C LYS L 297 -10.95 -41.32 7.47
N GLU L 298 -12.14 -41.93 7.48
CA GLU L 298 -12.92 -42.08 6.27
C GLU L 298 -13.36 -40.73 5.71
N PHE L 299 -13.62 -39.76 6.61
CA PHE L 299 -14.01 -38.42 6.19
C PHE L 299 -12.89 -37.72 5.42
N THR L 300 -11.67 -37.74 5.94
CA THR L 300 -10.56 -37.10 5.23
C THR L 300 -10.19 -37.82 3.95
N ALA L 301 -10.27 -39.16 3.94
CA ALA L 301 -9.99 -39.92 2.72
C ALA L 301 -11.02 -39.63 1.63
N ASN L 302 -12.31 -39.61 1.99
CA ASN L 302 -13.36 -39.32 1.01
C ASN L 302 -13.29 -37.88 0.52
N LEU L 303 -12.89 -36.95 1.41
CA LEU L 303 -12.72 -35.56 1.04
C LEU L 303 -11.59 -35.38 0.03
N ARG L 304 -10.48 -36.10 0.23
CA ARG L 304 -9.39 -36.01 -0.74
C ARG L 304 -9.73 -36.71 -2.04
N TYR L 305 -10.52 -37.79 -1.99
CA TYR L 305 -10.88 -38.50 -3.21
C TYR L 305 -11.87 -37.70 -4.06
N HIS L 306 -13.01 -37.33 -3.50
CA HIS L 306 -14.11 -36.78 -4.29
C HIS L 306 -13.98 -35.29 -4.56
N SER L 307 -13.34 -34.55 -3.66
CA SER L 307 -13.29 -33.08 -3.60
C SER L 307 -14.67 -32.45 -3.42
N VAL L 308 -15.62 -33.18 -2.83
CA VAL L 308 -16.98 -32.70 -2.57
C VAL L 308 -17.34 -33.08 -1.13
N ILE L 309 -17.90 -32.14 -0.37
CA ILE L 309 -18.45 -32.39 0.96
C ILE L 309 -19.95 -32.10 0.92
N LYS L 310 -20.76 -33.01 1.48
CA LYS L 310 -22.21 -32.86 1.52
C LYS L 310 -22.68 -32.63 2.95
N VAL L 311 -23.45 -31.54 3.16
CA VAL L 311 -24.06 -31.23 4.45
C VAL L 311 -25.54 -30.94 4.23
N SER L 312 -26.31 -31.02 5.31
CA SER L 312 -27.73 -30.68 5.27
C SER L 312 -28.21 -30.33 6.68
N GLY L 313 -29.30 -29.57 6.74
CA GLY L 313 -29.93 -29.20 8.00
C GLY L 313 -29.12 -28.25 8.84
N ASP L 314 -28.78 -28.68 10.06
CA ASP L 314 -27.92 -27.90 10.95
C ASP L 314 -26.48 -28.36 10.92
N GLY L 315 -26.14 -29.31 10.06
CA GLY L 315 -24.76 -29.73 9.94
C GLY L 315 -23.92 -28.72 9.19
N GLY L 316 -22.64 -28.65 9.54
CA GLY L 316 -21.76 -27.72 8.87
C GLY L 316 -20.33 -28.16 8.90
N VAL L 317 -19.49 -27.48 8.12
CA VAL L 317 -18.06 -27.73 8.10
C VAL L 317 -17.34 -26.38 7.95
N ASP L 318 -16.22 -26.24 8.64
CA ASP L 318 -15.43 -25.01 8.59
C ASP L 318 -13.97 -25.39 8.80
N THR L 319 -13.10 -24.38 8.81
CA THR L 319 -11.69 -24.57 9.13
C THR L 319 -11.28 -23.68 10.30
N LEU L 320 -10.31 -24.16 11.07
CA LEU L 320 -9.68 -23.38 12.11
C LEU L 320 -8.20 -23.25 11.75
N ARG L 321 -7.75 -22.02 11.53
CA ARG L 321 -6.46 -21.72 10.92
C ARG L 321 -5.78 -20.62 11.73
N ALA L 322 -4.88 -21.00 12.63
CA ALA L 322 -4.20 -20.06 13.52
C ALA L 322 -2.68 -20.19 13.38
N GLU L 323 -2.02 -19.07 13.09
CA GLU L 323 -0.59 -19.02 12.85
C GLU L 323 0.18 -18.91 14.15
N ILE L 324 1.29 -19.63 14.24
CA ILE L 324 2.18 -19.44 15.40
C ILE L 324 2.92 -18.12 15.25
N PRO L 325 2.87 -17.21 16.22
CA PRO L 325 3.54 -15.91 16.09
C PRO L 325 5.02 -15.99 16.44
N VAL L 326 5.86 -15.45 15.56
CA VAL L 326 7.32 -15.54 15.71
C VAL L 326 8.02 -14.20 15.53
N ASP L 327 7.30 -13.11 15.30
CA ASP L 327 7.93 -11.85 14.91
C ASP L 327 8.55 -11.10 16.09
N SER L 328 7.87 -11.11 17.24
CA SER L 328 8.39 -10.44 18.43
C SER L 328 9.66 -11.11 18.93
N ALA L 329 9.70 -12.44 18.88
CA ALA L 329 10.90 -13.18 19.26
C ALA L 329 12.06 -12.90 18.31
N ALA L 330 11.78 -12.76 17.01
CA ALA L 330 12.83 -12.47 16.04
C ALA L 330 13.43 -11.09 16.25
N LYS L 331 12.56 -10.10 16.49
CA LYS L 331 13.02 -8.74 16.79
C LYS L 331 13.82 -8.69 18.09
N GLU L 332 13.48 -9.54 19.07
CA GLU L 332 14.26 -9.58 20.31
C GLU L 332 15.61 -10.25 20.11
N LEU L 333 15.64 -11.35 19.35
CA LEU L 333 16.88 -12.12 19.19
C LEU L 333 17.90 -11.39 18.32
N GLU L 334 17.45 -10.55 17.39
CA GLU L 334 18.40 -9.72 16.64
C GLU L 334 19.17 -8.75 17.54
N ARG L 335 18.48 -8.10 18.47
CA ARG L 335 19.15 -7.17 19.38
C ARG L 335 20.02 -7.91 20.39
N ILE L 336 19.59 -9.10 20.83
CA ILE L 336 20.43 -9.87 21.76
C ILE L 336 21.71 -10.35 21.07
N GLN L 337 21.62 -10.79 19.82
CA GLN L 337 22.81 -11.20 19.08
C GLN L 337 23.73 -10.02 18.79
N ASP L 338 23.18 -8.82 18.56
CA ASP L 338 24.03 -7.63 18.42
C ASP L 338 24.74 -7.28 19.72
N GLU L 339 24.05 -7.42 20.87
CA GLU L 339 24.68 -7.06 22.14
C GLU L 339 25.71 -8.08 22.58
N LEU L 340 25.57 -9.34 22.15
CA LEU L 340 26.46 -10.40 22.60
C LEU L 340 27.88 -10.21 22.08
N TYR L 341 28.02 -9.80 20.81
CA TYR L 341 29.34 -9.56 20.23
C TYR L 341 30.04 -8.37 20.88
N LYS L 342 29.28 -7.35 21.29
CA LYS L 342 29.86 -6.20 21.96
C LYS L 342 30.26 -6.52 23.39
N SER L 343 29.45 -7.31 24.10
CA SER L 343 29.76 -7.64 25.48
C SER L 343 30.88 -8.68 25.58
N ALA L 344 31.06 -9.51 24.56
CA ALA L 344 32.12 -10.50 24.59
C ALA L 344 33.43 -9.99 24.00
N GLN L 345 33.40 -8.84 23.30
CA GLN L 345 34.53 -8.29 22.52
C GLN L 345 35.05 -9.32 21.51
N ALA L 346 34.15 -9.77 20.65
CA ALA L 346 34.42 -10.79 19.66
C ALA L 346 34.30 -10.22 18.25
N VAL L 347 34.60 -11.05 17.26
CA VAL L 347 34.56 -10.67 15.85
C VAL L 347 33.47 -11.51 15.17
N ASP L 348 32.61 -10.85 14.41
CA ASP L 348 31.66 -11.52 13.53
C ASP L 348 32.19 -11.46 12.11
N ASN L 349 32.42 -12.62 11.49
CA ASN L 349 32.94 -12.71 10.13
C ASN L 349 31.77 -12.91 9.17
N SER L 350 31.02 -11.86 8.95
CA SER L 350 29.91 -11.88 8.03
C SER L 350 30.28 -11.18 6.74
N PRO L 351 29.74 -11.64 5.59
CA PRO L 351 30.12 -11.03 4.30
C PRO L 351 29.76 -9.55 4.15
N GLU L 352 28.77 -9.05 4.91
CA GLU L 352 28.43 -7.63 4.82
C GLU L 352 29.57 -6.74 5.34
N THR L 353 30.24 -7.17 6.41
CA THR L 353 31.29 -6.37 7.03
C THR L 353 32.51 -6.22 6.12
N ILE L 354 32.92 -7.31 5.48
CA ILE L 354 34.00 -7.23 4.51
C ILE L 354 33.50 -6.64 3.19
N GLY L 355 32.19 -6.73 2.94
CA GLY L 355 31.62 -6.11 1.76
C GLY L 355 31.61 -4.60 1.83
N GLY L 356 31.58 -4.05 3.05
CA GLY L 356 31.76 -2.61 3.20
C GLY L 356 33.12 -2.14 2.72
N GLY L 357 34.16 -2.94 2.98
CA GLY L 357 35.49 -2.65 2.44
C GLY L 357 36.45 -3.76 2.79
N ALA L 358 37.43 -3.96 1.91
CA ALA L 358 38.46 -4.97 2.09
C ALA L 358 39.86 -4.36 2.20
N THR L 359 39.95 -3.07 2.50
CA THR L 359 41.22 -2.41 2.71
C THR L 359 41.74 -2.66 4.13
N GLY L 360 42.93 -2.13 4.40
CA GLY L 360 43.56 -2.22 5.69
C GLY L 360 42.81 -1.62 6.87
N PRO L 361 42.38 -0.35 6.81
CA PRO L 361 41.59 0.21 7.93
C PRO L 361 40.27 -0.49 8.18
N ALA L 362 39.61 -1.00 7.15
CA ALA L 362 38.37 -1.76 7.35
C ALA L 362 38.63 -3.07 8.07
N LEU L 363 39.73 -3.75 7.71
CA LEU L 363 40.09 -5.01 8.35
C LEU L 363 40.46 -4.80 9.81
N GLU L 364 41.20 -3.74 10.11
CA GLU L 364 41.56 -3.58 11.52
C GLU L 364 40.47 -2.90 12.34
N ASN L 365 39.51 -2.20 11.74
CA ASN L 365 38.38 -1.75 12.55
C ASN L 365 37.38 -2.87 12.78
N LEU L 366 37.40 -3.90 11.90
CA LEU L 366 36.63 -5.10 12.18
C LEU L 366 37.13 -5.86 13.42
N TYR L 367 38.43 -5.76 13.73
CA TYR L 367 39.06 -6.57 14.76
C TYR L 367 39.35 -5.80 16.05
N ALA L 368 38.73 -4.62 16.24
CA ALA L 368 39.19 -3.68 17.25
C ALA L 368 38.90 -4.15 18.67
N LEU L 369 37.75 -4.78 18.90
CA LEU L 369 37.40 -5.23 20.25
C LEU L 369 38.20 -6.48 20.65
N LEU L 370 38.45 -7.37 19.70
CA LEU L 370 39.30 -8.52 19.98
C LEU L 370 40.75 -8.11 20.22
N ASP L 371 41.22 -7.07 19.52
CA ASP L 371 42.53 -6.49 19.80
C ASP L 371 42.58 -5.91 21.21
N LEU L 372 41.49 -5.23 21.60
CA LEU L 372 41.36 -4.68 22.95
C LEU L 372 41.48 -5.77 24.02
N LYS L 373 40.82 -6.90 23.81
CA LYS L 373 40.87 -8.00 24.77
C LYS L 373 42.24 -8.71 24.78
N ALA L 374 42.82 -8.91 23.59
CA ALA L 374 44.06 -9.66 23.47
C ALA L 374 45.25 -8.90 24.04
N ASN L 375 45.25 -7.56 23.89
CA ASN L 375 46.33 -6.76 24.47
C ASN L 375 46.33 -6.82 25.99
N MET L 376 45.16 -6.94 26.60
CA MET L 376 45.11 -7.08 28.06
C MET L 376 45.51 -8.48 28.50
N ALA L 377 45.15 -9.50 27.72
CA ALA L 377 45.48 -10.86 28.14
C ALA L 377 46.97 -11.19 27.99
N GLU L 378 47.64 -10.57 27.01
CA GLU L 378 49.05 -10.86 26.75
C GLU L 378 49.96 -10.47 27.93
N ARG L 379 49.61 -9.42 28.67
CA ARG L 379 50.39 -9.00 29.82
C ARG L 379 50.35 -10.03 30.95
N LYS L 380 49.18 -10.64 31.15
CA LYS L 380 49.05 -11.68 32.18
C LYS L 380 49.80 -12.94 31.78
N ILE L 381 49.75 -13.30 30.50
CA ILE L 381 50.51 -14.47 30.03
C ILE L 381 52.02 -14.23 30.16
N ARG L 382 52.48 -13.00 29.89
CA ARG L 382 53.89 -12.67 30.07
C ARG L 382 54.30 -12.73 31.54
N ALA L 383 53.42 -12.27 32.43
CA ALA L 383 53.69 -12.35 33.87
C ALA L 383 53.81 -13.79 34.35
N GLY L 384 53.05 -14.72 33.77
CA GLY L 384 53.24 -16.12 34.11
C GLY L 384 54.52 -16.72 33.55
N LEU L 385 54.87 -16.36 32.31
CA LEU L 385 56.05 -16.93 31.67
C LEU L 385 57.36 -16.45 32.29
N ARG L 386 57.37 -15.22 32.84
CA ARG L 386 58.57 -14.73 33.51
C ARG L 386 58.88 -15.54 34.77
N LEU L 387 57.85 -15.93 35.52
CA LEU L 387 58.05 -16.78 36.70
C LEU L 387 58.48 -18.19 36.30
N PHE L 388 57.93 -18.69 35.19
CA PHE L 388 58.37 -19.99 34.66
C PHE L 388 59.86 -20.00 34.34
N PHE L 389 60.35 -18.94 33.70
CA PHE L 389 61.77 -18.94 33.35
C PHE L 389 62.68 -18.58 34.52
N TRP L 390 62.17 -17.91 35.56
CA TRP L 390 62.91 -17.83 36.81
C TRP L 390 63.13 -19.20 37.43
N PHE L 391 62.09 -20.05 37.44
CA PHE L 391 62.27 -21.40 37.97
C PHE L 391 63.23 -22.22 37.12
N PHE L 392 63.19 -22.03 35.80
CA PHE L 392 64.13 -22.73 34.92
C PHE L 392 65.58 -22.29 35.16
N ALA L 393 65.80 -21.00 35.41
CA ALA L 393 67.16 -20.53 35.71
C ALA L 393 67.65 -21.02 37.05
N GLU L 394 66.75 -21.17 38.03
CA GLU L 394 67.13 -21.80 39.30
C GLU L 394 67.58 -23.24 39.09
N TYR L 395 66.86 -23.99 38.25
CA TYR L 395 67.27 -25.35 37.93
C TYR L 395 68.63 -25.37 37.22
N LEU L 396 68.88 -24.40 36.34
CA LEU L 396 70.13 -24.42 35.59
C LEU L 396 71.32 -24.05 36.46
N ARG L 397 71.14 -23.13 37.43
CA ARG L 397 72.24 -22.83 38.34
C ARG L 397 72.49 -23.96 39.33
N ASN L 398 71.44 -24.65 39.78
CA ASN L 398 71.63 -25.66 40.82
C ASN L 398 72.08 -27.01 40.27
N THR L 399 72.26 -27.13 38.96
CA THR L 399 72.86 -28.33 38.37
C THR L 399 74.19 -28.03 37.69
N GLY L 400 74.77 -26.86 37.94
CA GLY L 400 76.07 -26.51 37.43
C GLY L 400 76.15 -26.13 35.97
N LYS L 401 75.02 -26.01 35.28
CA LYS L 401 75.04 -25.74 33.85
C LYS L 401 75.17 -24.25 33.52
N GLY L 402 75.20 -23.36 34.50
CA GLY L 402 75.47 -21.96 34.21
C GLY L 402 74.65 -20.98 35.01
N ASP L 403 75.06 -19.72 35.02
CA ASP L 403 74.41 -18.66 35.78
C ASP L 403 73.78 -17.69 34.77
N PHE L 404 72.45 -17.53 34.83
CA PHE L 404 71.73 -16.69 33.90
C PHE L 404 70.70 -15.86 34.64
N ASN L 405 70.28 -14.78 33.98
CA ASN L 405 69.24 -13.87 34.47
C ASN L 405 68.25 -13.66 33.34
N PRO L 406 67.18 -14.45 33.26
CA PRO L 406 66.27 -14.36 32.11
C PRO L 406 65.42 -13.10 32.06
N ASP L 407 65.36 -12.32 33.14
CA ASP L 407 64.60 -11.07 33.12
C ASP L 407 65.26 -10.07 32.19
N LYS L 408 66.58 -9.93 32.29
CA LYS L 408 67.32 -8.99 31.47
C LYS L 408 67.75 -9.57 30.12
N GLU L 409 67.95 -10.88 30.04
CA GLU L 409 68.63 -11.45 28.87
C GLU L 409 67.70 -12.06 27.84
N LEU L 410 66.46 -12.39 28.19
CA LEU L 410 65.57 -13.13 27.31
C LEU L 410 64.42 -12.25 26.84
N THR L 411 64.04 -12.41 25.57
CA THR L 411 62.98 -11.62 24.96
C THR L 411 61.99 -12.57 24.29
N MET L 412 60.71 -12.43 24.64
CA MET L 412 59.64 -13.24 24.05
C MET L 412 58.84 -12.41 23.07
N THR L 413 58.34 -13.08 22.03
CA THR L 413 57.58 -12.41 20.98
C THR L 413 56.32 -13.20 20.66
N PHE L 414 55.20 -12.49 20.58
CA PHE L 414 53.89 -13.04 20.28
C PHE L 414 53.48 -12.62 18.87
N THR L 415 52.80 -13.52 18.16
CA THR L 415 52.35 -13.26 16.79
C THR L 415 50.83 -13.40 16.73
N ARG L 416 50.15 -12.34 16.31
CA ARG L 416 48.71 -12.38 16.17
C ARG L 416 48.32 -12.99 14.83
N THR L 417 47.36 -13.91 14.85
CA THR L 417 46.85 -14.54 13.63
C THR L 417 45.65 -13.73 13.14
N ARG L 418 45.87 -12.87 12.16
CA ARG L 418 44.83 -11.98 11.68
C ARG L 418 44.85 -11.87 10.17
N ILE L 419 43.80 -11.28 9.63
CA ILE L 419 43.60 -11.13 8.20
C ILE L 419 44.16 -9.79 7.75
N GLN L 420 45.01 -9.80 6.72
CA GLN L 420 45.56 -8.57 6.19
C GLN L 420 45.56 -8.61 4.67
N ASN L 421 45.73 -7.42 4.08
CA ASN L 421 45.78 -7.25 2.63
C ASN L 421 47.25 -7.28 2.22
N ASP L 422 47.67 -8.41 1.62
CA ASP L 422 49.09 -8.66 1.40
C ASP L 422 49.65 -7.82 0.25
N SER L 423 48.84 -7.59 -0.80
CA SER L 423 49.29 -6.84 -1.97
C SER L 423 49.52 -5.37 -1.66
N GLU L 424 48.64 -4.80 -0.83
CA GLU L 424 48.78 -3.42 -0.39
C GLU L 424 50.05 -3.23 0.43
N ILE L 425 50.38 -4.23 1.26
CA ILE L 425 51.60 -4.18 2.07
C ILE L 425 52.84 -4.27 1.20
N VAL L 426 52.85 -5.19 0.23
CA VAL L 426 54.04 -5.36 -0.63
C VAL L 426 54.27 -4.12 -1.49
N GLN L 427 53.19 -3.55 -2.03
CA GLN L 427 53.27 -2.32 -2.81
C GLN L 427 53.79 -1.15 -1.98
N SER L 428 53.32 -1.04 -0.73
CA SER L 428 53.76 0.04 0.16
C SER L 428 55.23 -0.12 0.55
N LEU L 429 55.67 -1.36 0.77
CA LEU L 429 57.07 -1.60 1.15
C LEU L 429 58.02 -1.31 0.01
N VAL L 430 57.64 -1.66 -1.22
CA VAL L 430 58.48 -1.38 -2.38
C VAL L 430 58.56 0.12 -2.62
N GLN L 431 57.43 0.83 -2.45
CA GLN L 431 57.43 2.29 -2.59
C GLN L 431 58.30 2.96 -1.52
N GLY L 432 58.26 2.46 -0.28
CA GLY L 432 59.10 3.02 0.76
C GLY L 432 60.58 2.75 0.61
N VAL L 433 60.94 1.58 0.08
CA VAL L 433 62.35 1.28 -0.16
C VAL L 433 62.90 2.11 -1.32
N THR L 434 62.11 2.26 -2.38
CA THR L 434 62.52 3.08 -3.52
C THR L 434 62.61 4.57 -3.14
N GLY L 435 61.73 5.04 -2.26
CA GLY L 435 61.79 6.42 -1.82
C GLY L 435 62.94 6.75 -0.90
N GLY L 436 63.56 5.75 -0.29
CA GLY L 436 64.71 5.97 0.57
C GLY L 436 64.42 6.18 2.04
N ILE L 437 63.19 5.96 2.49
CA ILE L 437 62.82 6.18 3.87
C ILE L 437 62.79 4.88 4.67
N MET L 438 63.39 3.82 4.14
CA MET L 438 63.31 2.50 4.73
C MET L 438 64.47 1.66 4.23
N SER L 439 65.10 0.91 5.13
CA SER L 439 66.16 0.00 4.73
C SER L 439 65.56 -1.28 4.18
N LYS L 440 66.38 -2.00 3.40
CA LYS L 440 65.93 -3.24 2.78
C LYS L 440 65.81 -4.36 3.80
N GLU L 441 66.65 -4.34 4.84
CA GLU L 441 66.63 -5.39 5.87
C GLU L 441 65.34 -5.32 6.69
N THR L 442 64.85 -4.10 6.96
CA THR L 442 63.58 -3.97 7.65
C THR L 442 62.42 -4.41 6.78
N ALA L 443 62.49 -4.14 5.47
CA ALA L 443 61.39 -4.48 4.59
C ALA L 443 61.31 -5.97 4.29
N VAL L 444 62.44 -6.69 4.36
CA VAL L 444 62.42 -8.15 4.21
C VAL L 444 61.67 -8.79 5.39
N ALA L 445 61.85 -8.24 6.59
CA ALA L 445 61.17 -8.79 7.76
C ALA L 445 59.67 -8.51 7.75
N ARG L 446 59.23 -7.39 7.19
CA ARG L 446 57.80 -7.08 7.13
C ARG L 446 57.10 -7.70 5.94
N ASN L 447 57.81 -8.44 5.10
CA ASN L 447 57.21 -9.07 3.94
C ASN L 447 56.28 -10.20 4.37
N PRO L 448 55.01 -10.20 3.94
CA PRO L 448 54.11 -11.30 4.32
C PRO L 448 54.41 -12.63 3.66
N PHE L 449 55.24 -12.68 2.62
CA PHE L 449 55.62 -13.94 2.01
C PHE L 449 56.89 -14.54 2.57
N VAL L 450 57.62 -13.81 3.40
CA VAL L 450 58.88 -14.28 3.97
C VAL L 450 58.61 -14.76 5.39
N GLN L 451 59.04 -15.98 5.72
CA GLN L 451 58.87 -16.52 7.05
C GLN L 451 60.16 -16.67 7.83
N ASP L 452 61.33 -16.51 7.19
CA ASP L 452 62.62 -16.60 7.86
C ASP L 452 63.52 -15.49 7.34
N PRO L 453 63.54 -14.34 8.03
CA PRO L 453 64.26 -13.17 7.49
C PRO L 453 65.76 -13.28 7.57
N GLU L 454 66.30 -14.10 8.47
CA GLU L 454 67.74 -14.30 8.55
C GLU L 454 68.26 -15.01 7.32
N GLU L 455 67.58 -16.09 6.92
CA GLU L 455 67.97 -16.89 5.77
C GLU L 455 67.73 -16.15 4.46
N GLU L 456 66.69 -15.32 4.41
CA GLU L 456 66.27 -14.67 3.16
C GLU L 456 67.29 -13.65 2.69
N LEU L 457 67.91 -12.92 3.62
CA LEU L 457 68.88 -11.90 3.26
C LEU L 457 70.16 -12.51 2.70
N ALA L 458 70.62 -13.59 3.31
CA ALA L 458 71.78 -14.32 2.79
C ALA L 458 71.46 -14.93 1.43
N ARG L 459 70.25 -15.48 1.28
CA ARG L 459 69.82 -16.06 0.02
C ARG L 459 69.71 -15.02 -1.10
N ILE L 460 69.38 -13.77 -0.76
CA ILE L 460 69.41 -12.70 -1.73
C ILE L 460 70.85 -12.37 -2.12
N GLU L 461 71.75 -12.33 -1.13
CA GLU L 461 73.14 -11.94 -1.39
C GLU L 461 73.88 -12.96 -2.26
N GLU L 462 73.57 -14.26 -2.10
CA GLU L 462 74.16 -15.27 -2.98
C GLU L 462 73.70 -15.11 -4.42
N GLU L 463 72.42 -14.78 -4.63
CA GLU L 463 71.91 -14.57 -5.98
C GLU L 463 72.53 -13.33 -6.62
N MET L 464 72.84 -12.31 -5.80
CA MET L 464 73.53 -11.14 -6.33
C MET L 464 74.97 -11.47 -6.73
N ASN L 465 75.65 -12.28 -5.90
CA ASN L 465 77.00 -12.73 -6.22
C ASN L 465 77.03 -13.55 -7.50
N GLN L 466 76.03 -14.41 -7.71
CA GLN L 466 76.00 -15.21 -8.94
C GLN L 466 75.59 -14.38 -10.15
N TYR L 467 74.72 -13.38 -9.98
CA TYR L 467 74.37 -12.50 -11.09
C TYR L 467 75.53 -11.59 -11.48
N ALA L 468 76.51 -11.41 -10.59
CA ALA L 468 77.68 -10.60 -10.93
C ALA L 468 78.50 -11.21 -12.07
N GLU L 469 78.70 -12.53 -12.08
CA GLU L 469 79.53 -13.13 -13.12
C GLU L 469 78.84 -13.22 -14.48
N MET L 470 77.51 -13.13 -14.53
CA MET L 470 76.81 -13.29 -15.80
C MET L 470 76.73 -11.96 -16.55
N MET M 1 -48.95 -45.45 -4.40
CA MET M 1 -49.33 -45.66 -3.01
C MET M 1 -50.77 -46.17 -2.91
N ASP M 2 -50.96 -47.16 -2.05
CA ASP M 2 -52.26 -47.76 -1.85
C ASP M 2 -53.16 -46.82 -1.06
N ILE M 3 -54.43 -46.75 -1.46
CA ILE M 3 -55.38 -45.82 -0.85
C ILE M 3 -55.78 -46.29 0.55
N GLN M 4 -55.93 -47.60 0.74
CA GLN M 4 -56.29 -48.13 2.05
C GLN M 4 -55.15 -47.97 3.07
N ARG M 5 -53.90 -47.98 2.59
CA ARG M 5 -52.77 -47.70 3.47
C ARG M 5 -52.76 -46.25 3.95
N VAL M 6 -53.11 -45.31 3.06
CA VAL M 6 -53.22 -43.91 3.43
C VAL M 6 -54.37 -43.70 4.41
N LYS M 7 -55.49 -44.41 4.20
CA LYS M 7 -56.62 -44.33 5.12
C LYS M 7 -56.28 -44.90 6.49
N ARG M 8 -55.43 -45.94 6.55
CA ARG M 8 -54.96 -46.41 7.85
C ARG M 8 -54.00 -45.41 8.48
N LEU M 9 -53.20 -44.71 7.68
CA LEU M 9 -52.27 -43.72 8.23
C LEU M 9 -52.96 -42.45 8.70
N LEU M 10 -54.15 -42.15 8.21
CA LEU M 10 -54.86 -40.93 8.61
C LEU M 10 -56.04 -41.18 9.53
N SER M 11 -56.27 -42.44 9.96
CA SER M 11 -57.37 -42.85 10.84
C SER M 11 -58.75 -42.51 10.26
N ILE M 12 -58.95 -42.88 8.99
CA ILE M 12 -60.23 -42.74 8.32
C ILE M 12 -60.87 -44.11 8.22
N THR M 13 -62.14 -44.23 8.63
CA THR M 13 -62.84 -45.51 8.60
C THR M 13 -63.96 -45.59 7.58
N ASN M 14 -64.63 -44.48 7.25
CA ASN M 14 -65.71 -44.53 6.27
C ASN M 14 -65.14 -44.32 4.87
N ASP M 15 -66.02 -44.14 3.89
CA ASP M 15 -65.64 -43.99 2.50
C ASP M 15 -66.02 -42.62 1.95
N LYS M 16 -66.10 -41.62 2.82
CA LYS M 16 -66.47 -40.27 2.39
C LYS M 16 -65.36 -39.57 1.62
N HIS M 17 -64.10 -40.00 1.76
CA HIS M 17 -62.97 -39.32 1.12
C HIS M 17 -62.36 -40.12 -0.02
N ASP M 18 -63.01 -41.19 -0.50
CA ASP M 18 -62.33 -42.13 -1.40
C ASP M 18 -62.16 -41.54 -2.80
N GLU M 19 -63.16 -40.81 -3.28
CA GLU M 19 -63.10 -40.16 -4.58
C GLU M 19 -62.04 -39.07 -4.62
N TYR M 20 -61.81 -38.40 -3.49
CA TYR M 20 -60.76 -37.39 -3.42
C TYR M 20 -59.36 -38.02 -3.37
N LEU M 21 -59.22 -39.09 -2.57
CA LEU M 21 -57.90 -39.68 -2.36
C LEU M 21 -57.41 -40.39 -3.61
N THR M 22 -58.33 -41.04 -4.33
CA THR M 22 -58.01 -41.72 -5.59
C THR M 22 -57.48 -40.75 -6.65
N GLU M 23 -57.92 -39.50 -6.60
CA GLU M 23 -57.36 -38.48 -7.49
C GLU M 23 -56.07 -37.87 -6.95
N MET M 24 -56.02 -37.58 -5.65
CA MET M 24 -54.96 -36.72 -5.12
C MET M 24 -53.65 -37.46 -4.87
N VAL M 25 -53.68 -38.73 -4.45
CA VAL M 25 -52.46 -39.45 -4.06
C VAL M 25 -51.48 -39.71 -5.22
N PRO M 26 -51.87 -40.16 -6.44
CA PRO M 26 -50.87 -40.28 -7.52
C PRO M 26 -50.25 -38.97 -7.98
N LEU M 27 -51.01 -37.87 -7.91
CA LEU M 27 -50.46 -36.56 -8.25
C LEU M 27 -49.38 -36.14 -7.27
N LEU M 28 -49.57 -36.46 -5.98
CA LEU M 28 -48.55 -36.12 -4.98
C LEU M 28 -47.33 -37.01 -5.10
N VAL M 29 -47.49 -38.28 -5.52
CA VAL M 29 -46.34 -39.14 -5.78
C VAL M 29 -45.50 -38.60 -6.94
N GLU M 30 -46.16 -38.23 -8.05
CA GLU M 30 -45.43 -37.67 -9.18
C GLU M 30 -44.83 -36.29 -8.86
N PHE M 31 -45.45 -35.54 -7.97
CA PHE M 31 -44.86 -34.27 -7.59
C PHE M 31 -43.63 -34.51 -6.71
N ALA M 32 -43.63 -35.49 -5.82
CA ALA M 32 -42.43 -35.78 -5.05
C ALA M 32 -41.28 -36.22 -5.96
N LYS M 33 -41.60 -37.00 -7.01
CA LYS M 33 -40.59 -37.39 -7.99
C LYS M 33 -40.02 -36.19 -8.75
N ASP M 34 -40.88 -35.24 -9.12
CA ASP M 34 -40.38 -34.06 -9.83
C ASP M 34 -39.65 -33.08 -8.93
N GLU M 35 -40.06 -32.98 -7.67
CA GLU M 35 -39.46 -32.04 -6.73
C GLU M 35 -38.09 -32.53 -6.24
N CYS M 36 -37.91 -33.83 -6.07
CA CYS M 36 -36.61 -34.34 -5.65
C CYS M 36 -35.66 -34.63 -6.81
N HIS M 37 -36.16 -34.56 -8.05
CA HIS M 37 -35.44 -34.98 -9.27
C HIS M 37 -34.93 -36.42 -9.15
N ASN M 38 -35.79 -37.30 -8.66
CA ASN M 38 -35.45 -38.67 -8.27
C ASN M 38 -36.57 -39.62 -8.69
N PRO M 39 -36.30 -40.57 -9.58
CA PRO M 39 -37.36 -41.51 -9.99
C PRO M 39 -37.67 -42.62 -8.98
N PHE M 40 -36.86 -42.78 -7.93
CA PHE M 40 -37.02 -43.79 -6.87
C PHE M 40 -37.02 -45.21 -7.42
N ILE M 41 -35.92 -45.56 -8.09
CA ILE M 41 -35.80 -46.84 -8.80
C ILE M 41 -34.57 -47.56 -8.24
N ASP M 42 -34.76 -48.80 -7.80
CA ASP M 42 -33.69 -49.53 -7.13
C ASP M 42 -32.74 -50.18 -8.14
N LYS M 43 -31.94 -51.13 -7.64
CA LYS M 43 -30.97 -51.89 -8.43
C LYS M 43 -31.60 -52.57 -9.63
N ASP M 44 -32.72 -53.27 -9.40
CA ASP M 44 -33.33 -54.12 -10.42
C ASP M 44 -34.32 -53.38 -11.30
N GLY M 45 -34.26 -52.05 -11.36
CA GLY M 45 -35.13 -51.31 -12.24
C GLY M 45 -36.53 -51.10 -11.72
N ASN M 46 -36.80 -51.47 -10.49
CA ASN M 46 -38.15 -51.44 -9.94
C ASN M 46 -38.36 -50.20 -9.08
N GLU M 47 -39.57 -49.65 -9.16
CA GLU M 47 -39.92 -48.47 -8.38
C GLU M 47 -40.04 -48.83 -6.91
N SER M 48 -39.33 -48.10 -6.06
CA SER M 48 -39.25 -48.39 -4.63
C SER M 48 -39.37 -47.07 -3.88
N ILE M 49 -40.58 -46.73 -3.46
CA ILE M 49 -40.84 -45.43 -2.82
C ILE M 49 -40.35 -45.48 -1.37
N PRO M 50 -39.51 -44.55 -0.94
CA PRO M 50 -39.02 -44.55 0.45
C PRO M 50 -40.09 -44.11 1.43
N SER M 51 -39.79 -44.29 2.72
CA SER M 51 -40.78 -44.14 3.78
C SER M 51 -41.15 -42.67 4.01
N GLY M 52 -40.20 -41.77 3.80
CA GLY M 52 -40.45 -40.36 4.04
C GLY M 52 -41.34 -39.74 2.98
N VAL M 53 -41.23 -40.22 1.75
CA VAL M 53 -42.15 -39.82 0.69
C VAL M 53 -43.57 -40.27 1.03
N LEU M 54 -43.71 -41.45 1.64
CA LEU M 54 -45.03 -41.95 2.03
C LEU M 54 -45.66 -41.10 3.13
N ILE M 55 -44.85 -40.72 4.14
CA ILE M 55 -45.32 -39.83 5.21
C ILE M 55 -45.71 -38.47 4.63
N PHE M 56 -44.90 -37.94 3.70
CA PHE M 56 -45.19 -36.65 3.08
C PHE M 56 -46.47 -36.68 2.26
N VAL M 57 -46.70 -37.76 1.51
CA VAL M 57 -47.88 -37.87 0.66
C VAL M 57 -49.14 -37.97 1.49
N ALA M 58 -49.10 -38.77 2.57
CA ALA M 58 -50.27 -38.88 3.45
C ALA M 58 -50.59 -37.57 4.16
N LYS M 59 -49.57 -36.88 4.68
CA LYS M 59 -49.85 -35.65 5.42
C LYS M 59 -50.24 -34.49 4.49
N ALA M 60 -49.68 -34.43 3.28
CA ALA M 60 -50.08 -33.38 2.34
C ALA M 60 -51.48 -33.62 1.80
N ALA M 61 -51.86 -34.89 1.60
CA ALA M 61 -53.23 -35.19 1.22
C ALA M 61 -54.22 -34.85 2.33
N GLN M 62 -53.81 -35.00 3.60
CA GLN M 62 -54.67 -34.55 4.69
C GLN M 62 -54.76 -33.03 4.75
N PHE M 63 -53.64 -32.32 4.49
CA PHE M 63 -53.66 -30.86 4.52
C PHE M 63 -54.53 -30.27 3.42
N TYR M 64 -54.52 -30.87 2.23
CA TYR M 64 -55.25 -30.28 1.12
C TYR M 64 -56.74 -30.56 1.12
N MET M 65 -57.30 -31.13 2.19
CA MET M 65 -58.73 -31.24 2.35
C MET M 65 -59.39 -29.94 2.81
N THR M 66 -58.60 -28.97 3.25
CA THR M 66 -59.14 -27.68 3.67
C THR M 66 -59.51 -26.82 2.45
N ASN M 67 -60.16 -25.70 2.72
CA ASN M 67 -60.48 -24.71 1.71
C ASN M 67 -59.35 -23.69 1.63
N ALA M 68 -58.92 -23.37 0.41
CA ALA M 68 -57.69 -22.60 0.22
C ALA M 68 -57.85 -21.13 0.59
N GLY M 69 -59.05 -20.58 0.47
CA GLY M 69 -59.24 -19.17 0.75
C GLY M 69 -59.85 -18.85 2.10
N LEU M 70 -59.61 -19.69 3.10
CA LEU M 70 -60.25 -19.56 4.40
C LEU M 70 -59.25 -19.82 5.51
N THR M 71 -59.18 -18.90 6.48
CA THR M 71 -58.32 -19.10 7.65
C THR M 71 -59.11 -19.38 8.93
N GLY M 72 -60.38 -19.02 9.00
CA GLY M 72 -61.17 -19.25 10.19
C GLY M 72 -62.64 -19.30 9.85
N ARG M 73 -63.39 -20.05 10.65
CA ARG M 73 -64.82 -20.21 10.40
C ARG M 73 -65.55 -20.43 11.73
N SER M 74 -66.75 -19.87 11.84
CA SER M 74 -67.58 -20.02 13.04
C SER M 74 -69.03 -20.29 12.65
N MET M 75 -69.67 -21.20 13.38
CA MET M 75 -71.03 -21.64 13.14
C MET M 75 -71.58 -22.06 14.50
N ASP M 76 -72.42 -21.16 14.99
CA ASP M 76 -73.10 -21.11 16.28
C ASP M 76 -72.15 -21.45 17.41
N THR M 77 -72.07 -22.71 17.76
CA THR M 77 -71.24 -23.14 18.88
C THR M 77 -69.91 -23.77 18.48
N VAL M 78 -69.78 -24.17 17.23
CA VAL M 78 -68.57 -24.77 16.66
C VAL M 78 -67.71 -23.69 16.00
N SER M 79 -66.39 -23.84 16.06
CA SER M 79 -65.49 -22.94 15.34
C SER M 79 -64.23 -23.71 14.94
N TYR M 80 -63.58 -23.21 13.89
CA TYR M 80 -62.36 -23.80 13.36
C TYR M 80 -61.35 -22.73 12.99
N ASN M 81 -60.08 -23.01 13.26
CA ASN M 81 -58.95 -22.21 12.80
C ASN M 81 -58.04 -23.09 11.95
N PHE M 82 -57.70 -22.61 10.76
CA PHE M 82 -57.02 -23.42 9.76
C PHE M 82 -55.56 -22.98 9.60
N ALA M 83 -54.73 -23.93 9.20
CA ALA M 83 -53.35 -23.64 8.86
C ALA M 83 -53.25 -23.10 7.44
N THR M 84 -52.39 -22.10 7.25
CA THR M 84 -52.27 -21.44 5.96
C THR M 84 -51.22 -22.09 5.07
N GLU M 85 -50.11 -22.56 5.64
CA GLU M 85 -49.05 -23.20 4.89
C GLU M 85 -48.87 -24.64 5.38
N ILE M 86 -48.31 -25.46 4.50
CA ILE M 86 -47.81 -26.77 4.93
C ILE M 86 -46.64 -26.55 5.89
N PRO M 87 -46.63 -27.20 7.06
CA PRO M 87 -45.54 -26.97 8.02
C PRO M 87 -44.21 -27.47 7.51
N SER M 88 -43.13 -26.85 8.02
CA SER M 88 -41.79 -27.15 7.55
C SER M 88 -41.35 -28.56 7.91
N THR M 89 -41.88 -29.13 9.00
CA THR M 89 -41.50 -30.48 9.39
C THR M 89 -42.08 -31.54 8.45
N ILE M 90 -43.17 -31.25 7.74
CA ILE M 90 -43.68 -32.16 6.73
C ILE M 90 -42.90 -32.00 5.43
N LEU M 91 -42.55 -30.76 5.07
CA LEU M 91 -41.77 -30.51 3.86
C LEU M 91 -40.35 -31.03 3.97
N LYS M 92 -39.81 -31.12 5.18
CA LYS M 92 -38.46 -31.61 5.39
C LYS M 92 -38.35 -33.14 5.35
N LYS M 93 -39.45 -33.86 5.11
CA LYS M 93 -39.35 -35.29 4.89
C LYS M 93 -38.72 -35.64 3.56
N LEU M 94 -38.83 -34.76 2.56
CA LEU M 94 -38.24 -35.02 1.26
C LEU M 94 -36.75 -34.70 1.19
N ASN M 95 -36.18 -34.15 2.26
CA ASN M 95 -34.79 -33.69 2.23
C ASN M 95 -33.71 -34.77 2.03
N PRO M 96 -33.76 -35.98 2.62
CA PRO M 96 -32.66 -36.94 2.37
C PRO M 96 -32.59 -37.55 0.97
N TYR M 97 -33.48 -37.19 0.04
CA TYR M 97 -33.48 -37.81 -1.29
C TYR M 97 -33.33 -36.79 -2.41
N ARG M 98 -32.86 -35.59 -2.13
CA ARG M 98 -32.84 -34.52 -3.11
C ARG M 98 -31.61 -34.63 -4.01
N LYS M 99 -31.84 -34.62 -5.32
CA LYS M 99 -30.80 -34.56 -6.33
C LYS M 99 -30.92 -33.24 -7.09
N MET M 100 -29.93 -32.96 -7.92
CA MET M 100 -29.92 -31.75 -8.74
C MET M 100 -30.49 -32.03 -10.12
N ALA M 101 -31.10 -31.00 -10.70
CA ALA M 101 -31.67 -31.12 -12.03
C ALA M 101 -30.57 -31.19 -13.09
N ARG M 102 -30.76 -32.05 -14.07
CA ARG M 102 -29.79 -32.19 -15.14
C ARG M 102 -30.35 -31.68 -16.46
N MET N 1 -39.51 -51.63 16.13
CA MET N 1 -39.95 -51.25 17.46
C MET N 1 -41.27 -51.94 17.80
N ASP N 2 -41.34 -52.48 19.01
CA ASP N 2 -42.53 -53.18 19.46
C ASP N 2 -43.66 -52.19 19.75
N ILE N 3 -44.87 -52.55 19.30
CA ILE N 3 -46.02 -51.65 19.41
C ILE N 3 -46.48 -51.49 20.85
N GLN N 4 -46.41 -52.58 21.63
CA GLN N 4 -46.81 -52.52 23.04
C GLN N 4 -45.83 -51.67 23.86
N ARG N 5 -44.56 -51.65 23.48
CA ARG N 5 -43.60 -50.78 24.14
C ARG N 5 -43.87 -49.31 23.86
N VAL N 6 -44.31 -49.00 22.63
CA VAL N 6 -44.73 -47.64 22.29
C VAL N 6 -45.98 -47.26 23.07
N LYS N 7 -46.91 -48.20 23.24
CA LYS N 7 -48.11 -47.93 24.03
C LYS N 7 -47.80 -47.73 25.51
N ARG N 8 -46.75 -48.40 26.02
CA ARG N 8 -46.32 -48.13 27.39
C ARG N 8 -45.63 -46.79 27.51
N LEU N 9 -44.91 -46.34 26.48
CA LEU N 9 -44.25 -45.05 26.55
C LEU N 9 -45.21 -43.87 26.41
N LEU N 10 -46.39 -44.07 25.86
CA LEU N 10 -47.34 -42.98 25.62
C LEU N 10 -48.56 -43.04 26.53
N SER N 11 -48.57 -43.95 27.52
CA SER N 11 -49.65 -44.13 28.50
C SER N 11 -50.99 -44.43 27.83
N ILE N 12 -50.99 -45.39 26.93
CA ILE N 12 -52.20 -45.84 26.23
C ILE N 12 -52.56 -47.22 26.77
N THR N 13 -53.81 -47.37 27.20
CA THR N 13 -54.28 -48.62 27.77
C THR N 13 -55.23 -49.40 26.87
N ASN N 14 -56.03 -48.74 26.05
CA ASN N 14 -56.99 -49.43 25.20
C ASN N 14 -56.35 -49.77 23.86
N ASP N 15 -57.17 -50.23 22.92
CA ASP N 15 -56.71 -50.64 21.59
C ASP N 15 -57.29 -49.76 20.50
N LYS N 16 -57.59 -48.50 20.83
CA LYS N 16 -58.18 -47.59 19.84
C LYS N 16 -57.17 -47.15 18.79
N HIS N 17 -55.89 -47.07 19.14
CA HIS N 17 -54.87 -46.55 18.23
C HIS N 17 -54.03 -47.64 17.57
N ASP N 18 -54.47 -48.90 17.61
CA ASP N 18 -53.59 -50.01 17.24
C ASP N 18 -53.33 -50.06 15.74
N GLU N 19 -54.35 -49.82 14.94
CA GLU N 19 -54.23 -49.89 13.48
C GLU N 19 -53.38 -48.75 12.93
N TYR N 20 -53.45 -47.57 13.55
CA TYR N 20 -52.60 -46.46 13.16
C TYR N 20 -51.14 -46.71 13.53
N LEU N 21 -50.90 -47.25 14.74
CA LEU N 21 -49.53 -47.44 15.21
C LEU N 21 -48.82 -48.54 14.45
N THR N 22 -49.54 -49.61 14.09
CA THR N 22 -48.99 -50.72 13.32
C THR N 22 -48.51 -50.27 11.94
N GLU N 23 -49.12 -49.23 11.38
CA GLU N 23 -48.67 -48.67 10.11
C GLU N 23 -47.59 -47.60 10.29
N MET N 24 -47.68 -46.79 11.33
CA MET N 24 -46.86 -45.58 11.44
C MET N 24 -45.48 -45.83 12.05
N VAL N 25 -45.35 -46.78 12.99
CA VAL N 25 -44.06 -46.98 13.68
C VAL N 25 -42.92 -47.46 12.79
N PRO N 26 -43.09 -48.50 11.92
CA PRO N 26 -41.94 -48.90 11.07
C PRO N 26 -41.52 -47.85 10.06
N LEU N 27 -42.48 -47.03 9.58
CA LEU N 27 -42.15 -45.92 8.68
C LEU N 27 -41.26 -44.90 9.37
N LEU N 28 -41.52 -44.63 10.67
CA LEU N 28 -40.70 -43.67 11.40
C LEU N 28 -39.32 -44.24 11.72
N VAL N 29 -39.23 -45.56 11.94
CA VAL N 29 -37.92 -46.19 12.12
C VAL N 29 -37.07 -46.06 10.86
N GLU N 30 -37.66 -46.34 9.68
CA GLU N 30 -36.92 -46.17 8.43
C GLU N 30 -36.64 -44.70 8.13
N PHE N 31 -37.50 -43.79 8.54
CA PHE N 31 -37.16 -42.42 8.34
C PHE N 31 -35.95 -42.02 9.22
N ALA N 32 -35.84 -42.49 10.48
CA ALA N 32 -34.68 -42.15 11.29
C ALA N 32 -33.40 -42.73 10.68
N LYS N 33 -33.48 -43.95 10.14
CA LYS N 33 -32.32 -44.55 9.47
C LYS N 33 -31.90 -43.75 8.24
N ASP N 34 -32.86 -43.29 7.44
CA ASP N 34 -32.49 -42.53 6.25
C ASP N 34 -32.03 -41.12 6.58
N GLU N 35 -32.55 -40.52 7.64
CA GLU N 35 -32.23 -39.12 7.91
C GLU N 35 -30.93 -38.97 8.68
N CYS N 36 -30.55 -39.97 9.48
CA CYS N 36 -29.24 -39.91 10.13
C CYS N 36 -28.12 -40.52 9.28
N HIS N 37 -28.46 -41.13 8.14
CA HIS N 37 -27.55 -41.91 7.28
C HIS N 37 -26.80 -42.99 8.08
N ASN N 38 -27.53 -43.67 8.95
CA ASN N 38 -27.02 -44.61 9.94
C ASN N 38 -27.93 -45.84 9.99
N PRO N 39 -27.44 -47.03 9.65
CA PRO N 39 -28.30 -48.21 9.69
C PRO N 39 -28.48 -48.84 11.07
N PHE N 40 -27.77 -48.34 12.09
CA PHE N 40 -27.89 -48.77 13.50
C PHE N 40 -27.60 -50.26 13.69
N ILE N 41 -26.35 -50.63 13.41
CA ILE N 41 -25.92 -52.01 13.38
C ILE N 41 -24.71 -52.16 14.28
N ASP N 42 -24.73 -53.17 15.16
CA ASP N 42 -23.61 -53.38 16.07
C ASP N 42 -22.46 -54.17 15.46
N LYS N 43 -21.61 -54.73 16.32
CA LYS N 43 -20.44 -55.50 15.90
C LYS N 43 -20.82 -56.75 15.09
N ASP N 44 -21.77 -57.52 15.57
CA ASP N 44 -22.18 -58.77 14.92
C ASP N 44 -23.16 -58.58 13.77
N GLY N 45 -23.35 -57.36 13.27
CA GLY N 45 -24.32 -57.17 12.21
C GLY N 45 -25.75 -57.10 12.64
N ASN N 46 -26.03 -57.11 13.94
CA ASN N 46 -27.39 -57.08 14.44
C ASN N 46 -27.90 -55.65 14.55
N GLU N 47 -29.19 -55.47 14.30
CA GLU N 47 -29.80 -54.16 14.38
C GLU N 47 -30.01 -53.78 15.84
N SER N 48 -29.42 -52.66 16.24
CA SER N 48 -29.51 -52.19 17.63
C SER N 48 -29.95 -50.73 17.60
N ILE N 49 -31.25 -50.50 17.76
CA ILE N 49 -31.81 -49.15 17.75
C ILE N 49 -31.45 -48.44 19.06
N PRO N 50 -30.84 -47.26 19.02
CA PRO N 50 -30.50 -46.55 20.27
C PRO N 50 -31.74 -45.96 20.94
N SER N 51 -31.56 -45.59 22.21
CA SER N 51 -32.68 -45.21 23.07
C SER N 51 -33.31 -43.89 22.65
N GLY N 52 -32.48 -42.99 22.13
CA GLY N 52 -32.90 -41.67 21.73
C GLY N 52 -33.72 -41.70 20.45
N VAL N 53 -33.40 -42.61 19.54
CA VAL N 53 -34.21 -42.89 18.37
C VAL N 53 -35.58 -43.44 18.78
N LEU N 54 -35.62 -44.27 19.84
CA LEU N 54 -36.88 -44.84 20.31
C LEU N 54 -37.79 -43.77 20.91
N ILE N 55 -37.22 -42.87 21.72
CA ILE N 55 -37.97 -41.74 22.26
C ILE N 55 -38.50 -40.86 21.14
N PHE N 56 -37.68 -40.63 20.11
CA PHE N 56 -38.11 -39.81 18.98
C PHE N 56 -39.27 -40.46 18.21
N VAL N 57 -39.19 -41.78 17.98
CA VAL N 57 -40.21 -42.48 17.21
C VAL N 57 -41.54 -42.45 17.96
N ALA N 58 -41.52 -42.67 19.27
CA ALA N 58 -42.75 -42.64 20.07
C ALA N 58 -43.36 -41.23 20.10
N LYS N 59 -42.56 -40.19 20.30
CA LYS N 59 -43.13 -38.85 20.39
C LYS N 59 -43.59 -38.33 19.02
N ALA N 60 -42.93 -38.72 17.93
CA ALA N 60 -43.39 -38.30 16.61
C ALA N 60 -44.67 -39.04 16.20
N ALA N 61 -44.80 -40.31 16.60
CA ALA N 61 -46.05 -41.02 16.37
C ALA N 61 -47.19 -40.43 17.17
N GLN N 62 -46.92 -39.92 18.38
CA GLN N 62 -47.96 -39.23 19.12
C GLN N 62 -48.30 -37.88 18.48
N PHE N 63 -47.31 -37.19 17.94
CA PHE N 63 -47.56 -35.89 17.30
C PHE N 63 -48.42 -36.03 16.05
N TYR N 64 -48.19 -37.07 15.26
CA TYR N 64 -48.89 -37.18 13.97
C TYR N 64 -50.30 -37.75 14.09
N MET N 65 -50.87 -37.86 15.29
CA MET N 65 -52.28 -38.19 15.44
C MET N 65 -53.20 -37.00 15.22
N THR N 66 -52.65 -35.79 15.09
CA THR N 66 -53.46 -34.60 14.87
C THR N 66 -53.83 -34.45 13.39
N ASN N 67 -54.73 -33.52 13.12
CA ASN N 67 -55.08 -33.13 11.77
C ASN N 67 -54.12 -32.05 11.28
N ALA N 68 -53.57 -32.24 10.08
CA ALA N 68 -52.50 -31.37 9.59
C ALA N 68 -53.00 -30.00 9.15
N GLY N 69 -54.27 -29.87 8.79
CA GLY N 69 -54.79 -28.59 8.35
C GLY N 69 -55.53 -27.79 9.39
N LEU N 70 -55.31 -28.10 10.67
CA LEU N 70 -56.10 -27.50 11.76
C LEU N 70 -55.16 -27.01 12.85
N THR N 71 -55.35 -25.75 13.27
CA THR N 71 -54.62 -25.22 14.42
C THR N 71 -55.47 -25.05 15.66
N GLY N 72 -56.80 -25.06 15.54
CA GLY N 72 -57.66 -24.92 16.69
C GLY N 72 -59.07 -25.39 16.38
N ARG N 73 -59.77 -25.79 17.44
CA ARG N 73 -61.10 -26.37 17.31
C ARG N 73 -61.89 -26.08 18.60
N SER N 74 -63.21 -25.97 18.48
CA SER N 74 -64.04 -25.72 19.65
C SER N 74 -65.45 -26.25 19.43
N MET N 75 -65.99 -26.97 20.42
CA MET N 75 -67.39 -27.41 20.41
C MET N 75 -67.99 -27.24 21.82
N ASP N 76 -68.53 -26.05 22.07
CA ASP N 76 -69.54 -25.71 23.05
C ASP N 76 -69.16 -25.83 24.54
N THR N 77 -68.22 -26.71 24.87
CA THR N 77 -67.64 -26.81 26.20
C THR N 77 -66.19 -27.19 26.04
N VAL N 78 -65.86 -27.87 24.93
CA VAL N 78 -64.49 -28.29 24.69
C VAL N 78 -63.83 -27.32 23.70
N SER N 79 -62.52 -27.19 23.83
CA SER N 79 -61.71 -26.45 22.86
C SER N 79 -60.29 -27.00 22.90
N TYR N 80 -59.61 -26.89 21.77
CA TYR N 80 -58.28 -27.43 21.58
C TYR N 80 -57.44 -26.48 20.75
N ASN N 81 -56.19 -26.30 21.16
CA ASN N 81 -55.17 -25.60 20.40
C ASN N 81 -54.05 -26.57 20.11
N PHE N 82 -53.70 -26.72 18.83
CA PHE N 82 -52.75 -27.72 18.38
C PHE N 82 -51.41 -27.09 18.04
N ALA N 83 -50.35 -27.87 18.22
CA ALA N 83 -49.02 -27.47 17.80
C ALA N 83 -48.85 -27.73 16.31
N THR N 84 -48.21 -26.78 15.61
CA THR N 84 -48.11 -26.87 14.17
C THR N 84 -46.79 -27.49 13.68
N GLU N 85 -45.74 -27.45 14.50
CA GLU N 85 -44.47 -28.07 14.17
C GLU N 85 -44.08 -29.06 15.26
N ILE N 86 -43.28 -30.04 14.88
CA ILE N 86 -42.59 -30.87 15.88
C ILE N 86 -41.61 -29.99 16.65
N PRO N 87 -41.62 -30.03 17.99
CA PRO N 87 -40.70 -29.19 18.75
C PRO N 87 -39.25 -29.57 18.53
N SER N 88 -38.37 -28.58 18.68
CA SER N 88 -36.95 -28.80 18.42
C SER N 88 -36.31 -29.72 19.43
N THR N 89 -36.85 -29.82 20.64
CA THR N 89 -36.30 -30.77 21.61
C THR N 89 -36.62 -32.21 21.26
N ILE N 90 -37.64 -32.46 20.44
CA ILE N 90 -37.88 -33.80 19.93
C ILE N 90 -37.04 -34.05 18.67
N LEU N 91 -36.85 -33.01 17.85
CA LEU N 91 -36.01 -33.16 16.66
C LEU N 91 -34.53 -33.31 17.04
N LYS N 92 -34.13 -32.83 18.21
CA LYS N 92 -32.78 -33.03 18.70
C LYS N 92 -32.57 -34.42 19.32
N LYS N 93 -33.57 -35.29 19.26
CA LYS N 93 -33.38 -36.69 19.61
C LYS N 93 -32.74 -37.52 18.50
N LEU N 94 -32.21 -36.90 17.46
CA LEU N 94 -31.45 -37.68 16.49
C LEU N 94 -29.98 -37.26 16.41
N ASN N 95 -29.59 -36.19 17.11
CA ASN N 95 -28.32 -35.52 16.85
C ASN N 95 -27.04 -36.30 17.14
N PRO N 96 -26.87 -37.05 18.25
CA PRO N 96 -25.59 -37.76 18.46
C PRO N 96 -25.34 -38.95 17.54
N TYR N 97 -26.23 -39.29 16.61
CA TYR N 97 -26.02 -40.43 15.73
C TYR N 97 -25.90 -40.02 14.27
N ARG N 98 -25.75 -38.73 13.98
CA ARG N 98 -25.80 -38.25 12.60
C ARG N 98 -24.47 -38.47 11.89
N LYS N 99 -24.54 -39.08 10.72
CA LYS N 99 -23.42 -39.26 9.82
C LYS N 99 -23.67 -38.49 8.53
N MET N 100 -22.64 -38.39 7.71
CA MET N 100 -22.76 -37.72 6.42
C MET N 100 -23.12 -38.71 5.33
N ALA N 101 -23.84 -38.21 4.33
CA ALA N 101 -24.23 -39.05 3.20
C ALA N 101 -23.05 -39.34 2.30
N ARG N 102 -23.02 -40.54 1.75
CA ARG N 102 -21.94 -40.93 0.84
C ARG N 102 -22.45 -41.16 -0.57
N MET O 1 -55.67 -39.62 19.39
CA MET O 1 -56.53 -38.94 18.42
C MET O 1 -57.51 -38.03 19.14
N TYR O 2 -58.02 -37.03 18.43
CA TYR O 2 -58.94 -36.03 18.98
C TYR O 2 -60.14 -35.94 18.05
N GLU O 3 -61.12 -36.80 18.28
CA GLU O 3 -62.30 -36.87 17.41
C GLU O 3 -63.34 -35.87 17.86
N GLU O 4 -64.01 -35.24 16.88
CA GLU O 4 -65.16 -34.41 17.19
C GLU O 4 -66.31 -35.25 17.72
N PHE O 5 -66.45 -36.44 17.22
CA PHE O 5 -67.51 -37.32 17.61
C PHE O 5 -66.96 -38.61 18.14
N PRO O 6 -66.70 -38.70 19.44
CA PRO O 6 -66.10 -39.92 20.01
C PRO O 6 -67.09 -40.97 20.50
N ASP O 7 -68.39 -40.70 20.52
CA ASP O 7 -69.38 -41.64 21.01
C ASP O 7 -70.11 -42.33 19.86
N VAL O 8 -70.92 -43.32 20.22
CA VAL O 8 -71.79 -44.04 19.30
C VAL O 8 -73.15 -44.15 19.96
N ILE O 9 -74.18 -43.66 19.28
CA ILE O 9 -75.53 -43.64 19.83
C ILE O 9 -76.46 -44.42 18.90
N THR O 10 -77.63 -44.77 19.42
CA THR O 10 -78.62 -45.50 18.63
C THR O 10 -79.92 -44.72 18.59
N PHE O 11 -80.48 -44.52 17.41
CA PHE O 11 -81.78 -43.83 17.20
C PHE O 11 -82.92 -44.82 17.15
N GLN O 12 -84.02 -44.59 17.82
CA GLN O 12 -85.13 -45.53 17.94
C GLN O 12 -86.45 -44.84 17.63
N SER O 13 -87.35 -45.59 16.98
CA SER O 13 -88.69 -45.14 16.62
C SER O 13 -89.74 -46.02 17.28
N TYR O 14 -90.96 -45.52 17.30
CA TYR O 14 -92.09 -46.11 18.02
C TYR O 14 -93.10 -46.63 16.99
N VAL O 15 -92.99 -47.91 16.63
CA VAL O 15 -93.64 -48.47 15.45
C VAL O 15 -94.62 -49.57 15.88
N GLU O 16 -95.56 -49.90 15.01
CA GLU O 16 -96.66 -50.82 15.32
C GLU O 16 -96.40 -52.24 14.84
N GLN O 17 -96.73 -53.20 15.69
CA GLN O 17 -96.85 -54.61 15.31
C GLN O 17 -98.32 -55.02 15.40
N SER O 18 -98.78 -55.79 14.43
CA SER O 18 -100.14 -56.32 14.43
C SER O 18 -100.10 -57.74 13.90
N ASN O 19 -100.60 -58.70 14.68
CA ASN O 19 -100.55 -60.11 14.27
C ASN O 19 -101.70 -60.88 14.92
N GLY O 20 -102.72 -61.19 14.12
CA GLY O 20 -103.59 -62.34 14.35
C GLY O 20 -105.06 -62.12 14.67
N GLU O 21 -105.38 -61.21 15.57
CA GLU O 21 -106.80 -61.01 15.85
C GLU O 21 -107.20 -59.54 15.85
N GLY O 22 -106.36 -58.68 16.41
CA GLY O 22 -106.42 -57.25 16.35
C GLY O 22 -105.45 -56.84 17.43
N GLY O 23 -104.52 -55.96 17.14
CA GLY O 23 -103.40 -55.72 18.04
C GLY O 23 -103.03 -54.26 18.05
N LYS O 24 -102.66 -53.80 19.24
CA LYS O 24 -102.32 -52.40 19.48
C LYS O 24 -100.89 -52.22 19.97
N THR O 25 -100.06 -53.26 19.94
CA THR O 25 -98.76 -53.20 20.58
C THR O 25 -97.76 -52.40 19.74
N TYR O 26 -97.18 -51.38 20.37
CA TYR O 26 -96.17 -50.52 19.77
C TYR O 26 -94.83 -50.79 20.46
N LYS O 27 -93.78 -50.89 19.66
CA LYS O 27 -92.45 -51.22 20.16
C LYS O 27 -91.46 -50.16 19.68
N TRP O 28 -90.52 -49.81 20.56
CA TRP O 28 -89.36 -49.01 20.20
C TRP O 28 -88.36 -49.91 19.48
N VAL O 29 -88.16 -49.69 18.19
CA VAL O 29 -87.20 -50.46 17.42
C VAL O 29 -86.14 -49.53 16.87
N ASP O 30 -84.95 -50.09 16.62
CA ASP O 30 -83.82 -49.31 16.16
C ASP O 30 -83.99 -48.88 14.71
N GLU O 31 -83.55 -47.65 14.41
CA GLU O 31 -83.51 -47.12 13.06
C GLU O 31 -82.11 -47.19 12.46
N PHE O 32 -81.16 -46.53 13.11
CA PHE O 32 -79.78 -46.49 12.67
C PHE O 32 -78.85 -46.10 13.78
N THR O 33 -77.55 -46.13 13.55
CA THR O 33 -76.56 -45.70 14.51
C THR O 33 -75.67 -44.63 13.89
N ALA O 34 -75.06 -43.82 14.75
CA ALA O 34 -74.28 -42.69 14.28
C ALA O 34 -73.21 -42.33 15.29
N ALA O 35 -72.16 -41.66 14.79
CA ALA O 35 -71.15 -41.08 15.66
C ALA O 35 -71.64 -39.75 16.20
N ALA O 36 -71.33 -39.46 17.45
CA ALA O 36 -71.89 -38.28 18.10
C ALA O 36 -70.99 -37.85 19.24
N HIS O 37 -71.33 -36.70 19.81
CA HIS O 37 -70.73 -36.23 21.05
C HIS O 37 -71.86 -35.80 21.98
N VAL O 38 -71.98 -36.48 23.11
CA VAL O 38 -73.01 -36.22 24.10
C VAL O 38 -72.39 -35.42 25.24
N GLN O 39 -72.85 -34.19 25.44
CA GLN O 39 -72.27 -33.31 26.45
C GLN O 39 -73.33 -32.90 27.46
N PRO O 40 -73.02 -32.94 28.75
CA PRO O 40 -73.89 -32.30 29.73
C PRO O 40 -73.84 -30.79 29.58
N ILE O 41 -74.92 -30.13 30.00
CA ILE O 41 -74.99 -28.68 29.84
C ILE O 41 -74.02 -28.00 30.81
N SER O 42 -73.62 -26.78 30.46
CA SER O 42 -72.59 -26.09 31.21
C SER O 42 -73.13 -25.56 32.52
N GLN O 43 -72.21 -25.03 33.35
CA GLN O 43 -72.58 -24.53 34.67
C GLN O 43 -73.45 -23.28 34.58
N GLU O 44 -73.27 -22.47 33.55
CA GLU O 44 -74.12 -21.28 33.40
C GLU O 44 -75.47 -21.63 32.80
N GLU O 45 -75.53 -22.66 31.95
CA GLU O 45 -76.77 -23.06 31.31
C GLU O 45 -77.70 -23.81 32.27
N TYR O 46 -77.15 -24.32 33.38
CA TYR O 46 -77.95 -25.06 34.36
C TYR O 46 -78.99 -24.17 35.02
N TYR O 47 -78.60 -22.95 35.42
CA TYR O 47 -79.52 -22.04 36.09
C TYR O 47 -80.58 -21.51 35.14
N LYS O 48 -80.26 -21.41 33.85
CA LYS O 48 -81.26 -21.03 32.86
C LYS O 48 -82.22 -22.17 32.58
N ALA O 49 -81.73 -23.41 32.59
CA ALA O 49 -82.59 -24.55 32.33
C ALA O 49 -83.48 -24.92 33.52
N GLN O 50 -83.11 -24.49 34.73
CA GLN O 50 -83.97 -24.78 35.88
C GLN O 50 -85.28 -24.01 35.86
N GLN O 51 -85.38 -22.93 35.10
CA GLN O 51 -86.64 -22.20 34.95
C GLN O 51 -87.42 -22.64 33.73
N LEU O 52 -87.62 -23.94 33.56
CA LEU O 52 -88.45 -24.48 32.49
C LEU O 52 -89.29 -25.60 33.08
N GLN O 53 -90.39 -25.92 32.39
CA GLN O 53 -91.25 -26.99 32.88
C GLN O 53 -90.63 -28.37 32.63
N THR O 54 -89.87 -28.51 31.56
CA THR O 54 -89.07 -29.71 31.33
C THR O 54 -87.61 -29.28 31.25
N PRO O 55 -86.82 -29.47 32.31
CA PRO O 55 -85.42 -29.02 32.27
C PRO O 55 -84.55 -29.93 31.41
N ILE O 56 -83.59 -29.31 30.77
CA ILE O 56 -82.73 -29.96 29.78
C ILE O 56 -81.50 -30.52 30.49
N GLY O 57 -81.09 -31.73 30.10
CA GLY O 57 -79.91 -32.34 30.67
C GLY O 57 -78.70 -32.45 29.76
N TYR O 58 -78.92 -32.64 28.45
CA TYR O 58 -77.84 -32.97 27.53
C TYR O 58 -78.00 -32.25 26.21
N ASN O 59 -76.86 -31.90 25.62
CA ASN O 59 -76.75 -31.49 24.22
C ASN O 59 -76.04 -32.58 23.44
N ILE O 60 -76.62 -32.99 22.32
CA ILE O 60 -76.08 -34.05 21.48
C ILE O 60 -75.71 -33.45 20.14
N TYR O 61 -74.44 -33.57 19.76
CA TYR O 61 -73.96 -33.07 18.48
C TYR O 61 -73.68 -34.26 17.57
N THR O 62 -74.18 -34.20 16.35
CA THR O 62 -74.04 -35.29 15.40
C THR O 62 -73.90 -34.69 14.02
N PRO O 63 -73.32 -35.41 13.06
CA PRO O 63 -73.37 -34.94 11.68
C PRO O 63 -74.78 -34.91 11.14
N TYR O 64 -74.99 -34.04 10.13
CA TYR O 64 -76.33 -33.74 9.65
C TYR O 64 -76.96 -34.95 8.95
N ASP O 65 -78.20 -35.23 9.30
CA ASP O 65 -78.93 -36.38 8.76
C ASP O 65 -80.41 -36.03 8.76
N ASP O 66 -81.05 -36.12 7.60
CA ASP O 66 -82.46 -35.75 7.51
C ASP O 66 -83.40 -36.87 7.95
N ARG O 67 -82.88 -38.01 8.40
CA ARG O 67 -83.73 -39.05 8.97
C ARG O 67 -84.09 -38.77 10.42
N ILE O 68 -83.47 -37.80 11.07
CA ILE O 68 -83.68 -37.56 12.49
C ILE O 68 -84.98 -36.78 12.68
N ASP O 69 -85.86 -37.30 13.53
CA ASP O 69 -87.19 -36.76 13.74
C ASP O 69 -87.35 -36.40 15.22
N LYS O 70 -88.26 -35.47 15.51
CA LYS O 70 -88.49 -35.02 16.88
C LYS O 70 -89.24 -36.01 17.75
N LYS O 71 -89.82 -37.07 17.18
CA LYS O 71 -90.49 -38.08 17.98
C LYS O 71 -89.62 -39.30 18.23
N MET O 72 -88.32 -39.21 17.97
CA MET O 72 -87.41 -40.32 18.10
C MET O 72 -86.85 -40.41 19.52
N ARG O 73 -85.93 -41.35 19.71
CA ARG O 73 -85.34 -41.60 21.02
C ARG O 73 -83.88 -41.98 20.81
N VAL O 74 -83.06 -41.80 21.83
CA VAL O 74 -81.64 -42.14 21.74
C VAL O 74 -81.28 -43.12 22.85
N ILE O 75 -80.56 -44.18 22.48
CA ILE O 75 -79.93 -45.07 23.44
C ILE O 75 -78.45 -44.72 23.49
N TYR O 76 -77.95 -44.43 24.70
CA TYR O 76 -76.58 -43.99 24.91
C TYR O 76 -76.10 -44.49 26.26
N ARG O 77 -75.04 -45.31 26.25
CA ARG O 77 -74.38 -45.86 27.44
C ARG O 77 -75.36 -46.60 28.35
N GLY O 78 -76.26 -47.37 27.75
CA GLY O 78 -77.25 -48.08 28.52
C GLY O 78 -78.35 -47.23 29.11
N LYS O 79 -78.50 -45.99 28.65
CA LYS O 79 -79.54 -45.11 29.16
C LYS O 79 -80.41 -44.59 28.02
N ILE O 80 -81.64 -44.27 28.37
CA ILE O 80 -82.62 -43.71 27.44
C ILE O 80 -82.54 -42.20 27.50
N VAL O 81 -82.46 -41.55 26.34
CA VAL O 81 -82.44 -40.10 26.23
C VAL O 81 -83.64 -39.67 25.40
N THR O 82 -84.46 -38.82 25.99
CA THR O 82 -85.72 -38.34 25.42
C THR O 82 -85.53 -36.91 24.91
N PHE O 83 -86.05 -36.65 23.72
CA PHE O 83 -85.83 -35.38 23.05
C PHE O 83 -86.69 -34.30 23.67
N ILE O 84 -86.16 -33.08 23.72
CA ILE O 84 -86.88 -31.91 24.20
C ILE O 84 -86.87 -30.91 23.06
N GLY O 85 -88.04 -30.68 22.47
CA GLY O 85 -88.15 -29.78 21.35
C GLY O 85 -87.78 -30.43 20.03
N ASP O 86 -87.49 -29.58 19.05
CA ASP O 86 -87.17 -29.95 17.68
C ASP O 86 -85.67 -29.97 17.44
N PRO O 87 -85.17 -30.89 16.62
CA PRO O 87 -83.75 -30.87 16.25
C PRO O 87 -83.38 -29.62 15.45
N VAL O 88 -82.18 -29.12 15.68
CA VAL O 88 -81.71 -27.87 15.12
C VAL O 88 -80.50 -28.13 14.24
N ASP O 89 -80.58 -27.69 12.99
CA ASP O 89 -79.42 -27.66 12.10
C ASP O 89 -78.71 -26.33 12.27
N LEU O 90 -77.42 -26.39 12.59
CA LEU O 90 -76.68 -25.20 13.00
C LEU O 90 -76.47 -24.25 11.82
N SER O 91 -77.00 -23.03 11.96
CA SER O 91 -76.89 -21.91 11.01
C SER O 91 -77.51 -22.21 9.65
N GLY O 92 -78.32 -23.25 9.53
CA GLY O 92 -78.93 -23.62 8.27
C GLY O 92 -77.97 -24.12 7.21
N LEU O 93 -76.77 -24.54 7.57
CA LEU O 93 -75.75 -24.92 6.61
C LEU O 93 -75.70 -26.42 6.32
N GLN O 94 -76.50 -27.21 7.05
CA GLN O 94 -76.64 -28.66 6.85
C GLN O 94 -75.32 -29.41 7.03
N GLU O 95 -74.66 -29.13 8.15
CA GLU O 95 -73.43 -29.82 8.52
C GLU O 95 -73.55 -30.57 9.85
N ILE O 96 -74.02 -29.90 10.91
CA ILE O 96 -74.06 -30.45 12.25
C ILE O 96 -75.47 -30.26 12.83
N THR O 97 -76.02 -31.32 13.41
CA THR O 97 -77.31 -31.28 14.09
C THR O 97 -77.09 -31.30 15.60
N ARG O 98 -77.77 -30.41 16.32
CA ARG O 98 -77.80 -30.39 17.78
C ARG O 98 -79.19 -30.79 18.27
N ILE O 99 -79.23 -31.72 19.22
CA ILE O 99 -80.47 -32.18 19.86
C ILE O 99 -80.37 -31.94 21.36
N LYS O 100 -81.43 -31.41 21.95
CA LYS O 100 -81.51 -31.27 23.39
C LYS O 100 -82.30 -32.43 23.98
N GLY O 101 -81.86 -32.94 25.13
CA GLY O 101 -82.51 -34.10 25.67
C GLY O 101 -82.35 -34.26 27.17
N LYS O 102 -83.05 -35.25 27.71
CA LYS O 102 -82.96 -35.57 29.13
C LYS O 102 -82.93 -37.07 29.34
N GLU O 103 -82.29 -37.48 30.43
CA GLU O 103 -82.20 -38.89 30.76
C GLU O 103 -83.53 -39.42 31.30
N ASP O 104 -83.88 -40.65 30.93
CA ASP O 104 -85.15 -41.26 31.29
C ASP O 104 -84.94 -42.71 31.75
N GLY O 105 -83.98 -42.92 32.64
CA GLY O 105 -83.82 -44.22 33.26
C GLY O 105 -83.03 -45.18 32.41
N ALA O 106 -82.95 -46.41 32.91
CA ALA O 106 -82.13 -47.44 32.28
C ALA O 106 -82.86 -48.06 31.10
N TYR O 107 -82.07 -48.64 30.20
CA TYR O 107 -82.58 -49.38 29.06
C TYR O 107 -82.37 -50.87 29.28
N VAL O 108 -83.38 -51.65 28.94
CA VAL O 108 -83.25 -53.10 28.89
C VAL O 108 -83.09 -53.52 27.44
N GLY O 109 -82.14 -54.39 27.16
CA GLY O 109 -81.87 -54.82 25.81
C GLY O 109 -80.38 -55.02 25.53
N LYS P 24 34.90 18.32 51.53
CA LYS P 24 36.25 18.84 51.63
C LYS P 24 36.60 19.21 53.07
N GLU P 25 37.71 18.67 53.57
CA GLU P 25 38.12 18.85 54.96
C GLU P 25 39.40 19.67 54.98
N ILE P 26 39.36 20.79 55.71
CA ILE P 26 40.48 21.72 55.79
C ILE P 26 40.89 21.85 57.24
N ALA P 27 42.19 21.70 57.51
CA ALA P 27 42.86 21.61 58.83
C ALA P 27 42.09 20.81 59.87
N GLU P 28 48.78 16.11 70.68
CA GLU P 28 47.95 16.53 69.55
C GLU P 28 47.51 15.50 68.46
N PRO P 29 48.15 14.30 68.31
CA PRO P 29 47.40 13.24 67.62
C PRO P 29 46.51 12.49 68.60
N ASP P 30 45.20 12.62 68.43
CA ASP P 30 44.27 11.86 69.24
C ASP P 30 44.13 10.46 68.68
N THR P 31 43.42 9.60 69.41
CA THR P 31 42.97 8.35 68.84
C THR P 31 41.45 8.30 68.69
N THR P 32 40.74 9.12 69.46
CA THR P 32 39.31 9.28 69.23
C THR P 32 39.04 10.09 67.95
N MET P 33 40.00 10.93 67.53
CA MET P 33 39.90 11.62 66.26
C MET P 33 39.94 10.65 65.08
N ILE P 34 40.76 9.60 65.20
CA ILE P 34 40.87 8.58 64.15
C ILE P 34 39.57 7.81 64.02
N GLN P 35 38.96 7.43 65.15
CA GLN P 35 37.67 6.75 65.12
C GLN P 35 36.56 7.66 64.59
N LYS P 36 36.64 8.97 64.92
CA LYS P 36 35.66 9.92 64.42
C LYS P 36 35.77 10.11 62.91
N LEU P 37 37.00 10.11 62.39
CA LEU P 37 37.19 10.27 60.96
C LEU P 37 36.81 9.02 60.20
N ILE P 38 37.11 7.84 60.76
CA ILE P 38 36.79 6.59 60.08
C ILE P 38 35.29 6.32 60.09
N ASP P 39 34.60 6.66 61.19
CA ASP P 39 33.15 6.49 61.25
C ASP P 39 32.41 7.43 60.29
N GLU P 40 32.94 8.64 60.09
CA GLU P 40 32.29 9.63 59.26
C GLU P 40 32.66 9.54 57.78
N HIS P 41 33.31 8.46 57.35
CA HIS P 41 33.79 8.34 55.98
C HIS P 41 32.83 7.47 55.18
N ASN P 42 32.40 7.98 54.03
CA ASN P 42 31.46 7.27 53.17
C ASN P 42 32.14 6.84 51.88
N PRO P 43 32.56 5.58 51.75
CA PRO P 43 33.20 5.12 50.52
C PRO P 43 32.23 4.65 49.45
N GLU P 44 30.93 4.80 49.69
CA GLU P 44 29.92 4.35 48.74
C GLU P 44 29.92 5.06 47.38
N PRO P 45 30.08 6.40 47.26
CA PRO P 45 30.15 6.98 45.91
C PRO P 45 31.40 6.61 45.12
N LEU P 46 32.48 6.16 45.77
CA LEU P 46 33.65 5.71 45.04
C LEU P 46 33.51 4.28 44.55
N LEU P 47 32.63 3.49 45.15
CA LEU P 47 32.50 2.08 44.81
C LEU P 47 31.41 1.78 43.80
N LYS P 48 30.68 2.79 43.31
CA LYS P 48 29.63 2.54 42.32
C LYS P 48 30.22 2.15 40.97
N GLY P 49 31.27 2.84 40.53
CA GLY P 49 31.90 2.54 39.26
C GLY P 49 32.58 1.19 39.24
N VAL P 50 33.09 0.75 40.40
CA VAL P 50 33.65 -0.60 40.51
C VAL P 50 32.56 -1.65 40.36
N ARG P 51 31.39 -1.40 40.93
CA ARG P 51 30.28 -2.35 40.82
C ARG P 51 29.73 -2.41 39.41
N TYR P 52 29.65 -1.26 38.73
CA TYR P 52 29.20 -1.25 37.36
C TYR P 52 30.25 -1.79 36.39
N TYR P 53 31.53 -1.79 36.78
CA TYR P 53 32.56 -2.41 35.96
C TYR P 53 32.42 -3.93 35.94
N MET P 54 31.96 -4.54 37.04
CA MET P 54 31.77 -5.98 37.13
C MET P 54 30.35 -6.41 36.79
N CYS P 55 29.62 -5.58 36.04
CA CYS P 55 28.21 -5.74 35.64
C CYS P 55 27.30 -6.18 36.79
N GLU P 56 27.37 -5.42 37.88
CA GLU P 56 26.43 -5.54 39.00
C GLU P 56 25.77 -4.17 39.15
N ASN P 57 24.74 -3.94 38.34
CA ASN P 57 24.09 -2.64 38.28
C ASN P 57 22.95 -2.58 39.29
N ASP P 58 22.26 -1.43 39.32
CA ASP P 58 21.20 -1.22 40.31
C ASP P 58 19.97 -2.08 40.06
N ILE P 59 19.81 -2.61 38.83
CA ILE P 59 18.72 -3.49 38.45
C ILE P 59 18.68 -4.77 39.28
N GLU P 60 19.77 -5.15 39.93
CA GLU P 60 19.77 -6.31 40.82
C GLU P 60 18.98 -6.09 42.11
N LYS P 61 18.55 -4.87 42.39
CA LYS P 61 17.71 -4.60 43.55
C LYS P 61 16.22 -4.66 43.23
N LYS P 62 15.84 -5.16 42.06
CA LYS P 62 14.45 -5.23 41.65
C LYS P 62 13.72 -6.39 42.33
N ARG P 63 12.50 -6.13 42.80
CA ARG P 63 11.66 -7.13 43.42
C ARG P 63 10.27 -7.11 42.80
N ARG P 64 9.62 -8.27 42.74
CA ARG P 64 8.23 -8.38 42.32
C ARG P 64 7.35 -8.46 43.57
N THR P 65 6.49 -7.46 43.76
CA THR P 65 5.62 -7.37 44.92
C THR P 65 4.16 -7.36 44.48
N TYR P 66 3.26 -7.71 45.41
CA TYR P 66 1.83 -7.61 45.14
C TYR P 66 1.10 -7.34 46.46
N TYR P 67 -0.22 -7.16 46.37
CA TYR P 67 -1.06 -6.82 47.50
C TYR P 67 -2.11 -7.89 47.75
N ASP P 68 -2.31 -8.22 49.01
CA ASP P 68 -3.31 -9.20 49.41
C ASP P 68 -4.66 -8.52 49.64
N ALA P 69 -5.70 -9.35 49.74
CA ALA P 69 -6.94 -8.89 50.33
C ALA P 69 -6.68 -8.49 51.78
N ALA P 70 -7.19 -7.30 52.14
CA ALA P 70 -6.86 -6.47 53.32
C ALA P 70 -5.49 -5.81 53.22
N GLY P 71 -5.00 -5.58 52.01
CA GLY P 71 -3.93 -4.62 51.77
C GLY P 71 -2.53 -5.05 52.19
N GLN P 72 -2.29 -6.34 52.32
CA GLN P 72 -1.00 -6.84 52.78
C GLN P 72 -0.03 -6.96 51.60
N GLN P 73 1.07 -6.22 51.68
CA GLN P 73 2.11 -6.28 50.64
C GLN P 73 2.97 -7.51 50.82
N LEU P 74 2.96 -8.39 49.84
CA LEU P 74 3.69 -9.66 49.88
C LEU P 74 4.75 -9.68 48.79
N VAL P 75 5.94 -10.15 49.15
CA VAL P 75 7.08 -10.29 48.25
C VAL P 75 7.33 -11.77 48.07
N ASP P 76 7.05 -12.29 46.90
CA ASP P 76 7.30 -13.70 46.63
C ASP P 76 8.68 -13.87 45.99
N ASP P 77 9.37 -14.93 46.39
CA ASP P 77 10.73 -15.19 45.94
C ASP P 77 10.84 -16.44 45.08
N THR P 78 9.74 -17.11 44.80
CA THR P 78 9.72 -18.22 43.86
C THR P 78 9.21 -17.80 42.48
N LYS P 79 8.75 -16.57 42.34
CA LYS P 79 8.33 -16.05 41.04
C LYS P 79 9.54 -15.63 40.21
N THR P 80 9.36 -15.68 38.89
CA THR P 80 10.44 -15.32 37.96
C THR P 80 10.70 -13.81 38.01
N ASN P 81 11.97 -13.45 38.17
CA ASN P 81 12.39 -12.06 38.38
C ASN P 81 13.63 -11.82 37.52
N ASN P 82 13.43 -11.30 36.32
CA ASN P 82 14.52 -11.09 35.36
C ASN P 82 15.25 -9.79 35.68
N ARG P 83 16.57 -9.87 35.90
CA ARG P 83 17.41 -8.71 36.20
C ARG P 83 18.68 -8.82 35.35
N THR P 84 18.67 -8.20 34.18
CA THR P 84 19.78 -8.27 33.24
C THR P 84 20.62 -6.99 33.33
N SER P 85 21.89 -7.14 33.68
CA SER P 85 22.84 -6.04 33.70
C SER P 85 23.63 -6.03 32.40
N HIS P 86 23.79 -4.85 31.81
CA HIS P 86 24.57 -4.68 30.59
C HIS P 86 25.92 -4.07 30.92
N ALA P 87 26.92 -4.40 30.09
CA ALA P 87 28.32 -4.15 30.38
C ALA P 87 28.90 -2.98 29.60
N TRP P 88 28.15 -1.88 29.47
CA TRP P 88 28.61 -0.71 28.72
C TRP P 88 29.82 -0.04 29.36
N HIS P 89 29.81 0.07 30.70
CA HIS P 89 30.83 0.82 31.43
C HIS P 89 32.20 0.16 31.32
N LYS P 90 32.24 -1.18 31.40
CA LYS P 90 33.49 -1.92 31.26
C LYS P 90 34.09 -1.74 29.88
N LEU P 91 33.25 -1.75 28.84
CA LEU P 91 33.71 -1.53 27.47
C LEU P 91 34.29 -0.14 27.29
N PHE P 92 33.62 0.89 27.85
CA PHE P 92 34.10 2.26 27.71
C PHE P 92 35.42 2.47 28.45
N VAL P 93 35.55 1.89 29.65
CA VAL P 93 36.76 2.05 30.44
C VAL P 93 37.94 1.32 29.80
N ASP P 94 37.70 0.11 29.26
CA ASP P 94 38.75 -0.64 28.58
C ASP P 94 39.22 0.06 27.32
N GLN P 95 38.28 0.61 26.54
CA GLN P 95 38.63 1.36 25.33
C GLN P 95 39.48 2.58 25.66
N LYS P 96 39.10 3.33 26.70
CA LYS P 96 39.86 4.51 27.10
C LYS P 96 41.26 4.16 27.62
N THR P 97 41.36 3.08 28.41
CA THR P 97 42.64 2.71 29.00
C THR P 97 43.63 2.21 27.95
N GLN P 98 43.18 1.39 27.01
CA GLN P 98 44.09 0.92 25.97
C GLN P 98 44.42 2.03 24.97
N TYR P 99 43.51 3.00 24.78
CA TYR P 99 43.85 4.15 23.95
C TYR P 99 44.93 5.01 24.60
N LEU P 100 44.90 5.14 25.93
CA LEU P 100 45.86 6.03 26.59
C LEU P 100 47.21 5.36 26.81
N VAL P 101 47.24 4.22 27.52
CA VAL P 101 48.51 3.65 27.93
C VAL P 101 48.64 2.19 27.51
N GLY P 102 47.99 1.82 26.41
CA GLY P 102 48.19 0.49 25.86
C GLY P 102 49.62 0.29 25.35
N GLU P 103 50.17 1.31 24.72
CA GLU P 103 51.60 1.39 24.46
C GLU P 103 52.32 1.98 25.67
N PRO P 104 53.52 1.50 25.98
CA PRO P 104 54.26 2.06 27.12
C PRO P 104 54.74 3.48 26.87
N VAL P 105 54.90 4.20 27.97
CA VAL P 105 55.39 5.57 27.94
C VAL P 105 56.91 5.54 27.77
N THR P 106 57.45 6.37 26.89
CA THR P 106 58.89 6.37 26.66
C THR P 106 59.51 7.69 27.12
N PHE P 107 60.79 7.62 27.45
CA PHE P 107 61.49 8.71 28.13
C PHE P 107 62.72 9.13 27.37
N THR P 108 63.02 10.42 27.41
CA THR P 108 64.22 10.98 26.77
C THR P 108 64.85 12.01 27.68
N SER P 109 66.17 12.14 27.57
CA SER P 109 66.93 13.07 28.37
C SER P 109 68.25 13.36 27.68
N ASP P 110 68.92 14.41 28.14
CA ASP P 110 70.31 14.68 27.79
C ASP P 110 71.27 14.14 28.84
N ASN P 111 70.92 14.26 30.11
CA ASN P 111 71.65 13.62 31.20
C ASN P 111 71.49 12.12 31.08
N LYS P 112 72.56 11.42 30.71
CA LYS P 112 72.45 10.00 30.38
C LYS P 112 72.49 9.09 31.60
N THR P 113 73.06 9.56 32.71
CA THR P 113 73.02 8.77 33.94
C THR P 113 71.60 8.72 34.50
N LEU P 114 70.91 9.85 34.50
CA LEU P 114 69.50 9.90 34.87
C LEU P 114 68.64 9.06 33.94
N LEU P 115 68.98 9.03 32.64
CA LEU P 115 68.22 8.24 31.69
C LEU P 115 68.41 6.74 31.94
N GLU P 116 69.63 6.33 32.29
CA GLU P 116 69.86 4.92 32.62
C GLU P 116 69.10 4.50 33.88
N TYR P 117 69.07 5.37 34.89
CA TYR P 117 68.32 5.08 36.12
C TYR P 117 66.81 4.98 35.86
N VAL P 118 66.26 5.95 35.13
CA VAL P 118 64.83 5.98 34.83
C VAL P 118 64.43 4.80 33.95
N ASN P 119 65.28 4.42 32.99
CA ASN P 119 64.92 3.31 32.12
C ASN P 119 65.03 1.97 32.82
N GLU P 120 65.94 1.81 33.77
CA GLU P 120 65.90 0.55 34.53
C GLU P 120 64.79 0.54 35.57
N LEU P 121 64.27 1.71 35.95
CA LEU P 121 63.11 1.72 36.85
C LEU P 121 61.82 1.35 36.13
N ALA P 122 61.61 1.85 34.90
CA ALA P 122 60.34 1.70 34.20
C ALA P 122 60.36 0.46 33.33
N ASP P 123 59.81 -0.63 33.86
CA ASP P 123 59.80 -1.94 33.21
C ASP P 123 58.37 -2.45 33.06
N ASP P 124 58.21 -3.74 32.80
CA ASP P 124 56.89 -4.34 32.56
C ASP P 124 55.98 -4.25 33.77
N ASP P 125 56.53 -4.33 34.98
CA ASP P 125 55.75 -4.12 36.20
C ASP P 125 55.21 -2.71 36.27
N PHE P 126 56.02 -1.73 35.86
CA PHE P 126 55.59 -0.33 35.81
C PHE P 126 54.47 -0.15 34.81
N ASP P 127 54.53 -0.86 33.67
CA ASP P 127 53.50 -0.78 32.64
C ASP P 127 52.17 -1.35 33.16
N ASP P 128 52.23 -2.48 33.86
CA ASP P 128 51.01 -3.08 34.40
C ASP P 128 50.38 -2.22 35.50
N ILE P 129 51.22 -1.63 36.36
CA ILE P 129 50.72 -0.76 37.43
C ILE P 129 50.08 0.49 36.83
N LEU P 130 50.66 1.03 35.75
CA LEU P 130 50.09 2.20 35.10
C LEU P 130 48.74 1.91 34.46
N ASN P 131 48.61 0.74 33.81
CA ASN P 131 47.32 0.33 33.24
C ASN P 131 46.24 0.16 34.31
N GLU P 132 46.58 -0.50 35.42
CA GLU P 132 45.61 -0.68 36.49
C GLU P 132 45.26 0.64 37.18
N THR P 133 46.22 1.57 37.24
CA THR P 133 45.97 2.90 37.81
C THR P 133 44.99 3.70 36.97
N VAL P 134 45.14 3.66 35.65
CA VAL P 134 44.22 4.39 34.77
C VAL P 134 42.81 3.79 34.83
N LYS P 135 42.71 2.46 34.94
CA LYS P 135 41.40 1.83 35.08
C LYS P 135 40.73 2.20 36.41
N ASN P 136 41.49 2.18 37.51
CA ASN P 136 40.94 2.54 38.82
C ASN P 136 40.55 4.00 38.89
N MET P 137 41.32 4.86 38.22
CA MET P 137 41.00 6.28 38.17
C MET P 137 39.73 6.54 37.38
N SER P 138 39.49 5.77 36.32
CA SER P 138 38.22 5.89 35.61
C SER P 138 37.05 5.36 36.42
N ASN P 139 37.27 4.33 37.25
CA ASN P 139 36.17 3.75 38.00
C ASN P 139 35.81 4.55 39.25
N LYS P 140 36.78 5.19 39.91
CA LYS P 140 36.51 5.83 41.19
C LYS P 140 36.60 7.33 41.20
N GLY P 141 37.35 7.93 40.28
CA GLY P 141 37.60 9.35 40.28
C GLY P 141 38.99 9.74 40.76
N ILE P 142 39.70 8.85 41.45
CA ILE P 142 40.99 9.15 42.04
C ILE P 142 41.72 7.84 42.30
N GLU P 143 43.05 7.87 42.17
CA GLU P 143 43.89 6.77 42.61
C GLU P 143 45.14 7.34 43.27
N TYR P 144 45.77 6.54 44.14
CA TYR P 144 46.91 7.00 44.92
C TYR P 144 48.07 6.03 44.85
N TRP P 145 49.28 6.56 44.72
CA TRP P 145 50.51 5.79 44.83
C TRP P 145 51.25 6.15 46.12
N HIS P 146 52.03 5.20 46.62
CA HIS P 146 52.85 5.35 47.83
C HIS P 146 54.28 4.94 47.50
N PRO P 147 55.24 5.86 47.54
CA PRO P 147 56.65 5.48 47.37
C PRO P 147 57.35 5.25 48.69
N PHE P 148 58.31 4.31 48.67
CA PHE P 148 59.04 3.94 49.87
C PHE P 148 60.37 3.31 49.46
N VAL P 149 61.18 2.97 50.46
CA VAL P 149 62.46 2.29 50.26
C VAL P 149 62.34 0.87 50.80
N ASP P 150 62.82 -0.09 50.01
CA ASP P 150 62.55 -1.52 50.17
C ASP P 150 63.27 -2.09 51.40
N GLU P 151 63.18 -3.42 51.54
CA GLU P 151 63.91 -4.10 52.62
C GLU P 151 65.41 -4.12 52.34
N GLU P 152 65.79 -4.26 51.07
CA GLU P 152 67.17 -4.28 50.63
C GLU P 152 67.64 -2.91 50.13
N GLY P 153 66.98 -1.83 50.53
CA GLY P 153 67.45 -0.49 50.21
C GLY P 153 67.21 -0.03 48.79
N GLU P 154 66.22 -0.58 48.09
CA GLU P 154 65.86 -0.12 46.76
C GLU P 154 64.61 0.75 46.80
N PHE P 155 64.39 1.50 45.74
CA PHE P 155 63.21 2.34 45.61
C PHE P 155 62.04 1.49 45.14
N ASP P 156 60.88 1.67 45.77
CA ASP P 156 59.71 0.88 45.41
C ASP P 156 58.45 1.73 45.59
N TYR P 157 57.33 1.23 45.07
CA TYR P 157 56.07 1.96 45.06
C TYR P 157 54.92 0.95 45.08
N VAL P 158 53.76 1.40 45.58
CA VAL P 158 52.61 0.52 45.71
C VAL P 158 51.34 1.36 45.58
N ILE P 159 50.24 0.73 45.15
CA ILE P 159 48.96 1.42 45.00
C ILE P 159 48.21 1.39 46.32
N PHE P 160 47.77 2.56 46.79
CA PHE P 160 46.86 2.67 47.92
C PHE P 160 45.45 2.84 47.39
N PRO P 161 44.52 1.89 47.63
CA PRO P 161 43.16 2.03 47.08
C PRO P 161 42.39 3.16 47.72
N ALA P 162 41.70 3.94 46.88
CA ALA P 162 41.18 5.23 47.30
C ALA P 162 39.97 5.14 48.21
N GLU P 163 39.28 4.01 48.25
CA GLU P 163 38.16 3.84 49.16
C GLU P 163 38.60 3.58 50.60
N GLU P 164 39.90 3.50 50.87
CA GLU P 164 40.44 3.40 52.22
C GLU P 164 41.14 4.67 52.69
N MET P 165 41.17 5.72 51.88
CA MET P 165 41.98 6.89 52.17
C MET P 165 41.14 8.08 52.62
N ILE P 166 41.64 8.79 53.62
CA ILE P 166 41.07 10.06 54.06
C ILE P 166 42.21 11.07 54.05
N VAL P 167 42.06 12.13 53.26
CA VAL P 167 43.12 13.10 53.01
C VAL P 167 42.66 14.46 53.51
N VAL P 168 43.52 15.12 54.28
CA VAL P 168 43.21 16.42 54.88
C VAL P 168 44.20 17.46 54.34
N TYR P 169 43.67 18.57 53.84
CA TYR P 169 44.48 19.63 53.24
C TYR P 169 44.63 20.78 54.25
N LYS P 170 45.85 21.29 54.37
CA LYS P 170 46.14 22.27 55.42
C LYS P 170 45.51 23.63 55.13
N ASP P 171 45.25 24.37 56.22
CA ASP P 171 44.51 25.63 56.13
C ASP P 171 45.26 26.72 55.38
N ASN P 172 44.50 27.56 54.67
CA ASN P 172 44.89 28.76 53.91
C ASN P 172 45.66 28.37 52.65
N THR P 173 45.75 27.08 52.35
CA THR P 173 46.43 26.62 51.15
C THR P 173 45.48 25.89 50.22
N ARG P 174 44.78 24.86 50.75
CA ARG P 174 43.89 23.96 50.01
C ARG P 174 44.57 23.29 48.81
N ARG P 175 45.89 23.12 48.87
CA ARG P 175 46.68 22.56 47.79
C ARG P 175 47.65 21.49 48.24
N ASP P 176 48.07 21.51 49.51
CA ASP P 176 49.08 20.63 50.04
C ASP P 176 48.50 19.81 51.19
N ILE P 177 49.05 18.63 51.39
CA ILE P 177 48.46 17.61 52.25
C ILE P 177 49.10 17.72 53.64
N LEU P 178 48.26 17.74 54.67
CA LEU P 178 48.77 17.72 56.04
C LEU P 178 49.03 16.29 56.52
N PHE P 179 48.03 15.40 56.41
CA PHE P 179 48.23 14.02 56.79
C PHE P 179 47.28 13.14 55.99
N ALA P 180 47.56 11.83 56.00
CA ALA P 180 46.77 10.86 55.28
C ALA P 180 46.49 9.65 56.16
N LEU P 181 45.22 9.28 56.28
CA LEU P 181 44.82 8.12 57.06
C LEU P 181 44.35 6.99 56.15
N ARG P 182 44.78 5.77 56.46
CA ARG P 182 44.44 4.58 55.68
C ARG P 182 43.97 3.49 56.62
N TYR P 183 42.79 2.93 56.37
CA TYR P 183 42.22 1.91 57.24
C TYR P 183 41.74 0.73 56.43
N TYR P 184 41.98 -0.47 56.94
CA TYR P 184 41.64 -1.68 56.18
C TYR P 184 41.45 -2.85 57.15
N SER P 185 41.13 -4.01 56.56
CA SER P 185 40.73 -5.19 57.32
C SER P 185 41.05 -6.45 56.52
N TYR P 186 41.23 -7.56 57.24
CA TYR P 186 41.37 -8.86 56.59
C TYR P 186 40.94 -9.96 57.55
N LYS P 187 40.64 -11.13 56.98
CA LYS P 187 40.26 -12.32 57.73
C LYS P 187 41.37 -13.35 57.78
N GLY P 188 41.16 -14.35 58.61
CA GLY P 188 42.11 -15.44 58.78
C GLY P 188 41.43 -16.76 58.51
N ILE P 189 42.23 -17.84 58.52
CA ILE P 189 41.81 -19.23 58.29
C ILE P 189 40.57 -19.62 59.08
N MET P 190 40.55 -19.29 60.37
CA MET P 190 39.40 -19.60 61.22
C MET P 190 38.18 -18.78 60.85
N GLY P 191 38.38 -17.60 60.30
CA GLY P 191 37.28 -16.68 60.11
C GLY P 191 37.46 -15.48 61.01
N GLU P 192 38.71 -15.23 61.38
CA GLU P 192 39.07 -14.16 62.30
C GLU P 192 38.87 -12.80 61.64
N GLU P 193 39.19 -11.74 62.38
CA GLU P 193 38.95 -10.39 61.89
C GLU P 193 40.05 -9.48 62.40
N THR P 194 40.70 -8.75 61.50
CA THR P 194 41.76 -7.84 61.88
C THR P 194 41.49 -6.50 61.22
N GLN P 195 41.46 -5.44 62.05
CA GLN P 195 41.19 -4.08 61.61
C GLN P 195 42.39 -3.21 61.96
N LYS P 196 43.05 -2.67 60.93
CA LYS P 196 44.26 -1.90 61.12
C LYS P 196 44.12 -0.52 60.48
N ALA P 197 44.93 0.42 60.96
CA ALA P 197 44.96 1.78 60.43
C ALA P 197 46.39 2.31 60.45
N GLU P 198 46.64 3.31 59.61
CA GLU P 198 47.96 3.91 59.43
C GLU P 198 47.82 5.40 59.15
N LEU P 199 48.57 6.21 59.86
CA LEU P 199 48.58 7.65 59.65
C LEU P 199 49.94 8.09 59.11
N TYR P 200 49.93 8.98 58.13
CA TYR P 200 51.13 9.46 57.45
C TYR P 200 51.20 10.97 57.57
N THR P 201 52.31 11.48 58.10
CA THR P 201 52.63 12.89 58.22
C THR P 201 53.78 13.19 57.27
N ASP P 202 54.23 14.45 57.20
CA ASP P 202 55.37 14.78 56.37
C ASP P 202 56.71 14.26 56.90
N THR P 203 56.74 13.67 58.11
CA THR P 203 57.97 13.11 58.66
C THR P 203 57.80 11.70 59.20
N HIS P 204 56.60 11.34 59.68
CA HIS P 204 56.42 10.13 60.46
C HIS P 204 55.22 9.32 59.96
N VAL P 205 55.21 8.04 60.35
CA VAL P 205 54.07 7.16 60.12
C VAL P 205 53.74 6.44 61.43
N TYR P 206 52.45 6.49 61.80
CA TYR P 206 51.89 5.83 62.97
C TYR P 206 51.07 4.60 62.56
N TYR P 207 51.07 3.59 63.42
CA TYR P 207 50.34 2.34 63.16
C TYR P 207 49.32 2.12 64.27
N TYR P 208 48.18 1.51 63.91
CA TYR P 208 47.09 1.33 64.86
C TYR P 208 46.36 0.02 64.57
N GLU P 209 45.76 -0.53 65.62
CA GLU P 209 44.99 -1.76 65.55
C GLU P 209 43.76 -1.63 66.43
N LYS P 210 42.63 -2.16 65.97
CA LYS P 210 41.40 -2.16 66.75
C LYS P 210 41.21 -3.54 67.41
N ILE P 211 41.11 -3.56 68.74
CA ILE P 211 40.84 -4.81 69.45
C ILE P 211 39.33 -5.03 69.56
N ASP P 212 38.64 -4.14 70.28
CA ASP P 212 37.21 -4.32 70.49
C ASP P 212 36.39 -3.21 69.86
N GLY P 213 36.54 -1.97 70.30
CA GLY P 213 35.82 -0.86 69.72
C GLY P 213 36.69 0.38 69.77
N VAL P 214 37.95 0.19 70.15
CA VAL P 214 38.89 1.29 70.30
C VAL P 214 40.18 0.91 69.56
N TYR P 215 40.80 1.91 68.96
CA TYR P 215 42.05 1.76 68.24
C TYR P 215 43.20 2.01 69.22
N GLN P 216 44.21 1.16 69.20
CA GLN P 216 45.41 1.40 69.98
C GLN P 216 46.61 1.15 69.09
N MET P 217 47.77 1.58 69.58
CA MET P 217 49.03 1.42 68.88
C MET P 217 49.33 -0.05 68.56
N ASP P 218 49.66 -0.31 67.30
CA ASP P 218 50.07 -1.65 66.89
C ASP P 218 51.38 -2.02 67.55
N TYR P 219 51.47 -3.26 68.06
CA TYR P 219 52.59 -3.65 68.90
C TYR P 219 53.41 -4.81 68.34
N SER P 220 53.28 -5.10 67.05
CA SER P 220 54.29 -5.95 66.42
C SER P 220 55.58 -5.16 66.19
N TYR P 221 55.47 -3.83 66.05
CA TYR P 221 56.65 -3.02 65.76
C TYR P 221 57.53 -2.81 66.99
N GLY P 222 56.94 -2.84 68.19
CA GLY P 222 57.74 -2.84 69.41
C GLY P 222 58.46 -1.55 69.75
N GLU P 223 57.70 -0.54 70.17
CA GLU P 223 58.18 0.80 70.55
C GLU P 223 58.83 1.51 69.36
N ASN P 224 58.41 1.14 68.15
CA ASN P 224 58.72 1.86 66.93
C ASN P 224 57.45 2.26 66.20
N ASN P 225 56.42 2.61 66.97
CA ASN P 225 55.14 2.99 66.36
C ASN P 225 55.19 4.34 65.65
N PRO P 226 55.76 5.45 66.19
CA PRO P 226 55.88 6.67 65.36
C PRO P 226 57.13 6.64 64.50
N ARG P 227 57.19 5.66 63.60
CA ARG P 227 58.40 5.33 62.87
C ARG P 227 58.68 6.42 61.81
N PRO P 228 59.95 6.72 61.53
CA PRO P 228 60.25 7.65 60.44
C PRO P 228 59.90 7.06 59.09
N HIS P 229 59.93 7.93 58.07
CA HIS P 229 59.64 7.51 56.70
C HIS P 229 60.71 6.56 56.19
N MET P 230 60.30 5.69 55.28
CA MET P 230 61.21 4.72 54.67
C MET P 230 62.10 5.45 53.66
N THR P 231 63.16 6.10 54.19
CA THR P 231 64.07 6.86 53.34
C THR P 231 65.49 6.31 53.34
N LYS P 232 66.15 6.23 54.50
CA LYS P 232 67.59 5.98 54.52
C LYS P 232 67.94 4.50 54.68
N GLY P 233 67.33 3.84 55.66
CA GLY P 233 67.78 2.55 56.16
C GLY P 233 68.10 2.71 57.62
N GLY P 234 68.79 3.81 57.93
CA GLY P 234 68.63 4.48 59.19
C GLY P 234 67.49 5.47 59.09
N GLN P 235 67.38 6.33 60.09
CA GLN P 235 66.40 7.40 60.02
C GLN P 235 66.99 8.64 59.34
N ALA P 236 66.16 9.30 58.56
CA ALA P 236 66.26 10.73 58.33
C ALA P 236 65.03 11.34 58.96
N ILE P 237 64.87 12.65 58.81
CA ILE P 237 63.64 13.27 59.31
C ILE P 237 62.47 12.90 58.41
N GLY P 238 62.67 12.91 57.10
CA GLY P 238 61.65 12.45 56.19
C GLY P 238 61.83 13.07 54.82
N TRP P 239 60.83 12.83 53.96
CA TRP P 239 60.86 13.35 52.61
C TRP P 239 60.69 14.87 52.57
N GLY P 240 60.14 15.46 53.62
CA GLY P 240 59.71 16.85 53.57
C GLY P 240 58.36 17.02 52.94
N ARG P 241 57.64 15.92 52.73
CA ARG P 241 56.39 15.87 52.00
C ARG P 241 55.70 14.57 52.38
N VAL P 242 54.37 14.59 52.43
CA VAL P 242 53.58 13.40 52.73
C VAL P 242 53.72 12.41 51.59
N PRO P 243 54.17 11.17 51.85
CA PRO P 243 54.44 10.23 50.75
C PRO P 243 53.18 9.64 50.12
N ILE P 244 52.45 10.45 49.36
CA ILE P 244 51.25 10.01 48.67
C ILE P 244 51.15 10.80 47.37
N ILE P 245 50.83 10.10 46.28
CA ILE P 245 50.82 10.69 44.95
C ILE P 245 49.43 10.52 44.33
N PRO P 246 48.70 11.60 44.06
CA PRO P 246 47.35 11.47 43.49
C PRO P 246 47.28 11.51 41.98
N PHE P 247 46.43 10.65 41.44
CA PHE P 247 46.06 10.62 40.02
C PHE P 247 44.56 10.89 39.95
N LYS P 248 44.18 12.09 39.51
CA LYS P 248 42.78 12.49 39.45
C LYS P 248 42.20 12.19 38.08
N ASN P 249 40.93 11.77 38.06
CA ASN P 249 40.24 11.57 36.79
C ASN P 249 39.93 12.90 36.13
N ASN P 250 39.59 13.90 36.92
CA ASN P 250 39.33 15.27 36.46
C ASN P 250 39.49 16.17 37.66
N GLU P 251 39.18 17.46 37.49
CA GLU P 251 39.38 18.42 38.56
C GLU P 251 38.35 18.24 39.68
N GLU P 252 37.16 17.76 39.35
CA GLU P 252 36.13 17.47 40.35
C GLU P 252 36.30 16.10 40.99
N MET P 253 37.19 15.26 40.45
CA MET P 253 37.53 13.93 40.98
C MET P 253 36.32 13.00 41.02
N VAL P 254 35.45 13.10 40.03
CA VAL P 254 34.30 12.22 39.91
C VAL P 254 34.60 11.14 38.89
N SER P 255 33.92 10.01 39.04
CA SER P 255 34.05 8.89 38.11
C SER P 255 33.38 9.23 36.77
N ASP P 256 33.70 8.43 35.75
CA ASP P 256 33.10 8.61 34.44
C ASP P 256 31.63 8.21 34.43
N LEU P 257 31.26 7.22 35.27
CA LEU P 257 29.91 6.68 35.34
C LEU P 257 28.88 7.72 35.75
N LYS P 258 29.32 8.81 36.40
CA LYS P 258 28.44 9.90 36.79
C LYS P 258 27.75 10.55 35.59
N PHE P 259 28.37 10.52 34.42
CA PHE P 259 27.77 11.23 33.30
C PHE P 259 26.82 10.39 32.44
N TYR P 260 26.73 9.07 32.66
CA TYR P 260 25.80 8.27 31.86
C TYR P 260 25.12 7.13 32.64
N LYS P 261 24.95 7.25 33.95
CA LYS P 261 24.40 6.16 34.75
C LYS P 261 22.91 5.96 34.50
N ASP P 262 22.17 7.07 34.32
CA ASP P 262 20.73 7.01 34.12
C ASP P 262 20.35 6.31 32.83
N LEU P 263 21.16 6.47 31.78
CA LEU P 263 20.88 5.82 30.51
C LEU P 263 21.06 4.30 30.60
N ILE P 264 22.08 3.87 31.34
CA ILE P 264 22.31 2.44 31.59
C ILE P 264 21.14 1.86 32.40
N ASP P 265 20.66 2.62 33.38
CA ASP P 265 19.53 2.15 34.19
C ASP P 265 18.25 2.04 33.37
N ASN P 266 18.00 3.01 32.48
CA ASN P 266 16.81 2.96 31.62
C ASN P 266 16.87 1.78 30.65
N TYR P 267 18.05 1.53 30.08
CA TYR P 267 18.28 0.38 29.21
C TYR P 267 17.98 -0.94 29.92
N ASP P 268 18.54 -1.10 31.14
CA ASP P 268 18.35 -2.32 31.90
C ASP P 268 16.89 -2.56 32.28
N SER P 269 16.19 -1.50 32.70
CA SER P 269 14.81 -1.65 33.15
C SER P 269 13.87 -1.99 32.00
N ILE P 270 14.07 -1.37 30.82
CA ILE P 270 13.21 -1.66 29.67
C ILE P 270 13.41 -3.09 29.18
N THR P 271 14.68 -3.54 29.06
CA THR P 271 14.92 -4.90 28.58
C THR P 271 14.46 -5.95 29.58
N SER P 272 14.57 -5.68 30.89
CA SER P 272 14.12 -6.64 31.88
C SER P 272 12.60 -6.75 31.91
N SER P 273 11.90 -5.64 31.69
CA SER P 273 10.43 -5.69 31.62
C SER P 273 9.97 -6.51 30.41
N THR P 274 10.67 -6.36 29.27
CA THR P 274 10.34 -7.17 28.09
C THR P 274 10.57 -8.66 28.34
N MET P 275 11.66 -9.00 29.04
CA MET P 275 11.92 -10.41 29.34
C MET P 275 10.91 -11.00 30.32
N ASP P 276 10.42 -10.21 31.28
CA ASP P 276 9.38 -10.70 32.19
C ASP P 276 8.07 -10.96 31.44
N SER P 277 7.73 -10.09 30.49
CA SER P 277 6.54 -10.31 29.67
C SER P 277 6.70 -11.54 28.77
N PHE P 278 7.91 -11.82 28.28
CA PHE P 278 8.13 -13.08 27.56
C PHE P 278 8.03 -14.29 28.48
N SER P 279 8.39 -14.13 29.76
CA SER P 279 8.30 -15.26 30.68
C SER P 279 6.87 -15.59 31.07
N ASP P 280 5.98 -14.61 31.12
CA ASP P 280 4.65 -14.87 31.67
C ASP P 280 3.57 -15.20 30.64
N PHE P 281 3.72 -14.82 29.37
CA PHE P 281 2.60 -14.79 28.43
C PHE P 281 2.79 -15.82 27.33
N GLN P 282 1.86 -16.77 27.23
CA GLN P 282 1.79 -17.69 26.10
C GLN P 282 1.00 -17.05 24.98
N GLN P 283 1.53 -17.11 23.75
CA GLN P 283 1.05 -16.23 22.68
C GLN P 283 -0.05 -16.82 21.81
N ILE P 284 -0.30 -18.13 21.87
CA ILE P 284 -1.44 -18.71 21.17
C ILE P 284 -1.99 -19.86 21.99
N VAL P 285 -3.31 -20.03 21.99
CA VAL P 285 -3.97 -21.02 22.84
C VAL P 285 -5.31 -21.41 22.22
N TYR P 286 -5.72 -22.66 22.42
CA TYR P 286 -7.05 -23.12 22.08
C TYR P 286 -8.04 -22.77 23.18
N VAL P 287 -9.28 -22.46 22.79
CA VAL P 287 -10.38 -22.17 23.72
C VAL P 287 -11.52 -23.13 23.44
N LEU P 288 -11.89 -23.93 24.43
CA LEU P 288 -13.03 -24.85 24.34
C LEU P 288 -14.24 -24.23 25.04
N LYS P 289 -15.39 -24.28 24.37
CA LYS P 289 -16.64 -23.69 24.87
C LYS P 289 -17.65 -24.80 25.13
N ASN P 290 -18.07 -24.92 26.40
CA ASN P 290 -19.10 -25.85 26.89
C ASN P 290 -18.69 -27.31 26.73
N TYR P 291 -17.43 -27.62 27.04
CA TYR P 291 -16.94 -29.01 27.17
C TYR P 291 -16.10 -29.07 28.44
N ASP P 292 -16.75 -29.29 29.58
CA ASP P 292 -16.06 -29.24 30.86
C ASP P 292 -15.51 -30.58 31.31
N GLY P 293 -15.92 -31.68 30.69
CA GLY P 293 -15.37 -32.98 31.01
C GLY P 293 -14.21 -33.44 30.16
N GLU P 294 -13.73 -32.62 29.23
CA GLU P 294 -12.74 -33.04 28.26
C GLU P 294 -11.32 -33.02 28.86
N ASN P 295 -10.58 -34.09 28.61
CA ASN P 295 -9.15 -34.17 28.96
C ASN P 295 -8.33 -33.38 27.93
N PRO P 296 -7.53 -32.38 28.36
CA PRO P 296 -6.82 -31.54 27.37
C PRO P 296 -5.69 -32.24 26.63
N LYS P 297 -4.97 -33.14 27.32
CA LYS P 297 -3.87 -33.89 26.72
C LYS P 297 -4.36 -34.78 25.58
N GLU P 298 -5.43 -35.55 25.83
CA GLU P 298 -6.00 -36.40 24.80
C GLU P 298 -6.63 -35.58 23.69
N PHE P 299 -7.16 -34.39 24.02
CA PHE P 299 -7.73 -33.50 23.02
C PHE P 299 -6.69 -33.02 22.02
N THR P 300 -5.54 -32.55 22.51
CA THR P 300 -4.50 -32.06 21.60
C THR P 300 -3.85 -33.20 20.82
N ALA P 301 -3.67 -34.37 21.46
CA ALA P 301 -3.11 -35.52 20.73
C ALA P 301 -4.05 -36.00 19.62
N ASN P 302 -5.35 -36.09 19.91
CA ASN P 302 -6.32 -36.52 18.90
C ASN P 302 -6.44 -35.47 17.79
N LEU P 303 -6.33 -34.19 18.15
CA LEU P 303 -6.38 -33.11 17.16
C LEU P 303 -5.20 -33.19 16.20
N ARG P 304 -4.00 -33.46 16.71
CA ARG P 304 -2.84 -33.59 15.84
C ARG P 304 -2.91 -34.86 15.00
N TYR P 305 -3.48 -35.94 15.55
CA TYR P 305 -3.58 -37.19 14.80
C TYR P 305 -4.60 -37.09 13.67
N HIS P 306 -5.83 -36.66 13.96
CA HIS P 306 -6.93 -36.75 13.01
C HIS P 306 -7.01 -35.54 12.07
N SER P 307 -6.61 -34.35 12.57
CA SER P 307 -6.82 -33.04 11.96
C SER P 307 -8.29 -32.68 11.79
N VAL P 308 -9.17 -33.27 12.61
CA VAL P 308 -10.62 -33.05 12.57
C VAL P 308 -11.10 -32.84 14.00
N ILE P 309 -11.95 -31.82 14.21
CA ILE P 309 -12.59 -31.57 15.48
C ILE P 309 -14.10 -31.65 15.29
N LYS P 310 -14.79 -32.36 16.19
CA LYS P 310 -16.25 -32.50 16.15
C LYS P 310 -16.89 -31.73 17.29
N VAL P 311 -17.79 -30.80 16.96
CA VAL P 311 -18.57 -30.04 17.93
C VAL P 311 -20.05 -30.16 17.58
N SER P 312 -20.92 -30.00 18.58
CA SER P 312 -22.36 -30.00 18.35
C SER P 312 -23.05 -29.17 19.41
N GLY P 313 -24.21 -28.62 19.05
CA GLY P 313 -25.06 -27.95 20.03
C GLY P 313 -24.56 -26.56 20.35
N ASP P 314 -24.37 -26.28 21.64
CA ASP P 314 -23.78 -25.03 22.09
C ASP P 314 -22.27 -25.11 22.26
N GLY P 315 -21.66 -26.24 21.95
CA GLY P 315 -20.23 -26.38 22.10
C GLY P 315 -19.47 -25.72 20.96
N GLY P 316 -18.27 -25.26 21.26
CA GLY P 316 -17.47 -24.60 20.24
C GLY P 316 -15.99 -24.67 20.53
N VAL P 317 -15.21 -24.22 19.56
CA VAL P 317 -13.76 -24.15 19.70
C VAL P 317 -13.26 -22.92 18.96
N ASP P 318 -12.31 -22.22 19.56
CA ASP P 318 -11.76 -21.00 19.00
C ASP P 318 -10.28 -20.93 19.34
N THR P 319 -9.60 -19.89 18.87
CA THR P 319 -8.24 -19.62 19.29
C THR P 319 -8.15 -18.23 19.90
N LEU P 320 -7.18 -18.06 20.78
CA LEU P 320 -6.80 -16.76 21.33
C LEU P 320 -5.34 -16.56 20.98
N ARG P 321 -5.06 -15.51 20.20
CA ARG P 321 -3.75 -15.28 19.58
C ARG P 321 -3.39 -13.80 19.74
N ALA P 322 -2.64 -13.49 20.80
CA ALA P 322 -2.23 -12.13 21.09
C ALA P 322 -0.70 -12.06 21.13
N GLU P 323 -0.13 -11.26 20.25
CA GLU P 323 1.32 -11.15 20.11
C GLU P 323 1.89 -10.14 21.10
N ILE P 324 3.08 -10.43 21.63
CA ILE P 324 3.75 -9.56 22.60
C ILE P 324 4.27 -8.31 21.89
N PRO P 325 3.93 -7.11 22.36
CA PRO P 325 4.37 -5.88 21.67
C PRO P 325 5.79 -5.49 22.06
N VAL P 326 6.63 -5.22 21.05
CA VAL P 326 8.05 -4.94 21.27
C VAL P 326 8.53 -3.70 20.51
N ASP P 327 7.67 -3.01 19.77
CA ASP P 327 8.12 -1.96 18.86
C ASP P 327 8.48 -0.66 19.57
N SER P 328 7.70 -0.28 20.58
CA SER P 328 7.97 0.94 21.35
C SER P 328 9.28 0.84 22.11
N ALA P 329 9.56 -0.34 22.68
CA ALA P 329 10.81 -0.56 23.40
C ALA P 329 12.01 -0.51 22.46
N ALA P 330 11.88 -1.04 21.25
CA ALA P 330 12.96 -0.99 20.27
C ALA P 330 13.26 0.44 19.83
N LYS P 331 12.20 1.23 19.58
CA LYS P 331 12.38 2.63 19.24
C LYS P 331 13.01 3.43 20.37
N GLU P 332 12.73 3.07 21.63
CA GLU P 332 13.36 3.79 22.75
C GLU P 332 14.82 3.38 22.91
N LEU P 333 15.13 2.08 22.80
CA LEU P 333 16.48 1.60 23.04
C LEU P 333 17.45 2.05 21.96
N GLU P 334 16.97 2.26 20.73
CA GLU P 334 17.83 2.78 19.67
C GLU P 334 18.34 4.20 19.98
N ARG P 335 17.43 5.07 20.42
CA ARG P 335 17.79 6.44 20.79
C ARG P 335 18.65 6.46 22.06
N ILE P 336 18.38 5.55 23.01
CA ILE P 336 19.19 5.50 24.23
C ILE P 336 20.63 5.06 23.92
N GLN P 337 20.80 4.11 22.99
CA GLN P 337 22.15 3.69 22.61
C GLN P 337 22.91 4.79 21.87
N ASP P 338 22.22 5.52 20.99
CA ASP P 338 22.83 6.66 20.32
C ASP P 338 23.25 7.76 21.30
N GLU P 339 22.43 8.01 22.34
CA GLU P 339 22.81 9.00 23.33
C GLU P 339 23.91 8.49 24.24
N LEU P 340 23.95 7.18 24.48
CA LEU P 340 24.93 6.58 25.37
C LEU P 340 26.34 6.65 24.78
N TYR P 341 26.46 6.49 23.46
CA TYR P 341 27.77 6.65 22.83
C TYR P 341 28.25 8.09 22.87
N LYS P 342 27.34 9.06 22.83
CA LYS P 342 27.74 10.48 22.88
C LYS P 342 28.09 10.93 24.30
N SER P 343 27.36 10.42 25.30
CA SER P 343 27.56 10.89 26.68
C SER P 343 28.86 10.35 27.28
N ALA P 344 29.32 9.18 26.82
CA ALA P 344 30.54 8.59 27.32
C ALA P 344 31.79 9.05 26.58
N GLN P 345 31.62 9.71 25.44
CA GLN P 345 32.69 10.07 24.50
C GLN P 345 33.50 8.84 24.09
N ALA P 346 32.78 7.86 23.54
CA ALA P 346 33.33 6.58 23.10
C ALA P 346 33.24 6.45 21.59
N VAL P 347 33.76 5.34 21.08
CA VAL P 347 33.83 5.05 19.64
C VAL P 347 32.99 3.82 19.37
N ASP P 348 32.12 3.92 18.36
CA ASP P 348 31.34 2.78 17.87
C ASP P 348 32.01 2.23 16.61
N ASN P 349 32.51 0.99 16.69
CA ASN P 349 33.26 0.38 15.60
C ASN P 349 32.34 -0.43 14.69
N SER P 350 31.26 0.20 14.26
CA SER P 350 30.27 -0.46 13.43
C SER P 350 30.76 -0.56 11.99
N PRO P 351 30.41 -1.64 11.27
CA PRO P 351 30.88 -1.79 9.87
C PRO P 351 30.38 -0.72 8.91
N GLU P 352 29.29 -0.04 9.26
CA GLU P 352 28.69 1.00 8.40
C GLU P 352 29.67 2.15 8.15
N THR P 353 30.24 2.69 9.22
CA THR P 353 31.10 3.87 9.14
C THR P 353 32.37 3.57 8.35
N ILE P 354 32.91 2.36 8.51
CA ILE P 354 34.12 1.99 7.79
C ILE P 354 33.78 1.68 6.34
N GLY P 355 32.59 1.13 6.12
CA GLY P 355 32.16 0.82 4.77
C GLY P 355 31.99 2.05 3.92
N GLY P 356 31.50 3.13 4.52
CA GLY P 356 31.57 4.41 3.85
C GLY P 356 33.00 4.96 3.79
N GLY P 357 33.70 4.96 4.91
CA GLY P 357 34.91 5.74 5.08
C GLY P 357 36.16 4.89 5.27
N ALA P 358 37.15 5.14 4.44
CA ALA P 358 38.47 4.53 4.57
C ALA P 358 39.61 5.54 4.64
N THR P 359 39.42 6.76 4.20
CA THR P 359 40.48 7.76 4.15
C THR P 359 40.83 8.26 5.55
N GLY P 360 41.91 9.06 5.59
CA GLY P 360 42.37 9.73 6.79
C GLY P 360 41.37 10.59 7.54
N PRO P 361 40.74 11.57 6.86
CA PRO P 361 39.73 12.40 7.54
C PRO P 361 38.53 11.63 8.11
N ALA P 362 38.07 10.56 7.44
CA ALA P 362 36.97 9.78 7.97
C ALA P 362 37.36 9.02 9.24
N LEU P 363 38.60 8.50 9.26
CA LEU P 363 39.10 7.81 10.45
C LEU P 363 39.31 8.78 11.60
N GLU P 364 39.75 10.00 11.31
CA GLU P 364 39.86 11.00 12.36
C GLU P 364 38.50 11.50 12.83
N ASN P 365 37.50 11.50 11.95
CA ASN P 365 36.15 11.88 12.34
C ASN P 365 35.51 10.83 13.22
N LEU P 366 35.87 9.56 13.02
CA LEU P 366 35.33 8.47 13.84
C LEU P 366 35.82 8.53 15.28
N TYR P 367 37.02 9.06 15.53
CA TYR P 367 37.68 8.96 16.82
C TYR P 367 37.72 10.26 17.59
N ALA P 368 36.85 11.22 17.25
CA ALA P 368 37.02 12.60 17.73
C ALA P 368 36.71 12.75 19.22
N LEU P 369 35.65 12.11 19.71
CA LEU P 369 35.26 12.28 21.10
C LEU P 369 36.21 11.53 22.04
N LEU P 370 36.72 10.38 21.62
CA LEU P 370 37.74 9.70 22.40
C LEU P 370 39.04 10.48 22.47
N ASP P 371 39.39 11.19 21.38
CA ASP P 371 40.52 12.10 21.40
C ASP P 371 40.30 13.23 22.39
N LEU P 372 39.06 13.75 22.43
CA LEU P 372 38.70 14.80 23.37
C LEU P 372 38.87 14.35 24.82
N LYS P 373 38.46 13.12 25.13
CA LYS P 373 38.60 12.60 26.49
C LYS P 373 40.06 12.28 26.84
N ALA P 374 40.80 11.67 25.90
CA ALA P 374 42.17 11.25 26.16
C ALA P 374 43.12 12.43 26.31
N ASN P 375 42.88 13.52 25.57
CA ASN P 375 43.72 14.71 25.69
C ASN P 375 43.60 15.34 27.07
N MET P 376 42.40 15.32 27.64
CA MET P 376 42.22 15.86 28.99
C MET P 376 42.77 14.93 30.05
N ALA P 377 42.72 13.61 29.83
CA ALA P 377 43.24 12.68 30.83
C ALA P 377 44.78 12.65 30.87
N GLU P 378 45.43 12.92 29.72
CA GLU P 378 46.90 12.86 29.68
C GLU P 378 47.54 13.92 30.56
N ARG P 379 46.91 15.09 30.70
CA ARG P 379 47.44 16.14 31.58
C ARG P 379 47.48 15.71 33.04
N LYS P 380 46.43 15.00 33.49
CA LYS P 380 46.39 14.53 34.87
C LYS P 380 47.38 13.40 35.13
N ILE P 381 47.55 12.52 34.13
CA ILE P 381 48.53 11.44 34.28
C ILE P 381 49.96 12.02 34.33
N ARG P 382 50.23 13.05 33.51
CA ARG P 382 51.53 13.72 33.53
C ARG P 382 51.78 14.43 34.85
N ALA P 383 50.72 15.03 35.43
CA ALA P 383 50.85 15.68 36.72
C ALA P 383 51.17 14.69 37.84
N GLY P 384 50.64 13.48 37.75
CA GLY P 384 51.03 12.45 38.72
C GLY P 384 52.47 11.97 38.53
N LEU P 385 52.88 11.77 37.27
CA LEU P 385 54.19 11.21 37.00
C LEU P 385 55.33 12.18 37.32
N ARG P 386 55.08 13.49 37.19
CA ARG P 386 56.11 14.47 37.55
C ARG P 386 56.44 14.42 39.04
N LEU P 387 55.43 14.24 39.88
CA LEU P 387 55.65 14.11 41.31
C LEU P 387 56.34 12.79 41.66
N PHE P 388 55.97 11.72 40.96
CA PHE P 388 56.65 10.43 41.14
C PHE P 388 58.15 10.53 40.85
N PHE P 389 58.53 11.24 39.79
CA PHE P 389 59.94 11.37 39.48
C PHE P 389 60.66 12.39 40.36
N TRP P 390 59.95 13.36 40.93
CA TRP P 390 60.55 14.19 41.98
C TRP P 390 60.94 13.34 43.19
N PHE P 391 60.05 12.43 43.62
CA PHE P 391 60.36 11.52 44.72
C PHE P 391 61.56 10.62 44.39
N PHE P 392 61.62 10.12 43.15
CA PHE P 392 62.73 9.27 42.73
C PHE P 392 64.05 10.03 42.74
N ALA P 393 64.03 11.30 42.35
CA ALA P 393 65.26 12.09 42.40
C ALA P 393 65.70 12.38 43.82
N GLU P 394 64.75 12.56 44.74
CA GLU P 394 65.12 12.70 46.15
C GLU P 394 65.79 11.45 46.70
N TYR P 395 65.31 10.28 46.29
CA TYR P 395 65.97 9.03 46.67
C TYR P 395 67.37 8.93 46.06
N LEU P 396 67.53 9.32 44.79
CA LEU P 396 68.85 9.25 44.15
C LEU P 396 69.82 10.27 44.74
N ARG P 397 69.32 11.34 45.33
CA ARG P 397 70.18 12.28 46.02
C ARG P 397 70.62 11.78 47.39
N ASN P 398 69.69 11.22 48.16
CA ASN P 398 70.03 10.79 49.52
C ASN P 398 70.84 9.50 49.58
N THR P 399 71.16 8.88 48.45
CA THR P 399 72.07 7.75 48.41
C THR P 399 73.38 8.09 47.71
N GLY P 400 73.61 9.37 47.42
CA GLY P 400 74.86 9.84 46.85
C GLY P 400 75.00 9.67 45.35
N LYS P 401 74.03 9.07 44.67
CA LYS P 401 74.19 8.68 43.27
C LYS P 401 74.03 9.82 42.27
N GLY P 402 73.82 11.05 42.72
CA GLY P 402 73.76 12.17 41.81
C GLY P 402 72.70 13.18 42.22
N ASP P 403 72.84 14.39 41.69
CA ASP P 403 71.90 15.48 41.93
C ASP P 403 71.24 15.83 40.60
N PHE P 404 69.99 15.40 40.42
CA PHE P 404 69.26 15.58 39.18
C PHE P 404 68.00 16.39 39.42
N ASN P 405 67.50 17.00 38.35
CA ASN P 405 66.23 17.72 38.37
C ASN P 405 65.38 17.20 37.21
N PRO P 406 64.51 16.21 37.47
CA PRO P 406 63.66 15.67 36.39
C PRO P 406 62.58 16.62 35.91
N ASP P 407 62.33 17.71 36.63
CA ASP P 407 61.34 18.70 36.20
C ASP P 407 61.75 19.38 34.90
N LYS P 408 63.05 19.55 34.67
CA LYS P 408 63.54 20.20 33.47
C LYS P 408 64.38 19.33 32.56
N GLU P 409 64.85 18.18 33.03
CA GLU P 409 65.74 17.33 32.25
C GLU P 409 65.07 16.13 31.60
N LEU P 410 63.94 15.66 32.13
CA LEU P 410 63.29 14.47 31.63
C LEU P 410 62.10 14.83 30.74
N THR P 411 61.90 14.06 29.67
CA THR P 411 60.78 14.26 28.76
C THR P 411 60.05 12.94 28.57
N MET P 412 58.74 12.95 28.85
CA MET P 412 57.90 11.78 28.69
C MET P 412 57.13 11.90 27.38
N THR P 413 56.85 10.76 26.75
CA THR P 413 55.99 10.78 25.57
C THR P 413 55.10 9.55 25.49
N PHE P 414 53.86 9.81 25.08
CA PHE P 414 52.73 8.90 25.06
C PHE P 414 52.40 8.55 23.62
N THR P 415 52.06 7.30 23.37
CA THR P 415 51.72 6.83 22.03
C THR P 415 50.27 6.38 22.00
N ARG P 416 49.45 7.06 21.20
CA ARG P 416 48.07 6.64 21.02
C ARG P 416 48.01 5.35 20.20
N THR P 417 46.99 4.55 20.47
CA THR P 417 46.73 3.32 19.74
C THR P 417 45.49 3.55 18.89
N ARG P 418 45.68 3.87 17.62
CA ARG P 418 44.57 4.19 16.74
C ARG P 418 44.80 3.57 15.37
N ILE P 419 43.80 3.71 14.53
CA ILE P 419 43.79 3.12 13.20
C ILE P 419 44.11 4.20 12.18
N GLN P 420 45.04 3.89 11.26
CA GLN P 420 45.40 4.82 10.20
C GLN P 420 45.52 4.07 8.89
N ASN P 421 45.55 4.83 7.80
CA ASN P 421 45.77 4.30 6.47
C ASN P 421 47.26 4.41 6.16
N ASP P 422 47.98 3.29 6.25
CA ASP P 422 49.44 3.30 6.14
C ASP P 422 49.93 3.59 4.73
N SER P 423 49.21 3.12 3.71
CA SER P 423 49.62 3.32 2.33
C SER P 423 49.56 4.80 1.93
N GLU P 424 48.51 5.49 2.39
CA GLU P 424 48.37 6.92 2.16
C GLU P 424 49.50 7.71 2.83
N ILE P 425 49.90 7.28 4.03
CA ILE P 425 50.95 7.96 4.77
C ILE P 425 52.31 7.76 4.09
N VAL P 426 52.58 6.52 3.63
CA VAL P 426 53.85 6.23 2.95
C VAL P 426 53.94 6.99 1.63
N GLN P 427 52.83 7.05 0.89
CA GLN P 427 52.80 7.79 -0.37
C GLN P 427 53.03 9.28 -0.17
N SER P 428 52.39 9.88 0.84
CA SER P 428 52.58 11.31 1.05
C SER P 428 53.96 11.63 1.63
N LEU P 429 54.55 10.71 2.40
CA LEU P 429 55.91 10.92 2.92
C LEU P 429 56.94 10.88 1.79
N VAL P 430 56.80 9.92 0.88
CA VAL P 430 57.71 9.81 -0.25
C VAL P 430 57.57 11.02 -1.17
N GLN P 431 56.34 11.48 -1.37
CA GLN P 431 56.09 12.67 -2.18
C GLN P 431 56.68 13.94 -1.54
N GLY P 432 56.59 14.07 -0.22
CA GLY P 432 57.18 15.22 0.44
C GLY P 432 58.69 15.21 0.48
N VAL P 433 59.30 14.03 0.57
CA VAL P 433 60.76 13.95 0.52
C VAL P 433 61.26 14.26 -0.88
N THR P 434 60.58 13.73 -1.92
CA THR P 434 60.97 14.01 -3.29
C THR P 434 60.75 15.46 -3.68
N GLY P 435 59.73 16.11 -3.12
CA GLY P 435 59.49 17.51 -3.37
C GLY P 435 60.47 18.46 -2.69
N GLY P 436 61.25 17.97 -1.73
CA GLY P 436 62.23 18.80 -1.07
C GLY P 436 61.74 19.59 0.12
N ILE P 437 60.51 19.36 0.57
CA ILE P 437 59.94 20.10 1.68
C ILE P 437 60.02 19.30 2.99
N MET P 438 60.90 18.30 3.05
CA MET P 438 60.96 17.42 4.20
C MET P 438 62.33 16.74 4.22
N SER P 439 62.87 16.58 5.42
CA SER P 439 64.11 15.85 5.62
C SER P 439 63.85 14.34 5.59
N LYS P 440 64.87 13.58 5.22
CA LYS P 440 64.76 12.13 5.19
C LYS P 440 64.69 11.54 6.58
N GLU P 441 65.36 12.15 7.56
CA GLU P 441 65.35 11.66 8.94
C GLU P 441 63.97 11.78 9.58
N THR P 442 63.30 12.91 9.34
CA THR P 442 61.95 13.10 9.84
C THR P 442 60.97 12.12 9.21
N ALA P 443 61.17 11.80 7.93
CA ALA P 443 60.28 10.86 7.26
C ALA P 443 60.54 9.43 7.70
N VAL P 444 61.78 9.10 8.09
CA VAL P 444 62.03 7.80 8.71
C VAL P 444 61.36 7.73 10.07
N ALA P 445 61.33 8.84 10.81
CA ALA P 445 60.68 8.84 12.11
C ALA P 445 59.14 8.80 12.05
N ARG P 446 58.52 9.00 10.89
CA ARG P 446 57.07 8.92 10.76
C ARG P 446 56.59 7.68 10.01
N ASN P 447 57.49 6.82 9.58
CA ASN P 447 57.14 5.62 8.82
C ASN P 447 56.41 4.62 9.70
N PRO P 448 55.18 4.20 9.34
CA PRO P 448 54.45 3.25 10.19
C PRO P 448 55.02 1.84 10.19
N PHE P 449 55.97 1.52 9.32
CA PHE P 449 56.63 0.22 9.35
C PHE P 449 57.95 0.24 10.11
N VAL P 450 58.41 1.40 10.55
CA VAL P 450 59.67 1.55 11.28
C VAL P 450 59.35 1.74 12.75
N GLN P 451 59.97 0.93 13.62
CA GLN P 451 59.75 1.02 15.06
C GLN P 451 60.90 1.69 15.81
N ASP P 452 62.14 1.53 15.36
CA ASP P 452 63.28 2.18 16.01
C ASP P 452 64.01 3.06 15.01
N PRO P 453 63.93 4.39 15.14
CA PRO P 453 64.39 5.25 14.03
C PRO P 453 65.91 5.36 13.87
N GLU P 454 66.68 5.42 14.97
CA GLU P 454 68.10 5.70 14.78
C GLU P 454 68.88 4.45 14.34
N GLU P 455 68.46 3.26 14.76
CA GLU P 455 69.02 2.03 14.20
C GLU P 455 68.63 1.87 12.74
N GLU P 456 67.44 2.34 12.36
CA GLU P 456 67.04 2.33 10.96
C GLU P 456 67.88 3.28 10.13
N LEU P 457 68.21 4.46 10.66
CA LEU P 457 69.10 5.38 9.96
C LEU P 457 70.51 4.83 9.83
N ALA P 458 71.00 4.17 10.88
CA ALA P 458 72.30 3.51 10.82
C ALA P 458 72.31 2.39 9.80
N ARG P 459 71.19 1.68 9.67
CA ARG P 459 71.07 0.60 8.71
C ARG P 459 71.05 1.12 7.27
N ILE P 460 70.35 2.22 7.02
CA ILE P 460 70.35 2.82 5.68
C ILE P 460 71.75 3.35 5.34
N GLU P 461 72.44 3.92 6.34
CA GLU P 461 73.84 4.34 6.16
C GLU P 461 74.75 3.15 5.83
N GLU P 462 74.52 2.02 6.48
CA GLU P 462 75.32 0.82 6.21
C GLU P 462 75.06 0.27 4.81
N GLU P 463 73.79 0.23 4.38
CA GLU P 463 73.50 -0.29 3.04
C GLU P 463 73.86 0.70 1.95
N MET P 464 74.04 1.99 2.27
CA MET P 464 74.51 2.94 1.28
C MET P 464 75.96 2.68 0.89
N ASN P 465 76.76 2.17 1.82
CA ASN P 465 78.20 2.03 1.57
C ASN P 465 78.51 0.89 0.62
N GLN P 466 77.68 -0.15 0.59
CA GLN P 466 77.97 -1.31 -0.25
C GLN P 466 77.62 -1.09 -1.72
N TYR P 467 76.73 -0.16 -2.02
CA TYR P 467 76.27 0.01 -3.39
C TYR P 467 77.24 0.84 -4.24
N ALA P 468 78.04 1.71 -3.61
CA ALA P 468 78.97 2.54 -4.37
C ALA P 468 80.12 1.72 -4.96
N GLU P 469 80.47 0.62 -4.30
CA GLU P 469 81.45 -0.32 -4.83
C GLU P 469 80.87 -1.18 -5.95
N MET P 470 79.56 -1.18 -6.12
CA MET P 470 78.92 -1.93 -7.20
C MET P 470 78.03 -1.02 -8.04
N LYS Q 24 24.75 47.01 37.78
CA LYS Q 24 25.96 46.82 38.57
C LYS Q 24 26.14 47.92 39.62
N GLU Q 25 27.36 48.03 40.16
CA GLU Q 25 27.69 48.98 41.21
C GLU Q 25 28.80 49.88 40.70
N ILE Q 26 28.56 51.18 40.69
CA ILE Q 26 29.55 52.14 40.21
C ILE Q 26 29.78 53.17 41.31
N ALA Q 27 31.05 53.32 41.72
CA ALA Q 27 31.49 54.11 42.87
C ALA Q 27 30.74 53.75 44.14
N GLU Q 28 38.60 55.18 53.39
CA GLU Q 28 37.17 54.99 53.63
C GLU Q 28 36.77 53.50 53.90
N PRO Q 29 37.24 52.88 55.05
CA PRO Q 29 36.83 51.50 55.33
C PRO Q 29 35.59 51.34 56.23
N ASP Q 30 34.62 50.56 55.77
CA ASP Q 30 33.43 50.27 56.56
C ASP Q 30 33.21 48.77 56.59
N THR Q 31 33.23 48.19 57.80
CA THR Q 31 32.89 46.78 57.95
C THR Q 31 31.38 46.53 57.98
N THR Q 32 30.58 47.59 57.98
CA THR Q 32 29.14 47.42 57.81
C THR Q 32 28.77 47.41 56.33
N MET Q 33 29.45 48.23 55.52
CA MET Q 33 29.22 48.19 54.07
C MET Q 33 29.74 46.90 53.44
N ILE Q 34 30.75 46.28 54.04
CA ILE Q 34 31.22 44.98 53.57
C ILE Q 34 30.13 43.93 53.78
N GLN Q 35 29.49 43.93 54.95
CA GLN Q 35 28.38 43.02 55.23
C GLN Q 35 27.19 43.31 54.32
N LYS Q 36 26.93 44.60 54.06
CA LYS Q 36 25.83 44.99 53.17
C LYS Q 36 26.06 44.51 51.74
N LEU Q 37 27.30 44.67 51.23
CA LEU Q 37 27.61 44.23 49.88
C LEU Q 37 27.61 42.71 49.77
N ILE Q 38 28.07 42.02 50.81
CA ILE Q 38 28.14 40.55 50.77
C ILE Q 38 26.73 39.96 50.81
N ASP Q 39 25.83 40.52 51.63
CA ASP Q 39 24.49 39.95 51.70
C ASP Q 39 23.61 40.29 50.50
N GLU Q 40 23.88 41.37 49.79
CA GLU Q 40 23.13 41.70 48.59
C GLU Q 40 23.71 41.10 47.32
N HIS Q 41 24.65 40.16 47.44
CA HIS Q 41 25.25 39.50 46.29
C HIS Q 41 24.48 38.22 45.97
N ASN Q 42 24.22 37.99 44.69
CA ASN Q 42 23.52 36.80 44.22
C ASN Q 42 24.45 35.96 43.34
N PRO Q 43 25.04 34.89 43.87
CA PRO Q 43 25.88 34.02 43.04
C PRO Q 43 25.11 33.04 42.19
N GLU Q 44 23.78 33.04 42.22
CA GLU Q 44 22.94 32.04 41.57
C GLU Q 44 22.95 32.01 40.05
N PRO Q 45 22.96 33.14 39.31
CA PRO Q 45 23.13 33.02 37.85
C PRO Q 45 24.50 32.52 37.41
N LEU Q 46 25.52 32.60 38.26
CA LEU Q 46 26.84 32.13 37.88
C LEU Q 46 27.04 30.64 38.13
N LEU Q 47 26.19 30.02 38.96
CA LEU Q 47 26.36 28.61 39.31
C LEU Q 47 25.46 27.67 38.52
N LYS Q 48 24.55 28.19 37.69
CA LYS Q 48 23.69 27.34 36.88
C LYS Q 48 24.49 26.56 35.85
N GLY Q 49 25.46 27.21 35.19
CA GLY Q 49 26.28 26.54 34.21
C GLY Q 49 27.20 25.50 34.81
N VAL Q 50 27.65 25.73 36.04
CA VAL Q 50 28.44 24.73 36.76
C VAL Q 50 27.57 23.53 37.12
N ARG Q 51 26.31 23.77 37.52
CA ARG Q 51 25.40 22.67 37.84
C ARG Q 51 25.05 21.86 36.60
N TYR Q 52 24.83 22.51 35.47
CA TYR Q 52 24.54 21.80 34.24
C TYR Q 52 25.76 21.11 33.65
N TYR Q 53 26.97 21.57 33.99
CA TYR Q 53 28.17 20.86 33.58
C TYR Q 53 28.31 19.51 34.28
N MET Q 54 27.86 19.41 35.54
CA MET Q 54 27.92 18.17 36.29
C MET Q 54 26.63 17.35 36.19
N CYS Q 55 25.86 17.54 35.12
CA CYS Q 55 24.61 16.84 34.78
C CYS Q 55 23.61 16.81 35.94
N GLU Q 56 23.39 17.97 36.55
CA GLU Q 56 22.35 18.18 37.56
C GLU Q 56 21.47 19.31 37.06
N ASN Q 57 20.49 18.97 36.22
CA ASN Q 57 19.66 19.96 35.58
C ASN Q 57 18.41 20.23 36.42
N ASP Q 58 17.53 21.09 35.92
CA ASP Q 58 16.34 21.50 36.65
C ASP Q 58 15.33 20.37 36.79
N ILE Q 59 15.41 19.34 35.94
CA ILE Q 59 14.56 18.15 35.99
C ILE Q 59 14.64 17.42 37.33
N GLU Q 60 15.72 17.60 38.08
CA GLU Q 60 15.84 16.98 39.40
C GLU Q 60 14.92 17.59 40.45
N LYS Q 61 14.22 18.69 40.14
CA LYS Q 61 13.25 19.26 41.07
C LYS Q 61 11.82 18.79 40.79
N LYS Q 62 11.66 17.74 40.00
CA LYS Q 62 10.34 17.24 39.62
C LYS Q 62 9.75 16.35 40.69
N ARG Q 63 8.47 16.57 41.01
CA ARG Q 63 7.73 15.78 41.97
C ARG Q 63 6.44 15.28 41.34
N ARG Q 64 5.88 14.23 41.94
CA ARG Q 64 4.60 13.68 41.52
C ARG Q 64 3.58 13.87 42.63
N THR Q 65 2.56 14.70 42.37
CA THR Q 65 1.54 15.08 43.33
C THR Q 65 0.17 14.56 42.91
N TYR Q 66 -0.66 14.18 43.88
CA TYR Q 66 -2.05 13.82 43.62
C TYR Q 66 -2.98 14.51 44.61
N TYR Q 67 -4.29 14.53 44.30
CA TYR Q 67 -5.29 15.21 45.11
C TYR Q 67 -6.17 14.21 45.83
N ASP Q 68 -6.29 14.37 47.14
CA ASP Q 68 -7.18 13.56 47.96
C ASP Q 68 -8.62 14.04 47.84
N ALA Q 69 -9.53 13.25 48.39
CA ALA Q 69 -10.93 13.68 48.52
C ALA Q 69 -11.04 14.93 49.39
N ALA Q 70 -11.82 15.90 48.90
CA ALA Q 70 -11.92 17.27 49.42
C ALA Q 70 -10.56 17.98 49.43
N GLY Q 71 -9.88 17.92 48.29
CA GLY Q 71 -8.92 18.93 47.88
C GLY Q 71 -7.53 18.80 48.46
N GLN Q 72 -7.24 17.76 49.22
CA GLN Q 72 -5.94 17.69 49.86
C GLN Q 72 -4.88 17.20 48.87
N GLN Q 73 -3.76 17.92 48.84
CA GLN Q 73 -2.67 17.62 47.91
C GLN Q 73 -1.59 16.82 48.63
N LEU Q 74 -1.31 15.63 48.12
CA LEU Q 74 -0.43 14.67 48.76
C LEU Q 74 0.70 14.32 47.79
N VAL Q 75 1.92 14.28 48.30
CA VAL Q 75 3.08 13.84 47.56
C VAL Q 75 3.58 12.55 48.19
N ASP Q 76 3.65 11.49 47.40
CA ASP Q 76 4.20 10.22 47.86
C ASP Q 76 5.66 10.16 47.44
N ASP Q 77 6.52 9.78 48.39
CA ASP Q 77 7.95 9.66 48.16
C ASP Q 77 8.37 8.22 47.88
N THR Q 78 7.42 7.29 47.85
CA THR Q 78 7.67 5.91 47.49
C THR Q 78 7.37 5.65 46.00
N LYS Q 79 6.62 6.52 45.36
CA LYS Q 79 6.29 6.33 43.95
C LYS Q 79 7.49 6.59 43.05
N THR Q 80 7.57 5.84 41.96
CA THR Q 80 8.66 5.98 40.99
C THR Q 80 8.60 7.34 40.30
N ASN Q 81 9.74 8.02 40.26
CA ASN Q 81 9.85 9.40 39.82
C ASN Q 81 11.12 9.51 38.97
N ASN Q 82 10.96 9.35 37.66
CA ASN Q 82 12.10 9.31 36.74
C ASN Q 82 12.55 10.73 36.40
N ARG Q 83 13.83 11.02 36.65
CA ARG Q 83 14.42 12.33 36.37
C ARG Q 83 15.76 12.11 35.70
N THR Q 84 15.79 12.13 34.37
CA THR Q 84 17.00 11.87 33.61
C THR Q 84 17.59 13.19 33.10
N SER Q 85 18.78 13.53 33.57
CA SER Q 85 19.52 14.68 33.07
C SER Q 85 20.44 14.26 31.94
N HIS Q 86 20.54 15.10 30.92
CA HIS Q 86 21.40 14.84 29.77
C HIS Q 86 22.61 15.77 29.79
N ALA Q 87 23.70 15.32 29.19
CA ALA Q 87 25.03 15.93 29.33
C ALA Q 87 25.44 16.73 28.11
N TRP Q 88 24.52 17.50 27.51
CA TRP Q 88 24.84 18.27 26.31
C TRP Q 88 25.84 19.39 26.60
N HIS Q 89 25.67 20.07 27.73
CA HIS Q 89 26.45 21.27 28.04
C HIS Q 89 27.92 20.93 28.29
N LYS Q 90 28.18 19.81 28.96
CA LYS Q 90 29.55 19.37 29.21
C LYS Q 90 30.27 19.03 27.91
N LEU Q 91 29.57 18.38 26.98
CA LEU Q 91 30.14 18.05 25.67
C LEU Q 91 30.47 19.31 24.88
N PHE Q 92 29.57 20.30 24.90
CA PHE Q 92 29.81 21.54 24.16
C PHE Q 92 31.00 22.32 24.75
N VAL Q 93 31.09 22.39 26.08
CA VAL Q 93 32.17 23.14 26.73
C VAL Q 93 33.51 22.44 26.50
N ASP Q 94 33.54 21.10 26.58
CA ASP Q 94 34.78 20.36 26.36
C ASP Q 94 35.27 20.47 24.93
N GLN Q 95 34.34 20.43 23.96
CA GLN Q 95 34.68 20.61 22.56
C GLN Q 95 35.27 21.98 22.29
N LYS Q 96 34.65 23.03 22.83
CA LYS Q 96 35.14 24.39 22.65
C LYS Q 96 36.51 24.60 23.31
N THR Q 97 36.71 24.05 24.51
CA THR Q 97 37.95 24.23 25.23
C THR Q 97 39.12 23.52 24.55
N GLN Q 98 38.91 22.28 24.08
CA GLN Q 98 40.00 21.59 23.40
C GLN Q 98 40.24 22.16 22.01
N TYR Q 99 39.23 22.74 21.37
CA TYR Q 99 39.45 23.43 20.10
C TYR Q 99 40.30 24.69 20.29
N LEU Q 100 40.10 25.41 21.39
CA LEU Q 100 40.83 26.66 21.56
C LEU Q 100 42.22 26.48 22.16
N VAL Q 101 42.33 25.82 23.31
CA VAL Q 101 43.62 25.75 24.00
C VAL Q 101 44.05 24.32 24.28
N GLY Q 102 43.61 23.38 23.45
CA GLY Q 102 44.08 22.01 23.56
C GLY Q 102 45.55 21.87 23.21
N GLU Q 103 46.03 22.67 22.27
CA GLU Q 103 47.43 22.91 21.98
C GLU Q 103 47.92 24.14 22.73
N PRO Q 104 49.14 24.12 23.25
CA PRO Q 104 49.65 25.27 24.01
C PRO Q 104 49.89 26.49 23.14
N VAL Q 105 49.73 27.66 23.76
CA VAL Q 105 50.03 28.93 23.12
C VAL Q 105 51.54 29.08 23.03
N THR Q 106 52.04 29.57 21.89
CA THR Q 106 53.47 29.75 21.75
C THR Q 106 53.84 31.23 21.59
N PHE Q 107 55.06 31.57 21.97
CA PHE Q 107 55.50 32.96 22.10
C PHE Q 107 56.74 33.21 21.24
N THR Q 108 56.77 34.39 20.62
CA THR Q 108 57.94 34.86 19.88
C THR Q 108 58.24 36.30 20.25
N SER Q 109 59.51 36.67 20.09
CA SER Q 109 60.00 38.01 20.36
C SER Q 109 61.36 38.18 19.70
N ASP Q 110 61.65 39.40 19.25
CA ASP Q 110 63.01 39.73 18.83
C ASP Q 110 63.93 39.96 20.03
N ASN Q 111 63.38 40.53 21.10
CA ASN Q 111 64.08 40.65 22.38
C ASN Q 111 64.29 39.26 22.96
N LYS Q 112 65.51 38.75 22.90
CA LYS Q 112 65.77 37.38 23.32
C LYS Q 112 65.90 37.21 24.82
N THR Q 113 66.03 38.30 25.58
CA THR Q 113 66.15 38.21 27.03
C THR Q 113 64.78 38.15 27.70
N LEU Q 114 63.81 38.91 27.18
CA LEU Q 114 62.43 38.80 27.66
C LEU Q 114 61.86 37.43 27.35
N LEU Q 115 62.26 36.84 26.23
CA LEU Q 115 61.66 35.61 25.75
C LEU Q 115 62.03 34.41 26.61
N GLU Q 116 63.24 34.37 27.18
CA GLU Q 116 63.58 33.22 28.02
C GLU Q 116 62.86 33.26 29.37
N TYR Q 117 62.63 34.47 29.90
CA TYR Q 117 61.79 34.65 31.08
C TYR Q 117 60.37 34.18 30.81
N VAL Q 118 59.79 34.63 29.68
CA VAL Q 118 58.43 34.23 29.32
C VAL Q 118 58.34 32.73 29.07
N ASN Q 119 59.34 32.15 28.42
CA ASN Q 119 59.30 30.74 28.08
C ASN Q 119 59.49 29.84 29.29
N GLU Q 120 60.19 30.30 30.32
CA GLU Q 120 60.21 29.49 31.54
C GLU Q 120 59.00 29.76 32.43
N LEU Q 121 58.32 30.90 32.28
CA LEU Q 121 57.08 31.11 33.03
C LEU Q 121 55.94 30.23 32.53
N ALA Q 122 55.89 29.94 31.22
CA ALA Q 122 54.76 29.23 30.62
C ALA Q 122 55.10 27.75 30.47
N ASP Q 123 55.05 27.03 31.58
CA ASP Q 123 55.30 25.60 31.65
C ASP Q 123 53.97 24.82 31.61
N ASP Q 124 54.02 23.52 31.96
CA ASP Q 124 52.86 22.65 31.90
C ASP Q 124 51.74 23.08 32.85
N ASP Q 125 52.10 23.63 34.01
CA ASP Q 125 51.10 24.11 34.96
C ASP Q 125 50.35 25.31 34.41
N PHE Q 126 51.04 26.16 33.64
CA PHE Q 126 50.39 27.28 32.95
C PHE Q 126 49.35 26.79 31.95
N ASP Q 127 49.65 25.69 31.25
CA ASP Q 127 48.72 25.15 30.26
C ASP Q 127 47.49 24.54 30.93
N ASP Q 128 47.68 23.83 32.04
CA ASP Q 128 46.53 23.26 32.75
C ASP Q 128 45.67 24.36 33.36
N ILE Q 129 46.30 25.42 33.88
CA ILE Q 129 45.57 26.56 34.42
C ILE Q 129 44.77 27.27 33.33
N LEU Q 130 45.34 27.38 32.12
CA LEU Q 130 44.63 28.02 31.02
C LEU Q 130 43.43 27.20 30.54
N ASN Q 131 43.57 25.87 30.50
CA ASN Q 131 42.42 25.01 30.18
C ASN Q 131 41.30 25.14 31.20
N GLU Q 132 41.65 25.17 32.49
CA GLU Q 132 40.61 25.32 33.51
C GLU Q 132 39.99 26.71 33.48
N THR Q 133 40.75 27.73 33.07
CA THR Q 133 40.21 29.08 32.98
C THR Q 133 39.21 29.20 31.83
N VAL Q 134 39.51 28.58 30.69
CA VAL Q 134 38.58 28.60 29.55
C VAL Q 134 37.29 27.85 29.89
N LYS Q 135 37.41 26.71 30.59
CA LYS Q 135 36.20 25.98 31.01
C LYS Q 135 35.36 26.77 32.01
N ASN Q 136 36.00 27.40 33.00
CA ASN Q 136 35.27 28.20 34.00
C ASN Q 136 34.62 29.41 33.36
N MET Q 137 35.29 30.03 32.39
CA MET Q 137 34.75 31.18 31.67
C MET Q 137 33.53 30.79 30.85
N SER Q 138 33.52 29.59 30.27
CA SER Q 138 32.34 29.14 29.55
C SER Q 138 31.20 28.78 30.50
N ASN Q 139 31.51 28.29 31.70
CA ASN Q 139 30.44 27.90 32.62
C ASN Q 139 29.83 29.10 33.35
N LYS Q 140 30.61 30.13 33.68
CA LYS Q 140 30.12 31.21 34.53
C LYS Q 140 29.93 32.54 33.82
N GLY Q 141 30.63 32.80 32.72
CA GLY Q 141 30.58 34.08 32.04
C GLY Q 141 31.77 34.97 32.31
N ILE Q 142 32.55 34.67 33.35
CA ILE Q 142 33.68 35.50 33.78
C ILE Q 142 34.58 34.62 34.63
N GLU Q 143 35.89 34.88 34.56
CA GLU Q 143 36.84 34.27 35.48
C GLU Q 143 37.94 35.27 35.81
N TYR Q 144 38.58 35.12 36.96
CA TYR Q 144 39.56 36.09 37.44
C TYR Q 144 40.87 35.42 37.83
N TRP Q 145 41.98 36.08 37.49
CA TRP Q 145 43.30 35.73 37.95
C TRP Q 145 43.80 36.77 38.96
N HIS Q 146 44.66 36.32 39.86
CA HIS Q 146 45.29 37.18 40.86
C HIS Q 146 46.80 36.98 40.85
N PRO Q 147 47.58 37.99 40.48
CA PRO Q 147 49.05 37.88 40.53
C PRO Q 147 49.66 38.40 41.81
N PHE Q 148 50.74 37.76 42.25
CA PHE Q 148 51.41 38.14 43.48
C PHE Q 148 52.86 37.68 43.43
N VAL Q 149 53.60 37.95 44.50
CA VAL Q 149 54.97 37.50 44.67
C VAL Q 149 55.02 36.52 45.84
N ASP Q 150 55.68 35.38 45.63
CA ASP Q 150 55.86 34.34 46.63
C ASP Q 150 56.69 34.84 47.82
N GLU Q 151 56.81 33.97 48.82
CA GLU Q 151 57.70 34.24 49.94
C GLU Q 151 59.16 34.01 49.60
N GLU Q 152 59.45 33.37 48.48
CA GLU Q 152 60.80 33.20 47.96
C GLU Q 152 61.12 34.19 46.86
N GLY Q 153 60.28 35.19 46.65
CA GLY Q 153 60.53 36.21 45.64
C GLY Q 153 60.12 35.86 44.23
N GLU Q 154 59.46 34.73 44.02
CA GLU Q 154 59.04 34.32 42.68
C GLU Q 154 57.68 34.92 42.33
N PHE Q 155 57.52 35.27 41.05
CA PHE Q 155 56.24 35.75 40.54
C PHE Q 155 55.27 34.58 40.41
N ASP Q 156 54.09 34.71 41.00
CA ASP Q 156 53.10 33.64 40.98
C ASP Q 156 51.72 34.23 40.69
N TYR Q 157 50.76 33.34 40.49
CA TYR Q 157 49.42 33.71 40.07
C TYR Q 157 48.47 32.59 40.49
N VAL Q 158 47.21 32.95 40.73
CA VAL Q 158 46.21 32.00 41.20
C VAL Q 158 44.86 32.39 40.60
N ILE Q 159 43.92 31.44 40.59
CA ILE Q 159 42.57 31.68 40.11
C ILE Q 159 41.68 32.07 41.28
N PHE Q 160 40.98 33.21 41.15
CA PHE Q 160 39.91 33.57 42.08
C PHE Q 160 38.58 33.16 41.48
N PRO Q 161 37.82 32.25 42.10
CA PRO Q 161 36.51 31.86 41.55
C PRO Q 161 35.52 33.01 41.57
N ALA Q 162 34.81 33.18 40.46
CA ALA Q 162 34.04 34.39 40.21
C ALA Q 162 32.77 34.47 41.02
N GLU Q 163 32.26 33.35 41.55
CA GLU Q 163 31.09 33.36 42.40
C GLU Q 163 31.36 33.88 43.81
N GLU Q 164 32.63 34.12 44.14
CA GLU Q 164 33.00 34.73 45.41
C GLU Q 164 33.51 36.16 45.27
N MET Q 165 33.36 36.77 44.10
CA MET Q 165 33.95 38.08 43.83
C MET Q 165 32.89 39.15 43.69
N ILE Q 166 33.16 40.33 44.25
CA ILE Q 166 32.35 41.53 44.07
C ILE Q 166 33.28 42.63 43.58
N VAL Q 167 33.05 43.11 42.36
CA VAL Q 167 33.91 44.10 41.73
C VAL Q 167 33.12 45.40 41.57
N VAL Q 168 33.73 46.51 41.99
CA VAL Q 168 33.13 47.84 41.92
C VAL Q 168 34.03 48.70 41.04
N TYR Q 169 33.43 49.54 40.19
CA TYR Q 169 34.17 50.38 39.26
C TYR Q 169 34.11 51.85 39.68
N LYS Q 170 35.15 52.59 39.28
CA LYS Q 170 35.20 54.04 39.42
C LYS Q 170 34.20 54.72 38.51
N ASP Q 171 34.09 56.05 38.62
CA ASP Q 171 33.27 56.78 37.66
C ASP Q 171 33.77 58.18 37.38
N ASN Q 172 34.41 58.31 36.21
CA ASN Q 172 33.89 59.17 35.16
C ASN Q 172 33.84 58.34 33.88
N THR Q 173 34.37 57.13 33.93
CA THR Q 173 34.17 56.05 32.97
C THR Q 173 33.71 54.86 33.80
N ARG Q 174 33.07 53.87 33.18
CA ARG Q 174 32.39 52.85 33.98
C ARG Q 174 33.03 51.46 33.89
N ARG Q 175 34.29 51.35 33.45
CA ARG Q 175 34.96 50.04 33.42
C ARG Q 175 36.42 50.11 33.87
N ASP Q 176 36.72 50.87 34.92
CA ASP Q 176 38.01 50.80 35.58
C ASP Q 176 37.82 50.45 37.06
N ILE Q 177 38.50 49.40 37.51
CA ILE Q 177 38.22 48.76 38.79
C ILE Q 177 38.70 49.65 39.94
N LEU Q 178 37.80 49.92 40.89
CA LEU Q 178 38.12 50.67 42.10
C LEU Q 178 38.60 49.75 43.22
N PHE Q 179 37.81 48.73 43.57
CA PHE Q 179 38.23 47.74 44.56
C PHE Q 179 37.57 46.40 44.25
N ALA Q 180 38.02 45.36 44.97
CA ALA Q 180 37.51 44.01 44.76
C ALA Q 180 37.39 43.29 46.08
N LEU Q 181 36.29 42.57 46.27
CA LEU Q 181 35.99 41.91 47.54
C LEU Q 181 35.79 40.41 47.31
N ARG Q 182 36.52 39.59 48.06
CA ARG Q 182 36.48 38.14 47.94
C ARG Q 182 36.09 37.53 49.29
N TYR Q 183 35.09 36.64 49.29
CA TYR Q 183 34.60 36.08 50.54
C TYR Q 183 34.36 34.58 50.41
N TYR Q 184 34.70 33.83 51.44
CA TYR Q 184 34.58 32.38 51.36
C TYR Q 184 34.47 31.78 52.76
N SER Q 185 34.28 30.46 52.79
CA SER Q 185 34.09 29.68 54.01
C SER Q 185 34.83 28.36 53.89
N TYR Q 186 35.19 27.78 55.03
CA TYR Q 186 35.70 26.40 55.02
C TYR Q 186 35.40 25.68 56.32
N LYS Q 187 35.27 24.36 56.20
CA LYS Q 187 34.92 23.40 57.23
C LYS Q 187 36.19 22.75 57.79
N GLY Q 188 36.12 22.31 59.04
CA GLY Q 188 37.20 21.57 59.66
C GLY Q 188 36.87 20.12 59.96
N ILE Q 189 37.58 19.52 60.91
CA ILE Q 189 37.36 18.12 61.26
C ILE Q 189 36.14 17.96 62.15
N MET Q 190 36.03 18.77 63.21
CA MET Q 190 34.93 18.66 64.16
C MET Q 190 33.59 19.06 63.54
N GLY Q 191 33.60 19.84 62.47
CA GLY Q 191 32.41 20.45 61.94
C GLY Q 191 32.34 21.95 62.10
N GLU Q 192 33.37 22.58 62.66
CA GLU Q 192 33.36 24.02 62.87
C GLU Q 192 33.63 24.76 61.56
N GLU Q 193 32.97 25.90 61.40
CA GLU Q 193 32.95 26.67 60.17
C GLU Q 193 33.69 27.99 60.34
N THR Q 194 34.52 28.34 59.36
CA THR Q 194 35.22 29.62 59.34
C THR Q 194 34.78 30.40 58.11
N GLN Q 195 34.52 31.70 58.29
CA GLN Q 195 34.06 32.59 57.22
C GLN Q 195 34.98 33.79 57.14
N LYS Q 196 35.68 33.95 56.01
CA LYS Q 196 36.66 35.01 55.86
C LYS Q 196 36.38 35.85 54.63
N ALA Q 197 37.01 37.03 54.59
CA ALA Q 197 36.86 37.98 53.48
C ALA Q 197 38.16 38.77 53.30
N GLU Q 198 38.33 39.32 52.09
CA GLU Q 198 39.51 40.08 51.69
C GLU Q 198 39.11 41.21 50.77
N LEU Q 199 39.66 42.40 51.01
CA LEU Q 199 39.44 43.57 50.17
C LEU Q 199 40.74 43.98 49.50
N TYR Q 200 40.68 44.31 48.21
CA TYR Q 200 41.84 44.69 47.41
C TYR Q 200 41.59 46.07 46.79
N THR Q 201 42.49 47.01 47.08
CA THR Q 201 42.55 48.35 46.50
C THR Q 201 43.75 48.46 45.56
N ASP Q 202 44.03 49.68 45.09
CA ASP Q 202 45.19 49.92 44.24
C ASP Q 202 46.51 49.62 44.95
N THR Q 203 46.58 49.86 46.26
CA THR Q 203 47.82 49.76 47.01
C THR Q 203 47.78 48.78 48.16
N HIS Q 204 46.61 48.50 48.72
CA HIS Q 204 46.51 47.81 50.00
C HIS Q 204 45.48 46.70 49.95
N VAL Q 205 45.68 45.72 50.82
CA VAL Q 205 44.77 44.60 51.02
C VAL Q 205 44.33 44.61 52.48
N TYR Q 206 43.08 44.25 52.72
CA TYR Q 206 42.48 44.15 54.04
C TYR Q 206 41.95 42.74 54.26
N TYR Q 207 42.12 42.22 55.47
CA TYR Q 207 41.68 40.87 55.80
C TYR Q 207 40.60 40.92 56.87
N TYR Q 208 39.65 39.98 56.79
CA TYR Q 208 38.51 39.98 57.70
C TYR Q 208 38.08 38.56 58.01
N GLU Q 209 37.54 38.36 59.22
CA GLU Q 209 36.85 37.14 59.60
C GLU Q 209 35.59 37.49 60.36
N LYS Q 210 34.54 36.71 60.15
CA LYS Q 210 33.26 36.91 60.80
C LYS Q 210 33.22 36.03 62.06
N ILE Q 211 33.24 36.67 63.23
CA ILE Q 211 33.34 35.93 64.49
C ILE Q 211 31.97 35.58 65.05
N ASP Q 212 31.13 36.58 65.33
CA ASP Q 212 29.77 36.30 65.77
C ASP Q 212 28.72 36.83 64.80
N GLY Q 213 28.69 38.14 64.54
CA GLY Q 213 27.73 38.67 63.61
C GLY Q 213 28.29 39.83 62.80
N VAL Q 214 29.53 40.18 63.06
CA VAL Q 214 30.25 41.21 62.32
C VAL Q 214 31.63 40.71 61.95
N TYR Q 215 32.17 41.27 60.87
CA TYR Q 215 33.54 40.99 60.47
C TYR Q 215 34.51 41.83 61.29
N GLN Q 216 35.53 41.19 61.86
CA GLN Q 216 36.62 41.90 62.51
C GLN Q 216 37.84 41.86 61.61
N MET Q 217 38.98 42.29 62.14
CA MET Q 217 40.21 42.42 61.35
C MET Q 217 41.14 41.21 61.46
N ASP Q 218 40.71 40.12 62.10
CA ASP Q 218 41.31 38.76 62.19
C ASP Q 218 42.84 38.78 62.37
N TYR Q 219 43.24 39.26 63.54
CA TYR Q 219 44.67 39.46 63.82
C TYR Q 219 45.36 38.12 64.01
N SER Q 220 45.58 37.44 62.88
CA SER Q 220 46.70 36.54 62.68
C SER Q 220 47.86 37.26 62.02
N TYR Q 221 47.57 38.36 61.36
CA TYR Q 221 48.54 39.36 60.98
C TYR Q 221 48.61 40.37 62.13
N GLY Q 222 49.80 40.59 62.67
CA GLY Q 222 49.89 41.45 63.84
C GLY Q 222 49.93 42.93 63.49
N GLU Q 223 48.76 43.58 63.56
CA GLU Q 223 48.57 45.02 63.34
C GLU Q 223 49.12 45.47 61.98
N ASN Q 224 49.03 44.59 60.99
CA ASN Q 224 49.44 44.87 59.62
C ASN Q 224 48.25 44.91 58.68
N ASN Q 225 47.03 44.95 59.21
CA ASN Q 225 45.86 44.51 58.47
C ASN Q 225 45.46 45.42 57.30
N PRO Q 226 45.68 46.74 57.35
CA PRO Q 226 45.85 47.43 56.06
C PRO Q 226 47.27 47.21 55.59
N ARG Q 227 47.44 46.44 54.52
CA ARG Q 227 48.74 45.89 54.16
C ARG Q 227 49.09 46.27 52.73
N PRO Q 228 50.35 46.55 52.42
CA PRO Q 228 50.75 46.68 51.01
C PRO Q 228 50.59 45.37 50.25
N HIS Q 229 50.48 45.48 48.93
CA HIS Q 229 50.22 44.32 48.07
C HIS Q 229 51.41 43.37 48.08
N MET Q 230 51.15 42.13 47.69
CA MET Q 230 52.19 41.08 47.64
C MET Q 230 53.09 41.27 46.42
N THR Q 231 53.74 42.44 46.39
CA THR Q 231 54.89 42.82 45.58
C THR Q 231 55.86 43.56 46.48
N LYS Q 232 56.02 43.02 47.69
CA LYS Q 232 56.53 43.77 48.83
C LYS Q 232 58.02 44.08 48.71
N GLY Q 233 58.41 45.21 49.28
CA GLY Q 233 59.79 45.65 49.26
C GLY Q 233 59.85 47.14 49.56
N GLY Q 234 60.94 47.76 49.10
CA GLY Q 234 61.10 49.20 49.24
C GLY Q 234 60.08 49.98 48.43
N GLN Q 235 59.59 49.39 47.33
CA GLN Q 235 58.63 50.03 46.45
C GLN Q 235 57.21 49.72 46.95
N ALA Q 236 56.82 50.41 48.02
CA ALA Q 236 55.52 50.24 48.62
C ALA Q 236 54.44 51.08 47.93
N ILE Q 237 54.69 51.49 46.68
CA ILE Q 237 53.65 52.03 45.83
C ILE Q 237 52.63 50.95 45.50
N GLY Q 238 53.07 49.69 45.45
CA GLY Q 238 52.23 48.62 44.98
C GLY Q 238 52.33 48.48 43.48
N TRP Q 239 51.38 47.75 42.91
CA TRP Q 239 51.32 47.67 41.45
C TRP Q 239 50.86 48.98 40.82
N GLY Q 240 50.16 49.83 41.57
CA GLY Q 240 49.55 51.00 40.98
C GLY Q 240 48.25 50.70 40.29
N ARG Q 241 47.62 49.59 40.68
CA ARG Q 241 46.50 48.97 39.97
C ARG Q 241 45.95 47.88 40.88
N VAL Q 242 44.64 47.64 40.78
CA VAL Q 242 44.05 46.53 41.53
C VAL Q 242 44.55 45.21 40.96
N PRO Q 243 45.14 44.32 41.76
CA PRO Q 243 45.72 43.07 41.24
C PRO Q 243 44.67 42.00 40.92
N ILE Q 244 43.87 42.25 39.89
CA ILE Q 244 42.87 41.29 39.43
C ILE Q 244 42.80 41.37 37.90
N ILE Q 245 42.68 40.21 37.26
CA ILE Q 245 42.74 40.10 35.81
C ILE Q 245 41.49 39.39 35.32
N PRO Q 246 40.61 40.05 34.56
CA PRO Q 246 39.38 39.41 34.08
C PRO Q 246 39.51 38.72 32.73
N PHE Q 247 38.89 37.56 32.65
CA PHE Q 247 38.71 36.79 31.42
C PHE Q 247 37.21 36.71 31.18
N LYS Q 248 36.72 37.45 30.18
CA LYS Q 248 35.29 37.54 29.89
C LYS Q 248 34.89 36.51 28.85
N ASN Q 249 33.71 35.92 29.03
CA ASN Q 249 33.19 35.00 28.03
C ASN Q 249 32.74 35.74 26.78
N ASN Q 250 32.13 36.89 26.95
CA ASN Q 250 31.69 37.75 25.85
C ASN Q 250 31.56 39.17 26.39
N GLU Q 251 30.99 40.06 25.59
CA GLU Q 251 30.81 41.44 26.00
C GLU Q 251 29.78 41.59 27.12
N GLU Q 252 28.80 40.71 27.15
CA GLU Q 252 27.72 40.77 28.13
C GLU Q 252 28.01 39.99 29.39
N MET Q 253 29.10 39.20 29.41
CA MET Q 253 29.55 38.40 30.55
C MET Q 253 28.51 37.38 31.00
N VAL Q 254 27.83 36.77 30.04
CA VAL Q 254 26.87 35.71 30.31
C VAL Q 254 27.50 34.37 29.96
N SER Q 255 26.95 33.31 30.53
CA SER Q 255 27.39 31.95 30.23
C SER Q 255 26.85 31.50 28.87
N ASP Q 256 27.41 30.41 28.36
CA ASP Q 256 26.94 29.83 27.11
C ASP Q 256 25.57 29.19 27.27
N LEU Q 257 25.31 28.61 28.46
CA LEU Q 257 24.05 27.93 28.78
C LEU Q 257 22.82 28.83 28.63
N LYS Q 258 23.01 30.15 28.70
CA LYS Q 258 21.91 31.10 28.50
C LYS Q 258 21.26 30.96 27.14
N PHE Q 259 21.99 30.51 26.12
CA PHE Q 259 21.42 30.52 24.79
C PHE Q 259 20.74 29.21 24.39
N TYR Q 260 20.86 28.14 25.19
CA TYR Q 260 20.19 26.89 24.84
C TYR Q 260 19.63 26.13 26.04
N LYS Q 261 19.31 26.79 27.15
CA LYS Q 261 18.88 26.08 28.36
C LYS Q 261 17.47 25.49 28.20
N ASP Q 262 16.59 26.20 27.49
CA ASP Q 262 15.20 25.77 27.31
C ASP Q 262 15.10 24.48 26.50
N LEU Q 263 15.99 24.31 25.52
CA LEU Q 263 15.96 23.11 24.70
C LEU Q 263 16.39 21.88 25.49
N ILE Q 264 17.40 22.03 26.36
CA ILE Q 264 17.83 20.96 27.25
C ILE Q 264 16.71 20.59 28.23
N ASP Q 265 16.01 21.60 28.76
CA ASP Q 265 14.90 21.34 29.67
C ASP Q 265 13.75 20.61 28.98
N ASN Q 266 13.41 21.00 27.74
CA ASN Q 266 12.36 20.33 26.99
C ASN Q 266 12.72 18.88 26.67
N TYR Q 267 13.98 18.65 26.28
CA TYR Q 267 14.48 17.30 26.02
C TYR Q 267 14.36 16.40 27.25
N ASP Q 268 14.80 16.91 28.41
CA ASP Q 268 14.74 16.16 29.66
C ASP Q 268 13.30 15.83 30.06
N SER Q 269 12.38 16.79 29.92
CA SER Q 269 11.01 16.56 30.37
C SER Q 269 10.28 15.56 29.48
N ILE Q 270 10.51 15.61 28.16
CA ILE Q 270 9.87 14.66 27.26
C ILE Q 270 10.39 13.23 27.50
N THR Q 271 11.71 13.07 27.67
CA THR Q 271 12.23 11.71 27.89
C THR Q 271 11.82 11.16 29.26
N SER Q 272 11.75 12.00 30.29
CA SER Q 272 11.34 11.53 31.61
C SER Q 272 9.85 11.15 31.63
N SER Q 273 9.00 11.88 30.90
CA SER Q 273 7.60 11.50 30.86
C SER Q 273 7.37 10.24 30.04
N THR Q 274 8.25 9.94 29.08
CA THR Q 274 8.18 8.64 28.41
C THR Q 274 8.58 7.50 29.36
N MET Q 275 9.63 7.71 30.15
CA MET Q 275 10.11 6.67 31.06
C MET Q 275 9.10 6.35 32.17
N ASP Q 276 8.36 7.37 32.64
CA ASP Q 276 7.34 7.12 33.66
C ASP Q 276 6.22 6.22 33.13
N SER Q 277 5.80 6.45 31.87
CA SER Q 277 4.80 5.61 31.24
C SER Q 277 5.30 4.20 30.98
N PHE Q 278 6.59 4.05 30.68
CA PHE Q 278 7.15 2.70 30.60
C PHE Q 278 7.18 2.01 31.96
N SER Q 279 7.35 2.76 33.04
CA SER Q 279 7.38 2.14 34.36
C SER Q 279 5.99 1.76 34.87
N ASP Q 280 4.95 2.47 34.44
CA ASP Q 280 3.63 2.24 35.04
C ASP Q 280 2.73 1.29 34.26
N PHE Q 281 2.87 1.18 32.94
CA PHE Q 281 1.84 0.58 32.08
C PHE Q 281 2.33 -0.75 31.53
N GLN Q 282 1.64 -1.84 31.90
CA GLN Q 282 1.87 -3.16 31.34
C GLN Q 282 1.10 -3.30 30.03
N GLN Q 283 1.74 -3.82 28.99
CA GLN Q 283 1.25 -3.65 27.63
C GLN Q 283 0.37 -4.78 27.13
N ILE Q 284 0.33 -5.94 27.81
CA ILE Q 284 -0.58 -7.02 27.41
C ILE Q 284 -0.96 -7.83 28.64
N VAL Q 285 -2.26 -8.11 28.80
CA VAL Q 285 -2.78 -8.91 29.91
C VAL Q 285 -3.94 -9.79 29.45
N TYR Q 286 -4.20 -10.84 30.23
CA TYR Q 286 -5.40 -11.66 30.09
C TYR Q 286 -6.54 -11.06 30.90
N VAL Q 287 -7.76 -11.17 30.38
CA VAL Q 287 -8.97 -10.72 31.07
C VAL Q 287 -9.91 -11.91 31.24
N LEU Q 288 -10.24 -12.24 32.48
CA LEU Q 288 -11.20 -13.29 32.79
C LEU Q 288 -12.56 -12.69 33.09
N LYS Q 289 -13.62 -13.30 32.57
CA LYS Q 289 -14.98 -12.84 32.73
C LYS Q 289 -15.79 -13.90 33.47
N ASN Q 290 -16.32 -13.52 34.64
CA ASN Q 290 -17.22 -14.32 35.48
C ASN Q 290 -16.54 -15.60 36.00
N TYR Q 291 -15.27 -15.48 36.38
CA TYR Q 291 -14.56 -16.52 37.12
C TYR Q 291 -13.85 -15.85 38.30
N ASP Q 292 -14.57 -15.60 39.38
CA ASP Q 292 -14.05 -14.80 40.47
C ASP Q 292 -13.36 -15.61 41.56
N GLY Q 293 -13.53 -16.93 41.57
CA GLY Q 293 -12.82 -17.79 42.50
C GLY Q 293 -11.52 -18.37 41.99
N GLU Q 294 -11.08 -18.00 40.79
CA GLU Q 294 -9.93 -18.63 40.17
C GLU Q 294 -8.61 -18.04 40.69
N ASN Q 295 -7.66 -18.91 40.99
CA ASN Q 295 -6.30 -18.50 41.34
C ASN Q 295 -5.53 -18.11 40.09
N PRO Q 296 -4.97 -16.89 40.02
CA PRO Q 296 -4.28 -16.45 38.78
C PRO Q 296 -3.00 -17.19 38.46
N LYS Q 297 -2.20 -17.51 39.48
CA LYS Q 297 -0.92 -18.21 39.29
C LYS Q 297 -1.12 -19.60 38.69
N GLU Q 298 -2.04 -20.36 39.27
CA GLU Q 298 -2.37 -21.68 38.75
C GLU Q 298 -2.99 -21.59 37.35
N PHE Q 299 -3.73 -20.52 37.08
CA PHE Q 299 -4.34 -20.30 35.78
C PHE Q 299 -3.28 -20.11 34.69
N THR Q 300 -2.29 -19.24 34.94
CA THR Q 300 -1.25 -19.01 33.94
C THR Q 300 -0.33 -20.23 33.78
N ALA Q 301 -0.04 -20.94 34.88
CA ALA Q 301 0.77 -22.16 34.77
C ALA Q 301 0.06 -23.25 33.97
N ASN Q 302 -1.23 -23.47 34.23
CA ASN Q 302 -2.00 -24.48 33.51
C ASN Q 302 -2.18 -24.09 32.04
N LEU Q 303 -2.31 -22.79 31.77
CA LEU Q 303 -2.43 -22.29 30.41
C LEU Q 303 -1.15 -22.55 29.62
N ARG Q 304 0.01 -22.31 30.25
CA ARG Q 304 1.27 -22.58 29.57
C ARG Q 304 1.52 -24.08 29.40
N TYR Q 305 1.08 -24.89 30.37
CA TYR Q 305 1.29 -26.33 30.28
C TYR Q 305 0.42 -26.97 29.20
N HIS Q 306 -0.90 -26.78 29.29
CA HIS Q 306 -1.83 -27.54 28.45
C HIS Q 306 -2.03 -26.94 27.07
N SER Q 307 -1.90 -25.61 26.93
CA SER Q 307 -2.26 -24.81 25.77
C SER Q 307 -3.76 -24.90 25.44
N VAL Q 308 -4.61 -25.17 26.43
CA VAL Q 308 -6.05 -25.27 26.28
C VAL Q 308 -6.71 -24.52 27.42
N ILE Q 309 -7.71 -23.68 27.11
CA ILE Q 309 -8.53 -23.00 28.11
C ILE Q 309 -9.97 -23.46 27.93
N LYS Q 310 -10.64 -23.80 29.03
CA LYS Q 310 -12.02 -24.27 29.02
C LYS Q 310 -12.93 -23.24 29.68
N VAL Q 311 -14.00 -22.84 28.99
CA VAL Q 311 -15.00 -21.92 29.51
C VAL Q 311 -16.39 -22.49 29.27
N SER Q 312 -17.37 -21.94 30.00
CA SER Q 312 -18.76 -22.38 29.89
C SER Q 312 -19.68 -21.24 30.33
N GLY Q 313 -20.92 -21.29 29.81
CA GLY Q 313 -21.96 -20.37 30.22
C GLY Q 313 -21.72 -18.92 29.86
N ASP Q 314 -21.67 -18.06 30.87
CA ASP Q 314 -21.32 -16.66 30.69
C ASP Q 314 -19.85 -16.37 30.99
N GLY Q 315 -19.05 -17.39 31.26
CA GLY Q 315 -17.64 -17.18 31.46
C GLY Q 315 -16.92 -16.92 30.15
N GLY Q 316 -15.86 -16.13 30.22
CA GLY Q 316 -15.10 -15.84 29.02
C GLY Q 316 -13.67 -15.46 29.32
N VAL Q 317 -12.87 -15.40 28.26
CA VAL Q 317 -11.47 -14.99 28.37
C VAL Q 317 -11.14 -14.13 27.15
N ASP Q 318 -10.33 -13.10 27.37
CA ASP Q 318 -9.94 -12.17 26.31
C ASP Q 318 -8.54 -11.65 26.62
N THR Q 319 -8.05 -10.78 25.75
CA THR Q 319 -6.79 -10.08 26.00
C THR Q 319 -6.99 -8.58 25.90
N LEU Q 320 -6.21 -7.85 26.70
CA LEU Q 320 -6.13 -6.40 26.63
C LEU Q 320 -4.70 -6.04 26.22
N ARG Q 321 -4.57 -5.42 25.05
CA ARG Q 321 -3.28 -5.21 24.39
C ARG Q 321 -3.19 -3.76 23.93
N ALA Q 322 -2.59 -2.91 24.75
CA ALA Q 322 -2.44 -1.49 24.43
C ALA Q 322 -0.97 -1.11 24.44
N GLU Q 323 -0.47 -0.65 23.30
CA GLU Q 323 0.94 -0.35 23.12
C GLU Q 323 1.23 1.12 23.41
N ILE Q 324 2.36 1.36 24.06
CA ILE Q 324 2.74 2.72 24.51
C ILE Q 324 3.11 3.57 23.29
N PRO Q 325 2.53 4.76 23.13
CA PRO Q 325 2.85 5.59 21.95
C PRO Q 325 4.13 6.40 22.16
N VAL Q 326 5.03 6.34 21.17
CA VAL Q 326 6.34 6.97 21.26
C VAL Q 326 6.67 7.83 20.05
N ASP Q 327 5.79 7.93 19.06
CA ASP Q 327 6.16 8.52 17.77
C ASP Q 327 6.20 10.04 17.79
N SER Q 328 5.24 10.67 18.49
CA SER Q 328 5.20 12.13 18.58
C SER Q 328 6.41 12.67 19.35
N ALA Q 329 6.81 11.96 20.40
CA ALA Q 329 8.00 12.33 21.15
C ALA Q 329 9.26 12.21 20.31
N ALA Q 330 9.34 11.18 19.47
CA ALA Q 330 10.52 11.01 18.62
C ALA Q 330 10.61 12.09 17.56
N LYS Q 331 9.47 12.46 16.97
CA LYS Q 331 9.44 13.56 16.01
C LYS Q 331 9.80 14.90 16.65
N GLU Q 332 9.43 15.12 17.91
CA GLU Q 332 9.84 16.35 18.58
C GLU Q 332 11.32 16.34 18.95
N LEU Q 333 11.84 15.20 19.41
CA LEU Q 333 13.22 15.14 19.87
C LEU Q 333 14.21 15.25 18.73
N GLU Q 334 13.84 14.81 17.52
CA GLU Q 334 14.70 15.02 16.36
C GLU Q 334 14.90 16.51 16.06
N ARG Q 335 13.81 17.29 16.10
CA ARG Q 335 13.90 18.72 15.84
C ARG Q 335 14.63 19.45 16.95
N ILE Q 336 14.44 19.02 18.20
CA ILE Q 336 15.14 19.66 19.32
C ILE Q 336 16.64 19.39 19.26
N GLN Q 337 17.02 18.15 18.90
CA GLN Q 337 18.44 17.83 18.76
C GLN Q 337 19.08 18.57 17.58
N ASP Q 338 18.32 18.78 16.50
CA ASP Q 338 18.85 19.58 15.39
C ASP Q 338 19.01 21.06 15.77
N GLU Q 339 18.08 21.60 16.56
CA GLU Q 339 18.17 23.01 16.94
C GLU Q 339 19.26 23.25 17.99
N LEU Q 340 19.59 22.23 18.78
CA LEU Q 340 20.57 22.39 19.86
C LEU Q 340 21.98 22.65 19.32
N TYR Q 341 22.36 21.94 18.25
CA TYR Q 341 23.67 22.13 17.65
C TYR Q 341 23.80 23.50 17.00
N LYS Q 342 22.71 24.03 16.45
CA LYS Q 342 22.75 25.36 15.86
C LYS Q 342 22.77 26.45 16.92
N SER Q 343 22.03 26.27 18.02
CA SER Q 343 22.01 27.29 19.06
C SER Q 343 23.29 27.28 19.91
N ALA Q 344 23.98 26.15 19.99
CA ALA Q 344 25.22 26.10 20.74
C ALA Q 344 26.45 26.42 19.89
N GLN Q 345 26.31 26.44 18.56
CA GLN Q 345 27.40 26.56 17.59
C GLN Q 345 28.45 25.47 17.80
N ALA Q 346 28.00 24.23 17.75
CA ALA Q 346 28.82 23.06 18.00
C ALA Q 346 28.95 22.22 16.74
N VAL Q 347 29.74 21.15 16.84
CA VAL Q 347 30.01 20.23 15.73
C VAL Q 347 29.44 18.87 16.09
N ASP Q 348 28.70 18.27 15.17
CA ASP Q 348 28.26 16.89 15.27
C ASP Q 348 29.15 16.04 14.37
N ASN Q 349 29.85 15.08 14.96
CA ASN Q 349 30.74 14.19 14.21
C ASN Q 349 29.98 12.91 13.89
N SER Q 350 29.05 13.02 12.96
CA SER Q 350 28.30 11.87 12.50
C SER Q 350 28.84 11.39 11.18
N PRO Q 351 28.82 10.06 10.94
CA PRO Q 351 29.41 9.51 9.70
C PRO Q 351 28.75 9.98 8.42
N GLU Q 352 27.47 10.38 8.46
CA GLU Q 352 26.81 10.88 7.26
C GLU Q 352 27.45 12.19 6.77
N THR Q 353 27.84 13.06 7.71
CA THR Q 353 28.39 14.36 7.35
C THR Q 353 29.74 14.23 6.65
N ILE Q 354 30.61 13.35 7.15
CA ILE Q 354 31.87 13.09 6.46
C ILE Q 354 31.64 12.19 5.26
N GLY Q 355 30.54 11.43 5.25
CA GLY Q 355 30.20 10.60 4.11
C GLY Q 355 29.78 11.41 2.90
N GLY Q 356 29.23 12.61 3.14
CA GLY Q 356 28.98 13.53 2.03
C GLY Q 356 30.24 13.94 1.30
N GLY Q 357 31.33 14.13 2.04
CA GLY Q 357 32.63 14.38 1.43
C GLY Q 357 33.71 14.47 2.48
N ALA Q 358 34.92 14.07 2.10
CA ALA Q 358 36.07 14.11 2.98
C ALA Q 358 37.17 15.05 2.46
N THR Q 359 36.81 15.96 1.57
CA THR Q 359 37.74 16.96 1.07
C THR Q 359 37.86 18.12 2.05
N GLY Q 360 38.73 19.08 1.70
CA GLY Q 360 38.96 20.28 2.48
C GLY Q 360 37.77 21.18 2.71
N PRO Q 361 37.05 21.62 1.66
CA PRO Q 361 35.86 22.46 1.90
C PRO Q 361 34.75 21.79 2.69
N ALA Q 362 34.58 20.48 2.55
CA ALA Q 362 33.59 19.76 3.36
C ALA Q 362 33.97 19.74 4.82
N LEU Q 363 35.25 19.52 5.10
CA LEU Q 363 35.74 19.52 6.48
C LEU Q 363 35.61 20.89 7.13
N GLU Q 364 35.90 21.95 6.38
CA GLU Q 364 35.78 23.25 7.03
C GLU Q 364 34.38 23.82 7.01
N ASN Q 365 33.47 23.33 6.16
CA ASN Q 365 32.07 23.74 6.33
C ASN Q 365 31.40 22.96 7.45
N LEU Q 366 31.94 21.77 7.77
CA LEU Q 366 31.48 21.06 8.97
C LEU Q 366 31.80 21.83 10.26
N TYR Q 367 32.87 22.61 10.27
CA TYR Q 367 33.37 23.25 11.48
C TYR Q 367 33.06 24.74 11.57
N ALA Q 368 32.13 25.24 10.75
CA ALA Q 368 32.00 26.68 10.53
C ALA Q 368 31.45 27.42 11.74
N LEU Q 369 30.49 26.84 12.45
CA LEU Q 369 29.90 27.51 13.62
C LEU Q 369 30.84 27.48 14.81
N LEU Q 370 31.60 26.40 14.99
CA LEU Q 370 32.60 26.36 16.05
C LEU Q 370 33.75 27.32 15.76
N ASP Q 371 34.11 27.50 14.48
CA ASP Q 371 35.08 28.52 14.10
C ASP Q 371 34.56 29.91 14.41
N LEU Q 372 33.27 30.14 14.15
CA LEU Q 372 32.60 31.40 14.48
C LEU Q 372 32.70 31.70 15.98
N LYS Q 373 32.46 30.70 16.83
CA LYS Q 373 32.53 30.91 18.27
C LYS Q 373 33.96 31.09 18.77
N ALA Q 374 34.90 30.30 18.22
CA ALA Q 374 36.27 30.32 18.70
C ALA Q 374 36.99 31.61 18.33
N ASN Q 375 36.67 32.17 17.16
CA ASN Q 375 37.29 33.45 16.76
C ASN Q 375 36.87 34.59 17.69
N MET Q 376 35.63 34.56 18.19
CA MET Q 376 35.21 35.59 19.14
C MET Q 376 35.83 35.36 20.51
N ALA Q 377 36.00 34.10 20.93
CA ALA Q 377 36.55 33.85 22.27
C ALA Q 377 38.05 34.15 22.36
N GLU Q 378 38.78 33.98 21.24
CA GLU Q 378 40.24 34.18 21.25
C GLU Q 378 40.62 35.63 21.55
N ARG Q 379 39.80 36.60 21.13
CA ARG Q 379 40.08 38.01 21.41
C ARG Q 379 39.99 38.32 22.89
N LYS Q 380 39.03 37.72 23.59
CA LYS Q 380 38.89 37.92 25.03
C LYS Q 380 40.02 37.27 25.79
N ILE Q 381 40.45 36.08 25.34
CA ILE Q 381 41.60 35.43 25.99
C ILE Q 381 42.88 36.23 25.79
N ARG Q 382 43.05 36.83 24.60
CA ARG Q 382 44.21 37.69 24.34
C ARG Q 382 44.18 38.94 25.20
N ALA Q 383 42.98 39.52 25.40
CA ALA Q 383 42.85 40.68 26.26
C ALA Q 383 43.19 40.37 27.72
N GLY Q 384 42.91 39.16 28.19
CA GLY Q 384 43.36 38.77 29.51
C GLY Q 384 44.87 38.55 29.61
N LEU Q 385 45.45 37.92 28.59
CA LEU Q 385 46.87 37.60 28.63
C LEU Q 385 47.76 38.84 28.50
N ARG Q 386 47.28 39.88 27.81
CA ARG Q 386 48.05 41.12 27.73
C ARG Q 386 48.20 41.80 29.09
N LEU Q 387 47.14 41.76 29.91
CA LEU Q 387 47.21 42.32 31.26
C LEU Q 387 48.09 41.46 32.16
N PHE Q 388 48.05 40.13 31.96
CA PHE Q 388 48.95 39.23 32.68
C PHE Q 388 50.42 39.56 32.42
N PHE Q 389 50.78 39.81 31.16
CA PHE Q 389 52.18 40.10 30.88
C PHE Q 389 52.58 41.53 31.20
N TRP Q 390 51.63 42.46 31.28
CA TRP Q 390 51.91 43.77 31.90
C TRP Q 390 52.32 43.62 33.36
N PHE Q 391 51.59 42.79 34.12
CA PHE Q 391 51.97 42.58 35.52
C PHE Q 391 53.32 41.87 35.65
N PHE Q 392 53.61 40.94 34.74
CA PHE Q 392 54.91 40.29 34.75
C PHE Q 392 56.05 41.26 34.44
N ALA Q 393 55.84 42.19 33.51
CA ALA Q 393 56.87 43.19 33.21
C ALA Q 393 57.07 44.17 34.36
N GLU Q 394 56.00 44.49 35.10
CA GLU Q 394 56.16 45.28 36.32
C GLU Q 394 57.01 44.57 37.34
N TYR Q 395 56.79 43.26 37.52
CA TYR Q 395 57.64 42.47 38.41
C TYR Q 395 59.09 42.44 37.95
N LEU Q 396 59.32 42.37 36.63
CA LEU Q 396 60.69 42.28 36.14
C LEU Q 396 61.43 43.61 36.26
N ARG Q 397 60.75 44.74 36.08
CA ARG Q 397 61.40 46.02 36.29
C ARG Q 397 61.65 46.29 37.77
N ASN Q 398 60.74 45.88 38.65
CA ASN Q 398 60.88 46.24 40.06
C ASN Q 398 61.82 45.31 40.82
N THR Q 399 62.39 44.31 40.17
CA THR Q 399 63.44 43.49 40.79
C THR Q 399 64.77 43.64 40.07
N GLY Q 400 64.91 44.64 39.20
CA GLY Q 400 66.17 44.92 38.54
C GLY Q 400 66.55 44.02 37.39
N LYS Q 401 65.69 43.09 36.98
CA LYS Q 401 66.03 42.15 35.94
C LYS Q 401 65.86 42.70 34.52
N GLY Q 402 65.37 43.93 34.36
CA GLY Q 402 65.34 44.52 33.04
C GLY Q 402 64.08 45.32 32.74
N ASP Q 403 64.12 46.13 31.70
CA ASP Q 403 63.02 47.00 31.30
C ASP Q 403 62.47 46.48 29.97
N PHE Q 404 61.21 46.10 29.96
CA PHE Q 404 60.57 45.53 28.77
C PHE Q 404 59.19 46.12 28.58
N ASN Q 405 58.70 46.00 27.35
CA ASN Q 405 57.36 46.44 26.96
C ASN Q 405 56.72 45.30 26.18
N PRO Q 406 55.97 44.42 26.85
CA PRO Q 406 55.45 43.23 26.16
C PRO Q 406 54.34 43.49 25.16
N ASP Q 407 53.76 44.70 25.16
CA ASP Q 407 52.73 45.03 24.17
C ASP Q 407 53.33 45.09 22.77
N LYS Q 408 54.48 45.75 22.63
CA LYS Q 408 55.13 45.88 21.34
C LYS Q 408 56.09 44.73 21.02
N GLU Q 409 56.66 44.08 22.04
CA GLU Q 409 57.77 43.17 21.81
C GLU Q 409 57.39 41.70 21.77
N LEU Q 410 56.24 41.31 22.32
CA LEU Q 410 55.87 39.91 22.47
C LEU Q 410 54.71 39.56 21.53
N THR Q 411 54.77 38.36 20.97
CA THR Q 411 53.76 37.87 20.04
C THR Q 411 53.30 36.49 20.50
N MET Q 412 52.00 36.33 20.71
CA MET Q 412 51.40 35.06 21.07
C MET Q 412 50.68 34.45 19.87
N THR Q 413 50.71 33.13 19.77
CA THR Q 413 49.98 32.47 18.70
C THR Q 413 49.30 31.20 19.19
N PHE Q 414 48.09 30.99 18.66
CA PHE Q 414 47.17 29.94 19.04
C PHE Q 414 47.08 28.91 17.92
N THR Q 415 46.91 27.64 18.29
CA THR Q 415 46.80 26.56 17.32
C THR Q 415 45.46 25.85 17.50
N ARG Q 416 44.66 25.81 16.44
CA ARG Q 416 43.38 25.12 16.48
C ARG Q 416 43.58 23.63 16.21
N THR Q 417 42.93 22.80 17.02
CA THR Q 417 42.98 21.34 16.88
C THR Q 417 41.81 20.91 16.00
N ARG Q 418 42.06 20.71 14.71
CA ARG Q 418 40.99 20.38 13.78
C ARG Q 418 41.44 19.28 12.82
N ILE Q 419 40.47 18.75 12.09
CA ILE Q 419 40.68 17.63 11.18
C ILE Q 419 40.95 18.19 9.79
N GLN Q 420 42.03 17.74 9.16
CA GLN Q 420 42.35 18.17 7.81
C GLN Q 420 42.80 16.99 6.97
N ASN Q 421 42.81 17.21 5.66
CA ASN Q 421 43.24 16.21 4.68
C ASN Q 421 44.73 16.45 4.39
N ASP Q 422 45.58 15.59 4.95
CA ASP Q 422 47.02 15.84 4.94
C ASP Q 422 47.64 15.60 3.56
N SER Q 423 47.13 14.60 2.83
CA SER Q 423 47.68 14.26 1.52
C SER Q 423 47.39 15.35 0.49
N GLU Q 424 46.19 15.92 0.54
CA GLU Q 424 45.82 17.02 -0.34
C GLU Q 424 46.71 18.24 -0.09
N ILE Q 425 47.05 18.49 1.18
CA ILE Q 425 47.92 19.62 1.53
C ILE Q 425 49.34 19.39 1.03
N VAL Q 426 49.88 18.18 1.23
CA VAL Q 426 51.27 17.89 0.81
C VAL Q 426 51.40 17.96 -0.71
N GLN Q 427 50.41 17.42 -1.42
CA GLN Q 427 50.38 17.48 -2.88
C GLN Q 427 50.29 18.92 -3.39
N SER Q 428 49.46 19.75 -2.74
CA SER Q 428 49.33 21.14 -3.14
C SER Q 428 50.59 21.94 -2.87
N LEU Q 429 51.28 21.66 -1.76
CA LEU Q 429 52.50 22.38 -1.42
C LEU Q 429 53.65 22.02 -2.37
N VAL Q 430 53.74 20.74 -2.75
CA VAL Q 430 54.78 20.32 -3.70
C VAL Q 430 54.52 20.93 -5.08
N GLN Q 431 53.25 20.99 -5.48
CA GLN Q 431 52.89 21.63 -6.75
C GLN Q 431 53.20 23.12 -6.75
N GLY Q 432 52.96 23.80 -5.62
CA GLY Q 432 53.26 25.22 -5.53
C GLY Q 432 54.75 25.53 -5.49
N VAL Q 433 55.55 24.67 -4.87
CA VAL Q 433 57.00 24.89 -4.85
C VAL Q 433 57.60 24.62 -6.23
N THR Q 434 57.13 23.57 -6.91
CA THR Q 434 57.63 23.29 -8.25
C THR Q 434 57.20 24.35 -9.26
N GLY Q 435 56.00 24.93 -9.09
CA GLY Q 435 55.56 25.99 -9.97
C GLY Q 435 56.26 27.32 -9.79
N GLY Q 436 56.92 27.53 -8.64
CA GLY Q 436 57.66 28.75 -8.41
C GLY Q 436 56.91 29.87 -7.72
N ILE Q 437 55.71 29.62 -7.22
CA ILE Q 437 54.90 30.66 -6.59
C ILE Q 437 55.00 30.59 -5.06
N MET Q 438 56.00 29.89 -4.54
CA MET Q 438 56.10 29.64 -3.11
C MET Q 438 57.56 29.29 -2.78
N SER Q 439 58.06 29.85 -1.69
CA SER Q 439 59.40 29.49 -1.24
C SER Q 439 59.36 28.17 -0.48
N LYS Q 440 60.53 27.53 -0.38
CA LYS Q 440 60.63 26.26 0.30
C LYS Q 440 60.51 26.42 1.82
N GLU Q 441 60.98 27.55 2.35
CA GLU Q 441 60.94 27.80 3.78
C GLU Q 441 59.51 27.96 4.27
N THR Q 442 58.65 28.59 3.46
CA THR Q 442 57.24 28.70 3.83
C THR Q 442 56.55 27.35 3.76
N ALA Q 443 56.93 26.51 2.79
CA ALA Q 443 56.26 25.22 2.62
C ALA Q 443 56.68 24.21 3.68
N VAL Q 444 57.90 24.34 4.23
CA VAL Q 444 58.30 23.47 5.34
C VAL Q 444 57.45 23.75 6.58
N ALA Q 445 57.11 25.02 6.80
CA ALA Q 445 56.29 25.37 7.96
C ALA Q 445 54.84 24.91 7.82
N ARG Q 446 54.29 24.88 6.60
CA ARG Q 446 52.92 24.43 6.40
C ARG Q 446 52.79 22.92 6.28
N ASN Q 447 53.88 22.19 6.36
CA ASN Q 447 53.85 20.74 6.25
C ASN Q 447 53.17 20.14 7.47
N PRO Q 448 52.12 19.30 7.30
CA PRO Q 448 51.48 18.68 8.47
C PRO Q 448 52.31 17.64 9.18
N PHE Q 449 53.38 17.13 8.57
CA PHE Q 449 54.24 16.16 9.22
C PHE Q 449 55.42 16.79 9.95
N VAL Q 450 55.67 18.08 9.77
CA VAL Q 450 56.76 18.77 10.42
C VAL Q 450 56.22 19.52 11.63
N GLN Q 451 56.83 19.30 12.79
CA GLN Q 451 56.42 19.97 14.01
C GLN Q 451 57.43 21.00 14.52
N ASP Q 452 58.63 21.04 13.96
CA ASP Q 452 59.66 21.98 14.41
C ASP Q 452 60.38 22.53 13.19
N PRO Q 453 59.88 23.64 12.62
CA PRO Q 453 60.40 24.11 11.32
C PRO Q 453 61.78 24.73 11.38
N GLU Q 454 62.20 25.21 12.56
CA GLU Q 454 63.55 25.74 12.72
C GLU Q 454 64.59 24.65 12.51
N GLU Q 455 64.36 23.49 13.14
CA GLU Q 455 65.29 22.37 13.07
C GLU Q 455 65.26 21.67 11.72
N GLU Q 456 64.09 21.66 11.07
CA GLU Q 456 63.90 20.86 9.85
C GLU Q 456 64.71 21.41 8.68
N LEU Q 457 64.82 22.74 8.58
CA LEU Q 457 65.55 23.34 7.47
C LEU Q 457 67.06 23.09 7.58
N ALA Q 458 67.58 23.19 8.80
CA ALA Q 458 68.98 22.85 9.05
C ALA Q 458 69.23 21.37 8.80
N ARG Q 459 68.29 20.52 9.23
CA ARG Q 459 68.42 19.08 9.01
C ARG Q 459 68.36 18.72 7.53
N ILE Q 460 67.67 19.52 6.71
CA ILE Q 460 67.70 19.33 5.27
C ILE Q 460 69.05 19.73 4.68
N GLU Q 461 69.59 20.88 5.13
CA GLU Q 461 70.82 21.36 4.50
C GLU Q 461 72.03 20.51 4.89
N GLU Q 462 72.03 19.88 6.08
CA GLU Q 462 73.09 18.91 6.39
C GLU Q 462 73.03 17.71 5.45
N GLU Q 463 71.82 17.26 5.12
CA GLU Q 463 71.68 16.11 4.22
C GLU Q 463 72.13 16.44 2.81
N MET Q 464 71.90 17.67 2.33
CA MET Q 464 72.40 17.99 1.00
C MET Q 464 73.92 18.22 1.00
N ASN Q 465 74.46 18.73 2.12
CA ASN Q 465 75.92 18.81 2.28
C ASN Q 465 76.57 17.43 2.24
N GLN Q 466 75.95 16.44 2.87
CA GLN Q 466 76.51 15.09 2.81
C GLN Q 466 76.29 14.43 1.46
N TYR Q 467 75.17 14.72 0.79
CA TYR Q 467 74.93 14.17 -0.54
C TYR Q 467 75.87 14.78 -1.59
N ALA Q 468 76.45 15.95 -1.31
CA ALA Q 468 77.39 16.56 -2.24
C ALA Q 468 78.65 15.72 -2.44
N GLU Q 469 79.20 15.14 -1.36
CA GLU Q 469 80.44 14.37 -1.50
C GLU Q 469 80.24 13.02 -2.17
N MET Q 470 79.01 12.52 -2.25
CA MET Q 470 78.78 11.23 -2.89
C MET Q 470 78.47 11.38 -4.37
N MET R 1 -31.49 -45.66 37.50
CA MET R 1 -32.18 -44.84 38.50
C MET R 1 -33.37 -45.59 39.08
N ASP R 2 -33.53 -45.49 40.38
CA ASP R 2 -34.62 -46.16 41.08
C ASP R 2 -35.93 -45.43 40.82
N ILE R 3 -37.00 -46.21 40.62
CA ILE R 3 -38.30 -45.65 40.26
C ILE R 3 -38.95 -44.96 41.45
N GLN R 4 -38.79 -45.54 42.65
CA GLN R 4 -39.35 -44.94 43.86
C GLN R 4 -38.64 -43.64 44.23
N ARG R 5 -37.36 -43.51 43.89
CA ARG R 5 -36.65 -42.26 44.11
C ARG R 5 -37.17 -41.15 43.18
N VAL R 6 -37.49 -41.49 41.93
CA VAL R 6 -38.08 -40.54 41.00
C VAL R 6 -39.48 -40.13 41.46
N LYS R 7 -40.25 -41.09 41.98
CA LYS R 7 -41.57 -40.77 42.51
C LYS R 7 -41.49 -39.87 43.75
N ARG R 8 -40.46 -40.04 44.57
CA ARG R 8 -40.25 -39.11 45.68
C ARG R 8 -39.82 -37.72 45.17
N LEU R 9 -39.04 -37.67 44.10
CA LEU R 9 -38.62 -36.38 43.56
C LEU R 9 -39.73 -35.63 42.82
N LEU R 10 -40.78 -36.32 42.37
CA LEU R 10 -41.86 -35.68 41.65
C LEU R 10 -43.15 -35.56 42.45
N SER R 11 -43.14 -35.95 43.74
CA SER R 11 -44.29 -35.90 44.65
C SER R 11 -45.49 -36.71 44.13
N ILE R 12 -45.22 -37.94 43.72
CA ILE R 12 -46.24 -38.89 43.28
C ILE R 12 -46.44 -39.92 44.38
N THR R 13 -47.69 -40.15 44.77
CA THR R 13 -48.00 -41.09 45.84
C THR R 13 -48.71 -42.36 45.39
N ASN R 14 -49.53 -42.31 44.33
CA ASN R 14 -50.21 -43.51 43.88
C ASN R 14 -49.34 -44.27 42.88
N ASP R 15 -49.90 -45.29 42.23
CA ASP R 15 -49.19 -46.14 41.30
C ASP R 15 -49.74 -46.01 39.88
N LYS R 16 -50.34 -44.87 39.57
CA LYS R 16 -50.91 -44.66 38.24
C LYS R 16 -49.86 -44.46 37.16
N HIS R 17 -48.64 -44.08 37.50
CA HIS R 17 -47.61 -43.78 36.51
C HIS R 17 -46.49 -44.82 36.47
N ASP R 18 -46.66 -45.98 37.11
CA ASP R 18 -45.52 -46.87 37.32
C ASP R 18 -45.11 -47.58 36.04
N GLU R 19 -46.09 -47.98 35.24
CA GLU R 19 -45.84 -48.61 33.95
C GLU R 19 -45.15 -47.66 32.98
N TYR R 20 -45.43 -46.37 33.06
CA TYR R 20 -44.76 -45.40 32.21
C TYR R 20 -43.33 -45.14 32.68
N LEU R 21 -43.13 -45.02 34.00
CA LEU R 21 -41.81 -44.66 34.53
C LEU R 21 -40.82 -45.79 34.38
N THR R 22 -41.28 -47.03 34.55
CA THR R 22 -40.45 -48.22 34.35
C THR R 22 -39.92 -48.33 32.93
N GLU R 23 -40.67 -47.82 31.96
CA GLU R 23 -40.17 -47.76 30.59
C GLU R 23 -39.30 -46.54 30.32
N MET R 24 -39.71 -45.37 30.82
CA MET R 24 -39.12 -44.12 30.36
C MET R 24 -37.79 -43.79 31.04
N VAL R 25 -37.60 -44.13 32.30
CA VAL R 25 -36.39 -43.72 33.04
C VAL R 25 -35.08 -44.35 32.53
N PRO R 26 -34.98 -45.67 32.23
CA PRO R 26 -33.71 -46.17 31.64
C PRO R 26 -33.37 -45.60 30.27
N LEU R 27 -34.39 -45.29 29.45
CA LEU R 27 -34.14 -44.67 28.15
C LEU R 27 -33.54 -43.27 28.31
N LEU R 28 -34.00 -42.52 29.32
CA LEU R 28 -33.45 -41.19 29.54
C LEU R 28 -32.04 -41.25 30.13
N VAL R 29 -31.75 -42.29 30.92
CA VAL R 29 -30.38 -42.48 31.42
C VAL R 29 -29.42 -42.76 30.26
N GLU R 30 -29.79 -43.68 29.37
CA GLU R 30 -28.95 -43.98 28.21
C GLU R 30 -28.85 -42.80 27.24
N PHE R 31 -29.88 -41.98 27.17
CA PHE R 31 -29.79 -40.82 26.32
C PHE R 31 -28.85 -39.78 26.94
N ALA R 32 -28.85 -39.59 28.26
CA ALA R 32 -27.89 -38.68 28.87
C ALA R 32 -26.45 -39.15 28.64
N LYS R 33 -26.23 -40.47 28.70
CA LYS R 33 -24.92 -41.02 28.40
C LYS R 33 -24.51 -40.77 26.95
N ASP R 34 -25.45 -40.89 26.01
CA ASP R 34 -25.10 -40.65 24.60
C ASP R 34 -24.95 -39.17 24.29
N GLU R 35 -25.70 -38.30 24.95
CA GLU R 35 -25.66 -36.87 24.66
C GLU R 35 -24.44 -36.21 25.26
N CYS R 36 -23.95 -36.68 26.42
CA CYS R 36 -22.74 -36.12 26.99
C CYS R 36 -21.47 -36.81 26.51
N HIS R 37 -21.59 -37.92 25.78
CA HIS R 37 -20.47 -38.81 25.38
C HIS R 37 -19.66 -39.26 26.60
N ASN R 38 -20.37 -39.65 27.65
CA ASN R 38 -19.79 -39.92 28.97
C ASN R 38 -20.44 -41.16 29.56
N PRO R 39 -19.68 -42.22 29.81
CA PRO R 39 -20.27 -43.43 30.41
C PRO R 39 -20.55 -43.34 31.91
N PHE R 40 -20.07 -42.30 32.59
CA PHE R 40 -20.25 -42.06 34.03
C PHE R 40 -19.70 -43.21 34.89
N ILE R 41 -18.41 -43.46 34.73
CA ILE R 41 -17.74 -44.58 35.37
C ILE R 41 -16.60 -44.04 36.21
N ASP R 42 -16.55 -44.41 37.49
CA ASP R 42 -15.57 -43.85 38.41
C ASP R 42 -14.24 -44.58 38.32
N LYS R 43 -13.40 -44.37 39.34
CA LYS R 43 -12.07 -44.97 39.44
C LYS R 43 -12.09 -46.50 39.34
N ASP R 44 -13.01 -47.12 40.08
CA ASP R 44 -13.03 -48.57 40.23
C ASP R 44 -13.88 -49.27 39.18
N GLY R 45 -14.18 -48.60 38.07
CA GLY R 45 -14.94 -49.23 37.01
C GLY R 45 -16.42 -49.30 37.23
N ASN R 46 -16.93 -48.64 38.25
CA ASN R 46 -18.33 -48.74 38.62
C ASN R 46 -19.11 -47.53 38.11
N GLU R 47 -20.35 -47.78 37.70
CA GLU R 47 -21.21 -46.73 37.20
C GLU R 47 -21.64 -45.83 38.34
N SER R 48 -21.44 -44.52 38.17
CA SER R 48 -21.71 -43.53 39.21
C SER R 48 -22.40 -42.33 38.56
N ILE R 49 -23.72 -42.31 38.62
CA ILE R 49 -24.50 -41.25 37.94
C ILE R 49 -24.44 -39.98 38.79
N PRO R 50 -24.04 -38.84 38.22
CA PRO R 50 -23.98 -37.60 39.00
C PRO R 50 -25.37 -37.02 39.25
N SER R 51 -25.41 -36.01 40.11
CA SER R 51 -26.68 -35.51 40.66
C SER R 51 -27.49 -34.73 39.62
N GLY R 52 -26.80 -34.01 38.73
CA GLY R 52 -27.48 -33.21 37.73
C GLY R 52 -28.16 -34.06 36.66
N VAL R 53 -27.56 -35.21 36.34
CA VAL R 53 -28.20 -36.18 35.45
C VAL R 53 -29.48 -36.71 36.08
N LEU R 54 -29.47 -36.91 37.41
CA LEU R 54 -30.66 -37.40 38.10
C LEU R 54 -31.79 -36.37 38.09
N ILE R 55 -31.44 -35.09 38.31
CA ILE R 55 -32.42 -34.01 38.22
C ILE R 55 -32.99 -33.90 36.80
N PHE R 56 -32.11 -34.03 35.79
CA PHE R 56 -32.55 -33.96 34.39
C PHE R 56 -33.48 -35.11 34.04
N VAL R 57 -33.17 -36.32 34.50
CA VAL R 57 -33.98 -37.49 34.16
C VAL R 57 -35.37 -37.39 34.80
N ALA R 58 -35.43 -36.96 36.07
CA ALA R 58 -36.72 -36.80 36.73
C ALA R 58 -37.57 -35.71 36.08
N LYS R 59 -36.97 -34.56 35.75
CA LYS R 59 -37.76 -33.48 35.18
C LYS R 59 -38.16 -33.75 33.74
N ALA R 60 -37.33 -34.43 32.97
CA ALA R 60 -37.70 -34.79 31.60
C ALA R 60 -38.77 -35.87 31.56
N ALA R 61 -38.72 -36.81 32.50
CA ALA R 61 -39.80 -37.80 32.62
C ALA R 61 -41.11 -37.14 33.03
N GLN R 62 -41.05 -36.09 33.86
CA GLN R 62 -42.29 -35.36 34.17
C GLN R 62 -42.79 -34.57 32.96
N PHE R 63 -41.88 -33.98 32.17
CA PHE R 63 -42.30 -33.21 31.00
C PHE R 63 -42.94 -34.10 29.94
N TYR R 64 -42.43 -35.31 29.74
CA TYR R 64 -42.93 -36.15 28.66
C TYR R 64 -44.24 -36.89 29.00
N MET R 65 -44.88 -36.56 30.11
CA MET R 65 -46.22 -37.06 30.39
C MET R 65 -47.31 -36.30 29.63
N THR R 66 -46.98 -35.16 29.03
CA THR R 66 -47.94 -34.40 28.25
C THR R 66 -48.15 -35.03 26.88
N ASN R 67 -49.14 -34.52 26.16
CA ASN R 67 -49.40 -34.91 24.78
C ASN R 67 -48.61 -34.01 23.85
N ALA R 68 -47.95 -34.62 22.85
CA ALA R 68 -46.97 -33.89 22.05
C ALA R 68 -47.62 -32.92 21.07
N GLY R 69 -48.84 -33.19 20.61
CA GLY R 69 -49.46 -32.33 19.63
C GLY R 69 -50.50 -31.37 20.17
N LEU R 70 -50.35 -30.94 21.42
CA LEU R 70 -51.36 -30.12 22.10
C LEU R 70 -50.69 -29.01 22.89
N THR R 71 -51.15 -27.77 22.68
CA THR R 71 -50.66 -26.63 23.45
C THR R 71 -51.66 -26.11 24.47
N GLY R 72 -52.95 -26.36 24.29
CA GLY R 72 -53.95 -25.87 25.22
C GLY R 72 -55.19 -26.73 25.15
N ARG R 73 -55.92 -26.78 26.26
CA ARG R 73 -57.11 -27.61 26.34
C ARG R 73 -58.11 -27.00 27.32
N SER R 74 -59.40 -27.09 26.99
CA SER R 74 -60.46 -26.57 27.84
C SER R 74 -61.61 -27.57 27.92
N MET R 75 -62.17 -27.72 29.12
CA MET R 75 -63.23 -28.67 29.42
C MET R 75 -64.02 -28.06 30.58
N ASP R 76 -65.17 -27.56 30.16
CA ASP R 76 -66.18 -26.81 30.92
C ASP R 76 -65.55 -25.75 31.79
N THR R 77 -65.23 -26.11 33.02
CA THR R 77 -64.69 -25.15 33.97
C THR R 77 -63.17 -25.25 34.16
N VAL R 78 -62.58 -26.34 33.77
CA VAL R 78 -61.14 -26.62 33.86
C VAL R 78 -60.46 -26.24 32.55
N SER R 79 -59.22 -25.75 32.63
CA SER R 79 -58.41 -25.50 31.44
C SER R 79 -56.94 -25.70 31.76
N TYR R 80 -56.17 -25.99 30.72
CA TYR R 80 -54.74 -26.24 30.83
C TYR R 80 -53.99 -25.57 29.67
N ASN R 81 -52.83 -25.02 29.99
CA ASN R 81 -51.86 -24.53 29.00
C ASN R 81 -50.56 -25.28 29.18
N PHE R 82 -50.02 -25.82 28.09
CA PHE R 82 -48.89 -26.73 28.14
C PHE R 82 -47.63 -26.06 27.60
N ALA R 83 -46.49 -26.52 28.11
CA ALA R 83 -45.20 -26.09 27.59
C ALA R 83 -44.85 -26.88 26.33
N THR R 84 -44.28 -26.18 25.35
CA THR R 84 -43.97 -26.79 24.07
C THR R 84 -42.58 -27.39 24.01
N GLU R 85 -41.60 -26.75 24.65
CA GLU R 85 -40.23 -27.24 24.68
C GLU R 85 -39.81 -27.52 26.12
N ILE R 86 -38.83 -28.39 26.26
CA ILE R 86 -38.13 -28.52 27.55
C ILE R 86 -37.41 -27.22 27.85
N PRO R 87 -37.56 -26.64 29.04
CA PRO R 87 -36.90 -25.36 29.34
C PRO R 87 -35.38 -25.49 29.38
N SER R 88 -34.71 -24.37 29.10
CA SER R 88 -33.26 -24.36 29.00
C SER R 88 -32.58 -24.62 30.35
N THR R 89 -33.24 -24.29 31.46
CA THR R 89 -32.65 -24.54 32.76
C THR R 89 -32.62 -26.03 33.12
N ILE R 90 -33.50 -26.84 32.52
CA ILE R 90 -33.43 -28.28 32.71
C ILE R 90 -32.37 -28.88 31.78
N LEU R 91 -32.28 -28.39 30.55
CA LEU R 91 -31.29 -28.88 29.60
C LEU R 91 -29.87 -28.52 30.02
N LYS R 92 -29.70 -27.43 30.75
CA LYS R 92 -28.38 -27.00 31.20
C LYS R 92 -27.88 -27.77 32.43
N LYS R 93 -28.63 -28.75 32.93
CA LYS R 93 -28.10 -29.61 33.98
C LYS R 93 -27.03 -30.56 33.45
N LEU R 94 -27.08 -30.91 32.17
CA LEU R 94 -26.09 -31.82 31.61
C LEU R 94 -24.78 -31.12 31.22
N ASN R 95 -24.72 -29.79 31.35
CA ASN R 95 -23.56 -29.04 30.88
C ASN R 95 -22.21 -29.31 31.59
N PRO R 96 -22.13 -29.51 32.92
CA PRO R 96 -20.79 -29.75 33.50
C PRO R 96 -20.15 -31.10 33.20
N TYR R 97 -20.78 -31.99 32.42
CA TYR R 97 -20.24 -33.31 32.17
C TYR R 97 -20.03 -33.61 30.69
N ARG R 98 -20.00 -32.59 29.83
CA ARG R 98 -19.98 -32.80 28.39
C ARG R 98 -18.57 -33.07 27.89
N LYS R 99 -18.42 -34.15 27.13
CA LYS R 99 -17.18 -34.49 26.44
C LYS R 99 -17.42 -34.44 24.94
N MET R 100 -16.34 -34.56 24.18
CA MET R 100 -16.41 -34.57 22.73
C MET R 100 -16.46 -36.00 22.21
N ALA R 101 -17.12 -36.17 21.06
CA ALA R 101 -17.23 -37.48 20.45
C ALA R 101 -15.90 -37.89 19.83
N ARG R 102 -15.56 -39.17 19.97
CA ARG R 102 -14.31 -39.68 19.42
C ARG R 102 -14.59 -40.64 18.28
N MET S 1 -27.09 -29.31 53.74
CA MET S 1 -27.99 -28.28 54.23
C MET S 1 -29.11 -28.90 55.06
N ASP S 2 -29.38 -28.28 56.21
CA ASP S 2 -30.42 -28.78 57.10
C ASP S 2 -31.80 -28.49 56.53
N ILE S 3 -32.69 -29.48 56.63
CA ILE S 3 -34.01 -29.39 56.03
C ILE S 3 -34.89 -28.38 56.77
N GLN S 4 -34.75 -28.31 58.10
CA GLN S 4 -35.52 -27.35 58.89
C GLN S 4 -35.10 -25.91 58.61
N ARG S 5 -33.83 -25.69 58.28
CA ARG S 5 -33.37 -24.36 57.89
C ARG S 5 -33.94 -23.95 56.54
N VAL S 6 -34.09 -24.91 55.61
CA VAL S 6 -34.74 -24.65 54.33
C VAL S 6 -36.22 -24.33 54.54
N LYS S 7 -36.88 -25.04 55.47
CA LYS S 7 -38.28 -24.77 55.77
C LYS S 7 -38.46 -23.41 56.44
N ARG S 8 -37.47 -22.95 57.22
CA ARG S 8 -37.54 -21.60 57.75
C ARG S 8 -37.30 -20.55 56.68
N LEU S 9 -36.46 -20.84 55.68
CA LEU S 9 -36.22 -19.87 54.62
C LEU S 9 -37.38 -19.74 53.63
N LEU S 10 -38.26 -20.73 53.56
CA LEU S 10 -39.37 -20.72 52.59
C LEU S 10 -40.72 -20.51 53.24
N SER S 11 -40.77 -20.22 54.54
CA SER S 11 -41.99 -19.98 55.33
C SER S 11 -42.96 -21.17 55.28
N ILE S 12 -42.43 -22.36 55.54
CA ILE S 12 -43.20 -23.59 55.58
C ILE S 12 -43.32 -24.03 57.03
N THR S 13 -44.56 -24.26 57.47
CA THR S 13 -44.81 -24.66 58.85
C THR S 13 -45.22 -26.11 59.03
N ASN S 14 -45.89 -26.71 58.06
CA ASN S 14 -46.35 -28.08 58.20
C ASN S 14 -45.29 -29.04 57.65
N ASP S 15 -45.64 -30.32 57.53
CA ASP S 15 -44.73 -31.36 57.09
C ASP S 15 -45.19 -31.98 55.77
N LYS S 16 -45.91 -31.22 54.96
CA LYS S 16 -46.40 -31.74 53.69
C LYS S 16 -45.30 -31.92 52.65
N HIS S 17 -44.24 -31.12 52.72
CA HIS S 17 -43.18 -31.14 51.73
C HIS S 17 -41.93 -31.87 52.19
N ASP S 18 -42.00 -32.66 53.27
CA ASP S 18 -40.78 -33.16 53.92
C ASP S 18 -40.09 -34.23 53.09
N GLU S 19 -40.87 -35.13 52.48
CA GLU S 19 -40.30 -36.23 51.71
C GLU S 19 -39.68 -35.74 50.40
N TYR S 20 -40.25 -34.69 49.81
CA TYR S 20 -39.64 -34.09 48.62
C TYR S 20 -38.33 -33.36 48.95
N LEU S 21 -38.31 -32.63 50.08
CA LEU S 21 -37.14 -31.83 50.43
C LEU S 21 -35.97 -32.70 50.84
N THR S 22 -36.25 -33.80 51.57
CA THR S 22 -35.22 -34.75 51.99
C THR S 22 -34.51 -35.39 50.80
N GLU S 23 -35.19 -35.52 49.67
CA GLU S 23 -34.57 -36.04 48.46
C GLU S 23 -33.92 -34.94 47.61
N MET S 24 -34.51 -33.75 47.55
CA MET S 24 -34.11 -32.74 46.58
C MET S 24 -32.96 -31.87 47.04
N VAL S 25 -32.85 -31.57 48.35
CA VAL S 25 -31.81 -30.64 48.83
C VAL S 25 -30.37 -31.14 48.64
N PRO S 26 -30.00 -32.39 49.00
CA PRO S 26 -28.59 -32.80 48.77
C PRO S 26 -28.19 -32.88 47.31
N LEU S 27 -29.14 -33.21 46.43
CA LEU S 27 -28.87 -33.19 44.99
C LEU S 27 -28.54 -31.80 44.49
N LEU S 28 -29.23 -30.77 45.02
CA LEU S 28 -28.94 -29.41 44.61
C LEU S 28 -27.62 -28.91 45.19
N VAL S 29 -27.24 -29.38 46.38
CA VAL S 29 -25.92 -29.05 46.93
C VAL S 29 -24.81 -29.62 46.06
N GLU S 30 -24.93 -30.90 45.65
CA GLU S 30 -23.93 -31.48 44.75
C GLU S 30 -23.97 -30.85 43.36
N PHE S 31 -25.12 -30.40 42.90
CA PHE S 31 -25.13 -29.72 41.63
C PHE S 31 -24.40 -28.38 41.74
N ALA S 32 -24.55 -27.61 42.83
CA ALA S 32 -23.80 -26.36 42.95
C ALA S 32 -22.29 -26.62 43.00
N LYS S 33 -21.88 -27.69 43.71
CA LYS S 33 -20.46 -28.05 43.77
C LYS S 33 -19.91 -28.41 42.39
N ASP S 34 -20.67 -29.16 41.60
CA ASP S 34 -20.19 -29.54 40.27
C ASP S 34 -20.26 -28.39 39.29
N GLU S 35 -21.22 -27.49 39.45
CA GLU S 35 -21.42 -26.44 38.46
C GLU S 35 -20.47 -25.26 38.67
N CYS S 36 -20.07 -25.00 39.92
CA CYS S 36 -19.06 -23.97 40.15
C CYS S 36 -17.62 -24.49 40.08
N HIS S 37 -17.45 -25.82 39.96
CA HIS S 37 -16.15 -26.50 40.04
C HIS S 37 -15.41 -26.14 41.33
N ASN S 38 -16.14 -26.12 42.44
CA ASN S 38 -15.70 -25.64 43.75
C ASN S 38 -16.23 -26.59 44.83
N PRO S 39 -15.35 -27.27 45.57
CA PRO S 39 -15.83 -28.19 46.62
C PRO S 39 -16.22 -27.51 47.93
N PHE S 40 -16.01 -26.20 48.07
CA PHE S 40 -16.41 -25.38 49.23
C PHE S 40 -15.79 -25.88 50.54
N ILE S 41 -14.47 -25.80 50.61
CA ILE S 41 -13.69 -26.36 51.70
C ILE S 41 -12.79 -25.27 52.27
N ASP S 42 -12.80 -25.11 53.59
CA ASP S 42 -11.98 -24.08 54.23
C ASP S 42 -10.54 -24.50 54.46
N LYS S 43 -9.87 -23.78 55.36
CA LYS S 43 -8.46 -24.03 55.68
C LYS S 43 -8.23 -25.43 56.26
N ASP S 44 -9.04 -25.84 57.23
CA ASP S 44 -8.88 -27.12 57.91
C ASP S 44 -9.49 -28.30 57.17
N GLY S 45 -9.85 -28.15 55.89
CA GLY S 45 -10.47 -29.24 55.18
C GLY S 45 -11.94 -29.43 55.45
N ASN S 46 -12.58 -28.54 56.20
CA ASN S 46 -13.98 -28.69 56.53
C ASN S 46 -14.86 -28.07 55.46
N GLU S 47 -16.02 -28.68 55.23
CA GLU S 47 -16.96 -28.19 54.24
C GLU S 47 -17.67 -26.95 54.79
N SER S 48 -17.56 -25.84 54.08
CA SER S 48 -18.16 -24.58 54.50
C SER S 48 -18.96 -24.03 53.32
N ILE S 49 -20.25 -24.29 53.32
CA ILE S 49 -21.14 -23.83 52.24
C ILE S 49 -21.39 -22.33 52.40
N PRO S 50 -21.15 -21.51 51.38
CA PRO S 50 -21.41 -20.08 51.49
C PRO S 50 -22.90 -19.75 51.47
N SER S 51 -23.21 -18.51 51.84
CA SER S 51 -24.59 -18.07 52.04
C SER S 51 -25.37 -18.03 50.72
N GLY S 52 -24.64 -17.74 49.65
CA GLY S 52 -25.19 -17.69 48.32
C GLY S 52 -25.70 -19.04 47.82
N VAL S 53 -24.92 -20.09 48.07
CA VAL S 53 -25.32 -21.43 47.70
C VAL S 53 -26.56 -21.85 48.48
N LEU S 54 -26.66 -21.41 49.74
CA LEU S 54 -27.82 -21.73 50.57
C LEU S 54 -29.09 -21.07 50.06
N ILE S 55 -29.00 -19.78 49.70
CA ILE S 55 -30.13 -19.07 49.12
C ILE S 55 -30.55 -19.69 47.79
N PHE S 56 -29.56 -20.07 46.97
CA PHE S 56 -29.85 -20.66 45.68
C PHE S 56 -30.51 -22.03 45.80
N VAL S 57 -30.03 -22.87 46.73
CA VAL S 57 -30.58 -24.20 46.93
C VAL S 57 -32.02 -24.13 47.42
N ALA S 58 -32.30 -23.20 48.36
CA ALA S 58 -33.67 -23.05 48.86
C ALA S 58 -34.62 -22.54 47.77
N LYS S 59 -34.20 -21.54 46.98
CA LYS S 59 -35.10 -21.01 45.96
C LYS S 59 -35.27 -21.98 44.78
N ALA S 60 -34.24 -22.76 44.44
CA ALA S 60 -34.39 -23.73 43.38
C ALA S 60 -35.26 -24.91 43.80
N ALA S 61 -35.17 -25.32 45.08
CA ALA S 61 -36.06 -26.35 45.58
C ALA S 61 -37.51 -25.86 45.63
N GLN S 62 -37.72 -24.58 45.90
CA GLN S 62 -39.09 -24.05 45.82
C GLN S 62 -39.58 -23.98 44.38
N PHE S 63 -38.67 -23.66 43.43
CA PHE S 63 -39.06 -23.60 42.03
C PHE S 63 -39.45 -24.97 41.49
N TYR S 64 -38.73 -26.01 41.87
CA TYR S 64 -38.97 -27.33 41.28
C TYR S 64 -40.15 -28.08 41.90
N MET S 65 -40.98 -27.44 42.71
CA MET S 65 -42.23 -28.04 43.15
C MET S 65 -43.34 -27.97 42.10
N THR S 66 -43.13 -27.23 41.02
CA THR S 66 -44.12 -27.10 39.96
C THR S 66 -44.06 -28.29 39.01
N ASN S 67 -45.06 -28.38 38.15
CA ASN S 67 -45.11 -29.36 37.07
C ASN S 67 -44.37 -28.81 35.86
N ALA S 68 -43.46 -29.62 35.30
CA ALA S 68 -42.56 -29.14 34.25
C ALA S 68 -43.26 -28.98 32.91
N GLY S 69 -44.37 -29.68 32.67
CA GLY S 69 -45.05 -29.57 31.40
C GLY S 69 -46.26 -28.64 31.40
N LEU S 70 -46.35 -27.73 32.35
CA LEU S 70 -47.54 -26.91 32.53
C LEU S 70 -47.14 -25.44 32.71
N THR S 71 -47.77 -24.55 31.93
CA THR S 71 -47.57 -23.13 32.11
C THR S 71 -48.76 -22.41 32.73
N GLY S 72 -49.95 -23.02 32.74
CA GLY S 72 -51.12 -22.39 33.33
C GLY S 72 -52.19 -23.41 33.63
N ARG S 73 -53.03 -23.08 34.61
CA ARG S 73 -54.06 -24.00 35.08
C ARG S 73 -55.22 -23.18 35.64
N SER S 74 -56.43 -23.74 35.56
CA SER S 74 -57.62 -23.04 36.07
C SER S 74 -58.70 -24.03 36.47
N MET S 75 -59.28 -23.85 37.66
CA MET S 75 -60.45 -24.62 38.10
C MET S 75 -61.45 -23.69 38.80
N ASP S 76 -62.35 -23.12 38.01
CA ASP S 76 -63.68 -22.60 38.36
C ASP S 76 -63.72 -21.37 39.26
N THR S 77 -62.71 -21.14 40.08
CA THR S 77 -62.56 -19.92 40.87
C THR S 77 -61.07 -19.67 41.00
N VAL S 78 -60.29 -20.74 40.89
CA VAL S 78 -58.84 -20.67 41.09
C VAL S 78 -58.15 -20.66 39.74
N SER S 79 -57.03 -19.95 39.63
CA SER S 79 -56.21 -20.01 38.43
C SER S 79 -54.77 -19.72 38.80
N TYR S 80 -53.85 -20.26 38.00
CA TYR S 80 -52.41 -20.14 38.22
C TYR S 80 -51.69 -19.95 36.90
N ASN S 81 -50.69 -19.07 36.92
CA ASN S 81 -49.72 -18.91 35.86
C ASN S 81 -48.34 -19.21 36.42
N PHE S 82 -47.62 -20.13 35.78
CA PHE S 82 -46.34 -20.61 36.29
C PHE S 82 -45.18 -20.02 35.51
N ALA S 83 -44.04 -19.89 36.19
CA ALA S 83 -42.81 -19.48 35.53
C ALA S 83 -42.16 -20.69 34.87
N THR S 84 -41.62 -20.47 33.67
CA THR S 84 -41.06 -21.59 32.90
C THR S 84 -39.56 -21.75 33.08
N GLU S 85 -38.84 -20.70 33.44
CA GLU S 85 -37.41 -20.79 33.69
C GLU S 85 -37.10 -20.30 35.10
N ILE S 86 -35.98 -20.77 35.63
CA ILE S 86 -35.42 -20.16 36.84
C ILE S 86 -34.97 -18.74 36.51
N PRO S 87 -35.35 -17.74 37.30
CA PRO S 87 -34.94 -16.36 36.99
C PRO S 87 -33.43 -16.17 37.10
N SER S 88 -32.93 -15.21 36.34
CA SER S 88 -31.49 -14.99 36.30
C SER S 88 -30.94 -14.42 37.61
N THR S 89 -31.77 -13.76 38.42
CA THR S 89 -31.30 -13.25 39.70
C THR S 89 -31.10 -14.38 40.73
N ILE S 90 -31.73 -15.53 40.52
CA ILE S 90 -31.43 -16.69 41.36
C ILE S 90 -30.20 -17.43 40.83
N LEU S 91 -30.03 -17.47 39.50
CA LEU S 91 -28.85 -18.10 38.93
C LEU S 91 -27.59 -17.30 39.18
N LYS S 92 -27.70 -15.98 39.39
CA LYS S 92 -26.54 -15.15 39.68
C LYS S 92 -26.10 -15.23 41.13
N LYS S 93 -26.77 -16.04 41.96
CA LYS S 93 -26.27 -16.31 43.29
C LYS S 93 -25.02 -17.19 43.28
N LEU S 94 -24.79 -17.95 42.21
CA LEU S 94 -23.60 -18.79 42.17
C LEU S 94 -22.37 -18.10 41.58
N ASN S 95 -22.53 -16.87 41.06
CA ASN S 95 -21.45 -16.21 40.33
C ASN S 95 -20.17 -15.88 41.12
N PRO S 96 -20.18 -15.41 42.38
CA PRO S 96 -18.90 -15.08 43.03
C PRO S 96 -18.00 -16.25 43.39
N TYR S 97 -18.36 -17.50 43.11
CA TYR S 97 -17.54 -18.64 43.49
C TYR S 97 -17.14 -19.51 42.32
N ARG S 98 -17.27 -19.04 41.09
CA ARG S 98 -17.05 -19.88 39.94
C ARG S 98 -15.57 -20.04 39.65
N LYS S 99 -15.13 -21.29 39.51
CA LYS S 99 -13.78 -21.64 39.09
C LYS S 99 -13.86 -22.36 37.74
N MET S 100 -12.71 -22.48 37.10
CA MET S 100 -12.63 -23.18 35.82
C MET S 100 -12.39 -24.66 36.03
N ALA S 101 -12.90 -25.46 35.10
CA ALA S 101 -12.70 -26.90 35.16
C ALA S 101 -11.26 -27.27 34.81
N ARG S 102 -10.75 -28.29 35.48
CA ARG S 102 -9.39 -28.75 35.22
C ARG S 102 -9.38 -30.15 34.62
N MET T 1 -46.18 -27.27 46.95
CA MET T 1 -46.79 -27.82 45.74
C MET T 1 -48.14 -27.17 45.47
N TYR T 2 -48.67 -27.39 44.26
CA TYR T 2 -49.94 -26.81 43.83
C TYR T 2 -50.80 -27.95 43.29
N GLU T 3 -51.54 -28.59 44.17
CA GLU T 3 -52.34 -29.75 43.81
C GLU T 3 -53.71 -29.31 43.30
N GLU T 4 -54.19 -30.01 42.27
CA GLU T 4 -55.56 -29.80 41.83
C GLU T 4 -56.56 -30.26 42.88
N PHE T 5 -56.22 -31.32 43.58
CA PHE T 5 -57.07 -31.89 44.59
C PHE T 5 -56.37 -31.91 45.93
N PRO T 6 -56.49 -30.87 46.73
CA PRO T 6 -55.77 -30.82 48.01
C PRO T 6 -56.54 -31.37 49.20
N ASP T 7 -57.82 -31.70 49.06
CA ASP T 7 -58.62 -32.19 50.17
C ASP T 7 -58.79 -33.70 50.10
N VAL T 8 -59.34 -34.26 51.18
CA VAL T 8 -59.68 -35.67 51.29
C VAL T 8 -61.10 -35.75 51.84
N ILE T 9 -61.99 -36.41 51.10
CA ILE T 9 -63.39 -36.50 51.48
C ILE T 9 -63.77 -37.97 51.64
N THR T 10 -64.89 -38.21 52.31
CA THR T 10 -65.38 -39.57 52.52
C THR T 10 -66.77 -39.72 51.93
N PHE T 11 -67.00 -40.72 51.11
CA PHE T 11 -68.32 -41.04 50.51
C PHE T 11 -69.07 -42.03 51.37
N GLN T 12 -70.35 -41.85 51.62
CA GLN T 12 -71.14 -42.68 52.53
C GLN T 12 -72.46 -43.09 51.88
N SER T 13 -72.87 -44.32 52.16
CA SER T 13 -74.12 -44.90 51.67
C SER T 13 -75.05 -45.25 52.83
N TYR T 14 -76.32 -45.41 52.50
CA TYR T 14 -77.40 -45.59 53.48
C TYR T 14 -77.90 -47.03 53.36
N VAL T 15 -77.35 -47.92 54.20
CA VAL T 15 -77.50 -49.36 54.01
C VAL T 15 -78.23 -49.97 55.21
N GLU T 16 -78.62 -51.23 55.06
CA GLU T 16 -79.49 -51.90 56.02
C GLU T 16 -78.74 -52.91 56.89
N GLN T 17 -79.05 -52.89 58.18
CA GLN T 17 -78.68 -53.94 59.12
C GLN T 17 -79.94 -54.64 59.60
N SER T 18 -79.90 -55.96 59.72
CA SER T 18 -81.01 -56.74 60.24
C SER T 18 -80.45 -57.85 61.10
N ASN T 19 -80.88 -57.91 62.38
CA ASN T 19 -80.34 -58.91 63.29
C ASN T 19 -81.37 -59.25 64.37
N GLY T 20 -82.00 -60.42 64.21
CA GLY T 20 -82.56 -61.18 65.32
C GLY T 20 -84.06 -61.40 65.39
N GLU T 21 -84.86 -60.37 65.19
CA GLU T 21 -86.29 -60.60 65.26
C GLU T 21 -87.05 -59.99 64.09
N GLY T 22 -86.67 -58.81 63.66
CA GLY T 22 -87.09 -58.13 62.46
C GLY T 22 -86.60 -56.72 62.68
N GLY T 23 -85.92 -56.13 61.73
CA GLY T 23 -85.20 -54.90 61.99
C GLY T 23 -85.25 -53.99 60.79
N LYS T 24 -85.39 -52.69 61.08
CA LYS T 24 -85.55 -51.67 60.05
C LYS T 24 -84.43 -50.63 60.11
N THR T 25 -83.38 -50.86 60.90
CA THR T 25 -82.38 -49.82 61.13
C THR T 25 -81.43 -49.68 59.94
N TYR T 26 -81.36 -48.45 59.43
CA TYR T 26 -80.48 -48.10 58.33
C TYR T 26 -79.37 -47.19 58.86
N LYS T 27 -78.15 -47.46 58.42
CA LYS T 27 -76.99 -46.73 58.89
C LYS T 27 -76.22 -46.17 57.71
N TRP T 28 -75.71 -44.95 57.85
CA TRP T 28 -74.76 -44.36 56.93
C TRP T 28 -73.39 -44.97 57.20
N VAL T 29 -72.89 -45.78 56.28
CA VAL T 29 -71.57 -46.38 56.42
C VAL T 29 -70.68 -45.92 55.27
N ASP T 30 -69.38 -45.93 55.52
CA ASP T 30 -68.40 -45.43 54.56
C ASP T 30 -68.26 -46.40 53.39
N GLU T 31 -68.10 -45.83 52.19
CA GLU T 31 -67.81 -46.59 50.97
C GLU T 31 -66.34 -46.52 50.60
N PHE T 32 -65.85 -45.31 50.36
CA PHE T 32 -64.47 -45.09 49.98
C PHE T 32 -64.03 -43.68 50.23
N THR T 33 -62.76 -43.38 50.08
CA THR T 33 -62.23 -42.03 50.21
C THR T 33 -61.51 -41.63 48.93
N ALA T 34 -61.43 -40.33 48.69
CA ALA T 34 -60.86 -39.83 47.45
C ALA T 34 -60.29 -38.45 47.66
N ALA T 35 -59.38 -38.07 46.76
CA ALA T 35 -58.86 -36.71 46.73
C ALA T 35 -59.83 -35.80 45.98
N ALA T 36 -59.97 -34.57 46.46
CA ALA T 36 -60.99 -33.69 45.92
C ALA T 36 -60.60 -32.24 46.15
N HIS T 37 -61.39 -31.34 45.57
CA HIS T 37 -61.32 -29.91 45.86
C HIS T 37 -62.75 -29.43 46.10
N VAL T 38 -63.00 -28.95 47.31
CA VAL T 38 -64.32 -28.47 47.72
C VAL T 38 -64.28 -26.95 47.69
N GLN T 39 -65.10 -26.35 46.84
CA GLN T 39 -65.09 -24.90 46.65
C GLN T 39 -66.47 -24.32 46.95
N PRO T 40 -66.54 -23.23 47.71
CA PRO T 40 -67.80 -22.49 47.80
C PRO T 40 -68.11 -21.81 46.48
N ILE T 41 -69.40 -21.56 46.27
CA ILE T 41 -69.82 -20.96 45.00
C ILE T 41 -69.39 -19.50 44.94
N SER T 42 -69.24 -19.00 43.71
CA SER T 42 -68.69 -17.67 43.50
C SER T 42 -69.72 -16.60 43.85
N GLN T 43 -69.26 -15.35 43.84
CA GLN T 43 -70.11 -14.21 44.19
C GLN T 43 -71.22 -13.99 43.18
N GLU T 44 -70.97 -14.28 41.90
CA GLU T 44 -72.03 -14.13 40.91
C GLU T 44 -72.99 -15.31 40.92
N GLU T 45 -72.51 -16.50 41.31
CA GLU T 45 -73.34 -17.69 41.35
C GLU T 45 -74.28 -17.70 42.56
N TYR T 46 -73.98 -16.89 43.58
CA TYR T 46 -74.80 -16.81 44.79
C TYR T 46 -76.20 -16.28 44.49
N TYR T 47 -76.28 -15.21 43.71
CA TYR T 47 -77.57 -14.59 43.39
C TYR T 47 -78.40 -15.47 42.46
N LYS T 48 -77.75 -16.29 41.64
CA LYS T 48 -78.47 -17.24 40.81
C LYS T 48 -78.97 -18.42 41.64
N ALA T 49 -78.18 -18.85 42.63
CA ALA T 49 -78.59 -19.97 43.46
C ALA T 49 -79.65 -19.59 44.49
N GLN T 50 -79.80 -18.30 44.82
CA GLN T 50 -80.84 -17.91 45.76
C GLN T 50 -82.25 -18.05 45.20
N GLN T 51 -82.41 -18.11 43.88
CA GLN T 51 -83.73 -18.33 43.28
C GLN T 51 -83.97 -19.81 42.98
N LEU T 52 -83.76 -20.68 43.96
CA LEU T 52 -84.05 -22.10 43.83
C LEU T 52 -84.71 -22.56 45.13
N GLN T 53 -85.44 -23.68 45.05
CA GLN T 53 -86.08 -24.19 46.25
C GLN T 53 -85.08 -24.83 47.20
N THR T 54 -84.01 -25.41 46.67
CA THR T 54 -82.88 -25.87 47.49
C THR T 54 -81.64 -25.14 47.00
N PRO T 55 -81.17 -24.12 47.72
CA PRO T 55 -79.99 -23.38 47.27
C PRO T 55 -78.70 -24.16 47.47
N ILE T 56 -77.79 -23.97 46.54
CA ILE T 56 -76.54 -24.72 46.45
C ILE T 56 -75.47 -23.99 47.25
N GLY T 57 -74.66 -24.76 47.98
CA GLY T 57 -73.58 -24.16 48.75
C GLY T 57 -72.17 -24.45 48.25
N TYR T 58 -71.94 -25.62 47.66
CA TYR T 58 -70.59 -26.07 47.33
C TYR T 58 -70.55 -26.78 46.00
N ASN T 59 -69.44 -26.61 45.29
CA ASN T 59 -69.05 -27.42 44.15
C ASN T 59 -67.87 -28.30 44.55
N ILE T 60 -67.97 -29.60 44.28
CA ILE T 60 -66.95 -30.57 44.64
C ILE T 60 -66.39 -31.14 43.35
N TYR T 61 -65.07 -31.01 43.16
CA TYR T 61 -64.40 -31.56 42.00
C TYR T 61 -63.55 -32.75 42.43
N THR T 62 -63.68 -33.85 41.71
CA THR T 62 -62.98 -35.08 42.06
C THR T 62 -62.61 -35.79 40.77
N PRO T 63 -61.61 -36.66 40.78
CA PRO T 63 -61.36 -37.51 39.61
C PRO T 63 -62.51 -38.47 39.36
N TYR T 64 -62.64 -38.88 38.10
CA TYR T 64 -63.81 -39.62 37.64
C TYR T 64 -63.87 -41.01 38.28
N ASP T 65 -65.05 -41.38 38.76
CA ASP T 65 -65.27 -42.65 39.42
C ASP T 65 -66.72 -43.04 39.22
N ASP T 66 -66.95 -44.24 38.68
CA ASP T 66 -68.32 -44.67 38.41
C ASP T 66 -69.01 -45.27 39.63
N ARG T 67 -68.35 -45.31 40.80
CA ARG T 67 -69.02 -45.73 42.02
C ARG T 67 -69.84 -44.62 42.66
N ILE T 68 -69.70 -43.38 42.20
CA ILE T 68 -70.37 -42.25 42.84
C ILE T 68 -71.82 -42.20 42.39
N ASP T 69 -72.74 -42.16 43.36
CA ASP T 69 -74.17 -42.24 43.12
C ASP T 69 -74.83 -40.99 43.67
N LYS T 70 -76.01 -40.65 43.14
CA LYS T 70 -76.74 -39.46 43.56
C LYS T 70 -77.42 -39.59 44.91
N LYS T 71 -77.52 -40.79 45.48
CA LYS T 71 -78.09 -40.96 46.80
C LYS T 71 -77.02 -41.06 47.89
N MET T 72 -75.79 -40.70 47.58
CA MET T 72 -74.68 -40.81 48.51
C MET T 72 -74.55 -39.54 49.36
N ARG T 73 -73.52 -39.51 50.19
CA ARG T 73 -73.29 -38.40 51.11
C ARG T 73 -71.79 -38.18 51.21
N VAL T 74 -71.38 -36.97 51.59
CA VAL T 74 -69.96 -36.66 51.72
C VAL T 74 -69.68 -36.16 53.14
N ILE T 75 -68.63 -36.70 53.75
CA ILE T 75 -68.09 -36.17 54.99
C ILE T 75 -66.84 -35.37 54.66
N TYR T 76 -66.82 -34.10 55.06
CA TYR T 76 -65.73 -33.17 54.74
C TYR T 76 -65.54 -32.21 55.90
N ARG T 77 -64.35 -32.24 56.50
CA ARG T 77 -63.94 -31.35 57.59
C ARG T 77 -64.89 -31.41 58.78
N GLY T 78 -65.35 -32.61 59.12
CA GLY T 78 -66.29 -32.76 60.20
C GLY T 78 -67.69 -32.30 59.91
N LYS T 79 -68.04 -32.08 58.65
CA LYS T 79 -69.39 -31.64 58.29
C LYS T 79 -69.98 -32.59 57.26
N ILE T 80 -71.31 -32.66 57.27
CA ILE T 80 -72.08 -33.48 56.35
C ILE T 80 -72.45 -32.63 55.13
N VAL T 81 -72.20 -33.16 53.93
CA VAL T 81 -72.53 -32.50 52.69
C VAL T 81 -73.52 -33.38 51.93
N THR T 82 -74.68 -32.82 51.63
CA THR T 82 -75.78 -33.50 50.98
C THR T 82 -75.85 -33.09 49.51
N PHE T 83 -76.05 -34.08 48.65
CA PHE T 83 -75.99 -33.86 47.21
C PHE T 83 -77.26 -33.17 46.73
N ILE T 84 -77.11 -32.30 45.75
CA ILE T 84 -78.22 -31.63 45.10
C ILE T 84 -78.16 -32.00 43.63
N GLY T 85 -79.12 -32.81 43.18
CA GLY T 85 -79.13 -33.26 41.81
C GLY T 85 -78.23 -34.47 41.59
N ASP T 86 -77.92 -34.70 40.32
CA ASP T 86 -77.14 -35.81 39.77
C ASP T 86 -75.70 -35.37 39.53
N PRO T 87 -74.72 -36.24 39.84
CA PRO T 87 -73.32 -35.93 39.50
C PRO T 87 -73.10 -35.79 38.00
N VAL T 88 -72.20 -34.90 37.63
CA VAL T 88 -71.96 -34.52 36.25
C VAL T 88 -70.51 -34.86 35.89
N ASP T 89 -70.33 -35.61 34.82
CA ASP T 89 -69.02 -35.85 34.24
C ASP T 89 -68.77 -34.76 33.20
N LEU T 90 -67.66 -34.04 33.34
CA LEU T 90 -67.43 -32.82 32.57
C LEU T 90 -67.16 -33.14 31.11
N SER T 91 -68.02 -32.64 30.23
CA SER T 91 -67.97 -32.76 28.76
C SER T 91 -68.03 -34.21 28.27
N GLY T 92 -68.45 -35.14 29.11
CA GLY T 92 -68.54 -36.54 28.74
C GLY T 92 -67.23 -37.25 28.48
N LEU T 93 -66.11 -36.69 28.96
CA LEU T 93 -64.79 -37.24 28.64
C LEU T 93 -64.27 -38.20 29.70
N GLN T 94 -64.99 -38.35 30.83
CA GLN T 94 -64.68 -39.29 31.91
C GLN T 94 -63.31 -39.01 32.53
N GLU T 95 -63.10 -37.76 32.92
CA GLU T 95 -61.89 -37.35 33.62
C GLU T 95 -62.19 -36.75 34.99
N ILE T 96 -63.11 -35.79 35.08
CA ILE T 96 -63.38 -35.05 36.31
C ILE T 96 -64.89 -35.06 36.55
N THR T 97 -65.29 -35.37 37.78
CA THR T 97 -66.68 -35.33 38.22
C THR T 97 -66.91 -34.09 39.09
N ARG T 98 -67.99 -33.36 38.81
CA ARG T 98 -68.44 -32.24 39.63
C ARG T 98 -69.74 -32.61 40.32
N ILE T 99 -69.82 -32.36 41.62
CA ILE T 99 -71.02 -32.59 42.43
C ILE T 99 -71.42 -31.28 43.09
N LYS T 100 -72.71 -30.96 43.06
CA LYS T 100 -73.24 -29.81 43.78
C LYS T 100 -73.83 -30.27 45.10
N GLY T 101 -73.60 -29.48 46.15
CA GLY T 101 -74.05 -29.92 47.47
C GLY T 101 -74.29 -28.77 48.43
N LYS T 102 -74.83 -29.13 49.60
CA LYS T 102 -75.07 -28.16 50.65
C LYS T 102 -74.70 -28.75 52.01
N GLU T 103 -74.35 -27.87 52.93
CA GLU T 103 -73.99 -28.27 54.29
C GLU T 103 -75.23 -28.69 55.08
N ASP T 104 -75.09 -29.74 55.87
CA ASP T 104 -76.19 -30.25 56.68
C ASP T 104 -75.74 -30.57 58.10
N GLY T 105 -75.05 -29.62 58.72
CA GLY T 105 -74.72 -29.73 60.13
C GLY T 105 -73.50 -30.57 60.39
N ALA T 106 -73.24 -30.76 61.68
CA ALA T 106 -72.04 -31.46 62.12
C ALA T 106 -72.19 -32.97 62.01
N TYR T 107 -71.05 -33.64 61.91
CA TYR T 107 -70.99 -35.09 61.89
C TYR T 107 -70.46 -35.59 63.22
N VAL T 108 -71.08 -36.65 63.74
CA VAL T 108 -70.55 -37.37 64.89
C VAL T 108 -69.88 -38.64 64.38
N GLY T 109 -68.69 -38.94 64.89
CA GLY T 109 -67.93 -40.09 64.46
C GLY T 109 -66.45 -39.84 64.33
N LYS U 24 12.21 62.53 12.40
CA LYS U 24 13.30 63.40 11.97
C LYS U 24 13.11 64.82 12.48
N GLU U 25 14.12 65.36 13.16
CA GLU U 25 14.06 66.67 13.79
C GLU U 25 14.99 67.61 13.04
N ILE U 26 14.45 68.71 12.53
CA ILE U 26 15.19 69.68 11.74
C ILE U 26 15.11 71.03 12.45
N ALA U 27 16.27 71.66 12.65
CA ALA U 27 16.53 72.88 13.44
C ALA U 27 15.75 72.94 14.75
N GLU U 28 20.04 81.49 24.33
CA GLU U 28 19.47 80.51 23.40
C GLU U 28 19.65 78.98 23.66
N PRO U 29 20.62 78.50 24.50
CA PRO U 29 20.41 77.15 25.04
C PRO U 29 19.51 77.17 26.27
N ASP U 30 18.32 76.61 26.15
CA ASP U 30 17.44 76.49 27.30
C ASP U 30 17.84 75.27 28.12
N THR U 31 17.21 75.12 29.29
CA THR U 31 17.29 73.87 30.03
C THR U 31 15.96 73.14 30.07
N THR U 32 14.85 73.86 29.88
CA THR U 32 13.57 73.20 29.68
C THR U 32 13.49 72.54 28.30
N MET U 33 14.27 73.03 27.32
CA MET U 33 14.37 72.36 26.02
C MET U 33 14.99 70.98 26.15
N ILE U 34 15.99 70.85 27.03
CA ILE U 34 16.66 69.58 27.26
C ILE U 34 15.70 68.57 27.90
N GLN U 35 14.92 69.02 28.89
CA GLN U 35 13.92 68.16 29.52
C GLN U 35 12.82 67.78 28.53
N LYS U 36 12.45 68.71 27.66
CA LYS U 36 11.43 68.44 26.64
C LYS U 36 11.93 67.42 25.63
N LEU U 37 13.20 67.51 25.25
CA LEU U 37 13.75 66.57 24.27
C LEU U 37 13.96 65.20 24.88
N ILE U 38 14.39 65.14 26.14
CA ILE U 38 14.65 63.86 26.79
C ILE U 38 13.34 63.13 27.09
N ASP U 39 12.30 63.87 27.51
CA ASP U 39 11.00 63.26 27.79
C ASP U 39 10.33 62.72 26.53
N GLU U 40 10.55 63.38 25.38
CA GLU U 40 9.92 63.00 24.13
C GLU U 40 10.71 61.98 23.32
N HIS U 41 11.73 61.36 23.92
CA HIS U 41 12.59 60.42 23.21
C HIS U 41 12.17 58.99 23.52
N ASN U 42 11.98 58.20 22.48
CA ASN U 42 11.56 56.80 22.63
C ASN U 42 12.67 55.86 22.20
N PRO U 43 13.43 55.28 23.14
CA PRO U 43 14.50 54.35 22.76
C PRO U 43 14.04 52.91 22.57
N GLU U 44 12.74 52.66 22.66
CA GLU U 44 12.21 51.31 22.54
C GLU U 44 12.41 50.65 21.17
N PRO U 45 12.22 51.31 20.01
CA PRO U 45 12.53 50.60 18.75
C PRO U 45 14.01 50.30 18.53
N LEU U 46 14.92 50.99 19.22
CA LEU U 46 16.33 50.65 19.10
C LEU U 46 16.72 49.48 19.99
N LEU U 47 15.95 49.19 21.02
CA LEU U 47 16.31 48.17 21.99
C LEU U 47 15.68 46.80 21.72
N LYS U 48 14.87 46.66 20.66
CA LYS U 48 14.28 45.36 20.36
C LYS U 48 15.32 44.36 19.89
N GLY U 49 16.22 44.79 19.00
CA GLY U 49 17.25 43.90 18.48
C GLY U 49 18.24 43.47 19.53
N VAL U 50 18.51 44.32 20.52
CA VAL U 50 19.35 43.95 21.65
C VAL U 50 18.68 42.86 22.48
N ARG U 51 17.36 42.99 22.69
CA ARG U 51 16.63 41.99 23.48
C ARG U 51 16.55 40.65 22.75
N TYR U 52 16.35 40.70 21.43
CA TYR U 52 16.34 39.46 20.66
C TYR U 52 17.73 38.86 20.49
N TYR U 53 18.79 39.66 20.64
CA TYR U 53 20.15 39.11 20.62
C TYR U 53 20.44 38.27 21.85
N MET U 54 19.86 38.62 22.99
CA MET U 54 20.05 37.88 24.23
C MET U 54 18.95 36.84 24.48
N CYS U 55 18.27 36.40 23.41
CA CYS U 55 17.14 35.46 23.40
C CYS U 55 16.08 35.78 24.47
N GLU U 56 15.63 37.02 24.47
CA GLU U 56 14.48 37.46 25.27
C GLU U 56 13.46 38.01 24.28
N ASN U 57 12.68 37.11 23.69
CA ASN U 57 11.75 37.48 22.63
C ASN U 57 10.39 37.83 23.22
N ASP U 58 9.44 38.17 22.35
CA ASP U 58 8.12 38.61 22.79
C ASP U 58 7.30 37.49 23.42
N ILE U 59 7.66 36.23 23.15
CA ILE U 59 7.01 35.04 23.71
C ILE U 59 7.05 35.02 25.24
N GLU U 60 7.98 35.75 25.86
CA GLU U 60 8.03 35.85 27.31
C GLU U 60 6.88 36.64 27.92
N LYS U 61 6.07 37.31 27.11
CA LYS U 61 4.89 38.01 27.60
C LYS U 61 3.63 37.16 27.55
N LYS U 62 3.74 35.86 27.31
CA LYS U 62 2.60 34.97 27.22
C LYS U 62 2.07 34.62 28.60
N ARG U 63 0.73 34.63 28.73
CA ARG U 63 0.05 34.26 29.97
C ARG U 63 -1.04 33.25 29.68
N ARG U 64 -1.30 32.37 30.64
CA ARG U 64 -2.44 31.45 30.58
C ARG U 64 -3.58 32.02 31.42
N THR U 65 -4.69 32.36 30.77
CA THR U 65 -5.85 32.93 31.44
C THR U 65 -7.08 32.05 31.23
N TYR U 66 -8.07 32.21 32.09
CA TYR U 66 -9.34 31.51 31.93
C TYR U 66 -10.47 32.36 32.51
N TYR U 67 -11.70 31.86 32.37
CA TYR U 67 -12.89 32.59 32.80
C TYR U 67 -13.64 31.82 33.87
N ASP U 68 -14.10 32.54 34.88
CA ASP U 68 -14.87 31.97 35.97
C ASP U 68 -16.36 31.95 35.62
N ALA U 69 -17.12 31.19 36.42
CA ALA U 69 -18.56 31.40 36.47
C ALA U 69 -18.85 32.81 36.95
N ALA U 70 -19.72 33.51 36.22
CA ALA U 70 -19.99 34.96 36.21
C ALA U 70 -18.88 35.76 35.53
N GLY U 71 -18.14 35.15 34.61
CA GLY U 71 -17.35 35.88 33.64
C GLY U 71 -16.08 36.51 34.13
N GLN U 72 -15.53 36.05 35.25
CA GLN U 72 -14.36 36.66 35.84
C GLN U 72 -13.09 36.07 35.21
N GLN U 73 -12.28 36.93 34.61
CA GLN U 73 -11.02 36.52 33.99
C GLN U 73 -9.95 36.35 35.06
N LEU U 74 -9.43 35.13 35.19
CA LEU U 74 -8.44 34.80 36.20
C LEU U 74 -7.15 34.36 35.53
N VAL U 75 -6.03 34.88 36.04
CA VAL U 75 -4.69 34.53 35.57
C VAL U 75 -4.02 33.76 36.70
N ASP U 76 -3.78 32.49 36.48
CA ASP U 76 -3.11 31.67 37.49
C ASP U 76 -1.61 31.66 37.22
N ASP U 77 -0.84 31.65 38.31
CA ASP U 77 0.62 31.75 38.24
C ASP U 77 1.32 30.48 38.67
N THR U 78 0.58 29.45 39.08
CA THR U 78 1.15 28.16 39.41
C THR U 78 0.97 27.13 38.30
N LYS U 79 0.25 27.48 37.23
CA LYS U 79 0.09 26.59 36.09
C LYS U 79 1.31 26.64 35.19
N THR U 80 1.56 25.54 34.48
CA THR U 80 2.71 25.43 33.59
C THR U 80 2.53 26.34 32.37
N ASN U 81 3.56 27.14 32.10
CA ASN U 81 3.51 28.17 31.06
C ASN U 81 4.83 28.12 30.29
N ASN U 82 4.87 27.37 29.19
CA ASN U 82 6.08 27.17 28.41
C ASN U 82 6.30 28.35 27.48
N ARG U 83 7.47 29.00 27.59
CA ARG U 83 7.85 30.16 26.77
C ARG U 83 9.29 29.95 26.30
N THR U 84 9.45 29.35 25.13
CA THR U 84 10.77 29.02 24.60
C THR U 84 11.18 30.06 23.55
N SER U 85 12.29 30.74 23.82
CA SER U 85 12.88 31.70 22.88
C SER U 85 13.95 31.02 22.06
N HIS U 86 13.94 31.26 20.75
CA HIS U 86 14.95 30.72 19.86
C HIS U 86 15.94 31.82 19.46
N ALA U 87 17.18 31.40 19.20
CA ALA U 87 18.32 32.31 19.08
C ALA U 87 18.76 32.52 17.64
N TRP U 88 17.81 32.70 16.71
CA TRP U 88 18.15 32.88 15.29
C TRP U 88 18.89 34.19 15.04
N HIS U 89 18.47 35.26 15.72
CA HIS U 89 18.99 36.60 15.47
C HIS U 89 20.47 36.72 15.87
N LYS U 90 20.84 36.10 17.01
CA LYS U 90 22.23 36.11 17.46
C LYS U 90 23.14 35.38 16.48
N LEU U 91 22.66 34.24 15.95
CA LEU U 91 23.42 33.48 14.96
C LEU U 91 23.62 34.28 13.68
N PHE U 92 22.59 34.97 13.21
CA PHE U 92 22.69 35.75 11.98
C PHE U 92 23.64 36.93 12.15
N VAL U 93 23.56 37.62 13.31
CA VAL U 93 24.41 38.79 13.55
C VAL U 93 25.87 38.37 13.71
N ASP U 94 26.13 37.25 14.41
CA ASP U 94 27.50 36.76 14.57
C ASP U 94 28.10 36.33 13.24
N GLN U 95 27.31 35.66 12.40
CA GLN U 95 27.78 35.24 11.07
C GLN U 95 28.14 36.44 10.22
N LYS U 96 27.29 37.47 10.21
CA LYS U 96 27.55 38.67 9.43
C LYS U 96 28.78 39.43 9.94
N THR U 97 28.95 39.53 11.26
CA THR U 97 30.04 40.30 11.83
C THR U 97 31.39 39.62 11.58
N GLN U 98 31.47 38.31 11.74
CA GLN U 98 32.73 37.62 11.47
C GLN U 98 33.03 37.55 9.97
N TYR U 99 31.99 37.55 9.12
CA TYR U 99 32.23 37.63 7.69
C TYR U 99 32.79 39.00 7.29
N LEU U 100 32.36 40.06 7.96
CA LEU U 100 32.79 41.39 7.54
C LEU U 100 34.15 41.77 8.15
N VAL U 101 34.28 41.73 9.48
CA VAL U 101 35.49 42.24 10.11
C VAL U 101 36.12 41.22 11.05
N GLY U 102 35.94 39.94 10.74
CA GLY U 102 36.65 38.91 11.49
C GLY U 102 38.15 38.98 11.28
N GLU U 103 38.57 39.25 10.06
CA GLU U 103 39.95 39.65 9.77
C GLU U 103 40.10 41.15 9.95
N PRO U 104 41.23 41.62 10.44
CA PRO U 104 41.42 43.06 10.60
C PRO U 104 41.55 43.78 9.26
N VAL U 105 41.19 45.05 9.28
CA VAL U 105 41.28 45.93 8.12
C VAL U 105 42.72 46.37 7.96
N THR U 106 43.25 46.32 6.74
CA THR U 106 44.63 46.71 6.51
C THR U 106 44.71 47.98 5.67
N PHE U 107 45.82 48.70 5.83
CA PHE U 107 45.98 50.04 5.31
C PHE U 107 47.24 50.15 4.46
N THR U 108 47.15 50.97 3.41
CA THR U 108 48.29 51.22 2.52
C THR U 108 48.33 52.70 2.16
N SER U 109 49.54 53.19 1.91
CA SER U 109 49.76 54.58 1.55
C SER U 109 51.10 54.71 0.86
N ASP U 110 51.31 55.86 0.22
CA ASP U 110 52.62 56.25 -0.28
C ASP U 110 53.34 57.18 0.70
N ASN U 111 52.61 58.08 1.34
CA ASN U 111 53.13 58.88 2.44
C ASN U 111 53.42 57.98 3.62
N LYS U 112 54.69 57.74 3.91
CA LYS U 112 55.06 56.72 4.89
C LYS U 112 54.99 57.20 6.33
N THR U 113 55.07 58.52 6.56
CA THR U 113 54.89 59.06 7.90
C THR U 113 53.44 58.90 8.36
N LEU U 114 52.50 59.22 7.47
CA LEU U 114 51.08 58.98 7.73
C LEU U 114 50.79 57.50 7.93
N LEU U 115 51.47 56.63 7.17
CA LEU U 115 51.27 55.19 7.32
C LEU U 115 51.76 54.70 8.67
N GLU U 116 52.89 55.23 9.16
CA GLU U 116 53.39 54.85 10.48
C GLU U 116 52.44 55.29 11.59
N TYR U 117 51.89 56.51 11.46
CA TYR U 117 50.92 57.01 12.45
C TYR U 117 49.66 56.17 12.47
N VAL U 118 49.09 55.88 11.28
CA VAL U 118 47.86 55.12 11.17
C VAL U 118 48.05 53.69 11.65
N ASN U 119 49.21 53.08 11.36
CA ASN U 119 49.44 51.71 11.78
C ASN U 119 49.68 51.60 13.28
N GLU U 120 50.30 52.61 13.90
CA GLU U 120 50.38 52.52 15.36
C GLU U 120 49.07 52.90 16.04
N LEU U 121 48.16 53.58 15.34
CA LEU U 121 46.83 53.82 15.91
C LEU U 121 45.94 52.58 15.87
N ALA U 122 45.99 51.80 14.79
CA ALA U 122 45.06 50.69 14.59
C ALA U 122 45.67 49.40 15.10
N ASP U 123 45.30 49.03 16.32
CA ASP U 123 45.84 47.86 17.01
C ASP U 123 44.71 46.93 17.43
N ASP U 124 44.99 45.99 18.34
CA ASP U 124 44.01 45.00 18.77
C ASP U 124 42.79 45.62 19.45
N ASP U 125 43.00 46.73 20.17
CA ASP U 125 41.88 47.45 20.76
C ASP U 125 40.97 48.02 19.68
N PHE U 126 41.56 48.54 18.60
CA PHE U 126 40.79 49.04 17.46
C PHE U 126 39.99 47.93 16.80
N ASP U 127 40.57 46.73 16.71
CA ASP U 127 39.88 45.59 16.12
C ASP U 127 38.68 45.16 16.95
N ASP U 128 38.85 45.14 18.29
CA ASP U 128 37.74 44.76 19.16
C ASP U 128 36.62 45.80 19.13
N ILE U 129 36.97 47.09 19.08
CA ILE U 129 35.97 48.15 19.01
C ILE U 129 35.21 48.08 17.69
N LEU U 130 35.91 47.75 16.60
CA LEU U 130 35.26 47.64 15.30
C LEU U 130 34.28 46.45 15.25
N ASN U 131 34.67 45.31 15.83
CA ASN U 131 33.76 44.18 15.93
C ASN U 131 32.50 44.50 16.74
N GLU U 132 32.68 45.14 17.90
CA GLU U 132 31.52 45.50 18.72
C GLU U 132 30.65 46.55 18.06
N THR U 133 31.26 47.44 17.26
CA THR U 133 30.51 48.46 16.52
C THR U 133 29.62 47.83 15.44
N VAL U 134 30.17 46.87 14.70
CA VAL U 134 29.38 46.21 13.65
C VAL U 134 28.22 45.40 14.27
N LYS U 135 28.47 44.76 15.42
CA LYS U 135 27.38 44.05 16.11
C LYS U 135 26.29 45.00 16.60
N ASN U 136 26.68 46.13 17.21
CA ASN U 136 25.69 47.10 17.71
C ASN U 136 24.92 47.74 16.57
N MET U 137 25.58 47.96 15.44
CA MET U 137 24.93 48.53 14.27
C MET U 137 23.90 47.56 13.68
N SER U 138 24.20 46.27 13.71
CA SER U 138 23.21 45.28 13.28
C SER U 138 22.05 45.18 14.25
N ASN U 139 22.30 45.37 15.55
CA ASN U 139 21.22 45.22 16.53
C ASN U 139 20.32 46.45 16.60
N LYS U 140 20.84 47.66 16.39
CA LYS U 140 20.04 48.86 16.62
C LYS U 140 19.72 49.66 15.37
N GLY U 141 20.53 49.57 14.33
CA GLY U 141 20.38 50.39 13.16
C GLY U 141 21.40 51.50 13.03
N ILE U 142 22.08 51.86 14.12
CA ILE U 142 23.01 53.00 14.13
C ILE U 142 23.95 52.82 15.31
N GLU U 143 25.20 53.24 15.13
CA GLU U 143 26.16 53.34 16.24
C GLU U 143 26.95 54.63 16.07
N TYR U 144 27.50 55.14 17.18
CA TYR U 144 28.20 56.42 17.18
C TYR U 144 29.55 56.31 17.86
N TRP U 145 30.56 56.95 17.27
CA TRP U 145 31.86 57.13 17.89
C TRP U 145 32.06 58.58 18.30
N HIS U 146 32.90 58.78 19.31
CA HIS U 146 33.26 60.10 19.82
C HIS U 146 34.78 60.20 19.90
N PRO U 147 35.41 61.08 19.12
CA PRO U 147 36.84 61.30 19.23
C PRO U 147 37.18 62.48 20.15
N PHE U 148 38.31 62.34 20.84
CA PHE U 148 38.75 63.35 21.80
C PHE U 148 40.25 63.23 22.01
N VAL U 149 40.80 64.14 22.82
CA VAL U 149 42.22 64.13 23.18
C VAL U 149 42.32 63.78 24.66
N ASP U 150 43.25 62.88 24.97
CA ASP U 150 43.34 62.17 26.24
C ASP U 150 43.80 63.09 27.38
N GLU U 151 44.02 62.49 28.55
CA GLU U 151 44.57 63.24 29.68
C GLU U 151 46.02 63.62 29.44
N GLU U 152 46.78 62.73 28.81
CA GLU U 152 48.19 62.96 28.49
C GLU U 152 48.40 63.43 27.06
N GLY U 153 47.38 64.02 26.44
CA GLY U 153 47.55 64.65 25.15
C GLY U 153 47.61 63.71 23.95
N GLU U 154 47.06 62.51 24.04
CA GLU U 154 47.01 61.60 22.92
C GLU U 154 45.60 61.56 22.33
N PHE U 155 45.51 61.04 21.11
CA PHE U 155 44.23 60.90 20.41
C PHE U 155 43.51 59.65 20.90
N ASP U 156 42.22 59.78 21.19
CA ASP U 156 41.46 58.64 21.71
C ASP U 156 40.03 58.71 21.19
N TYR U 157 39.29 57.63 21.36
CA TYR U 157 37.94 57.49 20.83
C TYR U 157 37.14 56.56 21.73
N VAL U 158 35.82 56.71 21.71
CA VAL U 158 34.95 55.92 22.57
C VAL U 158 33.58 55.76 21.89
N ILE U 159 32.87 54.69 22.23
CA ILE U 159 31.56 54.42 21.66
C ILE U 159 30.49 55.13 22.49
N PHE U 160 29.64 55.91 21.82
CA PHE U 160 28.45 56.49 22.44
C PHE U 160 27.26 55.60 22.09
N PRO U 161 26.61 54.95 23.04
CA PRO U 161 25.48 54.05 22.70
C PRO U 161 24.28 54.82 22.20
N ALA U 162 23.67 54.30 21.12
CA ALA U 162 22.73 55.08 20.33
C ALA U 162 21.37 55.25 20.99
N GLU U 163 21.03 54.44 21.99
CA GLU U 163 19.79 54.62 22.71
C GLU U 163 19.83 55.76 23.72
N GLU U 164 20.98 56.44 23.87
CA GLU U 164 21.10 57.62 24.69
C GLU U 164 21.26 58.90 23.89
N MET U 165 21.25 58.84 22.56
CA MET U 165 21.60 59.97 21.72
C MET U 165 20.39 60.59 21.06
N ILE U 166 20.35 61.92 21.03
CA ILE U 166 19.37 62.68 20.27
C ILE U 166 20.15 63.63 19.37
N VAL U 167 19.95 63.50 18.07
CA VAL U 167 20.74 64.21 17.06
C VAL U 167 19.81 65.11 16.27
N VAL U 168 20.20 66.38 16.11
CA VAL U 168 19.40 67.39 15.43
C VAL U 168 20.19 67.92 14.22
N TYR U 169 19.56 67.92 13.05
CA TYR U 169 20.20 68.30 11.80
C TYR U 169 19.75 69.71 11.42
N LYS U 170 20.67 70.50 10.86
CA LYS U 170 20.37 71.90 10.55
C LYS U 170 19.35 72.07 9.44
N ASP U 171 18.60 73.17 9.52
CA ASP U 171 17.66 73.55 8.48
C ASP U 171 18.37 73.87 7.17
N ASN U 172 17.69 73.60 6.06
CA ASN U 172 18.09 73.80 4.66
C ASN U 172 19.20 72.85 4.24
N THR U 173 19.64 71.94 5.11
CA THR U 173 20.68 70.99 4.74
C THR U 173 20.19 69.55 4.87
N ARG U 174 19.71 69.18 6.07
CA ARG U 174 19.35 67.81 6.46
C ARG U 174 20.49 66.80 6.27
N ARG U 175 21.73 67.27 6.30
CA ARG U 175 22.91 66.44 6.12
C ARG U 175 23.94 66.63 7.21
N ASP U 176 23.96 67.78 7.87
CA ASP U 176 24.99 68.13 8.83
C ASP U 176 24.36 68.39 10.19
N ILE U 177 25.14 68.17 11.24
CA ILE U 177 24.64 68.08 12.61
C ILE U 177 24.80 69.44 13.29
N LEU U 178 23.74 69.90 13.96
CA LEU U 178 23.81 71.11 14.75
C LEU U 178 24.32 70.82 16.17
N PHE U 179 23.67 69.92 16.89
CA PHE U 179 24.10 69.57 18.23
C PHE U 179 23.71 68.12 18.53
N ALA U 180 24.31 67.59 19.59
CA ALA U 180 24.05 66.22 20.02
C ALA U 180 23.85 66.18 21.52
N LEU U 181 22.76 65.59 21.97
CA LEU U 181 22.45 65.44 23.38
C LEU U 181 22.60 63.99 23.81
N ARG U 182 23.24 63.76 24.95
CA ARG U 182 23.47 62.42 25.49
C ARG U 182 23.07 62.40 26.95
N TYR U 183 22.22 61.46 27.35
CA TYR U 183 21.71 61.40 28.71
C TYR U 183 21.81 59.98 29.25
N TYR U 184 22.20 59.86 30.51
CA TYR U 184 22.41 58.53 31.10
C TYR U 184 22.26 58.62 32.61
N SER U 185 22.40 57.46 33.26
CA SER U 185 22.22 57.35 34.71
C SER U 185 23.03 56.18 35.23
N TYR U 186 23.33 56.23 36.52
CA TYR U 186 23.98 55.09 37.19
C TYR U 186 23.65 55.10 38.67
N LYS U 187 23.82 53.94 39.29
CA LYS U 187 23.59 53.76 40.72
C LYS U 187 24.88 53.65 41.51
N GLY U 188 24.74 53.71 42.82
CA GLY U 188 25.88 53.65 43.73
C GLY U 188 25.67 52.53 44.72
N ILE U 189 26.69 52.30 45.57
CA ILE U 189 26.74 51.27 46.60
C ILE U 189 25.47 51.22 47.46
N MET U 190 25.01 52.39 47.91
CA MET U 190 23.80 52.46 48.74
C MET U 190 22.55 52.10 47.94
N GLY U 191 22.55 52.37 46.64
CA GLY U 191 21.35 52.26 45.85
C GLY U 191 20.94 53.63 45.38
N GLU U 192 21.91 54.53 45.30
CA GLU U 192 21.69 55.92 44.91
C GLU U 192 21.33 56.01 43.44
N GLU U 193 21.12 57.24 42.97
CA GLU U 193 20.70 57.46 41.60
C GLU U 193 21.31 58.75 41.08
N THR U 194 21.99 58.68 39.95
CA THR U 194 22.63 59.86 39.37
C THR U 194 22.22 59.95 37.91
N GLN U 195 21.63 61.07 37.53
CA GLN U 195 21.14 61.32 36.18
C GLN U 195 21.90 62.51 35.58
N LYS U 196 22.65 62.24 34.50
CA LYS U 196 23.50 63.25 33.89
C LYS U 196 23.17 63.40 32.41
N ALA U 197 23.52 64.56 31.87
CA ALA U 197 23.33 64.85 30.45
C ALA U 197 24.50 65.70 29.94
N GLU U 198 24.70 65.66 28.63
CA GLU U 198 25.81 66.34 27.97
C GLU U 198 25.36 66.83 26.60
N LEU U 199 25.65 68.09 26.29
CA LEU U 199 25.33 68.66 24.99
C LEU U 199 26.61 69.00 24.25
N TYR U 200 26.64 68.71 22.95
CA TYR U 200 27.81 68.89 22.10
C TYR U 200 27.43 69.78 20.92
N THR U 201 28.15 70.88 20.76
CA THR U 201 28.00 71.83 19.67
C THR U 201 29.25 71.74 18.78
N ASP U 202 29.32 72.53 17.71
CA ASP U 202 30.51 72.55 16.87
C ASP U 202 31.74 73.17 17.54
N THR U 203 31.59 73.78 18.74
CA THR U 203 32.72 74.39 19.42
C THR U 203 32.81 74.02 20.90
N HIS U 204 31.69 73.70 21.54
CA HIS U 204 31.63 73.59 22.99
C HIS U 204 30.89 72.34 23.43
N VAL U 205 31.11 71.96 24.68
CA VAL U 205 30.37 70.89 25.35
C VAL U 205 29.87 71.42 26.70
N TYR U 206 28.56 71.24 26.94
CA TYR U 206 27.89 71.58 28.19
C TYR U 206 27.58 70.32 28.99
N TYR U 207 27.60 70.45 30.31
CA TYR U 207 27.34 69.34 31.23
C TYR U 207 26.14 69.67 32.11
N TYR U 208 25.37 68.65 32.47
CA TYR U 208 24.16 68.85 33.24
C TYR U 208 23.93 67.68 34.19
N GLU U 209 23.27 67.98 35.30
CA GLU U 209 22.92 66.98 36.31
C GLU U 209 21.50 67.27 36.80
N LYS U 210 20.72 66.21 37.02
CA LYS U 210 19.37 66.33 37.52
C LYS U 210 19.34 66.05 39.03
N ILE U 211 18.85 67.02 39.82
CA ILE U 211 18.73 66.80 41.26
C ILE U 211 17.38 66.16 41.57
N ASP U 212 16.29 66.88 41.32
CA ASP U 212 14.97 66.38 41.66
C ASP U 212 14.10 66.15 40.43
N GLY U 213 13.77 67.20 39.68
CA GLY U 213 12.97 67.06 38.49
C GLY U 213 13.41 68.07 37.46
N VAL U 214 14.52 68.75 37.75
CA VAL U 214 15.04 69.80 36.88
C VAL U 214 16.53 69.54 36.68
N TYR U 215 17.00 69.83 35.47
CA TYR U 215 18.41 69.71 35.11
C TYR U 215 19.09 71.04 35.40
N GLN U 216 20.26 70.99 36.02
CA GLN U 216 21.06 72.20 36.21
C GLN U 216 22.49 71.88 35.81
N MET U 217 23.28 72.95 35.66
CA MET U 217 24.69 72.84 35.33
C MET U 217 25.45 71.99 36.35
N ASP U 218 26.17 70.99 35.85
CA ASP U 218 26.94 70.10 36.71
C ASP U 218 28.13 70.87 37.28
N TYR U 219 28.40 70.67 38.57
CA TYR U 219 29.33 71.52 39.31
C TYR U 219 30.56 70.78 39.83
N SER U 220 30.85 69.59 39.30
CA SER U 220 32.17 69.01 39.53
C SER U 220 33.23 69.76 38.73
N TYR U 221 32.84 70.40 37.63
CA TYR U 221 33.80 71.04 36.74
C TYR U 221 34.22 72.42 37.24
N GLY U 222 33.36 73.12 37.98
CA GLY U 222 33.76 74.35 38.63
C GLY U 222 34.00 75.54 37.73
N GLU U 223 32.91 76.11 37.19
CA GLU U 223 32.90 77.27 36.28
C GLU U 223 33.66 76.95 34.99
N ASN U 224 33.65 75.68 34.60
CA ASN U 224 34.10 75.23 33.29
C ASN U 224 33.02 74.41 32.62
N ASN U 225 31.77 74.78 32.83
CA ASN U 225 30.66 74.00 32.24
C ASN U 225 30.54 74.16 30.72
N PRO U 226 30.63 75.38 30.10
CA PRO U 226 30.65 75.39 28.62
C PRO U 226 32.07 75.20 28.08
N ARG U 227 32.63 74.04 28.38
CA ARG U 227 34.05 73.79 28.14
C ARG U 227 34.31 73.61 26.64
N PRO U 228 35.46 74.06 26.14
CA PRO U 228 35.80 73.80 24.74
C PRO U 228 36.04 72.33 24.47
N HIS U 229 36.12 71.99 23.17
CA HIS U 229 36.34 70.62 22.77
C HIS U 229 37.73 70.16 23.17
N MET U 230 37.85 68.85 23.38
CA MET U 230 39.12 68.24 23.77
C MET U 230 40.04 68.19 22.55
N THR U 231 40.67 69.33 22.24
CA THR U 231 41.58 69.42 21.10
C THR U 231 43.02 69.71 21.48
N LYS U 232 43.29 70.82 22.17
CA LYS U 232 44.68 71.29 22.29
C LYS U 232 45.35 70.80 23.57
N GLY U 233 44.70 70.98 24.71
CA GLY U 233 45.32 70.88 26.02
C GLY U 233 45.15 72.22 26.71
N GLY U 234 45.39 73.27 25.93
CA GLY U 234 44.69 74.52 26.11
C GLY U 234 43.41 74.50 25.31
N GLN U 235 42.80 75.67 25.15
CA GLN U 235 41.65 75.77 24.28
C GLN U 235 42.06 76.14 22.85
N ALA U 236 41.37 75.56 21.89
CA ALA U 236 41.14 76.16 20.59
C ALA U 236 39.66 76.48 20.52
N ILE U 237 39.19 76.95 19.38
CA ILE U 237 37.75 77.16 19.24
C ILE U 237 37.04 75.82 19.12
N GLY U 238 37.66 74.84 18.48
CA GLY U 238 37.09 73.52 18.38
C GLY U 238 37.46 72.86 17.08
N TRP U 239 36.83 71.70 16.83
CA TRP U 239 37.09 70.95 15.61
C TRP U 239 36.54 71.65 14.37
N GLY U 240 35.58 72.55 14.53
CA GLY U 240 34.84 73.04 13.39
C GLY U 240 33.73 72.12 12.95
N ARG U 241 33.43 71.10 13.77
CA ARG U 241 32.50 70.04 13.45
C ARG U 241 32.10 69.40 14.76
N VAL U 242 30.86 68.94 14.85
CA VAL U 242 30.35 68.26 16.04
C VAL U 242 31.08 66.92 16.18
N PRO U 243 31.74 66.67 17.31
CA PRO U 243 32.56 65.44 17.42
C PRO U 243 31.74 64.17 17.62
N ILE U 244 31.07 63.73 16.57
CA ILE U 244 30.27 62.50 16.60
C ILE U 244 30.36 61.87 15.22
N ILE U 245 30.55 60.55 15.18
CA ILE U 245 30.79 59.82 13.94
C ILE U 245 29.73 58.73 13.81
N PRO U 246 28.85 58.77 12.81
CA PRO U 246 27.81 57.74 12.68
C PRO U 246 28.17 56.57 11.78
N PHE U 247 27.79 55.39 12.23
CA PHE U 247 27.87 54.15 11.47
C PHE U 247 26.43 53.65 11.30
N LYS U 248 25.89 53.78 10.09
CA LYS U 248 24.52 53.39 9.81
C LYS U 248 24.46 51.96 9.30
N ASN U 249 23.40 51.24 9.71
CA ASN U 249 23.19 49.89 9.19
C ASN U 249 22.74 49.93 7.73
N ASN U 250 21.94 50.92 7.38
CA ASN U 250 21.45 51.15 6.03
C ASN U 250 21.00 52.60 5.95
N GLU U 251 20.38 52.98 4.82
CA GLU U 251 19.96 54.37 4.65
C GLU U 251 18.77 54.72 5.53
N GLU U 252 17.91 53.75 5.84
CA GLU U 252 16.77 53.98 6.71
C GLU U 252 17.12 53.86 8.18
N MET U 253 18.32 53.37 8.49
CA MET U 253 18.85 53.21 9.86
C MET U 253 17.98 52.31 10.72
N VAL U 254 17.45 51.26 10.11
CA VAL U 254 16.66 50.25 10.82
C VAL U 254 17.53 49.04 11.09
N SER U 255 17.17 48.30 12.14
CA SER U 255 17.86 47.07 12.49
C SER U 255 17.54 45.95 11.49
N ASP U 256 18.34 44.89 11.54
CA ASP U 256 18.11 43.73 10.69
C ASP U 256 16.86 42.96 11.09
N LEU U 257 16.55 42.96 12.40
CA LEU U 257 15.43 42.21 12.97
C LEU U 257 14.09 42.66 12.41
N LYS U 258 14.02 43.89 11.88
CA LYS U 258 12.81 44.40 11.26
C LYS U 258 12.34 43.55 10.08
N PHE U 259 13.25 42.86 9.40
CA PHE U 259 12.83 42.13 8.21
C PHE U 259 12.44 40.68 8.47
N TYR U 260 12.66 40.14 9.70
CA TYR U 260 12.25 38.76 9.96
C TYR U 260 11.71 38.52 11.37
N LYS U 261 11.14 39.53 12.03
CA LYS U 261 10.70 39.36 13.42
C LYS U 261 9.45 38.50 13.53
N ASP U 262 8.53 38.62 12.57
CA ASP U 262 7.27 37.88 12.59
C ASP U 262 7.49 36.38 12.43
N LEU U 263 8.49 35.97 11.65
CA LEU U 263 8.78 34.56 11.46
C LEU U 263 9.33 33.93 12.73
N ILE U 264 10.18 34.66 13.46
CA ILE U 264 10.69 34.21 14.75
C ILE U 264 9.55 34.08 15.76
N ASP U 265 8.61 35.04 15.74
CA ASP U 265 7.47 34.98 16.65
C ASP U 265 6.55 33.80 16.34
N ASN U 266 6.32 33.50 15.05
CA ASN U 266 5.50 32.36 14.66
C ASN U 266 6.14 31.03 15.08
N TYR U 267 7.47 30.93 14.89
CA TYR U 267 8.24 29.76 15.31
C TYR U 267 8.11 29.52 16.82
N ASP U 268 8.31 30.59 17.61
CA ASP U 268 8.24 30.49 19.07
C ASP U 268 6.85 30.09 19.54
N SER U 269 5.80 30.67 18.96
CA SER U 269 4.44 30.41 19.42
C SER U 269 4.00 28.98 19.09
N ILE U 270 4.36 28.47 17.91
CA ILE U 270 3.99 27.11 17.54
C ILE U 270 4.70 26.08 18.43
N THR U 271 6.01 26.26 18.64
CA THR U 271 6.74 25.28 19.46
C THR U 271 6.31 25.33 20.94
N SER U 272 5.97 26.52 21.45
CA SER U 272 5.52 26.62 22.84
C SER U 272 4.14 25.98 23.02
N SER U 273 3.26 26.10 22.03
CA SER U 273 1.96 25.44 22.11
C SER U 273 2.10 23.92 22.11
N THR U 274 3.03 23.39 21.29
CA THR U 274 3.28 21.95 21.30
C THR U 274 3.83 21.47 22.65
N MET U 275 4.71 22.26 23.27
CA MET U 275 5.25 21.87 24.57
C MET U 275 4.18 21.93 25.66
N ASP U 276 3.23 22.86 25.58
CA ASP U 276 2.13 22.90 26.56
C ASP U 276 1.22 21.68 26.42
N SER U 277 0.96 21.24 25.19
CA SER U 277 0.20 20.01 24.98
C SER U 277 0.94 18.79 25.52
N PHE U 278 2.28 18.76 25.38
CA PHE U 278 3.04 17.67 25.99
C PHE U 278 3.01 17.71 27.51
N SER U 279 2.92 18.90 28.10
CA SER U 279 2.85 19.00 29.56
C SER U 279 1.49 18.59 30.11
N ASP U 280 0.41 18.78 29.35
CA ASP U 280 -0.92 18.58 29.93
C ASP U 280 -1.51 17.19 29.70
N PHE U 281 -1.10 16.46 28.67
CA PHE U 281 -1.87 15.31 28.17
C PHE U 281 -1.10 14.02 28.37
N GLN U 282 -1.68 13.09 29.14
CA GLN U 282 -1.17 11.73 29.25
C GLN U 282 -1.74 10.87 28.13
N GLN U 283 -0.89 10.10 27.47
CA GLN U 283 -1.24 9.54 26.16
C GLN U 283 -1.83 8.13 26.21
N ILE U 284 -1.71 7.41 27.33
CA ILE U 284 -2.39 6.13 27.47
C ILE U 284 -2.83 5.96 28.92
N VAL U 285 -4.00 5.36 29.13
CA VAL U 285 -4.59 5.26 30.46
C VAL U 285 -5.54 4.06 30.51
N TYR U 286 -5.64 3.44 31.68
CA TYR U 286 -6.65 2.41 31.94
C TYR U 286 -7.98 3.05 32.34
N VAL U 287 -9.08 2.42 31.94
CA VAL U 287 -10.43 2.85 32.29
C VAL U 287 -11.14 1.69 32.99
N LEU U 288 -11.56 1.91 34.23
CA LEU U 288 -12.34 0.94 35.00
C LEU U 288 -13.81 1.32 34.97
N LYS U 289 -14.67 0.34 34.69
CA LYS U 289 -16.11 0.54 34.58
C LYS U 289 -16.82 -0.22 35.69
N ASN U 290 -17.55 0.53 36.54
CA ASN U 290 -18.38 0.03 37.64
C ASN U 290 -17.56 -0.68 38.72
N TYR U 291 -16.38 -0.11 39.06
CA TYR U 291 -15.62 -0.53 40.24
C TYR U 291 -15.20 0.74 40.99
N ASP U 292 -16.09 1.27 41.82
CA ASP U 292 -15.84 2.54 42.47
C ASP U 292 -15.11 2.41 43.80
N GLY U 293 -15.01 1.21 44.35
CA GLY U 293 -14.25 1.00 45.56
C GLY U 293 -12.81 0.57 45.40
N GLU U 294 -12.32 0.46 44.17
CA GLU U 294 -11.00 -0.11 43.90
C GLU U 294 -9.88 0.91 44.15
N ASN U 295 -8.85 0.47 44.85
CA ASN U 295 -7.62 1.24 45.02
C ASN U 295 -6.77 1.18 43.75
N PRO U 296 -6.44 2.33 43.12
CA PRO U 296 -5.72 2.28 41.84
C PRO U 296 -4.28 1.79 41.91
N LYS U 297 -3.57 2.15 42.99
CA LYS U 297 -2.19 1.74 43.20
C LYS U 297 -2.06 0.22 43.30
N GLU U 298 -2.89 -0.39 44.15
CA GLU U 298 -2.89 -1.83 44.30
C GLU U 298 -3.37 -2.52 43.02
N PHE U 299 -4.27 -1.88 42.29
CA PHE U 299 -4.76 -2.41 41.02
C PHE U 299 -3.64 -2.52 39.98
N THR U 300 -2.85 -1.46 39.80
CA THR U 300 -1.77 -1.51 38.82
C THR U 300 -0.64 -2.44 39.27
N ALA U 301 -0.34 -2.47 40.57
CA ALA U 301 0.68 -3.40 41.07
C ALA U 301 0.27 -4.86 40.87
N ASN U 302 -0.98 -5.19 41.18
CA ASN U 302 -1.47 -6.56 41.00
C ASN U 302 -1.54 -6.93 39.53
N LEU U 303 -1.88 -5.97 38.68
CA LEU U 303 -1.93 -6.19 37.24
C LEU U 303 -0.54 -6.50 36.68
N ARG U 304 0.48 -5.78 37.13
CA ARG U 304 1.84 -6.05 36.68
C ARG U 304 2.35 -7.38 37.23
N TYR U 305 1.96 -7.74 38.46
CA TYR U 305 2.41 -8.99 39.04
C TYR U 305 1.78 -10.21 38.38
N HIS U 306 0.45 -10.23 38.28
CA HIS U 306 -0.26 -11.44 37.86
C HIS U 306 -0.39 -11.57 36.34
N SER U 307 -0.48 -10.43 35.64
CA SER U 307 -0.85 -10.31 34.23
C SER U 307 -2.25 -10.83 33.93
N VAL U 308 -3.14 -10.86 34.92
CA VAL U 308 -4.51 -11.33 34.81
C VAL U 308 -5.42 -10.31 35.48
N ILE U 309 -6.54 -9.98 34.83
CA ILE U 309 -7.57 -9.11 35.40
C ILE U 309 -8.88 -9.90 35.44
N LYS U 310 -9.58 -9.84 36.57
CA LYS U 310 -10.87 -10.50 36.75
C LYS U 310 -11.99 -9.47 36.82
N VAL U 311 -12.98 -9.61 35.92
CA VAL U 311 -14.17 -8.78 35.91
C VAL U 311 -15.39 -9.70 35.89
N SER U 312 -16.53 -9.19 36.40
CA SER U 312 -17.79 -9.93 36.36
C SER U 312 -18.96 -8.96 36.31
N GLY U 313 -20.06 -9.43 35.73
CA GLY U 313 -21.30 -8.67 35.78
C GLY U 313 -21.31 -7.52 34.79
N ASP U 314 -21.57 -6.32 35.29
CA ASP U 314 -21.50 -5.11 34.49
C ASP U 314 -20.16 -4.42 34.55
N GLY U 315 -19.20 -4.96 35.30
CA GLY U 315 -17.90 -4.36 35.41
C GLY U 315 -17.04 -4.62 34.18
N GLY U 316 -16.15 -3.67 33.89
CA GLY U 316 -15.30 -3.82 32.73
C GLY U 316 -14.01 -3.05 32.86
N VAL U 317 -13.13 -3.28 31.89
CA VAL U 317 -11.85 -2.58 31.82
C VAL U 317 -11.52 -2.32 30.36
N ASP U 318 -10.99 -1.13 30.08
CA ASP U 318 -10.65 -0.73 28.73
C ASP U 318 -9.41 0.15 28.78
N THR U 319 -8.94 0.59 27.62
CA THR U 319 -7.89 1.59 27.56
C THR U 319 -8.36 2.80 26.76
N LEU U 320 -7.75 3.94 27.07
CA LEU U 320 -7.91 5.16 26.29
C LEU U 320 -6.52 5.58 25.84
N ARG U 321 -6.33 5.64 24.51
CA ARG U 321 -5.02 5.79 23.89
C ARG U 321 -5.12 6.79 22.75
N ALA U 322 -4.82 8.05 23.03
CA ALA U 322 -4.86 9.12 22.05
C ALA U 322 -3.49 9.79 21.94
N GLU U 323 -2.88 9.73 20.76
CA GLU U 323 -1.56 10.28 20.53
C GLU U 323 -1.61 11.78 20.25
N ILE U 324 -0.60 12.50 20.72
CA ILE U 324 -0.51 13.95 20.52
C ILE U 324 -0.18 14.26 19.06
N PRO U 325 -0.96 15.09 18.37
CA PRO U 325 -0.69 15.35 16.95
C PRO U 325 0.40 16.40 16.75
N VAL U 326 1.39 16.09 15.91
CA VAL U 326 2.55 16.94 15.72
C VAL U 326 2.89 17.18 14.25
N ASP U 327 2.11 16.64 13.31
CA ASP U 327 2.51 16.65 11.90
C ASP U 327 2.30 18.00 11.22
N SER U 328 1.18 18.66 11.53
CA SER U 328 0.88 19.97 10.96
C SER U 328 1.89 21.02 11.39
N ALA U 329 2.29 20.97 12.66
CA ALA U 329 3.28 21.91 13.18
C ALA U 329 4.64 21.70 12.55
N ALA U 330 5.03 20.44 12.30
CA ALA U 330 6.30 20.14 11.65
C ALA U 330 6.31 20.64 10.21
N LYS U 331 5.21 20.43 9.49
CA LYS U 331 5.10 20.95 8.13
C LYS U 331 5.14 22.47 8.08
N GLU U 332 4.60 23.15 9.10
CA GLU U 332 4.67 24.61 9.11
C GLU U 332 6.07 25.10 9.46
N LEU U 333 6.74 24.46 10.43
CA LEU U 333 8.04 24.93 10.90
C LEU U 333 9.12 24.72 9.85
N GLU U 334 8.99 23.69 9.01
CA GLU U 334 9.95 23.49 7.91
C GLU U 334 9.93 24.65 6.92
N ARG U 335 8.74 25.07 6.49
CA ARG U 335 8.61 26.20 5.58
C ARG U 335 9.03 27.51 6.25
N ILE U 336 8.75 27.67 7.55
CA ILE U 336 9.15 28.88 8.24
C ILE U 336 10.67 28.99 8.34
N GLN U 337 11.36 27.87 8.57
CA GLN U 337 12.82 27.89 8.61
C GLN U 337 13.43 28.18 7.25
N ASP U 338 12.84 27.61 6.18
CA ASP U 338 13.30 27.92 4.82
C ASP U 338 13.10 29.39 4.46
N GLU U 339 11.99 29.99 4.90
CA GLU U 339 11.78 31.41 4.63
C GLU U 339 12.68 32.28 5.50
N LEU U 340 13.00 31.82 6.72
CA LEU U 340 13.80 32.58 7.65
C LEU U 340 15.24 32.70 7.18
N TYR U 341 15.77 31.65 6.55
CA TYR U 341 17.11 31.76 5.98
C TYR U 341 17.16 32.71 4.79
N LYS U 342 16.08 32.80 4.01
CA LYS U 342 16.06 33.67 2.83
C LYS U 342 15.87 35.14 3.20
N SER U 343 14.98 35.42 4.17
CA SER U 343 14.67 36.82 4.47
C SER U 343 15.75 37.48 5.30
N ALA U 344 16.59 36.71 5.98
CA ALA U 344 17.71 37.25 6.74
C ALA U 344 18.98 37.39 5.92
N GLN U 345 19.03 36.79 4.73
CA GLN U 345 20.22 36.68 3.88
C GLN U 345 21.41 36.07 4.62
N ALA U 346 21.18 34.86 5.12
CA ALA U 346 22.15 34.10 5.88
C ALA U 346 22.56 32.85 5.12
N VAL U 347 23.49 32.10 5.70
CA VAL U 347 24.04 30.87 5.11
C VAL U 347 23.67 29.70 6.01
N ASP U 348 23.13 28.64 5.41
CA ASP U 348 22.86 27.39 6.10
C ASP U 348 23.99 26.42 5.79
N ASN U 349 24.77 26.06 6.81
CA ASN U 349 25.94 25.19 6.65
C ASN U 349 25.56 23.72 6.86
N SER U 350 24.52 23.30 6.15
CA SER U 350 24.02 21.94 6.28
C SER U 350 24.91 20.96 5.52
N PRO U 351 25.06 19.73 6.02
CA PRO U 351 25.96 18.76 5.34
C PRO U 351 25.55 18.35 3.94
N GLU U 352 24.26 18.47 3.56
CA GLU U 352 23.79 17.96 2.28
C GLU U 352 24.36 18.78 1.11
N THR U 353 24.31 20.10 1.21
CA THR U 353 24.76 20.96 0.13
C THR U 353 26.27 20.84 -0.08
N ILE U 354 27.03 20.55 0.97
CA ILE U 354 28.46 20.31 0.81
C ILE U 354 28.68 18.93 0.23
N GLY U 355 27.81 17.98 0.60
CA GLY U 355 27.97 16.61 0.14
C GLY U 355 27.77 16.49 -1.36
N GLY U 356 26.86 17.30 -1.91
CA GLY U 356 26.81 17.45 -3.35
C GLY U 356 27.96 18.28 -3.89
N GLY U 357 28.24 19.43 -3.27
CA GLY U 357 29.07 20.46 -3.86
C GLY U 357 30.39 20.66 -3.11
N ALA U 358 31.48 20.54 -3.86
CA ALA U 358 32.81 20.84 -3.35
C ALA U 358 33.57 21.85 -4.21
N THR U 359 33.18 22.06 -5.46
CA THR U 359 33.89 22.95 -6.35
C THR U 359 33.65 24.42 -5.99
N GLY U 360 34.42 25.29 -6.65
CA GLY U 360 34.32 26.73 -6.52
C GLY U 360 32.95 27.36 -6.73
N PRO U 361 32.33 27.13 -7.90
CA PRO U 361 30.99 27.70 -8.15
C PRO U 361 29.92 27.26 -7.16
N ALA U 362 29.95 26.02 -6.68
CA ALA U 362 28.99 25.58 -5.67
C ALA U 362 29.21 26.29 -4.33
N LEU U 363 30.48 26.53 -3.98
CA LEU U 363 30.79 27.21 -2.74
C LEU U 363 30.37 28.67 -2.77
N GLU U 364 30.57 29.35 -3.89
CA GLU U 364 30.08 30.73 -3.92
C GLU U 364 28.59 30.82 -4.22
N ASN U 365 27.97 29.75 -4.73
CA ASN U 365 26.51 29.71 -4.79
C ASN U 365 25.91 29.56 -3.40
N LEU U 366 26.63 28.88 -2.49
CA LEU U 366 26.17 28.75 -1.12
C LEU U 366 26.19 30.08 -0.37
N TYR U 367 27.08 31.01 -0.72
CA TYR U 367 27.34 32.21 0.06
C TYR U 367 26.79 33.48 -0.57
N ALA U 368 25.84 33.37 -1.49
CA ALA U 368 25.48 34.51 -2.36
C ALA U 368 24.73 35.60 -1.61
N LEU U 369 23.78 35.23 -0.74
CA LEU U 369 22.98 36.23 -0.04
C LEU U 369 23.77 36.95 1.04
N LEU U 370 24.67 36.24 1.72
CA LEU U 370 25.55 36.89 2.69
C LEU U 370 26.52 37.85 1.99
N ASP U 371 26.98 37.51 0.78
CA ASP U 371 27.78 38.42 -0.02
C ASP U 371 26.99 39.66 -0.39
N LEU U 372 25.71 39.48 -0.72
CA LEU U 372 24.81 40.60 -1.03
C LEU U 372 24.67 41.55 0.14
N LYS U 373 24.52 41.01 1.35
CA LYS U 373 24.40 41.84 2.55
C LYS U 373 25.72 42.52 2.93
N ALA U 374 26.83 41.78 2.84
CA ALA U 374 28.13 42.30 3.25
C ALA U 374 28.64 43.39 2.32
N ASN U 375 28.35 43.29 1.02
CA ASN U 375 28.76 44.30 0.06
C ASN U 375 28.09 45.64 0.34
N MET U 376 26.83 45.60 0.77
CA MET U 376 26.12 46.83 1.12
C MET U 376 26.58 47.39 2.45
N ALA U 377 26.94 46.53 3.41
CA ALA U 377 27.38 47.03 4.71
C ALA U 377 28.79 47.64 4.66
N GLU U 378 29.65 47.16 3.75
CA GLU U 378 31.02 47.66 3.67
C GLU U 378 31.08 49.14 3.27
N ARG U 379 30.14 49.59 2.44
CA ARG U 379 30.09 51.01 2.04
C ARG U 379 29.82 51.92 3.24
N LYS U 380 28.92 51.51 4.13
CA LYS U 380 28.60 52.31 5.31
C LYS U 380 29.74 52.32 6.32
N ILE U 381 30.43 51.17 6.46
CA ILE U 381 31.58 51.12 7.36
C ILE U 381 32.72 52.00 6.84
N ARG U 382 32.93 52.01 5.51
CA ARG U 382 33.94 52.87 4.90
C ARG U 382 33.59 54.35 5.06
N ALA U 383 32.29 54.68 4.96
CA ALA U 383 31.86 56.06 5.16
C ALA U 383 32.11 56.54 6.58
N GLY U 384 31.96 55.65 7.57
CA GLY U 384 32.33 56.02 8.93
C GLY U 384 33.82 56.18 9.13
N LEU U 385 34.61 55.26 8.55
CA LEU U 385 36.05 55.28 8.78
C LEU U 385 36.75 56.47 8.10
N ARG U 386 36.21 56.94 6.97
CA ARG U 386 36.78 58.12 6.31
C ARG U 386 36.67 59.37 7.18
N LEU U 387 35.54 59.53 7.88
CA LEU U 387 35.36 60.65 8.78
C LEU U 387 36.24 60.53 10.02
N PHE U 388 36.41 59.29 10.52
CA PHE U 388 37.32 59.05 11.63
C PHE U 388 38.76 59.45 11.30
N PHE U 389 39.22 59.14 10.09
CA PHE U 389 40.58 59.52 9.73
C PHE U 389 40.72 60.99 9.35
N TRP U 390 39.64 61.64 8.92
CA TRP U 390 39.66 63.11 8.81
C TRP U 390 39.89 63.76 10.17
N PHE U 391 39.19 63.28 11.21
CA PHE U 391 39.41 63.80 12.57
C PHE U 391 40.84 63.54 13.05
N PHE U 392 41.39 62.36 12.74
CA PHE U 392 42.76 62.03 13.14
C PHE U 392 43.77 62.93 12.45
N ALA U 393 43.53 63.28 11.18
CA ALA U 393 44.43 64.20 10.48
C ALA U 393 44.35 65.61 11.04
N GLU U 394 43.15 66.04 11.49
CA GLU U 394 43.04 67.34 12.16
C GLU U 394 43.85 67.38 13.44
N TYR U 395 43.84 66.27 14.20
CA TYR U 395 44.69 66.20 15.39
C TYR U 395 46.16 66.23 15.04
N LEU U 396 46.57 65.50 13.99
CA LEU U 396 47.98 65.50 13.60
C LEU U 396 48.43 66.84 13.04
N ARG U 397 47.52 67.65 12.54
CA ARG U 397 47.86 69.00 12.11
C ARG U 397 47.99 69.96 13.28
N ASN U 398 47.07 69.90 14.25
CA ASN U 398 47.11 70.86 15.35
C ASN U 398 48.18 70.57 16.39
N THR U 399 48.97 69.51 16.23
CA THR U 399 50.13 69.26 17.09
C THR U 399 51.44 69.42 16.33
N GLY U 400 51.39 69.96 15.11
CA GLY U 400 52.58 70.23 14.34
C GLY U 400 53.18 69.05 13.61
N LYS U 401 52.63 67.84 13.76
CA LYS U 401 53.29 66.64 13.27
C LYS U 401 53.12 66.39 11.78
N GLY U 402 52.48 67.27 11.05
CA GLY U 402 52.40 67.14 9.60
C GLY U 402 51.03 67.53 9.07
N ASP U 403 50.99 67.81 7.78
CA ASP U 403 49.75 68.17 7.09
C ASP U 403 49.46 67.07 6.08
N PHE U 404 48.47 66.22 6.39
CA PHE U 404 48.12 65.09 5.56
C PHE U 404 46.66 65.18 5.11
N ASN U 405 46.35 64.48 4.04
CA ASN U 405 44.99 64.36 3.53
C ASN U 405 44.68 62.88 3.35
N PRO U 406 44.05 62.24 4.34
CA PRO U 406 43.72 60.81 4.21
C PRO U 406 42.61 60.53 3.21
N ASP U 407 41.89 61.56 2.75
CA ASP U 407 40.87 61.36 1.73
C ASP U 407 41.45 60.88 0.41
N LYS U 408 42.68 61.29 0.09
CA LYS U 408 43.33 60.93 -1.16
C LYS U 408 44.52 60.01 -1.00
N GLU U 409 45.13 59.94 0.18
CA GLU U 409 46.39 59.24 0.35
C GLU U 409 46.28 57.88 1.01
N LEU U 410 45.23 57.62 1.78
CA LEU U 410 45.09 56.37 2.51
C LEU U 410 44.16 55.41 1.77
N THR U 411 44.49 54.13 1.79
CA THR U 411 43.68 53.09 1.17
C THR U 411 43.41 51.99 2.19
N MET U 412 42.13 51.71 2.42
CA MET U 412 41.71 50.64 3.31
C MET U 412 41.35 49.40 2.49
N THR U 413 41.58 48.22 3.06
CA THR U 413 41.14 47.01 2.41
C THR U 413 40.67 45.98 3.43
N PHE U 414 39.57 45.31 3.08
CA PHE U 414 38.85 44.40 3.95
C PHE U 414 39.03 42.99 3.41
N THR U 415 39.12 42.01 4.31
CA THR U 415 39.30 40.62 3.92
C THR U 415 38.08 39.82 4.36
N ARG U 416 37.38 39.22 3.40
CA ARG U 416 36.28 38.31 3.73
C ARG U 416 36.82 37.02 4.33
N THR U 417 36.02 36.42 5.18
CA THR U 417 36.33 35.13 5.79
C THR U 417 35.37 34.11 5.20
N ARG U 418 35.83 33.36 4.20
CA ARG U 418 34.98 32.41 3.51
C ARG U 418 35.75 31.14 3.22
N ILE U 419 35.03 30.17 2.69
CA ILE U 419 35.56 28.84 2.40
C ILE U 419 35.87 28.75 0.91
N GLN U 420 37.06 28.24 0.58
CA GLN U 420 37.45 28.04 -0.80
C GLN U 420 38.14 26.69 -0.94
N ASN U 421 38.28 26.25 -2.19
CA ASN U 421 39.01 25.04 -2.53
C ASN U 421 40.45 25.45 -2.89
N ASP U 422 41.38 25.22 -1.96
CA ASP U 422 42.75 25.72 -2.12
C ASP U 422 43.53 24.98 -3.19
N SER U 423 43.29 23.68 -3.36
CA SER U 423 44.03 22.89 -4.34
C SER U 423 43.68 23.31 -5.77
N GLU U 424 42.41 23.59 -6.02
CA GLU U 424 41.96 24.09 -7.32
C GLU U 424 42.58 25.44 -7.64
N ILE U 425 42.71 26.30 -6.63
CA ILE U 425 43.29 27.62 -6.82
C ILE U 425 44.78 27.53 -7.11
N VAL U 426 45.49 26.66 -6.38
CA VAL U 426 46.93 26.48 -6.61
C VAL U 426 47.21 25.90 -7.99
N GLN U 427 46.37 24.94 -8.42
CA GLN U 427 46.51 24.35 -9.75
C GLN U 427 46.25 25.38 -10.85
N SER U 428 45.24 26.23 -10.67
CA SER U 428 44.95 27.27 -11.67
C SER U 428 46.03 28.34 -11.72
N LEU U 429 46.63 28.68 -10.57
CA LEU U 429 47.68 29.69 -10.54
C LEU U 429 48.94 29.18 -11.23
N VAL U 430 49.31 27.92 -10.98
CA VAL U 430 50.49 27.33 -11.61
C VAL U 430 50.27 27.20 -13.12
N GLN U 431 49.06 26.80 -13.53
CA GLN U 431 48.74 26.70 -14.95
C GLN U 431 48.76 28.05 -15.66
N GLY U 432 48.27 29.11 -15.00
CA GLY U 432 48.31 30.42 -15.60
C GLY U 432 49.68 31.05 -15.66
N VAL U 433 50.55 30.74 -14.68
CA VAL U 433 51.93 31.23 -14.75
C VAL U 433 52.70 30.51 -15.84
N THR U 434 52.52 29.20 -15.95
CA THR U 434 53.20 28.43 -16.99
C THR U 434 52.69 28.79 -18.38
N GLY U 435 51.42 29.14 -18.51
CA GLY U 435 50.90 29.57 -19.80
C GLY U 435 51.33 30.95 -20.24
N GLY U 436 51.90 31.75 -19.35
CA GLY U 436 52.41 33.06 -19.70
C GLY U 436 51.41 34.19 -19.61
N ILE U 437 50.21 33.96 -19.10
CA ILE U 437 49.17 34.97 -19.03
C ILE U 437 49.09 35.61 -17.65
N MET U 438 50.14 35.49 -16.84
CA MET U 438 50.10 35.94 -15.47
C MET U 438 51.53 36.14 -14.97
N SER U 439 51.73 37.20 -14.19
CA SER U 439 53.01 37.44 -13.55
C SER U 439 53.17 36.56 -12.32
N LYS U 440 54.43 36.30 -11.96
CA LYS U 440 54.73 35.48 -10.79
C LYS U 440 54.41 36.22 -9.50
N GLU U 441 54.58 37.55 -9.48
CA GLU U 441 54.31 38.34 -8.30
C GLU U 441 52.82 38.37 -7.95
N THR U 442 51.97 38.48 -8.97
CA THR U 442 50.52 38.43 -8.75
C THR U 442 50.09 37.07 -8.26
N ALA U 443 50.72 36.00 -8.75
CA ALA U 443 50.36 34.66 -8.31
C ALA U 443 50.85 34.37 -6.90
N VAL U 444 51.96 34.99 -6.49
CA VAL U 444 52.37 34.89 -5.09
C VAL U 444 51.37 35.64 -4.20
N ALA U 445 50.83 36.76 -4.68
CA ALA U 445 49.85 37.50 -3.89
C ALA U 445 48.48 36.83 -3.80
N ARG U 446 48.18 35.81 -4.61
CA ARG U 446 46.91 35.10 -4.52
C ARG U 446 47.02 33.71 -3.92
N ASN U 447 48.20 33.29 -3.51
CA ASN U 447 48.42 31.96 -2.96
C ASN U 447 47.76 31.84 -1.59
N PRO U 448 46.86 30.88 -1.38
CA PRO U 448 46.20 30.76 -0.06
C PRO U 448 47.09 30.26 1.06
N PHE U 449 48.31 29.79 0.77
CA PHE U 449 49.25 29.41 1.80
C PHE U 449 50.24 30.52 2.15
N VAL U 450 50.23 31.63 1.42
CA VAL U 450 51.13 32.75 1.64
C VAL U 450 50.36 33.85 2.35
N GLN U 451 50.90 34.35 3.46
CA GLN U 451 50.26 35.41 4.21
C GLN U 451 50.89 36.79 4.01
N ASP U 452 52.20 36.87 3.82
CA ASP U 452 52.87 38.16 3.61
C ASP U 452 53.62 38.12 2.29
N PRO U 453 53.16 38.85 1.26
CA PRO U 453 53.69 38.62 -0.10
C PRO U 453 55.10 39.13 -0.35
N GLU U 454 55.48 40.31 0.16
CA GLU U 454 56.78 40.84 -0.24
C GLU U 454 57.95 40.17 0.48
N GLU U 455 57.74 39.73 1.72
CA GLU U 455 58.74 38.87 2.37
C GLU U 455 58.85 37.52 1.67
N GLU U 456 57.74 37.01 1.13
CA GLU U 456 57.78 35.78 0.35
C GLU U 456 58.56 35.96 -0.95
N LEU U 457 58.39 37.10 -1.61
CA LEU U 457 59.16 37.38 -2.83
C LEU U 457 60.65 37.55 -2.51
N ALA U 458 60.96 38.20 -1.39
CA ALA U 458 62.36 38.33 -0.97
C ALA U 458 62.95 36.97 -0.64
N ARG U 459 62.15 36.08 -0.08
CA ARG U 459 62.60 34.74 0.26
C ARG U 459 62.87 33.89 -0.97
N ILE U 460 62.00 34.00 -1.99
CA ILE U 460 62.24 33.27 -3.24
C ILE U 460 63.48 33.82 -3.96
N GLU U 461 63.68 35.15 -3.89
CA GLU U 461 64.90 35.77 -4.43
C GLU U 461 66.14 35.27 -3.70
N GLU U 462 66.05 35.11 -2.38
CA GLU U 462 67.17 34.60 -1.59
C GLU U 462 67.49 33.15 -1.92
N GLU U 463 66.46 32.31 -2.04
CA GLU U 463 66.70 30.90 -2.33
C GLU U 463 67.12 30.65 -3.79
N MET U 464 66.82 31.58 -4.71
CA MET U 464 67.27 31.39 -6.09
C MET U 464 68.77 31.59 -6.21
N ASN U 465 69.35 32.42 -5.36
CA ASN U 465 70.77 32.76 -5.48
C ASN U 465 71.67 31.61 -5.06
N GLN U 466 71.21 30.74 -4.18
CA GLN U 466 72.05 29.63 -3.72
C GLN U 466 72.10 28.48 -4.73
N TYR U 467 71.09 28.34 -5.59
CA TYR U 467 71.04 27.20 -6.49
C TYR U 467 71.96 27.36 -7.70
N ALA U 468 72.28 28.60 -8.09
CA ALA U 468 73.14 28.81 -9.25
C ALA U 468 74.58 28.38 -8.96
N GLU U 469 75.00 28.46 -7.69
CA GLU U 469 76.29 27.95 -7.28
C GLU U 469 76.31 26.43 -7.18
N MET U 470 75.16 25.78 -7.22
CA MET U 470 75.09 24.33 -7.21
C MET U 470 74.24 23.81 -8.37
N LYS V 24 -0.74 62.64 -18.21
CA LYS V 24 0.23 63.63 -17.78
C LYS V 24 -0.19 65.05 -18.17
N GLU V 25 0.69 66.02 -17.92
CA GLU V 25 0.39 67.43 -18.11
C GLU V 25 1.35 67.98 -19.16
N ILE V 26 0.80 68.53 -20.24
CA ILE V 26 1.60 69.05 -21.34
C ILE V 26 1.21 70.50 -21.57
N ALA V 27 2.20 71.39 -21.55
CA ALA V 27 2.03 72.86 -21.58
C ALA V 27 1.05 73.37 -20.54
N GLU V 28 5.19 84.15 -16.84
CA GLU V 28 3.86 83.70 -16.47
C GLU V 28 3.81 82.97 -15.10
N PRO V 29 4.08 83.68 -13.95
CA PRO V 29 3.98 83.02 -12.64
C PRO V 29 2.63 83.16 -11.93
N ASP V 30 2.06 82.04 -11.49
CA ASP V 30 0.82 82.06 -10.72
C ASP V 30 1.02 81.24 -9.45
N THR V 31 0.83 81.88 -8.29
CA THR V 31 0.82 81.15 -7.03
C THR V 31 -0.51 80.48 -6.75
N THR V 32 -1.52 80.69 -7.60
CA THR V 32 -2.75 79.92 -7.53
C THR V 32 -2.62 78.61 -8.30
N MET V 33 -1.95 78.66 -9.46
CA MET V 33 -1.72 77.44 -10.22
C MET V 33 -0.73 76.51 -9.53
N ILE V 34 0.18 77.05 -8.72
CA ILE V 34 1.08 76.22 -7.94
C ILE V 34 0.29 75.41 -6.90
N GLN V 35 -0.63 76.07 -6.20
CA GLN V 35 -1.50 75.37 -5.24
C GLN V 35 -2.41 74.37 -5.94
N LYS V 36 -2.91 74.72 -7.13
CA LYS V 36 -3.76 73.82 -7.90
C LYS V 36 -3.00 72.57 -8.33
N LEU V 37 -1.76 72.74 -8.81
CA LEU V 37 -0.97 71.59 -9.25
C LEU V 37 -0.53 70.74 -8.07
N ILE V 38 -0.21 71.37 -6.94
CA ILE V 38 0.25 70.62 -5.77
C ILE V 38 -0.89 69.81 -5.16
N ASP V 39 -2.11 70.37 -5.14
CA ASP V 39 -3.22 69.64 -4.55
C ASP V 39 -3.77 68.54 -5.45
N GLU V 40 -3.60 68.64 -6.77
CA GLU V 40 -4.03 67.59 -7.68
C GLU V 40 -2.95 66.54 -7.94
N HIS V 41 -1.88 66.53 -7.16
CA HIS V 41 -0.82 65.54 -7.30
C HIS V 41 -1.10 64.34 -6.39
N ASN V 42 -0.90 63.15 -6.93
CA ASN V 42 -1.07 61.91 -6.17
C ASN V 42 0.26 61.16 -6.05
N PRO V 43 0.95 61.27 -4.92
CA PRO V 43 2.20 60.52 -4.75
C PRO V 43 2.01 59.05 -4.39
N GLU V 44 0.77 58.59 -4.23
CA GLU V 44 0.46 57.26 -3.69
C GLU V 44 0.87 56.07 -4.56
N PRO V 45 0.78 56.08 -5.90
CA PRO V 45 1.38 54.97 -6.66
C PRO V 45 2.91 54.91 -6.58
N LEU V 46 3.59 56.01 -6.25
CA LEU V 46 5.03 55.98 -6.14
C LEU V 46 5.53 55.49 -4.80
N LEU V 47 4.67 55.45 -3.78
CA LEU V 47 5.09 55.07 -2.44
C LEU V 47 4.79 53.61 -2.09
N LYS V 48 4.06 52.88 -2.94
CA LYS V 48 3.74 51.49 -2.66
C LYS V 48 4.99 50.61 -2.66
N GLY V 49 5.88 50.82 -3.63
CA GLY V 49 7.11 50.04 -3.69
C GLY V 49 8.05 50.34 -2.54
N VAL V 50 8.04 51.58 -2.06
CA VAL V 50 8.82 51.94 -0.87
C VAL V 50 8.25 51.25 0.36
N ARG V 51 6.92 51.20 0.47
CA ARG V 51 6.30 50.53 1.61
C ARG V 51 6.54 49.03 1.59
N TYR V 52 6.49 48.41 0.41
CA TYR V 52 6.76 46.99 0.30
C TYR V 52 8.23 46.66 0.47
N TYR V 53 9.12 47.62 0.22
CA TYR V 53 10.54 47.42 0.49
C TYR V 53 10.83 47.31 1.97
N MET V 54 10.09 48.05 2.81
CA MET V 54 10.25 48.01 4.25
C MET V 54 9.32 47.02 4.93
N CYS V 55 8.86 46.00 4.19
CA CYS V 55 7.98 44.90 4.64
C CYS V 55 6.74 45.37 5.40
N GLU V 56 6.06 46.36 4.82
CA GLU V 56 4.76 46.83 5.29
C GLU V 56 3.79 46.69 4.13
N ASN V 57 3.24 45.49 3.99
CA ASN V 57 2.39 45.16 2.86
C ASN V 57 0.93 45.46 3.20
N ASP V 58 0.03 45.17 2.25
CA ASP V 58 -1.39 45.48 2.42
C ASP V 58 -2.06 44.62 3.49
N ILE V 59 -1.46 43.47 3.83
CA ILE V 59 -1.95 42.58 4.89
C ILE V 59 -2.05 43.26 6.25
N GLU V 60 -1.33 44.36 6.47
CA GLU V 60 -1.43 45.11 7.71
C GLU V 60 -2.75 45.84 7.88
N LYS V 61 -3.62 45.88 6.87
CA LYS V 61 -4.92 46.49 6.99
C LYS V 61 -6.02 45.49 7.29
N LYS V 62 -5.67 44.29 7.73
CA LYS V 62 -6.63 43.22 8.00
C LYS V 62 -7.23 43.35 9.39
N ARG V 63 -8.56 43.18 9.47
CA ARG V 63 -9.30 43.26 10.72
C ARG V 63 -10.16 42.01 10.90
N ARG V 64 -10.54 41.74 12.15
CA ARG V 64 -11.47 40.67 12.50
C ARG V 64 -12.81 41.28 12.88
N THR V 65 -13.85 41.01 12.09
CA THR V 65 -15.19 41.55 12.31
C THR V 65 -16.18 40.43 12.58
N TYR V 66 -17.12 40.67 13.50
CA TYR V 66 -18.23 39.75 13.76
C TYR V 66 -19.56 40.50 13.82
N TYR V 67 -20.67 39.76 13.72
CA TYR V 67 -22.01 40.33 13.70
C TYR V 67 -22.76 40.02 15.00
N ASP V 68 -23.28 41.06 15.63
CA ASP V 68 -24.11 40.92 16.81
C ASP V 68 -25.54 40.53 16.42
N ALA V 69 -26.34 40.21 17.43
CA ALA V 69 -27.76 39.97 17.23
C ALA V 69 -28.46 41.22 16.71
N ALA V 70 -29.29 41.03 15.67
CA ALA V 70 -29.90 42.08 14.85
C ALA V 70 -28.86 42.99 14.21
N GLY V 71 -27.89 42.36 13.53
CA GLY V 71 -27.17 42.97 12.43
C GLY V 71 -26.02 43.88 12.79
N GLN V 72 -25.71 44.02 14.07
CA GLN V 72 -24.69 44.98 14.45
C GLN V 72 -23.28 44.40 14.21
N GLN V 73 -22.45 45.18 13.55
CA GLN V 73 -21.11 44.76 13.17
C GLN V 73 -20.09 45.32 14.16
N LEU V 74 -19.35 44.42 14.80
CA LEU V 74 -18.46 44.74 15.91
C LEU V 74 -17.06 44.27 15.57
N VAL V 75 -16.07 45.12 15.82
CA VAL V 75 -14.66 44.77 15.71
C VAL V 75 -14.06 44.77 17.11
N ASP V 76 -13.47 43.66 17.51
CA ASP V 76 -12.74 43.60 18.76
C ASP V 76 -11.26 43.76 18.46
N ASP V 77 -10.60 44.64 19.22
CA ASP V 77 -9.17 44.88 19.08
C ASP V 77 -8.35 44.16 20.14
N THR V 78 -8.98 43.35 20.97
CA THR V 78 -8.29 42.48 21.89
C THR V 78 -8.07 41.09 21.28
N LYS V 79 -8.80 40.75 20.24
CA LYS V 79 -8.66 39.45 19.60
C LYS V 79 -7.36 39.36 18.81
N THR V 80 -6.78 38.16 18.76
CA THR V 80 -5.56 37.91 18.01
C THR V 80 -5.78 38.10 16.52
N ASN V 81 -4.87 38.83 15.88
CA ASN V 81 -5.02 39.25 14.48
C ASN V 81 -3.63 39.12 13.85
N ASN V 82 -3.36 37.98 13.24
CA ASN V 82 -2.04 37.69 12.69
C ASN V 82 -1.89 38.32 11.31
N ARG V 83 -0.87 39.15 11.14
CA ARG V 83 -0.60 39.84 9.89
C ARG V 83 0.90 39.73 9.59
N THR V 84 1.29 38.74 8.81
CA THR V 84 2.70 38.49 8.50
C THR V 84 3.02 39.02 7.11
N SER V 85 3.91 40.01 7.05
CA SER V 85 4.44 40.51 5.78
C SER V 85 5.72 39.78 5.42
N HIS V 86 5.87 39.47 4.14
CA HIS V 86 7.05 38.79 3.63
C HIS V 86 7.90 39.75 2.81
N ALA V 87 9.20 39.50 2.77
CA ALA V 87 10.20 40.44 2.27
C ALA V 87 10.73 40.07 0.90
N TRP V 88 9.86 39.62 -0.02
CA TRP V 88 10.29 39.21 -1.36
C TRP V 88 10.82 40.39 -2.17
N HIS V 89 10.15 41.55 -2.09
CA HIS V 89 10.45 42.70 -2.93
C HIS V 89 11.82 43.29 -2.59
N LYS V 90 12.16 43.35 -1.30
CA LYS V 90 13.47 43.85 -0.88
C LYS V 90 14.61 42.96 -1.39
N LEU V 91 14.40 41.64 -1.35
CA LEU V 91 15.39 40.70 -1.86
C LEU V 91 15.59 40.84 -3.36
N PHE V 92 14.49 41.01 -4.11
CA PHE V 92 14.60 41.17 -5.56
C PHE V 92 15.30 42.47 -5.94
N VAL V 93 14.97 43.57 -5.24
CA VAL V 93 15.58 44.86 -5.54
C VAL V 93 17.06 44.87 -5.18
N ASP V 94 17.42 44.27 -4.04
CA ASP V 94 18.83 44.21 -3.63
C ASP V 94 19.66 43.36 -4.57
N GLN V 95 19.10 42.24 -5.04
CA GLN V 95 19.78 41.38 -6.00
C GLN V 95 20.03 42.11 -7.31
N LYS V 96 19.01 42.83 -7.81
CA LYS V 96 19.16 43.57 -9.06
C LYS V 96 20.17 44.71 -8.93
N THR V 97 20.16 45.42 -7.80
CA THR V 97 21.05 46.55 -7.60
C THR V 97 22.51 46.12 -7.49
N GLN V 98 22.78 45.05 -6.73
CA GLN V 98 24.16 44.58 -6.64
C GLN V 98 24.63 43.91 -7.92
N TYR V 99 23.72 43.33 -8.70
CA TYR V 99 24.11 42.79 -10.01
C TYR V 99 24.50 43.90 -10.98
N LEU V 100 23.81 45.05 -10.92
CA LEU V 100 24.10 46.11 -11.88
C LEU V 100 25.26 47.01 -11.46
N VAL V 101 25.21 47.61 -10.27
CA VAL V 101 26.20 48.60 -9.90
C VAL V 101 26.92 48.24 -8.61
N GLY V 102 27.03 46.94 -8.31
CA GLY V 102 27.82 46.52 -7.17
C GLY V 102 29.30 46.79 -7.34
N GLU V 103 29.81 46.65 -8.55
CA GLU V 103 31.11 47.16 -8.96
C GLU V 103 30.97 48.54 -9.57
N PRO V 104 31.93 49.43 -9.31
CA PRO V 104 31.86 50.79 -9.86
C PRO V 104 32.00 50.83 -11.37
N VAL V 105 31.38 51.84 -11.96
CA VAL V 105 31.50 52.10 -13.39
C VAL V 105 32.88 52.67 -13.67
N THR V 106 33.49 52.24 -14.77
CA THR V 106 34.83 52.73 -15.13
C THR V 106 34.76 53.59 -16.37
N PHE V 107 35.72 54.50 -16.51
CA PHE V 107 35.72 55.49 -17.58
C PHE V 107 37.03 55.43 -18.36
N THR V 108 36.94 55.55 -19.68
CA THR V 108 38.10 55.67 -20.55
C THR V 108 37.88 56.80 -21.54
N SER V 109 38.99 57.36 -22.01
CA SER V 109 38.99 58.45 -22.98
C SER V 109 40.37 58.56 -23.59
N ASP V 110 40.41 58.99 -24.86
CA ASP V 110 41.69 59.35 -25.47
C ASP V 110 42.14 60.74 -25.02
N ASN V 111 41.20 61.65 -24.83
CA ASN V 111 41.46 62.96 -24.24
C ASN V 111 41.85 62.78 -22.78
N LYS V 112 43.13 62.92 -22.47
CA LYS V 112 43.62 62.64 -21.13
C LYS V 112 43.34 63.77 -20.14
N THR V 113 42.96 64.96 -20.60
CA THR V 113 42.67 66.06 -19.70
C THR V 113 41.23 66.01 -19.18
N LEU V 114 40.29 65.62 -20.03
CA LEU V 114 38.92 65.38 -19.60
C LEU V 114 38.84 64.22 -18.61
N LEU V 115 39.71 63.22 -18.80
CA LEU V 115 39.62 61.98 -18.03
C LEU V 115 40.03 62.18 -16.58
N GLU V 116 40.97 63.07 -16.28
CA GLU V 116 41.36 63.26 -14.88
C GLU V 116 40.30 64.05 -14.12
N TYR V 117 39.61 64.98 -14.79
CA TYR V 117 38.45 65.65 -14.22
C TYR V 117 37.34 64.64 -13.90
N VAL V 118 37.01 63.78 -14.87
CA VAL V 118 35.97 62.77 -14.67
C VAL V 118 36.37 61.79 -13.57
N ASN V 119 37.64 61.39 -13.53
CA ASN V 119 38.08 60.39 -12.57
C ASN V 119 38.15 60.93 -11.15
N GLU V 120 38.38 62.24 -10.98
CA GLU V 120 38.25 62.78 -9.63
C GLU V 120 36.81 63.11 -9.26
N LEU V 121 35.92 63.31 -10.24
CA LEU V 121 34.52 63.52 -9.92
C LEU V 121 33.84 62.24 -9.42
N ALA V 122 34.24 61.08 -9.94
CA ALA V 122 33.58 59.81 -9.64
C ALA V 122 34.33 59.06 -8.55
N ASP V 123 34.16 59.52 -7.32
CA ASP V 123 34.75 58.95 -6.12
C ASP V 123 33.77 57.99 -5.44
N ASP V 124 34.05 57.61 -4.19
CA ASP V 124 33.24 56.65 -3.44
C ASP V 124 31.82 57.16 -3.18
N ASP V 125 31.68 58.47 -2.96
CA ASP V 125 30.36 59.04 -2.73
C ASP V 125 29.50 58.97 -3.99
N PHE V 126 30.13 59.09 -5.16
CA PHE V 126 29.43 58.90 -6.43
C PHE V 126 28.88 57.47 -6.56
N ASP V 127 29.65 56.48 -6.11
CA ASP V 127 29.22 55.09 -6.18
C ASP V 127 28.07 54.81 -5.22
N ASP V 128 28.12 55.41 -4.01
CA ASP V 128 27.03 55.25 -3.07
C ASP V 128 25.75 55.91 -3.58
N ILE V 129 25.88 57.10 -4.19
CA ILE V 129 24.74 57.80 -4.76
C ILE V 129 24.13 57.00 -5.93
N LEU V 130 24.98 56.34 -6.72
CA LEU V 130 24.48 55.55 -7.83
C LEU V 130 23.75 54.29 -7.36
N ASN V 131 24.25 53.63 -6.31
CA ASN V 131 23.54 52.50 -5.72
C ASN V 131 22.17 52.88 -5.18
N GLU V 132 22.08 54.02 -4.47
CA GLU V 132 20.79 54.42 -3.94
C GLU V 132 19.85 54.92 -5.04
N THR V 133 20.40 55.44 -6.14
CA THR V 133 19.58 55.86 -7.26
C THR V 133 18.96 54.66 -7.97
N VAL V 134 19.72 53.58 -8.14
CA VAL V 134 19.19 52.37 -8.77
C VAL V 134 18.11 51.73 -7.88
N LYS V 135 18.32 51.73 -6.56
CA LYS V 135 17.29 51.21 -5.65
C LYS V 135 16.01 52.05 -5.67
N ASN V 136 16.14 53.38 -5.65
CA ASN V 136 14.97 54.25 -5.69
C ASN V 136 14.23 54.14 -7.01
N MET V 137 14.97 53.98 -8.11
CA MET V 137 14.38 53.80 -9.43
C MET V 137 13.58 52.50 -9.51
N SER V 138 14.07 51.45 -8.87
CA SER V 138 13.31 50.20 -8.84
C SER V 138 12.08 50.30 -7.94
N ASN V 139 12.15 51.08 -6.86
CA ASN V 139 11.01 51.18 -5.97
C ASN V 139 9.91 52.12 -6.46
N LYS V 140 10.26 53.18 -7.20
CA LYS V 140 9.27 54.20 -7.55
C LYS V 140 8.94 54.25 -9.04
N GLY V 141 9.83 53.81 -9.92
CA GLY V 141 9.66 53.92 -11.35
C GLY V 141 10.43 55.06 -12.00
N ILE V 142 10.92 56.01 -11.20
CA ILE V 142 11.60 57.20 -11.70
C ILE V 142 12.43 57.75 -10.55
N GLU V 143 13.58 58.35 -10.89
CA GLU V 143 14.35 59.11 -9.90
C GLU V 143 15.00 60.30 -10.61
N TYR V 144 15.30 61.35 -9.85
CA TYR V 144 15.80 62.60 -10.42
C TYR V 144 17.08 63.06 -9.74
N TRP V 145 18.01 63.56 -10.53
CA TRP V 145 19.20 64.26 -10.06
C TRP V 145 19.08 65.75 -10.36
N HIS V 146 19.72 66.56 -9.53
CA HIS V 146 19.78 68.00 -9.70
C HIS V 146 21.22 68.48 -9.63
N PRO V 147 21.77 69.03 -10.72
CA PRO V 147 23.14 69.58 -10.68
C PRO V 147 23.18 71.07 -10.39
N PHE V 148 24.23 71.49 -9.70
CA PHE V 148 24.38 72.90 -9.33
C PHE V 148 25.86 73.20 -9.08
N VAL V 149 26.15 74.45 -8.74
CA VAL V 149 27.48 74.89 -8.36
C VAL V 149 27.45 75.28 -6.88
N ASP V 150 28.45 74.80 -6.14
CA ASP V 150 28.59 75.10 -4.72
C ASP V 150 28.89 76.58 -4.48
N GLU V 151 28.94 76.94 -3.20
CA GLU V 151 29.35 78.29 -2.82
C GLU V 151 30.85 78.49 -2.93
N GLU V 152 31.63 77.41 -3.05
CA GLU V 152 33.06 77.47 -3.29
C GLU V 152 33.41 77.27 -4.75
N GLY V 153 32.42 77.30 -5.65
CA GLY V 153 32.66 77.14 -7.06
C GLY V 153 32.79 75.71 -7.56
N GLU V 154 32.54 74.72 -6.72
CA GLU V 154 32.65 73.32 -7.13
C GLU V 154 31.34 72.82 -7.75
N PHE V 155 31.48 71.95 -8.74
CA PHE V 155 30.32 71.30 -9.34
C PHE V 155 29.78 70.24 -8.40
N ASP V 156 28.48 70.29 -8.10
CA ASP V 156 27.87 69.35 -7.19
C ASP V 156 26.52 68.88 -7.75
N TYR V 157 25.94 67.90 -7.08
CA TYR V 157 24.73 67.25 -7.54
C TYR V 157 24.04 66.63 -6.34
N VAL V 158 22.71 66.51 -6.42
CA VAL V 158 21.92 65.98 -5.31
C VAL V 158 20.74 65.20 -5.89
N ILE V 159 20.15 64.34 -5.07
CA ILE V 159 18.98 63.56 -5.47
C ILE V 159 17.71 64.32 -5.07
N PHE V 160 16.81 64.51 -6.03
CA PHE V 160 15.46 65.00 -5.72
C PHE V 160 14.52 63.80 -5.66
N PRO V 161 13.89 63.53 -4.51
CA PRO V 161 12.95 62.39 -4.42
C PRO V 161 11.73 62.60 -5.32
N ALA V 162 11.34 61.55 -6.03
CA ALA V 162 10.39 61.68 -7.12
C ALA V 162 8.96 61.86 -6.65
N GLU V 163 8.65 61.50 -5.40
CA GLU V 163 7.31 61.71 -4.84
C GLU V 163 7.03 63.15 -4.47
N GLU V 164 8.02 64.04 -4.59
CA GLU V 164 7.82 65.47 -4.38
C GLU V 164 7.95 66.29 -5.66
N MET V 165 7.99 65.65 -6.82
CA MET V 165 8.26 66.34 -8.08
C MET V 165 7.03 66.36 -8.96
N ILE V 166 6.79 67.51 -9.61
CA ILE V 166 5.79 67.65 -10.65
C ILE V 166 6.49 68.21 -11.89
N VAL V 167 6.51 67.43 -12.97
CA VAL V 167 7.22 67.79 -14.19
C VAL V 167 6.19 68.00 -15.30
N VAL V 168 6.33 69.11 -16.03
CA VAL V 168 5.44 69.48 -17.13
C VAL V 168 6.29 69.58 -18.39
N TYR V 169 5.76 69.11 -19.52
CA TYR V 169 6.48 69.10 -20.78
C TYR V 169 5.90 70.11 -21.77
N LYS V 170 6.76 70.60 -22.66
CA LYS V 170 6.39 71.48 -23.76
C LYS V 170 5.55 70.73 -24.79
N ASP V 171 4.97 71.46 -25.74
CA ASP V 171 4.22 70.81 -26.81
C ASP V 171 4.45 71.48 -28.15
N ASN V 172 5.33 70.88 -28.93
CA ASN V 172 4.99 70.34 -30.24
C ASN V 172 5.54 68.92 -30.31
N THR V 173 6.29 68.52 -29.28
CA THR V 173 6.68 67.15 -28.97
C THR V 173 6.17 66.92 -27.55
N ARG V 174 6.33 65.71 -27.00
CA ARG V 174 5.86 65.49 -25.64
C ARG V 174 6.94 64.93 -24.71
N ARG V 175 8.21 65.27 -24.92
CA ARG V 175 9.29 64.76 -24.06
C ARG V 175 10.42 65.79 -23.94
N ASP V 176 10.09 67.08 -23.82
CA ASP V 176 11.06 68.11 -23.45
C ASP V 176 10.50 68.94 -22.29
N ILE V 177 11.27 69.02 -21.21
CA ILE V 177 10.79 69.56 -19.93
C ILE V 177 10.67 71.07 -20.02
N LEU V 178 9.49 71.58 -19.65
CA LEU V 178 9.22 73.02 -19.59
C LEU V 178 9.57 73.59 -18.22
N PHE V 179 9.02 73.03 -17.15
CA PHE V 179 9.38 73.45 -15.79
C PHE V 179 9.22 72.28 -14.83
N ALA V 180 9.70 72.48 -13.61
CA ALA V 180 9.67 71.44 -12.60
C ALA V 180 9.37 72.04 -11.23
N LEU V 181 8.49 71.40 -10.48
CA LEU V 181 8.02 71.92 -9.19
C LEU V 181 8.31 70.91 -8.09
N ARG V 182 9.00 71.36 -7.04
CA ARG V 182 9.37 70.51 -5.91
C ARG V 182 8.79 71.07 -4.62
N TYR V 183 8.11 70.24 -3.84
CA TYR V 183 7.44 70.72 -2.63
C TYR V 183 7.66 69.76 -1.47
N TYR V 184 7.88 70.30 -0.27
CA TYR V 184 8.18 69.45 0.87
C TYR V 184 7.83 70.17 2.16
N SER V 185 8.02 69.45 3.28
CA SER V 185 7.73 69.96 4.62
C SER V 185 8.79 69.45 5.58
N TYR V 186 8.95 70.17 6.70
CA TYR V 186 9.79 69.65 7.78
C TYR V 186 9.33 70.17 9.14
N LYS V 187 9.56 69.33 10.15
CA LYS V 187 9.20 69.50 11.55
C LYS V 187 10.39 70.05 12.34
N GLY V 188 10.09 70.78 13.42
CA GLY V 188 11.11 71.29 14.30
C GLY V 188 11.09 70.66 15.69
N ILE V 189 11.65 71.38 16.67
CA ILE V 189 11.72 70.85 18.03
C ILE V 189 10.39 70.98 18.75
N MET V 190 9.76 72.17 18.69
CA MET V 190 8.51 72.41 19.39
C MET V 190 7.35 71.62 18.81
N GLY V 191 7.44 71.20 17.55
CA GLY V 191 6.34 70.64 16.83
C GLY V 191 5.80 71.49 15.70
N GLU V 192 6.39 72.63 15.43
CA GLU V 192 5.93 73.51 14.36
C GLU V 192 6.38 72.99 13.00
N GLU V 193 5.52 73.18 12.00
CA GLU V 193 5.67 72.62 10.67
C GLU V 193 5.95 73.73 9.65
N THR V 194 6.90 73.48 8.75
CA THR V 194 7.22 74.40 7.67
C THR V 194 6.97 73.70 6.34
N GLN V 195 6.31 74.39 5.41
CA GLN V 195 5.96 73.83 4.10
C GLN V 195 6.50 74.75 3.00
N LYS V 196 7.43 74.24 2.19
CA LYS V 196 8.09 75.05 1.17
C LYS V 196 7.95 74.43 -0.21
N ALA V 197 8.22 75.25 -1.23
CA ALA V 197 8.16 74.82 -2.63
C ALA V 197 9.18 75.59 -3.46
N GLU V 198 9.55 75.01 -4.60
CA GLU V 198 10.54 75.56 -5.51
C GLU V 198 10.13 75.28 -6.95
N LEU V 199 10.24 76.28 -7.82
CA LEU V 199 9.96 76.14 -9.23
C LEU V 199 11.24 76.35 -10.04
N TYR V 200 11.46 75.50 -11.05
CA TYR V 200 12.65 75.54 -11.89
C TYR V 200 12.23 75.67 -13.34
N THR V 201 12.69 76.72 -14.00
CA THR V 201 12.58 76.94 -15.44
C THR V 201 13.96 76.74 -16.07
N ASP V 202 14.06 77.01 -17.38
CA ASP V 202 15.34 76.81 -18.05
C ASP V 202 16.38 77.86 -17.65
N THR V 203 15.95 79.01 -17.12
CA THR V 203 16.87 80.05 -16.70
C THR V 203 16.77 80.44 -15.23
N HIS V 204 15.62 80.28 -14.59
CA HIS V 204 15.38 80.86 -13.28
C HIS V 204 14.75 79.86 -12.32
N VAL V 205 14.93 80.14 -11.04
CA VAL V 205 14.34 79.37 -9.94
C VAL V 205 13.53 80.35 -9.09
N TYR V 206 12.41 79.85 -8.56
CA TYR V 206 11.52 80.58 -7.67
C TYR V 206 11.35 79.83 -6.36
N TYR V 207 11.32 80.55 -5.25
CA TYR V 207 11.18 79.96 -3.94
C TYR V 207 9.87 80.37 -3.30
N TYR V 208 9.28 79.47 -2.51
CA TYR V 208 7.97 79.72 -1.93
C TYR V 208 7.85 79.06 -0.57
N GLU V 209 7.07 79.68 0.31
CA GLU V 209 6.63 79.09 1.56
C GLU V 209 5.15 79.38 1.76
N LYS V 210 4.44 78.46 2.40
CA LYS V 210 3.01 78.60 2.69
C LYS V 210 2.87 79.10 4.13
N ILE V 211 2.43 80.34 4.28
CA ILE V 211 2.34 80.96 5.61
C ILE V 211 1.01 80.62 6.27
N ASP V 212 -0.12 80.99 5.64
CA ASP V 212 -1.42 80.62 6.19
C ASP V 212 -2.22 79.72 5.27
N GLY V 213 -2.53 80.17 4.06
CA GLY V 213 -3.32 79.35 3.15
C GLY V 213 -2.93 79.52 1.71
N VAL V 214 -1.96 80.40 1.45
CA VAL V 214 -1.40 80.62 0.12
C VAL V 214 0.12 80.63 0.22
N TYR V 215 0.78 80.33 -0.89
CA TYR V 215 2.23 80.39 -0.96
C TYR V 215 2.69 81.82 -1.21
N GLN V 216 3.63 82.30 -0.39
CA GLN V 216 4.28 83.59 -0.55
C GLN V 216 5.68 83.37 -1.14
N MET V 217 6.45 84.44 -1.25
CA MET V 217 7.77 84.39 -1.88
C MET V 217 8.93 84.23 -0.90
N ASP V 218 8.65 83.99 0.39
CA ASP V 218 9.56 83.58 1.49
C ASP V 218 10.91 84.33 1.49
N TYR V 219 10.80 85.63 1.75
CA TYR V 219 11.97 86.51 1.66
C TYR V 219 12.93 86.27 2.82
N SER V 220 13.66 85.16 2.72
CA SER V 220 15.00 85.05 3.27
C SER V 220 16.04 85.34 2.20
N TYR V 221 15.64 85.23 0.94
CA TYR V 221 16.35 85.81 -0.19
C TYR V 221 15.82 87.21 -0.38
N GLY V 222 16.70 88.21 -0.31
CA GLY V 222 16.21 89.57 -0.32
C GLY V 222 15.95 90.10 -1.73
N GLU V 223 14.67 90.05 -2.14
CA GLU V 223 14.19 90.56 -3.44
C GLU V 223 14.95 89.96 -4.62
N ASN V 224 15.38 88.71 -4.47
CA ASN V 224 16.07 87.97 -5.52
C ASN V 224 15.24 86.81 -6.03
N ASN V 225 13.96 86.76 -5.67
CA ASN V 225 13.21 85.50 -5.66
C ASN V 225 12.93 84.91 -7.04
N PRO V 226 12.78 85.70 -8.11
CA PRO V 226 13.10 85.12 -9.42
C PRO V 226 14.61 85.20 -9.60
N ARG V 227 15.28 84.05 -9.60
CA ARG V 227 16.73 84.01 -9.42
C ARG V 227 17.37 83.24 -10.57
N PRO V 228 18.54 83.64 -11.04
CA PRO V 228 19.29 82.79 -11.98
C PRO V 228 19.73 81.48 -11.31
N HIS V 229 19.98 80.47 -12.16
CA HIS V 229 20.32 79.14 -11.66
C HIS V 229 21.66 79.13 -10.96
N MET V 230 21.87 78.08 -10.16
CA MET V 230 23.12 77.90 -9.42
C MET V 230 24.25 77.43 -10.34
N THR V 231 24.52 78.27 -11.34
CA THR V 231 25.68 78.28 -12.22
C THR V 231 26.13 79.73 -12.38
N LYS V 232 26.08 80.46 -11.26
CA LYS V 232 26.02 81.91 -11.25
C LYS V 232 27.33 82.56 -11.68
N GLY V 233 27.21 83.74 -12.27
CA GLY V 233 28.36 84.49 -12.74
C GLY V 233 27.93 85.49 -13.80
N GLY V 234 28.90 85.88 -14.63
CA GLY V 234 28.60 86.76 -15.74
C GLY V 234 27.73 86.10 -16.79
N GLN V 235 27.78 84.77 -16.88
CA GLN V 235 26.97 84.02 -17.84
C GLN V 235 25.62 83.70 -17.21
N ALA V 236 24.77 84.73 -17.13
CA ALA V 236 23.43 84.58 -16.56
C ALA V 236 22.42 84.06 -17.58
N ILE V 237 22.89 83.41 -18.65
CA ILE V 237 22.01 82.64 -19.52
C ILE V 237 21.46 81.43 -18.75
N GLY V 238 22.22 80.93 -17.79
CA GLY V 238 21.86 79.69 -17.14
C GLY V 238 22.46 78.51 -17.88
N TRP V 239 21.94 77.32 -17.57
CA TRP V 239 22.33 76.14 -18.32
C TRP V 239 21.74 76.14 -19.73
N GLY V 240 20.67 76.88 -19.96
CA GLY V 240 19.98 76.78 -21.24
C GLY V 240 19.04 75.60 -21.28
N ARG V 241 18.65 75.09 -20.13
CA ARG V 241 17.99 73.80 -19.95
C ARG V 241 17.52 73.74 -18.51
N VAL V 242 16.42 73.03 -18.28
CA VAL V 242 15.93 72.81 -16.91
C VAL V 242 16.91 71.89 -16.18
N PRO V 243 17.45 72.28 -15.03
CA PRO V 243 18.47 71.47 -14.34
C PRO V 243 17.89 70.27 -13.58
N ILE V 244 17.39 69.30 -14.33
CA ILE V 244 16.85 68.07 -13.75
C ILE V 244 17.22 66.90 -14.68
N ILE V 245 17.61 65.78 -14.09
CA ILE V 245 18.11 64.64 -14.83
C ILE V 245 17.28 63.40 -14.46
N PRO V 246 16.53 62.82 -15.38
CA PRO V 246 15.71 61.65 -15.04
C PRO V 246 16.40 60.31 -15.28
N PHE V 247 16.16 59.40 -14.33
CA PHE V 247 16.56 57.99 -14.41
C PHE V 247 15.28 57.18 -14.39
N LYS V 248 14.92 56.60 -15.52
CA LYS V 248 13.67 55.85 -15.66
C LYS V 248 13.88 54.38 -15.40
N ASN V 249 12.90 53.75 -14.74
CA ASN V 249 12.97 52.30 -14.53
C ASN V 249 12.72 51.55 -15.83
N ASN V 250 11.79 52.03 -16.65
CA ASN V 250 11.48 51.46 -17.94
C ASN V 250 10.83 52.54 -18.79
N GLU V 251 10.29 52.16 -19.94
CA GLU V 251 9.64 53.12 -20.82
C GLU V 251 8.34 53.65 -20.24
N GLU V 252 7.65 52.84 -19.44
CA GLU V 252 6.35 53.21 -18.88
C GLU V 252 6.47 53.90 -17.53
N MET V 253 7.67 53.92 -16.95
CA MET V 253 7.98 54.56 -15.66
C MET V 253 7.16 53.97 -14.50
N VAL V 254 6.99 52.65 -14.51
CA VAL V 254 6.32 51.96 -13.42
C VAL V 254 7.35 51.25 -12.57
N SER V 255 6.97 50.92 -11.34
CA SER V 255 7.83 50.18 -10.44
C SER V 255 7.85 48.69 -10.81
N ASP V 256 8.82 47.98 -10.22
CA ASP V 256 8.89 46.53 -10.43
C ASP V 256 7.74 45.80 -9.75
N LEU V 257 7.31 46.32 -8.58
CA LEU V 257 6.25 45.73 -7.77
C LEU V 257 4.93 45.60 -8.53
N LYS V 258 4.72 46.40 -9.58
CA LYS V 258 3.53 46.31 -10.41
C LYS V 258 3.35 44.92 -11.04
N PHE V 259 4.44 44.21 -11.30
CA PHE V 259 4.30 42.96 -12.03
C PHE V 259 4.14 41.73 -11.14
N TYR V 260 4.30 41.84 -9.82
CA TYR V 260 4.13 40.67 -8.97
C TYR V 260 3.47 40.97 -7.62
N LYS V 261 2.68 42.04 -7.50
CA LYS V 261 2.11 42.43 -6.21
C LYS V 261 1.03 41.46 -5.74
N ASP V 262 0.24 40.93 -6.67
CA ASP V 262 -0.86 40.03 -6.34
C ASP V 262 -0.38 38.72 -5.74
N LEU V 263 0.76 38.22 -6.22
CA LEU V 263 1.30 36.96 -5.70
C LEU V 263 1.81 37.12 -4.27
N ILE V 264 2.42 38.27 -3.97
CA ILE V 264 2.86 38.58 -2.60
C ILE V 264 1.65 38.71 -1.67
N ASP V 265 0.57 39.35 -2.15
CA ASP V 265 -0.64 39.48 -1.35
C ASP V 265 -1.30 38.13 -1.07
N ASN V 266 -1.34 37.24 -2.08
CA ASN V 266 -1.93 35.91 -1.91
C ASN V 266 -1.12 35.06 -0.94
N TYR V 267 0.22 35.12 -1.04
CA TYR V 267 1.12 34.43 -0.13
C TYR V 267 0.90 34.87 1.32
N ASP V 268 0.82 36.19 1.54
CA ASP V 268 0.61 36.75 2.87
C ASP V 268 -0.74 36.33 3.46
N SER V 269 -1.80 36.35 2.64
CA SER V 269 -3.14 36.04 3.17
C SER V 269 -3.27 34.56 3.52
N ILE V 270 -2.69 33.67 2.71
CA ILE V 270 -2.77 32.24 3.01
C ILE V 270 -1.97 31.90 4.28
N THR V 271 -0.77 32.46 4.44
CA THR V 271 0.01 32.15 5.64
C THR V 271 -0.62 32.75 6.90
N SER V 272 -1.22 33.94 6.79
CA SER V 272 -1.85 34.57 7.95
C SER V 272 -3.11 33.81 8.38
N SER V 273 -3.88 33.29 7.41
CA SER V 273 -5.05 32.50 7.78
C SER V 273 -4.68 31.15 8.37
N THR V 274 -3.51 30.60 8.00
CA THR V 274 -3.04 29.41 8.71
C THR V 274 -2.64 29.72 10.15
N MET V 275 -1.95 30.85 10.36
CA MET V 275 -1.50 31.20 11.71
C MET V 275 -2.67 31.51 12.67
N ASP V 276 -3.75 32.10 12.15
CA ASP V 276 -4.93 32.34 12.99
C ASP V 276 -5.55 31.03 13.49
N SER V 277 -5.64 30.03 12.61
CA SER V 277 -6.15 28.72 12.99
C SER V 277 -5.23 28.01 13.97
N PHE V 278 -3.91 28.20 13.85
CA PHE V 278 -3.02 27.67 14.87
C PHE V 278 -3.20 28.38 16.21
N SER V 279 -3.55 29.66 16.20
CA SER V 279 -3.74 30.37 17.46
C SER V 279 -5.07 30.02 18.14
N ASP V 280 -6.09 29.64 17.38
CA ASP V 280 -7.42 29.46 17.97
C ASP V 280 -7.76 28.03 18.38
N PHE V 281 -7.21 27.01 17.72
CA PHE V 281 -7.74 25.65 17.78
C PHE V 281 -6.77 24.74 18.53
N GLN V 282 -7.23 24.21 19.68
CA GLN V 282 -6.49 23.19 20.42
C GLN V 282 -6.79 21.82 19.83
N GLN V 283 -5.75 21.01 19.61
CA GLN V 283 -5.86 19.87 18.73
C GLN V 283 -6.22 18.55 19.41
N ILE V 284 -6.15 18.46 20.74
CA ILE V 284 -6.59 17.25 21.44
C ILE V 284 -7.07 17.62 22.84
N VAL V 285 -8.25 17.10 23.23
CA VAL V 285 -8.82 17.34 24.55
C VAL V 285 -9.52 16.08 25.07
N TYR V 286 -9.69 16.04 26.39
CA TYR V 286 -10.54 15.05 27.07
C TYR V 286 -11.98 15.54 27.10
N VAL V 287 -12.93 14.60 26.97
CA VAL V 287 -14.35 14.89 27.06
C VAL V 287 -14.94 14.04 28.19
N LEU V 288 -15.51 14.71 29.19
CA LEU V 288 -16.21 14.04 30.28
C LEU V 288 -17.72 14.04 30.03
N LYS V 289 -18.36 12.91 30.30
CA LYS V 289 -19.79 12.73 30.10
C LYS V 289 -20.45 12.45 31.42
N ASN V 290 -21.39 13.32 31.82
CA ASN V 290 -22.24 13.20 33.02
C ASN V 290 -21.44 13.24 34.30
N TYR V 291 -20.40 14.08 34.35
CA TYR V 291 -19.67 14.41 35.58
C TYR V 291 -19.54 15.92 35.66
N ASP V 292 -20.59 16.58 36.14
CA ASP V 292 -20.64 18.03 36.07
C ASP V 292 -20.10 18.73 37.31
N GLY V 293 -19.91 18.02 38.41
CA GLY V 293 -19.30 18.57 39.59
C GLY V 293 -17.79 18.40 39.71
N GLU V 294 -17.15 17.82 38.70
CA GLU V 294 -15.74 17.47 38.79
C GLU V 294 -14.83 18.68 38.52
N ASN V 295 -13.81 18.85 39.36
CA ASN V 295 -12.78 19.85 39.15
C ASN V 295 -11.81 19.39 38.05
N PRO V 296 -11.61 20.18 36.99
CA PRO V 296 -10.74 19.71 35.88
C PRO V 296 -9.25 19.61 36.23
N LYS V 297 -8.74 20.54 37.04
CA LYS V 297 -7.32 20.54 37.41
C LYS V 297 -6.95 19.29 38.21
N GLU V 298 -7.76 18.98 39.23
CA GLU V 298 -7.56 17.77 40.02
C GLU V 298 -7.75 16.52 39.18
N PHE V 299 -8.65 16.56 38.19
CA PHE V 299 -8.88 15.44 37.29
C PHE V 299 -7.64 15.11 36.46
N THR V 300 -7.05 16.13 35.83
CA THR V 300 -5.85 15.88 35.01
C THR V 300 -4.65 15.49 35.86
N ALA V 301 -4.51 16.08 37.06
CA ALA V 301 -3.41 15.71 37.94
C ALA V 301 -3.53 14.27 38.43
N ASN V 302 -4.74 13.85 38.83
CA ASN V 302 -4.95 12.48 39.28
C ASN V 302 -4.81 11.49 38.13
N LEU V 303 -5.20 11.89 36.92
CA LEU V 303 -5.05 11.06 35.74
C LEU V 303 -3.57 10.82 35.42
N ARG V 304 -2.75 11.86 35.54
CA ARG V 304 -1.32 11.70 35.29
C ARG V 304 -0.64 10.91 36.41
N TYR V 305 -1.10 11.06 37.66
CA TYR V 305 -0.50 10.34 38.76
C TYR V 305 -0.82 8.86 38.72
N HIS V 306 -2.10 8.50 38.70
CA HIS V 306 -2.52 7.11 38.89
C HIS V 306 -2.46 6.27 37.62
N SER V 307 -2.66 6.90 36.45
CA SER V 307 -2.88 6.26 35.15
C SER V 307 -4.13 5.39 35.11
N VAL V 308 -5.12 5.66 35.98
CA VAL V 308 -6.38 4.93 36.05
C VAL V 308 -7.52 5.95 36.12
N ILE V 309 -8.57 5.75 35.31
CA ILE V 309 -9.79 6.54 35.37
C ILE V 309 -10.93 5.60 35.74
N LYS V 310 -11.77 6.02 36.69
CA LYS V 310 -12.92 5.24 37.14
C LYS V 310 -14.23 5.92 36.73
N VAL V 311 -15.09 5.17 36.04
CA VAL V 311 -16.42 5.63 35.66
C VAL V 311 -17.44 4.56 36.04
N SER V 312 -18.71 4.97 36.12
CA SER V 312 -19.81 4.06 36.41
C SER V 312 -21.11 4.67 35.91
N GLY V 313 -22.10 3.79 35.70
CA GLY V 313 -23.42 4.19 35.28
C GLY V 313 -23.49 4.76 33.87
N ASP V 314 -23.95 6.01 33.75
CA ASP V 314 -23.98 6.71 32.47
C ASP V 314 -22.80 7.66 32.30
N GLY V 315 -21.86 7.67 33.23
CA GLY V 315 -20.69 8.50 33.06
C GLY V 315 -19.72 7.91 32.06
N GLY V 316 -18.99 8.79 31.38
CA GLY V 316 -18.03 8.31 30.41
C GLY V 316 -16.90 9.30 30.20
N VAL V 317 -15.87 8.84 29.49
CA VAL V 317 -14.73 9.67 29.13
C VAL V 317 -14.30 9.30 27.72
N ASP V 318 -13.90 10.32 26.94
CA ASP V 318 -13.49 10.13 25.56
C ASP V 318 -12.43 11.17 25.22
N THR V 319 -11.95 11.14 23.99
CA THR V 319 -11.06 12.17 23.49
C THR V 319 -11.62 12.80 22.23
N LEU V 320 -11.32 14.07 22.04
CA LEU V 320 -11.61 14.79 20.80
C LEU V 320 -10.28 15.21 20.20
N ARG V 321 -9.97 14.68 19.03
CA ARG V 321 -8.65 14.79 18.41
C ARG V 321 -8.81 15.22 16.96
N ALA V 322 -8.71 16.51 16.69
CA ALA V 322 -8.87 17.06 15.35
C ALA V 322 -7.61 17.80 14.95
N GLU V 323 -6.99 17.35 13.87
CA GLU V 323 -5.73 17.89 13.38
C GLU V 323 -5.97 19.02 12.38
N ILE V 324 -5.17 20.07 12.49
CA ILE V 324 -5.32 21.26 11.63
C ILE V 324 -4.85 20.90 10.21
N PRO V 325 -5.66 21.16 9.18
CA PRO V 325 -5.24 20.82 7.81
C PRO V 325 -4.33 21.90 7.20
N VAL V 326 -3.21 21.47 6.63
CA VAL V 326 -2.20 22.37 6.08
C VAL V 326 -1.77 22.01 4.67
N ASP V 327 -2.31 20.94 4.08
CA ASP V 327 -1.76 20.39 2.84
C ASP V 327 -2.15 21.19 1.60
N SER V 328 -3.39 21.68 1.56
CA SER V 328 -3.85 22.48 0.42
C SER V 328 -3.11 23.80 0.34
N ALA V 329 -2.86 24.43 1.50
CA ALA V 329 -2.09 25.66 1.55
C ALA V 329 -0.66 25.44 1.10
N ALA V 330 -0.05 24.31 1.47
CA ALA V 330 1.32 24.01 1.05
C ALA V 330 1.42 23.80 -0.45
N LYS V 331 0.45 23.08 -1.02
CA LYS V 331 0.40 22.89 -2.47
C LYS V 331 0.20 24.19 -3.22
N GLU V 332 -0.57 25.13 -2.66
CA GLU V 332 -0.74 26.42 -3.33
C GLU V 332 0.51 27.30 -3.21
N LEU V 333 1.15 27.28 -2.04
CA LEU V 333 2.30 28.15 -1.81
C LEU V 333 3.51 27.72 -2.61
N GLU V 334 3.64 26.42 -2.91
CA GLU V 334 4.72 25.96 -3.80
C GLU V 334 4.58 26.55 -5.21
N ARG V 335 3.36 26.56 -5.75
CA ARG V 335 3.13 27.11 -7.07
C ARG V 335 3.29 28.63 -7.09
N ILE V 336 2.86 29.30 -6.02
CA ILE V 336 3.02 30.76 -5.95
C ILE V 336 4.49 31.15 -5.86
N GLN V 337 5.28 30.39 -5.09
CA GLN V 337 6.71 30.65 -5.00
C GLN V 337 7.43 30.36 -6.32
N ASP V 338 6.97 29.35 -7.08
CA ASP V 338 7.53 29.12 -8.40
C ASP V 338 7.19 30.25 -9.37
N GLU V 339 5.96 30.78 -9.30
CA GLU V 339 5.56 31.84 -10.22
C GLU V 339 6.20 33.18 -9.89
N LEU V 340 6.57 33.39 -8.62
CA LEU V 340 7.11 34.67 -8.18
C LEU V 340 8.50 34.94 -8.79
N TYR V 341 9.35 33.91 -8.84
CA TYR V 341 10.68 34.05 -9.42
C TYR V 341 10.62 34.30 -10.92
N LYS V 342 9.63 33.74 -11.60
CA LYS V 342 9.47 33.97 -13.03
C LYS V 342 8.90 35.36 -13.30
N SER V 343 7.96 35.81 -12.48
CA SER V 343 7.36 37.12 -12.70
C SER V 343 8.29 38.26 -12.30
N ALA V 344 9.21 38.03 -11.36
CA ALA V 344 10.15 39.07 -10.97
C ALA V 344 11.43 39.07 -11.80
N GLN V 345 11.68 38.00 -12.56
CA GLN V 345 12.94 37.74 -13.28
C GLN V 345 14.14 37.78 -12.31
N ALA V 346 14.07 36.91 -11.31
CA ALA V 346 15.07 36.83 -10.25
C ALA V 346 15.77 35.49 -10.31
N VAL V 347 16.76 35.32 -9.42
CA VAL V 347 17.57 34.12 -9.33
C VAL V 347 17.31 33.48 -7.97
N ASP V 348 17.05 32.16 -7.97
CA ASP V 348 17.00 31.37 -6.76
C ASP V 348 18.31 30.59 -6.63
N ASN V 349 19.03 30.81 -5.53
CA ASN V 349 20.30 30.14 -5.28
C ASN V 349 20.06 28.95 -4.36
N SER V 350 19.47 27.91 -4.91
CA SER V 350 19.22 26.69 -4.18
C SER V 350 20.24 25.63 -4.55
N PRO V 351 20.62 24.75 -3.62
CA PRO V 351 21.64 23.74 -3.92
C PRO V 351 21.26 22.75 -5.01
N GLU V 352 19.97 22.54 -5.27
CA GLU V 352 19.54 21.64 -6.34
C GLU V 352 19.95 22.17 -7.71
N THR V 353 19.83 23.48 -7.92
CA THR V 353 20.11 24.08 -9.22
C THR V 353 21.59 23.98 -9.58
N ILE V 354 22.47 24.26 -8.60
CA ILE V 354 23.91 24.10 -8.84
C ILE V 354 24.28 22.62 -8.79
N GLY V 355 23.47 21.80 -8.12
CA GLY V 355 23.71 20.37 -8.08
C GLY V 355 23.45 19.68 -9.40
N GLY V 356 22.55 20.27 -10.22
CA GLY V 356 22.38 19.78 -11.57
C GLY V 356 23.64 19.90 -12.41
N GLY V 357 24.38 21.00 -12.23
CA GLY V 357 25.67 21.15 -12.87
C GLY V 357 26.34 22.42 -12.41
N ALA V 358 27.66 22.40 -12.40
CA ALA V 358 28.46 23.55 -12.00
C ALA V 358 29.37 24.05 -13.13
N THR V 359 29.05 23.70 -14.37
CA THR V 359 29.79 24.19 -15.52
C THR V 359 29.32 25.59 -15.90
N GLY V 360 29.97 26.15 -16.92
CA GLY V 360 29.63 27.45 -17.47
C GLY V 360 28.23 27.62 -18.00
N PRO V 361 27.74 26.75 -18.92
CA PRO V 361 26.35 26.89 -19.40
C PRO V 361 25.29 26.73 -18.32
N ALA V 362 25.52 25.89 -17.32
CA ALA V 362 24.57 25.75 -16.23
C ALA V 362 24.49 27.02 -15.38
N LEU V 363 25.65 27.64 -15.14
CA LEU V 363 25.70 28.89 -14.37
C LEU V 363 25.02 30.02 -15.11
N GLU V 364 25.23 30.11 -16.42
CA GLU V 364 24.59 31.22 -17.11
C GLU V 364 23.14 30.95 -17.49
N ASN V 365 22.69 29.70 -17.53
CA ASN V 365 21.26 29.48 -17.68
C ASN V 365 20.52 29.68 -16.37
N LEU V 366 21.24 29.53 -15.24
CA LEU V 366 20.66 29.92 -13.95
C LEU V 366 20.37 31.42 -13.86
N TYR V 367 21.14 32.26 -14.56
CA TYR V 367 21.08 33.70 -14.41
C TYR V 367 20.36 34.40 -15.57
N ALA V 368 19.61 33.68 -16.39
CA ALA V 368 19.17 34.18 -17.69
C ALA V 368 18.12 35.28 -17.56
N LEU V 369 17.18 35.15 -16.62
CA LEU V 369 16.14 36.16 -16.47
C LEU V 369 16.67 37.43 -15.82
N LEU V 370 17.62 37.30 -14.90
CA LEU V 370 18.25 38.48 -14.32
C LEU V 370 19.13 39.20 -15.34
N ASP V 371 19.78 38.46 -16.24
CA ASP V 371 20.49 39.06 -17.38
C ASP V 371 19.52 39.81 -18.28
N LEU V 372 18.35 39.23 -18.52
CA LEU V 372 17.29 39.87 -19.31
C LEU V 372 16.87 41.21 -18.71
N LYS V 373 16.68 41.24 -17.39
CA LYS V 373 16.26 42.48 -16.72
C LYS V 373 17.40 43.52 -16.68
N ALA V 374 18.62 43.07 -16.39
CA ALA V 374 19.75 43.98 -16.22
C ALA V 374 20.18 44.62 -17.54
N ASN V 375 20.08 43.90 -18.66
CA ASN V 375 20.41 44.47 -19.95
C ASN V 375 19.45 45.59 -20.34
N MET V 376 18.19 45.49 -19.94
CA MET V 376 17.24 46.56 -20.22
C MET V 376 17.47 47.75 -19.29
N ALA V 377 17.84 47.50 -18.03
CA ALA V 377 18.02 48.61 -17.10
C ALA V 377 19.30 49.42 -17.38
N GLU V 378 20.34 48.77 -17.92
CA GLU V 378 21.62 49.44 -18.18
C GLU V 378 21.50 50.57 -19.21
N ARG V 379 20.60 50.42 -20.18
CA ARG V 379 20.41 51.45 -21.20
C ARG V 379 19.81 52.72 -20.60
N LYS V 380 18.88 52.57 -19.66
CA LYS V 380 18.27 53.72 -19.00
C LYS V 380 19.27 54.43 -18.09
N ILE V 381 20.12 53.65 -17.40
CA ILE V 381 21.15 54.25 -16.57
C ILE V 381 22.18 55.01 -17.41
N ARG V 382 22.52 54.47 -18.59
CA ARG V 382 23.42 55.16 -19.52
C ARG V 382 22.81 56.45 -20.04
N ALA V 383 21.50 56.42 -20.33
CA ALA V 383 20.80 57.63 -20.78
C ALA V 383 20.79 58.72 -19.71
N GLY V 384 20.72 58.35 -18.44
CA GLY V 384 20.86 59.36 -17.39
C GLY V 384 22.27 59.90 -17.24
N LEU V 385 23.27 59.02 -17.35
CA LEU V 385 24.65 59.44 -17.15
C LEU V 385 25.18 60.33 -18.28
N ARG V 386 24.66 60.14 -19.51
CA ARG V 386 25.06 61.01 -20.61
C ARG V 386 24.61 62.46 -20.39
N LEU V 387 23.41 62.66 -19.84
CA LEU V 387 22.94 64.00 -19.52
C LEU V 387 23.73 64.59 -18.36
N PHE V 388 24.09 63.75 -17.38
CA PHE V 388 24.95 64.22 -16.29
C PHE V 388 26.29 64.75 -16.79
N PHE V 389 26.92 64.05 -17.73
CA PHE V 389 28.21 64.52 -18.20
C PHE V 389 28.10 65.65 -19.21
N TRP V 390 26.95 65.81 -19.88
CA TRP V 390 26.69 67.05 -20.62
C TRP V 390 26.68 68.27 -19.68
N PHE V 391 26.02 68.14 -18.53
CA PHE V 391 26.00 69.26 -17.57
C PHE V 391 27.40 69.53 -17.01
N PHE V 392 28.18 68.48 -16.78
CA PHE V 392 29.55 68.65 -16.31
C PHE V 392 30.43 69.37 -17.35
N ALA V 393 30.25 69.04 -18.63
CA ALA V 393 31.02 69.72 -19.67
C ALA V 393 30.61 71.18 -19.83
N GLU V 394 29.32 71.49 -19.61
CA GLU V 394 28.89 72.88 -19.58
C GLU V 394 29.57 73.65 -18.46
N TYR V 395 29.67 73.04 -17.28
CA TYR V 395 30.40 73.66 -16.17
C TYR V 395 31.88 73.86 -16.50
N LEU V 396 32.49 72.89 -17.21
CA LEU V 396 33.92 73.01 -17.49
C LEU V 396 34.21 74.06 -18.54
N ARG V 397 33.32 74.23 -19.53
CA ARG V 397 33.52 75.31 -20.50
C ARG V 397 33.25 76.68 -19.89
N ASN V 398 32.27 76.79 -19.00
CA ASN V 398 31.91 78.10 -18.49
C ASN V 398 32.79 78.58 -17.35
N THR V 399 33.79 77.79 -16.94
CA THR V 399 34.79 78.24 -15.98
C THR V 399 36.19 78.30 -16.59
N GLY V 400 36.30 78.22 -17.91
CA GLY V 400 37.57 78.34 -18.59
C GLY V 400 38.49 77.15 -18.53
N LYS V 401 38.05 76.02 -17.98
CA LYS V 401 38.92 74.86 -17.81
C LYS V 401 39.02 73.99 -19.06
N GLY V 402 38.29 74.31 -20.13
CA GLY V 402 38.47 73.60 -21.39
C GLY V 402 37.19 73.28 -22.12
N ASP V 403 37.31 72.91 -23.39
CA ASP V 403 36.17 72.62 -24.26
C ASP V 403 36.20 71.12 -24.57
N PHE V 404 35.15 70.42 -24.18
CA PHE V 404 35.08 68.98 -24.35
C PHE V 404 33.70 68.57 -24.87
N ASN V 405 33.64 67.37 -25.43
CA ASN V 405 32.40 66.77 -25.93
C ASN V 405 32.37 65.34 -25.40
N PRO V 406 31.72 65.11 -24.25
CA PRO V 406 31.74 63.77 -23.64
C PRO V 406 30.93 62.73 -24.40
N ASP V 407 30.10 63.13 -25.35
CA ASP V 407 29.33 62.19 -26.16
C ASP V 407 30.28 61.35 -27.02
N LYS V 408 31.21 62.00 -27.70
CA LYS V 408 32.15 61.30 -28.58
C LYS V 408 33.41 60.83 -27.86
N GLU V 409 33.82 61.49 -26.79
CA GLU V 409 35.15 61.28 -26.22
C GLU V 409 35.20 60.35 -25.02
N LEU V 410 34.08 60.11 -24.34
CA LEU V 410 34.07 59.38 -23.08
C LEU V 410 33.37 58.03 -23.25
N THR V 411 33.91 57.00 -22.61
CA THR V 411 33.39 55.64 -22.68
C THR V 411 33.21 55.10 -21.27
N MET V 412 32.01 54.63 -20.95
CA MET V 412 31.70 54.05 -19.65
C MET V 412 31.60 52.53 -19.75
N THR V 413 31.98 51.86 -18.67
CA THR V 413 31.97 50.40 -18.64
C THR V 413 31.35 49.90 -17.35
N PHE V 414 30.44 48.93 -17.48
CA PHE V 414 29.72 48.30 -16.38
C PHE V 414 30.25 46.89 -16.18
N THR V 415 30.31 46.45 -14.93
CA THR V 415 30.80 45.12 -14.58
C THR V 415 29.71 44.37 -13.81
N ARG V 416 29.32 43.20 -14.31
CA ARG V 416 28.31 42.39 -13.64
C ARG V 416 28.94 41.52 -12.56
N THR V 417 28.26 41.43 -11.41
CA THR V 417 28.70 40.59 -10.30
C THR V 417 28.04 39.22 -10.46
N ARG V 418 28.75 38.25 -11.03
CA ARG V 418 28.16 36.95 -11.26
C ARG V 418 29.14 35.84 -10.92
N ILE V 419 28.61 34.63 -10.82
CA ILE V 419 29.37 33.44 -10.46
C ILE V 419 29.88 32.77 -11.73
N GLN V 420 31.18 32.49 -11.77
CA GLN V 420 31.74 31.80 -12.92
C GLN V 420 32.73 30.74 -12.45
N ASN V 421 33.07 29.85 -13.38
CA ASN V 421 34.01 28.76 -13.15
C ASN V 421 35.40 29.23 -13.59
N ASP V 422 36.25 29.58 -12.62
CA ASP V 422 37.50 30.28 -12.93
C ASP V 422 38.54 29.34 -13.55
N SER V 423 38.59 28.09 -13.11
CA SER V 423 39.59 27.14 -13.59
C SER V 423 39.33 26.73 -15.03
N GLU V 424 38.05 26.59 -15.40
CA GLU V 424 37.66 26.31 -16.78
C GLU V 424 38.06 27.46 -17.70
N ILE V 425 37.92 28.70 -17.22
CA ILE V 425 38.29 29.88 -17.99
C ILE V 425 39.81 29.95 -18.19
N VAL V 426 40.58 29.69 -17.12
CA VAL V 426 42.04 29.77 -17.21
C VAL V 426 42.59 28.68 -18.15
N GLN V 427 42.03 27.47 -18.05
CA GLN V 427 42.40 26.37 -18.94
C GLN V 427 42.07 26.68 -20.39
N SER V 428 40.92 27.28 -20.65
CA SER V 428 40.52 27.64 -22.01
C SER V 428 41.40 28.75 -22.58
N LEU V 429 41.79 29.72 -21.75
CA LEU V 429 42.62 30.83 -22.22
C LEU V 429 44.04 30.36 -22.53
N VAL V 430 44.58 29.46 -21.72
CA VAL V 430 45.92 28.93 -21.97
C VAL V 430 45.92 28.08 -23.24
N GLN V 431 44.86 27.30 -23.46
CA GLN V 431 44.74 26.51 -24.68
C GLN V 431 44.61 27.40 -25.92
N GLY V 432 43.87 28.50 -25.81
CA GLY V 432 43.74 29.42 -26.93
C GLY V 432 45.00 30.19 -27.26
N VAL V 433 45.80 30.55 -26.25
CA VAL V 433 47.05 31.25 -26.51
C VAL V 433 48.08 30.28 -27.10
N THR V 434 48.14 29.05 -26.61
CA THR V 434 49.05 28.05 -27.18
C THR V 434 48.67 27.67 -28.60
N GLY V 435 47.37 27.62 -28.91
CA GLY V 435 46.93 27.31 -30.25
C GLY V 435 47.17 28.39 -31.28
N GLY V 436 47.40 29.63 -30.84
CA GLY V 436 47.68 30.73 -31.74
C GLY V 436 46.49 31.52 -32.21
N ILE V 437 45.31 31.31 -31.65
CA ILE V 437 44.11 32.01 -32.08
C ILE V 437 43.77 33.18 -31.15
N MET V 438 44.73 33.61 -30.34
CA MET V 438 44.48 34.63 -29.32
C MET V 438 45.81 35.28 -28.94
N SER V 439 45.80 36.59 -28.81
CA SER V 439 46.98 37.28 -28.33
C SER V 439 47.08 37.17 -26.81
N LYS V 440 48.30 37.37 -26.31
CA LYS V 440 48.54 37.29 -24.88
C LYS V 440 47.96 38.49 -24.14
N GLU V 441 47.93 39.65 -24.79
CA GLU V 441 47.41 40.87 -24.18
C GLU V 441 45.91 40.77 -23.94
N THR V 442 45.19 40.14 -24.87
CA THR V 442 43.76 39.93 -24.67
C THR V 442 43.50 38.91 -23.57
N ALA V 443 44.35 37.89 -23.46
CA ALA V 443 44.13 36.85 -22.47
C ALA V 443 44.48 37.30 -21.06
N VAL V 444 45.40 38.26 -20.92
CA VAL V 444 45.69 38.83 -19.60
C VAL V 444 44.47 39.60 -19.08
N ALA V 445 43.76 40.28 -19.96
CA ALA V 445 42.57 41.03 -19.56
C ALA V 445 41.41 40.14 -19.17
N ARG V 446 41.26 38.97 -19.80
CA ARG V 446 40.18 38.06 -19.46
C ARG V 446 40.49 37.15 -18.28
N ASN V 447 41.67 37.28 -17.69
CA ASN V 447 42.06 36.42 -16.58
C ASN V 447 41.25 36.78 -15.33
N PRO V 448 40.57 35.82 -14.70
CA PRO V 448 39.81 36.14 -13.49
C PRO V 448 40.65 36.46 -12.26
N PHE V 449 41.95 36.15 -12.27
CA PHE V 449 42.81 36.51 -11.15
C PHE V 449 43.51 37.84 -11.32
N VAL V 450 43.43 38.45 -12.50
CA VAL V 450 44.07 39.74 -12.77
C VAL V 450 43.02 40.83 -12.66
N GLN V 451 43.32 41.86 -11.85
CA GLN V 451 42.40 42.97 -11.67
C GLN V 451 42.90 44.27 -12.28
N ASP V 452 44.15 44.34 -12.71
CA ASP V 452 44.72 45.57 -13.27
C ASP V 452 45.59 45.20 -14.46
N PRO V 453 45.00 45.12 -15.66
CA PRO V 453 45.73 44.57 -16.82
C PRO V 453 46.80 45.48 -17.38
N GLU V 454 46.72 46.78 -17.10
CA GLU V 454 47.78 47.70 -17.53
C GLU V 454 49.09 47.38 -16.81
N GLU V 455 49.02 47.19 -15.49
CA GLU V 455 50.20 46.94 -14.69
C GLU V 455 50.75 45.52 -14.89
N GLU V 456 49.86 44.55 -15.17
CA GLU V 456 50.25 43.15 -15.21
C GLU V 456 51.17 42.85 -16.38
N LEU V 457 50.94 43.50 -17.53
CA LEU V 457 51.76 43.26 -18.71
C LEU V 457 53.16 43.80 -18.52
N ALA V 458 53.28 45.00 -17.94
CA ALA V 458 54.58 45.56 -17.62
C ALA V 458 55.30 44.71 -16.59
N ARG V 459 54.57 44.22 -15.59
CA ARG V 459 55.13 43.38 -14.55
C ARG V 459 55.62 42.03 -15.10
N ILE V 460 54.97 41.52 -16.15
CA ILE V 460 55.49 40.32 -16.83
C ILE V 460 56.76 40.65 -17.60
N GLU V 461 56.80 41.82 -18.24
CA GLU V 461 57.95 42.21 -19.05
C GLU V 461 59.21 42.43 -18.19
N GLU V 462 59.05 42.98 -16.98
CA GLU V 462 60.21 43.11 -16.08
C GLU V 462 60.74 41.75 -15.65
N GLU V 463 59.84 40.80 -15.40
CA GLU V 463 60.27 39.47 -14.97
C GLU V 463 60.99 38.73 -16.08
N MET V 464 60.59 38.90 -17.33
CA MET V 464 61.34 38.23 -18.40
C MET V 464 62.68 38.95 -18.67
N ASN V 465 62.72 40.28 -18.48
CA ASN V 465 63.99 41.00 -18.57
C ASN V 465 64.98 40.53 -17.51
N GLN V 466 64.50 40.25 -16.30
CA GLN V 466 65.39 39.73 -15.27
C GLN V 466 65.74 38.26 -15.49
N TYR V 467 64.83 37.47 -16.07
CA TYR V 467 65.14 36.07 -16.37
C TYR V 467 66.14 35.94 -17.51
N ALA V 468 66.29 36.98 -18.33
CA ALA V 468 67.27 36.94 -19.42
C ALA V 468 68.71 36.84 -18.89
N GLU V 469 69.05 37.57 -17.82
CA GLU V 469 70.42 37.55 -17.33
C GLU V 469 70.77 36.26 -16.58
N MET V 470 69.79 35.49 -16.14
CA MET V 470 70.09 34.30 -15.35
C MET V 470 70.31 33.09 -16.27
N MET W 1 -27.49 -6.75 60.71
CA MET W 1 -28.63 -5.85 60.64
C MET W 1 -29.70 -6.26 61.64
N ASP W 2 -30.25 -5.27 62.32
CA ASP W 2 -31.29 -5.49 63.30
C ASP W 2 -32.61 -5.85 62.63
N ILE W 3 -33.33 -6.82 63.21
CA ILE W 3 -34.56 -7.31 62.59
C ILE W 3 -35.69 -6.29 62.76
N GLN W 4 -35.74 -5.61 63.90
CA GLN W 4 -36.77 -4.60 64.14
C GLN W 4 -36.57 -3.37 63.25
N ARG W 5 -35.33 -3.07 62.89
CA ARG W 5 -35.07 -1.99 61.94
C ARG W 5 -35.57 -2.33 60.54
N VAL W 6 -35.41 -3.59 60.12
CA VAL W 6 -35.94 -4.04 58.83
C VAL W 6 -37.47 -4.02 58.85
N LYS W 7 -38.08 -4.41 59.98
CA LYS W 7 -39.53 -4.36 60.10
C LYS W 7 -40.06 -2.93 60.07
N ARG W 8 -39.30 -1.98 60.62
CA ARG W 8 -39.69 -0.58 60.47
C ARG W 8 -39.52 -0.09 59.03
N LEU W 9 -38.50 -0.58 58.32
CA LEU W 9 -38.30 -0.17 56.93
C LEU W 9 -39.31 -0.80 55.98
N LEU W 10 -39.96 -1.90 56.35
CA LEU W 10 -40.92 -2.56 55.46
C LEU W 10 -42.36 -2.40 55.90
N SER W 11 -42.62 -1.61 56.96
CA SER W 11 -43.96 -1.34 57.51
C SER W 11 -44.68 -2.62 57.95
N ILE W 12 -43.98 -3.45 58.71
CA ILE W 12 -44.55 -4.66 59.29
C ILE W 12 -44.75 -4.42 60.78
N THR W 13 -45.95 -4.71 61.28
CA THR W 13 -46.27 -4.50 62.69
C THR W 13 -46.47 -5.77 63.50
N ASN W 14 -46.93 -6.87 62.90
CA ASN W 14 -47.11 -8.09 63.67
C ASN W 14 -45.82 -8.91 63.63
N ASP W 15 -45.88 -10.14 64.13
CA ASP W 15 -44.73 -11.02 64.24
C ASP W 15 -44.86 -12.26 63.37
N LYS W 16 -45.64 -12.16 62.28
CA LYS W 16 -45.84 -13.28 61.39
C LYS W 16 -44.62 -13.62 60.55
N HIS W 17 -43.70 -12.67 60.36
CA HIS W 17 -42.54 -12.86 59.50
C HIS W 17 -41.22 -12.99 60.27
N ASP W 18 -41.24 -13.15 61.59
CA ASP W 18 -40.02 -13.01 62.38
C ASP W 18 -39.08 -14.19 62.19
N GLU W 19 -39.65 -15.40 62.10
CA GLU W 19 -38.87 -16.61 61.87
C GLU W 19 -38.19 -16.60 60.50
N TYR W 20 -38.84 -15.99 59.51
CA TYR W 20 -38.22 -15.88 58.18
C TYR W 20 -37.12 -14.83 58.15
N LEU W 21 -37.36 -13.68 58.79
CA LEU W 21 -36.40 -12.57 58.72
C LEU W 21 -35.13 -12.89 59.49
N THR W 22 -35.28 -13.57 60.65
CA THR W 22 -34.14 -14.00 61.45
C THR W 22 -33.22 -14.95 60.69
N GLU W 23 -33.75 -15.72 59.75
CA GLU W 23 -32.92 -16.55 58.90
C GLU W 23 -32.37 -15.80 57.69
N MET W 24 -33.20 -14.97 57.06
CA MET W 24 -32.86 -14.46 55.73
C MET W 24 -31.92 -13.25 55.77
N VAL W 25 -32.02 -12.37 56.77
CA VAL W 25 -31.23 -11.13 56.78
C VAL W 25 -29.71 -11.33 56.92
N PRO W 26 -29.17 -12.19 57.82
CA PRO W 26 -27.71 -12.40 57.82
C PRO W 26 -27.15 -13.02 56.54
N LEU W 27 -27.93 -13.88 55.86
CA LEU W 27 -27.49 -14.45 54.59
C LEU W 27 -27.37 -13.39 53.51
N LEU W 28 -28.28 -12.40 53.51
CA LEU W 28 -28.21 -11.33 52.54
C LEU W 28 -27.07 -10.36 52.85
N VAL W 29 -26.74 -10.18 54.13
CA VAL W 29 -25.56 -9.38 54.49
C VAL W 29 -24.28 -10.03 53.97
N GLU W 30 -24.14 -11.34 54.19
CA GLU W 30 -22.97 -12.06 53.68
C GLU W 30 -22.96 -12.10 52.15
N PHE W 31 -24.10 -12.13 51.52
CA PHE W 31 -24.07 -12.09 50.09
C PHE W 31 -23.65 -10.67 49.61
N ALA W 32 -24.04 -9.57 50.25
CA ALA W 32 -23.53 -8.26 49.84
C ALA W 32 -22.02 -8.19 49.99
N LYS W 33 -21.48 -8.79 51.07
CA LYS W 33 -20.03 -8.83 51.26
C LYS W 33 -19.32 -9.65 50.18
N ASP W 34 -19.88 -10.80 49.80
CA ASP W 34 -19.24 -11.61 48.77
C ASP W 34 -19.41 -11.05 47.37
N GLU W 35 -20.54 -10.40 47.10
CA GLU W 35 -20.81 -9.86 45.77
C GLU W 35 -20.01 -8.58 45.50
N CYS W 36 -19.80 -7.75 46.52
CA CYS W 36 -18.99 -6.55 46.32
C CYS W 36 -17.49 -6.78 46.53
N HIS W 37 -17.09 -7.96 47.02
CA HIS W 37 -15.71 -8.27 47.44
C HIS W 37 -15.19 -7.26 48.45
N ASN W 38 -16.04 -6.92 49.42
CA ASN W 38 -15.82 -5.83 50.35
C ASN W 38 -16.27 -6.25 51.74
N PRO W 39 -15.36 -6.31 52.72
CA PRO W 39 -15.77 -6.69 54.08
C PRO W 39 -16.47 -5.61 54.87
N PHE W 40 -16.50 -4.36 54.38
CA PHE W 40 -17.14 -3.19 55.02
C PHE W 40 -16.58 -2.91 56.41
N ILE W 41 -15.27 -2.67 56.46
CA ILE W 41 -14.55 -2.51 57.71
C ILE W 41 -13.87 -1.14 57.69
N ASP W 42 -14.12 -0.33 58.72
CA ASP W 42 -13.63 1.05 58.74
C ASP W 42 -12.18 1.14 59.18
N LYS W 43 -11.76 2.36 59.54
CA LYS W 43 -10.41 2.66 60.03
C LYS W 43 -10.02 1.81 61.22
N ASP W 44 -10.90 1.73 62.22
CA ASP W 44 -10.60 1.10 63.49
C ASP W 44 -10.88 -0.40 63.51
N GLY W 45 -11.00 -1.03 62.34
CA GLY W 45 -11.20 -2.46 62.28
C GLY W 45 -12.62 -2.92 62.52
N ASN W 46 -13.57 -2.00 62.61
CA ASN W 46 -14.92 -2.34 62.98
C ASN W 46 -15.82 -2.43 61.75
N GLU W 47 -16.76 -3.35 61.81
CA GLU W 47 -17.71 -3.54 60.71
C GLU W 47 -18.68 -2.37 60.65
N SER W 48 -18.80 -1.76 59.48
CA SER W 48 -19.60 -0.56 59.28
C SER W 48 -20.36 -0.71 57.97
N ILE W 49 -21.60 -1.17 58.05
CA ILE W 49 -22.40 -1.45 56.86
C ILE W 49 -22.94 -0.15 56.30
N PRO W 50 -22.71 0.16 55.02
CA PRO W 50 -23.22 1.41 54.44
C PRO W 50 -24.73 1.35 54.21
N SER W 51 -25.28 2.53 53.89
CA SER W 51 -26.74 2.70 53.87
C SER W 51 -27.38 1.99 52.68
N GLY W 52 -26.67 1.92 51.56
CA GLY W 52 -27.20 1.30 50.36
C GLY W 52 -27.31 -0.20 50.49
N VAL W 53 -26.37 -0.81 51.20
CA VAL W 53 -26.44 -2.23 51.52
C VAL W 53 -27.65 -2.50 52.40
N LEU W 54 -27.98 -1.59 53.32
CA LEU W 54 -29.14 -1.77 54.18
C LEU W 54 -30.46 -1.69 53.41
N ILE W 55 -30.56 -0.72 52.49
CA ILE W 55 -31.73 -0.61 51.61
C ILE W 55 -31.85 -1.86 50.75
N PHE W 56 -30.73 -2.36 50.24
CA PHE W 56 -30.73 -3.54 49.39
C PHE W 56 -31.18 -4.78 50.17
N VAL W 57 -30.70 -4.95 51.40
CA VAL W 57 -31.03 -6.12 52.20
C VAL W 57 -32.50 -6.13 52.57
N ALA W 58 -33.04 -4.96 52.95
CA ALA W 58 -34.47 -4.88 53.29
C ALA W 58 -35.36 -5.16 52.07
N LYS W 59 -35.02 -4.58 50.91
CA LYS W 59 -35.88 -4.78 49.75
C LYS W 59 -35.76 -6.18 49.15
N ALA W 60 -34.57 -6.80 49.21
CA ALA W 60 -34.44 -8.18 48.73
C ALA W 60 -35.11 -9.16 49.67
N ALA W 61 -35.09 -8.91 50.98
CA ALA W 61 -35.84 -9.74 51.92
C ALA W 61 -37.34 -9.60 51.70
N GLN W 62 -37.82 -8.41 51.31
CA GLN W 62 -39.23 -8.29 50.96
C GLN W 62 -39.56 -9.01 49.65
N PHE W 63 -38.65 -8.97 48.67
CA PHE W 63 -38.89 -9.64 47.40
C PHE W 63 -38.94 -11.16 47.55
N TYR W 64 -38.10 -11.73 48.40
CA TYR W 64 -38.02 -13.19 48.50
C TYR W 64 -39.10 -13.80 49.38
N MET W 65 -40.12 -13.04 49.78
CA MET W 65 -41.30 -13.60 50.42
C MET W 65 -42.27 -14.23 49.42
N THR W 66 -42.09 -13.99 48.13
CA THR W 66 -42.95 -14.56 47.11
C THR W 66 -42.59 -16.03 46.87
N ASN W 67 -43.43 -16.69 46.08
CA ASN W 67 -43.17 -18.05 45.62
C ASN W 67 -42.40 -18.01 44.31
N ALA W 68 -41.35 -18.82 44.21
CA ALA W 68 -40.41 -18.69 43.09
C ALA W 68 -40.99 -19.20 41.77
N GLY W 69 -41.90 -20.17 41.82
CA GLY W 69 -42.43 -20.73 40.59
C GLY W 69 -43.79 -20.23 40.19
N LEU W 70 -44.13 -18.99 40.54
CA LEU W 70 -45.47 -18.47 40.33
C LEU W 70 -45.41 -17.05 39.77
N THR W 71 -46.15 -16.81 38.69
CA THR W 71 -46.24 -15.50 38.08
C THR W 71 -47.54 -14.77 38.37
N GLY W 72 -48.64 -15.50 38.52
CA GLY W 72 -49.93 -14.89 38.80
C GLY W 72 -50.83 -15.87 39.52
N ARG W 73 -51.77 -15.33 40.28
CA ARG W 73 -52.67 -16.16 41.06
C ARG W 73 -54.04 -15.50 41.17
N SER W 74 -55.10 -16.31 41.13
CA SER W 74 -56.46 -15.81 41.24
C SER W 74 -57.28 -16.69 42.18
N MET W 75 -58.09 -16.05 43.03
CA MET W 75 -58.89 -16.72 44.04
C MET W 75 -60.11 -15.82 44.24
N ASP W 76 -61.18 -16.35 43.66
CA ASP W 76 -62.51 -15.78 43.51
C ASP W 76 -62.48 -14.32 43.12
N THR W 77 -62.46 -13.44 44.10
CA THR W 77 -62.49 -12.00 43.81
C THR W 77 -61.13 -11.32 43.92
N VAL W 78 -60.18 -11.94 44.56
CA VAL W 78 -58.81 -11.46 44.74
C VAL W 78 -57.91 -12.01 43.63
N SER W 79 -56.92 -11.22 43.21
CA SER W 79 -55.91 -11.71 42.28
C SER W 79 -54.59 -10.98 42.54
N TYR W 80 -53.49 -11.62 42.14
CA TYR W 80 -52.14 -11.10 42.32
C TYR W 80 -51.30 -11.35 41.07
N ASN W 81 -50.47 -10.36 40.73
CA ASN W 81 -49.45 -10.49 39.70
C ASN W 81 -48.09 -10.23 40.34
N PHE W 82 -47.15 -11.13 40.13
CA PHE W 82 -45.87 -11.12 40.83
C PHE W 82 -44.73 -10.71 39.90
N ALA W 83 -43.71 -10.10 40.49
CA ALA W 83 -42.50 -9.77 39.78
C ALA W 83 -41.59 -11.00 39.68
N THR W 84 -40.98 -11.17 38.52
CA THR W 84 -40.16 -12.35 38.26
C THR W 84 -38.69 -12.16 38.63
N GLU W 85 -38.15 -10.97 38.42
CA GLU W 85 -36.78 -10.65 38.76
C GLU W 85 -36.74 -9.54 39.79
N ILE W 86 -35.64 -9.49 40.54
CA ILE W 86 -35.34 -8.30 41.34
C ILE W 86 -35.10 -7.12 40.40
N PRO W 87 -35.74 -5.97 40.63
CA PRO W 87 -35.56 -4.82 39.72
C PRO W 87 -34.16 -4.27 39.75
N SER W 88 -33.77 -3.65 38.64
CA SER W 88 -32.40 -3.16 38.48
C SER W 88 -32.09 -2.00 39.41
N THR W 89 -33.11 -1.22 39.82
CA THR W 89 -32.87 -0.12 40.73
C THR W 89 -32.55 -0.58 42.15
N ILE W 90 -32.96 -1.78 42.53
CA ILE W 90 -32.56 -2.34 43.81
C ILE W 90 -31.16 -2.96 43.72
N LEU W 91 -30.86 -3.63 42.60
CA LEU W 91 -29.54 -4.21 42.41
C LEU W 91 -28.46 -3.16 42.25
N LYS W 92 -28.81 -1.96 41.77
CA LYS W 92 -27.85 -0.89 41.60
C LYS W 92 -27.53 -0.14 42.89
N LYS W 93 -28.10 -0.54 44.03
CA LYS W 93 -27.67 0.03 45.31
C LYS W 93 -26.29 -0.44 45.71
N LEU W 94 -25.86 -1.61 45.27
CA LEU W 94 -24.55 -2.12 45.64
C LEU W 94 -23.43 -1.56 44.76
N ASN W 95 -23.76 -0.77 43.75
CA ASN W 95 -22.76 -0.28 42.80
C ASN W 95 -21.67 0.64 43.36
N PRO W 96 -21.91 1.60 44.27
CA PRO W 96 -20.78 2.44 44.71
C PRO W 96 -19.74 1.77 45.61
N TYR W 97 -19.86 0.48 45.93
CA TYR W 97 -18.92 -0.19 46.83
C TYR W 97 -18.24 -1.40 46.20
N ARG W 98 -18.24 -1.51 44.88
CA ARG W 98 -17.76 -2.71 44.22
C ARG W 98 -16.24 -2.68 44.07
N LYS W 99 -15.58 -3.74 44.53
CA LYS W 99 -14.17 -3.96 44.34
C LYS W 99 -13.95 -5.20 43.47
N MET W 100 -12.71 -5.41 43.06
CA MET W 100 -12.35 -6.56 42.24
C MET W 100 -11.87 -7.72 43.11
N ALA W 101 -12.10 -8.93 42.62
CA ALA W 101 -11.67 -10.12 43.34
C ALA W 101 -10.16 -10.29 43.24
N ARG W 102 -9.54 -10.68 44.35
CA ARG W 102 -8.10 -10.88 44.38
C ARG W 102 -7.76 -12.36 44.54
N MET X 1 -32.56 15.75 56.31
CA MET X 1 -33.80 16.29 55.79
C MET X 1 -34.90 16.18 56.83
N ASP X 2 -35.65 17.27 57.00
CA ASP X 2 -36.74 17.31 57.96
C ASP X 2 -37.91 16.47 57.49
N ILE X 3 -38.49 15.70 58.42
CA ILE X 3 -39.56 14.76 58.09
C ILE X 3 -40.85 15.50 57.74
N GLN X 4 -41.13 16.61 58.43
CA GLN X 4 -42.33 17.39 58.14
C GLN X 4 -42.25 18.07 56.79
N ARG X 5 -41.05 18.44 56.35
CA ARG X 5 -40.88 19.00 55.01
C ARG X 5 -41.12 17.96 53.93
N VAL X 6 -40.72 16.71 54.18
CA VAL X 6 -41.01 15.60 53.27
C VAL X 6 -42.51 15.34 53.23
N LYS X 7 -43.19 15.42 54.38
CA LYS X 7 -44.64 15.24 54.41
C LYS X 7 -45.37 16.37 53.70
N ARG X 8 -44.81 17.59 53.71
CA ARG X 8 -45.40 18.66 52.91
C ARG X 8 -45.15 18.47 51.42
N LEU X 9 -44.01 17.88 51.04
CA LEU X 9 -43.74 17.67 49.61
C LEU X 9 -44.55 16.53 49.02
N LEU X 10 -45.07 15.61 49.84
CA LEU X 10 -45.81 14.45 49.35
C LEU X 10 -47.30 14.51 49.63
N SER X 11 -47.80 15.64 50.16
CA SER X 11 -49.21 15.89 50.49
C SER X 11 -49.77 14.87 51.49
N ILE X 12 -49.03 14.65 52.57
CA ILE X 12 -49.43 13.76 53.64
C ILE X 12 -49.85 14.60 54.84
N THR X 13 -51.05 14.35 55.36
CA THR X 13 -51.57 15.11 56.48
C THR X 13 -51.61 14.35 57.80
N ASN X 14 -51.79 13.03 57.77
CA ASN X 14 -51.88 12.27 59.00
C ASN X 14 -50.49 11.78 59.41
N ASP X 15 -50.44 10.92 60.42
CA ASP X 15 -49.18 10.40 60.95
C ASP X 15 -49.05 8.89 60.73
N LYS X 16 -49.68 8.38 59.68
CA LYS X 16 -49.63 6.95 59.41
C LYS X 16 -48.26 6.49 58.90
N HIS X 17 -47.52 7.36 58.22
CA HIS X 17 -46.25 6.99 57.61
C HIS X 17 -45.04 7.46 58.40
N ASP X 18 -45.20 7.86 59.67
CA ASP X 18 -44.14 8.57 60.37
C ASP X 18 -42.98 7.65 60.74
N GLU X 19 -43.29 6.43 61.17
CA GLU X 19 -42.25 5.49 61.59
C GLU X 19 -41.43 4.99 60.41
N TYR X 20 -42.06 4.84 59.24
CA TYR X 20 -41.32 4.47 58.03
C TYR X 20 -40.42 5.61 57.57
N LEU X 21 -40.91 6.85 57.59
CA LEU X 21 -40.16 7.99 57.06
C LEU X 21 -38.97 8.32 57.94
N THR X 22 -39.14 8.20 59.27
CA THR X 22 -38.06 8.46 60.22
C THR X 22 -36.88 7.51 60.03
N GLU X 23 -37.14 6.30 59.54
CA GLU X 23 -36.08 5.35 59.22
C GLU X 23 -35.53 5.51 57.82
N MET X 24 -36.39 5.84 56.84
CA MET X 24 -36.02 5.77 55.43
C MET X 24 -35.32 7.03 54.92
N VAL X 25 -35.68 8.22 55.42
CA VAL X 25 -35.12 9.47 54.87
C VAL X 25 -33.61 9.63 55.08
N PRO X 26 -33.03 9.42 56.29
CA PRO X 26 -31.56 9.57 56.42
C PRO X 26 -30.76 8.55 55.61
N LEU X 27 -31.29 7.35 55.42
CA LEU X 27 -30.65 6.35 54.57
C LEU X 27 -30.57 6.81 53.13
N LEU X 28 -31.61 7.48 52.64
CA LEU X 28 -31.61 7.98 51.27
C LEU X 28 -30.69 9.19 51.12
N VAL X 29 -30.55 10.01 52.17
CA VAL X 29 -29.59 11.11 52.13
C VAL X 29 -28.16 10.58 52.02
N GLU X 30 -27.81 9.58 52.84
CA GLU X 30 -26.48 8.97 52.75
C GLU X 30 -26.29 8.20 51.45
N PHE X 31 -27.34 7.63 50.88
CA PHE X 31 -27.15 7.01 49.62
C PHE X 31 -26.87 8.07 48.53
N ALA X 32 -27.52 9.24 48.53
CA ALA X 32 -27.21 10.27 47.54
C ALA X 32 -25.77 10.76 47.69
N LYS X 33 -25.30 10.90 48.93
CA LYS X 33 -23.91 11.30 49.16
C LYS X 33 -22.93 10.27 48.65
N ASP X 34 -23.20 8.99 48.85
CA ASP X 34 -22.28 7.96 48.37
C ASP X 34 -22.38 7.76 46.85
N GLU X 35 -23.55 8.00 46.28
CA GLU X 35 -23.74 7.71 44.85
C GLU X 35 -23.21 8.84 43.98
N CYS X 36 -23.27 10.09 44.45
CA CYS X 36 -22.68 11.19 43.68
C CYS X 36 -21.21 11.41 43.99
N HIS X 37 -20.66 10.72 44.99
CA HIS X 37 -19.30 10.94 45.54
C HIS X 37 -19.10 12.40 45.94
N ASN X 38 -20.10 12.97 46.58
CA ASN X 38 -20.20 14.39 46.92
C ASN X 38 -20.74 14.52 48.34
N PRO X 39 -19.97 15.08 49.27
CA PRO X 39 -20.47 15.24 50.65
C PRO X 39 -21.39 16.44 50.87
N PHE X 40 -21.58 17.30 49.87
CA PHE X 40 -22.50 18.45 49.88
C PHE X 40 -22.17 19.44 51.01
N ILE X 41 -21.00 20.05 50.89
CA ILE X 41 -20.45 20.91 51.93
C ILE X 41 -20.08 22.25 51.29
N ASP X 42 -20.50 23.35 51.92
CA ASP X 42 -20.21 24.68 51.39
C ASP X 42 -18.84 25.21 51.79
N LYS X 43 -18.67 26.53 51.67
CA LYS X 43 -17.41 27.20 51.99
C LYS X 43 -17.03 27.04 53.47
N ASP X 44 -17.96 27.27 54.38
CA ASP X 44 -17.70 27.22 55.81
C ASP X 44 -17.71 25.82 56.40
N GLY X 45 -17.68 24.78 55.57
CA GLY X 45 -17.74 23.42 56.09
C GLY X 45 -19.12 22.93 56.46
N ASN X 46 -20.16 23.71 56.20
CA ASN X 46 -21.50 23.32 56.61
C ASN X 46 -22.16 22.46 55.53
N GLU X 47 -22.98 21.53 55.98
CA GLU X 47 -23.71 20.65 55.07
C GLU X 47 -24.85 21.42 54.43
N SER X 48 -24.83 21.51 53.11
CA SER X 48 -25.86 22.22 52.35
C SER X 48 -26.39 21.29 51.27
N ILE X 49 -27.51 20.63 51.56
CA ILE X 49 -28.12 19.70 50.61
C ILE X 49 -28.79 20.47 49.48
N PRO X 50 -28.48 20.19 48.22
CA PRO X 50 -29.11 20.92 47.11
C PRO X 50 -30.57 20.49 46.92
N SER X 51 -31.30 21.31 46.16
CA SER X 51 -32.75 21.19 46.04
C SER X 51 -33.15 19.94 45.27
N GLY X 52 -32.34 19.58 44.29
CA GLY X 52 -32.60 18.45 43.42
C GLY X 52 -32.41 17.12 44.14
N VAL X 53 -31.44 17.07 45.06
CA VAL X 53 -31.27 15.92 45.95
C VAL X 53 -32.48 15.79 46.89
N LEU X 54 -33.07 16.92 47.32
CA LEU X 54 -34.22 16.88 48.20
C LEU X 54 -35.46 16.34 47.48
N ILE X 55 -35.68 16.80 46.25
CA ILE X 55 -36.76 16.26 45.40
C ILE X 55 -36.58 14.77 45.19
N PHE X 56 -35.33 14.34 44.94
CA PHE X 56 -35.05 12.92 44.73
C PHE X 56 -35.34 12.09 45.97
N VAL X 57 -34.93 12.58 47.15
CA VAL X 57 -35.13 11.83 48.39
C VAL X 57 -36.61 11.67 48.70
N ALA X 58 -37.40 12.74 48.50
CA ALA X 58 -38.84 12.65 48.74
C ALA X 58 -39.53 11.70 47.77
N LYS X 59 -39.20 11.77 46.48
CA LYS X 59 -39.88 10.90 45.53
C LYS X 59 -39.44 9.44 45.65
N ALA X 60 -38.18 9.17 46.03
CA ALA X 60 -37.75 7.81 46.24
C ALA X 60 -38.34 7.20 47.51
N ALA X 61 -38.51 8.01 48.56
CA ALA X 61 -39.21 7.53 49.74
C ALA X 61 -40.67 7.25 49.46
N GLN X 62 -41.31 8.02 48.57
CA GLN X 62 -42.68 7.69 48.19
C GLN X 62 -42.73 6.43 47.32
N PHE X 63 -41.73 6.21 46.46
CA PHE X 63 -41.70 5.01 45.63
C PHE X 63 -41.54 3.75 46.46
N TYR X 64 -40.70 3.79 47.50
CA TYR X 64 -40.40 2.57 48.25
C TYR X 64 -41.47 2.19 49.28
N MET X 65 -42.64 2.82 49.28
CA MET X 65 -43.75 2.37 50.10
C MET X 65 -44.48 1.17 49.51
N THR X 66 -44.19 0.79 48.26
CA THR X 66 -44.83 -0.35 47.64
C THR X 66 -44.16 -1.66 48.06
N ASN X 67 -44.81 -2.76 47.70
CA ASN X 67 -44.27 -4.09 47.90
C ASN X 67 -43.39 -4.46 46.71
N ALA X 68 -42.17 -4.94 46.99
CA ALA X 68 -41.19 -5.16 45.94
C ALA X 68 -41.48 -6.38 45.09
N GLY X 69 -42.23 -7.36 45.59
CA GLY X 69 -42.53 -8.54 44.81
C GLY X 69 -43.87 -8.54 44.12
N LEU X 70 -44.48 -7.37 43.93
CA LEU X 70 -45.85 -7.29 43.43
C LEU X 70 -45.93 -6.27 42.31
N THR X 71 -46.52 -6.66 41.17
CA THR X 71 -46.78 -5.73 40.08
C THR X 71 -48.25 -5.37 39.91
N GLY X 72 -49.16 -6.12 40.50
CA GLY X 72 -50.57 -5.81 40.39
C GLY X 72 -51.38 -6.51 41.47
N ARG X 73 -52.52 -5.92 41.79
CA ARG X 73 -53.36 -6.41 42.88
C ARG X 73 -54.81 -6.03 42.60
N SER X 74 -55.75 -6.84 43.08
CA SER X 74 -57.17 -6.56 42.87
C SER X 74 -58.01 -7.18 43.97
N MET X 75 -58.94 -6.39 44.54
CA MET X 75 -59.93 -6.90 45.50
C MET X 75 -61.29 -6.27 45.20
N ASP X 76 -62.04 -6.92 44.31
CA ASP X 76 -63.50 -6.89 44.16
C ASP X 76 -64.13 -5.57 43.71
N THR X 77 -63.48 -4.44 43.97
CA THR X 77 -63.89 -3.14 43.44
C THR X 77 -62.63 -2.33 43.24
N VAL X 78 -61.57 -2.64 44.00
CA VAL X 78 -60.32 -1.92 43.88
C VAL X 78 -59.34 -2.74 43.06
N SER X 79 -58.46 -2.05 42.35
CA SER X 79 -57.34 -2.68 41.66
C SER X 79 -56.21 -1.68 41.53
N TYR X 80 -54.99 -2.19 41.50
CA TYR X 80 -53.78 -1.39 41.47
C TYR X 80 -52.76 -2.02 40.53
N ASN X 81 -52.10 -1.16 39.76
CA ASN X 81 -50.94 -1.52 38.96
C ASN X 81 -49.76 -0.70 39.43
N PHE X 82 -48.66 -1.37 39.78
CA PHE X 82 -47.52 -0.72 40.39
C PHE X 82 -46.38 -0.58 39.38
N ALA X 83 -45.57 0.47 39.59
CA ALA X 83 -44.35 0.65 38.82
C ALA X 83 -43.24 -0.22 39.38
N THR X 84 -42.46 -0.83 38.50
CA THR X 84 -41.43 -1.77 38.93
C THR X 84 -40.05 -1.13 39.08
N GLU X 85 -39.78 -0.03 38.38
CA GLU X 85 -38.51 0.68 38.50
C GLU X 85 -38.77 2.12 38.88
N ILE X 86 -37.77 2.73 39.50
CA ILE X 86 -37.77 4.19 39.66
C ILE X 86 -37.65 4.82 38.28
N PRO X 87 -38.50 5.79 37.94
CA PRO X 87 -38.43 6.40 36.60
C PRO X 87 -37.13 7.17 36.41
N SER X 88 -36.72 7.27 35.15
CA SER X 88 -35.45 7.92 34.83
C SER X 88 -35.48 9.42 35.09
N THR X 89 -36.65 10.05 35.07
CA THR X 89 -36.71 11.47 35.41
C THR X 89 -36.51 11.74 36.89
N ILE X 90 -36.72 10.74 37.75
CA ILE X 90 -36.36 10.88 39.17
C ILE X 90 -34.89 10.53 39.38
N LEU X 91 -34.38 9.55 38.63
CA LEU X 91 -32.96 9.20 38.74
C LEU X 91 -32.06 10.30 38.16
N LYS X 92 -32.58 11.11 37.25
CA LYS X 92 -31.86 12.26 36.73
C LYS X 92 -31.89 13.46 37.68
N LYS X 93 -32.46 13.31 38.87
CA LYS X 93 -32.34 14.33 39.90
C LYS X 93 -31.01 14.26 40.66
N LEU X 94 -30.05 13.46 40.22
CA LEU X 94 -28.74 13.52 40.84
C LEU X 94 -27.65 14.01 39.91
N ASN X 95 -27.96 14.21 38.63
CA ASN X 95 -26.93 14.36 37.59
C ASN X 95 -26.04 15.61 37.67
N PRO X 96 -26.52 16.84 37.95
CA PRO X 96 -25.58 17.98 37.97
C PRO X 96 -24.62 18.02 39.16
N TYR X 97 -24.65 17.06 40.07
CA TYR X 97 -23.77 17.07 41.23
C TYR X 97 -22.80 15.90 41.25
N ARG X 98 -22.68 15.17 40.15
CA ARG X 98 -21.92 13.92 40.15
C ARG X 98 -20.42 14.19 40.02
N LYS X 99 -19.64 13.57 40.90
CA LYS X 99 -18.19 13.60 40.85
C LYS X 99 -17.67 12.18 40.65
N MET X 100 -16.39 12.07 40.35
CA MET X 100 -15.75 10.78 40.18
C MET X 100 -15.18 10.28 41.51
N ALA X 101 -15.15 8.96 41.67
CA ALA X 101 -14.61 8.35 42.86
C ALA X 101 -13.09 8.47 42.88
N ARG X 102 -12.53 8.65 44.07
CA ARG X 102 -11.09 8.75 44.24
C ARG X 102 -10.53 7.58 45.04
N MET Y 1 -48.67 4.13 51.89
CA MET Y 1 -48.74 2.69 51.68
C MET Y 1 -50.08 2.28 51.07
N TYR Y 2 -50.16 1.03 50.60
CA TYR Y 2 -51.36 0.49 49.95
C TYR Y 2 -51.68 -0.84 50.63
N GLU Y 3 -52.46 -0.78 51.70
CA GLU Y 3 -52.76 -1.95 52.50
C GLU Y 3 -53.97 -2.68 51.92
N GLU Y 4 -53.91 -4.01 51.96
CA GLU Y 4 -55.07 -4.82 51.63
C GLU Y 4 -56.18 -4.61 52.65
N PHE Y 5 -55.82 -4.45 53.89
CA PHE Y 5 -56.77 -4.30 54.95
C PHE Y 5 -56.50 -3.01 55.70
N PRO Y 6 -57.12 -1.91 55.31
CA PRO Y 6 -56.85 -0.63 55.96
C PRO Y 6 -57.75 -0.29 57.14
N ASP Y 7 -58.79 -1.07 57.41
CA ASP Y 7 -59.73 -0.78 58.49
C ASP Y 7 -59.44 -1.65 59.71
N VAL Y 8 -60.13 -1.32 60.81
CA VAL Y 8 -60.09 -2.08 62.05
C VAL Y 8 -61.52 -2.26 62.51
N ILE Y 9 -61.94 -3.51 62.69
CA ILE Y 9 -63.32 -3.82 63.07
C ILE Y 9 -63.30 -4.60 64.37
N THR Y 10 -64.47 -4.66 65.02
CA THR Y 10 -64.60 -5.39 66.28
C THR Y 10 -65.69 -6.45 66.14
N PHE Y 11 -65.39 -7.68 66.52
CA PHE Y 11 -66.36 -8.80 66.51
C PHE Y 11 -67.04 -8.97 67.85
N GLN Y 12 -68.33 -9.14 67.93
CA GLN Y 12 -69.10 -9.18 69.17
C GLN Y 12 -70.02 -10.40 69.20
N SER Y 13 -70.14 -10.98 70.39
CA SER Y 13 -70.99 -12.13 70.66
C SER Y 13 -72.07 -11.80 71.68
N TYR Y 14 -73.09 -12.65 71.72
CA TYR Y 14 -74.32 -12.42 72.50
C TYR Y 14 -74.35 -13.43 73.65
N VAL Y 15 -73.83 -13.01 74.82
CA VAL Y 15 -73.49 -13.93 75.90
C VAL Y 15 -74.33 -13.60 77.14
N GLU Y 16 -74.45 -14.56 78.05
CA GLU Y 16 -75.32 -14.47 79.21
C GLU Y 16 -74.59 -14.04 80.47
N GLN Y 17 -75.23 -13.14 81.24
CA GLN Y 17 -74.86 -12.85 82.62
C GLN Y 17 -75.99 -13.31 83.53
N SER Y 18 -75.64 -13.90 84.66
CA SER Y 18 -76.62 -14.34 85.65
C SER Y 18 -76.07 -14.05 87.04
N ASN Y 19 -76.81 -13.27 87.82
CA ASN Y 19 -76.33 -12.82 89.14
C ASN Y 19 -77.50 -12.61 90.10
N GLY Y 20 -77.69 -13.57 91.01
CA GLY Y 20 -78.29 -13.30 92.31
C GLY Y 20 -79.63 -13.92 92.63
N GLU Y 21 -80.60 -13.84 91.73
CA GLU Y 21 -81.89 -14.45 92.05
C GLU Y 21 -82.41 -15.34 90.92
N GLY Y 22 -82.24 -14.91 89.68
CA GLY Y 22 -82.47 -15.65 88.47
C GLY Y 22 -82.46 -14.57 87.42
N GLY Y 23 -81.70 -14.72 86.35
CA GLY Y 23 -81.47 -13.63 85.44
C GLY Y 23 -81.41 -14.12 84.01
N LYS Y 24 -81.95 -13.30 83.11
CA LYS Y 24 -82.06 -13.63 81.70
C LYS Y 24 -81.32 -12.63 80.81
N THR Y 25 -80.51 -11.74 81.38
CA THR Y 25 -79.94 -10.64 80.61
C THR Y 25 -78.78 -11.12 79.75
N TYR Y 26 -78.89 -10.85 78.44
CA TYR Y 26 -77.86 -11.15 77.47
C TYR Y 26 -77.25 -9.86 76.96
N LYS Y 27 -75.93 -9.84 76.85
CA LYS Y 27 -75.20 -8.66 76.46
C LYS Y 27 -74.30 -8.99 75.27
N TRP Y 28 -74.21 -8.03 74.34
CA TRP Y 28 -73.22 -8.08 73.27
C TRP Y 28 -71.88 -7.65 73.84
N VAL Y 29 -70.94 -8.58 73.94
CA VAL Y 29 -69.61 -8.27 74.44
C VAL Y 29 -68.58 -8.56 73.35
N ASP Y 30 -67.45 -7.87 73.43
CA ASP Y 30 -66.41 -7.98 72.41
C ASP Y 30 -65.68 -9.32 72.51
N GLU Y 31 -65.34 -9.88 71.35
CA GLU Y 31 -64.52 -11.08 71.26
C GLU Y 31 -63.08 -10.76 70.90
N PHE Y 32 -62.87 -10.13 69.75
CA PHE Y 32 -61.55 -9.77 69.28
C PHE Y 32 -61.61 -8.70 68.24
N THR Y 33 -60.48 -8.17 67.82
CA THR Y 33 -60.40 -7.18 66.77
C THR Y 33 -59.48 -7.68 65.66
N ALA Y 34 -59.69 -7.16 64.45
CA ALA Y 34 -58.95 -7.64 63.29
C ALA Y 34 -58.85 -6.54 62.25
N ALA Y 35 -57.85 -6.66 61.38
CA ALA Y 35 -57.72 -5.79 60.23
C ALA Y 35 -58.63 -6.29 59.12
N ALA Y 36 -59.25 -5.36 58.39
CA ALA Y 36 -60.26 -5.73 57.43
C ALA Y 36 -60.36 -4.66 56.35
N HIS Y 37 -61.16 -4.96 55.34
CA HIS Y 37 -61.57 -3.99 54.33
C HIS Y 37 -63.08 -4.11 54.16
N VAL Y 38 -63.79 -3.03 54.47
CA VAL Y 38 -65.25 -2.97 54.39
C VAL Y 38 -65.61 -2.21 53.13
N GLN Y 39 -66.27 -2.88 52.18
CA GLN Y 39 -66.60 -2.30 50.90
C GLN Y 39 -68.11 -2.30 50.69
N PRO Y 40 -68.68 -1.20 50.20
CA PRO Y 40 -70.06 -1.25 49.72
C PRO Y 40 -70.14 -2.07 48.44
N ILE Y 41 -71.31 -2.63 48.19
CA ILE Y 41 -71.48 -3.46 47.00
C ILE Y 41 -71.49 -2.58 45.76
N SER Y 42 -71.16 -3.19 44.63
CA SER Y 42 -70.97 -2.45 43.40
C SER Y 42 -72.30 -2.00 42.81
N GLN Y 43 -72.22 -1.17 41.77
CA GLN Y 43 -73.41 -0.66 41.10
C GLN Y 43 -74.19 -1.76 40.40
N GLU Y 44 -73.51 -2.81 39.95
CA GLU Y 44 -74.18 -3.93 39.29
C GLU Y 44 -74.80 -4.88 40.31
N GLU Y 45 -74.14 -5.06 41.45
CA GLU Y 45 -74.61 -5.96 42.50
C GLU Y 45 -75.81 -5.38 43.25
N TYR Y 46 -76.04 -4.07 43.15
CA TYR Y 46 -77.16 -3.41 43.83
C TYR Y 46 -78.50 -3.90 43.31
N TYR Y 47 -78.63 -3.99 41.97
CA TYR Y 47 -79.88 -4.42 41.37
C TYR Y 47 -80.15 -5.90 41.61
N LYS Y 48 -79.10 -6.70 41.75
CA LYS Y 48 -79.29 -8.11 42.10
C LYS Y 48 -79.67 -8.27 43.57
N ALA Y 49 -79.12 -7.42 44.44
CA ALA Y 49 -79.44 -7.51 45.85
C ALA Y 49 -80.81 -6.93 46.20
N GLN Y 50 -81.37 -6.08 45.33
CA GLN Y 50 -82.71 -5.55 45.61
C GLN Y 50 -83.81 -6.61 45.47
N GLN Y 51 -83.55 -7.72 44.78
CA GLN Y 51 -84.52 -8.81 44.70
C GLN Y 51 -84.25 -9.89 45.75
N LEU Y 52 -84.10 -9.49 47.01
CA LEU Y 52 -83.96 -10.42 48.12
C LEU Y 52 -84.81 -9.93 49.27
N GLN Y 53 -85.14 -10.83 50.19
CA GLN Y 53 -85.95 -10.44 51.33
C GLN Y 53 -85.13 -9.63 52.33
N THR Y 54 -83.84 -9.94 52.49
CA THR Y 54 -82.93 -9.10 53.26
C THR Y 54 -81.85 -8.62 52.31
N PRO Y 55 -81.89 -7.37 51.85
CA PRO Y 55 -80.88 -6.89 50.91
C PRO Y 55 -79.54 -6.62 51.59
N ILE Y 56 -78.49 -6.90 50.84
CA ILE Y 56 -77.11 -6.85 51.33
C ILE Y 56 -76.55 -5.45 51.12
N GLY Y 57 -75.82 -4.94 52.11
CA GLY Y 57 -75.21 -3.64 51.99
C GLY Y 57 -73.70 -3.60 51.86
N TYR Y 58 -73.00 -4.57 52.48
CA TYR Y 58 -71.55 -4.51 52.58
C TYR Y 58 -70.93 -5.89 52.40
N ASN Y 59 -69.74 -5.89 51.78
CA ASN Y 59 -68.84 -7.04 51.77
C ASN Y 59 -67.64 -6.71 52.65
N ILE Y 60 -67.30 -7.63 53.56
CA ILE Y 60 -66.20 -7.45 54.50
C ILE Y 60 -65.16 -8.52 54.19
N TYR Y 61 -63.93 -8.08 53.90
CA TYR Y 61 -62.83 -8.99 53.64
C TYR Y 61 -61.85 -8.94 54.81
N THR Y 62 -61.47 -10.10 55.30
CA THR Y 62 -60.59 -10.18 56.47
C THR Y 62 -59.70 -11.39 56.27
N PRO Y 63 -58.54 -11.44 56.94
CA PRO Y 63 -57.75 -12.68 56.94
C PRO Y 63 -58.48 -13.81 57.64
N TYR Y 64 -58.12 -15.04 57.27
CA TYR Y 64 -58.87 -16.22 57.68
C TYR Y 64 -58.72 -16.47 59.18
N ASP Y 65 -59.85 -16.75 59.83
CA ASP Y 65 -59.89 -16.96 61.27
C ASP Y 65 -61.05 -17.89 61.57
N ASP Y 66 -60.78 -19.00 62.26
CA ASP Y 66 -61.85 -19.95 62.54
C ASP Y 66 -62.68 -19.58 63.76
N ARG Y 67 -62.41 -18.45 64.42
CA ARG Y 67 -63.26 -18.00 65.50
C ARG Y 67 -64.50 -17.26 65.01
N ILE Y 68 -64.58 -16.94 63.72
CA ILE Y 68 -65.69 -16.13 63.21
C ILE Y 68 -66.91 -17.03 63.01
N ASP Y 69 -68.04 -16.62 63.58
CA ASP Y 69 -69.27 -17.40 63.59
C ASP Y 69 -70.37 -16.60 62.91
N LYS Y 70 -71.39 -17.31 62.42
CA LYS Y 70 -72.49 -16.67 61.72
C LYS Y 70 -73.48 -15.96 62.65
N LYS Y 71 -73.40 -16.16 63.96
CA LYS Y 71 -74.26 -15.45 64.89
C LYS Y 71 -73.59 -14.25 65.52
N MET Y 72 -72.47 -13.80 64.96
CA MET Y 72 -71.69 -12.71 65.52
C MET Y 72 -72.16 -11.37 64.97
N ARG Y 73 -71.45 -10.31 65.35
CA ARG Y 73 -71.80 -8.95 64.97
C ARG Y 73 -70.50 -8.18 64.75
N VAL Y 74 -70.56 -7.11 63.97
CA VAL Y 74 -69.37 -6.29 63.71
C VAL Y 74 -69.66 -4.85 64.11
N ILE Y 75 -68.73 -4.24 64.83
CA ILE Y 75 -68.74 -2.80 65.07
C ILE Y 75 -67.69 -2.17 64.15
N TYR Y 76 -68.15 -1.21 63.34
CA TYR Y 76 -67.31 -0.56 62.33
C TYR Y 76 -67.74 0.90 62.20
N ARG Y 77 -66.80 1.81 62.49
CA ARG Y 77 -66.97 3.26 62.37
C ARG Y 77 -68.18 3.77 63.14
N GLY Y 78 -68.37 3.24 64.35
CA GLY Y 78 -69.51 3.63 65.15
C GLY Y 78 -70.83 3.09 64.69
N LYS Y 79 -70.85 2.10 63.81
CA LYS Y 79 -72.09 1.52 63.33
C LYS Y 79 -72.09 0.01 63.55
N ILE Y 80 -73.30 -0.53 63.70
CA ILE Y 80 -73.52 -1.96 63.88
C ILE Y 80 -73.73 -2.59 62.52
N VAL Y 81 -73.02 -3.69 62.25
CA VAL Y 81 -73.13 -4.44 61.01
C VAL Y 81 -73.58 -5.86 61.35
N THR Y 82 -74.71 -6.25 60.78
CA THR Y 82 -75.38 -7.52 61.03
C THR Y 82 -75.11 -8.48 59.86
N PHE Y 83 -74.78 -9.72 60.19
CA PHE Y 83 -74.38 -10.70 59.20
C PHE Y 83 -75.59 -11.20 58.44
N ILE Y 84 -75.39 -11.48 57.15
CA ILE Y 84 -76.41 -12.05 56.28
C ILE Y 84 -75.83 -13.34 55.72
N GLY Y 85 -76.38 -14.47 56.16
CA GLY Y 85 -75.88 -15.75 55.74
C GLY Y 85 -74.65 -16.20 56.53
N ASP Y 86 -73.93 -17.15 55.96
CA ASP Y 86 -72.77 -17.80 56.54
C ASP Y 86 -71.48 -17.19 55.99
N PRO Y 87 -70.44 -17.07 56.82
CA PRO Y 87 -69.13 -16.64 56.32
C PRO Y 87 -68.54 -17.62 55.32
N VAL Y 88 -67.83 -17.08 54.33
CA VAL Y 88 -67.32 -17.85 53.21
C VAL Y 88 -65.80 -17.74 53.20
N ASP Y 89 -65.13 -18.89 53.19
CA ASP Y 89 -63.69 -18.95 52.97
C ASP Y 89 -63.44 -19.09 51.47
N LEU Y 90 -62.65 -18.18 50.91
CA LEU Y 90 -62.53 -18.06 49.46
C LEU Y 90 -61.76 -19.24 48.88
N SER Y 91 -62.42 -19.99 47.99
CA SER Y 91 -61.91 -21.14 47.25
C SER Y 91 -61.46 -22.29 48.15
N GLY Y 92 -61.85 -22.29 49.42
CA GLY Y 92 -61.45 -23.34 50.35
C GLY Y 92 -59.98 -23.36 50.71
N LEU Y 93 -59.24 -22.29 50.47
CA LEU Y 93 -57.80 -22.28 50.66
C LEU Y 93 -57.36 -21.76 52.02
N GLN Y 94 -58.31 -21.26 52.83
CA GLN Y 94 -58.09 -20.80 54.20
C GLN Y 94 -57.09 -19.64 54.26
N GLU Y 95 -57.34 -18.62 53.43
CA GLU Y 95 -56.55 -17.41 53.43
C GLU Y 95 -57.37 -16.16 53.74
N ILE Y 96 -58.50 -15.97 53.07
CA ILE Y 96 -59.30 -14.75 53.19
C ILE Y 96 -60.77 -15.15 53.42
N THR Y 97 -61.40 -14.52 54.41
CA THR Y 97 -62.82 -14.71 54.69
C THR Y 97 -63.60 -13.50 54.20
N ARG Y 98 -64.72 -13.75 53.50
CA ARG Y 98 -65.67 -12.73 53.07
C ARG Y 98 -66.97 -12.90 53.85
N ILE Y 99 -67.48 -11.80 54.40
CA ILE Y 99 -68.76 -11.77 55.12
C ILE Y 99 -69.66 -10.75 54.45
N LYS Y 100 -70.94 -11.12 54.26
CA LYS Y 100 -71.94 -10.19 53.76
C LYS Y 100 -72.73 -9.62 54.93
N GLY Y 101 -73.04 -8.32 54.87
CA GLY Y 101 -73.72 -7.71 56.01
C GLY Y 101 -74.52 -6.48 55.64
N LYS Y 102 -75.25 -5.98 56.63
CA LYS Y 102 -76.05 -4.77 56.46
C LYS Y 102 -75.93 -3.88 57.70
N GLU Y 103 -76.11 -2.59 57.48
CA GLU Y 103 -76.08 -1.61 58.56
C GLU Y 103 -77.33 -1.70 59.43
N ASP Y 104 -77.16 -1.57 60.74
CA ASP Y 104 -78.26 -1.65 61.69
C ASP Y 104 -78.17 -0.53 62.73
N GLY Y 105 -77.98 0.69 62.26
CA GLY Y 105 -78.05 1.83 63.13
C GLY Y 105 -76.77 2.09 63.89
N ALA Y 106 -76.85 3.08 64.78
CA ALA Y 106 -75.68 3.53 65.53
C ALA Y 106 -75.39 2.60 66.69
N TYR Y 107 -74.13 2.62 67.12
CA TYR Y 107 -73.69 1.88 68.30
C TYR Y 107 -73.46 2.84 69.45
N VAL Y 108 -73.88 2.44 70.64
CA VAL Y 108 -73.55 3.14 71.87
C VAL Y 108 -72.44 2.39 72.57
N GLY Y 109 -71.39 3.10 72.97
CA GLY Y 109 -70.24 2.49 73.61
C GLY Y 109 -68.93 3.21 73.32
N LYS Z 24 -9.19 46.11 -44.74
CA LYS Z 24 -8.29 46.63 -45.76
C LYS Z 24 -9.00 47.66 -46.65
N GLU Z 25 -8.41 48.86 -46.75
CA GLU Z 25 -9.02 49.98 -47.45
C GLU Z 25 -8.20 50.26 -48.71
N ILE Z 26 -8.86 50.23 -49.86
CA ILE Z 26 -8.21 50.41 -51.15
C ILE Z 26 -8.86 51.61 -51.85
N ALA Z 27 -8.01 52.54 -52.31
CA ALA Z 27 -8.34 53.89 -52.83
C ALA Z 27 -9.44 54.60 -52.04
N GLU Z 28 -10.59 67.95 -53.83
CA GLU Z 28 -10.56 66.52 -53.52
C GLU Z 28 -10.02 66.02 -52.14
N PRO Z 29 -9.22 66.80 -51.34
CA PRO Z 29 -9.15 66.46 -49.91
C PRO Z 29 -10.31 67.06 -49.13
N ASP Z 30 -11.20 66.22 -48.62
CA ASP Z 30 -12.36 66.70 -47.92
C ASP Z 30 -12.03 67.02 -46.46
N THR Z 31 -13.01 67.58 -45.76
CA THR Z 31 -13.02 67.70 -44.32
C THR Z 31 -13.92 66.65 -43.66
N THR Z 32 -15.04 66.31 -44.29
CA THR Z 32 -15.92 65.29 -43.74
C THR Z 32 -15.35 63.89 -43.93
N MET Z 33 -14.47 63.70 -44.92
CA MET Z 33 -13.81 62.40 -45.10
C MET Z 33 -12.89 62.06 -43.95
N ILE Z 34 -12.20 63.07 -43.41
CA ILE Z 34 -11.30 62.87 -42.27
C ILE Z 34 -12.09 62.48 -41.03
N GLN Z 35 -13.22 63.15 -40.77
CA GLN Z 35 -14.10 62.79 -39.66
C GLN Z 35 -14.72 61.42 -39.84
N LYS Z 36 -15.05 61.07 -41.08
CA LYS Z 36 -15.62 59.76 -41.38
C LYS Z 36 -14.60 58.65 -41.15
N LEU Z 37 -13.33 58.91 -41.51
CA LEU Z 37 -12.30 57.90 -41.32
C LEU Z 37 -11.91 57.75 -39.86
N ILE Z 38 -11.87 58.87 -39.12
CA ILE Z 38 -11.50 58.82 -37.71
C ILE Z 38 -12.59 58.17 -36.87
N ASP Z 39 -13.87 58.43 -37.22
CA ASP Z 39 -14.98 57.80 -36.49
C ASP Z 39 -15.05 56.30 -36.73
N GLU Z 40 -14.70 55.85 -37.94
CA GLU Z 40 -14.80 54.44 -38.31
C GLU Z 40 -13.56 53.63 -37.97
N HIS Z 41 -12.64 54.18 -37.18
CA HIS Z 41 -11.38 53.51 -36.86
C HIS Z 41 -11.49 52.85 -35.50
N ASN Z 42 -11.16 51.56 -35.43
CA ASN Z 42 -11.22 50.82 -34.18
C ASN Z 42 -9.81 50.45 -33.72
N PRO Z 43 -9.23 51.16 -32.76
CA PRO Z 43 -7.90 50.83 -32.27
C PRO Z 43 -7.88 49.77 -31.18
N GLU Z 44 -9.03 49.18 -30.86
CA GLU Z 44 -9.12 48.20 -29.79
C GLU Z 44 -8.34 46.89 -30.03
N PRO Z 45 -8.35 46.26 -31.21
CA PRO Z 45 -7.51 45.05 -31.36
C PRO Z 45 -6.01 45.31 -31.33
N LEU Z 46 -5.55 46.54 -31.57
CA LEU Z 46 -4.13 46.84 -31.44
C LEU Z 46 -3.72 47.07 -30.00
N LEU Z 47 -4.65 47.43 -29.12
CA LEU Z 47 -4.32 47.80 -27.75
C LEU Z 47 -4.48 46.65 -26.76
N LYS Z 48 -4.87 45.45 -27.20
CA LYS Z 48 -4.98 44.33 -26.27
C LYS Z 48 -3.61 43.86 -25.79
N GLY Z 49 -2.64 43.76 -26.70
CA GLY Z 49 -1.31 43.31 -26.34
C GLY Z 49 -0.58 44.28 -25.44
N VAL Z 50 -0.86 45.57 -25.59
CA VAL Z 50 -0.31 46.57 -24.69
C VAL Z 50 -0.88 46.40 -23.28
N ARG Z 51 -2.18 46.09 -23.18
CA ARG Z 51 -2.80 45.91 -21.88
C ARG Z 51 -2.31 44.64 -21.20
N TYR Z 52 -2.11 43.58 -21.97
CA TYR Z 52 -1.57 42.35 -21.40
C TYR Z 52 -0.09 42.46 -21.09
N TYR Z 53 0.63 43.39 -21.72
CA TYR Z 53 2.02 43.63 -21.37
C TYR Z 53 2.16 44.27 -19.98
N MET Z 54 1.19 45.10 -19.59
CA MET Z 54 1.20 45.76 -18.29
C MET Z 54 0.41 44.98 -17.23
N CYS Z 55 0.22 43.68 -17.45
CA CYS Z 55 -0.56 42.74 -16.60
C CYS Z 55 -1.93 43.30 -16.18
N GLU Z 56 -2.68 43.76 -17.17
CA GLU Z 56 -4.09 44.13 -17.02
C GLU Z 56 -4.87 43.26 -17.98
N ASN Z 57 -5.19 42.05 -17.54
CA ASN Z 57 -5.82 41.06 -18.38
C ASN Z 57 -7.35 41.17 -18.25
N ASP Z 58 -8.06 40.31 -18.98
CA ASP Z 58 -9.52 40.35 -19.01
C ASP Z 58 -10.15 39.94 -17.68
N ILE Z 59 -9.41 39.24 -16.83
CA ILE Z 59 -9.85 38.81 -15.49
C ILE Z 59 -10.24 39.99 -14.61
N GLU Z 60 -9.77 41.20 -14.90
CA GLU Z 60 -10.17 42.39 -14.14
C GLU Z 60 -11.61 42.80 -14.38
N LYS Z 61 -12.31 42.21 -15.34
CA LYS Z 61 -13.72 42.47 -15.56
C LYS Z 61 -14.63 41.50 -14.81
N LYS Z 62 -14.10 40.72 -13.88
CA LYS Z 62 -14.88 39.75 -13.13
C LYS Z 62 -15.69 40.42 -12.04
N ARG Z 63 -16.95 40.01 -11.90
CA ARG Z 63 -17.85 40.51 -10.85
C ARG Z 63 -18.49 39.33 -10.13
N ARG Z 64 -18.78 39.52 -8.83
CA ARG Z 64 -19.54 38.55 -8.05
C ARG Z 64 -20.99 39.04 -7.97
N THR Z 65 -21.91 38.29 -8.57
CA THR Z 65 -23.33 38.63 -8.60
C THR Z 65 -24.15 37.55 -7.92
N TYR Z 66 -25.37 37.91 -7.51
CA TYR Z 66 -26.29 36.93 -6.95
C TYR Z 66 -27.72 37.35 -7.25
N TYR Z 67 -28.69 36.53 -6.83
CA TYR Z 67 -30.10 36.75 -7.11
C TYR Z 67 -30.89 36.90 -5.82
N ASP Z 68 -31.80 37.85 -5.81
CA ASP Z 68 -32.66 38.10 -4.67
C ASP Z 68 -33.92 37.24 -4.75
N ALA Z 69 -34.65 37.18 -3.63
CA ALA Z 69 -36.05 36.75 -3.69
C ALA Z 69 -36.83 37.73 -4.57
N ALA Z 70 -37.60 37.15 -5.50
CA ALA Z 70 -38.24 37.77 -6.69
C ALA Z 70 -37.25 38.09 -7.79
N GLY Z 71 -36.12 37.37 -7.85
CA GLY Z 71 -35.31 37.31 -9.06
C GLY Z 71 -34.47 38.53 -9.37
N GLN Z 72 -34.17 39.36 -8.38
CA GLN Z 72 -33.42 40.58 -8.60
C GLN Z 72 -31.92 40.29 -8.57
N GLN Z 73 -31.23 40.57 -9.66
CA GLN Z 73 -29.78 40.38 -9.75
C GLN Z 73 -29.07 41.53 -9.07
N LEU Z 74 -28.31 41.23 -8.02
CA LEU Z 74 -27.60 42.22 -7.23
C LEU Z 74 -26.11 42.00 -7.34
N VAL Z 75 -25.36 43.09 -7.51
CA VAL Z 75 -23.92 43.08 -7.61
C VAL Z 75 -23.39 43.80 -6.37
N ASP Z 76 -22.76 43.07 -5.46
CA ASP Z 76 -22.22 43.69 -4.27
C ASP Z 76 -20.76 44.08 -4.50
N ASP Z 77 -20.36 45.20 -3.89
CA ASP Z 77 -19.05 45.77 -4.10
C ASP Z 77 -18.19 45.73 -2.84
N THR Z 78 -18.71 45.22 -1.72
CA THR Z 78 -17.91 45.04 -0.53
C THR Z 78 -17.48 43.60 -0.32
N LYS Z 79 -17.94 42.68 -1.17
CA LYS Z 79 -17.52 41.29 -1.08
C LYS Z 79 -16.14 41.11 -1.70
N THR Z 80 -15.41 40.11 -1.22
CA THR Z 80 -14.07 39.81 -1.70
C THR Z 80 -14.12 39.28 -3.13
N ASN Z 81 -13.31 39.86 -4.01
CA ASN Z 81 -13.33 39.57 -5.44
C ASN Z 81 -11.87 39.48 -5.91
N ASN Z 82 -11.33 38.27 -5.96
CA ASN Z 82 -9.94 38.04 -6.32
C ASN Z 82 -9.78 38.02 -7.84
N ARG Z 83 -8.93 38.89 -8.36
CA ARG Z 83 -8.65 38.99 -9.80
C ARG Z 83 -7.14 39.08 -9.99
N THR Z 84 -6.48 37.94 -10.17
CA THR Z 84 -5.04 37.88 -10.29
C THR Z 84 -4.63 37.74 -11.76
N SER Z 85 -3.89 38.72 -12.26
CA SER Z 85 -3.34 38.69 -13.61
C SER Z 85 -1.92 38.16 -13.58
N HIS Z 86 -1.60 37.27 -14.52
CA HIS Z 86 -0.26 36.72 -14.64
C HIS Z 86 0.47 37.35 -15.82
N ALA Z 87 1.78 37.45 -15.69
CA ALA Z 87 2.63 38.26 -16.57
C ALA Z 87 3.40 37.44 -17.59
N TRP Z 88 2.75 36.45 -18.21
CA TRP Z 88 3.41 35.59 -19.18
C TRP Z 88 3.81 36.34 -20.45
N HIS Z 89 2.94 37.25 -20.91
CA HIS Z 89 3.13 37.94 -22.18
C HIS Z 89 4.33 38.89 -22.13
N LYS Z 90 4.50 39.60 -21.01
CA LYS Z 90 5.65 40.49 -20.84
C LYS Z 90 6.97 39.72 -20.86
N LEU Z 91 6.99 38.55 -20.21
CA LEU Z 91 8.17 37.70 -20.19
C LEU Z 91 8.52 37.21 -21.59
N PHE Z 92 7.51 36.79 -22.37
CA PHE Z 92 7.77 36.29 -23.72
C PHE Z 92 8.26 37.39 -24.64
N VAL Z 93 7.67 38.60 -24.54
CA VAL Z 93 8.06 39.72 -25.39
C VAL Z 93 9.47 40.20 -25.06
N ASP Z 94 9.81 40.25 -23.76
CA ASP Z 94 11.15 40.67 -23.34
C ASP Z 94 12.21 39.67 -23.78
N GLN Z 95 11.92 38.36 -23.66
CA GLN Z 95 12.83 37.32 -24.11
C GLN Z 95 13.09 37.41 -25.61
N LYS Z 96 12.04 37.60 -26.40
CA LYS Z 96 12.18 37.71 -27.85
C LYS Z 96 12.96 38.96 -28.25
N THR Z 97 12.69 40.10 -27.59
CA THR Z 97 13.33 41.36 -27.96
C THR Z 97 14.83 41.35 -27.63
N GLN Z 98 15.21 40.83 -26.46
CA GLN Z 98 16.63 40.76 -26.13
C GLN Z 98 17.35 39.70 -26.95
N TYR Z 99 16.65 38.63 -27.37
CA TYR Z 99 17.27 37.67 -28.27
C TYR Z 99 17.54 38.28 -29.64
N LEU Z 100 16.65 39.16 -30.11
CA LEU Z 100 16.81 39.71 -31.45
C LEU Z 100 17.79 40.88 -31.50
N VAL Z 101 17.54 41.93 -30.71
CA VAL Z 101 18.32 43.16 -30.84
C VAL Z 101 18.90 43.61 -29.51
N GLY Z 102 19.17 42.66 -28.62
CA GLY Z 102 19.88 43.01 -27.39
C GLY Z 102 21.30 43.46 -27.65
N GLU Z 103 21.97 42.81 -28.59
CA GLU Z 103 23.21 43.32 -29.17
C GLU Z 103 22.89 44.26 -30.33
N PRO Z 104 23.67 45.34 -30.50
CA PRO Z 104 23.40 46.25 -31.60
C PRO Z 104 23.71 45.65 -32.96
N VAL Z 105 23.02 46.15 -33.97
CA VAL Z 105 23.22 45.73 -35.35
C VAL Z 105 24.46 46.42 -35.89
N THR Z 106 25.32 45.67 -36.59
CA THR Z 106 26.54 46.26 -37.10
C THR Z 106 26.54 46.29 -38.63
N PHE Z 107 27.32 47.21 -39.19
CA PHE Z 107 27.25 47.55 -40.60
C PHE Z 107 28.61 47.43 -41.25
N THR Z 108 28.63 47.02 -42.51
CA THR Z 108 29.86 46.91 -43.30
C THR Z 108 29.60 47.40 -44.71
N SER Z 109 30.66 47.93 -45.33
CA SER Z 109 30.59 48.45 -46.69
C SER Z 109 31.98 48.51 -47.27
N ASP Z 110 32.05 48.68 -48.59
CA ASP Z 110 33.29 49.01 -49.27
C ASP Z 110 33.42 50.51 -49.51
N ASN Z 111 32.32 51.17 -49.84
CA ASN Z 111 32.26 52.62 -49.91
C ASN Z 111 32.42 53.18 -48.50
N LYS Z 112 33.57 53.79 -48.21
CA LYS Z 112 33.92 54.15 -46.85
C LYS Z 112 33.30 55.47 -46.40
N THR Z 113 32.96 56.35 -47.35
CA THR Z 113 32.26 57.58 -46.99
C THR Z 113 30.84 57.29 -46.52
N LEU Z 114 30.15 56.40 -47.24
CA LEU Z 114 28.84 55.92 -46.81
C LEU Z 114 28.91 55.21 -45.46
N LEU Z 115 29.99 54.45 -45.22
CA LEU Z 115 30.15 53.76 -43.95
C LEU Z 115 30.34 54.75 -42.80
N GLU Z 116 31.09 55.83 -43.04
CA GLU Z 116 31.27 56.84 -42.00
C GLU Z 116 29.96 57.55 -41.68
N TYR Z 117 29.16 57.86 -42.71
CA TYR Z 117 27.86 58.49 -42.50
C TYR Z 117 26.90 57.58 -41.72
N VAL Z 118 26.81 56.31 -42.14
CA VAL Z 118 25.91 55.37 -41.49
C VAL Z 118 26.34 55.08 -40.06
N ASN Z 119 27.64 54.99 -39.80
CA ASN Z 119 28.10 54.71 -38.45
C ASN Z 119 27.92 55.90 -37.52
N GLU Z 120 28.03 57.14 -38.03
CA GLU Z 120 27.72 58.25 -37.13
C GLU Z 120 26.21 58.43 -36.97
N LEU Z 121 25.40 57.88 -37.88
CA LEU Z 121 23.95 57.94 -37.66
C LEU Z 121 23.48 56.93 -36.61
N ALA Z 122 24.03 55.71 -36.62
CA ALA Z 122 23.53 54.63 -35.77
C ALA Z 122 24.30 54.60 -34.45
N ASP Z 123 23.70 55.21 -33.43
CA ASP Z 123 24.32 55.33 -32.11
C ASP Z 123 23.40 54.74 -31.04
N ASP Z 124 23.65 55.07 -29.77
CA ASP Z 124 22.88 54.51 -28.66
C ASP Z 124 21.41 54.89 -28.70
N ASP Z 125 21.09 56.09 -29.20
CA ASP Z 125 19.70 56.48 -29.41
C ASP Z 125 19.02 55.57 -30.43
N PHE Z 126 19.73 55.24 -31.51
CA PHE Z 126 19.22 54.32 -32.52
C PHE Z 126 18.99 52.93 -31.94
N ASP Z 127 19.87 52.50 -31.03
CA ASP Z 127 19.73 51.20 -30.38
C ASP Z 127 18.49 51.14 -29.49
N ASP Z 128 18.26 52.22 -28.73
CA ASP Z 128 17.09 52.26 -27.84
C ASP Z 128 15.80 52.33 -28.65
N ILE Z 129 15.78 53.08 -29.75
CA ILE Z 129 14.60 53.18 -30.59
C ILE Z 129 14.31 51.83 -31.27
N LEU Z 130 15.35 51.10 -31.66
CA LEU Z 130 15.15 49.79 -32.26
C LEU Z 130 14.59 48.77 -31.27
N ASN Z 131 15.08 48.79 -30.03
CA ASN Z 131 14.51 47.93 -28.98
C ASN Z 131 13.04 48.23 -28.71
N GLU Z 132 12.70 49.52 -28.59
CA GLU Z 132 11.30 49.88 -28.35
C GLU Z 132 10.41 49.56 -29.54
N THR Z 133 10.96 49.64 -30.76
CA THR Z 133 10.20 49.30 -31.96
C THR Z 133 9.88 47.81 -32.02
N VAL Z 134 10.84 46.95 -31.68
CA VAL Z 134 10.60 45.51 -31.69
C VAL Z 134 9.59 45.12 -30.61
N LYS Z 135 9.65 45.77 -29.45
CA LYS Z 135 8.64 45.51 -28.41
C LYS Z 135 7.23 45.95 -28.84
N ASN Z 136 7.11 47.15 -29.44
CA ASN Z 136 5.81 47.63 -29.89
C ASN Z 136 5.25 46.78 -31.02
N MET Z 137 6.13 46.27 -31.89
CA MET Z 137 5.72 45.41 -32.97
C MET Z 137 5.22 44.07 -32.47
N SER Z 138 5.83 43.55 -31.40
CA SER Z 138 5.31 42.33 -30.78
C SER Z 138 3.99 42.57 -30.07
N ASN Z 139 3.79 43.77 -29.50
CA ASN Z 139 2.55 44.01 -28.76
C ASN Z 139 1.37 44.34 -29.67
N LYS Z 140 1.58 45.01 -30.80
CA LYS Z 140 0.46 45.50 -31.60
C LYS Z 140 0.31 44.82 -32.95
N GLY Z 141 1.38 44.29 -33.53
CA GLY Z 141 1.35 43.75 -34.87
C GLY Z 141 2.03 44.61 -35.91
N ILE Z 142 2.26 45.89 -35.62
CA ILE Z 142 2.81 46.84 -36.58
C ILE Z 142 3.39 48.02 -35.81
N GLU Z 143 4.47 48.60 -36.34
CA GLU Z 143 4.99 49.86 -35.85
C GLU Z 143 5.42 50.71 -37.04
N TYR Z 144 5.46 52.03 -36.85
CA TYR Z 144 5.76 52.95 -37.94
C TYR Z 144 6.84 53.95 -37.55
N TRP Z 145 7.76 54.21 -38.47
CA TRP Z 145 8.73 55.30 -38.33
C TRP Z 145 8.41 56.43 -39.30
N HIS Z 146 8.83 57.64 -38.94
CA HIS Z 146 8.66 58.84 -39.75
C HIS Z 146 10.00 59.55 -39.88
N PRO Z 147 10.57 59.63 -41.08
CA PRO Z 147 11.79 60.41 -41.29
C PRO Z 147 11.53 61.83 -41.74
N PHE Z 148 12.39 62.74 -41.31
CA PHE Z 148 12.24 64.16 -41.62
C PHE Z 148 13.60 64.84 -41.49
N VAL Z 149 13.63 66.14 -41.81
CA VAL Z 149 14.82 66.96 -41.69
C VAL Z 149 14.60 67.97 -40.56
N ASP Z 150 15.60 68.12 -39.70
CA ASP Z 150 15.51 68.76 -38.40
C ASP Z 150 15.35 70.28 -38.54
N GLU Z 151 15.36 70.98 -37.39
CA GLU Z 151 15.33 72.43 -37.41
C GLU Z 151 16.66 73.00 -37.90
N GLU Z 152 17.77 72.34 -37.56
CA GLU Z 152 19.10 72.74 -37.99
C GLU Z 152 19.58 71.98 -39.22
N GLY Z 153 18.67 71.41 -40.00
CA GLY Z 153 19.04 70.79 -41.26
C GLY Z 153 19.70 69.43 -41.16
N GLU Z 154 19.48 68.70 -40.09
CA GLU Z 154 19.99 67.34 -39.95
C GLU Z 154 18.88 66.33 -40.23
N PHE Z 155 19.29 65.09 -40.49
CA PHE Z 155 18.35 63.99 -40.71
C PHE Z 155 17.88 63.46 -39.35
N ASP Z 156 16.57 63.23 -39.22
CA ASP Z 156 16.02 62.75 -37.96
C ASP Z 156 14.84 61.84 -38.24
N TYR Z 157 14.41 61.12 -37.21
CA TYR Z 157 13.36 60.11 -37.33
C TYR Z 157 12.62 60.02 -36.00
N VAL Z 158 11.36 59.57 -36.06
CA VAL Z 158 10.53 59.48 -34.86
C VAL Z 158 9.52 58.34 -35.04
N ILE Z 159 9.06 57.77 -33.92
CA ILE Z 159 8.09 56.68 -33.95
C ILE Z 159 6.68 57.26 -33.99
N PHE Z 160 5.88 56.82 -34.96
CA PHE Z 160 4.45 57.12 -35.01
C PHE Z 160 3.70 55.93 -34.43
N PRO Z 161 2.99 56.08 -33.30
CA PRO Z 161 2.28 54.93 -32.70
C PRO Z 161 1.11 54.46 -33.56
N ALA Z 162 1.02 53.14 -33.73
CA ALA Z 162 0.17 52.56 -34.75
C ALA Z 162 -1.32 52.63 -34.44
N GLU Z 163 -1.69 52.84 -33.17
CA GLU Z 163 -3.10 53.01 -32.83
C GLU Z 163 -3.65 54.39 -33.18
N GLU Z 164 -2.81 55.29 -33.69
CA GLU Z 164 -3.24 56.58 -34.21
C GLU Z 164 -3.21 56.67 -35.72
N MET Z 165 -2.81 55.61 -36.43
CA MET Z 165 -2.55 55.68 -37.85
C MET Z 165 -3.66 55.01 -38.66
N ILE Z 166 -4.02 55.65 -39.77
CA ILE Z 166 -4.92 55.07 -40.78
C ILE Z 166 -4.19 55.16 -42.11
N VAL Z 167 -3.97 54.01 -42.74
CA VAL Z 167 -3.15 53.91 -43.95
C VAL Z 167 -4.02 53.40 -45.08
N VAL Z 168 -3.96 54.08 -46.24
CA VAL Z 168 -4.77 53.76 -47.40
C VAL Z 168 -3.85 53.38 -48.55
N TYR Z 169 -4.10 52.23 -49.16
CA TYR Z 169 -3.28 51.71 -50.26
C TYR Z 169 -4.02 51.96 -51.58
N LYS Z 170 -3.28 52.41 -52.59
CA LYS Z 170 -3.90 52.88 -53.83
C LYS Z 170 -4.41 51.72 -54.69
N ASP Z 171 -5.40 52.03 -55.54
CA ASP Z 171 -6.12 51.01 -56.28
C ASP Z 171 -5.26 50.34 -57.33
N ASN Z 172 -5.52 49.03 -57.52
CA ASN Z 172 -4.90 48.07 -58.46
C ASN Z 172 -3.48 47.74 -58.00
N THR Z 173 -3.09 48.20 -56.82
CA THR Z 173 -1.70 48.09 -56.38
C THR Z 173 -1.54 47.25 -55.12
N ARG Z 174 -2.20 47.66 -54.03
CA ARG Z 174 -2.20 46.99 -52.72
C ARG Z 174 -0.80 46.74 -52.13
N ARG Z 175 0.24 47.43 -52.60
CA ARG Z 175 1.54 47.40 -51.94
C ARG Z 175 2.11 48.78 -51.68
N ASP Z 176 1.58 49.84 -52.28
CA ASP Z 176 2.08 51.20 -52.13
C ASP Z 176 1.03 52.07 -51.48
N ILE Z 177 1.51 53.09 -50.76
CA ILE Z 177 0.69 53.91 -49.88
C ILE Z 177 0.28 55.18 -50.60
N LEU Z 178 -1.01 55.50 -50.57
CA LEU Z 178 -1.49 56.76 -51.12
C LEU Z 178 -1.38 57.90 -50.12
N PHE Z 179 -1.95 57.75 -48.93
CA PHE Z 179 -1.83 58.78 -47.90
C PHE Z 179 -1.91 58.14 -46.53
N ALA Z 180 -1.52 58.92 -45.51
CA ALA Z 180 -1.51 58.46 -44.13
C ALA Z 180 -2.12 59.54 -43.23
N LEU Z 181 -3.08 59.15 -42.40
CA LEU Z 181 -3.73 60.06 -41.46
C LEU Z 181 -3.32 59.70 -40.03
N ARG Z 182 -3.02 60.71 -39.24
CA ARG Z 182 -2.60 60.54 -37.85
C ARG Z 182 -3.39 61.49 -36.98
N TYR Z 183 -4.04 60.98 -35.93
CA TYR Z 183 -4.88 61.79 -35.07
C TYR Z 183 -4.57 61.52 -33.61
N TYR Z 184 -4.55 62.58 -32.80
CA TYR Z 184 -4.18 62.44 -31.39
C TYR Z 184 -4.77 63.59 -30.59
N SER Z 185 -4.53 63.57 -29.29
CA SER Z 185 -5.07 64.56 -28.37
C SER Z 185 -4.18 64.67 -27.15
N TYR Z 186 -4.27 65.82 -26.47
CA TYR Z 186 -3.58 65.97 -25.18
C TYR Z 186 -4.31 67.01 -24.33
N LYS Z 187 -4.00 66.99 -23.04
CA LYS Z 187 -4.60 67.87 -22.05
C LYS Z 187 -3.63 68.97 -21.62
N GLY Z 188 -4.17 69.93 -20.88
CA GLY Z 188 -3.39 71.05 -20.37
C GLY Z 188 -3.53 71.12 -18.87
N ILE Z 189 -2.77 72.05 -18.26
CA ILE Z 189 -2.74 72.32 -16.82
C ILE Z 189 -4.13 72.45 -16.21
N MET Z 190 -5.01 73.21 -16.86
CA MET Z 190 -6.38 73.39 -16.38
C MET Z 190 -7.20 72.11 -16.48
N GLY Z 191 -6.86 71.24 -17.44
CA GLY Z 191 -7.70 70.10 -17.72
C GLY Z 191 -8.31 70.26 -19.09
N GLU Z 192 -7.65 71.04 -19.94
CA GLU Z 192 -8.11 71.36 -21.27
C GLU Z 192 -8.05 70.13 -22.18
N GLU Z 193 -8.42 70.33 -23.44
CA GLU Z 193 -8.47 69.23 -24.39
C GLU Z 193 -8.15 69.76 -25.77
N THR Z 194 -7.17 69.16 -26.43
CA THR Z 194 -6.76 69.58 -27.76
C THR Z 194 -6.70 68.35 -28.65
N GLN Z 195 -7.45 68.38 -29.75
CA GLN Z 195 -7.56 67.27 -30.70
C GLN Z 195 -7.01 67.71 -32.04
N LYS Z 196 -5.95 67.04 -32.49
CA LYS Z 196 -5.24 67.41 -33.71
C LYS Z 196 -5.16 66.23 -34.67
N ALA Z 197 -4.99 66.55 -35.95
CA ALA Z 197 -4.83 65.54 -36.98
C ALA Z 197 -3.84 66.03 -38.03
N GLU Z 198 -3.26 65.08 -38.76
CA GLU Z 198 -2.23 65.35 -39.77
C GLU Z 198 -2.37 64.37 -40.92
N LEU Z 199 -2.36 64.88 -42.15
CA LEU Z 199 -2.43 64.05 -43.34
C LEU Z 199 -1.13 64.16 -44.13
N TYR Z 200 -0.67 63.02 -44.65
CA TYR Z 200 0.60 62.92 -45.37
C TYR Z 200 0.34 62.29 -46.73
N THR Z 201 0.69 63.01 -47.80
CA THR Z 201 0.67 62.50 -49.17
C THR Z 201 2.10 62.36 -49.66
N ASP Z 202 2.25 62.02 -50.94
CA ASP Z 202 3.58 61.84 -51.53
C ASP Z 202 4.36 63.15 -51.69
N THR Z 203 3.73 64.31 -51.49
CA THR Z 203 4.42 65.58 -51.66
C THR Z 203 4.17 66.55 -50.50
N HIS Z 204 3.02 66.46 -49.83
CA HIS Z 204 2.57 67.50 -48.91
C HIS Z 204 2.11 66.91 -47.58
N VAL Z 205 2.06 67.77 -46.57
CA VAL Z 205 1.48 67.44 -45.27
C VAL Z 205 0.50 68.55 -44.89
N TYR Z 206 -0.72 68.13 -44.51
CA TYR Z 206 -1.79 69.00 -44.04
C TYR Z 206 -1.97 68.85 -42.53
N TYR Z 207 -2.37 69.94 -41.88
CA TYR Z 207 -2.59 69.97 -40.43
C TYR Z 207 -4.03 70.36 -40.13
N TYR Z 208 -4.57 69.81 -39.04
CA TYR Z 208 -5.97 70.03 -38.70
C TYR Z 208 -6.14 70.08 -37.19
N GLU Z 209 -7.16 70.83 -36.75
CA GLU Z 209 -7.51 70.95 -35.35
C GLU Z 209 -9.02 70.93 -35.21
N LYS Z 210 -9.51 70.22 -34.20
CA LYS Z 210 -10.94 70.15 -33.89
C LYS Z 210 -11.29 71.14 -32.78
N ILE Z 211 -12.20 72.08 -33.06
CA ILE Z 211 -12.66 72.99 -32.01
C ILE Z 211 -13.85 72.38 -31.28
N ASP Z 212 -14.96 72.17 -31.98
CA ASP Z 212 -16.15 71.66 -31.32
C ASP Z 212 -16.53 70.27 -31.82
N GLY Z 213 -16.87 70.12 -33.10
CA GLY Z 213 -17.22 68.83 -33.64
C GLY Z 213 -16.77 68.71 -35.07
N VAL Z 214 -15.99 69.69 -35.52
CA VAL Z 214 -15.53 69.75 -36.91
C VAL Z 214 -14.04 70.03 -36.91
N TYR Z 215 -13.35 69.42 -37.87
CA TYR Z 215 -11.91 69.56 -38.04
C TYR Z 215 -11.64 70.62 -39.08
N GLN Z 216 -10.91 71.66 -38.72
CA GLN Z 216 -10.52 72.66 -39.70
C GLN Z 216 -9.02 72.88 -39.62
N MET Z 217 -8.51 73.62 -40.62
CA MET Z 217 -7.09 73.88 -40.79
C MET Z 217 -6.47 74.52 -39.55
N ASP Z 218 -5.41 73.90 -39.05
CA ASP Z 218 -4.71 74.42 -37.89
C ASP Z 218 -3.98 75.71 -38.24
N TYR Z 219 -4.08 76.70 -37.36
CA TYR Z 219 -3.66 78.06 -37.69
C TYR Z 219 -2.47 78.55 -36.86
N SER Z 220 -1.74 77.65 -36.20
CA SER Z 220 -0.44 78.01 -35.67
C SER Z 220 0.58 78.18 -36.79
N TYR Z 221 0.35 77.53 -37.95
CA TYR Z 221 1.31 77.56 -39.03
C TYR Z 221 1.18 78.81 -39.90
N GLY Z 222 -0.02 79.39 -40.01
CA GLY Z 222 -0.16 80.66 -40.69
C GLY Z 222 -0.01 80.66 -42.19
N GLU Z 223 -1.01 80.10 -42.90
CA GLU Z 223 -1.07 79.98 -44.36
C GLU Z 223 0.08 79.13 -44.90
N ASN Z 224 0.58 78.22 -44.09
CA ASN Z 224 1.48 77.15 -44.49
C ASN Z 224 0.89 75.81 -44.11
N ASN Z 225 -0.42 75.67 -44.20
CA ASN Z 225 -1.07 74.41 -43.85
C ASN Z 225 -0.78 73.28 -44.85
N PRO Z 226 -0.85 73.47 -46.21
CA PRO Z 226 -0.41 72.36 -47.08
C PRO Z 226 1.11 72.40 -47.31
N ARG Z 227 1.85 72.25 -46.23
CA ARG Z 227 3.29 72.48 -46.23
C ARG Z 227 4.00 71.35 -46.98
N PRO Z 228 5.09 71.65 -47.68
CA PRO Z 228 5.88 70.57 -48.29
C PRO Z 228 6.55 69.68 -47.25
N HIS Z 229 7.09 68.57 -47.74
CA HIS Z 229 7.80 67.64 -46.86
C HIS Z 229 9.07 68.27 -46.34
N MET Z 230 9.49 67.82 -45.15
CA MET Z 230 10.70 68.31 -44.51
C MET Z 230 11.90 67.69 -45.22
N THR Z 231 12.28 68.29 -46.36
CA THR Z 231 13.41 67.80 -47.15
C THR Z 231 14.56 68.79 -47.25
N LYS Z 232 14.33 69.99 -47.78
CA LYS Z 232 15.44 70.85 -48.17
C LYS Z 232 15.83 71.85 -47.07
N GLY Z 233 14.84 72.55 -46.52
CA GLY Z 233 15.07 73.75 -45.75
C GLY Z 233 14.34 74.87 -46.45
N GLY Z 234 14.48 74.88 -47.77
CA GLY Z 234 13.45 75.38 -48.65
C GLY Z 234 12.50 74.25 -49.00
N GLN Z 235 11.67 74.50 -50.00
CA GLN Z 235 10.83 73.43 -50.52
C GLN Z 235 11.52 72.71 -51.68
N ALA Z 236 11.34 71.41 -51.71
CA ALA Z 236 11.37 70.63 -52.94
C ALA Z 236 9.94 70.14 -53.15
N ILE Z 237 9.72 69.33 -54.18
CA ILE Z 237 8.39 68.76 -54.33
C ILE Z 237 8.12 67.72 -53.26
N GLY Z 238 9.12 66.95 -52.88
CA GLY Z 238 8.97 65.99 -51.81
C GLY Z 238 9.88 64.79 -52.03
N TRP Z 239 9.68 63.78 -51.19
CA TRP Z 239 10.49 62.56 -51.28
C TRP Z 239 10.16 61.74 -52.51
N GLY Z 240 8.98 61.95 -53.11
CA GLY Z 240 8.49 61.04 -54.11
C GLY Z 240 7.85 59.79 -53.54
N ARG Z 241 7.61 59.80 -52.24
CA ARG Z 241 7.12 58.65 -51.49
C ARG Z 241 6.55 59.19 -50.19
N VAL Z 242 5.51 58.54 -49.68
CA VAL Z 242 4.88 58.93 -48.42
C VAL Z 242 5.86 58.64 -47.29
N PRO Z 243 6.22 59.65 -46.48
CA PRO Z 243 7.27 59.43 -45.46
C PRO Z 243 6.80 58.63 -44.26
N ILE Z 244 6.61 57.32 -44.45
CA ILE Z 244 6.20 56.42 -43.37
C ILE Z 244 6.85 55.06 -43.65
N ILE Z 245 7.39 54.44 -42.61
CA ILE Z 245 8.15 53.21 -42.74
C ILE Z 245 7.52 52.15 -41.85
N PRO Z 246 6.99 51.05 -42.41
CA PRO Z 246 6.36 50.03 -41.58
C PRO Z 246 7.27 48.88 -41.15
N PHE Z 247 7.09 48.46 -39.90
CA PHE Z 247 7.72 47.28 -39.33
C PHE Z 247 6.59 46.34 -38.93
N LYS Z 248 6.41 45.26 -39.69
CA LYS Z 248 5.34 44.30 -39.45
C LYS Z 248 5.81 43.17 -38.57
N ASN Z 249 4.92 42.71 -37.68
CA ASN Z 249 5.24 41.54 -36.86
C ASN Z 249 5.24 40.28 -37.70
N ASN Z 250 4.33 40.19 -38.66
CA ASN Z 250 4.22 39.08 -39.60
C ASN Z 250 3.44 39.60 -40.80
N GLU Z 251 3.14 38.69 -41.73
CA GLU Z 251 2.46 39.11 -42.96
C GLU Z 251 1.00 39.48 -42.70
N GLU Z 252 0.37 38.85 -41.72
CA GLU Z 252 -1.00 39.18 -41.34
C GLU Z 252 -1.09 40.37 -40.40
N MET Z 253 0.06 40.84 -39.87
CA MET Z 253 0.17 42.01 -39.00
C MET Z 253 -0.64 41.88 -37.72
N VAL Z 254 -0.66 40.68 -37.16
CA VAL Z 254 -1.32 40.43 -35.88
C VAL Z 254 -0.28 40.36 -34.77
N SER Z 255 -0.72 40.67 -33.56
CA SER Z 255 0.14 40.58 -32.39
C SER Z 255 0.43 39.11 -32.03
N ASP Z 256 1.44 38.92 -31.18
CA ASP Z 256 1.78 37.58 -30.72
C ASP Z 256 0.73 37.01 -29.78
N LEU Z 257 0.06 37.89 -29.00
CA LEU Z 257 -0.92 37.50 -28.00
C LEU Z 257 -2.12 36.77 -28.60
N LYS Z 258 -2.37 36.95 -29.91
CA LYS Z 258 -3.44 36.26 -30.60
C LYS Z 258 -3.29 34.75 -30.55
N PHE Z 259 -2.07 34.23 -30.43
CA PHE Z 259 -1.91 32.79 -30.50
C PHE Z 259 -1.95 32.09 -29.13
N TYR Z 260 -1.97 32.83 -28.01
CA TYR Z 260 -2.04 32.16 -26.71
C TYR Z 260 -2.89 32.90 -25.67
N LYS Z 261 -3.88 33.71 -26.09
CA LYS Z 261 -4.64 34.51 -25.13
C LYS Z 261 -5.59 33.66 -24.28
N ASP Z 262 -6.17 32.62 -24.89
CA ASP Z 262 -7.13 31.75 -24.21
C ASP Z 262 -6.49 30.96 -23.07
N LEU Z 263 -5.22 30.57 -23.23
CA LEU Z 263 -4.53 29.83 -22.19
C LEU Z 263 -4.23 30.70 -20.99
N ILE Z 264 -3.85 31.97 -21.22
CA ILE Z 264 -3.64 32.93 -20.15
C ILE Z 264 -4.96 33.19 -19.41
N ASP Z 265 -6.07 33.28 -20.15
CA ASP Z 265 -7.37 33.51 -19.52
C ASP Z 265 -7.80 32.32 -18.67
N ASN Z 266 -7.56 31.09 -19.15
CA ASN Z 266 -7.90 29.89 -18.38
C ASN Z 266 -7.07 29.79 -17.09
N TYR Z 267 -5.77 30.11 -17.20
CA TYR Z 267 -4.88 30.15 -16.04
C TYR Z 267 -5.35 31.13 -14.98
N ASP Z 268 -5.69 32.36 -15.41
CA ASP Z 268 -6.15 33.41 -14.49
C ASP Z 268 -7.45 33.03 -13.80
N SER Z 269 -8.40 32.48 -14.57
CA SER Z 269 -9.72 32.17 -14.00
C SER Z 269 -9.64 31.01 -12.98
N ILE Z 270 -8.84 29.99 -13.27
CA ILE Z 270 -8.70 28.86 -12.35
C ILE Z 270 -8.04 29.29 -11.04
N THR Z 271 -6.93 30.06 -11.14
CA THR Z 271 -6.25 30.47 -9.91
C THR Z 271 -7.08 31.46 -9.08
N SER Z 272 -7.85 32.34 -9.74
CA SER Z 272 -8.69 33.26 -8.99
C SER Z 272 -9.84 32.56 -8.29
N SER Z 273 -10.39 31.51 -8.92
CA SER Z 273 -11.44 30.73 -8.26
C SER Z 273 -10.91 30.00 -7.02
N THR Z 274 -9.68 29.46 -7.10
CA THR Z 274 -9.08 28.82 -5.94
C THR Z 274 -8.83 29.82 -4.81
N MET Z 275 -8.40 31.04 -5.15
CA MET Z 275 -8.18 32.06 -4.12
C MET Z 275 -9.49 32.52 -3.48
N ASP Z 276 -10.59 32.56 -4.24
CA ASP Z 276 -11.88 32.91 -3.63
C ASP Z 276 -12.35 31.83 -2.66
N SER Z 277 -12.12 30.56 -3.00
CA SER Z 277 -12.44 29.48 -2.06
C SER Z 277 -11.57 29.53 -0.81
N PHE Z 278 -10.30 29.94 -0.94
CA PHE Z 278 -9.48 30.13 0.26
C PHE Z 278 -9.96 31.32 1.09
N SER Z 279 -10.53 32.34 0.46
CA SER Z 279 -11.02 33.49 1.22
C SER Z 279 -12.31 33.19 1.97
N ASP Z 280 -13.17 32.30 1.45
CA ASP Z 280 -14.48 32.15 2.07
C ASP Z 280 -14.61 30.99 3.07
N PHE Z 281 -13.74 29.99 3.02
CA PHE Z 281 -13.99 28.72 3.72
C PHE Z 281 -12.99 28.49 4.84
N GLN Z 282 -13.49 28.39 6.07
CA GLN Z 282 -12.69 27.97 7.22
C GLN Z 282 -12.67 26.45 7.30
N GLN Z 283 -11.48 25.88 7.50
CA GLN Z 283 -11.27 24.47 7.23
C GLN Z 283 -11.46 23.56 8.44
N ILE Z 284 -11.47 24.08 9.66
CA ILE Z 284 -11.79 23.27 10.83
C ILE Z 284 -12.59 24.13 11.81
N VAL Z 285 -13.55 23.52 12.49
CA VAL Z 285 -14.46 24.26 13.37
C VAL Z 285 -15.00 23.33 14.44
N TYR Z 286 -15.31 23.88 15.61
CA TYR Z 286 -16.02 23.16 16.66
C TYR Z 286 -17.52 23.27 16.45
N VAL Z 287 -18.25 22.21 16.82
CA VAL Z 287 -19.71 22.17 16.76
C VAL Z 287 -20.24 21.84 18.14
N LEU Z 288 -21.05 22.75 18.70
CA LEU Z 288 -21.71 22.53 19.99
C LEU Z 288 -23.16 22.11 19.75
N LYS Z 289 -23.61 21.07 20.45
CA LYS Z 289 -24.95 20.53 20.31
C LYS Z 289 -25.72 20.72 21.60
N ASN Z 290 -26.83 21.47 21.51
CA ASN Z 290 -27.79 21.74 22.60
C ASN Z 290 -27.15 22.53 23.75
N TYR Z 291 -26.33 23.53 23.41
CA TYR Z 291 -25.86 24.52 24.38
C TYR Z 291 -26.03 25.91 23.74
N ASP Z 292 -27.22 26.47 23.86
CA ASP Z 292 -27.52 27.73 23.18
C ASP Z 292 -27.19 28.96 24.01
N GLY Z 293 -26.94 28.81 25.31
CA GLY Z 293 -26.54 29.93 26.13
C GLY Z 293 -25.05 30.13 26.29
N GLU Z 294 -24.21 29.34 25.63
CA GLU Z 294 -22.78 29.36 25.86
C GLU Z 294 -22.10 30.50 25.10
N ASN Z 295 -21.23 31.22 25.79
CA ASN Z 295 -20.36 32.23 25.18
C ASN Z 295 -19.21 31.54 24.46
N PRO Z 296 -19.01 31.78 23.14
CA PRO Z 296 -17.97 31.05 22.40
C PRO Z 296 -16.54 31.43 22.77
N LYS Z 297 -16.30 32.71 23.06
CA LYS Z 297 -14.98 33.20 23.43
C LYS Z 297 -14.49 32.55 24.72
N GLU Z 298 -15.33 32.56 25.76
CA GLU Z 298 -14.99 31.95 27.03
C GLU Z 298 -14.88 30.43 26.89
N PHE Z 299 -15.67 29.84 25.99
CA PHE Z 299 -15.60 28.40 25.73
C PHE Z 299 -14.24 28.00 25.16
N THR Z 300 -13.75 28.72 24.14
CA THR Z 300 -12.46 28.35 23.55
C THR Z 300 -11.30 28.67 24.49
N ALA Z 301 -11.38 29.77 25.25
CA ALA Z 301 -10.34 30.08 26.23
C ALA Z 301 -10.27 29.02 27.34
N ASN Z 302 -11.43 28.60 27.87
CA ASN Z 302 -11.46 27.58 28.91
C ASN Z 302 -10.99 26.23 28.38
N LEU Z 303 -11.32 25.94 27.12
CA LEU Z 303 -10.89 24.69 26.48
C LEU Z 303 -9.37 24.65 26.33
N ARG Z 304 -8.76 25.76 25.94
CA ARG Z 304 -7.30 25.80 25.83
C ARG Z 304 -6.63 25.75 27.20
N TYR Z 305 -7.25 26.35 28.21
CA TYR Z 305 -6.66 26.35 29.55
C TYR Z 305 -6.73 24.98 30.20
N HIS Z 306 -7.91 24.36 30.23
CA HIS Z 306 -8.12 23.15 31.03
C HIS Z 306 -7.77 21.87 30.28
N SER Z 307 -7.95 21.87 28.95
CA SER Z 307 -7.91 20.70 28.06
C SER Z 307 -8.97 19.65 28.40
N VAL Z 308 -10.07 20.07 29.02
CA VAL Z 308 -11.16 19.19 29.44
C VAL Z 308 -12.47 19.87 29.04
N ILE Z 309 -13.40 19.11 28.46
CA ILE Z 309 -14.74 19.58 28.15
C ILE Z 309 -15.75 18.70 28.90
N LYS Z 310 -16.72 19.33 29.55
CA LYS Z 310 -17.79 18.62 30.27
C LYS Z 310 -19.11 18.76 29.54
N VAL Z 311 -19.73 17.62 29.20
CA VAL Z 311 -21.05 17.57 28.58
C VAL Z 311 -21.92 16.61 29.38
N SER Z 312 -23.24 16.81 29.32
CA SER Z 312 -24.18 15.90 29.97
C SER Z 312 -25.51 15.92 29.22
N GLY Z 313 -26.24 14.80 29.32
CA GLY Z 313 -27.61 14.76 28.81
C GLY Z 313 -27.63 14.59 27.32
N ASP Z 314 -28.34 15.47 26.63
CA ASP Z 314 -28.37 15.49 25.17
C ASP Z 314 -27.34 16.42 24.57
N GLY Z 315 -26.52 17.09 25.39
CA GLY Z 315 -25.51 17.99 24.87
C GLY Z 315 -24.31 17.24 24.34
N GLY Z 316 -23.66 17.85 23.35
CA GLY Z 316 -22.51 17.21 22.74
C GLY Z 316 -21.56 18.20 22.12
N VAL Z 317 -20.41 17.69 21.70
CA VAL Z 317 -19.40 18.50 21.03
C VAL Z 317 -18.75 17.64 19.95
N ASP Z 318 -18.50 18.23 18.79
CA ASP Z 318 -17.91 17.54 17.66
C ASP Z 318 -17.02 18.52 16.91
N THR Z 319 -16.36 18.03 15.86
CA THR Z 319 -15.64 18.90 14.94
C THR Z 319 -16.17 18.71 13.53
N LEU Z 320 -16.01 19.76 12.73
CA LEU Z 320 -16.27 19.72 11.30
C LEU Z 320 -14.98 20.13 10.60
N ARG Z 321 -14.45 19.22 9.78
CA ARG Z 321 -13.09 19.33 9.22
C ARG Z 321 -13.14 18.93 7.75
N ALA Z 322 -13.33 19.91 6.87
CA ALA Z 322 -13.38 19.68 5.44
C ALA Z 322 -12.28 20.50 4.76
N GLU Z 323 -11.36 19.83 4.09
CA GLU Z 323 -10.20 20.48 3.51
C GLU Z 323 -10.49 20.99 2.10
N ILE Z 324 -9.87 22.12 1.75
CA ILE Z 324 -10.11 22.77 0.45
C ILE Z 324 -9.47 21.95 -0.66
N PRO Z 325 -10.21 21.62 -1.73
CA PRO Z 325 -9.66 20.77 -2.80
C PRO Z 325 -8.84 21.56 -3.82
N VAL Z 326 -7.63 21.06 -4.12
CA VAL Z 326 -6.68 21.76 -4.97
C VAL Z 326 -6.06 20.88 -6.04
N ASP Z 327 -6.38 19.58 -6.09
CA ASP Z 327 -5.61 18.65 -6.93
C ASP Z 327 -5.98 18.73 -8.41
N SER Z 328 -7.27 18.86 -8.72
CA SER Z 328 -7.72 18.94 -10.11
C SER Z 328 -7.21 20.21 -10.78
N ALA Z 329 -7.21 21.33 -10.04
CA ALA Z 329 -6.69 22.58 -10.57
C ALA Z 329 -5.20 22.51 -10.83
N ALA Z 330 -4.44 21.82 -9.97
CA ALA Z 330 -3.00 21.66 -10.18
C ALA Z 330 -2.70 20.82 -11.42
N LYS Z 331 -3.46 19.73 -11.60
CA LYS Z 331 -3.31 18.90 -12.78
C LYS Z 331 -3.67 19.65 -14.06
N GLU Z 332 -4.64 20.58 -14.00
CA GLU Z 332 -4.95 21.36 -15.19
C GLU Z 332 -3.89 22.43 -15.47
N LEU Z 333 -3.40 23.10 -14.42
CA LEU Z 333 -2.46 24.20 -14.62
C LEU Z 333 -1.10 23.72 -15.12
N GLU Z 334 -0.71 22.49 -14.75
CA GLU Z 334 0.54 21.92 -15.26
C GLU Z 334 0.51 21.75 -16.78
N ARG Z 335 -0.59 21.17 -17.29
CA ARG Z 335 -0.76 21.00 -18.74
C ARG Z 335 -0.90 22.33 -19.46
N ILE Z 336 -1.57 23.31 -18.82
CA ILE Z 336 -1.75 24.62 -19.44
C ILE Z 336 -0.40 25.35 -19.55
N GLN Z 337 0.46 25.21 -18.54
CA GLN Z 337 1.79 25.83 -18.61
C GLN Z 337 2.67 25.18 -19.68
N ASP Z 338 2.61 23.84 -19.79
CA ASP Z 338 3.34 23.15 -20.84
C ASP Z 338 2.87 23.55 -22.24
N GLU Z 339 1.55 23.74 -22.42
CA GLU Z 339 1.05 24.17 -23.72
C GLU Z 339 1.37 25.65 -23.98
N LEU Z 340 1.43 26.45 -22.92
CA LEU Z 340 1.70 27.88 -23.07
C LEU Z 340 3.12 28.14 -23.52
N TYR Z 341 4.07 27.33 -23.05
CA TYR Z 341 5.44 27.46 -23.55
C TYR Z 341 5.58 27.04 -25.02
N LYS Z 342 4.76 26.08 -25.46
CA LYS Z 342 4.85 25.62 -26.86
C LYS Z 342 4.18 26.59 -27.83
N SER Z 343 3.01 27.14 -27.45
CA SER Z 343 2.26 27.96 -28.40
C SER Z 343 2.85 29.35 -28.54
N ALA Z 344 3.63 29.80 -27.58
CA ALA Z 344 4.30 31.09 -27.66
C ALA Z 344 5.67 31.01 -28.32
N GLN Z 345 6.21 29.80 -28.50
CA GLN Z 345 7.57 29.53 -28.97
C GLN Z 345 8.62 30.24 -28.12
N ALA Z 346 8.58 29.94 -26.83
CA ALA Z 346 9.47 30.53 -25.83
C ALA Z 346 10.40 29.46 -25.26
N VAL Z 347 11.29 29.89 -24.38
CA VAL Z 347 12.29 29.04 -23.75
C VAL Z 347 12.02 28.99 -22.25
N ASP Z 348 11.99 27.78 -21.70
CA ASP Z 348 11.87 27.58 -20.26
C ASP Z 348 13.26 27.29 -19.70
N ASN Z 349 13.78 28.19 -18.87
CA ASN Z 349 15.13 28.07 -18.32
C ASN Z 349 15.12 27.31 -16.99
N SER Z 350 14.48 26.15 -17.00
CA SER Z 350 14.34 25.36 -15.79
C SER Z 350 15.65 24.63 -15.48
N PRO Z 351 15.98 24.43 -14.20
CA PRO Z 351 17.26 23.79 -13.85
C PRO Z 351 17.41 22.34 -14.29
N GLU Z 352 16.30 21.62 -14.50
CA GLU Z 352 16.36 20.18 -14.80
C GLU Z 352 17.01 19.91 -16.16
N THR Z 353 16.57 20.64 -17.18
CA THR Z 353 17.09 20.41 -18.54
C THR Z 353 18.57 20.78 -18.64
N ILE Z 354 19.04 21.74 -17.83
CA ILE Z 354 20.47 22.05 -17.82
C ILE Z 354 21.21 20.99 -17.04
N GLY Z 355 20.57 20.46 -15.99
CA GLY Z 355 21.20 19.46 -15.16
C GLY Z 355 21.47 18.17 -15.91
N GLY Z 356 20.57 17.82 -16.83
CA GLY Z 356 20.90 16.77 -17.77
C GLY Z 356 21.89 17.22 -18.84
N GLY Z 357 21.67 18.39 -19.43
CA GLY Z 357 22.32 18.79 -20.66
C GLY Z 357 23.25 19.98 -20.49
N ALA Z 358 24.51 19.78 -20.87
CA ALA Z 358 25.50 20.84 -20.91
C ALA Z 358 26.18 21.00 -22.26
N THR Z 359 26.13 20.00 -23.13
CA THR Z 359 26.80 20.05 -24.42
C THR Z 359 26.08 20.99 -25.38
N GLY Z 360 26.74 21.22 -26.51
CA GLY Z 360 26.22 22.02 -27.61
C GLY Z 360 24.86 21.64 -28.17
N PRO Z 361 24.68 20.38 -28.62
CA PRO Z 361 23.36 19.96 -29.12
C PRO Z 361 22.22 20.08 -28.14
N ALA Z 362 22.44 19.83 -26.86
CA ALA Z 362 21.38 20.00 -25.87
C ALA Z 362 21.01 21.47 -25.70
N LEU Z 363 22.01 22.36 -25.77
CA LEU Z 363 21.76 23.79 -25.63
C LEU Z 363 20.99 24.33 -26.82
N GLU Z 364 21.31 23.90 -28.04
CA GLU Z 364 20.50 24.39 -29.16
C GLU Z 364 19.18 23.62 -29.31
N ASN Z 365 19.05 22.44 -28.70
CA ASN Z 365 17.74 21.80 -28.60
C ASN Z 365 16.83 22.57 -27.65
N LEU Z 366 17.41 23.20 -26.63
CA LEU Z 366 16.63 24.02 -25.70
C LEU Z 366 16.07 25.28 -26.36
N TYR Z 367 16.75 25.82 -27.37
CA TYR Z 367 16.44 27.14 -27.92
C TYR Z 367 15.78 27.08 -29.28
N ALA Z 368 15.20 25.95 -29.67
CA ALA Z 368 14.82 25.72 -31.06
C ALA Z 368 13.61 26.55 -31.49
N LEU Z 369 12.60 26.67 -30.63
CA LEU Z 369 11.38 27.39 -30.99
C LEU Z 369 11.59 28.90 -31.00
N LEU Z 370 12.41 29.42 -30.08
CA LEU Z 370 12.76 30.83 -30.12
C LEU Z 370 13.59 31.17 -31.34
N ASP Z 371 14.46 30.25 -31.78
CA ASP Z 371 15.20 30.45 -33.03
C ASP Z 371 14.25 30.46 -34.22
N LEU Z 372 13.23 29.61 -34.19
CA LEU Z 372 12.20 29.59 -35.22
C LEU Z 372 11.47 30.92 -35.32
N LYS Z 373 11.13 31.52 -34.17
CA LYS Z 373 10.44 32.80 -34.17
C LYS Z 373 11.36 33.96 -34.59
N ALA Z 374 12.61 33.95 -34.10
CA ALA Z 374 13.54 35.04 -34.37
C ALA Z 374 13.98 35.08 -35.82
N ASN Z 375 14.11 33.91 -36.47
CA ASN Z 375 14.49 33.87 -37.88
C ASN Z 375 13.42 34.50 -38.76
N MET Z 376 12.15 34.31 -38.42
CA MET Z 376 11.08 34.92 -39.19
C MET Z 376 10.96 36.42 -38.91
N ALA Z 377 11.25 36.85 -37.67
CA ALA Z 377 11.14 38.27 -37.37
C ALA Z 377 12.28 39.10 -37.97
N GLU Z 378 13.46 38.49 -38.16
CA GLU Z 378 14.61 39.23 -38.68
C GLU Z 378 14.39 39.69 -40.13
N ARG Z 379 13.64 38.93 -40.92
CA ARG Z 379 13.32 39.32 -42.30
C ARG Z 379 12.50 40.59 -42.35
N LYS Z 380 11.52 40.72 -41.44
CA LYS Z 380 10.66 41.91 -41.41
C LYS Z 380 11.43 43.12 -40.91
N ILE Z 381 12.31 42.93 -39.93
CA ILE Z 381 13.13 44.04 -39.44
C ILE Z 381 14.08 44.53 -40.53
N ARG Z 382 14.67 43.60 -41.30
CA ARG Z 382 15.54 43.97 -42.42
C ARG Z 382 14.78 44.70 -43.51
N ALA Z 383 13.53 44.29 -43.76
CA ALA Z 383 12.70 44.96 -44.75
C ALA Z 383 12.39 46.40 -44.34
N GLY Z 384 12.20 46.65 -43.04
CA GLY Z 384 12.03 48.03 -42.60
C GLY Z 384 13.31 48.86 -42.70
N LEU Z 385 14.45 48.26 -42.33
CA LEU Z 385 15.71 49.00 -42.30
C LEU Z 385 16.22 49.35 -43.69
N ARG Z 386 15.93 48.52 -44.70
CA ARG Z 386 16.32 48.83 -46.08
C ARG Z 386 15.64 50.10 -46.59
N LEU Z 387 14.36 50.27 -46.25
CA LEU Z 387 13.63 51.48 -46.64
C LEU Z 387 14.12 52.70 -45.88
N PHE Z 388 14.45 52.51 -44.60
CA PHE Z 388 15.04 53.61 -43.81
C PHE Z 388 16.35 54.11 -44.42
N PHE Z 389 17.21 53.20 -44.87
CA PHE Z 389 18.46 53.64 -45.47
C PHE Z 389 18.30 54.17 -46.89
N TRP Z 390 17.26 53.75 -47.61
CA TRP Z 390 16.92 54.43 -48.88
C TRP Z 390 16.56 55.89 -48.65
N PHE Z 391 15.75 56.17 -47.62
CA PHE Z 391 15.41 57.56 -47.28
C PHE Z 391 16.65 58.36 -46.88
N PHE Z 392 17.57 57.73 -46.12
CA PHE Z 392 18.79 58.41 -45.72
C PHE Z 392 19.69 58.73 -46.92
N ALA Z 393 19.73 57.83 -47.91
CA ALA Z 393 20.51 58.12 -49.11
C ALA Z 393 19.89 59.23 -49.94
N GLU Z 394 18.55 59.33 -49.97
CA GLU Z 394 17.91 60.45 -50.65
C GLU Z 394 18.26 61.78 -49.99
N TYR Z 395 18.34 61.79 -48.65
CA TYR Z 395 18.78 63.00 -47.96
C TYR Z 395 20.23 63.33 -48.26
N LEU Z 396 21.11 62.33 -48.29
CA LEU Z 396 22.52 62.57 -48.60
C LEU Z 396 22.73 63.00 -50.05
N ARG Z 397 21.81 62.66 -50.95
CA ARG Z 397 21.90 63.15 -52.31
C ARG Z 397 21.41 64.58 -52.43
N ASN Z 398 20.30 64.93 -51.77
CA ASN Z 398 19.75 66.28 -51.93
C ASN Z 398 20.53 67.36 -51.17
N THR Z 399 21.59 67.01 -50.45
CA THR Z 399 22.47 68.00 -49.85
C THR Z 399 23.85 68.00 -50.50
N GLY Z 400 24.01 67.30 -51.62
CA GLY Z 400 25.23 67.29 -52.38
C GLY Z 400 26.31 66.36 -51.88
N LYS Z 401 26.10 65.67 -50.75
CA LYS Z 401 27.18 64.95 -50.07
C LYS Z 401 27.52 63.61 -50.71
N GLY Z 402 26.90 63.23 -51.81
CA GLY Z 402 27.28 62.01 -52.51
C GLY Z 402 26.07 61.29 -53.06
N ASP Z 403 26.33 60.41 -54.01
CA ASP Z 403 25.30 59.57 -54.64
C ASP Z 403 25.62 58.12 -54.28
N PHE Z 404 24.85 57.55 -53.37
CA PHE Z 404 25.06 56.20 -52.88
C PHE Z 404 23.83 55.35 -53.13
N ASN Z 405 24.05 54.03 -53.16
CA ASN Z 405 22.97 53.05 -53.26
C ASN Z 405 23.14 52.04 -52.13
N PRO Z 406 22.46 52.23 -51.00
CA PRO Z 406 22.59 51.29 -49.88
C PRO Z 406 21.95 49.94 -50.14
N ASP Z 407 21.12 49.80 -51.18
CA ASP Z 407 20.55 48.51 -51.54
C ASP Z 407 21.61 47.52 -51.98
N LYS Z 408 22.70 48.00 -52.59
CA LYS Z 408 23.76 47.14 -53.08
C LYS Z 408 25.05 47.24 -52.29
N GLU Z 409 25.28 48.33 -51.57
CA GLU Z 409 26.59 48.59 -50.97
C GLU Z 409 26.65 48.35 -49.48
N LEU Z 410 25.54 48.39 -48.76
CA LEU Z 410 25.54 48.26 -47.31
C LEU Z 410 25.15 46.85 -46.89
N THR Z 411 25.80 46.34 -45.85
CA THR Z 411 25.50 45.03 -45.31
C THR Z 411 25.26 45.14 -43.81
N MET Z 412 24.10 44.67 -43.36
CA MET Z 412 23.73 44.65 -41.95
C MET Z 412 23.97 43.26 -41.39
N THR Z 413 24.32 43.20 -40.11
CA THR Z 413 24.43 41.91 -39.45
C THR Z 413 23.98 41.98 -38.00
N PHE Z 414 23.25 40.93 -37.60
CA PHE Z 414 22.58 40.80 -36.33
C PHE Z 414 23.30 39.75 -35.49
N THR Z 415 23.37 39.98 -34.18
CA THR Z 415 24.03 39.05 -33.26
C THR Z 415 23.01 38.50 -32.29
N ARG Z 416 22.81 37.18 -32.30
CA ARG Z 416 21.95 36.55 -31.32
C ARG Z 416 22.61 36.55 -29.95
N THR Z 417 21.78 36.58 -28.92
CA THR Z 417 22.23 36.52 -27.53
C THR Z 417 21.80 35.17 -26.99
N ARG Z 418 22.70 34.20 -27.00
CA ARG Z 418 22.39 32.84 -26.58
C ARG Z 418 23.53 32.28 -25.75
N ILE Z 419 23.28 31.09 -25.21
CA ILE Z 419 24.21 30.41 -24.32
C ILE Z 419 24.95 29.34 -25.10
N GLN Z 420 26.27 29.30 -24.95
CA GLN Z 420 27.10 28.29 -25.59
C GLN Z 420 28.14 27.77 -24.62
N ASN Z 421 28.73 26.65 -24.97
CA ASN Z 421 29.83 26.05 -24.22
C ASN Z 421 31.14 26.54 -24.85
N ASP Z 422 31.78 27.52 -24.21
CA ASP Z 422 32.93 28.20 -24.79
C ASP Z 422 34.17 27.30 -24.83
N SER Z 423 34.35 26.42 -23.85
CA SER Z 423 35.52 25.55 -23.80
C SER Z 423 35.51 24.54 -24.93
N GLU Z 424 34.34 23.97 -25.22
CA GLU Z 424 34.18 23.03 -26.33
C GLU Z 424 34.47 23.71 -27.67
N ILE Z 425 34.06 24.98 -27.81
CA ILE Z 425 34.30 25.72 -29.04
C ILE Z 425 35.79 26.03 -29.21
N VAL Z 426 36.48 26.39 -28.11
CA VAL Z 426 37.90 26.70 -28.19
C VAL Z 426 38.72 25.45 -28.55
N GLN Z 427 38.37 24.30 -27.95
CA GLN Z 427 39.06 23.06 -28.30
C GLN Z 427 38.80 22.64 -29.75
N SER Z 428 37.58 22.81 -30.24
CA SER Z 428 37.31 22.48 -31.64
C SER Z 428 38.02 23.42 -32.61
N LEU Z 429 38.15 24.70 -32.26
CA LEU Z 429 38.85 25.64 -33.14
C LEU Z 429 40.34 25.35 -33.19
N VAL Z 430 40.94 25.05 -32.03
CA VAL Z 430 42.37 24.73 -31.99
C VAL Z 430 42.66 23.43 -32.73
N GLN Z 431 41.78 22.44 -32.58
CA GLN Z 431 41.92 21.17 -33.29
C GLN Z 431 41.77 21.33 -34.81
N GLY Z 432 40.85 22.19 -35.24
CA GLY Z 432 40.70 22.44 -36.68
C GLY Z 432 41.83 23.24 -37.29
N VAL Z 433 42.43 24.16 -36.52
CA VAL Z 433 43.58 24.90 -37.04
C VAL Z 433 44.81 23.99 -37.12
N THR Z 434 45.01 23.16 -36.10
CA THR Z 434 46.15 22.23 -36.10
C THR Z 434 46.00 21.15 -37.16
N GLY Z 435 44.77 20.73 -37.45
CA GLY Z 435 44.55 19.76 -38.52
C GLY Z 435 44.70 20.31 -39.92
N GLY Z 436 44.76 21.62 -40.09
CA GLY Z 436 44.96 22.22 -41.39
C GLY Z 436 43.70 22.45 -42.21
N ILE Z 437 42.52 22.26 -41.64
CA ILE Z 437 41.27 22.41 -42.38
C ILE Z 437 40.62 23.77 -42.09
N MET Z 438 41.39 24.74 -41.61
CA MET Z 438 40.83 26.02 -41.19
C MET Z 438 41.94 27.05 -41.16
N SER Z 439 41.61 28.27 -41.58
CA SER Z 439 42.53 29.39 -41.49
C SER Z 439 42.58 29.93 -40.06
N LYS Z 440 43.71 30.56 -39.73
CA LYS Z 440 43.86 31.17 -38.41
C LYS Z 440 43.00 32.41 -38.27
N GLU Z 441 42.79 33.15 -39.35
CA GLU Z 441 41.98 34.37 -39.32
C GLU Z 441 40.51 34.06 -39.04
N THR Z 442 39.99 33.01 -39.67
CA THR Z 442 38.61 32.59 -39.41
C THR Z 442 38.44 32.11 -37.98
N ALA Z 443 39.45 31.43 -37.42
CA ALA Z 443 39.34 30.95 -36.05
C ALA Z 443 39.47 32.09 -35.05
N VAL Z 444 40.20 33.15 -35.38
CA VAL Z 444 40.18 34.33 -34.54
C VAL Z 444 38.82 35.00 -34.59
N ALA Z 445 38.17 34.98 -35.77
CA ALA Z 445 36.84 35.58 -35.87
C ALA Z 445 35.73 34.77 -35.19
N ARG Z 446 35.97 33.52 -34.77
CA ARG Z 446 34.96 32.73 -34.07
C ARG Z 446 35.27 32.52 -32.59
N ASN Z 447 36.35 33.09 -32.08
CA ASN Z 447 36.75 32.92 -30.69
C ASN Z 447 35.77 33.66 -29.76
N PRO Z 448 35.15 32.97 -28.81
CA PRO Z 448 34.18 33.66 -27.92
C PRO Z 448 34.82 34.63 -26.92
N PHE Z 449 36.14 34.64 -26.78
CA PHE Z 449 36.80 35.61 -25.93
C PHE Z 449 37.31 36.82 -26.69
N VAL Z 450 37.22 36.82 -28.02
CA VAL Z 450 37.68 37.92 -28.87
C VAL Z 450 36.47 38.73 -29.32
N GLN Z 451 36.51 40.04 -29.12
CA GLN Z 451 35.41 40.91 -29.52
C GLN Z 451 35.69 41.72 -30.79
N ASP Z 452 36.93 42.12 -31.04
CA ASP Z 452 37.27 42.86 -32.25
C ASP Z 452 38.34 42.12 -33.04
N PRO Z 453 38.03 41.54 -34.20
CA PRO Z 453 38.96 40.58 -34.82
C PRO Z 453 40.20 41.19 -35.46
N GLU Z 454 40.09 42.31 -36.17
CA GLU Z 454 41.26 42.76 -36.93
C GLU Z 454 42.31 43.43 -36.04
N GLU Z 455 41.90 44.10 -34.97
CA GLU Z 455 42.86 44.56 -33.96
C GLU Z 455 43.51 43.39 -33.23
N GLU Z 456 42.78 42.29 -33.05
CA GLU Z 456 43.37 41.08 -32.48
C GLU Z 456 44.41 40.46 -33.41
N LEU Z 457 44.14 40.47 -34.73
CA LEU Z 457 45.12 39.98 -35.69
C LEU Z 457 46.36 40.87 -35.73
N ALA Z 458 46.16 42.18 -35.66
CA ALA Z 458 47.28 43.11 -35.60
C ALA Z 458 48.10 42.92 -34.34
N ARG Z 459 47.43 42.58 -33.23
CA ARG Z 459 48.11 42.35 -31.97
C ARG Z 459 48.93 41.07 -31.99
N ILE Z 460 48.40 40.00 -32.60
CA ILE Z 460 49.17 38.77 -32.74
C ILE Z 460 50.37 38.98 -33.67
N GLU Z 461 50.18 39.77 -34.73
CA GLU Z 461 51.30 40.14 -35.61
C GLU Z 461 52.36 40.95 -34.86
N GLU Z 462 51.94 41.84 -33.97
CA GLU Z 462 52.89 42.63 -33.18
C GLU Z 462 53.65 41.76 -32.19
N GLU Z 463 52.98 40.83 -31.51
CA GLU Z 463 53.66 39.99 -30.54
C GLU Z 463 54.52 38.91 -31.19
N MET Z 464 54.27 38.57 -32.45
CA MET Z 464 55.13 37.60 -33.12
C MET Z 464 56.49 38.18 -33.45
N ASN Z 465 56.56 39.51 -33.66
CA ASN Z 465 57.80 40.14 -34.07
C ASN Z 465 58.83 40.20 -32.95
N GLN Z 466 58.38 40.25 -31.71
CA GLN Z 466 59.30 40.36 -30.59
C GLN Z 466 59.94 39.03 -30.21
N TYR Z 467 59.34 37.91 -30.60
CA TYR Z 467 59.84 36.61 -30.17
C TYR Z 467 60.98 36.09 -31.05
N ALA Z 468 61.04 36.52 -32.32
CA ALA Z 468 62.09 36.03 -33.22
C ALA Z 468 63.45 36.57 -32.83
N GLU Z 469 63.49 37.76 -32.22
CA GLU Z 469 64.71 38.30 -31.64
C GLU Z 469 65.06 37.63 -30.32
N MET Z 470 64.15 36.85 -29.76
CA MET Z 470 64.39 36.18 -28.48
C MET Z 470 64.43 34.66 -28.67
N LYS AA 24 -12.31 17.64 -61.56
CA LYS AA 24 -11.79 18.86 -62.17
C LYS AA 24 -12.47 19.13 -63.52
N GLU AA 25 -11.96 20.14 -64.24
CA GLU AA 25 -12.55 20.59 -65.50
C GLU AA 25 -11.53 20.39 -66.61
N ILE AA 26 -11.90 19.64 -67.63
CA ILE AA 26 -11.01 19.34 -68.74
C ILE AA 26 -11.67 19.77 -70.04
N ALA AA 27 -10.98 20.60 -70.81
CA ALA AA 27 -11.49 21.26 -72.03
C ALA AA 27 -12.79 22.01 -71.78
N GLU AA 28 -13.00 31.94 -78.73
CA GLU AA 28 -14.21 31.47 -78.05
C GLU AA 28 -14.45 32.17 -76.67
N PRO AA 29 -14.72 33.51 -76.64
CA PRO AA 29 -15.02 34.15 -75.34
C PRO AA 29 -16.50 34.26 -74.97
N ASP AA 30 -16.85 33.79 -73.78
CA ASP AA 30 -18.22 33.89 -73.27
C ASP AA 30 -18.18 34.53 -71.88
N THR AA 31 -18.85 35.67 -71.74
CA THR AA 31 -19.01 36.26 -70.41
C THR AA 31 -20.13 35.61 -69.60
N THR AA 32 -20.89 34.69 -70.19
CA THR AA 32 -21.83 33.88 -69.43
C THR AA 32 -21.15 32.67 -68.84
N MET AA 33 -20.21 32.06 -69.58
CA MET AA 33 -19.46 30.93 -69.05
C MET AA 33 -18.49 31.36 -67.95
N ILE AA 34 -18.02 32.61 -67.99
CA ILE AA 34 -17.19 33.14 -66.91
C ILE AA 34 -18.00 33.22 -65.62
N GLN AA 35 -19.23 33.72 -65.70
CA GLN AA 35 -20.12 33.78 -64.53
C GLN AA 35 -20.48 32.37 -64.05
N LYS AA 36 -20.69 31.44 -64.99
CA LYS AA 36 -21.01 30.06 -64.64
C LYS AA 36 -19.85 29.40 -63.90
N LEU AA 37 -18.62 29.59 -64.39
CA LEU AA 37 -17.46 28.99 -63.74
C LEU AA 37 -17.17 29.64 -62.40
N ILE AA 38 -17.39 30.95 -62.27
CA ILE AA 38 -17.11 31.65 -61.02
C ILE AA 38 -18.12 31.25 -59.95
N ASP AA 39 -19.39 31.09 -60.31
CA ASP AA 39 -20.37 30.71 -59.30
C ASP AA 39 -20.30 29.26 -58.89
N GLU AA 40 -19.79 28.37 -59.75
CA GLU AA 40 -19.64 26.96 -59.38
C GLU AA 40 -18.29 26.64 -58.75
N HIS AA 41 -17.54 27.65 -58.33
CA HIS AA 41 -16.27 27.45 -57.67
C HIS AA 41 -16.45 27.43 -56.16
N ASN AA 42 -15.79 26.48 -55.50
CA ASN AA 42 -15.84 26.37 -54.04
C ASN AA 42 -14.45 26.61 -53.45
N PRO AA 43 -14.18 27.81 -52.93
CA PRO AA 43 -12.89 28.05 -52.29
C PRO AA 43 -12.77 27.51 -50.87
N GLU AA 44 -13.81 26.88 -50.34
CA GLU AA 44 -13.89 26.49 -48.94
C GLU AA 44 -12.93 25.38 -48.48
N PRO AA 45 -12.63 24.32 -49.25
CA PRO AA 45 -11.56 23.42 -48.81
C PRO AA 45 -10.17 24.04 -48.81
N LEU AA 46 -9.95 25.13 -49.56
CA LEU AA 46 -8.64 25.76 -49.57
C LEU AA 46 -8.45 26.76 -48.44
N LEU AA 47 -9.52 27.17 -47.78
CA LEU AA 47 -9.43 28.18 -46.73
C LEU AA 47 -9.41 27.60 -45.31
N LYS AA 48 -9.64 26.29 -45.15
CA LYS AA 48 -9.65 25.66 -43.84
C LYS AA 48 -8.27 25.71 -43.19
N GLY AA 49 -7.22 25.41 -43.95
CA GLY AA 49 -5.87 25.45 -43.43
C GLY AA 49 -5.42 26.85 -43.07
N VAL AA 50 -5.89 27.85 -43.81
CA VAL AA 50 -5.60 29.24 -43.46
C VAL AA 50 -6.31 29.62 -42.17
N ARG AA 51 -7.55 29.17 -41.99
CA ARG AA 51 -8.28 29.46 -40.75
C ARG AA 51 -7.65 28.77 -39.54
N TYR AA 52 -7.19 27.53 -39.72
CA TYR AA 52 -6.53 26.83 -38.63
C TYR AA 52 -5.13 27.37 -38.36
N TYR AA 53 -4.49 28.01 -39.35
CA TYR AA 53 -3.21 28.66 -39.11
C TYR AA 53 -3.35 29.87 -38.19
N MET AA 54 -4.47 30.59 -38.28
CA MET AA 54 -4.73 31.75 -37.44
C MET AA 54 -5.52 31.40 -36.18
N CYS AA 55 -5.45 30.14 -35.74
CA CYS AA 55 -6.08 29.59 -34.52
C CYS AA 55 -7.58 29.93 -34.41
N GLU AA 56 -8.31 29.70 -35.50
CA GLU AA 56 -9.76 29.78 -35.53
C GLU AA 56 -10.27 28.43 -36.01
N ASN AA 57 -10.41 27.49 -35.09
CA ASN AA 57 -10.78 26.13 -35.41
C ASN AA 57 -12.29 25.97 -35.37
N ASP AA 58 -12.76 24.75 -35.62
CA ASP AA 58 -14.19 24.48 -35.68
C ASP AA 58 -14.89 24.61 -34.32
N ILE AA 59 -14.13 24.52 -33.23
CA ILE AA 59 -14.63 24.68 -31.86
C ILE AA 59 -15.30 26.03 -31.64
N GLU AA 60 -14.99 27.05 -32.45
CA GLU AA 60 -15.64 28.35 -32.35
C GLU AA 60 -17.10 28.35 -32.79
N LYS AA 61 -17.60 27.26 -33.36
CA LYS AA 61 -19.00 27.17 -33.73
C LYS AA 61 -19.85 26.47 -32.67
N LYS AA 62 -19.32 26.30 -31.47
CA LYS AA 62 -19.99 25.58 -30.41
C LYS AA 62 -21.01 26.47 -29.70
N ARG AA 63 -22.19 25.92 -29.45
CA ARG AA 63 -23.26 26.61 -28.73
C ARG AA 63 -23.76 25.73 -27.59
N ARG AA 64 -24.41 26.36 -26.63
CA ARG AA 64 -25.02 25.66 -25.51
C ARG AA 64 -26.54 25.83 -25.57
N THR AA 65 -27.26 24.73 -25.78
CA THR AA 65 -28.70 24.72 -26.00
C THR AA 65 -29.39 23.97 -24.87
N TYR AA 66 -30.58 24.42 -24.48
CA TYR AA 66 -31.42 23.71 -23.52
C TYR AA 66 -32.85 23.60 -24.02
N TYR AA 67 -33.64 22.72 -23.41
CA TYR AA 67 -35.02 22.46 -23.82
C TYR AA 67 -36.00 23.00 -22.78
N ASP AA 68 -36.95 23.80 -23.25
CA ASP AA 68 -38.02 24.31 -22.41
C ASP AA 68 -39.11 23.25 -22.22
N ALA AA 69 -40.05 23.55 -21.32
CA ALA AA 69 -41.23 22.72 -21.15
C ALA AA 69 -42.07 22.69 -22.43
N ALA AA 70 -42.48 21.48 -22.81
CA ALA AA 70 -43.08 21.15 -24.12
C ALA AA 70 -42.17 21.52 -25.28
N GLY AA 71 -40.92 21.07 -25.19
CA GLY AA 71 -40.09 20.81 -26.35
C GLY AA 71 -39.38 21.99 -26.97
N GLN AA 72 -39.50 23.18 -26.38
CA GLN AA 72 -38.93 24.34 -27.03
C GLN AA 72 -37.42 24.41 -26.77
N GLN AA 73 -36.66 24.61 -27.84
CA GLN AA 73 -35.21 24.64 -27.78
C GLN AA 73 -34.71 26.09 -27.73
N LEU AA 74 -34.01 26.42 -26.66
CA LEU AA 74 -33.60 27.79 -26.37
C LEU AA 74 -32.09 27.85 -26.26
N VAL AA 75 -31.50 28.88 -26.86
CA VAL AA 75 -30.08 29.17 -26.73
C VAL AA 75 -29.94 30.46 -25.95
N ASP AA 76 -29.18 30.42 -24.87
CA ASP AA 76 -28.87 31.64 -24.13
C ASP AA 76 -27.49 32.13 -24.54
N ASP AA 77 -27.38 33.42 -24.85
CA ASP AA 77 -26.13 34.04 -25.25
C ASP AA 77 -25.43 34.74 -24.10
N THR AA 78 -25.99 34.67 -22.89
CA THR AA 78 -25.36 35.20 -21.69
C THR AA 78 -24.61 34.12 -20.92
N LYS AA 79 -24.88 32.84 -21.19
CA LYS AA 79 -24.22 31.75 -20.49
C LYS AA 79 -22.77 31.60 -20.96
N THR AA 80 -21.90 31.21 -20.03
CA THR AA 80 -20.49 31.00 -20.33
C THR AA 80 -20.31 29.84 -21.31
N ASN AA 81 -19.51 30.08 -22.34
CA ASN AA 81 -19.35 29.16 -23.47
C ASN AA 81 -17.87 29.15 -23.83
N ASN AA 82 -17.13 28.21 -23.24
CA ASN AA 82 -15.67 28.17 -23.41
C ASN AA 82 -15.32 27.47 -24.71
N ARG AA 83 -14.55 28.17 -25.57
CA ARG AA 83 -14.12 27.65 -26.86
C ARG AA 83 -12.64 27.96 -27.02
N THR AA 84 -11.78 27.01 -26.68
CA THR AA 84 -10.33 27.21 -26.74
C THR AA 84 -9.76 26.55 -27.99
N SER AA 85 -9.19 27.35 -28.88
CA SER AA 85 -8.50 26.86 -30.06
C SER AA 85 -7.01 26.69 -29.75
N HIS AA 86 -6.43 25.60 -30.24
CA HIS AA 86 -5.02 25.31 -30.04
C HIS AA 86 -4.26 25.50 -31.35
N ALA AA 87 -2.98 25.84 -31.23
CA ALA AA 87 -2.17 26.33 -32.34
C ALA AA 87 -1.18 25.30 -32.86
N TRP AA 88 -1.60 24.03 -32.99
CA TRP AA 88 -0.70 22.97 -33.44
C TRP AA 88 -0.30 23.14 -34.90
N HIS AA 89 -1.24 23.54 -35.75
CA HIS AA 89 -1.02 23.60 -37.19
C HIS AA 89 -0.02 24.69 -37.56
N LYS AA 90 -0.09 25.84 -36.87
CA LYS AA 90 0.86 26.92 -37.11
C LYS AA 90 2.28 26.52 -36.75
N LEU AA 91 2.44 25.81 -35.64
CA LEU AA 91 3.75 25.32 -35.21
C LEU AA 91 4.32 24.32 -36.21
N PHE AA 92 3.48 23.40 -36.71
CA PHE AA 92 3.96 22.42 -37.68
C PHE AA 92 4.36 23.07 -39.01
N VAL AA 93 3.57 24.03 -39.48
CA VAL AA 93 3.86 24.70 -40.75
C VAL AA 93 5.12 25.56 -40.64
N ASP AA 94 5.29 26.27 -39.51
CA ASP AA 94 6.47 27.10 -39.31
C ASP AA 94 7.74 26.26 -39.21
N GLN AA 95 7.65 25.10 -38.52
CA GLN AA 95 8.78 24.20 -38.42
C GLN AA 95 9.20 23.66 -39.78
N LYS AA 96 8.23 23.24 -40.59
CA LYS AA 96 8.52 22.72 -41.93
C LYS AA 96 9.10 23.80 -42.84
N THR AA 97 8.57 25.02 -42.77
CA THR AA 97 9.02 26.10 -43.64
C THR AA 97 10.45 26.54 -43.30
N GLN AA 98 10.78 26.67 -42.01
CA GLN AA 98 12.13 27.05 -41.66
C GLN AA 98 13.12 25.91 -41.87
N TYR AA 99 12.67 24.66 -41.79
CA TYR AA 99 13.55 23.54 -42.13
C TYR AA 99 13.88 23.51 -43.61
N LEU AA 100 12.93 23.87 -44.47
CA LEU AA 100 13.18 23.78 -45.90
C LEU AA 100 13.87 25.01 -46.48
N VAL AA 101 13.32 26.21 -46.28
CA VAL AA 101 13.87 27.39 -46.94
C VAL AA 101 14.22 28.48 -45.95
N GLY AA 102 14.57 28.10 -44.73
CA GLY AA 102 15.07 29.07 -43.76
C GLY AA 102 16.41 29.64 -44.15
N GLU AA 103 17.26 28.84 -44.77
CA GLU AA 103 18.46 29.27 -45.45
C GLU AA 103 18.17 29.44 -46.94
N PRO AA 104 18.75 30.47 -47.57
CA PRO AA 104 18.48 30.72 -48.98
C PRO AA 104 19.05 29.65 -49.91
N VAL AA 105 18.37 29.47 -51.03
CA VAL AA 105 18.82 28.56 -52.07
C VAL AA 105 20.02 29.16 -52.79
N THR AA 106 21.01 28.35 -53.10
CA THR AA 106 22.21 28.84 -53.78
C THR AA 106 22.28 28.30 -55.20
N PHE AA 107 22.95 29.03 -56.08
CA PHE AA 107 23.00 28.71 -57.49
C PHE AA 107 24.44 28.61 -57.98
N THR AA 108 24.70 27.62 -58.83
CA THR AA 108 25.98 27.48 -59.51
C THR AA 108 25.75 27.21 -61.00
N SER AA 109 26.75 27.58 -61.80
CA SER AA 109 26.72 27.38 -63.24
C SER AA 109 28.15 27.50 -63.77
N ASP AA 110 28.42 26.77 -64.85
CA ASP AA 110 29.67 26.97 -65.58
C ASP AA 110 29.60 28.19 -66.48
N ASN AA 111 28.43 28.44 -67.06
CA ASN AA 111 28.15 29.68 -67.80
C ASN AA 111 28.15 30.85 -66.83
N LYS AA 112 29.20 31.65 -66.85
CA LYS AA 112 29.34 32.73 -65.89
C LYS AA 112 28.50 33.95 -66.21
N THR AA 113 27.96 34.06 -67.42
CA THR AA 113 27.13 35.20 -67.80
C THR AA 113 25.68 35.01 -67.37
N LEU AA 114 25.16 33.78 -67.49
CA LEU AA 114 23.84 33.46 -66.97
C LEU AA 114 23.80 33.60 -65.45
N LEU AA 115 24.91 33.28 -64.79
CA LEU AA 115 24.94 33.22 -63.33
C LEU AA 115 24.85 34.58 -62.69
N GLU AA 116 25.39 35.64 -63.30
CA GLU AA 116 25.28 36.96 -62.69
C GLU AA 116 23.88 37.53 -62.82
N TYR AA 117 23.20 37.23 -63.92
CA TYR AA 117 21.78 37.54 -64.07
C TYR AA 117 20.94 36.85 -63.01
N VAL AA 118 21.16 35.54 -62.83
CA VAL AA 118 20.42 34.77 -61.83
C VAL AA 118 20.72 35.26 -60.42
N ASN AA 119 21.99 35.59 -60.14
CA ASN AA 119 22.38 35.98 -58.80
C ASN AA 119 21.89 37.38 -58.44
N GLU AA 120 21.70 38.26 -59.42
CA GLU AA 120 21.05 39.52 -59.09
C GLU AA 120 19.53 39.42 -59.06
N LEU AA 121 18.94 38.42 -59.73
CA LEU AA 121 17.51 38.22 -59.63
C LEU AA 121 17.09 37.69 -58.25
N ALA AA 122 17.91 36.86 -57.62
CA ALA AA 122 17.56 36.18 -56.37
C ALA AA 122 18.13 36.93 -55.18
N ASP AA 123 17.50 38.04 -54.85
CA ASP AA 123 17.85 38.91 -53.73
C ASP AA 123 17.00 38.56 -52.49
N ASP AA 124 17.00 39.44 -51.49
CA ASP AA 124 16.29 39.21 -50.23
C ASP AA 124 14.77 39.12 -50.42
N ASP AA 125 14.23 39.89 -51.36
CA ASP AA 125 12.79 39.83 -51.63
C ASP AA 125 12.39 38.48 -52.22
N PHE AA 126 13.27 37.89 -53.03
CA PHE AA 126 13.06 36.54 -53.55
C PHE AA 126 12.98 35.52 -52.43
N ASP AA 127 13.82 35.68 -51.40
CA ASP AA 127 13.82 34.75 -50.27
C ASP AA 127 12.55 34.89 -49.42
N ASP AA 128 12.10 36.13 -49.22
CA ASP AA 128 10.86 36.33 -48.46
C ASP AA 128 9.65 35.79 -49.23
N ILE AA 129 9.63 35.98 -50.55
CA ILE AA 129 8.57 35.46 -51.40
C ILE AA 129 8.56 33.93 -51.38
N LEU AA 130 9.74 33.31 -51.36
CA LEU AA 130 9.81 31.85 -51.32
C LEU AA 130 9.34 31.29 -49.97
N ASN AA 131 9.67 31.96 -48.85
CA ASN AA 131 9.15 31.54 -47.55
C ASN AA 131 7.64 31.62 -47.48
N GLU AA 132 7.05 32.72 -47.98
CA GLU AA 132 5.60 32.83 -47.95
C GLU AA 132 4.94 31.87 -48.93
N THR AA 133 5.62 31.50 -50.01
CA THR AA 133 5.08 30.52 -50.95
C THR AA 133 5.04 29.12 -50.33
N VAL AA 134 6.08 28.73 -49.59
CA VAL AA 134 6.08 27.43 -48.93
C VAL AA 134 5.02 27.36 -47.84
N LYS AA 135 4.83 28.47 -47.09
CA LYS AA 135 3.75 28.50 -46.09
C LYS AA 135 2.36 28.41 -46.71
N ASN AA 136 2.12 29.16 -47.80
CA ASN AA 136 0.82 29.13 -48.47
C ASN AA 136 0.54 27.76 -49.08
N MET AA 137 1.58 27.12 -49.62
CA MET AA 137 1.47 25.79 -50.20
C MET AA 137 1.11 24.76 -49.13
N SER AA 138 1.66 24.89 -47.93
CA SER AA 138 1.30 23.99 -46.85
C SER AA 138 -0.11 24.26 -46.33
N ASN AA 139 -0.57 25.51 -46.37
CA ASN AA 139 -1.92 25.81 -45.87
C ASN AA 139 -3.03 25.45 -46.86
N LYS AA 140 -2.78 25.58 -48.17
CA LYS AA 140 -3.86 25.44 -49.14
C LYS AA 140 -3.75 24.19 -50.01
N GLY AA 141 -2.55 23.66 -50.22
CA GLY AA 141 -2.34 22.54 -51.12
C GLY AA 141 -1.75 22.93 -52.46
N ILE AA 142 -1.78 24.21 -52.82
CA ILE AA 142 -1.33 24.69 -54.12
C ILE AA 142 -1.05 26.19 -53.97
N GLU AA 143 -0.06 26.68 -54.70
CA GLU AA 143 0.16 28.11 -54.82
C GLU AA 143 0.63 28.44 -56.23
N TYR AA 144 0.40 29.67 -56.68
CA TYR AA 144 0.70 30.05 -58.06
C TYR AA 144 1.54 31.32 -58.12
N TRP AA 145 2.51 31.32 -59.03
CA TRP AA 145 3.27 32.50 -59.40
C TRP AA 145 2.84 32.99 -60.79
N HIS AA 146 2.99 34.28 -61.02
CA HIS AA 146 2.69 34.91 -62.30
C HIS AA 146 3.87 35.77 -62.74
N PRO AA 147 4.54 35.43 -63.84
CA PRO AA 147 5.64 36.27 -64.35
C PRO AA 147 5.19 37.27 -65.42
N PHE AA 148 5.84 38.43 -65.42
CA PHE AA 148 5.49 39.49 -66.36
C PHE AA 148 6.70 40.40 -66.55
N VAL AA 149 6.53 41.42 -67.40
CA VAL AA 149 7.54 42.46 -67.61
C VAL AA 149 6.98 43.78 -67.11
N ASP AA 150 7.79 44.51 -66.34
CA ASP AA 150 7.43 45.81 -65.78
C ASP AA 150 7.24 46.85 -66.88
N GLU AA 151 6.82 48.04 -66.44
CA GLU AA 151 6.72 49.18 -67.34
C GLU AA 151 8.08 49.80 -67.66
N GLU AA 152 9.12 49.43 -66.91
CA GLU AA 152 10.49 49.82 -67.19
C GLU AA 152 11.29 48.74 -67.88
N GLY AA 153 10.63 47.67 -68.34
CA GLY AA 153 11.31 46.61 -69.04
C GLY AA 153 11.96 45.55 -68.18
N GLU AA 154 11.76 45.57 -66.86
CA GLU AA 154 12.36 44.59 -65.97
C GLU AA 154 11.46 43.35 -65.83
N PHE AA 155 12.10 42.20 -65.68
CA PHE AA 155 11.38 40.96 -65.42
C PHE AA 155 10.90 40.93 -63.98
N ASP AA 156 9.61 40.68 -63.78
CA ASP AA 156 9.03 40.68 -62.45
C ASP AA 156 8.09 39.49 -62.31
N TYR AA 157 7.61 39.28 -61.08
CA TYR AA 157 6.81 38.12 -60.74
C TYR AA 157 6.00 38.46 -59.50
N VAL AA 158 4.83 37.82 -59.37
CA VAL AA 158 3.92 38.10 -58.27
C VAL AA 158 3.21 36.81 -57.89
N ILE AA 159 2.66 36.75 -56.68
CA ILE AA 159 1.91 35.59 -56.21
C ILE AA 159 0.43 35.79 -56.52
N PHE AA 160 -0.18 34.80 -57.18
CA PHE AA 160 -1.63 34.75 -57.32
C PHE AA 160 -2.18 33.83 -56.25
N PRO AA 161 -3.02 34.32 -55.32
CA PRO AA 161 -3.59 33.44 -54.28
C PRO AA 161 -4.53 32.39 -54.89
N ALA AA 162 -4.38 31.16 -54.43
CA ALA AA 162 -4.99 30.02 -55.10
C ALA AA 162 -6.50 29.92 -54.89
N GLU AA 163 -7.04 30.58 -53.86
CA GLU AA 163 -8.47 30.58 -53.62
C GLU AA 163 -9.23 31.49 -54.58
N GLU AA 164 -8.54 32.24 -55.44
CA GLU AA 164 -9.15 33.05 -56.48
C GLU AA 164 -8.88 32.52 -57.88
N MET AA 165 -8.34 31.32 -58.02
CA MET AA 165 -7.91 30.81 -59.32
C MET AA 165 -8.78 29.65 -59.77
N ILE AA 166 -9.11 29.65 -61.06
CA ILE AA 166 -9.78 28.53 -61.73
C ILE AA 166 -8.94 28.14 -62.92
N VAL AA 167 -8.39 26.92 -62.90
CA VAL AA 167 -7.48 26.43 -63.94
C VAL AA 167 -8.17 25.30 -64.69
N VAL AA 168 -8.14 25.37 -66.02
CA VAL AA 168 -8.73 24.38 -66.91
C VAL AA 168 -7.61 23.80 -67.77
N TYR AA 169 -7.65 22.49 -68.01
CA TYR AA 169 -6.63 21.80 -68.79
C TYR AA 169 -7.16 21.35 -70.15
N LYS AA 170 -6.25 21.25 -71.12
CA LYS AA 170 -6.54 20.69 -72.45
C LYS AA 170 -6.80 19.19 -72.36
N ASP AA 171 -7.17 18.59 -73.49
CA ASP AA 171 -7.29 17.14 -73.50
C ASP AA 171 -6.92 16.52 -74.85
N ASN AA 172 -5.73 15.95 -74.88
CA ASN AA 172 -5.54 14.54 -75.13
C ASN AA 172 -4.64 13.98 -74.03
N THR AA 173 -4.10 14.87 -73.19
CA THR AA 173 -3.48 14.58 -71.91
C THR AA 173 -4.25 15.46 -70.92
N ARG AA 174 -4.12 15.22 -69.61
CA ARG AA 174 -4.98 15.94 -68.68
C ARG AA 174 -4.24 16.88 -67.74
N ARG AA 175 -3.00 17.27 -68.03
CA ARG AA 175 -2.28 18.23 -67.18
C ARG AA 175 -1.49 19.26 -67.98
N ASP AA 176 -2.05 19.81 -69.06
CA ASP AA 176 -1.49 20.98 -69.72
C ASP AA 176 -2.51 22.10 -69.74
N ILE AA 177 -2.12 23.27 -69.23
CA ILE AA 177 -3.05 24.35 -68.91
C ILE AA 177 -3.55 25.02 -70.19
N LEU AA 178 -4.88 25.10 -70.33
CA LEU AA 178 -5.53 25.77 -71.45
C LEU AA 178 -5.75 27.25 -71.15
N PHE AA 179 -6.41 27.58 -70.05
CA PHE AA 179 -6.57 28.97 -69.64
C PHE AA 179 -6.68 29.04 -68.12
N ALA AA 180 -6.62 30.27 -67.60
CA ALA AA 180 -6.67 30.50 -66.16
C ALA AA 180 -7.49 31.74 -65.85
N LEU AA 181 -8.35 31.64 -64.85
CA LEU AA 181 -9.30 32.70 -64.51
C LEU AA 181 -9.09 33.15 -63.07
N ARG AA 182 -8.88 34.45 -62.87
CA ARG AA 182 -8.63 35.03 -61.55
C ARG AA 182 -9.70 36.08 -61.25
N TYR AA 183 -10.32 36.00 -60.07
CA TYR AA 183 -11.41 36.92 -59.75
C TYR AA 183 -11.29 37.39 -58.31
N TYR AA 184 -11.57 38.67 -58.08
CA TYR AA 184 -11.38 39.23 -56.75
C TYR AA 184 -12.27 40.46 -56.56
N SER AA 185 -12.24 41.00 -55.34
CA SER AA 185 -13.06 42.14 -54.94
C SER AA 185 -12.24 43.05 -54.04
N TYR AA 186 -12.63 44.34 -54.00
CA TYR AA 186 -12.06 45.24 -53.00
C TYR AA 186 -13.02 46.38 -52.67
N LYS AA 187 -12.92 46.85 -51.42
CA LYS AA 187 -13.70 47.94 -50.88
C LYS AA 187 -12.95 49.27 -50.96
N GLY AA 188 -13.68 50.36 -50.75
CA GLY AA 188 -13.11 51.68 -50.73
C GLY AA 188 -13.31 52.41 -49.41
N ILE AA 189 -13.25 53.73 -49.45
CA ILE AA 189 -13.43 54.53 -48.23
C ILE AA 189 -14.90 54.60 -47.84
N MET AA 190 -15.79 54.86 -48.81
CA MET AA 190 -17.22 54.93 -48.54
C MET AA 190 -17.81 53.57 -48.18
N GLY AA 191 -17.20 52.49 -48.63
CA GLY AA 191 -17.78 51.17 -48.52
C GLY AA 191 -18.26 50.59 -49.83
N GLU AA 192 -18.01 51.27 -50.95
CA GLU AA 192 -18.39 50.74 -52.25
C GLU AA 192 -17.47 49.60 -52.66
N GLU AA 193 -18.07 48.59 -53.32
CA GLU AA 193 -17.42 47.34 -53.63
C GLU AA 193 -17.16 47.24 -55.13
N THR AA 194 -15.96 46.81 -55.50
CA THR AA 194 -15.59 46.56 -56.89
C THR AA 194 -15.24 45.10 -57.05
N GLN AA 195 -15.77 44.46 -58.11
CA GLN AA 195 -15.56 43.04 -58.38
C GLN AA 195 -14.99 42.88 -59.78
N LYS AA 196 -13.77 42.37 -59.88
CA LYS AA 196 -13.07 42.26 -61.16
C LYS AA 196 -12.63 40.84 -61.44
N ALA AA 197 -12.31 40.57 -62.71
CA ALA AA 197 -11.86 39.26 -63.15
C ALA AA 197 -10.88 39.41 -64.32
N GLU AA 198 -10.06 38.38 -64.51
CA GLU AA 198 -9.02 38.35 -65.54
C GLU AA 198 -8.91 36.94 -66.11
N LEU AA 199 -8.81 36.83 -67.43
CA LEU AA 199 -8.62 35.56 -68.11
C LEU AA 199 -7.27 35.55 -68.82
N TYR AA 200 -6.54 34.44 -68.71
CA TYR AA 200 -5.21 34.29 -69.29
C TYR AA 200 -5.20 33.06 -70.20
N THR AA 201 -4.84 33.28 -71.47
CA THR AA 201 -4.62 32.25 -72.48
C THR AA 201 -3.12 32.15 -72.80
N ASP AA 202 -2.79 31.37 -73.83
CA ASP AA 202 -1.40 31.24 -74.28
C ASP AA 202 -0.82 32.57 -74.76
N THR AA 203 -1.65 33.42 -75.37
CA THR AA 203 -1.17 34.65 -76.00
C THR AA 203 -1.79 35.91 -75.45
N HIS AA 204 -3.00 35.85 -74.89
CA HIS AA 204 -3.78 37.04 -74.61
C HIS AA 204 -4.36 37.01 -73.21
N VAL AA 205 -4.63 38.20 -72.69
CA VAL AA 205 -5.29 38.41 -71.41
C VAL AA 205 -6.55 39.23 -71.67
N TYR AA 206 -7.60 38.92 -70.90
CA TYR AA 206 -8.88 39.62 -70.96
C TYR AA 206 -9.21 40.17 -69.58
N TYR AA 207 -9.75 41.39 -69.54
CA TYR AA 207 -10.09 42.03 -68.29
C TYR AA 207 -11.60 42.22 -68.18
N TYR AA 208 -12.13 42.13 -66.96
CA TYR AA 208 -13.56 42.19 -66.76
C TYR AA 208 -13.88 42.86 -65.43
N GLU AA 209 -15.04 43.54 -65.39
CA GLU AA 209 -15.62 44.03 -64.16
C GLU AA 209 -17.12 43.76 -64.18
N LYS AA 210 -17.69 43.49 -63.01
CA LYS AA 210 -19.11 43.22 -62.85
C LYS AA 210 -19.81 44.52 -62.46
N ILE AA 211 -20.66 45.03 -63.35
CA ILE AA 211 -21.28 46.33 -63.13
C ILE AA 211 -22.55 46.17 -62.32
N ASP AA 212 -23.55 45.46 -62.85
CA ASP AA 212 -24.74 45.15 -62.06
C ASP AA 212 -24.98 43.66 -61.89
N GLY AA 213 -25.10 42.90 -62.98
CA GLY AA 213 -25.33 41.49 -62.85
C GLY AA 213 -24.60 40.67 -63.90
N VAL AA 214 -23.86 41.33 -64.77
CA VAL AA 214 -23.03 40.67 -65.76
C VAL AA 214 -21.65 41.33 -65.78
N TYR AA 215 -20.65 40.54 -66.15
CA TYR AA 215 -19.30 41.06 -66.34
C TYR AA 215 -19.19 41.75 -67.70
N GLN AA 216 -18.68 42.97 -67.71
CA GLN AA 216 -18.39 43.73 -68.92
C GLN AA 216 -16.89 43.76 -69.13
N MET AA 217 -16.45 44.52 -70.12
CA MET AA 217 -15.05 44.54 -70.54
C MET AA 217 -14.23 45.67 -69.92
N ASP AA 218 -14.78 46.42 -68.96
CA ASP AA 218 -14.15 47.42 -68.07
C ASP AA 218 -13.13 48.33 -68.77
N TYR AA 219 -13.64 49.14 -69.69
CA TYR AA 219 -12.79 49.96 -70.53
C TYR AA 219 -12.17 51.11 -69.72
N SER AA 220 -11.18 50.74 -68.90
CA SER AA 220 -10.07 51.61 -68.53
C SER AA 220 -8.89 51.38 -69.44
N TYR AA 221 -8.85 50.21 -70.08
CA TYR AA 221 -8.01 49.94 -71.23
C TYR AA 221 -8.82 50.32 -72.46
N GLY AA 222 -8.29 51.21 -73.28
CA GLY AA 222 -9.09 51.70 -74.39
C GLY AA 222 -9.07 50.79 -75.60
N GLU AA 223 -10.11 49.95 -75.71
CA GLU AA 223 -10.32 49.00 -76.83
C GLU AA 223 -9.11 48.09 -77.05
N ASN AA 224 -8.43 47.74 -75.97
CA ASN AA 224 -7.30 46.83 -76.00
C ASN AA 224 -7.60 45.53 -75.27
N ASN AA 225 -8.87 45.27 -74.96
CA ASN AA 225 -9.21 44.35 -73.89
C ASN AA 225 -8.91 42.88 -74.18
N PRO AA 226 -8.95 42.41 -75.43
CA PRO AA 226 -8.11 41.24 -75.73
C PRO AA 226 -6.69 41.74 -75.98
N ARG AA 227 -5.77 41.42 -75.08
CA ARG AA 227 -4.47 42.08 -75.04
C ARG AA 227 -3.36 41.06 -75.11
N PRO AA 228 -2.24 41.35 -75.76
CA PRO AA 228 -1.05 40.49 -75.63
C PRO AA 228 -0.52 40.49 -74.20
N HIS AA 229 0.23 39.44 -73.88
CA HIS AA 229 0.76 39.25 -72.53
C HIS AA 229 1.78 40.31 -72.19
N MET AA 230 2.03 40.48 -70.89
CA MET AA 230 3.00 41.48 -70.40
C MET AA 230 4.43 40.99 -70.60
N THR AA 231 4.77 40.76 -71.87
CA THR AA 231 6.09 40.58 -72.45
C THR AA 231 6.14 41.37 -73.75
N LYS AA 232 5.56 42.58 -73.71
CA LYS AA 232 5.10 43.29 -74.90
C LYS AA 232 6.26 43.80 -75.75
N GLY AA 233 6.03 43.86 -77.05
CA GLY AA 233 7.02 44.32 -78.00
C GLY AA 233 6.65 43.85 -79.39
N GLY AA 234 7.68 43.81 -80.25
CA GLY AA 234 7.49 43.29 -81.60
C GLY AA 234 7.15 41.82 -81.63
N GLN AA 235 7.58 41.07 -80.60
CA GLN AA 235 7.33 39.64 -80.51
C GLN AA 235 5.98 39.42 -79.81
N ALA AA 236 4.91 39.63 -80.56
CA ALA AA 236 3.56 39.47 -80.06
C ALA AA 236 3.07 38.02 -80.12
N ILE AA 237 4.00 37.07 -80.22
CA ILE AA 237 3.68 35.67 -80.02
C ILE AA 237 3.28 35.41 -78.57
N GLY AA 238 3.82 36.19 -77.65
CA GLY AA 238 3.65 35.93 -76.24
C GLY AA 238 4.72 34.99 -75.74
N TRP AA 239 4.47 34.44 -74.54
CA TRP AA 239 5.37 33.40 -74.04
C TRP AA 239 5.22 32.09 -74.80
N GLY AA 240 4.09 31.87 -75.48
CA GLY AA 240 3.83 30.58 -76.06
C GLY AA 240 3.31 29.58 -75.06
N ARG AA 241 2.75 30.06 -73.96
CA ARG AA 241 2.44 29.30 -72.77
C ARG AA 241 1.60 30.19 -71.86
N VAL AA 242 0.71 29.58 -71.09
CA VAL AA 242 -0.06 30.35 -70.11
C VAL AA 242 0.88 30.80 -69.00
N PRO AA 243 0.96 32.10 -68.70
CA PRO AA 243 1.91 32.60 -67.68
C PRO AA 243 1.48 32.35 -66.24
N ILE AA 244 1.50 31.08 -65.85
CA ILE AA 244 1.16 30.68 -64.48
C ILE AA 244 2.08 29.53 -64.09
N ILE AA 245 2.57 29.56 -62.84
CA ILE AA 245 3.56 28.61 -62.36
C ILE AA 245 3.02 27.94 -61.10
N PRO AA 246 2.75 26.64 -61.10
CA PRO AA 246 2.22 25.98 -59.91
C PRO AA 246 3.27 25.40 -58.97
N PHE AA 247 3.04 25.57 -57.69
CA PHE AA 247 3.79 24.95 -56.61
C PHE AA 247 2.83 24.05 -55.86
N LYS AA 248 2.98 22.74 -56.01
CA LYS AA 248 2.07 21.76 -55.42
C LYS AA 248 2.59 21.30 -54.06
N ASN AA 249 1.66 21.10 -53.12
CA ASN AA 249 2.05 20.56 -51.83
C ASN AA 249 2.40 19.08 -51.94
N ASN AA 250 1.67 18.33 -52.74
CA ASN AA 250 1.92 16.92 -53.00
C ASN AA 250 1.25 16.58 -54.32
N GLU AA 251 1.20 15.28 -54.63
CA GLU AA 251 0.60 14.84 -55.89
C GLU AA 251 -0.91 15.04 -55.92
N GLU AA 252 -1.55 14.98 -54.76
CA GLU AA 252 -3.00 15.09 -54.66
C GLU AA 252 -3.47 16.52 -54.45
N MET AA 253 -2.53 17.46 -54.21
CA MET AA 253 -2.79 18.89 -54.00
C MET AA 253 -3.71 19.15 -52.81
N VAL AA 254 -3.54 18.39 -51.74
CA VAL AA 254 -4.28 18.60 -50.52
C VAL AA 254 -3.38 19.31 -49.50
N SER AA 255 -4.00 19.94 -48.52
CA SER AA 255 -3.27 20.58 -47.44
C SER AA 255 -2.75 19.55 -46.44
N ASP AA 256 -1.84 19.99 -45.58
CA ASP AA 256 -1.32 19.11 -44.54
C ASP AA 256 -2.36 18.84 -43.46
N LEU AA 257 -3.22 19.83 -43.19
CA LEU AA 257 -4.28 19.74 -42.18
C LEU AA 257 -5.25 18.59 -42.43
N LYS AA 258 -5.36 18.11 -43.68
CA LYS AA 258 -6.19 16.96 -44.00
C LYS AA 258 -5.81 15.71 -43.22
N PHE AA 259 -4.53 15.57 -42.86
CA PHE AA 259 -4.12 14.31 -42.25
C PHE AA 259 -4.19 14.30 -40.73
N TYR AA 260 -4.45 15.44 -40.07
CA TYR AA 260 -4.56 15.43 -38.61
C TYR AA 260 -5.63 16.37 -38.05
N LYS AA 261 -6.67 16.70 -38.81
CA LYS AA 261 -7.67 17.67 -38.36
C LYS AA 261 -8.55 17.12 -37.24
N ASP AA 262 -8.85 15.82 -37.30
CA ASP AA 262 -9.73 15.19 -36.30
C ASP AA 262 -9.10 15.18 -34.91
N LEU AA 263 -7.78 15.00 -34.84
CA LEU AA 263 -7.09 14.96 -33.55
C LEU AA 263 -7.09 16.33 -32.88
N ILE AA 264 -6.91 17.40 -33.68
CA ILE AA 264 -7.00 18.76 -33.18
C ILE AA 264 -8.40 19.07 -32.69
N ASP AA 265 -9.42 18.63 -33.43
CA ASP AA 265 -10.81 18.83 -33.01
C ASP AA 265 -11.14 18.09 -31.70
N ASN AA 266 -10.65 16.85 -31.56
CA ASN AA 266 -10.88 16.09 -30.34
C ASN AA 266 -10.19 16.72 -29.13
N TYR AA 267 -8.95 17.20 -29.32
CA TYR AA 267 -8.20 17.90 -28.28
C TYR AA 267 -8.94 19.14 -27.80
N ASP AA 268 -9.43 19.95 -28.76
CA ASP AA 268 -10.16 21.17 -28.42
C ASP AA 268 -11.45 20.88 -27.67
N SER AA 269 -12.20 19.86 -28.10
CA SER AA 269 -13.49 19.58 -27.48
C SER AA 269 -13.33 19.05 -26.05
N ILE AA 270 -12.33 18.20 -25.82
CA ILE AA 270 -12.10 17.68 -24.47
C ILE AA 270 -11.65 18.78 -23.51
N THR AA 271 -10.73 19.66 -23.95
CA THR AA 271 -10.27 20.72 -23.06
C THR AA 271 -11.36 21.76 -22.79
N SER AA 272 -12.20 22.05 -23.78
CA SER AA 272 -13.29 23.01 -23.58
C SER AA 272 -14.36 22.46 -22.64
N SER AA 273 -14.65 21.15 -22.73
CA SER AA 273 -15.63 20.58 -21.82
C SER AA 273 -15.10 20.47 -20.40
N THR AA 274 -13.77 20.37 -20.23
CA THR AA 274 -13.21 20.48 -18.88
C THR AA 274 -13.35 21.90 -18.32
N MET AA 275 -13.09 22.91 -19.17
CA MET AA 275 -13.17 24.30 -18.70
C MET AA 275 -14.59 24.72 -18.35
N ASP AA 276 -15.60 24.19 -19.05
CA ASP AA 276 -16.99 24.50 -18.70
C ASP AA 276 -17.36 23.98 -17.31
N SER AA 277 -16.90 22.76 -16.99
CA SER AA 277 -17.13 22.20 -15.67
C SER AA 277 -16.38 22.96 -14.59
N PHE AA 278 -15.19 23.48 -14.89
CA PHE AA 278 -14.52 24.37 -13.93
C PHE AA 278 -15.28 25.68 -13.75
N SER AA 279 -15.98 26.14 -14.79
CA SER AA 279 -16.75 27.38 -14.65
C SER AA 279 -18.02 27.19 -13.84
N ASP AA 280 -18.66 26.02 -13.91
CA ASP AA 280 -19.99 25.87 -13.33
C ASP AA 280 -20.02 25.32 -11.91
N PHE AA 281 -19.05 24.51 -11.50
CA PHE AA 281 -19.17 23.67 -10.31
C PHE AA 281 -18.26 24.18 -9.21
N GLN AA 282 -18.86 24.61 -8.09
CA GLN AA 282 -18.12 24.95 -6.88
C GLN AA 282 -17.85 23.69 -6.07
N GLN AA 283 -16.62 23.52 -5.60
CA GLN AA 283 -16.15 22.22 -5.17
C GLN AA 283 -16.32 21.94 -3.68
N ILE AA 284 -16.61 22.94 -2.84
CA ILE AA 284 -16.89 22.68 -1.42
C ILE AA 284 -17.83 23.76 -0.91
N VAL AA 285 -18.89 23.34 -0.19
CA VAL AA 285 -19.88 24.24 0.39
C VAL AA 285 -20.33 23.73 1.76
N TYR AA 286 -20.88 24.66 2.55
CA TYR AA 286 -21.58 24.33 3.80
C TYR AA 286 -23.04 24.04 3.51
N VAL AA 287 -23.61 23.08 4.25
CA VAL AA 287 -25.03 22.75 4.17
C VAL AA 287 -25.66 22.95 5.54
N LEU AA 288 -26.65 23.83 5.62
CA LEU AA 288 -27.43 24.07 6.82
C LEU AA 288 -28.74 23.29 6.76
N LYS AA 289 -29.12 22.67 7.87
CA LYS AA 289 -30.32 21.87 7.98
C LYS AA 289 -31.24 22.48 9.02
N ASN AA 290 -32.44 22.87 8.58
CA ASN AA 290 -33.54 23.39 9.41
C ASN AA 290 -33.17 24.72 10.08
N TYR AA 291 -32.46 25.59 9.36
CA TYR AA 291 -32.25 26.98 9.75
C TYR AA 291 -32.56 27.86 8.55
N ASP AA 292 -33.84 28.16 8.34
CA ASP AA 292 -34.26 28.82 7.12
C ASP AA 292 -34.31 30.34 7.23
N GLY AA 293 -34.25 30.88 8.43
CA GLY AA 293 -34.19 32.31 8.63
C GLY AA 293 -32.80 32.90 8.74
N GLU AA 294 -31.75 32.09 8.58
CA GLU AA 294 -30.39 32.53 8.83
C GLU AA 294 -29.80 33.30 7.64
N ASN AA 295 -29.15 34.41 7.93
CA ASN AA 295 -28.40 35.18 6.93
C ASN AA 295 -27.08 34.48 6.62
N PRO AA 296 -26.80 34.13 5.36
CA PRO AA 296 -25.55 33.39 5.05
C PRO AA 296 -24.26 34.18 5.25
N LYS AA 297 -24.27 35.47 4.91
CA LYS AA 297 -23.08 36.32 5.05
C LYS AA 297 -22.64 36.45 6.50
N GLU AA 298 -23.59 36.75 7.39
CA GLU AA 298 -23.31 36.82 8.81
C GLU AA 298 -22.89 35.47 9.38
N PHE AA 299 -23.46 34.39 8.82
CA PHE AA 299 -23.10 33.03 9.26
C PHE AA 299 -21.64 32.71 8.96
N THR AA 300 -21.18 32.98 7.73
CA THR AA 300 -19.79 32.69 7.39
C THR AA 300 -18.82 33.62 8.12
N ALA AA 301 -19.19 34.89 8.32
CA ALA AA 301 -18.34 35.81 9.07
C ALA AA 301 -18.21 35.39 10.53
N ASN AA 302 -19.31 35.02 11.18
CA ASN AA 302 -19.27 34.58 12.57
C ASN AA 302 -18.54 33.26 12.72
N LEU AA 303 -18.66 32.38 11.72
CA LEU AA 303 -17.95 31.11 11.72
C LEU AA 303 -16.44 31.32 11.64
N ARG AA 304 -16.00 32.26 10.79
CA ARG AA 304 -14.57 32.53 10.71
C ARG AA 304 -14.06 33.26 11.94
N TYR AA 305 -14.90 34.10 12.57
CA TYR AA 305 -14.47 34.83 13.75
C TYR AA 305 -14.34 33.90 14.97
N HIS AA 306 -15.41 33.20 15.32
CA HIS AA 306 -15.47 32.49 16.60
C HIS AA 306 -14.83 31.11 16.55
N SER AA 307 -14.85 30.46 15.39
CA SER AA 307 -14.49 29.05 15.16
C SER AA 307 -15.40 28.09 15.93
N VAL AA 308 -16.63 28.50 16.25
CA VAL AA 308 -17.61 27.68 16.96
C VAL AA 308 -18.95 27.82 16.23
N ILE AA 309 -19.63 26.69 15.99
CA ILE AA 309 -20.99 26.66 15.46
C ILE AA 309 -21.90 26.02 16.50
N LYS AA 310 -23.05 26.64 16.76
CA LYS AA 310 -24.03 26.15 17.71
C LYS AA 310 -25.29 25.67 17.02
N VAL AA 311 -25.69 24.41 17.29
CA VAL AA 311 -26.92 23.83 16.77
C VAL AA 311 -27.70 23.21 17.93
N SER AA 312 -28.99 22.99 17.70
CA SER AA 312 -29.84 22.32 18.69
C SER AA 312 -31.06 21.73 17.98
N GLY AA 313 -31.66 20.73 18.63
CA GLY AA 313 -32.86 20.09 18.13
C GLY AA 313 -32.67 19.29 16.87
N ASP AA 314 -33.40 19.65 15.81
CA ASP AA 314 -33.25 19.02 14.51
C ASP AA 314 -32.36 19.83 13.57
N GLY AA 315 -31.76 20.91 14.04
CA GLY AA 315 -30.86 21.66 13.20
C GLY AA 315 -29.52 20.96 13.05
N GLY AA 316 -28.88 21.17 11.90
CA GLY AA 316 -27.60 20.56 11.67
C GLY AA 316 -26.75 21.33 10.69
N VAL AA 317 -25.49 20.95 10.60
CA VAL AA 317 -24.57 21.54 9.64
C VAL AA 317 -23.65 20.43 9.12
N ASP AA 318 -23.34 20.50 7.82
CA ASP AA 318 -22.47 19.51 7.19
C ASP AA 318 -21.71 20.21 6.05
N THR AA 319 -20.90 19.44 5.34
CA THR AA 319 -20.22 19.94 4.15
C THR AA 319 -20.54 19.06 2.95
N LEU AA 320 -20.55 19.68 1.78
CA LEU AA 320 -20.65 18.98 0.51
C LEU AA 320 -19.38 19.25 -0.28
N ARG AA 321 -18.62 18.19 -0.55
CA ARG AA 321 -17.24 18.28 -1.06
C ARG AA 321 -17.08 17.30 -2.22
N ALA AA 322 -17.19 17.80 -3.44
CA ALA AA 322 -17.13 16.97 -4.64
C ALA AA 322 -16.05 17.48 -5.58
N GLU AA 323 -15.12 16.58 -5.96
CA GLU AA 323 -13.98 16.91 -6.79
C GLU AA 323 -14.34 16.86 -8.26
N ILE AA 324 -13.83 17.81 -9.03
CA ILE AA 324 -13.99 17.73 -10.49
C ILE AA 324 -13.06 16.65 -11.02
N PRO AA 325 -13.55 15.66 -11.78
CA PRO AA 325 -12.69 14.58 -12.28
C PRO AA 325 -11.96 14.98 -13.55
N VAL AA 326 -10.64 14.75 -13.57
CA VAL AA 326 -9.78 15.17 -14.68
C VAL AA 326 -8.87 14.08 -15.19
N ASP AA 327 -8.93 12.86 -14.63
CA ASP AA 327 -7.92 11.85 -14.92
C ASP AA 327 -8.14 11.16 -16.26
N SER AA 328 -9.41 10.89 -16.61
CA SER AA 328 -9.71 10.25 -17.88
C SER AA 328 -9.37 11.15 -19.06
N ALA AA 329 -9.63 12.45 -18.91
CA ALA AA 329 -9.27 13.42 -19.93
C ALA AA 329 -7.76 13.52 -20.10
N ALA AA 330 -7.01 13.45 -19.00
CA ALA AA 330 -5.55 13.53 -19.07
C ALA AA 330 -4.96 12.32 -19.77
N LYS AA 331 -5.47 11.13 -19.44
CA LYS AA 331 -5.04 9.90 -20.11
C LYS AA 331 -5.40 9.91 -21.60
N GLU AA 332 -6.51 10.55 -21.97
CA GLU AA 332 -6.86 10.65 -23.39
C GLU AA 332 -5.97 11.64 -24.12
N LEU AA 333 -5.68 12.80 -23.50
CA LEU AA 333 -4.93 13.85 -24.16
C LEU AA 333 -3.46 13.48 -24.34
N GLU AA 334 -2.90 12.66 -23.44
CA GLU AA 334 -1.54 12.17 -23.65
C GLU AA 334 -1.42 11.34 -24.93
N ARG AA 335 -2.37 10.44 -25.17
CA ARG AA 335 -2.33 9.61 -26.38
C ARG AA 335 -2.62 10.43 -27.63
N ILE AA 336 -3.51 11.43 -27.53
CA ILE AA 336 -3.78 12.29 -28.69
C ILE AA 336 -2.55 13.13 -29.05
N GLN AA 337 -1.85 13.66 -28.05
CA GLN AA 337 -0.63 14.42 -28.31
C GLN AA 337 0.48 13.53 -28.87
N ASP AA 338 0.56 12.27 -28.44
CA ASP AA 338 1.52 11.34 -29.05
C ASP AA 338 1.18 11.04 -30.50
N GLU AA 339 -0.10 10.89 -30.83
CA GLU AA 339 -0.49 10.57 -32.20
C GLU AA 339 -0.36 11.76 -33.14
N LEU AA 340 -0.46 12.98 -32.61
CA LEU AA 340 -0.42 14.18 -33.44
C LEU AA 340 0.95 14.39 -34.08
N TYR AA 341 2.03 14.15 -33.32
CA TYR AA 341 3.38 14.30 -33.85
C TYR AA 341 3.69 13.25 -34.91
N LYS AA 342 3.13 12.05 -34.78
CA LYS AA 342 3.34 11.02 -35.77
C LYS AA 342 2.54 11.27 -37.03
N SER AA 343 1.30 11.77 -36.90
CA SER AA 343 0.47 12.03 -38.06
C SER AA 343 0.90 13.29 -38.80
N ALA AA 344 1.53 14.24 -38.12
CA ALA AA 344 1.99 15.45 -38.78
C ALA AA 344 3.41 15.33 -39.33
N GLN AA 345 4.15 14.30 -38.92
CA GLN AA 345 5.59 14.11 -39.21
C GLN AA 345 6.40 15.33 -38.75
N ALA AA 346 6.28 15.64 -37.48
CA ALA AA 346 6.90 16.79 -36.85
C ALA AA 346 7.94 16.34 -35.83
N VAL AA 347 8.63 17.33 -35.25
CA VAL AA 347 9.68 17.09 -34.25
C VAL AA 347 9.21 17.70 -32.94
N ASP AA 348 9.32 16.93 -31.85
CA ASP AA 348 9.13 17.44 -30.50
C ASP AA 348 10.51 17.66 -29.87
N ASN AA 349 10.80 18.89 -29.48
CA ASN AA 349 12.08 19.24 -28.86
C ASN AA 349 11.91 19.25 -27.34
N SER AA 350 11.81 18.07 -26.78
CA SER AA 350 11.69 17.91 -25.34
C SER AA 350 13.02 17.46 -24.75
N PRO AA 351 13.34 17.89 -23.52
CA PRO AA 351 14.64 17.52 -22.93
C PRO AA 351 14.86 16.03 -22.72
N GLU AA 352 13.80 15.23 -22.62
CA GLU AA 352 13.96 13.78 -22.47
C GLU AA 352 14.59 13.16 -23.72
N THR AA 353 14.19 13.63 -24.90
CA THR AA 353 14.66 13.04 -26.16
C THR AA 353 16.15 13.28 -26.38
N ILE AA 354 16.62 14.50 -26.10
CA ILE AA 354 18.05 14.79 -26.17
C ILE AA 354 18.76 14.22 -24.95
N GLY AA 355 18.03 14.02 -23.85
CA GLY AA 355 18.62 13.41 -22.68
C GLY AA 355 18.93 11.94 -22.87
N GLY AA 356 18.20 11.27 -23.76
CA GLY AA 356 18.57 9.91 -24.15
C GLY AA 356 19.93 9.84 -24.80
N GLY AA 357 20.27 10.83 -25.62
CA GLY AA 357 21.59 10.93 -26.20
C GLY AA 357 21.73 12.21 -27.00
N ALA AA 358 22.96 12.72 -27.04
CA ALA AA 358 23.28 13.92 -27.80
C ALA AA 358 24.31 13.67 -28.90
N THR AA 359 24.47 12.42 -29.30
CA THR AA 359 25.34 12.07 -30.40
C THR AA 359 24.64 12.29 -31.75
N GLY AA 360 25.39 12.04 -32.83
CA GLY AA 360 24.88 12.15 -34.18
C GLY AA 360 23.70 11.28 -34.54
N PRO AA 361 23.76 9.95 -34.33
CA PRO AA 361 22.59 9.11 -34.64
C PRO AA 361 21.35 9.44 -33.82
N ALA AA 362 21.50 9.87 -32.58
CA ALA AA 362 20.34 10.27 -31.78
C ALA AA 362 19.70 11.54 -32.34
N LEU AA 363 20.52 12.49 -32.78
CA LEU AA 363 20.01 13.73 -33.36
C LEU AA 363 19.30 13.47 -34.68
N GLU AA 364 19.84 12.60 -35.52
CA GLU AA 364 19.14 12.37 -36.77
C GLU AA 364 18.00 11.38 -36.68
N ASN AA 365 17.94 10.54 -35.64
CA ASN AA 365 16.73 9.75 -35.48
C ASN AA 365 15.62 10.56 -34.83
N LEU AA 366 15.99 11.65 -34.12
CA LEU AA 366 14.98 12.59 -33.66
C LEU AA 366 14.28 13.32 -34.81
N TYR AA 367 14.96 13.51 -35.94
CA TYR AA 367 14.47 14.33 -37.04
C TYR AA 367 13.96 13.52 -38.22
N ALA AA 368 13.70 12.23 -38.05
CA ALA AA 368 13.53 11.33 -39.19
C ALA AA 368 12.23 11.57 -39.95
N LEU AA 369 11.13 11.87 -39.25
CA LEU AA 369 9.85 12.08 -39.92
C LEU AA 369 9.81 13.44 -40.63
N LEU AA 370 10.42 14.46 -40.04
CA LEU AA 370 10.52 15.75 -40.71
C LEU AA 370 11.43 15.68 -41.93
N ASP AA 371 12.49 14.87 -41.87
CA ASP AA 371 13.32 14.60 -43.04
C ASP AA 371 12.52 13.90 -44.13
N LEU AA 372 11.67 12.95 -43.73
CA LEU AA 372 10.77 12.25 -44.64
C LEU AA 372 9.85 13.22 -45.38
N LYS AA 373 9.27 14.17 -44.65
CA LYS AA 373 8.36 15.14 -45.26
C LYS AA 373 9.12 16.16 -46.14
N ALA AA 374 10.29 16.61 -45.69
CA ALA AA 374 11.03 17.66 -46.39
C ALA AA 374 11.62 17.15 -47.70
N ASN AA 375 12.05 15.87 -47.74
CA ASN AA 375 12.57 15.30 -48.97
C ASN AA 375 11.50 15.21 -50.05
N MET AA 376 10.24 14.97 -49.66
CA MET AA 376 9.17 14.95 -50.64
C MET AA 376 8.79 16.35 -51.09
N ALA AA 377 8.84 17.34 -50.19
CA ALA AA 377 8.44 18.70 -50.58
C ALA AA 377 9.47 19.38 -51.47
N GLU AA 378 10.76 19.04 -51.31
CA GLU AA 378 11.82 19.69 -52.08
C GLU AA 378 11.70 19.42 -53.58
N ARG AA 379 11.21 18.24 -53.97
CA ARG AA 379 11.03 17.91 -55.38
C ARG AA 379 9.97 18.78 -56.05
N LYS AA 380 8.89 19.08 -55.32
CA LYS AA 380 7.83 19.93 -55.84
C LYS AA 380 8.31 21.38 -55.96
N ILE AA 381 9.09 21.83 -54.98
CA ILE AA 381 9.64 23.20 -55.06
C ILE AA 381 10.63 23.32 -56.23
N ARG AA 382 11.43 22.28 -56.48
CA ARG AA 382 12.33 22.28 -57.62
C ARG AA 382 11.57 22.29 -58.94
N ALA AA 383 10.46 21.54 -59.01
CA ALA AA 383 9.63 21.54 -60.21
C ALA AA 383 9.02 22.91 -60.50
N GLY AA 384 8.68 23.68 -59.46
CA GLY AA 384 8.24 25.04 -59.68
C GLY AA 384 9.35 25.99 -60.12
N LEU AA 385 10.54 25.85 -59.53
CA LEU AA 385 11.63 26.75 -59.83
C LEU AA 385 12.20 26.54 -61.24
N ARG AA 386 12.12 25.31 -61.76
CA ARG AA 386 12.59 25.05 -63.12
C ARG AA 386 11.72 25.78 -64.16
N LEU AA 387 10.41 25.83 -63.93
CA LEU AA 387 9.52 26.58 -64.81
C LEU AA 387 9.74 28.08 -64.69
N PHE AA 388 10.03 28.55 -63.46
CA PHE AA 388 10.37 29.97 -63.26
C PHE AA 388 11.61 30.37 -64.07
N PHE AA 389 12.64 29.53 -64.07
CA PHE AA 389 13.84 29.91 -64.81
C PHE AA 389 13.73 29.67 -66.31
N TRP AA 390 12.81 28.79 -66.75
CA TRP AA 390 12.46 28.76 -68.17
C TRP AA 390 11.85 30.08 -68.63
N PHE AA 391 10.93 30.64 -67.83
CA PHE AA 391 10.35 31.94 -68.19
C PHE AA 391 11.40 33.05 -68.17
N PHE AA 392 12.34 32.99 -67.23
CA PHE AA 392 13.42 33.98 -67.18
C PHE AA 392 14.33 33.88 -68.41
N ALA AA 393 14.62 32.66 -68.88
CA ALA AA 393 15.44 32.51 -70.08
C ALA AA 393 14.71 32.97 -71.33
N GLU AA 394 13.39 32.80 -71.38
CA GLU AA 394 12.60 33.37 -72.48
C GLU AA 394 12.71 34.89 -72.51
N TYR AA 395 12.62 35.52 -71.33
CA TYR AA 395 12.80 36.97 -71.24
C TYR AA 395 14.20 37.39 -71.68
N LEU AA 396 15.22 36.60 -71.34
CA LEU AA 396 16.58 36.99 -71.68
C LEU AA 396 16.87 36.84 -73.17
N ARG AA 397 16.30 35.82 -73.81
CA ARG AA 397 16.47 35.69 -75.26
C ARG AA 397 15.69 36.75 -76.01
N ASN AA 398 14.49 37.11 -75.55
CA ASN AA 398 13.65 38.02 -76.31
C ASN AA 398 14.01 39.49 -76.09
N THR AA 399 15.02 39.80 -75.27
CA THR AA 399 15.54 41.15 -75.15
C THR AA 399 16.98 41.25 -75.64
N GLY AA 400 17.49 40.24 -76.34
CA GLY AA 400 18.80 40.28 -76.91
C GLY AA 400 19.97 40.07 -75.97
N LYS AA 401 19.71 39.75 -74.69
CA LYS AA 401 20.79 39.63 -73.72
C LYS AA 401 21.47 38.27 -73.73
N GLY AA 402 21.03 37.32 -74.54
CA GLY AA 402 21.74 36.06 -74.67
C GLY AA 402 20.87 34.83 -74.76
N ASP AA 403 21.45 33.71 -75.17
CA ASP AA 403 20.74 32.46 -75.37
C ASP AA 403 21.25 31.47 -74.32
N PHE AA 404 20.35 31.00 -73.46
CA PHE AA 404 20.73 30.11 -72.37
C PHE AA 404 19.71 28.98 -72.26
N ASN AA 405 20.15 27.90 -71.61
CA ASN AA 405 19.32 26.72 -71.33
C ASN AA 405 19.50 26.39 -69.86
N PRO AA 406 18.64 26.90 -68.98
CA PRO AA 406 18.85 26.71 -67.53
C PRO AA 406 18.62 25.29 -67.04
N ASP AA 407 18.00 24.42 -67.83
CA ASP AA 407 17.81 23.03 -67.41
C ASP AA 407 19.15 22.32 -67.32
N LYS AA 408 20.00 22.49 -68.33
CA LYS AA 408 21.30 21.85 -68.34
C LYS AA 408 22.39 22.64 -67.64
N GLU AA 409 22.28 23.97 -67.58
CA GLU AA 409 23.40 24.80 -67.18
C GLU AA 409 23.35 25.27 -65.72
N LEU AA 410 22.19 25.26 -65.08
CA LEU AA 410 22.02 25.84 -63.76
C LEU AA 410 21.78 24.76 -62.71
N THR AA 411 22.37 24.95 -61.52
CA THR AA 411 22.27 23.99 -60.43
C THR AA 411 21.84 24.73 -59.18
N MET AA 412 20.77 24.27 -58.54
CA MET AA 412 20.26 24.84 -57.31
C MET AA 412 20.61 23.94 -56.12
N THR AA 413 20.84 24.56 -54.97
CA THR AA 413 21.21 23.84 -53.77
C THR AA 413 20.41 24.34 -52.58
N PHE AA 414 19.87 23.38 -51.82
CA PHE AA 414 19.06 23.62 -50.63
C PHE AA 414 19.87 23.26 -49.39
N THR AA 415 19.70 24.04 -48.32
CA THR AA 415 20.40 23.82 -47.06
C THR AA 415 19.39 23.59 -45.95
N ARG AA 416 19.47 22.44 -45.29
CA ARG AA 416 18.59 22.15 -44.17
C ARG AA 416 19.12 22.78 -42.89
N THR AA 417 18.23 23.43 -42.14
CA THR AA 417 18.58 24.04 -40.85
C THR AA 417 18.31 23.02 -39.76
N ARG AA 418 19.35 22.33 -39.30
CA ARG AA 418 19.19 21.27 -38.32
C ARG AA 418 20.29 21.33 -37.27
N ILE AA 419 20.10 20.55 -36.23
CA ILE AA 419 21.00 20.51 -35.08
C ILE AA 419 22.02 19.40 -35.29
N GLN AA 420 23.29 19.72 -35.16
CA GLN AA 420 24.35 18.72 -35.28
C GLN AA 420 25.40 18.90 -34.19
N ASN AA 421 26.21 17.87 -34.01
CA ASN AA 421 27.31 17.85 -33.04
C ASN AA 421 28.57 18.29 -33.77
N ASP AA 422 29.00 19.53 -33.52
CA ASP AA 422 30.07 20.14 -34.33
C ASP AA 422 31.44 19.57 -33.98
N SER AA 423 31.67 19.27 -32.70
CA SER AA 423 32.97 18.78 -32.26
C SER AA 423 33.26 17.38 -32.79
N GLU AA 424 32.24 16.53 -32.82
CA GLU AA 424 32.36 15.19 -33.37
C GLU AA 424 32.69 15.24 -34.85
N ILE AA 425 32.10 16.20 -35.57
CA ILE AA 425 32.36 16.36 -37.00
C ILE AA 425 33.78 16.84 -37.24
N VAL AA 426 34.25 17.83 -36.47
CA VAL AA 426 35.60 18.37 -36.67
C VAL AA 426 36.67 17.31 -36.34
N GLN AA 427 36.44 16.55 -35.26
CA GLN AA 427 37.34 15.47 -34.90
C GLN AA 427 37.39 14.38 -35.96
N SER AA 428 36.23 14.03 -36.53
CA SER AA 428 36.17 13.01 -37.58
C SER AA 428 36.85 13.48 -38.86
N LEU AA 429 36.70 14.76 -39.20
CA LEU AA 429 37.32 15.29 -40.42
C LEU AA 429 38.83 15.36 -40.30
N VAL AA 430 39.34 15.73 -39.13
CA VAL AA 430 40.79 15.78 -38.93
C VAL AA 430 41.38 14.38 -38.96
N GLN AA 431 40.66 13.40 -38.37
CA GLN AA 431 41.11 12.01 -38.41
C GLN AA 431 41.12 11.46 -39.84
N GLY AA 432 40.12 11.81 -40.65
CA GLY AA 432 40.08 11.37 -42.03
C GLY AA 432 41.12 12.01 -42.93
N VAL AA 433 41.45 13.28 -42.69
CA VAL AA 433 42.49 13.93 -43.48
C VAL AA 433 43.87 13.39 -43.11
N THR AA 434 44.12 13.15 -41.82
CA THR AA 434 45.39 12.57 -41.39
C THR AA 434 45.55 11.13 -41.87
N GLY AA 435 44.46 10.37 -41.92
CA GLY AA 435 44.52 9.00 -42.42
C GLY AA 435 44.75 8.88 -43.92
N GLY AA 436 44.49 9.93 -44.67
CA GLY AA 436 44.72 9.91 -46.10
C GLY AA 436 43.54 9.50 -46.96
N ILE AA 437 42.36 9.36 -46.40
CA ILE AA 437 41.19 8.91 -47.15
C ILE AA 437 40.30 10.08 -47.57
N MET AA 438 40.82 11.30 -47.50
CA MET AA 438 40.03 12.50 -47.73
C MET AA 438 40.96 13.64 -48.10
N SER AA 439 40.57 14.42 -49.10
CA SER AA 439 41.34 15.60 -49.46
C SER AA 439 41.01 16.75 -48.52
N LYS AA 440 41.93 17.72 -48.47
CA LYS AA 440 41.76 18.87 -47.59
C LYS AA 440 40.69 19.81 -48.12
N GLU AA 441 40.55 19.90 -49.44
CA GLU AA 441 39.56 20.79 -50.05
C GLU AA 441 38.14 20.33 -49.75
N THR AA 442 37.91 19.02 -49.72
CA THR AA 442 36.60 18.50 -49.34
C THR AA 442 36.32 18.74 -47.86
N ALA AA 443 37.35 18.63 -47.01
CA ALA AA 443 37.14 18.78 -45.59
C ALA AA 443 36.93 20.22 -45.17
N VAL AA 444 37.47 21.19 -45.93
CA VAL AA 444 37.20 22.60 -45.66
C VAL AA 444 35.73 22.92 -45.91
N ALA AA 445 35.14 22.31 -46.94
CA ALA AA 445 33.73 22.56 -47.25
C ALA AA 445 32.79 21.93 -46.22
N ARG AA 446 33.16 20.79 -45.64
CA ARG AA 446 32.31 20.15 -44.64
C ARG AA 446 32.52 20.71 -43.23
N ASN AA 447 33.40 21.67 -43.06
CA ASN AA 447 33.66 22.26 -41.75
C ASN AA 447 32.45 23.07 -41.29
N PRO AA 448 31.90 22.81 -40.10
CA PRO AA 448 30.76 23.60 -39.63
C PRO AA 448 31.09 25.04 -39.24
N PHE AA 449 32.37 25.40 -39.08
CA PHE AA 449 32.74 26.76 -38.77
C PHE AA 449 33.06 27.60 -40.00
N VAL AA 450 33.15 26.99 -41.17
CA VAL AA 450 33.49 27.69 -42.41
C VAL AA 450 32.20 27.93 -43.19
N GLN AA 451 31.97 29.18 -43.59
CA GLN AA 451 30.79 29.53 -44.36
C GLN AA 451 31.09 29.92 -45.80
N ASP AA 452 32.36 30.10 -46.17
CA ASP AA 452 32.75 30.44 -47.54
C ASP AA 452 33.97 29.64 -47.92
N PRO AA 453 33.79 28.47 -48.52
CA PRO AA 453 34.94 27.56 -48.77
C PRO AA 453 35.88 28.03 -49.87
N GLU AA 454 35.41 28.86 -50.78
CA GLU AA 454 36.27 29.38 -51.84
C GLU AA 454 37.31 30.33 -51.25
N GLU AA 455 36.86 31.24 -50.39
CA GLU AA 455 37.73 32.23 -49.75
C GLU AA 455 38.66 31.59 -48.73
N GLU AA 456 38.20 30.54 -48.05
CA GLU AA 456 38.95 29.94 -46.94
C GLU AA 456 40.20 29.25 -47.43
N LEU AA 457 40.15 28.60 -48.60
CA LEU AA 457 41.31 27.89 -49.12
C LEU AA 457 42.42 28.84 -49.54
N ALA AA 458 42.04 29.94 -50.20
CA ALA AA 458 43.00 30.96 -50.55
C ALA AA 458 43.59 31.62 -49.31
N ARG AA 459 42.74 31.87 -48.31
CA ARG AA 459 43.19 32.46 -47.05
C ARG AA 459 44.15 31.53 -46.29
N ILE AA 460 43.99 30.22 -46.43
CA ILE AA 460 44.96 29.29 -45.86
C ILE AA 460 46.28 29.36 -46.62
N GLU AA 461 46.20 29.44 -47.96
CA GLU AA 461 47.40 29.43 -48.79
C GLU AA 461 48.27 30.67 -48.58
N GLU AA 462 47.64 31.83 -48.35
CA GLU AA 462 48.40 33.04 -48.03
C GLU AA 462 49.14 32.92 -46.70
N GLU AA 463 48.50 32.31 -45.70
CA GLU AA 463 49.15 32.12 -44.41
C GLU AA 463 50.31 31.15 -44.51
N MET AA 464 50.20 30.15 -45.40
CA MET AA 464 51.33 29.25 -45.63
C MET AA 464 52.49 29.96 -46.33
N ASN AA 465 52.16 30.83 -47.31
CA ASN AA 465 53.17 31.64 -47.98
C ASN AA 465 53.90 32.55 -46.99
N GLN AA 466 53.18 33.16 -46.05
CA GLN AA 466 53.83 34.04 -45.08
C GLN AA 466 54.60 33.26 -44.03
N TYR AA 467 54.12 32.06 -43.64
CA TYR AA 467 54.87 31.24 -42.70
C TYR AA 467 56.15 30.69 -43.32
N ALA AA 468 56.23 30.65 -44.66
CA ALA AA 468 57.46 30.19 -45.31
C ALA AA 468 58.65 31.09 -45.01
N GLU AA 469 58.47 32.43 -45.01
CA GLU AA 469 59.61 33.32 -44.79
C GLU AA 469 60.07 33.37 -43.33
N MET AA 470 59.23 32.98 -42.39
CA MET AA 470 59.60 33.09 -40.98
C MET AA 470 60.40 31.86 -40.52
N MET BA 1 -41.00 32.39 41.84
CA MET BA 1 -42.28 32.36 41.14
C MET BA 1 -43.44 32.50 42.12
N ASP BA 2 -44.40 33.32 41.73
CA ASP BA 2 -45.58 33.56 42.55
C ASP BA 2 -46.51 32.36 42.53
N ILE BA 3 -47.07 32.03 43.70
CA ILE BA 3 -47.91 30.84 43.84
C ILE BA 3 -49.27 31.04 43.16
N GLN BA 4 -49.82 32.26 43.26
CA GLN BA 4 -51.10 32.54 42.62
C GLN BA 4 -51.00 32.56 41.10
N ARG BA 5 -49.84 32.93 40.57
CA ARG BA 5 -49.61 32.85 39.13
C ARG BA 5 -49.59 31.40 38.64
N VAL BA 6 -48.98 30.50 39.42
CA VAL BA 6 -48.98 29.07 39.09
C VAL BA 6 -50.39 28.50 39.18
N LYS BA 7 -51.15 28.93 40.18
CA LYS BA 7 -52.55 28.49 40.31
C LYS BA 7 -53.41 28.98 39.14
N ARG BA 8 -53.13 30.18 38.63
CA ARG BA 8 -53.83 30.62 37.42
C ARG BA 8 -53.38 29.83 36.20
N LEU BA 9 -52.11 29.43 36.14
CA LEU BA 9 -51.63 28.65 35.00
C LEU BA 9 -52.11 27.20 35.02
N LEU BA 10 -52.51 26.67 36.17
CA LEU BA 10 -52.97 25.29 36.26
C LEU BA 10 -54.47 25.15 36.45
N SER BA 11 -55.22 26.26 36.44
CA SER BA 11 -56.68 26.30 36.62
C SER BA 11 -57.12 25.70 37.96
N ILE BA 12 -56.46 26.12 39.03
CA ILE BA 12 -56.82 25.74 40.39
C ILE BA 12 -57.52 26.94 41.05
N THR BA 13 -58.69 26.69 41.65
CA THR BA 13 -59.45 27.75 42.29
C THR BA 13 -59.52 27.66 43.80
N ASN BA 14 -59.48 26.47 44.39
CA ASN BA 14 -59.53 26.36 45.84
C ASN BA 14 -58.12 26.43 46.42
N ASP BA 15 -57.99 26.15 47.71
CA ASP BA 15 -56.72 26.23 48.42
C ASP BA 15 -56.26 24.87 48.93
N LYS BA 16 -56.68 23.80 48.27
CA LYS BA 16 -56.30 22.46 48.69
C LYS BA 16 -54.85 22.13 48.40
N HIS BA 17 -54.20 22.82 47.47
CA HIS BA 17 -52.83 22.52 47.07
C HIS BA 17 -51.81 23.55 47.53
N ASP BA 18 -52.18 24.47 48.43
CA ASP BA 18 -51.32 25.63 48.69
C ASP BA 18 -50.09 25.25 49.50
N GLU BA 19 -50.25 24.36 50.47
CA GLU BA 19 -49.14 23.88 51.29
C GLU BA 19 -48.14 23.08 50.46
N TYR BA 20 -48.61 22.38 49.43
CA TYR BA 20 -47.70 21.65 48.55
C TYR BA 20 -46.96 22.59 47.61
N LEU BA 21 -47.67 23.58 47.04
CA LEU BA 21 -47.07 24.45 46.03
C LEU BA 21 -46.04 25.39 46.66
N THR BA 22 -46.32 25.86 47.88
CA THR BA 22 -45.39 26.72 48.62
C THR BA 22 -44.06 26.02 48.90
N GLU BA 23 -44.08 24.69 49.03
CA GLU BA 23 -42.84 23.94 49.19
C GLU BA 23 -42.20 23.61 47.84
N MET BA 24 -42.99 23.21 46.85
CA MET BA 24 -42.44 22.59 45.65
C MET BA 24 -41.91 23.59 44.64
N VAL BA 25 -42.53 24.76 44.49
CA VAL BA 25 -42.16 25.72 43.44
C VAL BA 25 -40.75 26.32 43.59
N PRO BA 26 -40.27 26.79 44.78
CA PRO BA 26 -38.88 27.26 44.87
C PRO BA 26 -37.82 26.19 44.61
N LEU BA 27 -38.11 24.94 44.99
CA LEU BA 27 -37.19 23.84 44.72
C LEU BA 27 -37.04 23.60 43.23
N LEU BA 28 -38.14 23.73 42.48
CA LEU BA 28 -38.07 23.55 41.03
C LEU BA 28 -37.37 24.72 40.35
N VAL BA 29 -37.50 25.94 40.89
CA VAL BA 29 -36.75 27.09 40.36
C VAL BA 29 -35.25 26.88 40.54
N GLU BA 30 -34.83 26.48 41.74
CA GLU BA 30 -33.40 26.22 41.98
C GLU BA 30 -32.90 25.02 41.20
N PHE BA 31 -33.75 24.04 40.92
CA PHE BA 31 -33.30 22.93 40.12
C PHE BA 31 -33.15 23.36 38.65
N ALA BA 32 -34.01 24.23 38.13
CA ALA BA 32 -33.80 24.72 36.77
C ALA BA 32 -32.50 25.52 36.67
N LYS BA 33 -32.17 26.29 37.71
CA LYS BA 33 -30.90 27.02 37.74
C LYS BA 33 -29.71 26.08 37.76
N ASP BA 34 -29.79 24.99 38.53
CA ASP BA 34 -28.66 24.04 38.56
C ASP BA 34 -28.58 23.18 37.31
N GLU BA 35 -29.71 22.86 36.69
CA GLU BA 35 -29.72 22.01 35.51
C GLU BA 35 -29.26 22.75 34.27
N CYS BA 36 -29.57 24.05 34.14
CA CYS BA 36 -29.11 24.81 32.99
C CYS BA 36 -27.73 25.43 33.19
N HIS BA 37 -27.18 25.37 34.41
CA HIS BA 37 -25.96 26.08 34.82
C HIS BA 37 -26.05 27.58 34.53
N ASN BA 38 -27.18 28.16 34.87
CA ASN BA 38 -27.56 29.52 34.49
C ASN BA 38 -28.25 30.21 35.67
N PRO BA 39 -27.68 31.29 36.21
CA PRO BA 39 -28.34 31.98 37.33
C PRO BA 39 -29.51 32.87 36.94
N PHE BA 40 -29.74 33.12 35.65
CA PHE BA 40 -30.83 33.94 35.10
C PHE BA 40 -30.79 35.37 35.64
N ILE BA 41 -29.67 36.05 35.40
CA ILE BA 41 -29.41 37.38 35.92
C ILE BA 41 -29.14 38.31 34.75
N ASP BA 42 -29.88 39.42 34.70
CA ASP BA 42 -29.80 40.32 33.55
C ASP BA 42 -28.61 41.28 33.67
N LYS BA 43 -28.66 42.33 32.85
CA LYS BA 43 -27.64 43.38 32.81
C LYS BA 43 -27.39 44.02 34.17
N ASP BA 44 -28.47 44.39 34.86
CA ASP BA 44 -28.39 45.16 36.09
C ASP BA 44 -28.26 44.29 37.33
N GLY BA 45 -27.86 43.04 37.20
CA GLY BA 45 -27.64 42.20 38.36
C GLY BA 45 -28.90 41.60 38.95
N ASN BA 46 -30.03 41.77 38.30
CA ASN BA 46 -31.32 41.36 38.84
C ASN BA 46 -31.75 40.02 38.26
N GLU BA 47 -32.38 39.20 39.10
CA GLU BA 47 -32.87 37.91 38.67
C GLU BA 47 -34.06 38.08 37.75
N SER BA 48 -34.00 37.46 36.58
CA SER BA 48 -35.02 37.61 35.54
C SER BA 48 -35.30 36.23 34.95
N ILE BA 49 -36.33 35.57 35.46
CA ILE BA 49 -36.63 34.19 35.06
C ILE BA 49 -37.33 34.22 33.69
N PRO BA 50 -36.83 33.47 32.70
CA PRO BA 50 -37.47 33.46 31.38
C PRO BA 50 -38.77 32.67 31.39
N SER BA 51 -39.50 32.79 30.28
CA SER BA 51 -40.88 32.29 30.20
C SER BA 51 -40.93 30.76 30.15
N GLY BA 52 -39.92 30.14 29.54
CA GLY BA 52 -39.92 28.70 29.40
C GLY BA 52 -39.63 27.99 30.70
N VAL BA 53 -38.82 28.61 31.56
CA VAL BA 53 -38.60 28.10 32.91
C VAL BA 53 -39.91 28.16 33.70
N LEU BA 54 -40.71 29.20 33.49
CA LEU BA 54 -41.99 29.32 34.19
C LEU BA 54 -42.98 28.24 33.74
N ILE BA 55 -43.04 27.97 32.43
CA ILE BA 55 -43.89 26.89 31.91
C ILE BA 55 -43.42 25.53 32.46
N PHE BA 56 -42.09 25.32 32.49
CA PHE BA 56 -41.54 24.06 33.01
C PHE BA 56 -41.85 23.87 34.49
N VAL BA 57 -41.74 24.93 35.29
CA VAL BA 57 -41.97 24.83 36.73
C VAL BA 57 -43.43 24.54 37.03
N ALA BA 58 -44.35 25.22 36.32
CA ALA BA 58 -45.77 24.95 36.52
C ALA BA 58 -46.17 23.53 36.11
N LYS BA 59 -45.67 23.06 34.96
CA LYS BA 59 -46.07 21.73 34.51
C LYS BA 59 -45.41 20.61 35.31
N ALA BA 60 -44.17 20.82 35.78
CA ALA BA 60 -43.53 19.81 36.62
C ALA BA 60 -44.16 19.74 38.00
N ALA BA 61 -44.59 20.90 38.54
CA ALA BA 61 -45.33 20.89 39.80
C ALA BA 61 -46.68 20.21 39.65
N GLN BA 62 -47.32 20.32 38.48
CA GLN BA 62 -48.55 19.57 38.27
C GLN BA 62 -48.28 18.08 38.13
N PHE BA 63 -47.18 17.70 37.48
CA PHE BA 63 -46.86 16.27 37.30
C PHE BA 63 -46.53 15.61 38.64
N TYR BA 64 -45.84 16.30 39.54
CA TYR BA 64 -45.40 15.67 40.78
C TYR BA 64 -46.49 15.58 41.84
N MET BA 65 -47.75 15.89 41.52
CA MET BA 65 -48.86 15.63 42.42
C MET BA 65 -49.30 14.17 42.42
N THR BA 66 -48.85 13.38 41.46
CA THR BA 66 -49.19 11.96 41.41
C THR BA 66 -48.38 11.17 42.44
N ASN BA 67 -48.74 9.90 42.58
CA ASN BA 67 -48.01 8.96 43.44
C ASN BA 67 -46.94 8.27 42.60
N ALA BA 68 -45.72 8.19 43.14
CA ALA BA 68 -44.57 7.76 42.34
C ALA BA 68 -44.58 6.27 42.04
N GLY BA 69 -45.18 5.46 42.90
CA GLY BA 69 -45.15 4.03 42.69
C GLY BA 69 -46.42 3.43 42.12
N LEU BA 70 -47.17 4.20 41.33
CA LEU BA 70 -48.48 3.78 40.84
C LEU BA 70 -48.64 4.17 39.38
N THR BA 71 -49.03 3.20 38.55
CA THR BA 71 -49.33 3.48 37.15
C THR BA 71 -50.81 3.43 36.81
N GLY BA 72 -51.63 2.76 37.61
CA GLY BA 72 -53.05 2.67 37.34
C GLY BA 72 -53.82 2.40 38.61
N ARG BA 73 -55.07 2.86 38.64
CA ARG BA 73 -55.90 2.69 39.83
C ARG BA 73 -57.36 2.59 39.42
N SER BA 74 -58.12 1.75 40.13
CA SER BA 74 -59.55 1.57 39.86
C SER BA 74 -60.32 1.52 41.18
N MET BA 75 -61.49 2.16 41.18
CA MET BA 75 -62.36 2.28 42.36
C MET BA 75 -63.76 2.41 41.81
N ASP BA 76 -64.45 1.29 41.97
CA ASP BA 76 -65.80 0.96 41.52
C ASP BA 76 -66.03 1.40 40.09
N THR BA 77 -66.53 2.60 39.91
CA THR BA 77 -66.85 3.10 38.57
C THR BA 77 -65.83 4.07 38.00
N VAL BA 78 -64.96 4.61 38.83
CA VAL BA 78 -63.90 5.54 38.46
C VAL BA 78 -62.59 4.78 38.23
N SER BA 79 -61.79 5.24 37.27
CA SER BA 79 -60.46 4.67 37.07
C SER BA 79 -59.52 5.75 36.54
N TYR BA 80 -58.22 5.54 36.79
CA TYR BA 80 -57.17 6.46 36.38
C TYR BA 80 -55.97 5.70 35.83
N ASN BA 81 -55.37 6.26 34.78
CA ASN BA 81 -54.10 5.81 34.24
C ASN BA 81 -53.10 6.96 34.30
N PHE BA 82 -51.93 6.71 34.86
CA PHE BA 82 -50.97 7.75 35.16
C PHE BA 82 -49.76 7.70 34.23
N ALA BA 83 -49.15 8.86 34.03
CA ALA BA 83 -47.92 8.95 33.28
C ALA BA 83 -46.73 8.59 34.16
N THR BA 84 -45.78 7.85 33.59
CA THR BA 84 -44.64 7.38 34.36
C THR BA 84 -43.46 8.34 34.33
N GLU BA 85 -43.23 9.02 33.20
CA GLU BA 85 -42.15 9.97 33.05
C GLU BA 85 -42.71 11.35 32.73
N ILE BA 86 -41.93 12.37 33.05
CA ILE BA 86 -42.20 13.71 32.52
C ILE BA 86 -42.04 13.68 31.01
N PRO BA 87 -42.99 14.19 30.23
CA PRO BA 87 -42.87 14.14 28.77
C PRO BA 87 -41.73 15.00 28.25
N SER BA 88 -41.22 14.61 27.08
CA SER BA 88 -40.06 15.27 26.51
C SER BA 88 -40.35 16.71 26.08
N THR BA 89 -41.61 17.02 25.75
CA THR BA 89 -41.95 18.37 25.34
C THR BA 89 -41.95 19.35 26.51
N ILE BA 90 -42.12 18.87 27.74
CA ILE BA 90 -41.98 19.74 28.91
C ILE BA 90 -40.49 19.90 29.27
N LEU BA 91 -39.72 18.82 29.16
CA LEU BA 91 -38.28 18.89 29.45
C LEU BA 91 -37.53 19.73 28.43
N LYS BA 92 -38.03 19.82 27.21
CA LYS BA 92 -37.39 20.61 26.17
C LYS BA 92 -37.66 22.11 26.28
N LYS BA 93 -38.41 22.56 27.29
CA LYS BA 93 -38.54 23.99 27.52
C LYS BA 93 -37.27 24.61 28.06
N LEU BA 94 -36.43 23.84 28.75
CA LEU BA 94 -35.19 24.36 29.29
C LEU BA 94 -34.06 24.42 28.27
N ASN BA 95 -34.29 23.92 27.06
CA ASN BA 95 -33.22 23.83 26.07
C ASN BA 95 -32.61 25.15 25.57
N PRO BA 96 -33.35 26.24 25.31
CA PRO BA 96 -32.66 27.46 24.81
C PRO BA 96 -31.79 28.20 25.82
N TYR BA 97 -31.66 27.74 27.07
CA TYR BA 97 -30.88 28.47 28.07
C TYR BA 97 -29.75 27.64 28.66
N ARG BA 98 -29.33 26.56 28.01
CA ARG BA 98 -28.38 25.64 28.59
C ARG BA 98 -26.95 26.14 28.39
N LYS BA 99 -26.19 26.20 29.47
CA LYS BA 99 -24.77 26.50 29.46
C LYS BA 99 -24.01 25.27 29.95
N MET BA 100 -22.68 25.33 29.82
CA MET BA 100 -21.82 24.24 30.26
C MET BA 100 -21.31 24.51 31.66
N ALA BA 101 -21.06 23.43 32.40
CA ALA BA 101 -20.55 23.55 33.76
C ALA BA 101 -19.08 23.99 33.75
N ARG BA 102 -18.74 24.87 34.67
CA ARG BA 102 -17.37 25.35 34.77
C ARG BA 102 -16.70 24.85 36.05
N MET CA 1 -50.45 38.58 21.30
CA MET CA 1 -51.58 37.97 20.63
C MET CA 1 -52.87 38.28 21.37
N ASP CA 2 -53.90 38.67 20.63
CA ASP CA 2 -55.19 39.00 21.21
C ASP CA 2 -55.90 37.74 21.68
N ILE CA 3 -56.50 37.84 22.88
CA ILE CA 3 -57.13 36.68 23.52
C ILE CA 3 -58.41 36.27 22.79
N GLN CA 4 -59.17 37.26 22.30
CA GLN CA 4 -60.39 36.96 21.56
C GLN CA 4 -60.11 36.30 20.22
N ARG CA 5 -58.97 36.61 19.61
CA ARG CA 5 -58.58 35.95 18.38
C ARG CA 5 -58.20 34.50 18.62
N VAL CA 6 -57.58 34.22 19.77
CA VAL CA 6 -57.30 32.84 20.17
C VAL CA 6 -58.59 32.08 20.44
N LYS CA 7 -59.57 32.75 21.06
CA LYS CA 7 -60.87 32.12 21.31
C LYS CA 7 -61.63 31.86 20.02
N ARG CA 8 -61.45 32.70 19.00
CA ARG CA 8 -62.04 32.41 17.70
C ARG CA 8 -61.33 31.26 16.99
N LEU CA 9 -60.01 31.12 17.19
CA LEU CA 9 -59.29 30.02 16.54
C LEU CA 9 -59.56 28.66 17.17
N LEU CA 10 -60.03 28.62 18.43
CA LEU CA 10 -60.24 27.37 19.15
C LEU CA 10 -61.71 27.04 19.35
N SER CA 11 -62.63 27.81 18.75
CA SER CA 11 -64.09 27.62 18.82
C SER CA 11 -64.60 27.65 20.26
N ILE CA 12 -64.20 28.67 21.01
CA ILE CA 12 -64.64 28.88 22.38
C ILE CA 12 -65.60 30.07 22.39
N THR CA 13 -66.78 29.87 22.97
CA THR CA 13 -67.79 30.91 23.03
C THR CA 13 -68.00 31.52 24.40
N ASN CA 14 -67.80 30.77 25.48
CA ASN CA 14 -68.03 31.29 26.81
C ASN CA 14 -66.75 31.91 27.36
N ASP CA 15 -66.75 32.25 28.65
CA ASP CA 15 -65.62 32.89 29.30
C ASP CA 15 -65.04 32.01 30.40
N LYS CA 16 -65.16 30.68 30.25
CA LYS CA 16 -64.65 29.76 31.26
C LYS CA 16 -63.13 29.69 31.27
N HIS CA 17 -62.49 29.89 30.12
CA HIS CA 17 -61.03 29.73 30.01
C HIS CA 17 -60.28 31.05 29.99
N ASP CA 18 -60.91 32.16 30.40
CA ASP CA 18 -60.32 33.48 30.16
C ASP CA 18 -59.12 33.75 31.05
N GLU CA 19 -59.19 33.33 32.31
CA GLU CA 19 -58.11 33.59 33.26
C GLU CA 19 -56.87 32.75 32.95
N TYR CA 20 -57.07 31.54 32.44
CA TYR CA 20 -55.95 30.70 32.01
C TYR CA 20 -55.29 31.27 30.75
N LEU CA 21 -56.09 31.72 29.79
CA LEU CA 21 -55.55 32.19 28.52
C LEU CA 21 -54.81 33.50 28.67
N THR CA 22 -55.31 34.40 29.54
CA THR CA 22 -54.67 35.68 29.82
C THR CA 22 -53.27 35.50 30.41
N GLU CA 23 -53.04 34.41 31.13
CA GLU CA 23 -51.71 34.10 31.66
C GLU CA 23 -50.85 33.32 30.68
N MET CA 24 -51.44 32.40 29.91
CA MET CA 24 -50.67 31.42 29.14
C MET CA 24 -50.22 31.94 27.77
N VAL CA 25 -51.03 32.80 27.11
CA VAL CA 25 -50.69 33.23 25.73
C VAL CA 25 -49.41 34.07 25.63
N PRO CA 26 -49.17 35.11 26.47
CA PRO CA 26 -47.90 35.86 26.31
C PRO CA 26 -46.65 35.05 26.64
N LEU CA 27 -46.76 34.08 27.56
CA LEU CA 27 -45.65 33.18 27.85
C LEU CA 27 -45.29 32.34 26.64
N LEU CA 28 -46.29 31.88 25.88
CA LEU CA 28 -46.02 31.09 24.69
C LEU CA 28 -45.45 31.94 23.55
N VAL CA 29 -45.86 33.21 23.47
CA VAL CA 29 -45.26 34.12 22.49
C VAL CA 29 -43.77 34.33 22.79
N GLU CA 30 -43.42 34.58 24.06
CA GLU CA 30 -42.01 34.72 24.41
C GLU CA 30 -41.24 33.40 24.29
N PHE CA 31 -41.89 32.27 24.50
CA PHE CA 31 -41.19 31.05 24.26
C PHE CA 31 -40.89 30.87 22.77
N ALA CA 32 -41.81 31.21 21.84
CA ALA CA 32 -41.50 31.09 20.43
C ALA CA 32 -40.37 32.01 20.02
N LYS CA 33 -40.33 33.23 20.58
CA LYS CA 33 -39.24 34.16 20.31
C LYS CA 33 -37.90 33.62 20.80
N ASP CA 34 -37.87 33.03 21.99
CA ASP CA 34 -36.61 32.49 22.52
C ASP CA 34 -36.18 31.22 21.81
N GLU CA 35 -37.14 30.40 21.36
CA GLU CA 35 -36.77 29.11 20.80
C GLU CA 35 -36.39 29.20 19.33
N CYS CA 36 -36.94 30.17 18.59
CA CYS CA 36 -36.48 30.38 17.22
C CYS CA 36 -35.29 31.32 17.11
N HIS CA 37 -34.88 31.94 18.21
CA HIS CA 37 -33.85 33.00 18.26
C HIS CA 37 -34.16 34.14 17.29
N ASN CA 38 -35.43 34.53 17.24
CA ASN CA 38 -35.99 35.46 16.29
C ASN CA 38 -36.95 36.42 17.01
N PRO CA 39 -36.67 37.73 17.03
CA PRO CA 39 -37.57 38.66 17.72
C PRO CA 39 -38.80 39.08 16.93
N PHE CA 40 -38.92 38.66 15.66
CA PHE CA 40 -40.08 38.90 14.78
C PHE CA 40 -40.37 40.39 14.60
N ILE CA 41 -39.43 41.08 13.96
CA ILE CA 41 -39.45 42.52 13.83
C ILE CA 41 -39.30 42.87 12.35
N ASP CA 42 -40.17 43.75 11.85
CA ASP CA 42 -40.10 44.13 10.44
C ASP CA 42 -39.09 45.24 10.16
N LYS CA 43 -39.26 45.90 9.00
CA LYS CA 43 -38.36 46.96 8.56
C LYS CA 43 -38.36 48.16 9.52
N ASP CA 44 -39.52 48.63 9.94
CA ASP CA 44 -39.64 49.80 10.80
C ASP CA 44 -39.45 49.49 12.28
N GLY CA 45 -38.94 48.33 12.64
CA GLY CA 45 -38.80 48.01 14.05
C GLY CA 45 -40.07 47.56 14.74
N ASN CA 46 -41.15 47.36 14.00
CA ASN CA 46 -42.41 46.95 14.61
C ASN CA 46 -42.48 45.44 14.74
N GLU CA 47 -43.14 44.99 15.79
CA GLU CA 47 -43.28 43.56 16.04
C GLU CA 47 -44.35 42.99 15.10
N SER CA 48 -43.97 42.02 14.29
CA SER CA 48 -44.87 41.41 13.33
C SER CA 48 -44.81 39.90 13.51
N ILE CA 49 -45.74 39.35 14.28
CA ILE CA 49 -45.79 37.91 14.54
C ILE CA 49 -46.29 37.17 13.31
N PRO CA 50 -45.55 36.19 12.79
CA PRO CA 50 -46.03 35.46 11.61
C PRO CA 50 -47.19 34.52 11.94
N SER CA 51 -47.81 34.01 10.88
CA SER CA 51 -49.07 33.25 10.99
C SER CA 51 -48.86 31.92 11.69
N GLY CA 52 -47.68 31.34 11.53
CA GLY CA 52 -47.38 30.03 12.07
C GLY CA 52 -47.08 30.05 13.55
N VAL CA 53 -46.47 31.14 14.03
CA VAL CA 53 -46.35 31.35 15.46
C VAL CA 53 -47.74 31.49 16.09
N LEU CA 54 -48.67 32.12 15.38
CA LEU CA 54 -50.03 32.30 15.90
C LEU CA 54 -50.78 30.96 16.00
N ILE CA 55 -50.70 30.15 14.93
CA ILE CA 55 -51.31 28.81 14.94
C ILE CA 55 -50.68 27.94 16.03
N PHE CA 56 -49.35 28.02 16.18
CA PHE CA 56 -48.66 27.23 17.19
C PHE CA 56 -49.04 27.65 18.60
N VAL CA 57 -49.14 28.95 18.86
CA VAL CA 57 -49.48 29.45 20.19
C VAL CA 57 -50.89 29.03 20.57
N ALA CA 58 -51.84 29.12 19.62
CA ALA CA 58 -53.21 28.70 19.90
C ALA CA 58 -53.32 27.20 20.16
N LYS CA 59 -52.66 26.37 19.35
CA LYS CA 59 -52.77 24.93 19.55
C LYS CA 59 -52.00 24.45 20.78
N ALA CA 60 -50.90 25.10 21.14
CA ALA CA 60 -50.18 24.71 22.35
C ALA CA 60 -50.93 25.15 23.61
N ALA CA 61 -51.61 26.30 23.55
CA ALA CA 61 -52.46 26.71 24.67
C ALA CA 61 -53.66 25.78 24.81
N GLN CA 62 -54.18 25.23 23.71
CA GLN CA 62 -55.23 24.24 23.84
C GLN CA 62 -54.70 22.91 24.40
N PHE CA 63 -53.47 22.55 24.01
CA PHE CA 63 -52.87 21.30 24.50
C PHE CA 63 -52.61 21.36 26.01
N TYR CA 64 -52.16 22.50 26.52
CA TYR CA 64 -51.77 22.56 27.93
C TYR CA 64 -52.94 22.76 28.89
N MET CA 65 -54.19 22.61 28.43
CA MET CA 65 -55.33 22.58 29.33
C MET CA 65 -55.50 21.22 30.01
N THR CA 66 -54.75 20.20 29.61
CA THR CA 66 -54.84 18.88 30.20
C THR CA 66 -54.02 18.80 31.49
N ASN CA 67 -54.22 17.71 32.21
CA ASN CA 67 -53.41 17.38 33.38
C ASN CA 67 -52.16 16.63 32.95
N ALA CA 68 -51.01 17.07 33.44
CA ALA CA 68 -49.73 16.54 32.96
C ALA CA 68 -49.43 15.14 33.48
N GLY CA 69 -50.01 14.74 34.60
CA GLY CA 69 -49.73 13.42 35.15
C GLY CA 69 -50.77 12.37 34.84
N LEU CA 70 -51.59 12.58 33.80
CA LEU CA 70 -52.73 11.71 33.53
C LEU CA 70 -52.74 11.35 32.05
N THR CA 71 -52.85 10.05 31.75
CA THR CA 71 -53.03 9.60 30.37
C THR CA 71 -54.43 9.11 30.07
N GLY CA 72 -55.25 8.81 31.08
CA GLY CA 72 -56.60 8.34 30.85
C GLY CA 72 -57.44 8.49 32.10
N ARG CA 73 -58.75 8.59 31.88
CA ARG CA 73 -59.70 8.84 32.96
C ARG CA 73 -61.06 8.24 32.56
N SER CA 74 -61.84 7.83 33.56
CA SER CA 74 -63.15 7.26 33.28
C SER CA 74 -64.09 7.45 34.47
N MET CA 75 -65.31 7.92 34.21
CA MET CA 75 -66.36 8.00 35.24
C MET CA 75 -67.70 7.55 34.65
N ASP CA 76 -67.95 6.24 34.72
CA ASP CA 76 -69.25 5.57 34.70
C ASP CA 76 -70.04 5.63 33.39
N THR CA 77 -69.85 6.67 32.58
CA THR CA 77 -70.41 6.77 31.24
C THR CA 77 -69.41 7.52 30.39
N VAL CA 78 -68.58 8.36 31.02
CA VAL CA 78 -67.59 9.12 30.28
C VAL CA 78 -66.22 8.45 30.42
N SER CA 79 -65.39 8.63 29.40
CA SER CA 79 -64.00 8.22 29.44
C SER CA 79 -63.20 9.08 28.49
N TYR CA 80 -61.93 9.25 28.81
CA TYR CA 80 -61.03 10.13 28.07
C TYR CA 80 -59.65 9.49 27.98
N ASN CA 81 -59.06 9.58 26.79
CA ASN CA 81 -57.66 9.23 26.55
C ASN CA 81 -56.93 10.46 26.08
N PHE CA 82 -55.85 10.83 26.76
CA PHE CA 82 -55.14 12.06 26.51
C PHE CA 82 -53.85 11.82 25.75
N ALA CA 83 -53.44 12.81 24.96
CA ALA CA 83 -52.16 12.79 24.30
C ALA CA 83 -51.06 13.22 25.26
N THR CA 84 -49.92 12.54 25.21
CA THR CA 84 -48.87 12.80 26.18
C THR CA 84 -47.79 13.76 25.67
N GLU CA 85 -47.64 13.90 24.35
CA GLU CA 85 -46.71 14.84 23.77
C GLU CA 85 -47.44 15.78 22.82
N ILE CA 86 -46.87 16.95 22.63
CA ILE CA 86 -47.30 17.82 21.53
C ILE CA 86 -46.96 17.15 20.21
N PRO CA 87 -47.90 17.04 19.27
CA PRO CA 87 -47.61 16.38 17.99
C PRO CA 87 -46.58 17.16 17.18
N SER CA 88 -45.84 16.42 16.34
CA SER CA 88 -44.77 17.02 15.58
C SER CA 88 -45.27 17.96 14.49
N THR CA 89 -46.51 17.78 14.02
CA THR CA 89 -47.04 18.70 13.02
C THR CA 89 -47.39 20.07 13.62
N ILE CA 90 -47.59 20.17 14.93
CA ILE CA 90 -47.73 21.48 15.55
C ILE CA 90 -46.37 22.09 15.81
N LEU CA 91 -45.38 21.27 16.19
CA LEU CA 91 -44.03 21.77 16.42
C LEU CA 91 -43.35 22.21 15.14
N LYS CA 92 -43.74 21.65 14.00
CA LYS CA 92 -43.16 22.03 12.72
C LYS CA 92 -43.72 23.33 12.16
N LYS CA 93 -44.63 24.01 12.88
CA LYS CA 93 -45.05 25.34 12.48
C LYS CA 93 -43.97 26.38 12.70
N LEU CA 94 -43.07 26.15 13.64
CA LEU CA 94 -42.01 27.12 13.92
C LEU CA 94 -40.80 26.96 13.02
N ASN CA 95 -40.76 25.92 12.19
CA ASN CA 95 -39.57 25.61 11.40
C ASN CA 95 -39.16 26.66 10.34
N PRO CA 96 -40.04 27.33 9.58
CA PRO CA 96 -39.52 28.30 8.59
C PRO CA 96 -38.93 29.58 9.16
N TYR CA 97 -38.85 29.75 10.48
CA TYR CA 97 -38.38 30.97 11.09
C TYR CA 97 -37.16 30.77 11.98
N ARG CA 98 -36.50 29.62 11.93
CA ARG CA 98 -35.47 29.30 12.88
C ARG CA 98 -34.14 29.92 12.49
N LYS CA 99 -33.52 30.62 13.44
CA LYS CA 99 -32.17 31.17 13.31
C LYS CA 99 -31.27 30.51 14.33
N MET CA 100 -29.96 30.75 14.19
CA MET CA 100 -28.99 30.22 15.12
C MET CA 100 -28.71 31.19 16.24
N ALA CA 101 -28.38 30.64 17.41
CA ALA CA 101 -28.07 31.46 18.57
C ALA CA 101 -26.70 32.11 18.42
N ARG CA 102 -26.59 33.35 18.91
CA ARG CA 102 -25.34 34.08 18.83
C ARG CA 102 -24.74 34.33 20.21
N MET DA 1 -60.71 22.74 29.04
CA MET DA 1 -60.46 21.97 30.24
C MET DA 1 -61.39 20.78 30.33
N TYR DA 2 -60.99 19.75 31.09
CA TYR DA 2 -61.76 18.51 31.23
C TYR DA 2 -61.89 18.23 32.73
N GLU DA 3 -62.92 18.80 33.34
CA GLU DA 3 -63.13 18.67 34.77
C GLU DA 3 -63.91 17.41 35.09
N GLU DA 4 -63.52 16.75 36.18
CA GLU DA 4 -64.31 15.62 36.68
C GLU DA 4 -65.66 16.09 37.18
N PHE DA 5 -65.69 17.26 37.76
CA PHE DA 5 -66.89 17.81 38.32
C PHE DA 5 -67.21 19.14 37.69
N PRO DA 6 -67.96 19.16 36.60
CA PRO DA 6 -68.25 20.42 35.90
C PRO DA 6 -69.51 21.15 36.34
N ASP DA 7 -70.34 20.57 37.21
CA ASP DA 7 -71.58 21.19 37.64
C ASP DA 7 -71.43 21.78 39.04
N VAL DA 8 -72.47 22.51 39.45
CA VAL DA 8 -72.59 23.10 40.77
C VAL DA 8 -74.00 22.79 41.26
N ILE DA 9 -74.10 22.14 42.42
CA ILE DA 9 -75.39 21.74 42.97
C ILE DA 9 -75.56 22.36 44.36
N THR DA 10 -76.80 22.36 44.84
CA THR DA 10 -77.09 22.91 46.16
C THR DA 10 -77.75 21.84 47.02
N PHE DA 11 -77.25 21.63 48.22
CA PHE DA 11 -77.81 20.67 49.21
C PHE DA 11 -78.79 21.35 50.15
N GLN DA 12 -79.95 20.80 50.41
CA GLN DA 12 -81.01 21.42 51.20
C GLN DA 12 -81.52 20.47 52.26
N SER DA 13 -81.85 21.04 53.43
CA SER DA 13 -82.40 20.32 54.57
C SER DA 13 -83.78 20.84 54.92
N TYR DA 14 -84.50 20.06 55.71
CA TYR DA 14 -85.90 20.28 56.04
C TYR DA 14 -85.99 20.64 57.52
N VAL DA 15 -85.97 21.94 57.83
CA VAL DA 15 -85.72 22.44 59.19
C VAL DA 15 -86.95 23.22 59.67
N GLU DA 16 -87.05 23.40 60.99
CA GLU DA 16 -88.22 24.00 61.62
C GLU DA 16 -88.04 25.48 61.93
N GLN DA 17 -89.08 26.26 61.66
CA GLN DA 17 -89.23 27.62 62.17
C GLN DA 17 -90.39 27.65 63.16
N SER DA 18 -90.22 28.38 64.26
CA SER DA 18 -91.28 28.56 65.24
C SER DA 18 -91.25 29.99 65.74
N ASN DA 19 -92.37 30.70 65.61
CA ASN DA 19 -92.40 32.12 66.02
C ASN DA 19 -93.82 32.52 66.43
N GLY DA 20 -94.03 32.64 67.73
CA GLY DA 20 -95.05 33.51 68.30
C GLY DA 20 -96.21 32.91 69.07
N GLU DA 21 -96.84 31.87 68.57
CA GLU DA 21 -97.94 31.30 69.33
C GLU DA 21 -97.85 29.78 69.47
N GLY DA 22 -97.48 29.10 68.40
CA GLY DA 22 -97.12 27.71 68.33
C GLY DA 22 -97.12 27.45 66.84
N GLY DA 23 -96.07 26.85 66.32
CA GLY DA 23 -95.89 26.81 64.88
C GLY DA 23 -95.28 25.49 64.45
N LYS DA 24 -95.75 25.00 63.30
CA LYS DA 24 -95.34 23.71 62.77
C LYS DA 24 -94.69 23.84 61.40
N THR DA 25 -94.36 25.04 60.96
CA THR DA 25 -93.90 25.24 59.58
C THR DA 25 -92.45 24.81 59.41
N TYR DA 26 -92.24 23.88 58.46
CA TYR DA 26 -90.94 23.37 58.09
C TYR DA 26 -90.57 23.87 56.71
N LYS DA 27 -89.33 24.32 56.56
CA LYS DA 27 -88.86 24.90 55.31
C LYS DA 27 -87.61 24.18 54.84
N TRP DA 28 -87.51 23.98 53.53
CA TRP DA 28 -86.28 23.53 52.90
C TRP DA 28 -85.33 24.71 52.79
N VAL DA 29 -84.24 24.67 53.55
CA VAL DA 29 -83.23 25.73 53.50
C VAL DA 29 -81.90 25.14 53.06
N ASP DA 30 -81.07 26.00 52.47
CA ASP DA 30 -79.79 25.57 51.92
C ASP DA 30 -78.80 25.25 53.02
N GLU DA 31 -77.99 24.21 52.80
CA GLU DA 31 -76.89 23.85 53.69
C GLU DA 31 -75.55 24.31 53.15
N PHE DA 32 -75.21 23.84 51.96
CA PHE DA 32 -73.96 24.18 51.30
C PHE DA 32 -74.01 23.92 49.83
N THR DA 33 -72.98 24.29 49.09
CA THR DA 33 -72.88 24.02 47.67
C THR DA 33 -71.59 23.27 47.38
N ALA DA 34 -71.57 22.53 46.27
CA ALA DA 34 -70.44 21.69 45.94
C ALA DA 34 -70.33 21.50 44.44
N ALA DA 35 -69.13 21.16 44.00
CA ALA DA 35 -68.91 20.75 42.62
C ALA DA 35 -69.28 19.30 42.45
N ALA DA 36 -69.88 18.97 41.31
CA ALA DA 36 -70.42 17.63 41.12
C ALA DA 36 -70.50 17.32 39.64
N HIS DA 37 -70.86 16.07 39.35
CA HIS DA 37 -71.20 15.63 38.01
C HIS DA 37 -72.50 14.85 38.09
N VAL DA 38 -73.54 15.36 37.43
CA VAL DA 38 -74.86 14.76 37.43
C VAL DA 38 -75.05 14.04 36.10
N GLN DA 39 -75.20 12.71 36.16
CA GLN DA 39 -75.29 11.90 34.96
C GLN DA 39 -76.62 11.14 34.93
N PRO DA 40 -77.31 11.12 33.80
CA PRO DA 40 -78.43 10.19 33.64
C PRO DA 40 -77.92 8.77 33.56
N ILE DA 41 -78.78 7.82 33.95
CA ILE DA 41 -78.36 6.42 33.97
C ILE DA 41 -78.23 5.91 32.53
N SER DA 42 -77.41 4.87 32.38
CA SER DA 42 -77.07 4.38 31.06
C SER DA 42 -78.23 3.60 30.45
N GLN DA 43 -78.05 3.23 29.18
CA GLN DA 43 -79.09 2.52 28.44
C GLN DA 43 -79.32 1.11 28.98
N GLU DA 44 -78.28 0.48 29.52
CA GLU DA 44 -78.47 -0.86 30.08
C GLU DA 44 -79.03 -0.79 31.49
N GLU DA 45 -78.74 0.27 32.24
CA GLU DA 45 -79.22 0.43 33.60
C GLU DA 45 -80.70 0.82 33.64
N TYR DA 46 -81.23 1.33 32.53
CA TYR DA 46 -82.63 1.76 32.46
C TYR DA 46 -83.58 0.57 32.62
N TYR DA 47 -83.30 -0.53 31.95
CA TYR DA 47 -84.17 -1.71 32.02
C TYR DA 47 -84.08 -2.39 33.38
N LYS DA 48 -82.95 -2.27 34.06
CA LYS DA 48 -82.85 -2.78 35.43
C LYS DA 48 -83.57 -1.89 36.41
N ALA DA 49 -83.55 -0.58 36.18
CA ALA DA 49 -84.23 0.34 37.08
C ALA DA 49 -85.74 0.36 36.89
N GLN DA 50 -86.24 -0.09 35.73
CA GLN DA 50 -87.69 -0.13 35.55
C GLN DA 50 -88.37 -1.20 36.39
N GLN DA 51 -87.64 -2.18 36.90
CA GLN DA 51 -88.21 -3.18 37.81
C GLN DA 51 -88.00 -2.81 39.27
N LEU DA 52 -88.33 -1.60 39.66
CA LEU DA 52 -88.27 -1.16 41.04
C LEU DA 52 -89.52 -0.34 41.33
N GLN DA 53 -89.86 -0.24 42.61
CA GLN DA 53 -91.05 0.53 42.97
C GLN DA 53 -90.79 2.04 42.85
N THR DA 54 -89.56 2.47 43.10
CA THR DA 54 -89.16 3.84 42.82
C THR DA 54 -88.01 3.80 41.82
N PRO DA 55 -88.26 4.06 40.54
CA PRO DA 55 -87.18 3.98 39.55
C PRO DA 55 -86.22 5.15 39.64
N ILE DA 56 -84.97 4.85 39.37
CA ILE DA 56 -83.86 5.79 39.54
C ILE DA 56 -83.66 6.56 38.23
N GLY DA 57 -83.40 7.86 38.35
CA GLY DA 57 -83.16 8.68 37.18
C GLY DA 57 -81.73 9.18 37.00
N TYR DA 58 -81.02 9.43 38.09
CA TYR DA 58 -79.72 10.11 38.03
C TYR DA 58 -78.73 9.51 39.01
N ASN DA 59 -77.47 9.51 38.59
CA ASN DA 59 -76.32 9.27 39.47
C ASN DA 59 -75.56 10.58 39.64
N ILE DA 60 -75.27 10.95 40.88
CA ILE DA 60 -74.58 12.19 41.21
C ILE DA 60 -73.25 11.83 41.84
N TYR DA 61 -72.16 12.29 41.24
CA TYR DA 61 -70.82 12.06 41.76
C TYR DA 61 -70.28 13.37 42.33
N THR DA 62 -69.76 13.31 43.55
CA THR DA 62 -69.28 14.50 44.23
C THR DA 62 -68.07 14.09 45.05
N PRO DA 63 -67.18 15.03 45.41
CA PRO DA 63 -66.13 14.70 46.37
C PRO DA 63 -66.71 14.38 47.74
N TYR DA 64 -65.94 13.60 48.50
CA TYR DA 64 -66.42 13.03 49.75
C TYR DA 64 -66.65 14.11 50.80
N ASP DA 65 -67.81 14.04 51.46
CA ASP DA 65 -68.20 15.03 52.46
C ASP DA 65 -69.12 14.33 53.46
N ASP DA 66 -68.76 14.38 54.74
CA ASP DA 66 -69.56 13.69 55.75
C ASP DA 66 -70.77 14.50 56.20
N ARG DA 67 -71.02 15.68 55.64
CA ARG DA 67 -72.24 16.41 55.93
C ARG DA 67 -73.43 15.92 55.13
N ILE DA 68 -73.23 15.07 54.14
CA ILE DA 68 -74.30 14.64 53.25
C ILE DA 68 -75.12 13.54 53.93
N ASP DA 69 -76.43 13.75 54.00
CA ASP DA 69 -77.34 12.88 54.72
C ASP DA 69 -78.39 12.35 53.75
N LYS DA 70 -78.99 11.20 54.08
CA LYS DA 70 -79.98 10.57 53.22
C LYS DA 70 -81.34 11.26 53.22
N LYS DA 71 -81.59 12.19 54.14
CA LYS DA 71 -82.84 12.93 54.15
C LYS DA 71 -82.73 14.29 53.49
N MET DA 72 -81.65 14.54 52.74
CA MET DA 72 -81.39 15.83 52.14
C MET DA 72 -82.03 15.91 50.74
N ARG DA 73 -81.76 17.02 50.06
CA ARG DA 73 -82.34 17.28 48.75
C ARG DA 73 -81.31 18.02 47.92
N VAL DA 74 -81.42 17.93 46.61
CA VAL DA 74 -80.48 18.62 45.72
C VAL DA 74 -81.24 19.53 44.78
N ILE DA 75 -80.77 20.77 44.64
CA ILE DA 75 -81.22 21.68 43.60
C ILE DA 75 -80.17 21.71 42.51
N TYR DA 76 -80.61 21.42 41.28
CA TYR DA 76 -79.72 21.31 40.13
C TYR DA 76 -80.46 21.77 38.87
N ARG DA 77 -79.94 22.83 38.24
CA ARG DA 77 -80.45 23.40 36.99
C ARG DA 77 -81.93 23.78 37.10
N GLY DA 78 -82.30 24.36 38.24
CA GLY DA 78 -83.68 24.73 38.44
C GLY DA 78 -84.63 23.58 38.71
N LYS DA 79 -84.11 22.40 39.01
CA LYS DA 79 -84.96 21.24 39.29
C LYS DA 79 -84.62 20.64 40.64
N ILE DA 80 -85.61 20.00 41.23
CA ILE DA 80 -85.49 19.32 42.52
C ILE DA 80 -85.13 17.87 42.27
N VAL DA 81 -84.10 17.38 42.97
CA VAL DA 81 -83.65 16.00 42.88
C VAL DA 81 -83.78 15.38 44.26
N THR DA 82 -84.54 14.30 44.33
CA THR DA 82 -84.87 13.58 45.55
C THR DA 82 -84.04 12.31 45.65
N PHE DA 83 -83.50 12.05 46.83
CA PHE DA 83 -82.58 10.95 47.03
C PHE DA 83 -83.34 9.63 47.07
N ILE DA 84 -82.71 8.59 46.55
CA ILE DA 84 -83.24 7.22 46.58
C ILE DA 84 -82.20 6.37 47.29
N GLY DA 85 -82.53 5.93 48.51
CA GLY DA 85 -81.60 5.14 49.28
C GLY DA 85 -80.58 6.00 50.02
N ASP DA 86 -79.50 5.35 50.42
CA ASP DA 86 -78.43 5.91 51.23
C ASP DA 86 -77.25 6.31 50.35
N PRO DA 87 -76.56 7.42 50.68
CA PRO DA 87 -75.34 7.78 49.95
C PRO DA 87 -74.24 6.75 50.14
N VAL DA 88 -73.46 6.53 49.07
CA VAL DA 88 -72.45 5.49 49.01
C VAL DA 88 -71.07 6.14 48.84
N ASP DA 89 -70.16 5.81 49.72
CA ASP DA 89 -68.75 6.17 49.55
C ASP DA 89 -68.05 5.04 48.80
N LEU DA 90 -67.42 5.37 47.68
CA LEU DA 90 -66.92 4.36 46.76
C LEU DA 90 -65.73 3.62 47.35
N SER DA 91 -65.88 2.29 47.49
CA SER DA 91 -64.88 1.34 47.98
C SER DA 91 -64.42 1.61 49.40
N GLY DA 92 -65.14 2.43 50.17
CA GLY DA 92 -64.76 2.77 51.52
C GLY DA 92 -63.50 3.59 51.66
N LEU DA 93 -63.04 4.25 50.59
CA LEU DA 93 -61.77 4.97 50.62
C LEU DA 93 -61.91 6.45 50.94
N GLN DA 94 -63.14 6.94 51.05
CA GLN DA 94 -63.46 8.33 51.44
C GLN DA 94 -62.88 9.35 50.46
N GLU DA 95 -63.14 9.14 49.18
CA GLU DA 95 -62.73 10.06 48.14
C GLU DA 95 -63.92 10.62 47.35
N ILE DA 96 -64.81 9.75 46.87
CA ILE DA 96 -65.91 10.15 45.99
C ILE DA 96 -67.21 9.56 46.55
N THR DA 97 -68.25 10.39 46.62
CA THR DA 97 -69.58 9.96 47.03
C THR DA 97 -70.50 9.89 45.81
N ARG DA 98 -71.24 8.79 45.68
CA ARG DA 98 -72.27 8.62 44.67
C ARG DA 98 -73.65 8.61 45.32
N ILE DA 99 -74.57 9.40 44.77
CA ILE DA 99 -75.95 9.48 45.23
C ILE DA 99 -76.88 9.13 44.08
N LYS DA 100 -77.88 8.29 44.34
CA LYS DA 100 -78.91 7.99 43.36
C LYS DA 100 -80.13 8.86 43.61
N GLY DA 101 -80.75 9.35 42.54
CA GLY DA 101 -81.86 10.26 42.72
C GLY DA 101 -82.83 10.29 41.56
N LYS DA 102 -83.92 11.02 41.76
CA LYS DA 102 -84.92 11.21 40.73
C LYS DA 102 -85.41 12.64 40.71
N GLU DA 103 -85.84 13.09 39.54
CA GLU DA 103 -86.36 14.44 39.37
C GLU DA 103 -87.76 14.56 39.97
N ASP DA 104 -88.03 15.70 40.61
CA ASP DA 104 -89.29 15.95 41.28
C ASP DA 104 -89.83 17.35 40.96
N GLY DA 105 -89.85 17.69 39.69
CA GLY DA 105 -90.49 18.92 39.26
C GLY DA 105 -89.59 20.13 39.41
N ALA DA 106 -90.19 21.29 39.12
CA ALA DA 106 -89.46 22.54 39.11
C ALA DA 106 -89.27 23.09 40.52
N TYR DA 107 -88.25 23.92 40.67
CA TYR DA 107 -87.97 24.63 41.90
C TYR DA 107 -88.35 26.09 41.75
N VAL DA 108 -88.99 26.64 42.77
CA VAL DA 108 -89.21 28.07 42.86
C VAL DA 108 -88.19 28.66 43.84
N GLY DA 109 -87.58 29.77 43.44
CA GLY DA 109 -86.55 30.39 44.26
C GLY DA 109 -85.40 30.96 43.46
#